data_8OOO
#
_entry.id   8OOO
#
_cell.length_a   112.337
_cell.length_b   131.773
_cell.length_c   131.507
_cell.angle_alpha   60.04
_cell.angle_beta   87.72
_cell.angle_gamma   67.34
#
_symmetry.space_group_name_H-M   'P 1'
#
loop_
_entity.id
_entity.type
_entity.pdbx_description
1 polymer 'Glutamine synthetase from Methanothermococcus thermolithotrophicus'
2 non-polymer 1,2-ETHANEDIOL
3 non-polymer DI(HYDROXYETHYL)ETHER
4 non-polymer GLYCEROL
5 non-polymer "ADENOSINE-5'-TRIPHOSPHATE"
6 non-polymer '2-OXOGLUTARIC ACID'
7 non-polymer METHOXY-ETHOXYL
8 non-polymer 'MAGNESIUM ION'
9 non-polymer 'TETRAETHYLENE GLYCOL'
10 water water
#
_entity_poly.entity_id   1
_entity_poly.type   'polypeptide(L)'
_entity_poly.pdbx_seq_one_letter_code
;MSTVEQVLEYVKSNNVKFMRFQFVDILGVPKNVAFPIKAGEKGIEELRDVLENGLYFDGSSIEGFVGINESDMMLKPDLS
TFSVLPWRPSEKSVARVICDVYTTKGKPFEGDPRGCLKRVMEEFKKEFNGEYFVGPEPEFFLLKKDPHNPHKYIPADDGG
YFDLEPMDEAPDIRRDIVFALENLGFHVEASHHEVAPGQHEVDFKFDDALKTADSVITFKTTIKTIAEQHGLKATFMPKP
FFGMNGSGMHCHQSIWLNGEPSFYDENAPYQLSETCMNYVAGILKHAKAIVAITNPTVNSYKRLVPGYEAPVNIAWANSN
RSAIIRVPAARGKGTRIEFRAPDPSCNPYLAFTVMLAAGLDGVKNKLDAPEPVERNIFAMSEAEKKELGIESVPANLKAA
LDELENNDVLKNALGKHIFESFLEIKNAEWDSFRTSVTDWETTAYLKI
;
_entity_poly.pdbx_strand_id   A,B,C,D,E,F,G,H,I,J,K,L
#
# COMPACT_ATOMS: atom_id res chain seq x y z
N SER A 2 8.53 -4.11 62.73
CA SER A 2 8.73 -2.94 63.58
C SER A 2 10.14 -2.93 64.21
N THR A 3 10.70 -4.10 64.53
CA THR A 3 12.09 -4.19 64.99
C THR A 3 12.95 -4.78 63.85
N VAL A 4 14.28 -4.66 63.94
CA VAL A 4 15.17 -5.19 62.92
C VAL A 4 15.02 -6.69 62.86
N GLU A 5 14.94 -7.36 64.02
CA GLU A 5 14.81 -8.81 64.09
C GLU A 5 13.54 -9.32 63.42
N GLN A 6 12.43 -8.58 63.54
CA GLN A 6 11.18 -9.00 62.91
C GLN A 6 11.35 -8.97 61.41
N VAL A 7 11.94 -7.89 60.87
CA VAL A 7 12.12 -7.78 59.41
C VAL A 7 13.04 -8.93 58.89
N LEU A 8 14.19 -9.15 59.57
CA LEU A 8 15.14 -10.20 59.24
C LEU A 8 14.47 -11.57 59.31
N GLU A 9 13.62 -11.80 60.32
CA GLU A 9 12.91 -13.06 60.47
C GLU A 9 11.95 -13.27 59.30
N TYR A 10 11.16 -12.25 58.94
CA TYR A 10 10.26 -12.37 57.79
C TYR A 10 11.06 -12.66 56.52
N VAL A 11 12.06 -11.83 56.23
CA VAL A 11 12.96 -12.03 55.09
C VAL A 11 13.55 -13.47 55.07
N LYS A 12 13.99 -13.97 56.22
CA LYS A 12 14.58 -15.30 56.35
C LYS A 12 13.60 -16.40 55.96
N SER A 13 12.35 -16.30 56.43
CA SER A 13 11.39 -17.38 56.16
C SER A 13 10.62 -17.22 54.84
N ASN A 14 10.63 -16.01 54.25
CA ASN A 14 9.90 -15.79 52.99
C ASN A 14 10.81 -15.60 51.78
N ASN A 15 12.12 -15.91 51.91
CA ASN A 15 13.07 -15.91 50.80
C ASN A 15 13.02 -14.58 50.04
N VAL A 16 12.99 -13.46 50.77
CA VAL A 16 13.01 -12.15 50.15
C VAL A 16 14.44 -11.98 49.61
N LYS A 17 14.56 -11.51 48.36
CA LYS A 17 15.89 -11.40 47.72
C LYS A 17 16.30 -9.94 47.54
N PHE A 18 15.33 -9.04 47.37
CA PHE A 18 15.69 -7.64 47.15
C PHE A 18 14.98 -6.77 48.18
N MET A 19 15.68 -5.75 48.70
CA MET A 19 15.04 -4.81 49.60
C MET A 19 15.21 -3.45 48.95
N ARG A 20 14.08 -2.82 48.59
CA ARG A 20 14.10 -1.46 48.04
C ARG A 20 14.19 -0.49 49.23
N PHE A 21 15.15 0.48 49.21
CA PHE A 21 15.23 1.58 50.17
C PHE A 21 14.53 2.77 49.52
N GLN A 22 13.32 3.08 49.93
CA GLN A 22 12.51 4.09 49.26
C GLN A 22 12.37 5.41 50.00
N PHE A 23 12.28 6.48 49.25
CA PHE A 23 12.04 7.82 49.78
C PHE A 23 11.34 8.66 48.69
N VAL A 24 11.15 9.96 48.90
CA VAL A 24 10.52 10.81 47.88
C VAL A 24 11.37 12.05 47.73
N ASP A 25 11.33 12.66 46.54
CA ASP A 25 11.98 13.94 46.34
C ASP A 25 11.02 15.06 46.81
N ILE A 26 11.40 16.34 46.66
CA ILE A 26 10.55 17.45 47.12
C ILE A 26 9.15 17.42 46.46
N LEU A 27 9.05 16.93 45.21
CA LEU A 27 7.75 16.92 44.51
C LEU A 27 6.88 15.68 44.78
N GLY A 28 7.36 14.78 45.64
CA GLY A 28 6.60 13.60 46.01
C GLY A 28 6.83 12.43 45.08
N VAL A 29 7.83 12.53 44.19
CA VAL A 29 8.13 11.45 43.26
C VAL A 29 8.93 10.39 44.04
N PRO A 30 8.44 9.14 44.11
CA PRO A 30 9.19 8.11 44.85
C PRO A 30 10.52 7.77 44.17
N LYS A 31 11.51 7.47 45.00
CA LYS A 31 12.88 7.12 44.56
C LYS A 31 13.32 5.90 45.39
N ASN A 32 14.09 5.00 44.77
CA ASN A 32 14.56 3.80 45.52
C ASN A 32 15.84 3.23 44.90
N VAL A 33 16.63 2.60 45.75
CA VAL A 33 17.80 1.82 45.33
C VAL A 33 17.52 0.40 45.83
N ALA A 34 17.90 -0.63 45.07
CA ALA A 34 17.61 -2.01 45.46
C ALA A 34 18.88 -2.66 46.01
N PHE A 35 18.74 -3.25 47.20
CA PHE A 35 19.81 -3.97 47.85
C PHE A 35 19.54 -5.48 47.68
N PRO A 36 20.47 -6.26 47.08
CA PRO A 36 20.23 -7.71 46.97
C PRO A 36 20.63 -8.43 48.26
N ILE A 37 19.73 -9.17 48.87
CA ILE A 37 20.01 -9.90 50.12
C ILE A 37 20.71 -11.24 49.80
N LYS A 38 21.90 -11.52 50.38
CA LYS A 38 22.64 -12.77 50.08
C LYS A 38 22.13 -13.92 50.94
N ALA A 39 22.44 -15.15 50.52
CA ALA A 39 21.98 -16.34 51.22
C ALA A 39 22.70 -16.52 52.55
N GLY A 40 22.05 -17.21 53.48
CA GLY A 40 22.64 -17.58 54.75
C GLY A 40 22.71 -16.50 55.81
N GLU A 41 23.40 -16.82 56.91
CA GLU A 41 23.61 -15.94 58.04
C GLU A 41 24.42 -14.75 57.60
N LYS A 42 25.42 -14.95 56.73
CA LYS A 42 26.25 -13.86 56.24
C LYS A 42 25.39 -12.79 55.55
N GLY A 43 24.47 -13.24 54.71
CA GLY A 43 23.55 -12.34 54.03
C GLY A 43 22.63 -11.62 54.98
N ILE A 44 22.21 -12.31 56.04
CA ILE A 44 21.30 -11.76 57.05
C ILE A 44 21.99 -10.69 57.86
N GLU A 45 23.25 -10.92 58.21
CA GLU A 45 24.04 -9.96 58.97
C GLU A 45 24.38 -8.75 58.12
N GLU A 46 24.65 -8.93 56.83
CA GLU A 46 24.88 -7.80 55.92
C GLU A 46 23.58 -6.96 55.82
N LEU A 47 22.40 -7.62 55.82
CA LEU A 47 21.13 -6.91 55.74
C LEU A 47 20.86 -6.18 57.05
N ARG A 48 21.26 -6.77 58.18
CA ARG A 48 21.08 -6.15 59.49
C ARG A 48 21.86 -4.84 59.53
N ASP A 49 23.10 -4.86 59.04
CA ASP A 49 23.95 -3.68 59.01
C ASP A 49 23.30 -2.56 58.18
N VAL A 50 22.81 -2.91 56.99
CA VAL A 50 22.19 -1.90 56.06
C VAL A 50 20.89 -1.34 56.66
N LEU A 51 20.13 -2.18 57.36
CA LEU A 51 18.85 -1.76 57.94
C LEU A 51 19.07 -0.86 59.16
N GLU A 52 20.09 -1.18 59.98
CA GLU A 52 20.40 -0.40 61.18
C GLU A 52 21.11 0.92 60.79
N ASN A 53 22.17 0.82 59.99
CA ASN A 53 23.01 1.95 59.64
C ASN A 53 22.63 2.72 58.40
N GLY A 54 21.79 2.15 57.55
CA GLY A 54 21.35 2.83 56.33
C GLY A 54 22.36 2.72 55.21
N LEU A 55 22.13 3.50 54.14
CA LEU A 55 23.05 3.51 53.01
C LEU A 55 23.17 4.88 52.38
N TYR A 56 24.22 5.10 51.58
CA TYR A 56 24.51 6.42 51.04
C TYR A 56 23.96 6.58 49.66
N PHE A 57 23.75 7.82 49.26
CA PHE A 57 23.33 8.11 47.90
C PHE A 57 23.74 9.53 47.55
N ASP A 58 23.63 9.90 46.27
CA ASP A 58 24.00 11.24 45.82
C ASP A 58 22.77 12.12 45.92
N GLY A 59 22.74 13.01 46.91
CA GLY A 59 21.61 13.90 47.10
C GLY A 59 21.53 14.99 46.06
N SER A 60 22.63 15.25 45.32
CA SER A 60 22.59 16.27 44.27
C SER A 60 21.87 15.76 43.04
N SER A 61 21.54 14.48 42.94
CA SER A 61 20.78 13.93 41.81
C SER A 61 19.30 13.80 42.15
N ILE A 62 18.85 14.32 43.31
CA ILE A 62 17.47 14.25 43.77
C ILE A 62 16.93 15.66 43.82
N GLU A 63 15.76 15.89 43.23
CA GLU A 63 15.18 17.21 43.19
C GLU A 63 14.81 17.76 44.59
N GLY A 64 15.23 19.00 44.87
CA GLY A 64 14.99 19.70 46.11
C GLY A 64 15.90 19.32 47.24
N PHE A 65 16.93 18.50 46.99
CA PHE A 65 17.85 18.09 48.05
C PHE A 65 19.09 19.01 48.15
N VAL A 66 20.29 18.55 47.81
CA VAL A 66 21.50 19.32 48.03
C VAL A 66 22.29 19.59 46.74
N GLY A 67 23.31 20.43 46.83
CA GLY A 67 24.17 20.78 45.73
C GLY A 67 25.28 19.77 45.56
N ILE A 68 25.97 19.84 44.42
CA ILE A 68 27.01 18.88 44.04
C ILE A 68 28.21 18.83 45.01
N ASN A 69 28.60 19.97 45.61
CA ASN A 69 29.76 20.03 46.51
C ASN A 69 29.52 19.56 47.96
N GLU A 70 28.30 19.18 48.29
CA GLU A 70 27.92 18.70 49.63
C GLU A 70 26.91 17.57 49.41
N SER A 71 27.18 16.69 48.43
CA SER A 71 26.18 15.76 47.90
C SER A 71 26.00 14.41 48.62
N ASP A 72 26.99 13.89 49.38
CA ASP A 72 26.81 12.58 50.05
C ASP A 72 25.67 12.66 51.07
N MET A 73 24.68 11.76 50.97
CA MET A 73 23.55 11.73 51.90
C MET A 73 23.26 10.31 52.34
N MET A 74 22.39 10.13 53.35
CA MET A 74 22.05 8.79 53.84
C MET A 74 20.57 8.53 53.92
N LEU A 75 20.21 7.24 53.88
CA LEU A 75 18.83 6.79 54.04
C LEU A 75 18.76 5.95 55.29
N LYS A 76 17.85 6.30 56.21
CA LYS A 76 17.65 5.55 57.42
C LYS A 76 16.30 4.88 57.36
N PRO A 77 16.29 3.54 57.21
CA PRO A 77 15.01 2.81 57.15
C PRO A 77 14.07 2.97 58.35
N ASP A 78 12.80 3.23 58.07
CA ASP A 78 11.73 3.20 59.06
C ASP A 78 11.16 1.78 58.92
N LEU A 79 11.50 0.92 59.86
CA LEU A 79 11.18 -0.50 59.81
C LEU A 79 9.73 -0.84 59.92
N SER A 80 8.91 0.04 60.49
CA SER A 80 7.48 -0.19 60.57
C SER A 80 6.83 -0.21 59.17
N THR A 81 7.53 0.37 58.13
CA THR A 81 7.02 0.49 56.75
C THR A 81 7.32 -0.72 55.85
N PHE A 82 7.96 -1.76 56.38
CA PHE A 82 8.36 -2.93 55.57
C PHE A 82 7.16 -3.56 54.83
N SER A 83 7.27 -3.83 53.52
CA SER A 83 6.17 -4.46 52.75
C SER A 83 6.76 -5.26 51.59
N VAL A 84 6.06 -6.26 51.12
CA VAL A 84 6.45 -7.03 49.96
C VAL A 84 5.70 -6.46 48.75
N LEU A 85 6.42 -6.13 47.68
CA LEU A 85 5.79 -5.56 46.46
C LEU A 85 4.99 -6.64 45.73
N PRO A 86 3.65 -6.53 45.64
CA PRO A 86 2.80 -7.52 44.98
C PRO A 86 3.05 -7.69 43.47
N TRP A 87 3.33 -6.58 42.77
CA TRP A 87 3.59 -6.60 41.30
C TRP A 87 4.86 -7.40 40.97
N ARG A 88 5.85 -7.39 41.86
CA ARG A 88 7.12 -8.13 41.66
C ARG A 88 6.91 -9.64 41.85
N PRO A 89 7.85 -10.50 41.39
CA PRO A 89 7.72 -11.96 41.50
C PRO A 89 7.66 -12.51 42.94
N SER A 90 6.94 -13.63 43.11
CA SER A 90 6.74 -14.30 44.42
C SER A 90 7.99 -15.07 44.85
N GLU A 91 8.63 -15.79 43.92
CA GLU A 91 9.81 -16.57 44.23
C GLU A 91 11.00 -15.62 44.11
N LYS A 92 11.75 -15.43 45.21
CA LYS A 92 12.84 -14.47 45.32
C LYS A 92 12.15 -13.10 45.25
N SER A 93 11.29 -12.88 46.23
CA SER A 93 10.41 -11.72 46.27
C SER A 93 11.17 -10.41 46.55
N VAL A 94 10.47 -9.27 46.38
CA VAL A 94 11.01 -7.94 46.53
C VAL A 94 10.24 -7.23 47.63
N ALA A 95 10.96 -6.80 48.67
CA ALA A 95 10.36 -6.07 49.81
C ALA A 95 10.82 -4.60 49.74
N ARG A 96 10.17 -3.72 50.50
CA ARG A 96 10.54 -2.29 50.49
C ARG A 96 10.55 -1.73 51.92
N VAL A 97 11.39 -0.72 52.15
CA VAL A 97 11.42 -0.02 53.47
C VAL A 97 11.42 1.49 53.17
N ILE A 98 10.44 2.21 53.70
CA ILE A 98 10.42 3.69 53.46
C ILE A 98 11.48 4.26 54.41
N CYS A 99 12.30 5.18 53.91
CA CYS A 99 13.41 5.73 54.67
C CYS A 99 13.23 7.21 54.95
N ASP A 100 13.96 7.64 55.96
CA ASP A 100 14.10 9.05 56.31
C ASP A 100 15.46 9.50 55.78
N VAL A 101 15.55 10.71 55.24
CA VAL A 101 16.81 11.19 54.69
C VAL A 101 17.63 11.86 55.79
N TYR A 102 18.92 11.48 55.87
CA TYR A 102 19.83 11.99 56.89
C TYR A 102 21.08 12.55 56.25
N THR A 103 21.75 13.41 56.96
CA THR A 103 23.02 13.95 56.49
C THR A 103 24.10 12.93 56.87
N THR A 104 25.30 13.09 56.32
CA THR A 104 26.43 12.24 56.66
C THR A 104 26.75 12.35 58.15
N LYS A 105 26.43 13.50 58.79
CA LYS A 105 26.65 13.71 60.23
C LYS A 105 25.60 12.98 61.12
N GLY A 106 24.71 12.19 60.54
CA GLY A 106 23.71 11.45 61.28
C GLY A 106 22.55 12.27 61.78
N LYS A 107 22.27 13.40 61.11
CA LYS A 107 21.18 14.27 61.50
C LYS A 107 20.04 14.26 60.48
N PRO A 108 18.76 14.27 60.89
CA PRO A 108 17.68 14.31 59.89
C PRO A 108 17.84 15.47 58.91
N PHE A 109 17.69 15.22 57.60
CA PHE A 109 17.86 16.25 56.58
C PHE A 109 16.70 17.27 56.63
N GLU A 110 17.02 18.57 56.73
CA GLU A 110 16.05 19.66 56.76
C GLU A 110 15.17 19.72 55.50
N GLY A 111 15.67 19.22 54.37
CA GLY A 111 14.92 19.22 53.12
C GLY A 111 14.13 17.95 52.84
N ASP A 112 14.04 17.04 53.84
CA ASP A 112 13.31 15.78 53.67
C ASP A 112 11.80 16.02 53.88
N PRO A 113 10.94 15.81 52.85
CA PRO A 113 9.50 15.98 53.07
C PRO A 113 8.93 15.06 54.16
N ARG A 114 9.40 13.80 54.24
CA ARG A 114 8.87 12.86 55.23
C ARG A 114 9.20 13.33 56.66
N GLY A 115 10.45 13.73 56.89
CA GLY A 115 10.89 14.26 58.18
C GLY A 115 10.15 15.54 58.54
N CYS A 116 9.79 16.32 57.53
CA CYS A 116 9.02 17.53 57.73
C CYS A 116 7.65 17.19 58.34
N LEU A 117 6.96 16.17 57.82
CA LEU A 117 5.67 15.75 58.39
C LEU A 117 5.87 15.07 59.77
N LYS A 118 6.90 14.22 59.93
CA LYS A 118 7.16 13.61 61.23
C LYS A 118 7.31 14.70 62.33
N ARG A 119 8.07 15.74 62.03
CA ARG A 119 8.38 16.79 62.98
C ARG A 119 7.13 17.57 63.42
N VAL A 120 6.23 17.93 62.49
CA VAL A 120 5.02 18.66 62.90
C VAL A 120 4.10 17.73 63.70
N MET A 121 4.09 16.44 63.37
CA MET A 121 3.28 15.48 64.11
C MET A 121 3.84 15.28 65.51
N GLU A 122 5.17 15.22 65.64
CA GLU A 122 5.80 15.07 66.94
C GLU A 122 5.50 16.28 67.80
N GLU A 123 5.56 17.48 67.21
CA GLU A 123 5.27 18.70 67.95
C GLU A 123 3.80 18.74 68.38
N PHE A 124 2.89 18.26 67.52
CA PHE A 124 1.47 18.23 67.85
C PHE A 124 1.22 17.27 69.02
N LYS A 125 1.89 16.12 69.03
CA LYS A 125 1.71 15.17 70.13
C LYS A 125 2.29 15.71 71.41
N LYS A 126 3.44 16.39 71.33
CA LYS A 126 4.06 16.93 72.53
C LYS A 126 3.23 18.08 73.15
N GLU A 127 2.68 18.97 72.30
CA GLU A 127 1.94 20.13 72.77
C GLU A 127 0.48 19.86 73.18
N PHE A 128 -0.25 18.99 72.48
CA PHE A 128 -1.66 18.74 72.76
C PHE A 128 -1.98 17.30 73.07
N ASN A 129 -1.01 16.39 72.98
CA ASN A 129 -1.27 14.95 73.07
C ASN A 129 -2.26 14.57 71.98
N GLY A 130 -2.10 15.18 70.80
CA GLY A 130 -3.00 14.98 69.67
C GLY A 130 -2.44 14.08 68.60
N GLU A 131 -3.35 13.48 67.84
CA GLU A 131 -3.02 12.64 66.68
C GLU A 131 -3.74 13.23 65.47
N TYR A 132 -3.10 13.22 64.31
CA TYR A 132 -3.67 13.78 63.10
C TYR A 132 -4.01 12.63 62.12
N PHE A 133 -5.31 12.44 61.83
CA PHE A 133 -5.78 11.36 60.99
C PHE A 133 -6.24 11.89 59.65
N VAL A 134 -5.79 11.26 58.56
CA VAL A 134 -6.14 11.66 57.22
C VAL A 134 -6.62 10.46 56.41
N GLY A 135 -7.71 10.67 55.64
CA GLY A 135 -8.28 9.72 54.71
C GLY A 135 -8.35 10.35 53.33
N PRO A 136 -7.34 10.13 52.45
CA PRO A 136 -7.34 10.79 51.14
C PRO A 136 -7.94 9.90 50.06
N GLU A 137 -8.49 10.52 48.99
CA GLU A 137 -9.17 9.79 47.93
C GLU A 137 -8.56 10.15 46.60
N PRO A 138 -7.37 9.59 46.30
CA PRO A 138 -6.69 9.96 45.02
C PRO A 138 -7.31 9.29 43.78
N GLU A 139 -8.13 10.06 43.02
CA GLU A 139 -8.77 9.56 41.81
C GLU A 139 -7.72 9.47 40.70
N PHE A 140 -8.01 8.66 39.67
CA PHE A 140 -7.10 8.47 38.54
C PHE A 140 -7.88 8.10 37.29
N PHE A 141 -7.24 8.27 36.13
CA PHE A 141 -7.77 7.87 34.85
C PHE A 141 -7.00 6.69 34.38
N LEU A 142 -7.70 5.78 33.68
CA LEU A 142 -7.07 4.67 32.99
C LEU A 142 -7.13 5.08 31.52
N LEU A 143 -6.00 4.94 30.82
CA LEU A 143 -5.89 5.43 29.46
C LEU A 143 -5.51 4.33 28.52
N LYS A 144 -5.89 4.49 27.27
CA LYS A 144 -5.46 3.62 26.18
C LYS A 144 -5.09 4.49 25.00
N LYS A 145 -4.37 3.94 24.02
CA LYS A 145 -3.94 4.74 22.86
C LYS A 145 -5.13 5.04 21.96
N ASP A 146 -5.11 6.23 21.39
CA ASP A 146 -6.15 6.66 20.45
C ASP A 146 -6.01 5.78 19.19
N PRO A 147 -7.02 5.01 18.78
CA PRO A 147 -6.86 4.18 17.57
C PRO A 147 -6.61 5.02 16.30
N HIS A 148 -7.02 6.30 16.31
CA HIS A 148 -6.79 7.22 15.19
C HIS A 148 -5.38 7.83 15.23
N ASN A 149 -4.79 8.02 16.43
CA ASN A 149 -3.40 8.47 16.54
C ASN A 149 -2.69 7.73 17.68
N PRO A 150 -1.77 6.80 17.38
CA PRO A 150 -1.10 6.07 18.46
C PRO A 150 -0.19 6.91 19.33
N HIS A 151 0.08 8.17 18.95
CA HIS A 151 0.89 9.08 19.76
C HIS A 151 0.06 9.74 20.89
N LYS A 152 -1.28 9.64 20.84
CA LYS A 152 -2.16 10.24 21.84
C LYS A 152 -2.88 9.20 22.72
N TYR A 153 -3.25 9.61 23.94
CA TYR A 153 -3.99 8.77 24.90
C TYR A 153 -5.44 9.28 25.09
N ILE A 154 -6.36 8.32 25.24
CA ILE A 154 -7.78 8.64 25.49
C ILE A 154 -8.27 7.88 26.72
N PRO A 155 -9.43 8.25 27.31
CA PRO A 155 -9.96 7.45 28.42
C PRO A 155 -10.21 5.99 28.01
N ALA A 156 -9.95 5.05 28.95
CA ALA A 156 -10.01 3.62 28.67
C ALA A 156 -11.44 3.10 28.41
N ASP A 157 -12.48 3.83 28.85
CA ASP A 157 -13.86 3.43 28.55
C ASP A 157 -14.75 4.68 28.49
N ASP A 158 -16.06 4.49 28.22
CA ASP A 158 -17.01 5.60 28.17
C ASP A 158 -17.95 5.62 29.36
N GLY A 159 -17.61 4.94 30.44
CA GLY A 159 -18.47 4.86 31.59
C GLY A 159 -18.47 6.09 32.46
N GLY A 160 -19.39 6.09 33.41
CA GLY A 160 -19.58 7.19 34.34
C GLY A 160 -19.65 6.67 35.75
N TYR A 161 -20.10 7.54 36.65
CA TYR A 161 -20.13 7.28 38.08
C TYR A 161 -20.87 6.02 38.44
N PHE A 162 -20.22 5.11 39.19
CA PHE A 162 -20.84 3.89 39.69
C PHE A 162 -21.38 2.98 38.58
N ASP A 163 -20.95 3.14 37.34
CA ASP A 163 -21.49 2.31 36.26
C ASP A 163 -21.09 0.84 36.40
N LEU A 164 -21.92 -0.05 35.84
CA LEU A 164 -21.67 -1.48 35.77
C LEU A 164 -21.07 -1.81 34.42
N GLU A 165 -20.46 -2.99 34.36
CA GLU A 165 -19.97 -3.58 33.12
C GLU A 165 -21.19 -3.86 32.24
N PRO A 166 -21.05 -3.89 30.90
CA PRO A 166 -19.82 -3.68 30.12
C PRO A 166 -19.42 -2.23 29.89
N MET A 167 -20.27 -1.26 30.30
CA MET A 167 -19.99 0.18 30.15
C MET A 167 -18.73 0.54 30.97
N ASP A 168 -18.69 0.05 32.20
CA ASP A 168 -17.53 0.15 33.07
C ASP A 168 -16.64 -1.02 32.64
N GLU A 169 -15.49 -0.74 32.04
CA GLU A 169 -14.60 -1.81 31.55
C GLU A 169 -13.47 -2.15 32.51
N ALA A 170 -13.47 -1.61 33.75
CA ALA A 170 -12.35 -1.80 34.65
C ALA A 170 -12.56 -2.75 35.85
N PRO A 171 -13.64 -3.56 36.02
CA PRO A 171 -13.69 -4.43 37.19
C PRO A 171 -12.43 -5.30 37.37
N ASP A 172 -11.87 -5.85 36.29
CA ASP A 172 -10.66 -6.68 36.39
C ASP A 172 -9.44 -5.86 36.88
N ILE A 173 -9.30 -4.62 36.41
CA ILE A 173 -8.19 -3.79 36.82
C ILE A 173 -8.44 -3.38 38.28
N ARG A 174 -9.64 -2.87 38.59
CA ARG A 174 -9.91 -2.45 39.97
C ARG A 174 -9.76 -3.62 40.97
N ARG A 175 -10.16 -4.83 40.54
CA ARG A 175 -9.99 -6.08 41.29
C ARG A 175 -8.51 -6.31 41.66
N ASP A 176 -7.62 -6.30 40.65
CA ASP A 176 -6.21 -6.53 40.86
C ASP A 176 -5.59 -5.42 41.68
N ILE A 177 -6.04 -4.17 41.47
CA ILE A 177 -5.60 -3.05 42.27
C ILE A 177 -5.92 -3.34 43.77
N VAL A 178 -7.17 -3.72 44.09
CA VAL A 178 -7.57 -4.02 45.47
C VAL A 178 -6.72 -5.17 46.05
N PHE A 179 -6.52 -6.26 45.30
CA PHE A 179 -5.71 -7.39 45.79
C PHE A 179 -4.29 -6.94 46.06
N ALA A 180 -3.72 -6.09 45.19
CA ALA A 180 -2.34 -5.60 45.39
C ALA A 180 -2.24 -4.72 46.67
N LEU A 181 -3.20 -3.81 46.85
CA LEU A 181 -3.25 -2.95 48.02
C LEU A 181 -3.42 -3.74 49.28
N GLU A 182 -4.23 -4.77 49.23
CA GLU A 182 -4.44 -5.63 50.38
C GLU A 182 -3.13 -6.33 50.78
N ASN A 183 -2.41 -6.88 49.78
CA ASN A 183 -1.12 -7.50 50.04
C ASN A 183 -0.13 -6.47 50.57
N LEU A 184 -0.27 -5.19 50.19
CA LEU A 184 0.57 -4.12 50.73
C LEU A 184 0.16 -3.67 52.13
N GLY A 185 -0.89 -4.27 52.72
CA GLY A 185 -1.31 -3.95 54.06
C GLY A 185 -2.41 -2.91 54.17
N PHE A 186 -2.97 -2.48 53.03
CA PHE A 186 -4.05 -1.49 53.06
C PHE A 186 -5.33 -2.16 53.52
N HIS A 187 -6.21 -1.35 54.14
CA HIS A 187 -7.56 -1.75 54.45
C HIS A 187 -8.40 -1.04 53.40
N VAL A 188 -8.73 -1.72 52.33
CA VAL A 188 -9.49 -1.13 51.23
C VAL A 188 -10.95 -1.02 51.63
N GLU A 189 -11.59 0.08 51.30
CA GLU A 189 -12.97 0.32 51.69
C GLU A 189 -13.97 0.14 50.55
N ALA A 190 -13.63 0.56 49.33
CA ALA A 190 -14.57 0.52 48.21
C ALA A 190 -13.87 0.84 46.90
N SER A 191 -14.48 0.41 45.77
CA SER A 191 -13.92 0.79 44.47
C SER A 191 -15.06 0.94 43.51
N HIS A 192 -14.90 1.88 42.58
CA HIS A 192 -15.96 2.15 41.63
C HIS A 192 -15.51 3.03 40.52
N HIS A 193 -16.25 3.02 39.41
CA HIS A 193 -16.00 3.91 38.30
C HIS A 193 -16.38 5.33 38.80
N GLU A 194 -15.62 6.33 38.42
CA GLU A 194 -15.87 7.72 38.81
C GLU A 194 -16.61 8.47 37.68
N VAL A 195 -16.85 9.76 37.87
CA VAL A 195 -17.72 10.54 36.97
C VAL A 195 -17.30 10.54 35.51
N ALA A 196 -16.01 10.76 35.23
CA ALA A 196 -15.55 10.89 33.85
C ALA A 196 -15.30 9.55 33.15
N PRO A 197 -15.32 9.53 31.81
CA PRO A 197 -14.91 8.29 31.10
C PRO A 197 -13.52 7.82 31.55
N GLY A 198 -13.33 6.52 31.77
CA GLY A 198 -12.04 5.98 32.18
C GLY A 198 -11.54 6.39 33.56
N GLN A 199 -12.34 7.11 34.34
CA GLN A 199 -11.90 7.56 35.69
C GLN A 199 -12.37 6.59 36.77
N HIS A 200 -11.53 6.39 37.82
CA HIS A 200 -11.83 5.40 38.86
C HIS A 200 -11.44 5.87 40.25
N GLU A 201 -11.93 5.14 41.27
CA GLU A 201 -11.62 5.46 42.65
C GLU A 201 -11.52 4.17 43.44
N VAL A 202 -10.47 4.06 44.25
CA VAL A 202 -10.28 2.91 45.15
C VAL A 202 -9.96 3.54 46.50
N ASP A 203 -10.91 3.48 47.44
CA ASP A 203 -10.77 4.09 48.76
C ASP A 203 -10.14 3.15 49.76
N PHE A 204 -9.32 3.70 50.66
CA PHE A 204 -8.66 2.91 51.70
C PHE A 204 -8.87 3.63 53.03
N LYS A 205 -8.78 2.89 54.11
CA LYS A 205 -9.08 3.44 55.42
C LYS A 205 -8.07 4.51 55.86
N PHE A 206 -8.55 5.54 56.55
CA PHE A 206 -7.73 6.60 57.07
C PHE A 206 -6.77 6.05 58.13
N ASP A 207 -5.70 6.80 58.41
CA ASP A 207 -4.76 6.43 59.45
C ASP A 207 -4.04 7.70 59.87
N ASP A 208 -2.99 7.61 60.73
CA ASP A 208 -2.24 8.81 61.09
C ASP A 208 -1.59 9.39 59.83
N ALA A 209 -1.38 10.70 59.80
CA ALA A 209 -0.88 11.38 58.60
C ALA A 209 0.38 10.77 58.00
N LEU A 210 1.29 10.25 58.81
CA LEU A 210 2.56 9.71 58.29
C LEU A 210 2.32 8.40 57.53
N LYS A 211 1.57 7.46 58.13
CA LYS A 211 1.24 6.20 57.49
C LYS A 211 0.45 6.46 56.22
N THR A 212 -0.49 7.42 56.27
CA THR A 212 -1.32 7.76 55.14
C THR A 212 -0.49 8.36 54.01
N ALA A 213 0.49 9.21 54.33
CA ALA A 213 1.36 9.79 53.31
C ALA A 213 2.19 8.67 52.66
N ASP A 214 2.70 7.75 53.49
CA ASP A 214 3.43 6.58 52.98
C ASP A 214 2.52 5.74 52.02
N SER A 215 1.24 5.56 52.40
CA SER A 215 0.24 4.83 51.61
C SER A 215 -0.13 5.54 50.32
N VAL A 216 -0.26 6.88 50.33
CA VAL A 216 -0.54 7.62 49.08
C VAL A 216 0.58 7.42 48.04
N ILE A 217 1.84 7.41 48.47
CA ILE A 217 2.96 7.20 47.57
C ILE A 217 2.87 5.77 46.99
N THR A 218 2.68 4.77 47.85
CA THR A 218 2.60 3.37 47.44
C THR A 218 1.41 3.09 46.56
N PHE A 219 0.26 3.73 46.89
CA PHE A 219 -0.99 3.61 46.18
C PHE A 219 -0.80 4.04 44.72
N LYS A 220 -0.20 5.21 44.50
CA LYS A 220 0.01 5.69 43.14
C LYS A 220 0.94 4.77 42.32
N THR A 221 1.99 4.19 42.94
CA THR A 221 2.89 3.28 42.20
C THR A 221 2.13 2.01 41.88
N THR A 222 1.33 1.50 42.83
CA THR A 222 0.55 0.28 42.63
C THR A 222 -0.44 0.41 41.49
N ILE A 223 -1.19 1.51 41.49
CA ILE A 223 -2.23 1.72 40.44
C ILE A 223 -1.56 1.76 39.06
N LYS A 224 -0.42 2.48 38.97
CA LYS A 224 0.31 2.63 37.72
C LYS A 224 0.89 1.31 37.24
N THR A 225 1.50 0.53 38.14
CA THR A 225 2.09 -0.74 37.72
C THR A 225 1.03 -1.76 37.38
N ILE A 226 -0.03 -1.94 38.18
CA ILE A 226 -1.12 -2.88 37.82
C ILE A 226 -1.79 -2.46 36.46
N ALA A 227 -2.03 -1.16 36.19
CA ALA A 227 -2.64 -0.72 34.91
C ALA A 227 -1.72 -1.15 33.75
N GLU A 228 -0.40 -0.97 33.94
CA GLU A 228 0.59 -1.39 32.91
C GLU A 228 0.40 -2.88 32.63
N GLN A 229 0.24 -3.69 33.69
CA GLN A 229 0.05 -5.13 33.52
C GLN A 229 -1.17 -5.45 32.67
N HIS A 230 -2.22 -4.59 32.68
CA HIS A 230 -3.42 -4.79 31.86
C HIS A 230 -3.31 -4.07 30.51
N GLY A 231 -2.12 -3.63 30.12
CA GLY A 231 -1.94 -2.97 28.83
C GLY A 231 -2.53 -1.57 28.76
N LEU A 232 -2.79 -0.96 29.91
CA LEU A 232 -3.34 0.39 29.99
C LEU A 232 -2.31 1.29 30.71
N LYS A 233 -2.59 2.57 30.77
CA LYS A 233 -1.73 3.54 31.42
C LYS A 233 -2.56 4.29 32.43
N ALA A 234 -2.13 4.41 33.67
CA ALA A 234 -2.90 5.18 34.66
C ALA A 234 -2.27 6.54 34.80
N THR A 235 -3.09 7.59 35.04
CA THR A 235 -2.55 8.92 35.29
C THR A 235 -3.23 9.57 36.49
N PHE A 236 -2.43 10.22 37.30
CA PHE A 236 -2.91 11.02 38.43
C PHE A 236 -2.83 12.53 38.09
N MET A 237 -2.70 12.89 36.79
CA MET A 237 -2.79 14.25 36.28
C MET A 237 -4.12 14.86 36.72
N PRO A 238 -4.12 16.05 37.38
CA PRO A 238 -5.39 16.63 37.85
C PRO A 238 -6.49 16.81 36.80
N LYS A 239 -6.13 17.25 35.58
CA LYS A 239 -7.14 17.50 34.55
C LYS A 239 -6.58 17.08 33.19
N PRO A 240 -6.60 15.77 32.88
CA PRO A 240 -6.01 15.32 31.60
C PRO A 240 -6.83 15.71 30.37
N PHE A 241 -8.16 15.88 30.52
CA PHE A 241 -9.07 16.12 29.43
C PHE A 241 -10.00 17.29 29.70
N PHE A 242 -10.10 18.20 28.74
CA PHE A 242 -11.05 19.29 28.82
C PHE A 242 -12.46 18.70 28.63
N GLY A 243 -13.47 19.27 29.29
CA GLY A 243 -14.85 18.84 29.07
C GLY A 243 -15.32 17.68 29.92
N MET A 244 -14.48 17.19 30.82
CA MET A 244 -14.87 16.13 31.74
C MET A 244 -14.16 16.36 33.04
N ASN A 245 -14.65 15.70 34.11
CA ASN A 245 -14.10 15.88 35.44
C ASN A 245 -12.60 15.70 35.51
N GLY A 246 -12.01 16.47 36.43
CA GLY A 246 -10.63 16.27 36.79
C GLY A 246 -10.58 15.28 37.92
N SER A 247 -9.37 14.91 38.35
CA SER A 247 -9.14 13.97 39.43
C SER A 247 -8.68 14.76 40.66
N GLY A 248 -9.44 14.62 41.74
CA GLY A 248 -9.09 15.26 42.99
C GLY A 248 -8.51 14.27 43.97
N MET A 249 -8.00 14.76 45.07
CA MET A 249 -7.58 13.93 46.19
C MET A 249 -8.13 14.61 47.43
N HIS A 250 -9.44 14.50 47.64
CA HIS A 250 -10.10 15.07 48.82
C HIS A 250 -9.45 14.46 50.06
N CYS A 251 -9.20 15.29 51.07
CA CYS A 251 -8.55 14.82 52.27
C CYS A 251 -9.47 14.94 53.43
N HIS A 252 -10.02 13.80 53.87
CA HIS A 252 -10.85 13.75 55.06
C HIS A 252 -9.87 13.77 56.21
N GLN A 253 -10.09 14.60 57.20
CA GLN A 253 -9.14 14.72 58.29
C GLN A 253 -9.81 15.08 59.59
N SER A 254 -9.17 14.66 60.68
CA SER A 254 -9.65 14.91 62.02
C SER A 254 -8.50 14.85 62.99
N ILE A 255 -8.62 15.57 64.12
CA ILE A 255 -7.61 15.51 65.16
C ILE A 255 -8.25 14.86 66.38
N TRP A 256 -7.50 13.98 67.01
CA TRP A 256 -7.97 13.27 68.18
C TRP A 256 -7.09 13.66 69.35
N LEU A 257 -7.66 14.30 70.38
CA LEU A 257 -6.88 14.68 71.57
C LEU A 257 -7.14 13.64 72.67
N ASN A 258 -6.06 13.16 73.31
CA ASN A 258 -6.14 12.17 74.38
C ASN A 258 -6.99 10.94 73.98
N GLY A 259 -6.81 10.48 72.75
CA GLY A 259 -7.49 9.29 72.25
C GLY A 259 -8.97 9.45 71.92
N GLU A 260 -9.51 10.67 71.96
CA GLU A 260 -10.92 10.89 71.66
C GLU A 260 -11.15 11.65 70.36
N PRO A 261 -12.29 11.41 69.68
CA PRO A 261 -12.58 12.17 68.45
C PRO A 261 -13.05 13.57 68.77
N SER A 262 -12.09 14.46 69.05
CA SER A 262 -12.31 15.86 69.43
C SER A 262 -13.17 16.68 68.50
N PHE A 263 -13.35 16.24 67.26
CA PHE A 263 -14.21 16.99 66.31
C PHE A 263 -15.72 16.75 66.57
N TYR A 264 -16.06 15.66 67.30
CA TYR A 264 -17.43 15.30 67.61
C TYR A 264 -17.86 15.89 68.95
N ASP A 265 -19.05 16.49 68.97
CA ASP A 265 -19.65 17.06 70.18
C ASP A 265 -21.16 16.88 70.08
N GLU A 266 -21.64 15.83 70.73
CA GLU A 266 -23.05 15.44 70.78
C GLU A 266 -24.02 16.62 71.01
N ASN A 267 -23.65 17.55 71.92
CA ASN A 267 -24.55 18.66 72.28
C ASN A 267 -24.23 20.01 71.63
N ALA A 268 -23.50 20.02 70.52
CA ALA A 268 -23.14 21.27 69.85
C ALA A 268 -23.93 21.41 68.57
N PRO A 269 -24.08 22.63 68.01
CA PRO A 269 -24.73 22.76 66.69
C PRO A 269 -24.03 21.90 65.62
N TYR A 270 -24.82 21.17 64.80
CA TYR A 270 -24.32 20.23 63.78
C TYR A 270 -23.55 19.05 64.39
N GLN A 271 -23.54 18.94 65.74
CA GLN A 271 -22.77 17.93 66.46
C GLN A 271 -21.27 18.05 66.15
N LEU A 272 -20.81 19.31 65.91
CA LEU A 272 -19.40 19.60 65.64
C LEU A 272 -18.86 20.42 66.80
N SER A 273 -17.73 19.99 67.35
CA SER A 273 -17.08 20.63 68.49
C SER A 273 -16.53 22.02 68.17
N GLU A 274 -16.10 22.74 69.22
CA GLU A 274 -15.45 24.04 69.07
C GLU A 274 -14.08 23.82 68.41
N THR A 275 -13.38 22.76 68.80
CA THR A 275 -12.07 22.44 68.20
C THR A 275 -12.23 22.24 66.69
N CYS A 276 -13.32 21.53 66.27
CA CYS A 276 -13.60 21.32 64.86
C CYS A 276 -13.78 22.65 64.13
N MET A 277 -14.52 23.57 64.72
CA MET A 277 -14.75 24.90 64.15
C MET A 277 -13.48 25.74 64.15
N ASN A 278 -12.63 25.64 65.17
CA ASN A 278 -11.38 26.39 65.20
C ASN A 278 -10.46 25.87 64.09
N TYR A 279 -10.42 24.54 63.91
CA TYR A 279 -9.61 23.90 62.86
C TYR A 279 -10.08 24.33 61.47
N VAL A 280 -11.41 24.23 61.22
CA VAL A 280 -12.01 24.65 59.95
C VAL A 280 -11.66 26.12 59.67
N ALA A 281 -11.74 26.96 60.70
CA ALA A 281 -11.39 28.38 60.58
C ALA A 281 -9.90 28.56 60.14
N GLY A 282 -9.00 27.72 60.66
CA GLY A 282 -7.58 27.78 60.31
C GLY A 282 -7.33 27.41 58.86
N ILE A 283 -7.98 26.31 58.40
CA ILE A 283 -7.87 25.87 57.01
C ILE A 283 -8.40 26.96 56.08
N LEU A 284 -9.58 27.53 56.40
CA LEU A 284 -10.17 28.56 55.56
C LEU A 284 -9.30 29.81 55.55
N LYS A 285 -8.71 30.18 56.67
CA LYS A 285 -7.83 31.36 56.72
C LYS A 285 -6.63 31.19 55.78
N HIS A 286 -6.01 30.02 55.75
CA HIS A 286 -4.80 29.80 54.94
C HIS A 286 -5.04 29.09 53.62
N ALA A 287 -6.32 28.86 53.21
CA ALA A 287 -6.65 28.13 52.00
C ALA A 287 -5.92 28.65 50.75
N LYS A 288 -5.85 29.97 50.56
CA LYS A 288 -5.18 30.56 49.39
C LYS A 288 -3.68 30.15 49.25
N ALA A 289 -2.98 29.97 50.38
CA ALA A 289 -1.58 29.54 50.37
C ALA A 289 -1.48 28.02 50.40
N ILE A 290 -2.42 27.32 51.07
CA ILE A 290 -2.37 25.86 51.15
C ILE A 290 -2.35 25.25 49.75
N VAL A 291 -3.13 25.80 48.82
CA VAL A 291 -3.24 25.26 47.46
C VAL A 291 -1.92 25.34 46.67
N ALA A 292 -0.94 26.18 47.07
CA ALA A 292 0.35 26.15 46.36
C ALA A 292 0.98 24.75 46.51
N ILE A 293 0.79 24.13 47.68
CA ILE A 293 1.35 22.84 48.01
C ILE A 293 0.37 21.70 47.64
N THR A 294 -0.93 21.83 47.94
CA THR A 294 -1.90 20.75 47.65
C THR A 294 -2.28 20.67 46.18
N ASN A 295 -2.05 21.75 45.42
CA ASN A 295 -2.36 21.83 44.00
C ASN A 295 -1.13 22.45 43.34
N PRO A 296 -0.03 21.69 43.24
CA PRO A 296 1.26 22.31 42.85
C PRO A 296 1.67 22.32 41.39
N THR A 297 0.76 22.04 40.48
CA THR A 297 1.11 22.02 39.06
C THR A 297 0.32 23.08 38.32
N VAL A 298 0.71 23.38 37.07
CA VAL A 298 -0.05 24.31 36.24
C VAL A 298 -1.43 23.72 35.95
N ASN A 299 -1.44 22.42 35.62
CA ASN A 299 -2.66 21.70 35.29
C ASN A 299 -3.65 21.62 36.45
N SER A 300 -3.17 21.75 37.71
CA SER A 300 -4.05 21.72 38.88
C SER A 300 -5.13 22.77 38.81
N TYR A 301 -4.81 23.92 38.16
CA TYR A 301 -5.75 25.06 38.05
C TYR A 301 -6.63 24.99 36.80
N LYS A 302 -6.65 23.83 36.13
CA LYS A 302 -7.62 23.58 35.06
C LYS A 302 -8.76 22.73 35.65
N ARG A 303 -8.56 22.15 36.88
CA ARG A 303 -9.61 21.51 37.68
C ARG A 303 -10.03 22.54 38.77
N LEU A 304 -9.04 23.09 39.48
CA LEU A 304 -9.27 24.07 40.54
C LEU A 304 -9.35 25.40 39.86
N VAL A 305 -10.46 25.65 39.13
CA VAL A 305 -10.53 26.85 38.30
C VAL A 305 -11.62 27.83 38.79
N PRO A 306 -11.19 28.96 39.43
CA PRO A 306 -12.18 29.96 39.86
C PRO A 306 -13.12 30.41 38.73
N GLY A 307 -14.39 30.62 39.09
CA GLY A 307 -15.41 31.03 38.17
C GLY A 307 -16.23 29.88 37.64
N TYR A 308 -15.85 28.65 38.01
CA TYR A 308 -16.55 27.46 37.51
C TYR A 308 -16.90 26.50 38.66
N GLU A 309 -17.53 25.36 38.31
CA GLU A 309 -17.91 24.37 39.31
C GLU A 309 -16.67 23.62 39.74
N ALA A 310 -16.04 24.06 40.83
CA ALA A 310 -14.80 23.47 41.34
C ALA A 310 -14.69 23.73 42.85
N PRO A 311 -13.81 23.01 43.59
CA PRO A 311 -13.69 23.28 45.04
C PRO A 311 -12.80 24.51 45.29
N VAL A 312 -13.25 25.66 44.82
CA VAL A 312 -12.52 26.94 44.83
C VAL A 312 -13.06 27.97 45.80
N ASN A 313 -14.32 27.82 46.21
CA ASN A 313 -14.99 28.76 47.10
C ASN A 313 -14.61 28.52 48.53
N ILE A 314 -13.96 29.52 49.14
CA ILE A 314 -13.48 29.43 50.51
C ILE A 314 -14.63 29.60 51.52
N ALA A 315 -15.26 28.47 51.83
CA ALA A 315 -16.38 28.34 52.74
C ALA A 315 -16.52 26.87 53.17
N TRP A 316 -17.28 26.58 54.26
CA TRP A 316 -17.53 25.20 54.64
C TRP A 316 -19.05 24.96 54.63
N ALA A 317 -19.45 23.70 54.51
CA ALA A 317 -20.85 23.34 54.46
C ALA A 317 -21.03 21.88 54.87
N ASN A 318 -22.25 21.50 55.25
CA ASN A 318 -22.58 20.13 55.65
C ASN A 318 -23.17 19.34 54.48
N SER A 319 -22.62 18.15 54.14
CA SER A 319 -23.14 17.30 53.05
C SER A 319 -23.38 18.07 51.73
N ASN A 320 -22.54 19.06 51.45
CA ASN A 320 -22.68 19.97 50.32
C ASN A 320 -21.35 19.97 49.59
N ARG A 321 -21.35 19.52 48.34
CA ARG A 321 -20.12 19.40 47.59
C ARG A 321 -19.78 20.65 46.75
N SER A 322 -20.31 21.81 47.10
CA SER A 322 -20.02 23.05 46.34
C SER A 322 -19.02 23.99 47.06
N ALA A 323 -18.57 23.60 48.27
CA ALA A 323 -17.65 24.41 49.09
C ALA A 323 -16.25 23.76 49.13
N ILE A 324 -15.22 24.50 49.55
CA ILE A 324 -13.85 23.94 49.62
C ILE A 324 -13.74 22.91 50.77
N ILE A 325 -14.61 23.04 51.81
CA ILE A 325 -14.72 22.06 52.91
C ILE A 325 -16.16 21.54 52.96
N ARG A 326 -16.36 20.21 52.85
CA ARG A 326 -17.65 19.57 53.09
C ARG A 326 -17.48 18.79 54.41
N VAL A 327 -18.51 18.77 55.25
CA VAL A 327 -18.47 18.01 56.52
C VAL A 327 -19.41 16.82 56.28
N PRO A 328 -18.88 15.58 56.08
CA PRO A 328 -19.79 14.46 55.79
C PRO A 328 -20.84 14.27 56.89
N ALA A 329 -21.98 13.65 56.55
CA ALA A 329 -23.04 13.40 57.51
C ALA A 329 -22.64 12.52 58.66
N ALA A 330 -21.69 11.58 58.46
CA ALA A 330 -21.26 10.69 59.54
C ALA A 330 -20.82 11.43 60.82
N ARG A 331 -21.13 10.85 61.99
CA ARG A 331 -20.76 11.45 63.27
C ARG A 331 -20.07 10.41 64.19
N GLY A 332 -19.80 10.78 65.44
CA GLY A 332 -19.08 9.91 66.35
C GLY A 332 -17.62 9.86 65.97
N LYS A 333 -17.10 8.65 65.87
CA LYS A 333 -15.68 8.48 65.48
C LYS A 333 -15.54 8.82 63.99
N GLY A 334 -16.66 8.90 63.28
CA GLY A 334 -16.68 9.24 61.85
C GLY A 334 -16.77 10.74 61.61
N THR A 335 -16.75 11.53 62.67
CA THR A 335 -16.83 13.01 62.54
C THR A 335 -15.52 13.54 61.96
N ARG A 336 -15.57 14.22 60.81
CA ARG A 336 -14.35 14.74 60.16
C ARG A 336 -14.72 15.81 59.14
N ILE A 337 -13.71 16.48 58.59
CA ILE A 337 -13.91 17.55 57.56
C ILE A 337 -13.16 17.11 56.29
N GLU A 338 -13.77 17.32 55.13
CA GLU A 338 -13.21 16.92 53.88
C GLU A 338 -12.73 18.16 53.20
N PHE A 339 -11.40 18.36 53.07
CA PHE A 339 -10.80 19.47 52.34
C PHE A 339 -10.77 18.99 50.90
N ARG A 340 -11.60 19.62 50.03
CA ARG A 340 -11.83 19.15 48.68
C ARG A 340 -10.87 19.67 47.62
N ALA A 341 -10.12 20.74 47.92
CA ALA A 341 -9.22 21.31 46.93
C ALA A 341 -8.07 20.39 46.44
N PRO A 342 -7.42 19.55 47.28
CA PRO A 342 -6.20 18.85 46.81
C PRO A 342 -6.42 17.95 45.62
N ASP A 343 -5.35 17.71 44.87
CA ASP A 343 -5.38 16.80 43.75
C ASP A 343 -4.20 15.82 43.91
N PRO A 344 -4.20 14.66 43.21
CA PRO A 344 -3.13 13.67 43.46
C PRO A 344 -1.75 14.04 42.91
N SER A 345 -1.55 15.27 42.36
CA SER A 345 -0.20 15.68 41.95
C SER A 345 0.61 16.26 43.14
N CYS A 346 0.00 16.43 44.35
CA CYS A 346 0.70 16.99 45.51
C CYS A 346 1.64 15.99 46.19
N ASN A 347 2.59 16.50 46.96
CA ASN A 347 3.47 15.65 47.77
C ASN A 347 2.67 15.46 49.06
N PRO A 348 2.09 14.26 49.31
CA PRO A 348 1.27 14.10 50.53
C PRO A 348 1.95 14.48 51.82
N TYR A 349 3.26 14.27 51.94
CA TYR A 349 3.97 14.67 53.18
C TYR A 349 3.87 16.18 53.39
N LEU A 350 4.00 16.96 52.31
CA LEU A 350 3.96 18.42 52.42
C LEU A 350 2.52 18.89 52.53
N ALA A 351 1.59 18.26 51.78
CA ALA A 351 0.18 18.59 51.83
C ALA A 351 -0.36 18.42 53.26
N PHE A 352 -0.06 17.28 53.91
CA PHE A 352 -0.55 17.00 55.24
C PHE A 352 0.09 17.96 56.29
N THR A 353 1.36 18.35 56.06
CA THR A 353 2.04 19.29 56.94
C THR A 353 1.33 20.64 56.96
N VAL A 354 1.04 21.21 55.78
CA VAL A 354 0.43 22.54 55.68
C VAL A 354 -1.01 22.56 56.14
N MET A 355 -1.75 21.48 55.91
CA MET A 355 -3.13 21.42 56.37
C MET A 355 -3.13 21.34 57.88
N LEU A 356 -2.24 20.52 58.50
CA LEU A 356 -2.21 20.44 59.96
C LEU A 356 -1.75 21.77 60.56
N ALA A 357 -0.68 22.36 60.00
CA ALA A 357 -0.17 23.64 60.49
C ALA A 357 -1.24 24.75 60.45
N ALA A 358 -2.04 24.80 59.36
CA ALA A 358 -3.10 25.77 59.19
C ALA A 358 -4.28 25.52 60.15
N GLY A 359 -4.74 24.28 60.24
CA GLY A 359 -5.77 23.93 61.21
C GLY A 359 -5.35 24.21 62.64
N LEU A 360 -4.11 23.84 63.03
CA LEU A 360 -3.66 24.12 64.39
C LEU A 360 -3.46 25.61 64.62
N ASP A 361 -3.23 26.44 63.57
CA ASP A 361 -3.19 27.88 63.76
C ASP A 361 -4.60 28.35 64.24
N GLY A 362 -5.65 27.71 63.72
CA GLY A 362 -7.03 27.97 64.13
C GLY A 362 -7.30 27.48 65.53
N VAL A 363 -6.79 26.30 65.89
CA VAL A 363 -7.01 25.75 67.22
C VAL A 363 -6.27 26.59 68.27
N LYS A 364 -4.96 26.84 68.05
CA LYS A 364 -4.14 27.59 68.99
C LYS A 364 -4.69 28.97 69.26
N ASN A 365 -5.22 29.66 68.23
CA ASN A 365 -5.76 31.01 68.39
C ASN A 365 -7.27 31.05 68.56
N LYS A 366 -7.92 29.88 68.66
CA LYS A 366 -9.37 29.79 68.82
C LYS A 366 -10.12 30.67 67.80
N LEU A 367 -9.79 30.52 66.52
CA LEU A 367 -10.41 31.32 65.47
C LEU A 367 -11.87 30.95 65.29
N ASP A 368 -12.67 31.96 64.90
CA ASP A 368 -14.09 31.75 64.70
C ASP A 368 -14.35 31.33 63.30
N ALA A 369 -15.02 30.20 63.12
CA ALA A 369 -15.39 29.73 61.80
C ALA A 369 -16.60 30.54 61.34
N PRO A 370 -16.69 30.86 60.03
CA PRO A 370 -17.89 31.53 59.54
C PRO A 370 -19.08 30.58 59.59
N GLU A 371 -20.28 31.07 59.29
CA GLU A 371 -21.45 30.20 59.25
C GLU A 371 -21.29 29.23 58.08
N PRO A 372 -21.85 28.02 58.18
CA PRO A 372 -21.82 27.13 57.01
C PRO A 372 -22.68 27.72 55.88
N VAL A 373 -22.40 27.34 54.63
CA VAL A 373 -23.20 27.80 53.50
C VAL A 373 -24.05 26.63 53.03
N GLU A 374 -25.32 26.61 53.37
CA GLU A 374 -26.17 25.47 53.01
C GLU A 374 -26.74 25.54 51.58
N ARG A 375 -26.49 26.63 50.85
CA ARG A 375 -26.88 26.80 49.46
C ARG A 375 -25.86 26.15 48.49
N ASN A 376 -26.26 25.99 47.22
CA ASN A 376 -25.34 25.52 46.18
C ASN A 376 -24.54 26.76 45.77
N ILE A 377 -23.25 26.82 46.15
CA ILE A 377 -22.45 28.01 45.88
C ILE A 377 -22.29 28.25 44.37
N PHE A 378 -22.35 27.18 43.56
CA PHE A 378 -22.23 27.33 42.11
C PHE A 378 -23.46 28.04 41.49
N ALA A 379 -24.58 28.14 42.24
CA ALA A 379 -25.77 28.82 41.78
C ALA A 379 -25.79 30.32 42.18
N MET A 380 -24.80 30.78 42.96
CA MET A 380 -24.76 32.17 43.39
C MET A 380 -24.05 33.03 42.38
N SER A 381 -24.41 34.31 42.32
CA SER A 381 -23.74 35.28 41.46
C SER A 381 -22.46 35.74 42.14
N GLU A 382 -21.52 36.31 41.36
CA GLU A 382 -20.26 36.81 41.93
C GLU A 382 -20.51 37.90 42.99
N ALA A 383 -21.44 38.83 42.75
CA ALA A 383 -21.74 39.87 43.72
C ALA A 383 -22.38 39.29 44.97
N GLU A 384 -23.19 38.23 44.83
CA GLU A 384 -23.84 37.58 45.96
C GLU A 384 -22.79 36.88 46.85
N LYS A 385 -21.73 36.33 46.23
CA LYS A 385 -20.63 35.70 46.96
C LYS A 385 -19.75 36.79 47.61
N LYS A 386 -19.54 37.91 46.90
CA LYS A 386 -18.75 39.03 47.40
C LYS A 386 -19.40 39.58 48.66
N GLU A 387 -20.74 39.73 48.65
CA GLU A 387 -21.48 40.21 49.80
C GLU A 387 -21.37 39.22 50.97
N LEU A 388 -21.51 37.93 50.70
CA LEU A 388 -21.40 36.91 51.73
C LEU A 388 -19.95 36.69 52.22
N GLY A 389 -18.97 37.30 51.57
CA GLY A 389 -17.57 37.14 51.94
C GLY A 389 -16.97 35.82 51.50
N ILE A 390 -17.55 35.18 50.48
CA ILE A 390 -17.03 33.91 49.98
C ILE A 390 -15.96 34.21 48.93
N GLU A 391 -14.69 34.06 49.29
CA GLU A 391 -13.59 34.32 48.38
C GLU A 391 -13.20 33.06 47.64
N SER A 392 -12.37 33.20 46.60
CA SER A 392 -11.87 32.07 45.83
C SER A 392 -10.36 31.88 46.05
N VAL A 393 -9.91 30.65 45.88
CA VAL A 393 -8.50 30.33 45.93
C VAL A 393 -7.80 30.99 44.72
N PRO A 394 -6.46 31.12 44.73
CA PRO A 394 -5.79 31.69 43.54
C PRO A 394 -6.15 30.94 42.24
N ALA A 395 -6.12 31.65 41.09
CA ALA A 395 -6.58 31.12 39.81
C ALA A 395 -5.51 30.37 39.01
N ASN A 396 -4.22 30.41 39.45
CA ASN A 396 -3.16 29.71 38.72
C ASN A 396 -1.99 29.43 39.63
N LEU A 397 -1.04 28.60 39.17
CA LEU A 397 0.08 28.20 40.01
C LEU A 397 0.88 29.39 40.54
N LYS A 398 1.19 30.35 39.70
CA LYS A 398 1.98 31.49 40.11
C LYS A 398 1.25 32.30 41.18
N ALA A 399 -0.05 32.52 41.02
CA ALA A 399 -0.84 33.28 42.01
C ALA A 399 -0.81 32.53 43.36
N ALA A 400 -0.84 31.19 43.33
CA ALA A 400 -0.76 30.37 44.55
C ALA A 400 0.63 30.46 45.19
N LEU A 401 1.72 30.42 44.38
CA LEU A 401 3.10 30.57 44.91
C LEU A 401 3.26 31.91 45.61
N ASP A 402 2.68 32.97 45.05
CA ASP A 402 2.76 34.30 45.65
C ASP A 402 2.01 34.36 46.99
N GLU A 403 0.92 33.59 47.13
CA GLU A 403 0.22 33.51 48.39
C GLU A 403 1.09 32.77 49.40
N LEU A 404 1.68 31.64 49.01
CA LEU A 404 2.54 30.84 49.88
C LEU A 404 3.77 31.65 50.36
N GLU A 405 4.36 32.42 49.47
CA GLU A 405 5.52 33.24 49.78
C GLU A 405 5.23 34.23 50.89
N ASN A 406 3.95 34.68 51.00
CA ASN A 406 3.53 35.62 52.06
C ASN A 406 2.79 34.94 53.23
N ASN A 407 2.98 33.65 53.47
CA ASN A 407 2.31 32.96 54.58
C ASN A 407 3.37 32.43 55.55
N ASP A 408 3.49 33.08 56.71
CA ASP A 408 4.49 32.73 57.74
C ASP A 408 4.20 31.41 58.43
N VAL A 409 2.92 31.04 58.59
CA VAL A 409 2.55 29.78 59.20
C VAL A 409 3.02 28.61 58.34
N LEU A 410 2.81 28.67 57.00
CA LEU A 410 3.23 27.56 56.14
C LEU A 410 4.72 27.56 55.92
N LYS A 411 5.36 28.75 55.82
CA LYS A 411 6.81 28.82 55.68
C LYS A 411 7.49 28.15 56.89
N ASN A 412 6.96 28.39 58.09
CA ASN A 412 7.52 27.81 59.29
C ASN A 412 7.30 26.33 59.39
N ALA A 413 6.14 25.85 58.98
CA ALA A 413 5.83 24.42 58.98
C ALA A 413 6.74 23.66 58.02
N LEU A 414 6.97 24.18 56.80
CA LEU A 414 7.80 23.53 55.79
C LEU A 414 9.30 23.69 56.09
N GLY A 415 9.68 24.85 56.65
CA GLY A 415 11.08 25.15 56.92
C GLY A 415 11.74 25.82 55.73
N LYS A 416 12.82 26.57 55.96
CA LYS A 416 13.51 27.34 54.91
C LYS A 416 13.88 26.53 53.66
N HIS A 417 14.58 25.40 53.84
CA HIS A 417 15.04 24.59 52.73
C HIS A 417 13.90 24.13 51.79
N ILE A 418 12.88 23.43 52.30
CA ILE A 418 11.76 22.94 51.48
C ILE A 418 11.01 24.12 50.87
N PHE A 419 10.69 25.12 51.69
CA PHE A 419 9.95 26.29 51.23
C PHE A 419 10.66 27.00 50.04
N GLU A 420 11.93 27.36 50.21
CA GLU A 420 12.66 28.05 49.15
C GLU A 420 12.93 27.19 47.93
N SER A 421 13.17 25.88 48.10
CA SER A 421 13.42 24.98 46.96
C SER A 421 12.14 24.81 46.17
N PHE A 422 11.01 24.61 46.86
CA PHE A 422 9.72 24.46 46.20
C PHE A 422 9.39 25.72 45.38
N LEU A 423 9.54 26.91 45.97
CA LEU A 423 9.25 28.15 45.25
C LEU A 423 10.14 28.33 44.03
N GLU A 424 11.42 27.98 44.16
CA GLU A 424 12.37 28.07 43.06
C GLU A 424 12.00 27.10 41.95
N ILE A 425 11.73 25.83 42.29
CA ILE A 425 11.39 24.81 41.31
C ILE A 425 10.11 25.18 40.58
N LYS A 426 9.09 25.60 41.35
CA LYS A 426 7.78 25.89 40.77
C LYS A 426 7.78 27.19 39.99
N ASN A 427 8.65 28.15 40.32
CA ASN A 427 8.72 29.37 39.54
C ASN A 427 9.34 29.03 38.19
N ALA A 428 10.33 28.12 38.14
CA ALA A 428 10.93 27.72 36.86
C ALA A 428 9.92 26.92 36.02
N GLU A 429 9.09 26.12 36.68
CA GLU A 429 8.04 25.33 36.02
C GLU A 429 7.00 26.27 35.42
N TRP A 430 6.62 27.32 36.16
CA TRP A 430 5.69 28.35 35.68
C TRP A 430 6.30 29.09 34.49
N ASP A 431 7.57 29.48 34.58
CA ASP A 431 8.27 30.17 33.48
C ASP A 431 8.31 29.34 32.20
N SER A 432 8.48 28.03 32.36
CA SER A 432 8.48 27.12 31.23
C SER A 432 7.10 27.13 30.54
N PHE A 433 6.04 27.06 31.35
CA PHE A 433 4.68 27.06 30.81
C PHE A 433 4.37 28.40 30.15
N ARG A 434 4.66 29.51 30.81
CA ARG A 434 4.25 30.81 30.34
C ARG A 434 5.02 31.31 29.11
N THR A 435 6.20 30.72 28.79
CA THR A 435 6.98 31.09 27.60
C THR A 435 6.66 30.15 26.43
N SER A 436 6.00 29.02 26.66
CA SER A 436 5.69 28.08 25.58
C SER A 436 4.56 28.60 24.71
N VAL A 437 4.50 28.13 23.47
CA VAL A 437 3.41 28.47 22.55
C VAL A 437 2.49 27.23 22.53
N THR A 438 1.29 27.36 23.11
CA THR A 438 0.40 26.22 23.22
C THR A 438 -0.42 25.96 21.96
N ASP A 439 -1.00 24.76 21.88
CA ASP A 439 -1.88 24.40 20.78
C ASP A 439 -3.14 25.29 20.78
N TRP A 440 -3.64 25.69 21.96
CA TRP A 440 -4.84 26.56 22.04
C TRP A 440 -4.56 27.86 21.27
N GLU A 441 -3.36 28.44 21.47
CA GLU A 441 -2.94 29.68 20.82
C GLU A 441 -2.78 29.53 19.31
N THR A 442 -2.23 28.40 18.84
CA THR A 442 -2.11 28.14 17.41
C THR A 442 -3.51 28.07 16.79
N THR A 443 -4.43 27.35 17.44
CA THR A 443 -5.80 27.23 16.95
C THR A 443 -6.47 28.61 16.94
N ALA A 444 -6.29 29.39 18.01
CA ALA A 444 -6.95 30.67 18.14
C ALA A 444 -6.39 31.75 17.24
N TYR A 445 -5.05 31.79 17.04
CA TYR A 445 -4.40 32.97 16.43
C TYR A 445 -3.64 32.76 15.13
N LEU A 446 -3.43 31.53 14.65
CA LEU A 446 -2.66 31.40 13.41
C LEU A 446 -3.33 32.13 12.25
N LYS A 447 -4.66 32.22 12.27
CA LYS A 447 -5.41 32.89 11.20
C LYS A 447 -5.28 34.39 11.15
N ILE A 448 -4.75 35.04 12.18
CA ILE A 448 -4.74 36.51 12.18
C ILE A 448 -3.66 37.11 11.25
N SER B 2 9.97 3.24 -62.32
CA SER B 2 10.68 4.53 -62.50
C SER B 2 12.07 4.27 -63.08
N THR B 3 12.69 5.32 -63.58
CA THR B 3 14.11 5.29 -64.01
C THR B 3 14.94 5.86 -62.86
N VAL B 4 16.26 5.77 -62.98
CA VAL B 4 17.12 6.37 -61.97
C VAL B 4 16.83 7.86 -61.90
N GLU B 5 16.71 8.51 -63.07
CA GLU B 5 16.51 9.96 -63.17
C GLU B 5 15.23 10.38 -62.48
N GLN B 6 14.16 9.63 -62.68
CA GLN B 6 12.89 9.97 -62.03
C GLN B 6 13.05 9.90 -60.51
N VAL B 7 13.79 8.87 -60.01
CA VAL B 7 14.01 8.74 -58.58
C VAL B 7 14.88 9.87 -58.05
N LEU B 8 16.00 10.19 -58.75
CA LEU B 8 16.94 11.26 -58.37
C LEU B 8 16.21 12.61 -58.38
N GLU B 9 15.30 12.77 -59.34
CA GLU B 9 14.54 14.00 -59.46
C GLU B 9 13.59 14.11 -58.31
N TYR B 10 12.87 13.03 -57.94
CA TYR B 10 11.97 13.07 -56.79
C TYR B 10 12.73 13.40 -55.51
N VAL B 11 13.82 12.69 -55.24
CA VAL B 11 14.65 12.96 -54.06
C VAL B 11 15.08 14.43 -54.03
N LYS B 12 15.54 14.93 -55.18
CA LYS B 12 16.06 16.29 -55.31
C LYS B 12 15.00 17.33 -54.96
N SER B 13 13.79 17.19 -55.47
CA SER B 13 12.76 18.20 -55.26
C SER B 13 11.96 18.05 -54.01
N ASN B 14 11.95 16.85 -53.38
CA ASN B 14 11.13 16.62 -52.19
C ASN B 14 11.93 16.47 -50.94
N ASN B 15 13.20 16.92 -50.95
CA ASN B 15 14.02 16.91 -49.75
C ASN B 15 14.09 15.50 -49.09
N VAL B 16 14.15 14.41 -49.91
CA VAL B 16 14.26 13.07 -49.37
C VAL B 16 15.67 12.96 -48.75
N LYS B 17 15.73 12.58 -47.48
CA LYS B 17 16.98 12.51 -46.76
C LYS B 17 17.49 11.08 -46.60
N PHE B 18 16.62 10.06 -46.73
CA PHE B 18 17.02 8.68 -46.49
C PHE B 18 16.38 7.80 -47.51
N MET B 19 17.13 6.76 -47.91
CA MET B 19 16.66 5.74 -48.84
C MET B 19 16.84 4.40 -48.15
N ARG B 20 15.73 3.68 -47.85
CA ARG B 20 15.81 2.33 -47.29
C ARG B 20 16.05 1.35 -48.47
N PHE B 21 17.09 0.50 -48.39
CA PHE B 21 17.29 -0.58 -49.39
C PHE B 21 16.71 -1.85 -48.74
N GLN B 22 15.47 -2.20 -49.13
CA GLN B 22 14.69 -3.28 -48.53
C GLN B 22 14.67 -4.57 -49.34
N PHE B 23 14.54 -5.69 -48.62
CA PHE B 23 14.42 -7.03 -49.16
C PHE B 23 13.74 -7.90 -48.09
N VAL B 24 13.65 -9.22 -48.30
CA VAL B 24 13.01 -10.11 -47.33
C VAL B 24 13.93 -11.30 -47.11
N ASP B 25 13.86 -11.91 -45.93
CA ASP B 25 14.59 -13.14 -45.69
C ASP B 25 13.70 -14.32 -46.21
N ILE B 26 14.14 -15.57 -46.03
CA ILE B 26 13.40 -16.72 -46.53
C ILE B 26 11.98 -16.79 -45.96
N LEU B 27 11.78 -16.31 -44.73
CA LEU B 27 10.46 -16.37 -44.09
C LEU B 27 9.55 -15.17 -44.39
N GLY B 28 10.01 -14.26 -45.24
CA GLY B 28 9.22 -13.11 -45.65
C GLY B 28 9.32 -11.93 -44.69
N VAL B 29 10.28 -11.98 -43.74
CA VAL B 29 10.48 -10.88 -42.81
C VAL B 29 11.23 -9.78 -43.57
N PRO B 30 10.68 -8.56 -43.63
CA PRO B 30 11.38 -7.49 -44.35
C PRO B 30 12.67 -7.08 -43.62
N LYS B 31 13.68 -6.72 -44.42
CA LYS B 31 14.98 -6.29 -43.93
C LYS B 31 15.37 -5.06 -44.71
N ASN B 32 16.09 -4.15 -44.09
CA ASN B 32 16.56 -2.97 -44.77
C ASN B 32 17.77 -2.33 -44.08
N VAL B 33 18.51 -1.55 -44.86
CA VAL B 33 19.60 -0.72 -44.39
C VAL B 33 19.26 0.69 -44.90
N ALA B 34 19.51 1.74 -44.11
CA ALA B 34 19.19 3.10 -44.54
C ALA B 34 20.43 3.82 -45.08
N PHE B 35 20.29 4.44 -46.27
CA PHE B 35 21.36 5.20 -46.89
C PHE B 35 21.02 6.70 -46.75
N PRO B 36 21.89 7.52 -46.11
CA PRO B 36 21.58 8.95 -45.98
C PRO B 36 21.97 9.72 -47.22
N ILE B 37 21.06 10.49 -47.75
CA ILE B 37 21.30 11.22 -48.98
C ILE B 37 21.91 12.58 -48.64
N LYS B 38 23.11 12.90 -49.20
CA LYS B 38 23.74 14.19 -48.91
C LYS B 38 23.17 15.28 -49.80
N ALA B 39 23.40 16.53 -49.42
CA ALA B 39 22.93 17.70 -50.17
C ALA B 39 23.73 17.92 -51.45
N GLY B 40 23.11 18.58 -52.41
CA GLY B 40 23.79 19.01 -53.63
C GLY B 40 23.99 17.95 -54.68
N GLU B 41 24.69 18.32 -55.73
CA GLU B 41 24.96 17.44 -56.87
C GLU B 41 25.83 16.27 -56.43
N LYS B 42 26.75 16.51 -55.50
CA LYS B 42 27.60 15.45 -54.99
C LYS B 42 26.74 14.35 -54.33
N GLY B 43 25.77 14.76 -53.51
CA GLY B 43 24.87 13.81 -52.86
C GLY B 43 24.03 13.04 -53.85
N ILE B 44 23.63 13.69 -54.94
CA ILE B 44 22.78 13.10 -55.97
C ILE B 44 23.54 12.06 -56.78
N GLU B 45 24.81 12.38 -57.07
CA GLU B 45 25.66 11.46 -57.81
C GLU B 45 26.08 10.27 -56.94
N GLU B 46 26.23 10.46 -55.62
CA GLU B 46 26.52 9.35 -54.71
C GLU B 46 25.28 8.44 -54.66
N LEU B 47 24.07 9.05 -54.64
CA LEU B 47 22.83 8.27 -54.62
C LEU B 47 22.65 7.51 -55.95
N ARG B 48 23.04 8.11 -57.08
CA ARG B 48 22.97 7.47 -58.38
C ARG B 48 23.86 6.22 -58.38
N ASP B 49 25.08 6.32 -57.86
CA ASP B 49 26.01 5.20 -57.84
C ASP B 49 25.41 4.03 -57.05
N VAL B 50 24.82 4.33 -55.89
CA VAL B 50 24.23 3.25 -55.04
C VAL B 50 22.94 2.70 -55.68
N LEU B 51 22.15 3.54 -56.36
CA LEU B 51 20.91 3.03 -56.96
C LEU B 51 21.22 2.12 -58.15
N GLU B 52 22.24 2.48 -58.94
CA GLU B 52 22.59 1.69 -60.11
C GLU B 52 23.41 0.47 -59.72
N ASN B 53 24.45 0.63 -58.89
CA ASN B 53 25.37 -0.45 -58.51
C ASN B 53 25.01 -1.25 -57.27
N GLY B 54 24.12 -0.75 -56.43
CA GLY B 54 23.70 -1.46 -55.24
C GLY B 54 24.65 -1.31 -54.08
N LEU B 55 24.43 -2.09 -53.02
CA LEU B 55 25.30 -2.07 -51.87
C LEU B 55 25.48 -3.44 -51.24
N TYR B 56 26.52 -3.60 -50.43
CA TYR B 56 26.87 -4.88 -49.87
C TYR B 56 26.28 -5.09 -48.50
N PHE B 57 26.11 -6.34 -48.11
CA PHE B 57 25.64 -6.65 -46.77
C PHE B 57 26.11 -8.07 -46.41
N ASP B 58 25.94 -8.45 -45.15
CA ASP B 58 26.35 -9.76 -44.68
C ASP B 58 25.21 -10.73 -44.84
N GLY B 59 25.29 -11.59 -45.84
CA GLY B 59 24.24 -12.57 -46.09
C GLY B 59 24.17 -13.66 -45.05
N SER B 60 25.24 -13.86 -44.23
CA SER B 60 25.21 -14.87 -43.17
C SER B 60 24.42 -14.40 -41.95
N SER B 61 24.00 -13.13 -41.89
CA SER B 61 23.15 -12.61 -40.81
C SER B 61 21.69 -12.52 -41.24
N ILE B 62 21.33 -13.10 -42.41
CA ILE B 62 19.96 -13.12 -42.92
C ILE B 62 19.54 -14.57 -42.99
N GLU B 63 18.37 -14.88 -42.43
CA GLU B 63 17.85 -16.24 -42.43
C GLU B 63 17.56 -16.81 -43.84
N GLY B 64 18.08 -18.00 -44.09
CA GLY B 64 17.94 -18.72 -45.36
C GLY B 64 18.89 -18.28 -46.44
N PHE B 65 19.84 -17.39 -46.16
CA PHE B 65 20.76 -16.90 -47.18
C PHE B 65 22.04 -17.73 -47.25
N VAL B 66 23.20 -17.20 -46.86
CA VAL B 66 24.48 -17.91 -47.04
C VAL B 66 25.22 -18.14 -45.70
N GLY B 67 26.28 -18.94 -45.75
CA GLY B 67 27.10 -19.26 -44.60
C GLY B 67 28.15 -18.19 -44.38
N ILE B 68 28.79 -18.23 -43.20
CA ILE B 68 29.76 -17.23 -42.77
C ILE B 68 30.97 -17.09 -43.69
N ASN B 69 31.45 -18.21 -44.28
CA ASN B 69 32.66 -18.21 -45.12
C ASN B 69 32.45 -17.72 -46.58
N GLU B 70 31.22 -17.42 -46.96
CA GLU B 70 30.88 -16.94 -48.31
C GLU B 70 29.79 -15.87 -48.11
N SER B 71 29.98 -14.97 -47.13
CA SER B 71 28.92 -14.11 -46.65
C SER B 71 28.71 -12.77 -47.37
N ASP B 72 29.68 -12.23 -48.13
CA ASP B 72 29.47 -10.93 -48.79
C ASP B 72 28.36 -11.07 -49.86
N MET B 73 27.32 -10.22 -49.80
CA MET B 73 26.23 -10.25 -50.78
C MET B 73 25.87 -8.83 -51.21
N MET B 74 25.04 -8.68 -52.26
CA MET B 74 24.65 -7.36 -52.76
C MET B 74 23.15 -7.20 -52.91
N LEU B 75 22.72 -5.94 -52.85
CA LEU B 75 21.33 -5.57 -53.08
C LEU B 75 21.26 -4.72 -54.33
N LYS B 76 20.40 -5.11 -55.26
CA LYS B 76 20.24 -4.36 -56.50
C LYS B 76 18.87 -3.79 -56.52
N PRO B 77 18.74 -2.47 -56.31
CA PRO B 77 17.39 -1.87 -56.37
C PRO B 77 16.50 -2.18 -57.59
N ASP B 78 15.20 -2.30 -57.32
CA ASP B 78 14.23 -2.37 -58.38
C ASP B 78 13.58 -0.99 -58.28
N LEU B 79 13.90 -0.10 -59.20
CA LEU B 79 13.45 1.28 -59.15
C LEU B 79 11.98 1.46 -59.35
N SER B 80 11.27 0.52 -59.98
CA SER B 80 9.82 0.64 -60.11
C SER B 80 9.11 0.51 -58.72
N THR B 81 9.85 0.11 -57.66
CA THR B 81 9.25 -0.07 -56.34
C THR B 81 9.44 1.17 -55.45
N PHE B 82 10.05 2.25 -55.95
CA PHE B 82 10.28 3.45 -55.16
C PHE B 82 8.99 4.05 -54.50
N SER B 83 9.02 4.28 -53.16
CA SER B 83 7.94 4.94 -52.39
C SER B 83 8.52 5.73 -51.23
N VAL B 84 7.75 6.73 -50.76
CA VAL B 84 7.98 7.54 -49.57
C VAL B 84 7.17 6.92 -48.41
N LEU B 85 7.84 6.65 -47.29
CA LEU B 85 7.19 6.04 -46.11
C LEU B 85 6.32 7.07 -45.40
N PRO B 86 4.97 6.89 -45.39
CA PRO B 86 4.04 7.84 -44.77
C PRO B 86 4.22 8.00 -43.25
N TRP B 87 4.52 6.91 -42.54
CA TRP B 87 4.71 6.95 -41.06
C TRP B 87 6.02 7.62 -40.63
N ARG B 88 6.90 7.94 -41.58
CA ARG B 88 8.20 8.61 -41.27
C ARG B 88 7.95 10.11 -41.48
N PRO B 89 8.78 11.01 -40.92
CA PRO B 89 8.59 12.47 -41.06
C PRO B 89 8.46 12.99 -42.50
N SER B 90 7.72 14.10 -42.67
CA SER B 90 7.46 14.71 -43.99
C SER B 90 8.63 15.54 -44.46
N GLU B 91 9.18 16.37 -43.59
CA GLU B 91 10.36 17.15 -43.92
C GLU B 91 11.56 16.21 -43.79
N LYS B 92 12.47 16.18 -44.75
CA LYS B 92 13.63 15.26 -44.69
C LYS B 92 13.08 13.82 -44.67
N SER B 93 12.24 13.55 -45.66
CA SER B 93 11.48 12.34 -45.82
C SER B 93 12.33 11.09 -46.01
N VAL B 94 11.65 9.94 -45.85
CA VAL B 94 12.27 8.63 -45.95
C VAL B 94 11.60 7.89 -47.08
N ALA B 95 12.39 7.48 -48.03
CA ALA B 95 11.93 6.74 -49.18
C ALA B 95 12.49 5.36 -49.10
N ARG B 96 11.97 4.46 -49.94
CA ARG B 96 12.42 3.13 -49.94
C ARG B 96 12.51 2.66 -51.35
N VAL B 97 13.36 1.65 -51.53
CA VAL B 97 13.50 0.92 -52.82
C VAL B 97 13.68 -0.56 -52.47
N ILE B 98 12.76 -1.40 -52.92
CA ILE B 98 12.87 -2.83 -52.71
C ILE B 98 13.98 -3.37 -53.66
N CYS B 99 14.78 -4.32 -53.18
CA CYS B 99 15.95 -4.84 -53.88
C CYS B 99 15.84 -6.32 -54.22
N ASP B 100 16.60 -6.70 -55.23
CA ASP B 100 16.82 -8.08 -55.57
C ASP B 100 18.20 -8.44 -55.01
N VAL B 101 18.34 -9.66 -54.44
CA VAL B 101 19.59 -10.07 -53.82
C VAL B 101 20.50 -10.69 -54.89
N TYR B 102 21.76 -10.24 -54.93
CA TYR B 102 22.73 -10.69 -55.89
C TYR B 102 23.99 -11.19 -55.21
N THR B 103 24.76 -12.00 -55.92
CA THR B 103 26.05 -12.46 -55.40
C THR B 103 27.06 -11.38 -55.73
N THR B 104 28.26 -11.52 -55.16
CA THR B 104 29.37 -10.57 -55.43
C THR B 104 29.74 -10.64 -56.91
N LYS B 105 29.49 -11.79 -57.55
CA LYS B 105 29.80 -11.97 -58.98
C LYS B 105 28.78 -11.31 -59.91
N GLY B 106 27.80 -10.57 -59.37
CA GLY B 106 26.80 -9.89 -60.16
C GLY B 106 25.72 -10.80 -60.71
N LYS B 107 25.46 -11.92 -60.03
CA LYS B 107 24.42 -12.88 -60.45
C LYS B 107 23.25 -12.95 -59.47
N PRO B 108 21.99 -13.05 -59.94
CA PRO B 108 20.86 -13.14 -58.99
C PRO B 108 21.04 -14.30 -58.01
N PHE B 109 20.82 -14.05 -56.72
CA PHE B 109 21.00 -15.08 -55.71
C PHE B 109 19.90 -16.16 -55.80
N GLU B 110 20.31 -17.44 -55.90
CA GLU B 110 19.40 -18.58 -55.98
C GLU B 110 18.49 -18.70 -54.74
N GLY B 111 18.91 -18.18 -53.59
CA GLY B 111 18.12 -18.21 -52.37
C GLY B 111 17.24 -16.99 -52.13
N ASP B 112 17.14 -16.06 -53.12
CA ASP B 112 16.31 -14.87 -52.99
C ASP B 112 14.83 -15.19 -53.27
N PRO B 113 13.92 -15.03 -52.28
CA PRO B 113 12.51 -15.30 -52.55
C PRO B 113 11.93 -14.41 -53.67
N ARG B 114 12.34 -13.12 -53.73
CA ARG B 114 11.80 -12.23 -54.76
C ARG B 114 12.21 -12.68 -56.15
N GLY B 115 13.49 -13.00 -56.34
CA GLY B 115 14.03 -13.50 -57.60
C GLY B 115 13.38 -14.80 -57.99
N CYS B 116 13.03 -15.61 -56.99
CA CYS B 116 12.33 -16.87 -57.23
C CYS B 116 10.98 -16.62 -57.92
N LEU B 117 10.21 -15.62 -57.44
CA LEU B 117 8.92 -15.30 -58.05
C LEU B 117 9.12 -14.60 -59.42
N LYS B 118 10.12 -13.70 -59.55
CA LYS B 118 10.42 -13.07 -60.84
C LYS B 118 10.66 -14.12 -61.93
N ARG B 119 11.48 -15.14 -61.58
CA ARG B 119 11.90 -16.16 -62.51
C ARG B 119 10.70 -17.03 -63.00
N VAL B 120 9.79 -17.43 -62.10
CA VAL B 120 8.62 -18.23 -62.51
C VAL B 120 7.67 -17.37 -63.36
N MET B 121 7.58 -16.08 -63.07
CA MET B 121 6.75 -15.17 -63.87
C MET B 121 7.40 -14.92 -65.24
N GLU B 122 8.72 -14.78 -65.30
CA GLU B 122 9.41 -14.60 -66.58
C GLU B 122 9.20 -15.83 -67.45
N GLU B 123 9.33 -17.00 -66.86
CA GLU B 123 9.17 -18.27 -67.52
C GLU B 123 7.72 -18.38 -68.05
N PHE B 124 6.71 -18.01 -67.23
CA PHE B 124 5.30 -18.06 -67.64
C PHE B 124 5.04 -17.11 -68.83
N LYS B 125 5.62 -15.91 -68.80
CA LYS B 125 5.44 -14.97 -69.89
C LYS B 125 6.11 -15.46 -71.15
N LYS B 126 7.28 -16.08 -71.03
CA LYS B 126 7.99 -16.59 -72.20
C LYS B 126 7.27 -17.79 -72.84
N GLU B 127 6.72 -18.68 -72.03
CA GLU B 127 6.08 -19.90 -72.54
C GLU B 127 4.63 -19.72 -73.02
N PHE B 128 3.83 -18.90 -72.34
CA PHE B 128 2.41 -18.74 -72.68
C PHE B 128 2.02 -17.31 -73.03
N ASN B 129 2.94 -16.34 -72.88
CA ASN B 129 2.59 -14.92 -72.96
C ASN B 129 1.52 -14.61 -71.91
N GLY B 130 1.68 -15.21 -70.73
CA GLY B 130 0.73 -15.06 -69.65
C GLY B 130 1.17 -14.13 -68.54
N GLU B 131 0.18 -13.58 -67.84
CA GLU B 131 0.40 -12.72 -66.68
C GLU B 131 -0.34 -13.35 -65.52
N TYR B 132 0.24 -13.30 -64.32
CA TYR B 132 -0.34 -13.89 -63.13
C TYR B 132 -0.80 -12.78 -62.18
N PHE B 133 -2.11 -12.66 -61.96
CA PHE B 133 -2.70 -11.60 -61.13
C PHE B 133 -3.20 -12.16 -59.83
N VAL B 134 -2.82 -11.52 -58.70
CA VAL B 134 -3.20 -11.96 -57.37
C VAL B 134 -3.78 -10.80 -56.59
N GLY B 135 -4.84 -11.08 -55.85
CA GLY B 135 -5.51 -10.17 -54.93
C GLY B 135 -5.60 -10.81 -53.56
N PRO B 136 -4.63 -10.54 -52.65
CA PRO B 136 -4.64 -11.20 -51.34
C PRO B 136 -5.35 -10.35 -50.29
N GLU B 137 -5.90 -10.97 -49.24
CA GLU B 137 -6.67 -10.26 -48.22
C GLU B 137 -6.11 -10.57 -46.85
N PRO B 138 -4.96 -9.97 -46.50
CA PRO B 138 -4.32 -10.28 -45.20
C PRO B 138 -5.03 -9.67 -43.97
N GLU B 139 -5.82 -10.48 -43.26
CA GLU B 139 -6.55 -10.03 -42.09
C GLU B 139 -5.56 -9.86 -40.91
N PHE B 140 -5.93 -9.06 -39.93
CA PHE B 140 -5.09 -8.81 -38.77
C PHE B 140 -5.95 -8.48 -37.56
N PHE B 141 -5.36 -8.62 -36.37
CA PHE B 141 -5.97 -8.25 -35.11
C PHE B 141 -5.28 -6.99 -34.62
N LEU B 142 -6.05 -6.15 -33.98
CA LEU B 142 -5.54 -5.00 -33.24
C LEU B 142 -5.61 -5.43 -31.77
N LEU B 143 -4.53 -5.25 -31.05
CA LEU B 143 -4.45 -5.72 -29.65
C LEU B 143 -4.20 -4.60 -28.68
N LYS B 144 -4.62 -4.80 -27.45
CA LYS B 144 -4.30 -3.91 -26.35
C LYS B 144 -3.91 -4.78 -25.16
N LYS B 145 -3.27 -4.18 -24.14
CA LYS B 145 -2.87 -4.96 -22.98
C LYS B 145 -4.08 -5.34 -22.14
N ASP B 146 -4.02 -6.54 -21.55
CA ASP B 146 -5.05 -7.01 -20.65
C ASP B 146 -4.99 -6.13 -19.40
N PRO B 147 -6.07 -5.42 -19.03
CA PRO B 147 -5.99 -4.57 -17.83
C PRO B 147 -5.70 -5.40 -16.55
N HIS B 148 -6.04 -6.70 -16.55
CA HIS B 148 -5.79 -7.60 -15.43
C HIS B 148 -4.33 -8.10 -15.43
N ASN B 149 -3.71 -8.27 -16.60
CA ASN B 149 -2.29 -8.64 -16.66
C ASN B 149 -1.60 -7.88 -17.78
N PRO B 150 -0.73 -6.90 -17.45
CA PRO B 150 -0.07 -6.12 -18.51
C PRO B 150 0.91 -6.92 -19.37
N HIS B 151 1.23 -8.15 -18.98
CA HIS B 151 2.11 -9.00 -19.77
C HIS B 151 1.38 -9.72 -20.91
N LYS B 152 0.02 -9.70 -20.90
CA LYS B 152 -0.80 -10.35 -21.92
C LYS B 152 -1.54 -9.35 -22.81
N TYR B 153 -1.84 -9.78 -24.05
CA TYR B 153 -2.58 -8.97 -25.02
C TYR B 153 -3.97 -9.55 -25.28
N ILE B 154 -4.97 -8.68 -25.44
CA ILE B 154 -6.33 -9.08 -25.75
C ILE B 154 -6.80 -8.33 -27.00
N PRO B 155 -7.89 -8.77 -27.66
CA PRO B 155 -8.42 -7.99 -28.80
C PRO B 155 -8.75 -6.55 -28.40
N ALA B 156 -8.51 -5.61 -29.30
CA ALA B 156 -8.69 -4.18 -29.04
C ALA B 156 -10.16 -3.75 -28.86
N ASP B 157 -11.16 -4.54 -29.34
CA ASP B 157 -12.56 -4.23 -29.11
C ASP B 157 -13.38 -5.52 -29.10
N ASP B 158 -14.71 -5.41 -28.89
CA ASP B 158 -15.58 -6.58 -28.86
C ASP B 158 -16.47 -6.64 -30.08
N GLY B 159 -16.13 -5.94 -31.15
CA GLY B 159 -16.96 -5.91 -32.34
C GLY B 159 -16.84 -7.17 -33.18
N GLY B 160 -17.72 -7.23 -34.17
CA GLY B 160 -17.81 -8.32 -35.11
C GLY B 160 -17.86 -7.81 -36.54
N TYR B 161 -18.21 -8.70 -37.45
CA TYR B 161 -18.21 -8.45 -38.87
C TYR B 161 -19.03 -7.25 -39.26
N PHE B 162 -18.40 -6.28 -39.99
CA PHE B 162 -19.06 -5.08 -40.51
C PHE B 162 -19.72 -4.23 -39.41
N ASP B 163 -19.29 -4.33 -38.16
CA ASP B 163 -19.92 -3.53 -37.11
C ASP B 163 -19.62 -2.06 -37.25
N LEU B 164 -20.53 -1.22 -36.71
CA LEU B 164 -20.36 0.22 -36.65
C LEU B 164 -19.81 0.60 -35.27
N GLU B 165 -19.29 1.81 -35.17
CA GLU B 165 -18.89 2.43 -33.93
C GLU B 165 -20.16 2.66 -33.09
N PRO B 166 -20.06 2.68 -31.76
CA PRO B 166 -18.87 2.50 -30.93
C PRO B 166 -18.43 1.08 -30.71
N MET B 167 -19.23 0.07 -31.11
CA MET B 167 -18.86 -1.34 -30.95
C MET B 167 -17.53 -1.64 -31.70
N ASP B 168 -17.45 -1.14 -32.95
CA ASP B 168 -16.24 -1.16 -33.76
C ASP B 168 -15.44 0.09 -33.28
N GLU B 169 -14.29 -0.13 -32.65
CA GLU B 169 -13.51 0.99 -32.12
C GLU B 169 -12.36 1.38 -33.01
N ALA B 170 -12.27 0.85 -34.25
CA ALA B 170 -11.13 1.13 -35.10
C ALA B 170 -11.35 2.04 -36.32
N PRO B 171 -12.47 2.78 -36.52
CA PRO B 171 -12.54 3.66 -37.73
C PRO B 171 -11.35 4.62 -37.85
N ASP B 172 -10.87 5.21 -36.75
CA ASP B 172 -9.70 6.11 -36.82
C ASP B 172 -8.43 5.35 -37.23
N ILE B 173 -8.22 4.12 -36.74
CA ILE B 173 -7.03 3.37 -37.12
C ILE B 173 -7.17 2.93 -38.58
N ARG B 174 -8.31 2.33 -38.96
CA ARG B 174 -8.49 1.88 -40.34
C ARG B 174 -8.39 3.06 -41.33
N ARG B 175 -8.91 4.24 -40.94
CA ARG B 175 -8.77 5.48 -41.69
C ARG B 175 -7.29 5.83 -41.97
N ASP B 176 -6.45 5.90 -40.93
CA ASP B 176 -5.04 6.22 -41.10
C ASP B 176 -4.30 5.16 -41.88
N ILE B 177 -4.70 3.87 -41.75
CA ILE B 177 -4.11 2.81 -42.54
C ILE B 177 -4.40 3.05 -44.02
N VAL B 178 -5.66 3.32 -44.36
CA VAL B 178 -6.04 3.59 -45.74
C VAL B 178 -5.28 4.78 -46.31
N PHE B 179 -5.17 5.87 -45.55
CA PHE B 179 -4.39 7.04 -46.01
C PHE B 179 -2.92 6.68 -46.25
N ALA B 180 -2.33 5.90 -45.39
CA ALA B 180 -0.91 5.50 -45.51
C ALA B 180 -0.71 4.62 -46.74
N LEU B 181 -1.61 3.65 -46.95
CA LEU B 181 -1.55 2.77 -48.12
C LEU B 181 -1.73 3.58 -49.39
N GLU B 182 -2.62 4.59 -49.41
CA GLU B 182 -2.80 5.43 -50.58
C GLU B 182 -1.51 6.20 -50.87
N ASN B 183 -0.88 6.77 -49.84
CA ASN B 183 0.39 7.49 -50.00
C ASN B 183 1.51 6.55 -50.51
N LEU B 184 1.40 5.26 -50.20
CA LEU B 184 2.34 4.26 -50.69
C LEU B 184 2.01 3.77 -52.10
N GLY B 185 0.93 4.30 -52.71
CA GLY B 185 0.56 3.96 -54.08
C GLY B 185 -0.43 2.81 -54.20
N PHE B 186 -0.99 2.33 -53.07
CA PHE B 186 -1.98 1.25 -53.13
C PHE B 186 -3.28 1.82 -53.67
N HIS B 187 -4.07 0.97 -54.35
CA HIS B 187 -5.43 1.30 -54.72
C HIS B 187 -6.32 0.54 -53.71
N VAL B 188 -6.70 1.21 -52.62
CA VAL B 188 -7.48 0.58 -51.56
C VAL B 188 -8.92 0.41 -52.02
N GLU B 189 -9.53 -0.75 -51.72
CA GLU B 189 -10.86 -1.06 -52.16
C GLU B 189 -11.91 -0.91 -51.08
N ALA B 190 -11.61 -1.35 -49.86
CA ALA B 190 -12.58 -1.34 -48.78
C ALA B 190 -11.93 -1.64 -47.42
N SER B 191 -12.59 -1.26 -46.32
CA SER B 191 -12.11 -1.59 -45.00
C SER B 191 -13.29 -1.80 -44.08
N HIS B 192 -13.13 -2.71 -43.14
CA HIS B 192 -14.22 -3.02 -42.23
C HIS B 192 -13.74 -3.88 -41.10
N HIS B 193 -14.55 -3.93 -40.02
CA HIS B 193 -14.29 -4.82 -38.90
C HIS B 193 -14.57 -6.25 -39.41
N GLU B 194 -13.73 -7.22 -39.01
CA GLU B 194 -13.89 -8.61 -39.41
C GLU B 194 -14.62 -9.39 -38.31
N VAL B 195 -14.78 -10.71 -38.49
CA VAL B 195 -15.63 -11.54 -37.64
C VAL B 195 -15.27 -11.52 -36.16
N ALA B 196 -13.99 -11.66 -35.82
CA ALA B 196 -13.59 -11.77 -34.42
C ALA B 196 -13.44 -10.42 -33.73
N PRO B 197 -13.54 -10.38 -32.39
CA PRO B 197 -13.20 -9.14 -31.67
C PRO B 197 -11.82 -8.57 -32.06
N GLY B 198 -11.72 -7.27 -32.28
CA GLY B 198 -10.44 -6.65 -32.63
C GLY B 198 -9.86 -7.01 -33.99
N GLN B 199 -10.57 -7.81 -34.80
CA GLN B 199 -10.04 -8.23 -36.11
C GLN B 199 -10.53 -7.27 -37.23
N HIS B 200 -9.70 -7.02 -38.24
CA HIS B 200 -10.03 -6.07 -39.30
C HIS B 200 -9.55 -6.51 -40.67
N GLU B 201 -10.05 -5.83 -41.71
CA GLU B 201 -9.65 -6.12 -43.07
C GLU B 201 -9.59 -4.82 -43.87
N VAL B 202 -8.52 -4.64 -44.65
CA VAL B 202 -8.33 -3.49 -45.54
C VAL B 202 -7.90 -4.08 -46.86
N ASP B 203 -8.81 -4.09 -47.84
CA ASP B 203 -8.57 -4.71 -49.15
C ASP B 203 -7.94 -3.71 -50.11
N PHE B 204 -7.07 -4.22 -50.98
CA PHE B 204 -6.42 -3.41 -51.99
C PHE B 204 -6.53 -4.13 -53.32
N LYS B 205 -6.45 -3.38 -54.42
CA LYS B 205 -6.65 -3.94 -55.74
C LYS B 205 -5.58 -4.94 -56.12
N PHE B 206 -5.99 -6.00 -56.81
CA PHE B 206 -5.06 -7.01 -57.29
C PHE B 206 -4.10 -6.41 -58.32
N ASP B 207 -2.99 -7.08 -58.55
CA ASP B 207 -2.02 -6.65 -59.55
C ASP B 207 -1.20 -7.88 -59.93
N ASP B 208 -0.13 -7.72 -60.77
CA ASP B 208 0.70 -8.87 -61.09
C ASP B 208 1.33 -9.41 -59.78
N ALA B 209 1.59 -10.70 -59.73
CA ALA B 209 2.09 -11.36 -58.54
C ALA B 209 3.28 -10.67 -57.88
N LEU B 210 4.22 -10.09 -58.67
CA LEU B 210 5.42 -9.47 -58.09
C LEU B 210 5.09 -8.18 -57.34
N LYS B 211 4.30 -7.29 -57.97
CA LYS B 211 3.86 -6.06 -57.35
C LYS B 211 3.02 -6.36 -56.13
N THR B 212 2.18 -7.39 -56.21
CA THR B 212 1.32 -7.79 -55.10
C THR B 212 2.12 -8.34 -53.93
N ALA B 213 3.17 -9.11 -54.23
CA ALA B 213 4.02 -9.65 -53.18
C ALA B 213 4.75 -8.50 -52.49
N ASP B 214 5.23 -7.50 -53.28
CA ASP B 214 5.87 -6.31 -52.72
C ASP B 214 4.87 -5.57 -51.82
N SER B 215 3.63 -5.43 -52.27
CA SER B 215 2.55 -4.76 -51.51
C SER B 215 2.17 -5.49 -50.24
N VAL B 216 2.13 -6.83 -50.24
CA VAL B 216 1.84 -7.58 -49.02
C VAL B 216 2.89 -7.31 -47.92
N ILE B 217 4.19 -7.24 -48.30
CA ILE B 217 5.24 -6.97 -47.34
C ILE B 217 5.07 -5.56 -46.79
N THR B 218 4.83 -4.58 -47.69
CA THR B 218 4.67 -3.18 -47.33
C THR B 218 3.44 -2.96 -46.46
N PHE B 219 2.34 -3.66 -46.80
CA PHE B 219 1.07 -3.62 -46.12
C PHE B 219 1.21 -4.00 -44.69
N LYS B 220 1.87 -5.13 -44.42
CA LYS B 220 2.05 -5.59 -43.04
C LYS B 220 2.91 -4.63 -42.20
N THR B 221 3.94 -3.99 -42.78
CA THR B 221 4.73 -3.01 -42.04
C THR B 221 3.85 -1.79 -41.69
N THR B 222 3.08 -1.30 -42.64
CA THR B 222 2.16 -0.17 -42.50
C THR B 222 1.15 -0.46 -41.39
N ILE B 223 0.42 -1.57 -41.47
CA ILE B 223 -0.61 -1.91 -40.42
C ILE B 223 0.02 -1.93 -39.02
N LYS B 224 1.25 -2.45 -38.90
CA LYS B 224 1.96 -2.56 -37.62
C LYS B 224 2.46 -1.22 -37.10
N THR B 225 3.01 -0.38 -37.97
CA THR B 225 3.50 0.92 -37.53
C THR B 225 2.35 1.90 -37.22
N ILE B 226 1.28 1.94 -38.05
CA ILE B 226 0.14 2.85 -37.78
C ILE B 226 -0.59 2.42 -36.49
N ALA B 227 -0.71 1.10 -36.22
CA ALA B 227 -1.35 0.63 -34.98
C ALA B 227 -0.53 1.13 -33.77
N GLU B 228 0.81 1.04 -33.88
CA GLU B 228 1.71 1.50 -32.79
C GLU B 228 1.45 2.99 -32.52
N GLN B 229 1.27 3.79 -33.59
CA GLN B 229 0.99 5.21 -33.42
C GLN B 229 -0.31 5.44 -32.65
N HIS B 230 -1.29 4.52 -32.75
CA HIS B 230 -2.54 4.65 -31.98
C HIS B 230 -2.48 3.92 -30.63
N GLY B 231 -1.29 3.56 -30.16
CA GLY B 231 -1.11 2.91 -28.86
C GLY B 231 -1.58 1.47 -28.83
N LEU B 232 -1.76 0.87 -29.98
CA LEU B 232 -2.21 -0.52 -30.09
C LEU B 232 -1.10 -1.34 -30.73
N LYS B 233 -1.28 -2.65 -30.78
CA LYS B 233 -0.35 -3.54 -31.42
C LYS B 233 -1.11 -4.35 -32.48
N ALA B 234 -0.60 -4.46 -33.71
CA ALA B 234 -1.28 -5.28 -34.72
C ALA B 234 -0.55 -6.60 -34.85
N THR B 235 -1.29 -7.69 -35.07
CA THR B 235 -0.66 -8.99 -35.30
C THR B 235 -1.25 -9.68 -36.51
N PHE B 236 -0.36 -10.30 -37.31
CA PHE B 236 -0.76 -11.11 -38.45
C PHE B 236 -0.62 -12.60 -38.11
N MET B 237 -0.51 -12.94 -36.79
CA MET B 237 -0.53 -14.32 -36.28
C MET B 237 -1.80 -15.01 -36.78
N PRO B 238 -1.71 -16.19 -37.43
CA PRO B 238 -2.92 -16.85 -37.97
C PRO B 238 -4.06 -17.08 -36.95
N LYS B 239 -3.73 -17.51 -35.74
CA LYS B 239 -4.75 -17.84 -34.74
C LYS B 239 -4.27 -17.38 -33.37
N PRO B 240 -4.36 -16.06 -33.07
CA PRO B 240 -3.87 -15.59 -31.76
C PRO B 240 -4.73 -16.02 -30.57
N PHE B 241 -6.04 -16.23 -30.78
CA PHE B 241 -6.97 -16.55 -29.71
C PHE B 241 -7.81 -17.77 -30.01
N PHE B 242 -7.88 -18.72 -29.06
CA PHE B 242 -8.74 -19.87 -29.19
C PHE B 242 -10.20 -19.38 -29.02
N GLY B 243 -11.14 -19.98 -29.73
CA GLY B 243 -12.55 -19.64 -29.55
C GLY B 243 -13.06 -18.52 -30.42
N MET B 244 -12.21 -17.99 -31.31
CA MET B 244 -12.66 -16.97 -32.25
C MET B 244 -11.90 -17.16 -33.54
N ASN B 245 -12.38 -16.54 -34.62
CA ASN B 245 -11.77 -16.67 -35.93
C ASN B 245 -10.28 -16.39 -35.94
N GLY B 246 -9.58 -17.11 -36.80
CA GLY B 246 -8.22 -16.82 -37.11
C GLY B 246 -8.16 -15.81 -38.24
N SER B 247 -6.96 -15.37 -38.59
CA SER B 247 -6.74 -14.45 -39.68
C SER B 247 -6.21 -15.23 -40.88
N GLY B 248 -6.91 -15.11 -42.02
CA GLY B 248 -6.48 -15.73 -43.26
C GLY B 248 -5.92 -14.69 -44.21
N MET B 249 -5.36 -15.15 -45.29
CA MET B 249 -4.91 -14.30 -46.40
C MET B 249 -5.36 -15.01 -47.65
N HIS B 250 -6.66 -14.99 -47.93
CA HIS B 250 -7.24 -15.60 -49.14
C HIS B 250 -6.60 -14.97 -50.36
N CYS B 251 -6.24 -15.78 -51.34
CA CYS B 251 -5.56 -15.27 -52.52
C CYS B 251 -6.43 -15.43 -53.72
N HIS B 252 -7.03 -14.33 -54.19
CA HIS B 252 -7.83 -14.33 -55.41
C HIS B 252 -6.79 -14.30 -56.52
N GLN B 253 -6.95 -15.13 -57.52
CA GLN B 253 -5.94 -15.20 -58.57
C GLN B 253 -6.52 -15.58 -59.89
N SER B 254 -5.85 -15.13 -60.95
CA SER B 254 -6.28 -15.42 -62.32
C SER B 254 -5.11 -15.28 -63.25
N ILE B 255 -5.13 -15.98 -64.37
CA ILE B 255 -4.07 -15.86 -65.37
C ILE B 255 -4.69 -15.25 -66.62
N TRP B 256 -3.96 -14.32 -67.22
CA TRP B 256 -4.44 -13.64 -68.40
C TRP B 256 -3.47 -13.97 -69.53
N LEU B 257 -3.96 -14.65 -70.57
CA LEU B 257 -3.10 -14.97 -71.72
C LEU B 257 -3.37 -13.94 -72.82
N ASN B 258 -2.30 -13.40 -73.41
CA ASN B 258 -2.40 -12.42 -74.48
C ASN B 258 -3.32 -11.24 -74.12
N GLY B 259 -3.25 -10.77 -72.89
CA GLY B 259 -4.03 -9.63 -72.44
C GLY B 259 -5.50 -9.88 -72.18
N GLU B 260 -5.95 -11.14 -72.23
CA GLU B 260 -7.35 -11.46 -72.01
C GLU B 260 -7.60 -12.23 -70.71
N PRO B 261 -8.79 -12.08 -70.09
CA PRO B 261 -9.08 -12.87 -68.89
C PRO B 261 -9.46 -14.30 -69.24
N SER B 262 -8.44 -15.13 -69.47
CA SER B 262 -8.56 -16.53 -69.89
C SER B 262 -9.42 -17.42 -68.97
N PHE B 263 -9.69 -16.99 -67.73
CA PHE B 263 -10.51 -17.79 -66.83
C PHE B 263 -12.02 -17.67 -67.17
N TYR B 264 -12.40 -16.60 -67.90
CA TYR B 264 -13.78 -16.33 -68.30
C TYR B 264 -14.12 -16.96 -69.67
N ASP B 265 -15.27 -17.64 -69.74
CA ASP B 265 -15.77 -18.26 -70.96
C ASP B 265 -17.28 -18.16 -70.94
N GLU B 266 -17.80 -17.16 -71.63
CA GLU B 266 -19.22 -16.84 -71.73
C GLU B 266 -20.10 -18.09 -71.98
N ASN B 267 -19.65 -19.00 -72.85
CA ASN B 267 -20.47 -20.17 -73.24
C ASN B 267 -20.10 -21.49 -72.56
N ALA B 268 -19.43 -21.44 -71.42
CA ALA B 268 -19.03 -22.67 -70.73
C ALA B 268 -19.87 -22.85 -69.48
N PRO B 269 -19.93 -24.06 -68.91
CA PRO B 269 -20.64 -24.21 -67.61
C PRO B 269 -20.01 -23.32 -66.54
N TYR B 270 -20.88 -22.62 -65.75
CA TYR B 270 -20.48 -21.67 -64.72
C TYR B 270 -19.76 -20.44 -65.32
N GLN B 271 -19.69 -20.34 -66.66
CA GLN B 271 -18.97 -19.30 -67.37
C GLN B 271 -17.49 -19.33 -67.00
N LEU B 272 -16.94 -20.53 -66.72
CA LEU B 272 -15.53 -20.74 -66.37
C LEU B 272 -14.91 -21.52 -67.50
N SER B 273 -13.76 -21.03 -67.98
CA SER B 273 -13.03 -21.60 -69.10
C SER B 273 -12.37 -22.93 -68.75
N GLU B 274 -11.91 -23.65 -69.78
CA GLU B 274 -11.18 -24.90 -69.60
C GLU B 274 -9.86 -24.60 -68.87
N THR B 275 -9.20 -23.49 -69.22
CA THR B 275 -7.96 -23.08 -68.57
C THR B 275 -8.19 -22.89 -67.07
N CYS B 276 -9.33 -22.28 -66.68
CA CYS B 276 -9.68 -22.08 -65.28
C CYS B 276 -9.80 -23.41 -64.57
N MET B 277 -10.46 -24.39 -65.21
CA MET B 277 -10.64 -25.72 -64.64
C MET B 277 -9.34 -26.49 -64.58
N ASN B 278 -8.47 -26.33 -65.57
CA ASN B 278 -7.16 -26.98 -65.55
C ASN B 278 -6.33 -26.38 -64.41
N TYR B 279 -6.37 -25.05 -64.23
CA TYR B 279 -5.65 -24.36 -63.16
C TYR B 279 -6.17 -24.80 -61.77
N VAL B 280 -7.49 -24.83 -61.56
CA VAL B 280 -8.11 -25.29 -60.32
C VAL B 280 -7.66 -26.73 -60.05
N ALA B 281 -7.65 -27.59 -61.09
CA ALA B 281 -7.20 -28.96 -60.94
C ALA B 281 -5.71 -29.04 -60.46
N GLY B 282 -4.84 -28.16 -60.94
CA GLY B 282 -3.45 -28.11 -60.50
C GLY B 282 -3.32 -27.69 -59.04
N ILE B 283 -4.06 -26.67 -58.61
CA ILE B 283 -4.03 -26.23 -57.22
C ILE B 283 -4.53 -27.36 -56.30
N LEU B 284 -5.65 -28.01 -56.67
CA LEU B 284 -6.21 -29.09 -55.86
C LEU B 284 -5.27 -30.30 -55.80
N LYS B 285 -4.62 -30.63 -56.91
CA LYS B 285 -3.66 -31.73 -56.92
C LYS B 285 -2.51 -31.50 -55.93
N HIS B 286 -1.99 -30.27 -55.85
CA HIS B 286 -0.83 -29.98 -55.00
C HIS B 286 -1.17 -29.29 -53.68
N ALA B 287 -2.48 -29.14 -53.34
CA ALA B 287 -2.90 -28.44 -52.14
C ALA B 287 -2.20 -28.91 -50.84
N LYS B 288 -2.04 -30.21 -50.64
CA LYS B 288 -1.38 -30.74 -49.45
C LYS B 288 0.06 -30.24 -49.25
N ALA B 289 0.80 -30.02 -50.36
CA ALA B 289 2.17 -29.52 -50.30
C ALA B 289 2.18 -27.99 -50.33
N ILE B 290 1.22 -27.36 -51.05
CA ILE B 290 1.18 -25.90 -51.13
C ILE B 290 1.12 -25.28 -49.73
N VAL B 291 0.30 -25.87 -48.82
CA VAL B 291 0.14 -25.33 -47.49
C VAL B 291 1.42 -25.33 -46.65
N ALA B 292 2.46 -26.12 -47.00
CA ALA B 292 3.74 -26.00 -46.23
C ALA B 292 4.29 -24.57 -46.38
N ILE B 293 4.07 -23.97 -47.55
CA ILE B 293 4.55 -22.64 -47.87
C ILE B 293 3.52 -21.56 -47.54
N THR B 294 2.23 -21.79 -47.87
CA THR B 294 1.20 -20.76 -47.63
C THR B 294 0.75 -20.70 -46.16
N ASN B 295 1.05 -21.75 -45.37
CA ASN B 295 0.68 -21.86 -43.96
C ASN B 295 1.92 -22.40 -43.26
N PRO B 296 2.98 -21.57 -43.13
CA PRO B 296 4.29 -22.11 -42.69
C PRO B 296 4.63 -22.09 -41.23
N THR B 297 3.68 -21.85 -40.34
CA THR B 297 3.97 -21.81 -38.91
C THR B 297 3.22 -22.92 -38.19
N VAL B 298 3.60 -23.20 -36.94
CA VAL B 298 2.87 -24.17 -36.14
C VAL B 298 1.42 -23.64 -35.94
N ASN B 299 1.31 -22.37 -35.59
CA ASN B 299 0.02 -21.73 -35.30
C ASN B 299 -0.92 -21.70 -36.53
N SER B 300 -0.37 -21.82 -37.77
CA SER B 300 -1.19 -21.86 -38.99
C SER B 300 -2.18 -23.01 -38.97
N TYR B 301 -1.85 -24.10 -38.27
CA TYR B 301 -2.72 -25.28 -38.21
C TYR B 301 -3.65 -25.29 -37.00
N LYS B 302 -3.79 -24.13 -36.33
CA LYS B 302 -4.80 -23.93 -35.30
C LYS B 302 -5.99 -23.17 -35.96
N ARG B 303 -5.76 -22.58 -37.16
CA ARG B 303 -6.80 -21.99 -37.98
C ARG B 303 -7.11 -23.04 -39.09
N LEU B 304 -6.06 -23.53 -39.76
CA LEU B 304 -6.20 -24.53 -40.83
C LEU B 304 -6.21 -25.87 -40.13
N VAL B 305 -7.32 -26.19 -39.44
CA VAL B 305 -7.35 -27.39 -38.62
C VAL B 305 -8.35 -28.44 -39.14
N PRO B 306 -7.85 -29.55 -39.76
CA PRO B 306 -8.75 -30.59 -40.24
C PRO B 306 -9.71 -31.10 -39.18
N GLY B 307 -10.93 -31.38 -39.61
CA GLY B 307 -11.97 -31.88 -38.73
C GLY B 307 -12.88 -30.79 -38.21
N TYR B 308 -12.57 -29.53 -38.53
CA TYR B 308 -13.35 -28.39 -38.05
C TYR B 308 -13.74 -27.47 -39.20
N GLU B 309 -14.43 -26.38 -38.90
CA GLU B 309 -14.84 -25.42 -39.92
C GLU B 309 -13.63 -24.56 -40.30
N ALA B 310 -12.93 -24.97 -41.37
CA ALA B 310 -11.72 -24.29 -41.83
C ALA B 310 -11.53 -24.52 -43.33
N PRO B 311 -10.66 -23.76 -44.03
CA PRO B 311 -10.46 -24.01 -45.47
C PRO B 311 -9.50 -25.17 -45.71
N VAL B 312 -9.90 -26.36 -45.23
CA VAL B 312 -9.09 -27.58 -45.21
C VAL B 312 -9.53 -28.63 -46.22
N ASN B 313 -10.79 -28.57 -46.67
CA ASN B 313 -11.34 -29.56 -47.56
C ASN B 313 -10.92 -29.28 -48.99
N ILE B 314 -10.20 -30.25 -49.58
CA ILE B 314 -9.66 -30.13 -50.92
C ILE B 314 -10.75 -30.39 -51.96
N ALA B 315 -11.44 -29.29 -52.31
CA ALA B 315 -12.51 -29.25 -53.28
C ALA B 315 -12.70 -27.79 -53.73
N TRP B 316 -13.45 -27.54 -54.82
CA TRP B 316 -13.78 -26.18 -55.22
C TRP B 316 -15.30 -26.02 -55.31
N ALA B 317 -15.78 -24.78 -55.23
CA ALA B 317 -17.21 -24.51 -55.32
C ALA B 317 -17.48 -23.06 -55.71
N ASN B 318 -18.72 -22.77 -56.10
CA ASN B 318 -19.15 -21.44 -56.49
C ASN B 318 -19.83 -20.71 -55.32
N SER B 319 -19.36 -19.49 -54.97
CA SER B 319 -19.97 -18.67 -53.91
C SER B 319 -20.22 -19.45 -52.60
N ASN B 320 -19.34 -20.40 -52.31
CA ASN B 320 -19.43 -21.30 -51.16
C ASN B 320 -18.12 -21.20 -50.37
N ARG B 321 -18.19 -20.77 -49.12
CA ARG B 321 -17.00 -20.58 -48.32
C ARG B 321 -16.65 -21.81 -47.46
N SER B 322 -17.12 -23.01 -47.82
CA SER B 322 -16.75 -24.21 -47.05
C SER B 322 -15.67 -25.06 -47.72
N ALA B 323 -15.19 -24.65 -48.91
CA ALA B 323 -14.18 -25.37 -49.70
C ALA B 323 -12.82 -24.63 -49.71
N ILE B 324 -11.71 -25.32 -50.06
CA ILE B 324 -10.40 -24.67 -50.09
C ILE B 324 -10.32 -23.64 -51.23
N ILE B 325 -11.12 -23.80 -52.29
CA ILE B 325 -11.25 -22.87 -53.39
C ILE B 325 -12.70 -22.45 -53.50
N ARG B 326 -12.96 -21.15 -53.45
CA ARG B 326 -14.27 -20.60 -53.75
C ARG B 326 -14.11 -19.85 -55.09
N VAL B 327 -15.14 -19.86 -55.94
CA VAL B 327 -15.11 -19.08 -57.19
C VAL B 327 -16.11 -17.95 -57.03
N PRO B 328 -15.68 -16.68 -56.83
CA PRO B 328 -16.68 -15.62 -56.58
C PRO B 328 -17.68 -15.49 -57.72
N ALA B 329 -18.88 -14.93 -57.42
CA ALA B 329 -19.93 -14.78 -58.43
C ALA B 329 -19.53 -13.87 -59.57
N ALA B 330 -18.67 -12.87 -59.32
CA ALA B 330 -18.25 -11.95 -60.38
C ALA B 330 -17.71 -12.67 -61.65
N ARG B 331 -18.00 -12.12 -62.84
CA ARG B 331 -17.54 -12.69 -64.11
C ARG B 331 -16.88 -11.62 -65.00
N GLY B 332 -16.52 -11.98 -66.23
CA GLY B 332 -15.82 -11.08 -67.12
C GLY B 332 -14.39 -10.93 -66.67
N LYS B 333 -13.92 -9.70 -66.60
CA LYS B 333 -12.55 -9.39 -66.15
C LYS B 333 -12.45 -9.75 -64.67
N GLY B 334 -13.59 -9.90 -64.00
CA GLY B 334 -13.63 -10.24 -62.56
C GLY B 334 -13.65 -11.72 -62.28
N THR B 335 -13.42 -12.54 -63.31
CA THR B 335 -13.44 -14.01 -63.16
C THR B 335 -12.12 -14.47 -62.55
N ARG B 336 -12.19 -15.13 -61.40
CA ARG B 336 -10.97 -15.60 -60.70
C ARG B 336 -11.33 -16.68 -59.69
N ILE B 337 -10.32 -17.30 -59.08
CA ILE B 337 -10.52 -18.36 -58.06
C ILE B 337 -9.89 -17.89 -56.76
N GLU B 338 -10.57 -18.10 -55.64
CA GLU B 338 -10.08 -17.70 -54.33
C GLU B 338 -9.52 -18.90 -53.61
N PHE B 339 -8.18 -18.98 -53.42
CA PHE B 339 -7.53 -20.05 -52.66
C PHE B 339 -7.57 -19.57 -51.22
N ARG B 340 -8.38 -20.25 -50.39
CA ARG B 340 -8.72 -19.79 -49.05
C ARG B 340 -7.79 -20.24 -47.95
N ALA B 341 -6.97 -21.27 -48.22
CA ALA B 341 -6.08 -21.77 -47.19
C ALA B 341 -5.02 -20.79 -46.67
N PRO B 342 -4.35 -19.92 -47.49
CA PRO B 342 -3.22 -19.13 -46.96
C PRO B 342 -3.54 -18.24 -45.79
N ASP B 343 -2.51 -17.91 -44.99
CA ASP B 343 -2.65 -17.01 -43.86
C ASP B 343 -1.54 -15.97 -43.97
N PRO B 344 -1.63 -14.83 -43.26
CA PRO B 344 -0.63 -13.76 -43.46
C PRO B 344 0.77 -14.03 -42.88
N SER B 345 1.03 -15.25 -42.33
CA SER B 345 2.39 -15.59 -41.87
C SER B 345 3.29 -16.09 -43.03
N CYS B 346 2.71 -16.33 -44.25
CA CYS B 346 3.48 -16.82 -45.38
C CYS B 346 4.40 -15.77 -46.01
N ASN B 347 5.41 -16.22 -46.75
CA ASN B 347 6.28 -15.35 -47.53
C ASN B 347 5.54 -15.20 -48.87
N PRO B 348 4.92 -14.03 -49.17
CA PRO B 348 4.10 -13.92 -50.39
C PRO B 348 4.85 -14.28 -51.67
N TYR B 349 6.16 -13.99 -51.73
CA TYR B 349 6.93 -14.34 -52.93
C TYR B 349 6.94 -15.84 -53.14
N LEU B 350 7.09 -16.61 -52.06
CA LEU B 350 7.12 -18.08 -52.14
C LEU B 350 5.72 -18.63 -52.32
N ALA B 351 4.72 -18.05 -51.62
CA ALA B 351 3.32 -18.49 -51.71
C ALA B 351 2.82 -18.34 -53.16
N PHE B 352 3.12 -17.20 -53.81
CA PHE B 352 2.66 -16.96 -55.18
C PHE B 352 3.39 -17.87 -56.18
N THR B 353 4.65 -18.21 -55.91
CA THR B 353 5.44 -19.12 -56.76
C THR B 353 4.79 -20.51 -56.79
N VAL B 354 4.50 -21.06 -55.62
CA VAL B 354 3.97 -22.43 -55.56
C VAL B 354 2.55 -22.52 -56.09
N MET B 355 1.73 -21.50 -55.88
CA MET B 355 0.37 -21.51 -56.39
C MET B 355 0.41 -21.42 -57.91
N LEU B 356 1.29 -20.56 -58.48
CA LEU B 356 1.38 -20.48 -59.94
C LEU B 356 1.93 -21.77 -60.50
N ALA B 357 3.01 -22.32 -59.90
CA ALA B 357 3.62 -23.55 -60.37
C ALA B 357 2.62 -24.72 -60.37
N ALA B 358 1.79 -24.81 -59.31
CA ALA B 358 0.79 -25.86 -59.20
C ALA B 358 -0.34 -25.67 -60.20
N GLY B 359 -0.82 -24.44 -60.37
CA GLY B 359 -1.86 -24.14 -61.32
C GLY B 359 -1.39 -24.37 -62.74
N LEU B 360 -0.16 -23.99 -63.07
CA LEU B 360 0.36 -24.24 -64.41
C LEU B 360 0.65 -25.72 -64.64
N ASP B 361 0.88 -26.52 -63.58
CA ASP B 361 1.00 -27.97 -63.76
C ASP B 361 -0.35 -28.50 -64.29
N GLY B 362 -1.46 -27.93 -63.83
CA GLY B 362 -2.78 -28.29 -64.29
C GLY B 362 -3.04 -27.81 -65.71
N VAL B 363 -2.59 -26.59 -66.04
CA VAL B 363 -2.75 -26.04 -67.40
C VAL B 363 -1.92 -26.85 -68.41
N LYS B 364 -0.63 -27.02 -68.14
CA LYS B 364 0.28 -27.74 -69.03
C LYS B 364 -0.19 -29.16 -69.32
N ASN B 365 -0.71 -29.87 -68.31
CA ASN B 365 -1.14 -31.25 -68.49
C ASN B 365 -2.65 -31.39 -68.70
N LYS B 366 -3.37 -30.26 -68.83
CA LYS B 366 -4.81 -30.24 -69.07
C LYS B 366 -5.55 -31.16 -68.09
N LEU B 367 -5.27 -31.00 -66.79
CA LEU B 367 -5.89 -31.85 -65.78
C LEU B 367 -7.38 -31.58 -65.66
N ASP B 368 -8.14 -32.62 -65.32
CA ASP B 368 -9.57 -32.50 -65.19
C ASP B 368 -9.89 -32.10 -63.79
N ALA B 369 -10.64 -31.03 -63.63
CA ALA B 369 -11.07 -30.59 -62.32
C ALA B 369 -12.25 -31.49 -61.88
N PRO B 370 -12.36 -31.81 -60.59
CA PRO B 370 -13.54 -32.54 -60.13
C PRO B 370 -14.79 -31.67 -60.25
N GLU B 371 -15.97 -32.23 -59.95
CA GLU B 371 -17.19 -31.46 -59.95
C GLU B 371 -17.15 -30.47 -58.79
N PRO B 372 -17.78 -29.29 -58.94
CA PRO B 372 -17.83 -28.38 -57.79
C PRO B 372 -18.71 -28.99 -56.69
N VAL B 373 -18.48 -28.61 -55.43
CA VAL B 373 -19.31 -29.12 -54.34
C VAL B 373 -20.28 -28.01 -53.92
N GLU B 374 -21.56 -28.15 -54.33
CA GLU B 374 -22.63 -27.18 -54.08
C GLU B 374 -23.14 -27.18 -52.61
N ARG B 375 -22.78 -28.19 -51.84
CA ARG B 375 -23.20 -28.34 -50.43
C ARG B 375 -22.27 -27.66 -49.43
N ASN B 376 -22.75 -27.52 -48.17
CA ASN B 376 -21.90 -26.99 -47.09
C ASN B 376 -21.04 -28.19 -46.66
N ILE B 377 -19.75 -28.18 -46.99
CA ILE B 377 -18.88 -29.32 -46.69
C ILE B 377 -18.76 -29.54 -45.16
N PHE B 378 -18.93 -28.49 -44.35
CA PHE B 378 -18.85 -28.65 -42.89
C PHE B 378 -20.05 -29.43 -42.35
N ALA B 379 -21.13 -29.56 -43.14
CA ALA B 379 -22.31 -30.31 -42.72
C ALA B 379 -22.22 -31.80 -43.12
N MET B 380 -21.18 -32.20 -43.85
CA MET B 380 -21.02 -33.59 -44.29
C MET B 380 -20.31 -34.40 -43.24
N SER B 381 -20.60 -35.71 -43.19
CA SER B 381 -19.93 -36.64 -42.31
C SER B 381 -18.58 -37.02 -42.94
N GLU B 382 -17.64 -37.55 -42.14
CA GLU B 382 -16.34 -37.98 -42.65
C GLU B 382 -16.50 -39.07 -43.72
N ALA B 383 -17.39 -40.04 -43.51
CA ALA B 383 -17.60 -41.10 -44.50
C ALA B 383 -18.22 -40.55 -45.78
N GLU B 384 -19.08 -39.54 -45.66
CA GLU B 384 -19.72 -38.91 -46.82
C GLU B 384 -18.67 -38.14 -47.67
N LYS B 385 -17.67 -37.55 -47.01
CA LYS B 385 -16.57 -36.87 -47.69
C LYS B 385 -15.61 -37.89 -48.30
N LYS B 386 -15.39 -39.01 -47.60
CA LYS B 386 -14.52 -40.10 -48.05
C LYS B 386 -15.09 -40.68 -49.36
N GLU B 387 -16.40 -40.89 -49.40
CA GLU B 387 -17.06 -41.39 -50.60
C GLU B 387 -16.96 -40.39 -51.75
N LEU B 388 -17.17 -39.11 -51.45
CA LEU B 388 -17.07 -38.07 -52.49
C LEU B 388 -15.62 -37.78 -52.92
N GLY B 389 -14.63 -38.33 -52.22
CA GLY B 389 -13.22 -38.10 -52.52
C GLY B 389 -12.71 -36.76 -52.04
N ILE B 390 -13.37 -36.15 -51.05
CA ILE B 390 -12.95 -34.85 -50.52
C ILE B 390 -11.91 -35.08 -49.43
N GLU B 391 -10.63 -34.84 -49.75
CA GLU B 391 -9.56 -35.02 -48.80
C GLU B 391 -9.27 -33.74 -48.03
N SER B 392 -8.48 -33.83 -46.96
CA SER B 392 -8.08 -32.67 -46.18
C SER B 392 -6.61 -32.39 -46.34
N VAL B 393 -6.23 -31.15 -46.14
CA VAL B 393 -4.83 -30.74 -46.15
C VAL B 393 -4.15 -31.35 -44.91
N PRO B 394 -2.82 -31.41 -44.85
CA PRO B 394 -2.14 -31.91 -43.63
C PRO B 394 -2.59 -31.19 -42.34
N ALA B 395 -2.55 -31.91 -41.20
CA ALA B 395 -3.08 -31.40 -39.94
C ALA B 395 -2.10 -30.56 -39.11
N ASN B 396 -0.80 -30.53 -39.48
CA ASN B 396 0.18 -29.76 -38.73
C ASN B 396 1.37 -29.40 -39.60
N LEU B 397 2.25 -28.50 -39.10
CA LEU B 397 3.37 -28.04 -39.90
C LEU B 397 4.25 -29.19 -40.41
N LYS B 398 4.60 -30.13 -39.52
CA LYS B 398 5.47 -31.20 -39.91
C LYS B 398 4.86 -32.07 -41.00
N ALA B 399 3.54 -32.39 -40.90
CA ALA B 399 2.87 -33.18 -41.92
C ALA B 399 2.89 -32.44 -43.26
N ALA B 400 2.78 -31.10 -43.25
CA ALA B 400 2.84 -30.29 -44.46
C ALA B 400 4.26 -30.30 -45.04
N LEU B 401 5.30 -30.17 -44.19
CA LEU B 401 6.71 -30.24 -44.65
C LEU B 401 6.97 -31.57 -45.35
N ASP B 402 6.43 -32.67 -44.81
CA ASP B 402 6.62 -34.00 -45.40
C ASP B 402 5.94 -34.10 -46.76
N GLU B 403 4.80 -33.43 -46.95
CA GLU B 403 4.13 -33.37 -48.23
C GLU B 403 4.99 -32.59 -49.21
N LEU B 404 5.52 -31.42 -48.79
CA LEU B 404 6.36 -30.57 -49.63
C LEU B 404 7.63 -31.30 -50.09
N GLU B 405 8.23 -32.05 -49.16
CA GLU B 405 9.45 -32.81 -49.42
C GLU B 405 9.24 -33.81 -50.54
N ASN B 406 8.02 -34.34 -50.71
CA ASN B 406 7.69 -35.30 -51.77
C ASN B 406 6.93 -34.67 -52.95
N ASN B 407 7.07 -33.36 -53.19
CA ASN B 407 6.42 -32.73 -54.32
C ASN B 407 7.48 -32.15 -55.27
N ASP B 408 7.69 -32.79 -56.40
CA ASP B 408 8.70 -32.39 -57.38
C ASP B 408 8.37 -31.09 -58.09
N VAL B 409 7.08 -30.79 -58.30
CA VAL B 409 6.68 -29.53 -58.95
C VAL B 409 7.05 -28.33 -58.06
N LEU B 410 6.78 -28.41 -56.74
CA LEU B 410 7.08 -27.27 -55.86
C LEU B 410 8.58 -27.18 -55.58
N LYS B 411 9.27 -28.32 -55.46
CA LYS B 411 10.71 -28.30 -55.25
C LYS B 411 11.39 -27.60 -56.46
N ASN B 412 10.88 -27.87 -57.66
CA ASN B 412 11.45 -27.28 -58.90
C ASN B 412 11.15 -25.78 -58.99
N ALA B 413 9.97 -25.36 -58.55
CA ALA B 413 9.58 -23.96 -58.60
C ALA B 413 10.40 -23.13 -57.61
N LEU B 414 10.58 -23.65 -56.38
CA LEU B 414 11.34 -22.95 -55.35
C LEU B 414 12.84 -23.03 -55.60
N GLY B 415 13.32 -24.15 -56.12
CA GLY B 415 14.74 -24.38 -56.35
C GLY B 415 15.38 -25.02 -55.12
N LYS B 416 16.53 -25.67 -55.32
CA LYS B 416 17.22 -26.40 -54.27
C LYS B 416 17.51 -25.58 -53.01
N HIS B 417 18.13 -24.41 -53.16
CA HIS B 417 18.52 -23.59 -52.00
C HIS B 417 17.31 -23.19 -51.10
N ILE B 418 16.28 -22.54 -51.67
CA ILE B 418 15.11 -22.13 -50.90
C ILE B 418 14.44 -23.36 -50.30
N PHE B 419 14.20 -24.36 -51.12
CA PHE B 419 13.50 -25.59 -50.69
C PHE B 419 14.21 -26.26 -49.49
N GLU B 420 15.52 -26.53 -49.58
CA GLU B 420 16.26 -27.18 -48.52
C GLU B 420 16.42 -26.31 -47.28
N SER B 421 16.57 -24.99 -47.45
CA SER B 421 16.71 -24.08 -46.30
C SER B 421 15.41 -23.97 -45.57
N PHE B 422 14.30 -23.86 -46.30
CA PHE B 422 12.97 -23.76 -45.70
C PHE B 422 12.68 -25.02 -44.90
N LEU B 423 12.95 -26.21 -45.46
CA LEU B 423 12.69 -27.46 -44.76
C LEU B 423 13.53 -27.59 -43.50
N GLU B 424 14.78 -27.15 -43.58
CA GLU B 424 15.69 -27.21 -42.43
C GLU B 424 15.22 -26.26 -41.34
N ILE B 425 14.92 -25.01 -41.71
CA ILE B 425 14.47 -24.01 -40.73
C ILE B 425 13.16 -24.46 -40.06
N LYS B 426 12.22 -24.94 -40.87
CA LYS B 426 10.91 -25.30 -40.34
C LYS B 426 10.95 -26.59 -39.56
N ASN B 427 11.90 -27.49 -39.85
CA ASN B 427 12.03 -28.70 -39.05
C ASN B 427 12.57 -28.32 -37.68
N ALA B 428 13.50 -27.34 -37.59
CA ALA B 428 14.01 -26.88 -36.29
C ALA B 428 12.92 -26.13 -35.49
N GLU B 429 12.07 -25.39 -36.18
CA GLU B 429 10.96 -24.69 -35.59
C GLU B 429 9.96 -25.71 -35.01
N TRP B 430 9.65 -26.77 -35.78
CA TRP B 430 8.77 -27.85 -35.34
C TRP B 430 9.38 -28.57 -34.13
N ASP B 431 10.70 -28.86 -34.16
CA ASP B 431 11.40 -29.51 -33.03
C ASP B 431 11.31 -28.69 -31.75
N SER B 432 11.40 -27.37 -31.90
CA SER B 432 11.32 -26.47 -30.76
C SER B 432 9.91 -26.55 -30.15
N PHE B 433 8.87 -26.53 -30.99
CA PHE B 433 7.51 -26.62 -30.51
C PHE B 433 7.24 -27.99 -29.87
N ARG B 434 7.62 -29.07 -30.54
CA ARG B 434 7.29 -30.41 -30.05
C ARG B 434 8.06 -30.82 -28.78
N THR B 435 9.16 -30.15 -28.44
CA THR B 435 9.91 -30.46 -27.21
C THR B 435 9.51 -29.55 -26.06
N SER B 436 8.76 -28.46 -26.32
CA SER B 436 8.35 -27.57 -25.26
C SER B 436 7.23 -28.16 -24.43
N VAL B 437 7.10 -27.73 -23.18
CA VAL B 437 6.00 -28.13 -22.31
C VAL B 437 5.00 -26.98 -22.32
N THR B 438 3.85 -27.17 -22.98
CA THR B 438 2.87 -26.09 -23.11
C THR B 438 1.99 -25.89 -21.88
N ASP B 439 1.31 -24.73 -21.83
CA ASP B 439 0.37 -24.43 -20.75
C ASP B 439 -0.80 -25.40 -20.79
N TRP B 440 -1.23 -25.85 -22.00
CA TRP B 440 -2.36 -26.78 -22.11
C TRP B 440 -2.03 -28.05 -21.33
N GLU B 441 -0.80 -28.54 -21.49
CA GLU B 441 -0.31 -29.77 -20.82
C GLU B 441 -0.23 -29.61 -19.32
N THR B 442 0.25 -28.45 -18.83
CA THR B 442 0.29 -28.20 -17.38
C THR B 442 -1.13 -28.24 -16.81
N THR B 443 -2.08 -27.59 -17.50
CA THR B 443 -3.45 -27.54 -17.04
C THR B 443 -4.05 -28.94 -17.05
N ALA B 444 -3.79 -29.69 -18.12
CA ALA B 444 -4.38 -31.02 -18.28
C ALA B 444 -3.77 -32.06 -17.37
N TYR B 445 -2.44 -32.02 -17.14
CA TYR B 445 -1.73 -33.13 -16.52
C TYR B 445 -1.01 -32.90 -15.19
N LEU B 446 -0.90 -31.64 -14.68
CA LEU B 446 -0.18 -31.49 -13.41
C LEU B 446 -0.86 -32.28 -12.28
N LYS B 447 -2.18 -32.43 -12.34
CA LYS B 447 -2.93 -33.14 -11.29
C LYS B 447 -2.72 -34.66 -11.27
N ILE B 448 -2.12 -35.27 -12.28
CA ILE B 448 -2.03 -36.71 -12.29
C ILE B 448 -0.95 -37.27 -11.31
N SER C 2 32.50 -52.59 12.68
CA SER C 2 33.67 -53.23 12.08
C SER C 2 33.28 -54.54 11.42
N THR C 3 32.39 -55.32 12.06
CA THR C 3 31.88 -56.56 11.43
C THR C 3 30.39 -56.41 11.15
N VAL C 4 29.84 -57.24 10.25
CA VAL C 4 28.42 -57.22 9.89
C VAL C 4 27.58 -57.52 11.17
N GLU C 5 28.04 -58.46 12.01
CA GLU C 5 27.31 -58.80 13.23
C GLU C 5 27.23 -57.65 14.21
N GLN C 6 28.29 -56.86 14.34
CA GLN C 6 28.25 -55.72 15.23
C GLN C 6 27.25 -54.68 14.72
N VAL C 7 27.27 -54.45 13.40
CA VAL C 7 26.38 -53.45 12.78
C VAL C 7 24.92 -53.87 12.99
N LEU C 8 24.60 -55.13 12.65
CA LEU C 8 23.27 -55.70 12.78
C LEU C 8 22.83 -55.72 14.22
N GLU C 9 23.73 -56.05 15.16
CA GLU C 9 23.41 -56.07 16.60
C GLU C 9 23.00 -54.67 17.06
N TYR C 10 23.77 -53.64 16.67
CA TYR C 10 23.42 -52.26 17.02
C TYR C 10 22.05 -51.91 16.43
N VAL C 11 21.82 -52.22 15.16
CA VAL C 11 20.54 -51.96 14.48
C VAL C 11 19.40 -52.62 15.21
N LYS C 12 19.61 -53.87 15.61
CA LYS C 12 18.62 -54.70 16.29
C LYS C 12 18.20 -54.08 17.62
N SER C 13 19.17 -53.61 18.43
CA SER C 13 18.85 -53.11 19.76
C SER C 13 18.55 -51.63 19.84
N ASN C 14 18.91 -50.84 18.82
CA ASN C 14 18.68 -49.40 18.85
C ASN C 14 17.59 -48.92 17.91
N ASN C 15 16.79 -49.84 17.38
CA ASN C 15 15.66 -49.50 16.52
C ASN C 15 16.07 -48.62 15.33
N VAL C 16 17.13 -49.01 14.62
CA VAL C 16 17.56 -48.28 13.42
C VAL C 16 16.63 -48.70 12.30
N LYS C 17 16.04 -47.73 11.58
CA LYS C 17 15.08 -47.99 10.53
C LYS C 17 15.60 -47.80 9.10
N PHE C 18 16.53 -46.87 8.88
CA PHE C 18 17.07 -46.60 7.54
C PHE C 18 18.58 -46.70 7.53
N MET C 19 19.12 -47.15 6.42
CA MET C 19 20.57 -47.27 6.27
C MET C 19 20.93 -46.51 5.00
N ARG C 20 21.69 -45.40 5.15
CA ARG C 20 22.15 -44.62 3.99
C ARG C 20 23.42 -45.30 3.47
N PHE C 21 23.53 -45.53 2.17
CA PHE C 21 24.73 -46.05 1.55
C PHE C 21 25.31 -44.82 0.91
N GLN C 22 26.38 -44.31 1.50
CA GLN C 22 26.94 -43.05 1.06
C GLN C 22 28.25 -43.24 0.32
N PHE C 23 28.53 -42.35 -0.64
CA PHE C 23 29.78 -42.28 -1.38
C PHE C 23 29.94 -40.80 -1.85
N VAL C 24 30.93 -40.50 -2.69
CA VAL C 24 31.14 -39.13 -3.20
C VAL C 24 31.35 -39.21 -4.69
N ASP C 25 31.01 -38.13 -5.41
CA ASP C 25 31.32 -38.04 -6.82
C ASP C 25 32.77 -37.50 -6.97
N ILE C 26 33.25 -37.28 -8.20
CA ILE C 26 34.63 -36.81 -8.41
C ILE C 26 34.91 -35.48 -7.70
N LEU C 27 33.93 -34.60 -7.58
CA LEU C 27 34.10 -33.30 -6.95
C LEU C 27 33.96 -33.31 -5.43
N GLY C 28 33.73 -34.48 -4.83
CA GLY C 28 33.62 -34.62 -3.39
C GLY C 28 32.24 -34.37 -2.86
N VAL C 29 31.24 -34.27 -3.74
CA VAL C 29 29.86 -34.05 -3.31
C VAL C 29 29.31 -35.40 -2.81
N PRO C 30 28.83 -35.47 -1.56
CA PRO C 30 28.31 -36.75 -1.06
C PRO C 30 27.03 -37.16 -1.79
N LYS C 31 26.86 -38.46 -1.96
CA LYS C 31 25.71 -39.07 -2.63
C LYS C 31 25.28 -40.25 -1.78
N ASN C 32 23.98 -40.56 -1.76
CA ASN C 32 23.48 -41.69 -1.01
C ASN C 32 22.12 -42.15 -1.48
N VAL C 33 21.81 -43.42 -1.19
CA VAL C 33 20.49 -44.02 -1.41
C VAL C 33 20.10 -44.60 -0.04
N ALA C 34 18.81 -44.50 0.34
CA ALA C 34 18.38 -45.00 1.66
C ALA C 34 17.71 -46.34 1.54
N PHE C 35 18.17 -47.30 2.35
CA PHE C 35 17.60 -48.65 2.39
C PHE C 35 16.72 -48.77 3.64
N PRO C 36 15.42 -49.10 3.52
CA PRO C 36 14.58 -49.24 4.74
C PRO C 36 14.76 -50.64 5.34
N ILE C 37 15.06 -50.71 6.62
CA ILE C 37 15.25 -51.98 7.29
C ILE C 37 13.92 -52.51 7.77
N LYS C 38 13.58 -53.77 7.44
CA LYS C 38 12.31 -54.35 7.88
C LYS C 38 12.41 -54.96 9.29
N ALA C 39 11.27 -55.21 9.89
CA ALA C 39 11.18 -55.78 11.23
C ALA C 39 11.50 -57.26 11.22
N GLY C 40 11.94 -57.77 12.36
CA GLY C 40 12.19 -59.21 12.55
C GLY C 40 13.52 -59.71 12.00
N GLU C 41 13.71 -61.04 12.07
CA GLU C 41 14.94 -61.70 11.58
C GLU C 41 14.99 -61.61 10.05
N LYS C 42 13.82 -61.59 9.41
CA LYS C 42 13.77 -61.41 7.96
C LYS C 42 14.43 -60.07 7.56
N GLY C 43 14.13 -58.98 8.28
CA GLY C 43 14.74 -57.68 7.97
C GLY C 43 16.25 -57.66 8.23
N ILE C 44 16.68 -58.33 9.28
CA ILE C 44 18.09 -58.41 9.61
C ILE C 44 18.84 -59.17 8.55
N GLU C 45 18.26 -60.25 8.05
CA GLU C 45 18.91 -61.05 7.02
C GLU C 45 18.93 -60.32 5.68
N GLU C 46 17.89 -59.54 5.37
CA GLU C 46 17.88 -58.74 4.14
C GLU C 46 18.96 -57.65 4.26
N LEU C 47 19.08 -57.00 5.46
CA LEU C 47 20.11 -55.98 5.70
C LEU C 47 21.52 -56.60 5.65
N ARG C 48 21.67 -57.87 6.12
CA ARG C 48 22.96 -58.54 6.07
C ARG C 48 23.40 -58.72 4.61
N ASP C 49 22.46 -59.16 3.75
CA ASP C 49 22.74 -59.37 2.35
C ASP C 49 23.22 -58.09 1.67
N VAL C 50 22.54 -56.97 1.94
CA VAL C 50 22.90 -55.69 1.35
C VAL C 50 24.22 -55.13 1.93
N LEU C 51 24.47 -55.29 3.24
CA LEU C 51 25.70 -54.84 3.87
C LEU C 51 26.91 -55.66 3.38
N GLU C 52 26.71 -56.94 3.02
CA GLU C 52 27.79 -57.79 2.55
C GLU C 52 27.99 -57.66 1.04
N ASN C 53 26.92 -57.78 0.28
CA ASN C 53 26.96 -57.78 -1.18
C ASN C 53 26.83 -56.44 -1.84
N GLY C 54 26.30 -55.45 -1.13
CA GLY C 54 26.16 -54.11 -1.67
C GLY C 54 24.92 -53.95 -2.51
N LEU C 55 24.84 -52.82 -3.25
CA LEU C 55 23.71 -52.58 -4.10
C LEU C 55 24.09 -51.84 -5.38
N TYR C 56 23.19 -51.84 -6.36
CA TYR C 56 23.47 -51.24 -7.66
C TYR C 56 22.99 -49.82 -7.77
N PHE C 57 23.58 -49.07 -8.69
CA PHE C 57 23.13 -47.72 -8.96
C PHE C 57 23.56 -47.33 -10.36
N ASP C 58 23.06 -46.21 -10.86
CA ASP C 58 23.37 -45.72 -12.18
C ASP C 58 24.60 -44.82 -12.10
N GLY C 59 25.73 -45.35 -12.52
CA GLY C 59 26.99 -44.62 -12.54
C GLY C 59 27.04 -43.49 -13.54
N SER C 60 26.14 -43.46 -14.55
CA SER C 60 26.12 -42.36 -15.52
C SER C 60 25.38 -41.13 -14.99
N SER C 61 24.71 -41.22 -13.82
CA SER C 61 24.06 -40.06 -13.20
C SER C 61 24.95 -39.45 -12.10
N ILE C 62 26.19 -39.92 -11.96
CA ILE C 62 27.14 -39.43 -10.98
C ILE C 62 28.29 -38.78 -11.73
N GLU C 63 28.64 -37.55 -11.35
CA GLU C 63 29.70 -36.82 -12.01
C GLU C 63 31.08 -37.47 -11.86
N GLY C 64 31.78 -37.63 -12.99
CA GLY C 64 33.11 -38.21 -13.07
C GLY C 64 33.14 -39.71 -13.08
N PHE C 65 31.97 -40.37 -13.12
CA PHE C 65 31.94 -41.83 -13.11
C PHE C 65 31.93 -42.42 -14.57
N VAL C 66 30.84 -43.05 -15.00
CA VAL C 66 30.83 -43.76 -16.28
C VAL C 66 29.79 -43.22 -17.26
N GLY C 67 29.85 -43.68 -18.49
CA GLY C 67 28.95 -43.27 -19.55
C GLY C 67 27.68 -44.11 -19.53
N ILE C 68 26.66 -43.63 -20.25
CA ILE C 68 25.33 -44.22 -20.24
C ILE C 68 25.28 -45.67 -20.71
N ASN C 69 26.15 -46.07 -21.67
CA ASN C 69 26.18 -47.44 -22.22
C ASN C 69 26.94 -48.49 -21.37
N GLU C 70 27.51 -48.10 -20.24
CA GLU C 70 28.22 -48.98 -19.34
C GLU C 70 27.91 -48.48 -17.93
N SER C 71 26.63 -48.16 -17.66
CA SER C 71 26.24 -47.40 -16.48
C SER C 71 25.97 -48.17 -15.18
N ASP C 72 25.68 -49.48 -15.22
CA ASP C 72 25.41 -50.24 -13.98
C ASP C 72 26.66 -50.28 -13.11
N MET C 73 26.56 -49.85 -11.84
CA MET C 73 27.69 -49.88 -10.90
C MET C 73 27.23 -50.39 -9.54
N MET C 74 28.17 -50.66 -8.62
CA MET C 74 27.83 -51.15 -7.30
C MET C 74 28.50 -50.37 -6.18
N LEU C 75 27.89 -50.45 -4.98
CA LEU C 75 28.42 -49.86 -3.76
C LEU C 75 28.76 -50.99 -2.80
N LYS C 76 30.02 -51.05 -2.33
CA LYS C 76 30.46 -52.06 -1.35
C LYS C 76 30.67 -51.35 -0.02
N PRO C 77 29.79 -51.57 0.98
CA PRO C 77 29.93 -50.81 2.24
C PRO C 77 31.24 -51.03 2.98
N ASP C 78 31.75 -49.99 3.65
CA ASP C 78 32.94 -50.09 4.49
C ASP C 78 32.32 -50.11 5.89
N LEU C 79 32.25 -51.31 6.49
CA LEU C 79 31.53 -51.49 7.73
C LEU C 79 32.15 -50.79 8.92
N SER C 80 33.42 -50.42 8.86
CA SER C 80 34.03 -49.62 9.94
C SER C 80 33.51 -48.16 9.91
N THR C 81 32.84 -47.69 8.81
CA THR C 81 32.33 -46.30 8.70
C THR C 81 30.92 -46.09 9.33
N PHE C 82 30.33 -47.12 9.94
CA PHE C 82 28.96 -47.07 10.48
C PHE C 82 28.69 -45.96 11.51
N SER C 83 27.64 -45.15 11.29
CA SER C 83 27.28 -44.04 12.21
C SER C 83 25.76 -43.75 12.20
N VAL C 84 25.21 -43.27 13.33
CA VAL C 84 23.81 -42.86 13.38
C VAL C 84 23.75 -41.34 13.15
N LEU C 85 22.92 -40.87 12.20
CA LEU C 85 22.86 -39.45 11.87
C LEU C 85 22.09 -38.69 12.95
N PRO C 86 22.75 -37.74 13.65
CA PRO C 86 22.10 -37.09 14.80
C PRO C 86 21.05 -36.06 14.47
N TRP C 87 21.00 -35.59 13.22
CA TRP C 87 19.98 -34.59 12.82
C TRP C 87 18.67 -35.30 12.46
N ARG C 88 18.75 -36.61 12.21
CA ARG C 88 17.55 -37.44 11.90
C ARG C 88 16.85 -37.83 13.21
N PRO C 89 15.58 -38.29 13.18
CA PRO C 89 14.85 -38.65 14.39
C PRO C 89 15.48 -39.81 15.18
N SER C 90 15.38 -39.75 16.52
CA SER C 90 15.95 -40.77 17.44
C SER C 90 15.18 -42.09 17.38
N GLU C 91 13.86 -42.03 17.31
CA GLU C 91 13.02 -43.21 17.28
C GLU C 91 12.95 -43.61 15.82
N LYS C 92 13.29 -44.88 15.48
CA LYS C 92 13.33 -45.32 14.08
C LYS C 92 14.42 -44.48 13.38
N SER C 93 15.61 -44.50 13.99
CA SER C 93 16.74 -43.69 13.59
C SER C 93 17.28 -44.07 12.21
N VAL C 94 18.20 -43.24 11.74
CA VAL C 94 18.84 -43.34 10.43
C VAL C 94 20.33 -43.52 10.63
N ALA C 95 20.86 -44.61 10.11
CA ALA C 95 22.28 -44.91 10.19
C ALA C 95 22.89 -44.71 8.78
N ARG C 96 24.23 -44.71 8.66
CA ARG C 96 24.87 -44.60 7.37
C ARG C 96 26.06 -45.52 7.34
N VAL C 97 26.50 -45.82 6.14
CA VAL C 97 27.70 -46.61 5.90
C VAL C 97 28.31 -46.00 4.63
N ILE C 98 29.56 -45.56 4.68
CA ILE C 98 30.26 -45.01 3.49
C ILE C 98 30.70 -46.24 2.65
N CYS C 99 30.60 -46.15 1.33
CA CYS C 99 30.85 -47.28 0.45
C CYS C 99 32.04 -47.04 -0.47
N ASP C 100 32.56 -48.13 -1.02
CA ASP C 100 33.55 -48.10 -2.07
C ASP C 100 32.80 -48.42 -3.38
N VAL C 101 33.13 -47.70 -4.44
CA VAL C 101 32.45 -47.92 -5.71
C VAL C 101 33.14 -49.04 -6.43
N TYR C 102 32.34 -50.02 -6.86
CA TYR C 102 32.82 -51.18 -7.57
C TYR C 102 32.06 -51.35 -8.88
N THR C 103 32.68 -52.05 -9.81
CA THR C 103 32.07 -52.36 -11.09
C THR C 103 31.18 -53.60 -10.95
N THR C 104 30.43 -53.90 -12.01
CA THR C 104 29.55 -55.09 -12.03
C THR C 104 30.39 -56.36 -11.91
N LYS C 105 31.65 -56.32 -12.38
CA LYS C 105 32.54 -57.47 -12.32
C LYS C 105 33.19 -57.69 -10.93
N GLY C 106 32.81 -56.88 -9.93
CA GLY C 106 33.31 -57.00 -8.58
C GLY C 106 34.70 -56.44 -8.37
N LYS C 107 35.13 -55.51 -9.23
CA LYS C 107 36.44 -54.90 -9.10
C LYS C 107 36.33 -53.41 -8.67
N PRO C 108 37.21 -52.90 -7.77
CA PRO C 108 37.10 -51.50 -7.37
C PRO C 108 37.11 -50.56 -8.57
N PHE C 109 36.22 -49.58 -8.62
CA PHE C 109 36.13 -48.65 -9.73
C PHE C 109 37.36 -47.70 -9.79
N GLU C 110 38.04 -47.67 -10.94
CA GLU C 110 39.21 -46.79 -11.15
C GLU C 110 38.89 -45.30 -10.95
N GLY C 111 37.64 -44.89 -11.15
CA GLY C 111 37.23 -43.49 -10.99
C GLY C 111 36.73 -43.12 -9.60
N ASP C 112 36.82 -44.06 -8.63
CA ASP C 112 36.35 -43.83 -7.27
C ASP C 112 37.37 -42.98 -6.47
N PRO C 113 37.02 -41.76 -6.04
CA PRO C 113 37.99 -40.98 -5.22
C PRO C 113 38.41 -41.67 -3.93
N ARG C 114 37.47 -42.37 -3.26
CA ARG C 114 37.79 -43.05 -2.00
C ARG C 114 38.79 -44.17 -2.22
N GLY C 115 38.53 -45.04 -3.22
CA GLY C 115 39.43 -46.12 -3.60
C GLY C 115 40.79 -45.59 -4.02
N CYS C 116 40.79 -44.41 -4.64
CA CYS C 116 42.03 -43.74 -5.01
C CYS C 116 42.91 -43.51 -3.79
N LEU C 117 42.35 -42.95 -2.72
CA LEU C 117 43.10 -42.67 -1.50
C LEU C 117 43.46 -44.00 -0.77
N LYS C 118 42.55 -44.98 -0.73
CA LYS C 118 42.85 -46.28 -0.13
C LYS C 118 44.11 -46.90 -0.75
N ARG C 119 44.20 -46.89 -2.09
CA ARG C 119 45.27 -47.52 -2.86
C ARG C 119 46.65 -46.85 -2.59
N VAL C 120 46.71 -45.52 -2.53
CA VAL C 120 48.00 -44.89 -2.24
C VAL C 120 48.40 -45.16 -0.79
N MET C 121 47.44 -45.24 0.13
CA MET C 121 47.73 -45.55 1.52
C MET C 121 48.17 -47.01 1.66
N GLU C 122 47.54 -47.94 0.92
CA GLU C 122 47.96 -49.33 0.97
C GLU C 122 49.38 -49.48 0.44
N GLU C 123 49.71 -48.75 -0.63
CA GLU C 123 51.05 -48.80 -1.21
C GLU C 123 52.06 -48.20 -0.25
N PHE C 124 51.70 -47.12 0.44
CA PHE C 124 52.59 -46.51 1.43
C PHE C 124 52.87 -47.48 2.59
N LYS C 125 51.84 -48.18 3.07
CA LYS C 125 52.03 -49.14 4.16
C LYS C 125 52.85 -50.33 3.71
N LYS C 126 52.65 -50.79 2.48
CA LYS C 126 53.42 -51.92 1.98
C LYS C 126 54.91 -51.59 1.76
N GLU C 127 55.20 -50.38 1.24
CA GLU C 127 56.56 -49.97 0.92
C GLU C 127 57.39 -49.44 2.09
N PHE C 128 56.78 -48.71 3.02
CA PHE C 128 57.50 -48.12 4.15
C PHE C 128 56.99 -48.54 5.52
N ASN C 129 55.89 -49.31 5.57
CA ASN C 129 55.22 -49.58 6.86
C ASN C 129 54.80 -48.25 7.50
N GLY C 130 54.37 -47.31 6.65
CA GLY C 130 53.99 -45.98 7.07
C GLY C 130 52.51 -45.74 7.15
N GLU C 131 52.13 -44.79 7.99
CA GLU C 131 50.76 -44.33 8.16
C GLU C 131 50.73 -42.85 7.86
N TYR C 132 49.69 -42.37 7.20
CA TYR C 132 49.55 -40.97 6.82
C TYR C 132 48.43 -40.34 7.68
N PHE C 133 48.80 -39.38 8.53
CA PHE C 133 47.87 -38.73 9.45
C PHE C 133 47.59 -37.32 9.01
N VAL C 134 46.30 -36.95 8.93
CA VAL C 134 45.89 -35.61 8.52
C VAL C 134 44.92 -35.02 9.52
N GLY C 135 45.09 -33.74 9.82
CA GLY C 135 44.21 -32.93 10.67
C GLY C 135 43.75 -31.69 9.94
N PRO C 136 42.60 -31.72 9.27
CA PRO C 136 42.16 -30.57 8.47
C PRO C 136 41.26 -29.63 9.25
N GLU C 137 41.22 -28.35 8.87
CA GLU C 137 40.46 -27.34 9.60
C GLU C 137 39.53 -26.62 8.65
N PRO C 138 38.42 -27.27 8.26
CA PRO C 138 37.51 -26.65 7.26
C PRO C 138 36.64 -25.52 7.82
N GLU C 139 37.05 -24.26 7.56
CA GLU C 139 36.31 -23.09 8.03
C GLU C 139 35.05 -22.93 7.19
N PHE C 140 34.06 -22.22 7.74
CA PHE C 140 32.79 -21.99 7.06
C PHE C 140 32.17 -20.67 7.52
N PHE C 141 31.23 -20.16 6.73
CA PHE C 141 30.45 -18.99 7.08
C PHE C 141 29.06 -19.44 7.39
N LEU C 142 28.43 -18.74 8.33
CA LEU C 142 27.02 -18.88 8.61
C LEU C 142 26.40 -17.66 7.98
N LEU C 143 25.31 -17.86 7.25
CA LEU C 143 24.69 -16.77 6.49
C LEU C 143 23.26 -16.59 6.87
N LYS C 144 22.78 -15.38 6.64
CA LYS C 144 21.35 -15.07 6.78
C LYS C 144 20.96 -14.20 5.58
N LYS C 145 19.66 -14.05 5.33
CA LYS C 145 19.22 -13.22 4.21
C LYS C 145 19.44 -11.77 4.50
N ASP C 146 19.80 -11.02 3.46
CA ASP C 146 19.98 -9.57 3.55
C ASP C 146 18.59 -8.97 3.82
N PRO C 147 18.37 -8.24 4.93
CA PRO C 147 17.03 -7.67 5.16
C PRO C 147 16.62 -6.68 4.06
N HIS C 148 17.59 -6.08 3.34
CA HIS C 148 17.35 -5.16 2.24
C HIS C 148 17.07 -5.91 0.92
N ASN C 149 17.63 -7.10 0.71
CA ASN C 149 17.30 -7.90 -0.46
C ASN C 149 17.20 -9.37 -0.07
N PRO C 150 16.00 -9.97 -0.04
CA PRO C 150 15.90 -11.38 0.37
C PRO C 150 16.51 -12.37 -0.61
N HIS C 151 16.91 -11.91 -1.81
CA HIS C 151 17.56 -12.77 -2.79
C HIS C 151 19.08 -12.94 -2.51
N LYS C 152 19.65 -12.10 -1.60
CA LYS C 152 21.06 -12.13 -1.26
C LYS C 152 21.31 -12.62 0.18
N TYR C 153 22.50 -13.20 0.39
CA TYR C 153 22.94 -13.68 1.70
C TYR C 153 24.08 -12.83 2.25
N ILE C 154 24.06 -12.58 3.57
CA ILE C 154 25.10 -11.80 4.24
C ILE C 154 25.64 -12.60 5.43
N PRO C 155 26.83 -12.26 5.97
CA PRO C 155 27.31 -12.96 7.17
C PRO C 155 26.31 -12.89 8.33
N ALA C 156 26.18 -13.99 9.10
CA ALA C 156 25.18 -14.10 10.14
C ALA C 156 25.43 -13.14 11.35
N ASP C 157 26.65 -12.65 11.55
CA ASP C 157 26.95 -11.70 12.62
C ASP C 157 28.09 -10.79 12.19
N ASP C 158 28.46 -9.84 13.05
CA ASP C 158 29.58 -8.93 12.78
C ASP C 158 30.81 -9.25 13.63
N GLY C 159 30.91 -10.44 14.22
CA GLY C 159 32.03 -10.79 15.08
C GLY C 159 33.31 -11.11 14.34
N GLY C 160 34.37 -11.26 15.14
CA GLY C 160 35.70 -11.55 14.66
C GLY C 160 36.32 -12.67 15.43
N TYR C 161 37.62 -12.85 15.22
CA TYR C 161 38.38 -13.96 15.78
C TYR C 161 38.22 -14.09 17.28
N PHE C 162 37.78 -15.28 17.76
CA PHE C 162 37.67 -15.60 19.19
C PHE C 162 36.71 -14.66 19.95
N ASP C 163 35.79 -14.00 19.26
CA ASP C 163 34.91 -13.08 19.97
C ASP C 163 33.94 -13.81 20.87
N LEU C 164 33.45 -13.11 21.92
CA LEU C 164 32.42 -13.60 22.81
C LEU C 164 31.06 -13.05 22.37
N GLU C 165 30.01 -13.69 22.86
CA GLU C 165 28.64 -13.22 22.72
C GLU C 165 28.51 -11.89 23.48
N PRO C 166 27.59 -10.98 23.08
CA PRO C 166 26.65 -11.09 21.97
C PRO C 166 27.20 -10.78 20.60
N MET C 167 28.45 -10.30 20.49
CA MET C 167 29.09 -9.98 19.21
C MET C 167 29.18 -11.26 18.36
N ASP C 168 29.64 -12.35 18.99
CA ASP C 168 29.62 -13.69 18.40
C ASP C 168 28.19 -14.22 18.65
N GLU C 169 27.41 -14.42 17.60
CA GLU C 169 26.03 -14.87 17.74
C GLU C 169 25.86 -16.36 17.52
N ALA C 170 26.95 -17.14 17.42
CA ALA C 170 26.82 -18.55 17.12
C ALA C 170 27.11 -19.56 18.25
N PRO C 171 27.27 -19.23 19.55
CA PRO C 171 27.51 -20.31 20.53
C PRO C 171 26.47 -21.44 20.48
N ASP C 172 25.18 -21.13 20.30
CA ASP C 172 24.16 -22.17 20.22
C ASP C 172 24.35 -23.05 18.98
N ILE C 173 24.74 -22.47 17.82
CA ILE C 173 24.92 -23.24 16.62
C ILE C 173 26.19 -24.07 16.76
N ARG C 174 27.30 -23.45 17.17
CA ARG C 174 28.55 -24.21 17.36
C ARG C 174 28.38 -25.33 18.41
N ARG C 175 27.62 -25.08 19.47
CA ARG C 175 27.26 -26.08 20.48
C ARG C 175 26.57 -27.31 19.88
N ASP C 176 25.52 -27.11 19.07
CA ASP C 176 24.79 -28.21 18.44
C ASP C 176 25.63 -28.91 17.40
N ILE C 177 26.52 -28.18 16.70
CA ILE C 177 27.45 -28.81 15.78
C ILE C 177 28.36 -29.77 16.56
N VAL C 178 28.96 -29.29 17.66
CA VAL C 178 29.85 -30.14 18.46
C VAL C 178 29.14 -31.39 18.95
N PHE C 179 27.91 -31.25 19.46
CA PHE C 179 27.15 -32.40 19.95
C PHE C 179 26.89 -33.40 18.81
N ALA C 180 26.59 -32.91 17.62
CA ALA C 180 26.30 -33.77 16.47
C ALA C 180 27.54 -34.54 16.05
N LEU C 181 28.70 -33.83 15.98
CA LEU C 181 29.95 -34.44 15.60
C LEU C 181 30.36 -35.48 16.65
N GLU C 182 30.11 -35.23 17.95
CA GLU C 182 30.44 -36.23 18.98
C GLU C 182 29.58 -37.48 18.78
N ASN C 183 28.28 -37.30 18.51
CA ASN C 183 27.39 -38.43 18.26
C ASN C 183 27.84 -39.21 17.02
N LEU C 184 28.49 -38.55 16.06
CA LEU C 184 29.00 -39.21 14.86
C LEU C 184 30.38 -39.83 15.07
N GLY C 185 30.91 -39.78 16.29
CA GLY C 185 32.18 -40.40 16.61
C GLY C 185 33.38 -39.50 16.47
N PHE C 186 33.20 -38.19 16.21
CA PHE C 186 34.34 -37.28 16.11
C PHE C 186 34.90 -37.02 17.47
N HIS C 187 36.22 -36.74 17.54
CA HIS C 187 36.84 -36.26 18.77
C HIS C 187 37.04 -34.76 18.54
N VAL C 188 36.08 -33.95 18.98
CA VAL C 188 36.14 -32.50 18.77
C VAL C 188 37.17 -31.87 19.68
N GLU C 189 37.96 -30.94 19.14
CA GLU C 189 39.04 -30.32 19.91
C GLU C 189 38.71 -28.92 20.41
N ALA C 190 38.08 -28.09 19.57
CA ALA C 190 37.81 -26.69 19.91
C ALA C 190 36.86 -26.05 18.92
N SER C 191 36.19 -24.98 19.31
CA SER C 191 35.31 -24.25 18.42
C SER C 191 35.34 -22.80 18.78
N HIS C 192 35.25 -21.94 17.76
CA HIS C 192 35.34 -20.49 18.02
C HIS C 192 34.94 -19.71 16.79
N HIS C 193 34.66 -18.43 16.99
CA HIS C 193 34.39 -17.53 15.90
C HIS C 193 35.74 -17.29 15.17
N GLU C 194 35.71 -17.22 13.85
CA GLU C 194 36.92 -16.99 13.06
C GLU C 194 37.04 -15.50 12.69
N VAL C 195 38.06 -15.15 11.89
CA VAL C 195 38.41 -13.76 11.60
C VAL C 195 37.28 -12.94 10.99
N ALA C 196 36.58 -13.47 9.98
CA ALA C 196 35.57 -12.68 9.29
C ALA C 196 34.21 -12.66 9.96
N PRO C 197 33.36 -11.65 9.68
CA PRO C 197 31.97 -11.71 10.17
C PRO C 197 31.28 -13.02 9.79
N GLY C 198 30.55 -13.63 10.72
CA GLY C 198 29.81 -14.87 10.44
C GLY C 198 30.66 -16.09 10.16
N GLN C 199 32.01 -16.00 10.28
CA GLN C 199 32.88 -17.14 9.99
C GLN C 199 33.20 -17.93 11.27
N HIS C 200 33.35 -19.26 11.18
CA HIS C 200 33.55 -20.10 12.35
C HIS C 200 34.48 -21.26 12.09
N GLU C 201 34.94 -21.92 13.17
CA GLU C 201 35.82 -23.06 13.07
C GLU C 201 35.50 -24.04 14.18
N VAL C 202 35.42 -25.33 13.84
CA VAL C 202 35.18 -26.42 14.79
C VAL C 202 36.24 -27.45 14.43
N ASP C 203 37.26 -27.58 15.25
CA ASP C 203 38.38 -28.48 15.03
C ASP C 203 38.12 -29.86 15.59
N PHE C 204 38.61 -30.88 14.89
CA PHE C 204 38.45 -32.27 15.33
C PHE C 204 39.83 -32.94 15.23
N LYS C 205 40.02 -34.01 16.00
CA LYS C 205 41.32 -34.64 16.07
C LYS C 205 41.74 -35.28 14.75
N PHE C 206 43.03 -35.22 14.46
CA PHE C 206 43.58 -35.86 13.26
C PHE C 206 43.45 -37.38 13.35
N ASP C 207 43.52 -38.04 12.21
CA ASP C 207 43.45 -39.50 12.15
C ASP C 207 44.10 -39.95 10.88
N ASP C 208 44.03 -41.25 10.52
CA ASP C 208 44.61 -41.67 9.24
C ASP C 208 43.85 -40.98 8.10
N ALA C 209 44.52 -40.72 6.98
CA ALA C 209 43.93 -39.96 5.88
C ALA C 209 42.56 -40.43 5.43
N LEU C 210 42.30 -41.77 5.44
CA LEU C 210 41.01 -42.27 4.96
C LEU C 210 39.87 -41.89 5.92
N LYS C 211 40.06 -42.14 7.22
CA LYS C 211 39.08 -41.76 8.24
C LYS C 211 38.87 -40.27 8.26
N THR C 212 39.93 -39.50 8.09
CA THR C 212 39.84 -38.04 8.05
C THR C 212 39.08 -37.55 6.83
N ALA C 213 39.31 -38.18 5.67
CA ALA C 213 38.57 -37.81 4.45
C ALA C 213 37.08 -38.11 4.64
N ASP C 214 36.76 -39.27 5.25
CA ASP C 214 35.39 -39.66 5.55
C ASP C 214 34.76 -38.65 6.48
N SER C 215 35.51 -38.18 7.49
CA SER C 215 35.08 -37.17 8.47
C SER C 215 34.88 -35.80 7.83
N VAL C 216 35.75 -35.37 6.91
CA VAL C 216 35.55 -34.08 6.23
C VAL C 216 34.21 -34.05 5.46
N ILE C 217 33.85 -35.14 4.79
CA ILE C 217 32.60 -35.21 4.04
C ILE C 217 31.44 -35.11 5.04
N THR C 218 31.51 -35.91 6.11
CA THR C 218 30.47 -35.96 7.14
C THR C 218 30.32 -34.62 7.84
N PHE C 219 31.46 -33.98 8.15
CA PHE C 219 31.56 -32.69 8.84
C PHE C 219 30.81 -31.62 8.06
N LYS C 220 31.06 -31.53 6.74
CA LYS C 220 30.39 -30.52 5.92
C LYS C 220 28.86 -30.73 5.84
N THR C 221 28.39 -31.99 5.81
CA THR C 221 26.93 -32.24 5.82
C THR C 221 26.34 -31.83 7.16
N THR C 222 27.01 -32.20 8.25
CA THR C 222 26.57 -31.90 9.60
C THR C 222 26.42 -30.40 9.78
N ILE C 223 27.48 -29.63 9.49
CA ILE C 223 27.45 -28.15 9.66
C ILE C 223 26.30 -27.53 8.86
N LYS C 224 26.09 -28.00 7.62
CA LYS C 224 25.04 -27.48 6.75
C LYS C 224 23.64 -27.81 7.26
N THR C 225 23.43 -29.05 7.74
CA THR C 225 22.11 -29.43 8.27
C THR C 225 21.85 -28.76 9.61
N ILE C 226 22.83 -28.70 10.53
CA ILE C 226 22.62 -28.04 11.82
C ILE C 226 22.33 -26.54 11.62
N ALA C 227 23.04 -25.86 10.71
CA ALA C 227 22.79 -24.44 10.45
C ALA C 227 21.33 -24.25 9.94
N GLU C 228 20.88 -25.15 9.07
CA GLU C 228 19.49 -25.08 8.54
C GLU C 228 18.50 -25.18 9.71
N GLN C 229 18.78 -26.06 10.68
CA GLN C 229 17.91 -26.17 11.85
C GLN C 229 17.81 -24.87 12.64
N HIS C 230 18.86 -24.02 12.60
CA HIS C 230 18.81 -22.73 13.29
C HIS C 230 18.37 -21.60 12.36
N GLY C 231 17.78 -21.93 11.20
CA GLY C 231 17.28 -20.94 10.26
C GLY C 231 18.36 -20.17 9.52
N LEU C 232 19.59 -20.69 9.54
CA LEU C 232 20.73 -20.06 8.87
C LEU C 232 21.20 -20.99 7.74
N LYS C 233 22.11 -20.52 6.94
CA LYS C 233 22.67 -21.30 5.85
C LYS C 233 24.19 -21.33 6.03
N ALA C 234 24.83 -22.51 5.97
CA ALA C 234 26.29 -22.56 6.09
C ALA C 234 26.89 -22.73 4.71
N THR C 235 28.06 -22.09 4.45
CA THR C 235 28.71 -22.26 3.17
C THR C 235 30.21 -22.57 3.40
N PHE C 236 30.72 -23.51 2.60
CA PHE C 236 32.14 -23.82 2.56
C PHE C 236 32.80 -23.21 1.28
N MET C 237 32.12 -22.25 0.62
CA MET C 237 32.65 -21.46 -0.48
C MET C 237 33.97 -20.79 -0.01
N PRO C 238 35.09 -20.96 -0.75
CA PRO C 238 36.37 -20.38 -0.28
C PRO C 238 36.38 -18.87 -0.01
N LYS C 239 35.70 -18.08 -0.83
CA LYS C 239 35.71 -16.63 -0.68
C LYS C 239 34.34 -16.10 -1.04
N PRO C 240 33.36 -16.19 -0.11
CA PRO C 240 32.02 -15.71 -0.42
C PRO C 240 31.89 -14.20 -0.53
N PHE C 241 32.74 -13.45 0.21
CA PHE C 241 32.64 -11.99 0.30
C PHE C 241 33.96 -11.31 0.07
N PHE C 242 33.97 -10.32 -0.82
CA PHE C 242 35.17 -9.54 -1.06
C PHE C 242 35.39 -8.65 0.18
N GLY C 243 36.64 -8.37 0.54
CA GLY C 243 36.92 -7.47 1.66
C GLY C 243 36.97 -8.09 3.04
N MET C 244 36.84 -9.43 3.12
CA MET C 244 36.99 -10.14 4.38
C MET C 244 37.61 -11.47 4.10
N ASN C 245 38.15 -12.13 5.15
CA ASN C 245 38.81 -13.42 5.00
C ASN C 245 37.98 -14.46 4.24
N GLY C 246 38.68 -15.28 3.51
CA GLY C 246 38.12 -16.44 2.89
C GLY C 246 38.20 -17.59 3.86
N SER C 247 37.60 -18.72 3.49
CA SER C 247 37.64 -19.93 4.30
C SER C 247 38.70 -20.91 3.73
N GLY C 248 39.64 -21.29 4.58
CA GLY C 248 40.62 -22.28 4.20
C GLY C 248 40.32 -23.63 4.84
N MET C 249 41.09 -24.63 4.43
CA MET C 249 41.07 -25.94 5.08
C MET C 249 42.52 -26.35 5.18
N HIS C 250 43.25 -25.74 6.13
CA HIS C 250 44.66 -26.07 6.37
C HIS C 250 44.77 -27.53 6.72
N CYS C 251 45.74 -28.22 6.15
CA CYS C 251 45.89 -29.64 6.41
C CYS C 251 47.14 -29.91 7.19
N HIS C 252 46.98 -30.19 8.47
CA HIS C 252 48.09 -30.57 9.34
C HIS C 252 48.36 -32.03 9.01
N GLN C 253 49.63 -32.41 8.71
CA GLN C 253 49.88 -33.79 8.29
C GLN C 253 51.24 -34.27 8.74
N SER C 254 51.34 -35.58 8.92
CA SER C 254 52.59 -36.20 9.35
C SER C 254 52.59 -37.67 8.90
N ILE C 255 53.76 -38.24 8.73
CA ILE C 255 53.86 -39.66 8.41
C ILE C 255 54.53 -40.35 9.60
N TRP C 256 54.00 -41.51 9.97
CA TRP C 256 54.54 -42.26 11.08
C TRP C 256 55.04 -43.58 10.54
N LEU C 257 56.37 -43.83 10.63
CA LEU C 257 56.94 -45.09 10.16
C LEU C 257 57.13 -46.00 11.35
N ASN C 258 56.70 -47.26 11.22
CA ASN C 258 56.82 -48.27 12.29
C ASN C 258 56.25 -47.79 13.63
N GLY C 259 55.13 -47.09 13.59
CA GLY C 259 54.44 -46.61 14.78
C GLY C 259 55.04 -45.41 15.47
N GLU C 260 56.10 -44.79 14.90
CA GLU C 260 56.77 -43.65 15.52
C GLU C 260 56.54 -42.34 14.77
N PRO C 261 56.56 -41.18 15.47
CA PRO C 261 56.40 -39.90 14.76
C PRO C 261 57.70 -39.50 14.08
N SER C 262 57.91 -40.07 12.88
CA SER C 262 59.12 -39.87 12.06
C SER C 262 59.45 -38.41 11.74
N PHE C 263 58.50 -37.48 11.86
CA PHE C 263 58.79 -36.07 11.60
C PHE C 263 59.59 -35.39 12.75
N TYR C 264 59.56 -35.99 13.95
CA TYR C 264 60.24 -35.48 15.14
C TYR C 264 61.65 -36.06 15.28
N ASP C 265 62.62 -35.18 15.55
CA ASP C 265 64.01 -35.56 15.75
C ASP C 265 64.59 -34.60 16.78
N GLU C 266 64.61 -35.07 18.03
CA GLU C 266 65.12 -34.32 19.18
C GLU C 266 66.46 -33.60 18.91
N ASN C 267 67.39 -34.24 18.19
CA ASN C 267 68.73 -33.69 17.98
C ASN C 267 68.98 -33.05 16.62
N ALA C 268 67.92 -32.67 15.90
CA ALA C 268 68.08 -32.05 14.59
C ALA C 268 67.74 -30.56 14.67
N PRO C 269 68.16 -29.74 13.68
CA PRO C 269 67.76 -28.32 13.70
C PRO C 269 66.23 -28.19 13.67
N TYR C 270 65.68 -27.29 14.50
CA TYR C 270 64.23 -27.09 14.65
C TYR C 270 63.53 -28.34 15.22
N GLN C 271 64.29 -29.38 15.61
CA GLN C 271 63.78 -30.65 16.09
C GLN C 271 62.90 -31.30 15.02
N LEU C 272 63.24 -31.07 13.73
CA LEU C 272 62.53 -31.66 12.60
C LEU C 272 63.48 -32.64 11.93
N SER C 273 62.97 -33.86 11.69
CA SER C 273 63.76 -34.97 11.11
C SER C 273 64.03 -34.77 9.61
N GLU C 274 64.97 -35.55 9.09
CA GLU C 274 65.33 -35.50 7.68
C GLU C 274 64.10 -35.91 6.85
N THR C 275 63.32 -36.91 7.31
CA THR C 275 62.11 -37.36 6.63
C THR C 275 61.12 -36.21 6.50
N CYS C 276 60.95 -35.43 7.58
CA CYS C 276 60.09 -34.25 7.54
C CYS C 276 60.55 -33.29 6.44
N MET C 277 61.85 -32.99 6.40
CA MET C 277 62.42 -32.07 5.42
C MET C 277 62.30 -32.60 4.01
N ASN C 278 62.45 -33.92 3.82
CA ASN C 278 62.28 -34.52 2.50
C ASN C 278 60.79 -34.36 2.08
N TYR C 279 59.85 -34.61 3.00
CA TYR C 279 58.41 -34.47 2.78
C TYR C 279 58.02 -33.03 2.39
N VAL C 280 58.50 -32.06 3.19
CA VAL C 280 58.28 -30.65 2.93
C VAL C 280 58.82 -30.29 1.53
N ALA C 281 60.02 -30.80 1.19
CA ALA C 281 60.61 -30.55 -0.13
C ALA C 281 59.72 -31.10 -1.26
N GLY C 282 59.09 -32.26 -1.05
CA GLY C 282 58.19 -32.85 -2.04
C GLY C 282 56.95 -32.00 -2.25
N ILE C 283 56.31 -31.55 -1.15
CA ILE C 283 55.11 -30.71 -1.21
C ILE C 283 55.46 -29.40 -1.93
N LEU C 284 56.61 -28.77 -1.58
CA LEU C 284 57.01 -27.51 -2.21
C LEU C 284 57.32 -27.69 -3.69
N LYS C 285 57.92 -28.81 -4.05
CA LYS C 285 58.20 -29.10 -5.46
C LYS C 285 56.90 -29.19 -6.29
N HIS C 286 55.87 -29.85 -5.76
CA HIS C 286 54.63 -30.04 -6.53
C HIS C 286 53.51 -29.06 -6.18
N ALA C 287 53.79 -28.05 -5.34
CA ALA C 287 52.76 -27.12 -4.87
C ALA C 287 51.90 -26.50 -5.99
N LYS C 288 52.54 -26.08 -7.10
CA LYS C 288 51.83 -25.47 -8.24
C LYS C 288 50.75 -26.40 -8.86
N ALA C 289 50.99 -27.71 -8.87
CA ALA C 289 50.02 -28.67 -9.40
C ALA C 289 49.08 -29.12 -8.29
N ILE C 290 49.56 -29.24 -7.03
CA ILE C 290 48.70 -29.71 -5.93
C ILE C 290 47.45 -28.85 -5.83
N VAL C 291 47.60 -27.52 -5.99
CA VAL C 291 46.47 -26.61 -5.83
C VAL C 291 45.37 -26.80 -6.88
N ALA C 292 45.62 -27.48 -8.02
CA ALA C 292 44.52 -27.74 -8.96
C ALA C 292 43.46 -28.60 -8.27
N ILE C 293 43.93 -29.52 -7.39
CA ILE C 293 43.09 -30.44 -6.65
C ILE C 293 42.65 -29.87 -5.30
N THR C 294 43.56 -29.24 -4.53
CA THR C 294 43.23 -28.72 -3.20
C THR C 294 42.45 -27.41 -3.25
N ASN C 295 42.48 -26.72 -4.40
CA ASN C 295 41.80 -25.45 -4.61
C ASN C 295 41.16 -25.56 -5.98
N PRO C 296 40.08 -26.37 -6.11
CA PRO C 296 39.56 -26.72 -7.46
C PRO C 296 38.46 -25.87 -8.06
N THR C 297 38.16 -24.72 -7.53
CA THR C 297 37.09 -23.89 -8.09
C THR C 297 37.67 -22.57 -8.62
N VAL C 298 36.87 -21.80 -9.34
CA VAL C 298 37.29 -20.47 -9.76
C VAL C 298 37.46 -19.58 -8.51
N ASN C 299 36.50 -19.64 -7.62
CA ASN C 299 36.46 -18.83 -6.41
C ASN C 299 37.61 -19.12 -5.45
N SER C 300 38.19 -20.36 -5.49
CA SER C 300 39.36 -20.67 -4.66
C SER C 300 40.49 -19.66 -4.85
N TYR C 301 40.65 -19.09 -6.06
CA TYR C 301 41.73 -18.14 -6.40
C TYR C 301 41.35 -16.69 -6.13
N LYS C 302 40.26 -16.47 -5.40
CA LYS C 302 39.91 -15.16 -4.87
C LYS C 302 40.36 -15.11 -3.40
N ARG C 303 40.67 -16.28 -2.79
CA ARG C 303 41.31 -16.39 -1.47
C ARG C 303 42.84 -16.68 -1.73
N LEU C 304 43.12 -17.69 -2.57
CA LEU C 304 44.48 -18.06 -2.92
C LEU C 304 44.89 -17.17 -4.07
N VAL C 305 45.14 -15.89 -3.76
CA VAL C 305 45.35 -14.92 -4.83
C VAL C 305 46.78 -14.36 -4.80
N PRO C 306 47.65 -14.80 -5.76
CA PRO C 306 49.02 -14.26 -5.81
C PRO C 306 49.07 -12.75 -5.84
N GLY C 307 50.07 -12.19 -5.16
CA GLY C 307 50.25 -10.75 -5.08
C GLY C 307 49.63 -10.15 -3.84
N TYR C 308 48.92 -10.96 -3.05
CA TYR C 308 48.24 -10.46 -1.85
C TYR C 308 48.57 -11.32 -0.64
N GLU C 309 48.02 -10.98 0.53
CA GLU C 309 48.24 -11.74 1.76
C GLU C 309 47.43 -13.04 1.70
N ALA C 310 48.06 -14.12 1.22
CA ALA C 310 47.40 -15.40 1.05
C ALA C 310 48.44 -16.54 1.15
N PRO C 311 48.02 -17.82 1.33
CA PRO C 311 49.01 -18.92 1.40
C PRO C 311 49.47 -19.33 0.01
N VAL C 312 50.09 -18.39 -0.71
CA VAL C 312 50.50 -18.52 -2.13
C VAL C 312 52.00 -18.66 -2.32
N ASN C 313 52.80 -18.20 -1.34
CA ASN C 313 54.26 -18.18 -1.46
C ASN C 313 54.80 -19.56 -1.17
N ILE C 314 55.47 -20.13 -2.15
CA ILE C 314 56.01 -21.49 -2.06
C ILE C 314 57.31 -21.48 -1.24
N ALA C 315 57.14 -21.63 0.06
CA ALA C 315 58.20 -21.66 1.04
C ALA C 315 57.65 -22.29 2.34
N TRP C 316 58.53 -22.69 3.29
CA TRP C 316 58.08 -23.18 4.58
C TRP C 316 58.70 -22.30 5.69
N ALA C 317 58.06 -22.28 6.86
CA ALA C 317 58.51 -21.48 7.97
C ALA C 317 57.97 -22.05 9.29
N ASN C 318 58.62 -21.70 10.41
CA ASN C 318 58.23 -22.12 11.76
C ASN C 318 57.33 -21.06 12.42
N SER C 319 56.14 -21.44 12.92
CA SER C 319 55.22 -20.51 13.62
C SER C 319 54.98 -19.18 12.86
N ASN C 320 54.94 -19.26 11.53
CA ASN C 320 54.86 -18.10 10.65
C ASN C 320 53.72 -18.39 9.66
N ARG C 321 52.69 -17.56 9.67
CA ARG C 321 51.52 -17.82 8.84
C ARG C 321 51.57 -17.11 7.47
N SER C 322 52.76 -16.70 7.02
CA SER C 322 52.88 -16.02 5.73
C SER C 322 53.43 -16.92 4.61
N ALA C 323 53.72 -18.20 4.90
CA ALA C 323 54.22 -19.18 3.93
C ALA C 323 53.13 -20.24 3.57
N ILE C 324 53.34 -21.01 2.48
CA ILE C 324 52.36 -22.05 2.10
C ILE C 324 52.39 -23.23 3.10
N ILE C 325 53.53 -23.45 3.78
CA ILE C 325 53.70 -24.43 4.86
C ILE C 325 54.15 -23.73 6.14
N ARG C 326 53.42 -23.96 7.26
CA ARG C 326 53.83 -23.52 8.60
C ARG C 326 54.10 -24.78 9.41
N VAL C 327 55.15 -24.78 10.23
CA VAL C 327 55.45 -25.94 11.09
C VAL C 327 55.07 -25.46 12.49
N PRO C 328 53.94 -25.92 13.08
CA PRO C 328 53.56 -25.41 14.41
C PRO C 328 54.63 -25.66 15.47
N ALA C 329 54.63 -24.84 16.52
CA ALA C 329 55.63 -24.94 17.58
C ALA C 329 55.61 -26.31 18.28
N ALA C 330 54.45 -26.99 18.32
CA ALA C 330 54.34 -28.27 19.00
C ALA C 330 55.35 -29.31 18.48
N ARG C 331 55.92 -30.13 19.39
CA ARG C 331 56.88 -31.17 19.02
C ARG C 331 56.48 -32.50 19.62
N GLY C 332 57.35 -33.49 19.53
CA GLY C 332 57.01 -34.84 19.95
C GLY C 332 55.98 -35.41 19.01
N LYS C 333 54.97 -36.10 19.52
CA LYS C 333 53.94 -36.68 18.66
C LYS C 333 53.14 -35.58 17.91
N GLY C 334 53.21 -34.34 18.37
CA GLY C 334 52.55 -33.21 17.74
C GLY C 334 53.36 -32.55 16.63
N THR C 335 54.50 -33.15 16.29
CA THR C 335 55.36 -32.62 15.21
C THR C 335 54.67 -32.90 13.88
N ARG C 336 54.35 -31.86 13.11
CA ARG C 336 53.67 -32.05 11.82
C ARG C 336 53.85 -30.80 10.97
N ILE C 337 53.37 -30.85 9.72
CA ILE C 337 53.51 -29.69 8.78
C ILE C 337 52.10 -29.25 8.34
N GLU C 338 51.85 -27.94 8.42
CA GLU C 338 50.57 -27.40 8.03
C GLU C 338 50.67 -26.92 6.60
N PHE C 339 49.98 -27.58 5.65
CA PHE C 339 49.86 -27.10 4.28
C PHE C 339 48.67 -26.18 4.29
N ARG C 340 48.93 -24.86 4.18
CA ARG C 340 47.91 -23.83 4.33
C ARG C 340 47.05 -23.52 3.06
N ALA C 341 47.51 -23.88 1.87
CA ALA C 341 46.78 -23.55 0.65
C ALA C 341 45.34 -24.13 0.55
N PRO C 342 45.05 -25.38 0.96
CA PRO C 342 43.72 -25.95 0.66
C PRO C 342 42.53 -25.17 1.18
N ASP C 343 41.38 -25.36 0.53
CA ASP C 343 40.14 -24.72 0.99
C ASP C 343 39.07 -25.82 1.05
N PRO C 344 37.94 -25.60 1.76
CA PRO C 344 36.99 -26.70 1.92
C PRO C 344 36.18 -27.08 0.66
N SER C 345 36.44 -26.48 -0.52
CA SER C 345 35.77 -26.88 -1.76
C SER C 345 36.49 -28.14 -2.41
N CYS C 346 37.62 -28.58 -1.87
CA CYS C 346 38.33 -29.73 -2.43
C CYS C 346 37.68 -31.07 -2.09
N ASN C 347 37.98 -32.11 -2.89
CA ASN C 347 37.54 -33.46 -2.62
C ASN C 347 38.63 -33.99 -1.68
N PRO C 348 38.35 -34.15 -0.36
CA PRO C 348 39.42 -34.55 0.57
C PRO C 348 40.14 -35.82 0.15
N TYR C 349 39.42 -36.79 -0.46
CA TYR C 349 40.08 -38.04 -0.88
C TYR C 349 41.15 -37.75 -1.92
N LEU C 350 40.89 -36.83 -2.85
CA LEU C 350 41.84 -36.49 -3.89
C LEU C 350 42.91 -35.56 -3.32
N ALA C 351 42.53 -34.59 -2.47
CA ALA C 351 43.48 -33.67 -1.83
C ALA C 351 44.53 -34.45 -1.03
N PHE C 352 44.10 -35.45 -0.21
CA PHE C 352 45.02 -36.21 0.61
C PHE C 352 45.91 -37.12 -0.26
N THR C 353 45.38 -37.62 -1.36
CA THR C 353 46.15 -38.46 -2.28
C THR C 353 47.31 -37.68 -2.87
N VAL C 354 47.06 -36.46 -3.38
CA VAL C 354 48.12 -35.69 -4.05
C VAL C 354 49.14 -35.15 -3.07
N MET C 355 48.73 -34.78 -1.86
CA MET C 355 49.67 -34.29 -0.86
C MET C 355 50.56 -35.44 -0.43
N LEU C 356 50.00 -36.64 -0.21
CA LEU C 356 50.86 -37.79 0.17
C LEU C 356 51.80 -38.17 -0.96
N ALA C 357 51.28 -38.24 -2.21
CA ALA C 357 52.09 -38.59 -3.38
C ALA C 357 53.26 -37.61 -3.56
N ALA C 358 53.00 -36.31 -3.36
CA ALA C 358 54.03 -35.29 -3.51
C ALA C 358 55.06 -35.36 -2.37
N GLY C 359 54.59 -35.55 -1.13
CA GLY C 359 55.48 -35.67 0.00
C GLY C 359 56.36 -36.90 -0.10
N LEU C 360 55.78 -38.03 -0.56
CA LEU C 360 56.55 -39.24 -0.71
C LEU C 360 57.49 -39.15 -1.89
N ASP C 361 57.22 -38.30 -2.90
CA ASP C 361 58.19 -38.11 -3.99
C ASP C 361 59.46 -37.46 -3.37
N GLY C 362 59.24 -36.56 -2.40
CA GLY C 362 60.34 -35.97 -1.67
C GLY C 362 61.09 -36.99 -0.83
N VAL C 363 60.34 -37.84 -0.07
CA VAL C 363 60.94 -38.87 0.80
C VAL C 363 61.72 -39.89 -0.03
N LYS C 364 61.09 -40.46 -1.05
CA LYS C 364 61.71 -41.47 -1.91
C LYS C 364 62.98 -40.98 -2.55
N ASN C 365 63.03 -39.71 -2.98
CA ASN C 365 64.21 -39.17 -3.64
C ASN C 365 65.10 -38.36 -2.71
N LYS C 366 64.79 -38.33 -1.40
CA LYS C 366 65.56 -37.59 -0.40
C LYS C 366 65.84 -36.15 -0.85
N LEU C 367 64.79 -35.42 -1.27
CA LEU C 367 64.95 -34.05 -1.76
C LEU C 367 65.33 -33.11 -0.66
N ASP C 368 66.11 -32.11 -1.00
CA ASP C 368 66.59 -31.13 -0.04
C ASP C 368 65.57 -30.02 0.10
N ALA C 369 65.12 -29.76 1.31
CA ALA C 369 64.21 -28.68 1.57
C ALA C 369 65.00 -27.36 1.58
N PRO C 370 64.42 -26.26 1.08
CA PRO C 370 65.12 -24.96 1.18
C PRO C 370 65.19 -24.52 2.63
N GLU C 371 65.86 -23.41 2.90
CA GLU C 371 65.92 -22.91 4.27
C GLU C 371 64.53 -22.38 4.64
N PRO C 372 64.16 -22.42 5.92
CA PRO C 372 62.88 -21.81 6.30
C PRO C 372 62.95 -20.29 6.10
N VAL C 373 61.78 -19.63 5.92
CA VAL C 373 61.76 -18.18 5.79
C VAL C 373 61.18 -17.60 7.06
N GLU C 374 62.02 -17.06 7.95
CA GLU C 374 61.54 -16.58 9.23
C GLU C 374 60.95 -15.15 9.19
N ARG C 375 61.06 -14.47 8.05
CA ARG C 375 60.47 -13.16 7.82
C ARG C 375 58.96 -13.23 7.45
N ASN C 376 58.27 -12.09 7.53
CA ASN C 376 56.89 -11.98 7.07
C ASN C 376 57.01 -11.85 5.55
N ILE C 377 56.67 -12.91 4.81
CA ILE C 377 56.80 -12.90 3.36
C ILE C 377 55.91 -11.81 2.72
N PHE C 378 54.78 -11.46 3.35
CA PHE C 378 53.90 -10.41 2.80
C PHE C 378 54.55 -9.04 2.87
N ALA C 379 55.62 -8.87 3.68
CA ALA C 379 56.35 -7.60 3.79
C ALA C 379 57.50 -7.50 2.77
N MET C 380 57.77 -8.56 2.00
CA MET C 380 58.86 -8.56 1.02
C MET C 380 58.40 -8.02 -0.30
N SER C 381 59.32 -7.41 -1.06
CA SER C 381 59.03 -6.92 -2.41
C SER C 381 59.12 -8.11 -3.38
N GLU C 382 58.52 -7.98 -4.59
CA GLU C 382 58.56 -9.03 -5.59
C GLU C 382 60.02 -9.38 -5.97
N ALA C 383 60.88 -8.37 -6.15
CA ALA C 383 62.27 -8.63 -6.51
C ALA C 383 63.02 -9.33 -5.37
N GLU C 384 62.66 -9.00 -4.12
CA GLU C 384 63.29 -9.61 -2.95
C GLU C 384 62.90 -11.11 -2.85
N LYS C 385 61.67 -11.44 -3.23
CA LYS C 385 61.20 -12.82 -3.27
C LYS C 385 61.81 -13.57 -4.46
N LYS C 386 61.98 -12.87 -5.60
CA LYS C 386 62.60 -13.42 -6.80
C LYS C 386 64.04 -13.83 -6.48
N GLU C 387 64.78 -12.95 -5.78
CA GLU C 387 66.15 -13.23 -5.39
C GLU C 387 66.22 -14.41 -4.43
N LEU C 388 65.30 -14.48 -3.46
CA LEU C 388 65.26 -15.59 -2.52
C LEU C 388 64.70 -16.91 -3.13
N GLY C 389 64.20 -16.87 -4.36
CA GLY C 389 63.63 -18.04 -5.01
C GLY C 389 62.24 -18.40 -4.49
N ILE C 390 61.50 -17.44 -3.91
CA ILE C 390 60.16 -17.72 -3.41
C ILE C 390 59.16 -17.52 -4.54
N GLU C 391 58.66 -18.62 -5.11
CA GLU C 391 57.69 -18.54 -6.20
C GLU C 391 56.26 -18.57 -5.67
N SER C 392 55.28 -18.26 -6.52
CA SER C 392 53.88 -18.31 -6.15
C SER C 392 53.18 -19.46 -6.86
N VAL C 393 52.09 -19.92 -6.26
CA VAL C 393 51.21 -20.92 -6.86
C VAL C 393 50.49 -20.26 -8.06
N PRO C 394 49.94 -21.06 -9.00
CA PRO C 394 49.18 -20.44 -10.11
C PRO C 394 48.10 -19.47 -9.64
N ALA C 395 47.80 -18.45 -10.47
CA ALA C 395 46.89 -17.36 -10.10
C ALA C 395 45.41 -17.61 -10.35
N ASN C 396 45.06 -18.71 -11.04
CA ASN C 396 43.64 -19.00 -11.34
C ASN C 396 43.45 -20.47 -11.63
N LEU C 397 42.19 -20.94 -11.69
CA LEU C 397 41.91 -22.36 -11.86
C LEU C 397 42.55 -22.93 -13.12
N LYS C 398 42.43 -22.23 -14.26
CA LYS C 398 42.98 -22.72 -15.49
C LYS C 398 44.49 -22.86 -15.42
N ALA C 399 45.20 -21.87 -14.82
CA ALA C 399 46.66 -21.94 -14.69
C ALA C 399 47.05 -23.13 -13.80
N ALA C 400 46.22 -23.45 -12.78
CA ALA C 400 46.46 -24.62 -11.93
C ALA C 400 46.20 -25.93 -12.69
N LEU C 401 45.13 -26.02 -13.51
CA LEU C 401 44.86 -27.21 -14.32
C LEU C 401 46.02 -27.49 -15.27
N ASP C 402 46.61 -26.43 -15.86
CA ASP C 402 47.74 -26.58 -16.77
C ASP C 402 48.96 -27.11 -16.03
N GLU C 403 49.15 -26.72 -14.76
CA GLU C 403 50.25 -27.27 -13.97
C GLU C 403 50.00 -28.74 -13.69
N LEU C 404 48.76 -29.10 -13.31
CA LEU C 404 48.42 -30.49 -13.01
C LEU C 404 48.60 -31.39 -14.26
N GLU C 405 48.21 -30.90 -15.42
CA GLU C 405 48.31 -31.62 -16.68
C GLU C 405 49.77 -32.01 -16.97
N ASN C 406 50.74 -31.20 -16.51
CA ASN C 406 52.16 -31.46 -16.70
C ASN C 406 52.88 -32.05 -15.46
N ASN C 407 52.13 -32.66 -14.52
CA ASN C 407 52.74 -33.27 -13.36
C ASN C 407 52.52 -34.78 -13.39
N ASP C 408 53.57 -35.53 -13.67
CA ASP C 408 53.49 -36.99 -13.77
C ASP C 408 53.26 -37.68 -12.41
N VAL C 409 53.78 -37.09 -11.32
CA VAL C 409 53.59 -37.65 -9.99
C VAL C 409 52.10 -37.61 -9.60
N LEU C 410 51.46 -36.46 -9.80
CA LEU C 410 50.05 -36.35 -9.42
C LEU C 410 49.14 -37.11 -10.41
N LYS C 411 49.46 -37.15 -11.71
CA LYS C 411 48.69 -37.93 -12.69
C LYS C 411 48.72 -39.41 -12.31
N ASN C 412 49.87 -39.93 -11.89
CA ASN C 412 50.00 -41.33 -11.53
C ASN C 412 49.28 -41.67 -10.24
N ALA C 413 49.31 -40.77 -9.25
CA ALA C 413 48.61 -40.99 -8.00
C ALA C 413 47.10 -41.07 -8.24
N LEU C 414 46.51 -40.09 -9.01
CA LEU C 414 45.07 -40.01 -9.26
C LEU C 414 44.63 -41.10 -10.23
N GLY C 415 45.47 -41.46 -11.20
CA GLY C 415 45.13 -42.43 -12.21
C GLY C 415 44.45 -41.76 -13.39
N LYS C 416 44.49 -42.38 -14.57
CA LYS C 416 43.96 -41.84 -15.82
C LYS C 416 42.51 -41.35 -15.72
N HIS C 417 41.59 -42.20 -15.23
CA HIS C 417 40.17 -41.86 -15.19
C HIS C 417 39.88 -40.60 -14.37
N ILE C 418 40.27 -40.54 -13.09
CA ILE C 418 40.04 -39.36 -12.25
C ILE C 418 40.75 -38.15 -12.84
N PHE C 419 42.02 -38.31 -13.21
CA PHE C 419 42.80 -37.22 -13.76
C PHE C 419 42.15 -36.58 -15.02
N GLU C 420 41.81 -37.40 -16.01
CA GLU C 420 41.20 -36.88 -17.24
C GLU C 420 39.79 -36.36 -17.05
N SER C 421 39.00 -37.00 -16.17
CA SER C 421 37.63 -36.52 -15.90
C SER C 421 37.67 -35.19 -15.16
N PHE C 422 38.55 -35.06 -14.19
CA PHE C 422 38.71 -33.83 -13.44
C PHE C 422 39.10 -32.69 -14.38
N LEU C 423 40.10 -32.91 -15.24
CA LEU C 423 40.55 -31.86 -16.16
C LEU C 423 39.45 -31.48 -17.13
N GLU C 424 38.68 -32.45 -17.61
CA GLU C 424 37.58 -32.18 -18.52
C GLU C 424 36.47 -31.38 -17.83
N ILE C 425 36.04 -31.82 -16.64
CA ILE C 425 34.99 -31.13 -15.89
C ILE C 425 35.43 -29.71 -15.54
N LYS C 426 36.65 -29.54 -15.06
CA LYS C 426 37.14 -28.25 -14.63
C LYS C 426 37.42 -27.33 -15.81
N ASN C 427 37.77 -27.87 -16.98
CA ASN C 427 37.97 -27.01 -18.13
C ASN C 427 36.63 -26.48 -18.59
N ALA C 428 35.54 -27.27 -18.50
CA ALA C 428 34.22 -26.79 -18.85
C ALA C 428 33.72 -25.75 -17.83
N GLU C 429 34.08 -25.94 -16.56
CA GLU C 429 33.72 -25.02 -15.49
C GLU C 429 34.44 -23.68 -15.74
N TRP C 430 35.74 -23.73 -16.09
CA TRP C 430 36.51 -22.54 -16.42
C TRP C 430 35.89 -21.82 -17.65
N ASP C 431 35.53 -22.58 -18.71
CA ASP C 431 34.92 -22.02 -19.92
C ASP C 431 33.59 -21.31 -19.61
N SER C 432 32.83 -21.87 -18.67
CA SER C 432 31.56 -21.28 -18.26
C SER C 432 31.81 -19.93 -17.60
N PHE C 433 32.78 -19.87 -16.70
CA PHE C 433 33.12 -18.66 -16.00
C PHE C 433 33.70 -17.61 -16.99
N ARG C 434 34.65 -17.99 -17.83
CA ARG C 434 35.33 -17.04 -18.69
C ARG C 434 34.46 -16.48 -19.82
N THR C 435 33.33 -17.14 -20.14
CA THR C 435 32.42 -16.63 -21.18
C THR C 435 31.31 -15.80 -20.57
N SER C 436 31.09 -15.86 -19.26
CA SER C 436 30.02 -15.11 -18.62
C SER C 436 30.34 -13.62 -18.53
N VAL C 437 29.32 -12.79 -18.45
CA VAL C 437 29.49 -11.35 -18.23
C VAL C 437 29.20 -11.12 -16.76
N THR C 438 30.23 -10.78 -16.00
CA THR C 438 30.09 -10.59 -14.56
C THR C 438 29.58 -9.20 -14.15
N ASP C 439 29.11 -9.07 -12.91
CA ASP C 439 28.64 -7.80 -12.37
C ASP C 439 29.80 -6.82 -12.30
N TRP C 440 31.05 -7.28 -12.00
CA TRP C 440 32.21 -6.42 -11.93
C TRP C 440 32.36 -5.66 -13.27
N GLU C 441 32.19 -6.40 -14.40
CA GLU C 441 32.32 -5.86 -15.74
C GLU C 441 31.22 -4.87 -16.07
N THR C 442 29.97 -5.17 -15.67
CA THR C 442 28.85 -4.24 -15.89
C THR C 442 29.11 -2.93 -15.12
N THR C 443 29.58 -3.03 -13.88
CA THR C 443 29.88 -1.84 -13.07
C THR C 443 31.03 -1.07 -13.68
N ALA C 444 32.06 -1.78 -14.15
CA ALA C 444 33.24 -1.13 -14.71
C ALA C 444 33.03 -0.51 -16.07
N TYR C 445 32.29 -1.18 -16.96
CA TYR C 445 32.28 -0.82 -18.36
C TYR C 445 30.97 -0.36 -18.96
N LEU C 446 29.81 -0.47 -18.28
CA LEU C 446 28.57 -0.06 -18.95
C LEU C 446 28.60 1.42 -19.39
N LYS C 447 29.32 2.25 -18.62
CA LYS C 447 29.42 3.67 -18.90
C LYS C 447 30.24 4.04 -20.13
N ILE C 448 31.00 3.10 -20.73
CA ILE C 448 31.85 3.48 -21.86
C ILE C 448 31.06 3.64 -23.20
N SER D 2 31.45 54.38 -10.95
CA SER D 2 30.38 55.19 -11.59
C SER D 2 29.94 56.30 -10.63
N THR D 3 29.27 57.33 -11.16
CA THR D 3 28.79 58.47 -10.34
C THR D 3 27.29 58.27 -10.04
N VAL D 4 26.69 59.10 -9.18
CA VAL D 4 25.27 58.93 -8.88
C VAL D 4 24.46 59.13 -10.17
N GLU D 5 24.82 60.14 -10.98
CA GLU D 5 24.09 60.43 -12.21
C GLU D 5 24.11 59.28 -13.19
N GLN D 6 25.22 58.55 -13.28
CA GLN D 6 25.31 57.41 -14.19
C GLN D 6 24.38 56.29 -13.72
N VAL D 7 24.40 56.02 -12.40
CA VAL D 7 23.55 54.99 -11.79
C VAL D 7 22.09 55.33 -12.03
N LEU D 8 21.72 56.58 -11.70
CA LEU D 8 20.34 57.07 -11.86
C LEU D 8 19.91 57.04 -13.31
N GLU D 9 20.82 57.36 -14.24
CA GLU D 9 20.49 57.34 -15.64
C GLU D 9 20.21 55.91 -16.08
N TYR D 10 21.06 54.93 -15.69
CA TYR D 10 20.83 53.53 -16.06
C TYR D 10 19.47 53.07 -15.53
N VAL D 11 19.20 53.36 -14.24
CA VAL D 11 17.91 53.04 -13.62
C VAL D 11 16.75 53.69 -14.40
N LYS D 12 16.90 54.99 -14.67
CA LYS D 12 15.88 55.76 -15.39
C LYS D 12 15.52 55.16 -16.75
N SER D 13 16.49 54.65 -17.50
CA SER D 13 16.23 54.15 -18.86
C SER D 13 16.05 52.63 -19.00
N ASN D 14 16.46 51.84 -18.00
CA ASN D 14 16.33 50.38 -18.09
C ASN D 14 15.27 49.82 -17.17
N ASN D 15 14.35 50.67 -16.69
CA ASN D 15 13.22 50.26 -15.86
C ASN D 15 13.65 49.43 -14.62
N VAL D 16 14.69 49.88 -13.89
CA VAL D 16 15.10 49.17 -12.69
C VAL D 16 14.09 49.55 -11.58
N LYS D 17 13.52 48.54 -10.91
CA LYS D 17 12.49 48.75 -9.90
C LYS D 17 12.96 48.60 -8.46
N PHE D 18 13.93 47.73 -8.19
CA PHE D 18 14.41 47.50 -6.83
C PHE D 18 15.88 47.69 -6.76
N MET D 19 16.39 48.25 -5.65
CA MET D 19 17.83 48.41 -5.42
C MET D 19 18.20 47.65 -4.14
N ARG D 20 18.99 46.58 -4.27
CA ARG D 20 19.49 45.87 -3.11
C ARG D 20 20.69 46.65 -2.54
N PHE D 21 20.67 47.00 -1.25
CA PHE D 21 21.87 47.57 -0.59
C PHE D 21 22.55 46.41 0.10
N GLN D 22 23.67 45.93 -0.43
CA GLN D 22 24.29 44.71 0.08
C GLN D 22 25.61 44.90 0.82
N PHE D 23 25.84 44.00 1.79
CA PHE D 23 27.06 43.97 2.59
C PHE D 23 27.31 42.52 3.10
N VAL D 24 28.31 42.29 3.95
CA VAL D 24 28.57 40.93 4.47
C VAL D 24 28.72 41.04 5.97
N ASP D 25 28.41 39.95 6.67
CA ASP D 25 28.66 39.88 8.10
C ASP D 25 30.12 39.45 8.31
N ILE D 26 30.56 39.26 9.57
CA ILE D 26 31.97 38.88 9.84
C ILE D 26 32.37 37.54 9.15
N LEU D 27 31.42 36.61 8.98
CA LEU D 27 31.71 35.33 8.36
C LEU D 27 31.62 35.32 6.82
N GLY D 28 31.33 36.48 6.22
CA GLY D 28 31.28 36.61 4.77
C GLY D 28 29.94 36.22 4.19
N VAL D 29 28.92 36.08 5.04
CA VAL D 29 27.57 35.78 4.56
C VAL D 29 26.98 37.10 4.03
N PRO D 30 26.51 37.13 2.77
CA PRO D 30 25.95 38.39 2.24
C PRO D 30 24.62 38.71 2.90
N LYS D 31 24.36 40.02 3.05
CA LYS D 31 23.14 40.55 3.65
C LYS D 31 22.64 41.69 2.77
N ASN D 32 21.34 41.90 2.71
CA ASN D 32 20.79 43.01 1.94
C ASN D 32 19.39 43.39 2.36
N VAL D 33 19.05 44.64 2.06
CA VAL D 33 17.70 45.17 2.21
C VAL D 33 17.33 45.71 0.80
N ALA D 34 16.07 45.56 0.38
CA ALA D 34 15.63 46.02 -0.94
C ALA D 34 14.90 47.36 -0.82
N PHE D 35 15.29 48.32 -1.66
CA PHE D 35 14.65 49.63 -1.70
C PHE D 35 13.81 49.69 -2.98
N PRO D 36 12.48 49.96 -2.91
CA PRO D 36 11.70 50.03 -4.15
C PRO D 36 11.80 51.41 -4.76
N ILE D 37 12.16 51.50 -6.02
CA ILE D 37 12.30 52.79 -6.72
C ILE D 37 10.93 53.25 -7.28
N LYS D 38 10.48 54.45 -6.91
CA LYS D 38 9.18 54.94 -7.40
C LYS D 38 9.31 55.54 -8.81
N ALA D 39 8.18 55.69 -9.48
CA ALA D 39 8.13 56.26 -10.83
C ALA D 39 8.39 57.75 -10.82
N GLY D 40 8.89 58.26 -11.94
CA GLY D 40 9.08 59.68 -12.17
C GLY D 40 10.29 60.28 -11.53
N GLU D 41 10.38 61.61 -11.63
CA GLU D 41 11.48 62.40 -11.07
C GLU D 41 11.47 62.32 -9.57
N LYS D 42 10.29 62.27 -8.95
CA LYS D 42 10.18 62.15 -7.50
C LYS D 42 10.87 60.85 -7.02
N GLY D 43 10.63 59.74 -7.72
CA GLY D 43 11.26 58.48 -7.40
C GLY D 43 12.76 58.51 -7.57
N ILE D 44 13.24 59.20 -8.62
CA ILE D 44 14.68 59.30 -8.91
C ILE D 44 15.38 60.17 -7.86
N GLU D 45 14.73 61.21 -7.38
CA GLU D 45 15.30 62.07 -6.35
C GLU D 45 15.31 61.36 -5.00
N GLU D 46 14.30 60.53 -4.72
CA GLU D 46 14.30 59.74 -3.49
C GLU D 46 15.44 58.72 -3.54
N LEU D 47 15.69 58.11 -4.72
CA LEU D 47 16.79 57.16 -4.89
C LEU D 47 18.14 57.87 -4.81
N ARG D 48 18.23 59.09 -5.31
CA ARG D 48 19.47 59.86 -5.23
C ARG D 48 19.83 60.08 -3.76
N ASP D 49 18.85 60.44 -2.93
CA ASP D 49 19.07 60.68 -1.52
C ASP D 49 19.60 59.43 -0.82
N VAL D 50 19.00 58.27 -1.07
CA VAL D 50 19.43 57.02 -0.47
C VAL D 50 20.82 56.57 -1.00
N LEU D 51 21.10 56.77 -2.28
CA LEU D 51 22.41 56.40 -2.83
C LEU D 51 23.53 57.28 -2.28
N GLU D 52 23.24 58.54 -2.01
CA GLU D 52 24.24 59.46 -1.50
C GLU D 52 24.39 59.34 0.02
N ASN D 53 23.25 59.35 0.75
CA ASN D 53 23.25 59.37 2.20
C ASN D 53 23.17 58.00 2.89
N GLY D 54 22.81 56.95 2.15
CA GLY D 54 22.74 55.61 2.70
C GLY D 54 21.45 55.37 3.47
N LEU D 55 21.42 54.24 4.20
CA LEU D 55 20.24 53.91 5.00
C LEU D 55 20.62 53.18 6.29
N TYR D 56 19.70 53.15 7.25
CA TYR D 56 19.96 52.57 8.56
C TYR D 56 19.56 51.14 8.65
N PHE D 57 20.16 50.40 9.58
CA PHE D 57 19.76 49.02 9.84
C PHE D 57 20.17 48.66 11.27
N ASP D 58 19.71 47.52 11.76
CA ASP D 58 20.02 47.06 13.11
C ASP D 58 21.31 46.21 13.07
N GLY D 59 22.40 46.78 13.53
CA GLY D 59 23.67 46.09 13.55
C GLY D 59 23.77 45.01 14.59
N SER D 60 22.84 44.97 15.58
CA SER D 60 22.84 43.88 16.55
C SER D 60 22.24 42.60 15.97
N SER D 61 21.60 42.64 14.79
CA SER D 61 21.03 41.44 14.16
C SER D 61 22.01 40.89 13.09
N ILE D 62 23.24 41.46 12.99
CA ILE D 62 24.27 41.00 12.06
C ILE D 62 25.43 40.44 12.86
N GLU D 63 25.86 39.23 12.51
CA GLU D 63 26.93 38.55 13.23
C GLU D 63 28.30 39.31 13.12
N GLY D 64 28.93 39.51 14.29
CA GLY D 64 30.21 40.18 14.41
C GLY D 64 30.12 41.69 14.42
N PHE D 65 28.89 42.26 14.42
CA PHE D 65 28.77 43.71 14.39
C PHE D 65 28.67 44.32 15.81
N VAL D 66 27.52 44.84 16.23
CA VAL D 66 27.43 45.55 17.49
C VAL D 66 26.37 44.93 18.42
N GLY D 67 26.34 45.39 19.66
CA GLY D 67 25.43 44.93 20.68
C GLY D 67 24.11 45.66 20.60
N ILE D 68 23.10 45.15 21.29
CA ILE D 68 21.73 45.66 21.25
C ILE D 68 21.58 47.11 21.72
N ASN D 69 22.39 47.55 22.69
CA ASN D 69 22.29 48.91 23.24
C ASN D 69 23.00 50.03 22.42
N GLU D 70 23.65 49.68 21.33
CA GLU D 70 24.35 50.62 20.45
C GLU D 70 24.15 50.11 19.02
N SER D 71 22.91 49.70 18.70
CA SER D 71 22.63 48.91 17.49
C SER D 71 22.36 49.68 16.18
N ASP D 72 21.99 50.97 16.20
CA ASP D 72 21.71 51.69 14.96
C ASP D 72 22.98 51.80 14.12
N MET D 73 22.94 51.38 12.86
CA MET D 73 24.11 51.48 11.98
C MET D 73 23.67 51.95 10.60
N MET D 74 24.64 52.30 9.71
CA MET D 74 24.34 52.78 8.38
C MET D 74 25.09 52.04 7.27
N LEU D 75 24.53 52.08 6.06
CA LEU D 75 25.13 51.49 4.87
C LEU D 75 25.41 52.61 3.89
N LYS D 76 26.66 52.72 3.45
CA LYS D 76 27.04 53.74 2.49
C LYS D 76 27.38 53.06 1.19
N PRO D 77 26.51 53.22 0.18
CA PRO D 77 26.78 52.56 -1.12
C PRO D 77 28.09 52.95 -1.77
N ASP D 78 28.79 51.94 -2.34
CA ASP D 78 29.98 52.14 -3.18
C ASP D 78 29.42 52.05 -4.59
N LEU D 79 29.23 53.19 -5.29
CA LEU D 79 28.51 53.20 -6.58
C LEU D 79 29.22 52.51 -7.73
N SER D 80 30.50 52.16 -7.57
CA SER D 80 31.23 51.46 -8.64
C SER D 80 30.85 49.97 -8.67
N THR D 81 30.00 49.52 -7.72
CA THR D 81 29.61 48.13 -7.61
C THR D 81 28.19 47.86 -8.21
N PHE D 82 27.48 48.90 -8.70
CA PHE D 82 26.15 48.74 -9.32
C PHE D 82 26.10 47.57 -10.33
N SER D 83 25.12 46.68 -10.15
CA SER D 83 24.94 45.51 -11.05
C SER D 83 23.45 45.14 -11.10
N VAL D 84 22.96 44.72 -12.27
CA VAL D 84 21.56 44.22 -12.37
C VAL D 84 21.64 42.71 -12.06
N LEU D 85 20.71 42.19 -11.25
CA LEU D 85 20.73 40.75 -10.89
C LEU D 85 20.13 39.94 -12.04
N PRO D 86 20.92 39.06 -12.71
CA PRO D 86 20.44 38.25 -13.83
C PRO D 86 19.33 37.25 -13.48
N TRP D 87 19.40 36.62 -12.30
CA TRP D 87 18.39 35.64 -11.84
C TRP D 87 17.01 36.29 -11.64
N ARG D 88 16.98 37.58 -11.25
CA ARG D 88 15.72 38.33 -11.05
C ARG D 88 15.08 38.71 -12.39
N PRO D 89 13.78 39.09 -12.43
CA PRO D 89 13.09 39.42 -13.69
C PRO D 89 13.66 40.62 -14.45
N SER D 90 13.56 40.57 -15.79
CA SER D 90 14.09 41.61 -16.71
C SER D 90 13.19 42.87 -16.71
N GLU D 91 11.87 42.70 -16.70
CA GLU D 91 10.97 43.84 -16.70
C GLU D 91 10.82 44.24 -15.25
N LYS D 92 11.09 45.51 -14.90
CA LYS D 92 11.04 45.96 -13.49
C LYS D 92 12.13 45.19 -12.75
N SER D 93 13.35 45.34 -13.27
CA SER D 93 14.52 44.60 -12.84
C SER D 93 15.03 45.01 -11.46
N VAL D 94 15.96 44.21 -10.96
CA VAL D 94 16.51 44.35 -9.64
C VAL D 94 17.98 44.63 -9.79
N ALA D 95 18.45 45.79 -9.32
CA ALA D 95 19.87 46.14 -9.31
C ALA D 95 20.42 45.98 -7.90
N ARG D 96 21.74 46.03 -7.74
CA ARG D 96 22.34 45.96 -6.43
C ARG D 96 23.37 47.00 -6.33
N VAL D 97 23.73 47.33 -5.11
CA VAL D 97 24.87 48.17 -4.85
C VAL D 97 25.51 47.60 -3.59
N ILE D 98 26.81 47.32 -3.60
CA ILE D 98 27.50 46.87 -2.40
C ILE D 98 27.85 48.13 -1.56
N CYS D 99 27.77 47.99 -0.25
CA CYS D 99 27.93 49.07 0.72
C CYS D 99 29.05 48.88 1.71
N ASP D 100 29.51 50.00 2.24
CA ASP D 100 30.45 50.03 3.36
C ASP D 100 29.63 50.31 4.62
N VAL D 101 29.95 49.66 5.74
CA VAL D 101 29.19 49.83 6.98
C VAL D 101 29.77 51.02 7.77
N TYR D 102 28.88 51.92 8.22
CA TYR D 102 29.26 53.12 8.92
C TYR D 102 28.50 53.21 10.23
N THR D 103 29.04 54.00 11.15
CA THR D 103 28.39 54.26 12.41
C THR D 103 27.41 55.40 12.16
N THR D 104 26.51 55.64 13.10
CA THR D 104 25.58 56.75 13.02
C THR D 104 26.33 58.09 12.95
N LYS D 105 27.55 58.16 13.52
CA LYS D 105 28.38 59.38 13.48
C LYS D 105 29.06 59.61 12.11
N GLY D 106 28.76 58.80 11.11
CA GLY D 106 29.33 58.97 9.79
C GLY D 106 30.76 58.49 9.67
N LYS D 107 31.17 57.53 10.53
CA LYS D 107 32.54 57.00 10.50
C LYS D 107 32.57 55.54 10.07
N PRO D 108 33.54 55.11 9.24
CA PRO D 108 33.57 53.69 8.84
C PRO D 108 33.58 52.78 10.07
N PHE D 109 32.76 51.72 10.05
CA PHE D 109 32.68 50.79 11.16
C PHE D 109 33.96 49.92 11.25
N GLU D 110 34.59 49.90 12.43
CA GLU D 110 35.80 49.12 12.70
C GLU D 110 35.60 47.61 12.52
N GLY D 111 34.37 47.14 12.66
CA GLY D 111 34.05 45.74 12.49
C GLY D 111 33.61 45.35 11.09
N ASP D 112 33.70 46.28 10.10
CA ASP D 112 33.29 46.01 8.72
C ASP D 112 34.39 45.24 7.97
N PRO D 113 34.13 43.98 7.52
CA PRO D 113 35.17 43.26 6.76
C PRO D 113 35.61 43.98 5.48
N ARG D 114 34.66 44.61 4.76
CA ARG D 114 34.97 45.30 3.50
C ARG D 114 35.89 46.49 3.75
N GLY D 115 35.56 47.33 4.73
CA GLY D 115 36.38 48.46 5.12
C GLY D 115 37.76 48.01 5.60
N CYS D 116 37.81 46.86 6.26
CA CYS D 116 39.07 46.29 6.72
C CYS D 116 40.00 46.06 5.52
N LEU D 117 39.50 45.48 4.41
CA LEU D 117 40.31 45.24 3.21
C LEU D 117 40.62 46.58 2.50
N LYS D 118 39.65 47.49 2.42
CA LYS D 118 39.90 48.80 1.81
C LYS D 118 41.08 49.49 2.49
N ARG D 119 41.09 49.48 3.83
CA ARG D 119 42.10 50.17 4.63
C ARG D 119 43.52 49.62 4.42
N VAL D 120 43.68 48.29 4.38
CA VAL D 120 45.03 47.75 4.14
C VAL D 120 45.46 48.04 2.71
N MET D 121 44.53 48.03 1.75
CA MET D 121 44.86 48.36 0.37
C MET D 121 45.21 49.83 0.24
N GLU D 122 44.51 50.72 0.94
CA GLU D 122 44.82 52.15 0.91
C GLU D 122 46.20 52.38 1.50
N GLU D 123 46.53 51.69 2.59
CA GLU D 123 47.85 51.82 3.21
C GLU D 123 48.94 51.28 2.28
N PHE D 124 48.67 50.19 1.57
CA PHE D 124 49.64 49.63 0.63
C PHE D 124 49.89 50.60 -0.54
N LYS D 125 48.84 51.25 -1.05
CA LYS D 125 49.03 52.21 -2.14
C LYS D 125 49.78 53.43 -1.63
N LYS D 126 49.48 53.89 -0.41
CA LYS D 126 50.15 55.08 0.10
C LYS D 126 51.65 54.83 0.39
N GLU D 127 51.99 53.65 0.91
CA GLU D 127 53.36 53.33 1.29
C GLU D 127 54.27 52.86 0.14
N PHE D 128 53.75 52.08 -0.81
CA PHE D 128 54.56 51.54 -1.90
C PHE D 128 54.08 51.91 -3.29
N ASN D 129 52.96 52.60 -3.39
CA ASN D 129 52.30 52.83 -4.68
C ASN D 129 51.99 51.48 -5.33
N GLY D 130 51.58 50.53 -4.50
CA GLY D 130 51.30 49.17 -4.93
C GLY D 130 49.84 48.85 -5.08
N GLU D 131 49.56 47.87 -5.92
CA GLU D 131 48.21 47.34 -6.15
C GLU D 131 48.27 45.86 -5.83
N TYR D 132 47.22 45.32 -5.22
CA TYR D 132 47.16 43.91 -4.85
C TYR D 132 46.12 43.21 -5.74
N PHE D 133 46.56 42.28 -6.58
CA PHE D 133 45.71 41.58 -7.53
C PHE D 133 45.52 40.13 -7.09
N VAL D 134 44.26 39.69 -7.06
CA VAL D 134 43.90 38.34 -6.65
C VAL D 134 42.98 37.69 -7.69
N GLY D 135 43.25 36.42 -7.99
CA GLY D 135 42.44 35.55 -8.86
C GLY D 135 42.06 34.29 -8.11
N PRO D 136 40.88 34.25 -7.47
CA PRO D 136 40.49 33.06 -6.68
C PRO D 136 39.70 32.05 -7.52
N GLU D 137 39.72 30.78 -7.12
CA GLU D 137 39.04 29.72 -7.89
C GLU D 137 38.12 28.94 -6.96
N PRO D 138 36.95 29.53 -6.61
CA PRO D 138 36.06 28.86 -5.66
C PRO D 138 35.29 27.67 -6.26
N GLU D 139 35.75 26.45 -5.97
CA GLU D 139 35.12 25.25 -6.48
C GLU D 139 33.83 24.99 -5.70
N PHE D 140 32.91 24.21 -6.29
CA PHE D 140 31.63 23.92 -5.66
C PHE D 140 31.11 22.56 -6.14
N PHE D 141 30.18 21.98 -5.37
CA PHE D 141 29.49 20.78 -5.73
C PHE D 141 28.08 21.16 -6.11
N LEU D 142 27.52 20.41 -7.07
CA LEU D 142 26.12 20.46 -7.40
C LEU D 142 25.54 19.20 -6.79
N LEU D 143 24.42 19.33 -6.07
CA LEU D 143 23.83 18.21 -5.34
C LEU D 143 22.44 17.93 -5.77
N LYS D 144 22.04 16.68 -5.58
CA LYS D 144 20.65 16.29 -5.80
C LYS D 144 20.27 15.39 -4.63
N LYS D 145 18.96 15.18 -4.42
CA LYS D 145 18.52 14.36 -3.29
C LYS D 145 18.85 12.91 -3.57
N ASP D 146 19.20 12.19 -2.52
CA ASP D 146 19.46 10.75 -2.60
C ASP D 146 18.12 10.09 -2.92
N PRO D 147 17.99 9.35 -4.06
CA PRO D 147 16.68 8.74 -4.34
C PRO D 147 16.27 7.72 -3.26
N HIS D 148 17.25 7.17 -2.52
CA HIS D 148 17.00 6.22 -1.43
C HIS D 148 16.60 6.94 -0.12
N ASN D 149 17.11 8.16 0.13
CA ASN D 149 16.68 8.94 1.28
C ASN D 149 16.54 10.41 0.89
N PRO D 150 15.30 10.94 0.81
CA PRO D 150 15.14 12.33 0.39
C PRO D 150 15.66 13.37 1.40
N HIS D 151 16.04 12.93 2.61
CA HIS D 151 16.60 13.82 3.61
C HIS D 151 18.10 14.07 3.38
N LYS D 152 18.76 13.26 2.52
CA LYS D 152 20.19 13.37 2.23
C LYS D 152 20.48 13.86 0.81
N TYR D 153 21.63 14.51 0.64
CA TYR D 153 22.09 15.01 -0.65
C TYR D 153 23.30 14.24 -1.13
N ILE D 154 23.36 13.99 -2.44
CA ILE D 154 24.48 13.28 -3.07
C ILE D 154 25.02 14.11 -4.21
N PRO D 155 26.23 13.82 -4.75
CA PRO D 155 26.71 14.56 -5.92
C PRO D 155 25.74 14.45 -7.11
N ALA D 156 25.60 15.53 -7.89
CA ALA D 156 24.64 15.58 -8.99
C ALA D 156 24.98 14.65 -10.18
N ASP D 157 26.25 14.22 -10.32
CA ASP D 157 26.64 13.29 -11.38
C ASP D 157 27.82 12.46 -10.92
N ASP D 158 28.30 11.52 -11.77
CA ASP D 158 29.44 10.69 -11.45
C ASP D 158 30.68 11.06 -12.24
N GLY D 159 30.72 12.25 -12.81
CA GLY D 159 31.85 12.67 -13.64
C GLY D 159 33.06 13.09 -12.85
N GLY D 160 34.14 13.27 -13.59
CA GLY D 160 35.43 13.64 -13.07
C GLY D 160 36.00 14.81 -13.84
N TYR D 161 37.29 15.06 -13.62
CA TYR D 161 37.98 16.21 -14.16
C TYR D 161 37.88 16.35 -15.67
N PHE D 162 37.42 17.50 -16.15
CA PHE D 162 37.34 17.79 -17.58
C PHE D 162 36.47 16.77 -18.36
N ASP D 163 35.58 16.06 -17.70
CA ASP D 163 34.75 15.09 -18.43
C ASP D 163 33.77 15.79 -19.36
N LEU D 164 33.38 15.08 -20.42
CA LEU D 164 32.36 15.51 -21.37
C LEU D 164 31.04 14.86 -20.98
N GLU D 165 29.95 15.42 -21.55
CA GLU D 165 28.60 14.88 -21.46
C GLU D 165 28.59 13.56 -22.23
N PRO D 166 27.73 12.59 -21.86
CA PRO D 166 26.73 12.65 -20.79
C PRO D 166 27.26 12.35 -19.38
N MET D 167 28.53 11.96 -19.23
CA MET D 167 29.10 11.68 -17.90
C MET D 167 29.10 12.98 -17.05
N ASP D 168 29.50 14.07 -17.68
CA ASP D 168 29.40 15.40 -17.09
C ASP D 168 27.94 15.83 -17.40
N GLU D 169 27.13 15.98 -16.38
CA GLU D 169 25.74 16.35 -16.57
C GLU D 169 25.47 17.84 -16.37
N ALA D 170 26.49 18.67 -16.24
CA ALA D 170 26.27 20.08 -15.91
C ALA D 170 26.55 21.12 -17.02
N PRO D 171 26.80 20.81 -18.32
CA PRO D 171 27.00 21.89 -19.28
C PRO D 171 25.87 22.95 -19.26
N ASP D 172 24.60 22.54 -19.13
CA ASP D 172 23.49 23.51 -19.09
C ASP D 172 23.58 24.41 -17.86
N ILE D 173 23.96 23.85 -16.70
CA ILE D 173 24.07 24.65 -15.49
C ILE D 173 25.27 25.55 -15.63
N ARG D 174 26.46 25.00 -15.98
CA ARG D 174 27.67 25.83 -16.10
C ARG D 174 27.47 26.94 -17.14
N ARG D 175 26.76 26.63 -18.24
CA ARG D 175 26.37 27.61 -19.28
C ARG D 175 25.63 28.79 -18.69
N ASP D 176 24.55 28.54 -17.94
CA ASP D 176 23.74 29.59 -17.33
C ASP D 176 24.50 30.35 -16.27
N ILE D 177 25.39 29.68 -15.54
CA ILE D 177 26.23 30.36 -14.57
C ILE D 177 27.14 31.37 -15.34
N VAL D 178 27.81 30.93 -16.40
CA VAL D 178 28.68 31.82 -17.16
C VAL D 178 27.89 33.04 -17.67
N PHE D 179 26.69 32.82 -18.24
CA PHE D 179 25.88 33.92 -18.75
C PHE D 179 25.53 34.90 -17.63
N ALA D 180 25.19 34.39 -16.45
CA ALA D 180 24.82 35.25 -15.30
C ALA D 180 26.01 36.07 -14.84
N LEU D 181 27.19 35.44 -14.73
CA LEU D 181 28.42 36.11 -14.35
C LEU D 181 28.78 37.18 -15.39
N GLU D 182 28.58 36.91 -16.67
CA GLU D 182 28.87 37.95 -17.68
C GLU D 182 27.92 39.12 -17.53
N ASN D 183 26.64 38.87 -17.28
CA ASN D 183 25.67 39.94 -17.05
C ASN D 183 26.00 40.72 -15.75
N LEU D 184 26.66 40.07 -14.79
CA LEU D 184 27.10 40.74 -13.56
C LEU D 184 28.46 41.47 -13.75
N GLY D 185 28.98 41.50 -14.97
CA GLY D 185 30.21 42.23 -15.27
C GLY D 185 31.48 41.43 -15.09
N PHE D 186 31.39 40.11 -14.81
CA PHE D 186 32.59 39.26 -14.67
C PHE D 186 33.21 39.02 -16.04
N HIS D 187 34.54 38.82 -16.08
CA HIS D 187 35.24 38.37 -17.27
C HIS D 187 35.52 36.90 -17.02
N VAL D 188 34.64 36.03 -17.47
CA VAL D 188 34.79 34.60 -17.25
C VAL D 188 35.91 34.02 -18.12
N GLU D 189 36.71 33.13 -17.56
CA GLU D 189 37.86 32.58 -18.29
C GLU D 189 37.67 31.16 -18.78
N ALA D 190 37.03 30.29 -17.97
CA ALA D 190 36.89 28.88 -18.31
C ALA D 190 35.92 28.19 -17.36
N SER D 191 35.31 27.08 -17.82
CA SER D 191 34.45 26.29 -16.94
C SER D 191 34.60 24.84 -17.28
N HIS D 192 34.54 23.99 -16.27
CA HIS D 192 34.71 22.56 -16.51
C HIS D 192 34.29 21.76 -15.29
N HIS D 193 34.09 20.46 -15.49
CA HIS D 193 33.83 19.54 -14.41
C HIS D 193 35.17 19.39 -13.63
N GLU D 194 35.10 19.32 -12.30
CA GLU D 194 36.27 19.16 -11.45
C GLU D 194 36.45 17.67 -11.07
N VAL D 195 37.44 17.37 -10.24
CA VAL D 195 37.87 16.00 -9.94
C VAL D 195 36.78 15.12 -9.37
N ALA D 196 36.02 15.60 -8.37
CA ALA D 196 35.02 14.76 -7.71
C ALA D 196 33.69 14.68 -8.45
N PRO D 197 32.89 13.62 -8.19
CA PRO D 197 31.52 13.59 -8.76
C PRO D 197 30.73 14.86 -8.40
N GLY D 198 30.02 15.44 -9.36
CA GLY D 198 29.21 16.63 -9.12
C GLY D 198 29.97 17.91 -8.81
N GLN D 199 31.32 17.87 -8.88
CA GLN D 199 32.10 19.07 -8.56
C GLN D 199 32.44 19.88 -9.85
N HIS D 200 32.48 21.22 -9.75
CA HIS D 200 32.69 22.06 -10.91
C HIS D 200 33.57 23.28 -10.61
N GLU D 201 34.00 23.96 -11.67
CA GLU D 201 34.83 25.14 -11.55
C GLU D 201 34.49 26.12 -12.67
N VAL D 202 34.33 27.40 -12.31
CA VAL D 202 34.06 28.46 -13.29
C VAL D 202 35.03 29.56 -12.88
N ASP D 203 36.08 29.76 -13.70
CA ASP D 203 37.13 30.72 -13.43
C ASP D 203 36.79 32.08 -14.01
N PHE D 204 37.20 33.13 -13.30
CA PHE D 204 36.99 34.51 -13.75
C PHE D 204 38.30 35.27 -13.61
N LYS D 205 38.47 36.33 -14.39
CA LYS D 205 39.71 37.07 -14.40
C LYS D 205 40.01 37.77 -13.06
N PHE D 206 41.27 37.77 -12.69
CA PHE D 206 41.73 38.42 -11.47
C PHE D 206 41.49 39.94 -11.57
N ASP D 207 41.48 40.62 -10.43
CA ASP D 207 41.35 42.07 -10.40
C ASP D 207 41.93 42.55 -9.08
N ASP D 208 41.80 43.86 -8.73
CA ASP D 208 42.29 44.31 -7.44
C ASP D 208 41.52 43.57 -6.33
N ALA D 209 42.15 43.35 -5.18
CA ALA D 209 41.58 42.55 -4.10
C ALA D 209 40.18 42.95 -3.71
N LEU D 210 39.84 44.25 -3.74
CA LEU D 210 38.51 44.68 -3.31
C LEU D 210 37.41 44.25 -4.30
N LYS D 211 37.64 44.50 -5.60
CA LYS D 211 36.71 44.06 -6.64
C LYS D 211 36.58 42.56 -6.63
N THR D 212 37.68 41.85 -6.45
CA THR D 212 37.69 40.39 -6.43
C THR D 212 36.93 39.86 -5.23
N ALA D 213 37.06 40.50 -4.06
CA ALA D 213 36.32 40.08 -2.87
C ALA D 213 34.84 40.29 -3.11
N ASP D 214 34.46 41.43 -3.72
CA ASP D 214 33.07 41.70 -4.09
C ASP D 214 32.55 40.60 -5.03
N SER D 215 33.38 40.21 -6.02
CA SER D 215 33.04 39.18 -7.02
C SER D 215 32.90 37.81 -6.40
N VAL D 216 33.75 37.45 -5.43
CA VAL D 216 33.62 36.14 -4.75
C VAL D 216 32.25 36.02 -4.04
N ILE D 217 31.79 37.09 -3.38
CA ILE D 217 30.52 37.09 -2.69
C ILE D 217 29.40 36.92 -3.73
N THR D 218 29.45 37.71 -4.80
CA THR D 218 28.44 37.69 -5.85
C THR D 218 28.41 36.34 -6.57
N PHE D 219 29.60 35.78 -6.81
CA PHE D 219 29.82 34.50 -7.49
C PHE D 219 29.10 33.39 -6.74
N LYS D 220 29.29 33.33 -5.39
CA LYS D 220 28.67 32.27 -4.62
C LYS D 220 27.13 32.39 -4.64
N THR D 221 26.58 33.62 -4.58
CA THR D 221 25.10 33.78 -4.64
C THR D 221 24.60 33.35 -5.99
N THR D 222 25.33 33.71 -7.06
CA THR D 222 24.98 33.37 -8.43
C THR D 222 24.91 31.86 -8.60
N ILE D 223 25.98 31.14 -8.25
CA ILE D 223 26.04 29.69 -8.44
C ILE D 223 24.88 29.02 -7.73
N LYS D 224 24.60 29.48 -6.51
CA LYS D 224 23.56 28.90 -5.66
C LYS D 224 22.15 29.16 -6.21
N THR D 225 21.88 30.38 -6.70
CA THR D 225 20.55 30.69 -7.23
C THR D 225 20.34 29.99 -8.59
N ILE D 226 21.39 29.99 -9.43
CA ILE D 226 21.31 29.33 -10.78
C ILE D 226 21.04 27.83 -10.59
N ALA D 227 21.78 27.18 -9.69
CA ALA D 227 21.63 25.74 -9.43
C ALA D 227 20.15 25.46 -8.98
N GLU D 228 19.62 26.32 -8.12
CA GLU D 228 18.22 26.16 -7.65
C GLU D 228 17.30 26.19 -8.88
N GLN D 229 17.54 27.11 -9.82
CA GLN D 229 16.71 27.17 -11.04
C GLN D 229 16.74 25.87 -11.82
N HIS D 230 17.84 25.08 -11.72
CA HIS D 230 17.90 23.79 -12.40
C HIS D 230 17.47 22.63 -11.49
N GLY D 231 16.81 22.93 -10.37
CA GLY D 231 16.34 21.89 -9.46
C GLY D 231 17.46 21.19 -8.69
N LEU D 232 18.62 21.81 -8.61
CA LEU D 232 19.77 21.26 -7.88
C LEU D 232 20.14 22.19 -6.75
N LYS D 233 21.08 21.79 -5.91
CA LYS D 233 21.54 22.61 -4.81
C LYS D 233 23.06 22.73 -4.94
N ALA D 234 23.62 23.94 -4.86
CA ALA D 234 25.07 24.09 -4.92
C ALA D 234 25.61 24.28 -3.52
N THR D 235 26.80 23.73 -3.23
CA THR D 235 27.41 23.94 -1.91
C THR D 235 28.88 24.33 -2.07
N PHE D 236 29.31 25.28 -1.26
CA PHE D 236 30.71 25.69 -1.18
C PHE D 236 31.35 25.11 0.11
N MET D 237 30.72 24.09 0.74
CA MET D 237 31.24 23.34 1.89
C MET D 237 32.61 22.78 1.49
N PRO D 238 33.68 23.03 2.28
CA PRO D 238 35.01 22.53 1.88
C PRO D 238 35.11 21.02 1.60
N LYS D 239 34.48 20.18 2.43
CA LYS D 239 34.57 18.75 2.27
C LYS D 239 33.22 18.10 2.54
N PRO D 240 32.28 18.15 1.58
CA PRO D 240 30.94 17.60 1.86
C PRO D 240 30.91 16.07 1.94
N PHE D 241 31.83 15.39 1.24
CA PHE D 241 31.85 13.94 1.15
C PHE D 241 33.21 13.34 1.45
N PHE D 242 33.25 12.31 2.28
CA PHE D 242 34.47 11.61 2.57
C PHE D 242 34.83 10.75 1.33
N GLY D 243 36.11 10.56 1.06
CA GLY D 243 36.52 9.68 -0.04
C GLY D 243 36.57 10.32 -1.41
N MET D 244 36.32 11.61 -1.51
CA MET D 244 36.45 12.32 -2.77
C MET D 244 36.97 13.70 -2.46
N ASN D 245 37.48 14.41 -3.47
CA ASN D 245 38.06 15.74 -3.30
C ASN D 245 37.16 16.70 -2.57
N GLY D 246 37.79 17.58 -1.82
CA GLY D 246 37.12 18.72 -1.24
C GLY D 246 37.17 19.87 -2.23
N SER D 247 36.50 21.00 -1.88
CA SER D 247 36.49 22.20 -2.71
C SER D 247 37.42 23.25 -2.12
N GLY D 248 38.39 23.67 -2.91
CA GLY D 248 39.30 24.70 -2.48
C GLY D 248 38.96 26.02 -3.13
N MET D 249 39.63 27.07 -2.70
CA MET D 249 39.56 28.37 -3.33
C MET D 249 41.00 28.88 -3.39
N HIS D 250 41.79 28.30 -4.28
CA HIS D 250 43.19 28.70 -4.47
C HIS D 250 43.21 30.15 -4.86
N CYS D 251 44.13 30.93 -4.28
CA CYS D 251 44.19 32.35 -4.51
C CYS D 251 45.44 32.71 -5.24
N HIS D 252 45.34 32.99 -6.53
CA HIS D 252 46.47 33.44 -7.33
C HIS D 252 46.60 34.91 -6.98
N GLN D 253 47.81 35.38 -6.68
CA GLN D 253 47.97 36.74 -6.27
C GLN D 253 49.32 37.28 -6.65
N SER D 254 49.38 38.58 -6.81
CA SER D 254 50.59 39.30 -7.19
C SER D 254 50.45 40.75 -6.79
N ILE D 255 51.58 41.41 -6.59
CA ILE D 255 51.57 42.85 -6.27
C ILE D 255 52.25 43.57 -7.40
N TRP D 256 51.69 44.69 -7.80
CA TRP D 256 52.22 45.49 -8.90
C TRP D 256 52.64 46.85 -8.33
N LEU D 257 53.93 47.15 -8.38
CA LEU D 257 54.42 48.44 -7.89
C LEU D 257 54.62 49.37 -9.07
N ASN D 258 54.10 50.61 -8.97
CA ASN D 258 54.21 51.62 -10.01
C ASN D 258 53.74 51.08 -11.37
N GLY D 259 52.65 50.34 -11.38
CA GLY D 259 52.04 49.82 -12.60
C GLY D 259 52.73 48.67 -13.27
N GLU D 260 53.78 48.12 -12.64
CA GLU D 260 54.53 47.02 -13.24
C GLU D 260 54.34 45.70 -12.50
N PRO D 261 54.46 44.55 -13.19
CA PRO D 261 54.35 43.26 -12.50
C PRO D 261 55.64 42.95 -11.76
N SER D 262 55.79 43.52 -10.56
CA SER D 262 56.95 43.38 -9.69
C SER D 262 57.36 41.94 -9.33
N PHE D 263 56.47 40.97 -9.49
CA PHE D 263 56.82 39.58 -9.20
C PHE D 263 57.70 38.96 -10.32
N TYR D 264 57.70 39.57 -11.52
CA TYR D 264 58.44 39.10 -12.67
C TYR D 264 59.82 39.77 -12.75
N ASP D 265 60.86 38.97 -13.01
CA ASP D 265 62.23 39.46 -13.17
C ASP D 265 62.92 38.54 -14.18
N GLU D 266 62.96 39.02 -15.41
CA GLU D 266 63.55 38.32 -16.55
C GLU D 266 64.93 37.67 -16.25
N ASN D 267 65.80 38.38 -15.50
CA ASN D 267 67.16 37.90 -15.22
C ASN D 267 67.39 37.29 -13.84
N ALA D 268 66.33 36.81 -13.18
CA ALA D 268 66.46 36.20 -11.85
C ALA D 268 66.20 34.71 -11.93
N PRO D 269 66.65 33.92 -10.94
CA PRO D 269 66.32 32.48 -10.96
C PRO D 269 64.80 32.25 -10.99
N TYR D 270 64.35 31.32 -11.85
CA TYR D 270 62.92 31.02 -12.06
C TYR D 270 62.16 32.21 -12.67
N GLN D 271 62.89 33.30 -13.04
CA GLN D 271 62.31 34.54 -13.53
C GLN D 271 61.34 35.15 -12.47
N LEU D 272 61.67 34.94 -11.17
CA LEU D 272 60.89 35.47 -10.07
C LEU D 272 61.73 36.53 -9.37
N SER D 273 61.11 37.68 -9.12
CA SER D 273 61.71 38.85 -8.49
C SER D 273 62.13 38.59 -7.04
N GLU D 274 62.96 39.50 -6.47
CA GLU D 274 63.29 39.45 -5.05
C GLU D 274 62.02 39.78 -4.26
N THR D 275 61.21 40.74 -4.76
CA THR D 275 59.94 41.09 -4.12
C THR D 275 59.02 39.86 -4.07
N CYS D 276 59.00 39.05 -5.13
CA CYS D 276 58.19 37.83 -5.16
C CYS D 276 58.64 36.86 -4.06
N MET D 277 59.97 36.71 -3.90
CA MET D 277 60.53 35.83 -2.89
C MET D 277 60.30 36.37 -1.48
N ASN D 278 60.37 37.68 -1.31
CA ASN D 278 60.10 38.26 0.00
C ASN D 278 58.64 38.04 0.37
N TYR D 279 57.72 38.22 -0.61
CA TYR D 279 56.28 38.02 -0.40
C TYR D 279 55.98 36.56 -0.06
N VAL D 280 56.54 35.61 -0.83
CA VAL D 280 56.38 34.17 -0.57
C VAL D 280 56.88 33.84 0.83
N ALA D 281 57.99 34.42 1.23
CA ALA D 281 58.55 34.22 2.57
C ALA D 281 57.58 34.69 3.67
N GLY D 282 56.88 35.80 3.43
CA GLY D 282 55.91 36.33 4.39
C GLY D 282 54.70 35.42 4.56
N ILE D 283 54.16 34.92 3.43
CA ILE D 283 53.03 34.02 3.47
C ILE D 283 53.43 32.74 4.19
N LEU D 284 54.62 32.18 3.90
CA LEU D 284 55.07 30.96 4.54
C LEU D 284 55.32 31.15 6.03
N LYS D 285 55.85 32.30 6.42
CA LYS D 285 56.06 32.60 7.83
C LYS D 285 54.73 32.62 8.60
N HIS D 286 53.67 33.22 8.04
CA HIS D 286 52.39 33.33 8.76
C HIS D 286 51.34 32.30 8.37
N ALA D 287 51.70 31.30 7.53
CA ALA D 287 50.74 30.31 7.05
C ALA D 287 49.90 29.63 8.14
N LYS D 288 50.51 29.25 9.28
CA LYS D 288 49.80 28.60 10.38
C LYS D 288 48.65 29.46 10.95
N ALA D 289 48.80 30.79 10.97
CA ALA D 289 47.76 31.69 11.46
C ALA D 289 46.83 32.11 10.33
N ILE D 290 47.35 32.23 9.09
CA ILE D 290 46.53 32.62 7.95
C ILE D 290 45.35 31.69 7.79
N VAL D 291 45.56 30.38 7.96
CA VAL D 291 44.50 29.40 7.78
C VAL D 291 43.35 29.54 8.79
N ALA D 292 43.53 30.23 9.92
CA ALA D 292 42.36 30.42 10.82
C ALA D 292 41.29 31.22 10.07
N ILE D 293 41.72 32.16 9.22
CA ILE D 293 40.84 33.03 8.45
C ILE D 293 40.49 32.41 7.07
N THR D 294 41.49 31.84 6.35
CA THR D 294 41.24 31.31 5.01
C THR D 294 40.53 29.94 5.04
N ASN D 295 40.57 29.27 6.19
CA ASN D 295 39.96 27.96 6.40
C ASN D 295 39.24 28.03 7.74
N PRO D 296 38.10 28.77 7.82
CA PRO D 296 37.54 29.09 9.14
C PRO D 296 36.47 28.18 9.70
N THR D 297 36.26 26.98 9.14
CA THR D 297 35.22 26.10 9.64
C THR D 297 35.86 24.83 10.20
N VAL D 298 35.09 24.02 10.91
CA VAL D 298 35.57 22.71 11.37
C VAL D 298 35.84 21.82 10.14
N ASN D 299 34.90 21.83 9.19
CA ASN D 299 34.96 21.01 8.00
C ASN D 299 36.16 21.37 7.08
N SER D 300 36.68 22.61 7.14
CA SER D 300 37.85 22.97 6.35
C SER D 300 39.03 22.04 6.60
N TYR D 301 39.14 21.50 7.84
CA TYR D 301 40.26 20.63 8.20
C TYR D 301 40.00 19.17 7.92
N LYS D 302 38.94 18.87 7.13
CA LYS D 302 38.70 17.53 6.59
C LYS D 302 39.23 17.51 5.13
N ARG D 303 39.46 18.70 4.53
CA ARG D 303 40.12 18.87 3.25
C ARG D 303 41.60 19.25 3.56
N LEU D 304 41.79 20.26 4.42
CA LEU D 304 43.11 20.74 4.82
C LEU D 304 43.56 19.87 5.98
N VAL D 305 43.90 18.61 5.69
CA VAL D 305 44.15 17.64 6.75
C VAL D 305 45.60 17.17 6.78
N PRO D 306 46.40 17.64 7.78
CA PRO D 306 47.80 17.20 7.87
C PRO D 306 47.93 15.67 7.91
N GLY D 307 48.97 15.20 7.26
CA GLY D 307 49.26 13.77 7.18
C GLY D 307 48.72 13.14 5.92
N TYR D 308 48.00 13.90 5.09
CA TYR D 308 47.40 13.38 3.88
C TYR D 308 47.71 14.26 2.68
N GLU D 309 47.22 13.87 1.49
CA GLU D 309 47.44 14.64 0.28
C GLU D 309 46.56 15.88 0.31
N ALA D 310 47.10 17.01 0.79
CA ALA D 310 46.35 18.25 0.94
C ALA D 310 47.31 19.45 0.88
N PRO D 311 46.83 20.69 0.69
CA PRO D 311 47.75 21.84 0.64
C PRO D 311 48.12 22.28 2.04
N VAL D 312 48.80 21.39 2.79
CA VAL D 312 49.13 21.54 4.23
C VAL D 312 50.62 21.76 4.49
N ASN D 313 51.48 21.37 3.54
CA ASN D 313 52.91 21.46 3.70
C ASN D 313 53.38 22.87 3.42
N ILE D 314 53.97 23.50 4.44
CA ILE D 314 54.44 24.88 4.35
C ILE D 314 55.77 24.97 3.59
N ALA D 315 55.65 25.09 2.26
CA ALA D 315 56.75 25.19 1.31
C ALA D 315 56.21 25.76 0.01
N TRP D 316 57.09 26.22 -0.90
CA TRP D 316 56.64 26.68 -2.21
C TRP D 316 57.34 25.84 -3.28
N ALA D 317 56.75 25.79 -4.47
CA ALA D 317 57.33 25.00 -5.57
C ALA D 317 56.82 25.53 -6.90
N ASN D 318 57.51 25.22 -8.00
CA ASN D 318 57.15 25.63 -9.34
C ASN D 318 56.36 24.53 -10.05
N SER D 319 55.15 24.86 -10.58
CA SER D 319 54.30 23.89 -11.32
C SER D 319 54.10 22.55 -10.58
N ASN D 320 54.04 22.60 -9.24
CA ASN D 320 53.98 21.44 -8.37
C ASN D 320 52.81 21.64 -7.44
N ARG D 321 51.81 20.76 -7.51
CA ARG D 321 50.61 20.91 -6.73
C ARG D 321 50.66 20.15 -5.38
N SER D 322 51.86 19.87 -4.84
CA SER D 322 51.96 19.19 -3.54
C SER D 322 52.38 20.13 -2.39
N ALA D 323 52.60 21.44 -2.68
CA ALA D 323 53.01 22.43 -1.68
C ALA D 323 51.86 23.42 -1.38
N ILE D 324 51.97 24.20 -0.29
CA ILE D 324 50.93 25.18 0.06
C ILE D 324 50.94 26.37 -0.94
N ILE D 325 52.10 26.63 -1.59
CA ILE D 325 52.22 27.64 -2.63
C ILE D 325 52.75 26.99 -3.90
N ARG D 326 52.03 27.16 -5.04
CA ARG D 326 52.48 26.72 -6.38
C ARG D 326 52.75 28.00 -7.15
N VAL D 327 53.81 28.02 -7.94
CA VAL D 327 54.09 29.19 -8.79
C VAL D 327 53.80 28.74 -10.20
N PRO D 328 52.68 29.19 -10.84
CA PRO D 328 52.36 28.67 -12.17
C PRO D 328 53.48 28.95 -13.19
N ALA D 329 53.56 28.16 -14.27
CA ALA D 329 54.59 28.35 -15.29
C ALA D 329 54.51 29.69 -16.00
N ALA D 330 53.31 30.28 -16.14
CA ALA D 330 53.17 31.57 -16.82
C ALA D 330 54.09 32.67 -16.26
N ARG D 331 54.63 33.54 -17.13
CA ARG D 331 55.52 34.62 -16.71
C ARG D 331 55.06 35.96 -17.31
N GLY D 332 55.86 37.01 -17.12
CA GLY D 332 55.48 38.33 -17.59
C GLY D 332 54.39 38.88 -16.69
N LYS D 333 53.33 39.42 -17.29
CA LYS D 333 52.21 39.94 -16.50
C LYS D 333 51.44 38.79 -15.80
N GLY D 334 51.68 37.56 -16.25
CA GLY D 334 51.04 36.40 -15.65
C GLY D 334 51.87 35.81 -14.53
N THR D 335 52.90 36.49 -14.09
CA THR D 335 53.77 35.96 -13.01
C THR D 335 53.05 36.13 -11.67
N ARG D 336 52.82 35.05 -10.93
CA ARG D 336 52.09 35.15 -9.65
C ARG D 336 52.32 33.91 -8.79
N ILE D 337 51.78 33.93 -7.58
CA ILE D 337 51.88 32.79 -6.63
C ILE D 337 50.47 32.32 -6.28
N GLU D 338 50.25 31.01 -6.28
CA GLU D 338 48.97 30.43 -5.98
C GLU D 338 49.06 29.89 -4.54
N PHE D 339 48.31 30.50 -3.61
CA PHE D 339 48.20 30.04 -2.22
C PHE D 339 47.04 29.03 -2.26
N ARG D 340 47.38 27.74 -2.08
CA ARG D 340 46.44 26.65 -2.29
C ARG D 340 45.59 26.25 -1.08
N ALA D 341 45.98 26.68 0.12
CA ALA D 341 45.22 26.33 1.31
C ALA D 341 43.76 26.82 1.36
N PRO D 342 43.40 28.06 0.93
CA PRO D 342 42.03 28.56 1.20
C PRO D 342 40.93 27.70 0.63
N ASP D 343 39.75 27.78 1.24
CA ASP D 343 38.56 27.11 0.74
C ASP D 343 37.43 28.12 0.63
N PRO D 344 36.34 27.84 -0.12
CA PRO D 344 35.33 28.88 -0.32
C PRO D 344 34.45 29.21 0.90
N SER D 345 34.73 28.63 2.10
CA SER D 345 33.99 29.01 3.30
C SER D 345 34.57 30.29 3.97
N CYS D 346 35.70 30.82 3.48
CA CYS D 346 36.32 32.02 4.06
C CYS D 346 35.58 33.31 3.68
N ASN D 347 35.80 34.38 4.46
CA ASN D 347 35.30 35.70 4.14
C ASN D 347 36.39 36.29 3.24
N PRO D 348 36.15 36.42 1.93
CA PRO D 348 37.23 36.91 1.04
C PRO D 348 37.82 38.23 1.46
N TYR D 349 37.03 39.14 2.04
CA TYR D 349 37.59 40.43 2.51
C TYR D 349 38.63 40.21 3.58
N LEU D 350 38.39 39.27 4.50
CA LEU D 350 39.33 38.99 5.59
C LEU D 350 40.50 38.13 5.07
N ALA D 351 40.21 37.12 4.21
CA ALA D 351 41.24 36.28 3.62
C ALA D 351 42.27 37.14 2.86
N PHE D 352 41.81 38.06 2.00
CA PHE D 352 42.72 38.88 1.21
C PHE D 352 43.51 39.85 2.11
N THR D 353 42.90 40.33 3.22
CA THR D 353 43.59 41.21 4.16
C THR D 353 44.77 40.50 4.79
N VAL D 354 44.57 39.28 5.32
CA VAL D 354 45.65 38.56 6.02
C VAL D 354 46.75 38.08 5.09
N MET D 355 46.40 37.69 3.86
CA MET D 355 47.41 37.27 2.89
C MET D 355 48.24 38.47 2.51
N LEU D 356 47.61 39.66 2.27
CA LEU D 356 48.40 40.84 1.92
C LEU D 356 49.27 41.29 3.10
N ALA D 357 48.70 41.34 4.31
CA ALA D 357 49.45 41.74 5.50
C ALA D 357 50.66 40.84 5.73
N ALA D 358 50.50 39.51 5.53
CA ALA D 358 51.57 38.55 5.71
C ALA D 358 52.63 38.69 4.61
N GLY D 359 52.20 38.83 3.37
CA GLY D 359 53.12 38.99 2.25
C GLY D 359 53.91 40.28 2.37
N LEU D 360 53.25 41.37 2.78
CA LEU D 360 53.96 42.63 2.95
C LEU D 360 54.86 42.60 4.18
N ASP D 361 54.60 41.73 5.18
CA ASP D 361 55.54 41.57 6.29
C ASP D 361 56.88 41.01 5.72
N GLY D 362 56.78 40.14 4.72
CA GLY D 362 57.95 39.59 4.03
C GLY D 362 58.64 40.63 3.17
N VAL D 363 57.87 41.47 2.46
CA VAL D 363 58.46 42.52 1.63
C VAL D 363 59.15 43.59 2.50
N LYS D 364 58.44 44.12 3.50
CA LYS D 364 58.95 45.16 4.37
C LYS D 364 60.24 44.74 5.07
N ASN D 365 60.32 43.47 5.52
CA ASN D 365 61.50 42.99 6.23
C ASN D 365 62.48 42.23 5.34
N LYS D 366 62.22 42.19 4.02
CA LYS D 366 63.08 41.50 3.06
C LYS D 366 63.42 40.09 3.53
N LEU D 367 62.39 39.31 3.90
CA LEU D 367 62.61 37.96 4.39
C LEU D 367 63.11 37.05 3.29
N ASP D 368 63.92 36.06 3.67
CA ASP D 368 64.47 35.12 2.72
C ASP D 368 63.53 33.99 2.55
N ALA D 369 63.16 33.70 1.31
CA ALA D 369 62.32 32.55 1.03
C ALA D 369 63.20 31.30 1.04
N PRO D 370 62.67 30.15 1.52
CA PRO D 370 63.45 28.91 1.44
C PRO D 370 63.59 28.48 -0.02
N GLU D 371 64.37 27.43 -0.28
CA GLU D 371 64.49 26.92 -1.63
C GLU D 371 63.17 26.30 -2.03
N PRO D 372 62.81 26.33 -3.32
CA PRO D 372 61.59 25.63 -3.74
C PRO D 372 61.75 24.12 -3.55
N VAL D 373 60.64 23.38 -3.42
CA VAL D 373 60.71 21.92 -3.27
C VAL D 373 60.22 21.32 -4.56
N GLU D 374 61.12 20.84 -5.41
CA GLU D 374 60.73 20.31 -6.69
C GLU D 374 60.24 18.83 -6.65
N ARG D 375 60.34 18.17 -5.50
CA ARG D 375 59.83 16.81 -5.29
C ARG D 375 58.32 16.77 -4.99
N ASN D 376 57.70 15.58 -5.08
CA ASN D 376 56.32 15.39 -4.69
C ASN D 376 56.36 15.28 -3.16
N ILE D 377 55.91 16.32 -2.44
CA ILE D 377 55.99 16.32 -0.97
C ILE D 377 55.15 15.18 -0.37
N PHE D 378 54.08 14.74 -1.05
CA PHE D 378 53.26 13.65 -0.55
C PHE D 378 53.99 12.30 -0.57
N ALA D 379 55.11 12.21 -1.32
CA ALA D 379 55.91 11.00 -1.38
C ALA D 379 57.02 10.97 -0.30
N MET D 380 57.20 12.05 0.45
CA MET D 380 58.23 12.13 1.47
C MET D 380 57.73 11.57 2.79
N SER D 381 58.65 11.05 3.61
CA SER D 381 58.32 10.56 4.96
C SER D 381 58.26 11.75 5.90
N GLU D 382 57.60 11.60 7.07
CA GLU D 382 57.53 12.67 8.06
C GLU D 382 58.93 13.11 8.51
N ALA D 383 59.85 12.16 8.76
CA ALA D 383 61.21 12.53 9.21
C ALA D 383 61.95 13.25 8.08
N GLU D 384 61.70 12.88 6.83
CA GLU D 384 62.36 13.51 5.68
C GLU D 384 61.88 14.98 5.54
N LYS D 385 60.60 15.24 5.86
CA LYS D 385 60.05 16.59 5.84
C LYS D 385 60.55 17.38 7.05
N LYS D 386 60.69 16.72 8.21
CA LYS D 386 61.20 17.33 9.43
C LYS D 386 62.63 17.81 9.19
N GLU D 387 63.45 16.98 8.53
CA GLU D 387 64.84 17.33 8.23
C GLU D 387 64.88 18.50 7.27
N LEU D 388 64.02 18.50 6.23
CA LEU D 388 63.98 19.59 5.27
C LEU D 388 63.33 20.86 5.82
N GLY D 389 62.76 20.82 7.02
CA GLY D 389 62.10 21.98 7.62
C GLY D 389 60.72 22.27 7.04
N ILE D 390 60.06 21.26 6.44
CA ILE D 390 58.74 21.44 5.88
C ILE D 390 57.71 21.17 6.98
N GLU D 391 57.14 22.24 7.54
CA GLU D 391 56.14 22.11 8.59
C GLU D 391 54.75 22.02 8.00
N SER D 392 53.77 21.65 8.82
CA SER D 392 52.36 21.58 8.39
C SER D 392 51.55 22.66 9.08
N VAL D 393 50.47 23.07 8.42
CA VAL D 393 49.52 24.01 8.98
C VAL D 393 48.82 23.33 10.16
N PRO D 394 48.15 24.07 11.06
CA PRO D 394 47.40 23.41 12.14
C PRO D 394 46.42 22.35 11.63
N ALA D 395 46.14 21.32 12.45
CA ALA D 395 45.32 20.19 12.04
C ALA D 395 43.81 20.35 12.24
N ASN D 396 43.36 21.42 12.93
CA ASN D 396 41.92 21.61 13.19
C ASN D 396 41.64 23.07 13.47
N LEU D 397 40.37 23.47 13.49
CA LEU D 397 39.99 24.87 13.65
C LEU D 397 40.57 25.48 14.93
N LYS D 398 40.43 24.80 16.05
CA LYS D 398 40.91 25.32 17.31
C LYS D 398 42.43 25.54 17.29
N ALA D 399 43.19 24.59 16.72
CA ALA D 399 44.65 24.74 16.64
C ALA D 399 45.00 25.98 15.78
N ALA D 400 44.19 26.24 14.70
CA ALA D 400 44.39 27.42 13.85
C ALA D 400 44.03 28.72 14.62
N LEU D 401 42.92 28.73 15.39
CA LEU D 401 42.54 29.91 16.20
C LEU D 401 43.64 30.25 17.18
N ASP D 402 44.27 29.24 17.79
CA ASP D 402 45.34 29.49 18.76
C ASP D 402 46.56 30.09 18.07
N GLU D 403 46.83 29.72 16.81
CA GLU D 403 47.93 30.31 16.06
C GLU D 403 47.59 31.77 15.77
N LEU D 404 46.37 32.06 15.32
CA LEU D 404 45.92 33.42 15.01
C LEU D 404 46.00 34.33 16.24
N GLU D 405 45.57 33.80 17.40
CA GLU D 405 45.58 34.54 18.64
C GLU D 405 46.99 35.04 19.00
N ASN D 406 48.03 34.27 18.59
CA ASN D 406 49.42 34.64 18.85
C ASN D 406 50.15 35.26 17.64
N ASN D 407 49.42 35.85 16.69
CA ASN D 407 50.04 36.49 15.52
C ASN D 407 49.71 37.99 15.52
N ASP D 408 50.70 38.82 15.85
CA ASP D 408 50.54 40.27 15.94
C ASP D 408 50.33 40.94 14.58
N VAL D 409 50.92 40.37 13.51
CA VAL D 409 50.74 40.92 12.16
C VAL D 409 49.30 40.79 11.72
N LEU D 410 48.68 39.63 11.93
CA LEU D 410 47.29 39.43 11.51
C LEU D 410 46.31 40.14 12.43
N LYS D 411 46.58 40.16 13.74
CA LYS D 411 45.72 40.88 14.68
C LYS D 411 45.67 42.37 14.31
N ASN D 412 46.83 42.95 13.90
CA ASN D 412 46.85 44.36 13.52
C ASN D 412 46.16 44.63 12.22
N ALA D 413 46.29 43.71 11.26
CA ALA D 413 45.64 43.87 9.96
C ALA D 413 44.09 43.80 10.11
N LEU D 414 43.57 42.87 10.91
CA LEU D 414 42.14 42.71 11.10
C LEU D 414 41.57 43.78 12.04
N GLY D 415 42.36 44.20 13.03
CA GLY D 415 41.90 45.16 14.03
C GLY D 415 41.23 44.45 15.19
N LYS D 416 41.19 45.09 16.35
CA LYS D 416 40.66 44.52 17.58
C LYS D 416 39.26 43.92 17.43
N HIS D 417 38.32 44.71 16.91
CA HIS D 417 36.91 44.30 16.81
C HIS D 417 36.73 43.01 16.00
N ILE D 418 37.20 42.96 14.74
CA ILE D 418 37.08 41.78 13.89
C ILE D 418 37.81 40.60 14.51
N PHE D 419 39.05 40.82 14.94
CA PHE D 419 39.88 39.78 15.52
C PHE D 419 39.20 39.12 16.75
N GLU D 420 38.78 39.90 17.71
CA GLU D 420 38.16 39.36 18.93
C GLU D 420 36.78 38.76 18.68
N SER D 421 35.99 39.33 17.77
CA SER D 421 34.66 38.79 17.45
C SER D 421 34.83 37.46 16.75
N PHE D 422 35.76 37.38 15.79
CA PHE D 422 36.02 36.15 15.06
C PHE D 422 36.45 35.04 16.02
N LEU D 423 37.40 35.32 16.90
CA LEU D 423 37.87 34.31 17.85
C LEU D 423 36.77 33.85 18.78
N GLU D 424 35.91 34.78 19.23
CA GLU D 424 34.79 34.43 20.09
C GLU D 424 33.77 33.58 19.35
N ILE D 425 33.38 33.98 18.15
CA ILE D 425 32.41 33.23 17.36
C ILE D 425 32.93 31.83 17.06
N LYS D 426 34.21 31.73 16.64
CA LYS D 426 34.76 30.46 16.22
C LYS D 426 35.05 29.57 17.39
N ASN D 427 35.33 30.12 18.59
CA ASN D 427 35.54 29.28 19.75
C ASN D 427 34.19 28.66 20.15
N ALA D 428 33.07 29.40 20.03
CA ALA D 428 31.75 28.83 20.32
C ALA D 428 31.38 27.76 19.28
N GLU D 429 31.75 27.97 18.04
CA GLU D 429 31.52 27.02 16.95
C GLU D 429 32.31 25.74 17.24
N TRP D 430 33.57 25.87 17.66
CA TRP D 430 34.42 24.73 18.01
C TRP D 430 33.80 23.97 19.22
N ASP D 431 33.35 24.70 20.24
CA ASP D 431 32.73 24.09 21.42
C ASP D 431 31.49 23.28 21.03
N SER D 432 30.72 23.80 20.10
CA SER D 432 29.52 23.12 19.64
C SER D 432 29.89 21.79 18.97
N PHE D 433 30.90 21.82 18.10
CA PHE D 433 31.35 20.62 17.43
C PHE D 433 31.95 19.61 18.43
N ARG D 434 32.83 20.05 19.33
CA ARG D 434 33.53 19.14 20.22
C ARG D 434 32.67 18.53 21.30
N THR D 435 31.47 19.12 21.60
CA THR D 435 30.55 18.55 22.58
C THR D 435 29.49 17.67 21.94
N SER D 436 29.34 17.71 20.61
CA SER D 436 28.34 16.89 19.93
C SER D 436 28.77 15.44 19.87
N VAL D 437 27.81 14.53 19.74
CA VAL D 437 28.07 13.10 19.58
C VAL D 437 27.87 12.83 18.10
N THR D 438 28.95 12.57 17.37
CA THR D 438 28.87 12.38 15.94
C THR D 438 28.44 10.98 15.52
N ASP D 439 28.04 10.85 14.25
CA ASP D 439 27.68 9.57 13.69
C ASP D 439 28.88 8.64 13.64
N TRP D 440 30.11 9.17 13.43
CA TRP D 440 31.32 8.34 13.38
C TRP D 440 31.47 7.59 14.71
N GLU D 441 31.23 8.31 15.83
CA GLU D 441 31.32 7.77 17.18
C GLU D 441 30.26 6.73 17.45
N THR D 442 29.02 6.96 17.02
CA THR D 442 27.96 5.96 17.19
C THR D 442 28.31 4.66 16.42
N THR D 443 28.80 4.79 15.20
CA THR D 443 29.19 3.62 14.39
C THR D 443 30.36 2.90 15.04
N ALA D 444 31.35 3.66 15.52
CA ALA D 444 32.56 3.08 16.10
C ALA D 444 32.33 2.45 17.48
N TYR D 445 31.50 3.09 18.35
CA TYR D 445 31.45 2.73 19.76
C TYR D 445 30.14 2.23 20.34
N LEU D 446 29.02 2.23 19.60
CA LEU D 446 27.78 1.74 20.21
C LEU D 446 27.88 0.30 20.67
N LYS D 447 28.67 -0.51 19.95
CA LYS D 447 28.85 -1.93 20.26
C LYS D 447 29.67 -2.21 21.52
N ILE D 448 30.35 -1.22 22.11
CA ILE D 448 31.20 -1.53 23.26
C ILE D 448 30.43 -1.70 24.57
N SER E 2 -10.72 62.51 -1.74
CA SER E 2 -11.29 62.78 -3.08
C SER E 2 -12.77 63.12 -2.96
N THR E 3 -13.38 63.63 -4.04
CA THR E 3 -14.81 63.99 -4.04
C THR E 3 -15.59 62.88 -4.73
N VAL E 4 -16.90 62.86 -4.53
CA VAL E 4 -17.80 61.89 -5.16
C VAL E 4 -17.54 61.92 -6.69
N GLU E 5 -17.41 63.12 -7.27
CA GLU E 5 -17.20 63.28 -8.73
C GLU E 5 -15.92 62.58 -9.18
N GLN E 6 -14.81 62.78 -8.47
CA GLN E 6 -13.53 62.17 -8.81
C GLN E 6 -13.63 60.64 -8.75
N VAL E 7 -14.34 60.11 -7.72
CA VAL E 7 -14.51 58.66 -7.52
C VAL E 7 -15.32 58.07 -8.67
N LEU E 8 -16.42 58.74 -9.03
CA LEU E 8 -17.27 58.29 -10.13
C LEU E 8 -16.53 58.36 -11.46
N GLU E 9 -15.69 59.39 -11.63
CA GLU E 9 -14.93 59.55 -12.85
C GLU E 9 -13.91 58.43 -12.98
N TYR E 10 -13.18 58.10 -11.90
CA TYR E 10 -12.23 57.00 -11.96
C TYR E 10 -12.96 55.67 -12.30
N VAL E 11 -14.03 55.36 -11.54
CA VAL E 11 -14.85 54.17 -11.80
C VAL E 11 -15.27 54.10 -13.27
N LYS E 12 -15.75 55.25 -13.82
CA LYS E 12 -16.28 55.38 -15.18
C LYS E 12 -15.22 55.05 -16.22
N SER E 13 -14.01 55.60 -16.08
CA SER E 13 -12.98 55.42 -17.09
C SER E 13 -12.12 54.18 -16.91
N ASN E 14 -12.15 53.55 -15.71
CA ASN E 14 -11.32 52.37 -15.45
C ASN E 14 -12.13 51.10 -15.26
N ASN E 15 -13.37 51.10 -15.73
CA ASN E 15 -14.22 49.93 -15.73
C ASN E 15 -14.27 49.22 -14.36
N VAL E 16 -14.43 49.99 -13.26
CA VAL E 16 -14.58 49.39 -11.95
C VAL E 16 -16.02 48.82 -11.86
N LYS E 17 -16.14 47.54 -11.51
CA LYS E 17 -17.42 46.86 -11.49
C LYS E 17 -17.94 46.68 -10.08
N PHE E 18 -17.07 46.57 -9.07
CA PHE E 18 -17.50 46.33 -7.70
C PHE E 18 -16.89 47.37 -6.77
N MET E 19 -17.68 47.81 -5.78
CA MET E 19 -17.20 48.71 -4.74
C MET E 19 -17.36 48.00 -3.39
N ARG E 20 -16.23 47.71 -2.72
CA ARG E 20 -16.29 47.15 -1.38
C ARG E 20 -16.50 48.32 -0.42
N PHE E 21 -17.46 48.21 0.51
CA PHE E 21 -17.65 49.20 1.56
C PHE E 21 -17.03 48.53 2.78
N GLN E 22 -15.87 48.99 3.21
CA GLN E 22 -15.13 48.34 4.28
C GLN E 22 -15.14 49.09 5.61
N PHE E 23 -14.99 48.32 6.71
CA PHE E 23 -14.86 48.83 8.06
C PHE E 23 -14.17 47.75 8.93
N VAL E 24 -14.05 47.95 10.25
CA VAL E 24 -13.40 46.95 11.12
C VAL E 24 -14.30 46.71 12.31
N ASP E 25 -14.23 45.51 12.89
CA ASP E 25 -14.94 45.24 14.13
C ASP E 25 -14.05 45.71 15.32
N ILE E 26 -14.48 45.52 16.58
CA ILE E 26 -13.72 46.00 17.74
C ILE E 26 -12.27 45.43 17.80
N LEU E 27 -12.07 44.20 17.30
CA LEU E 27 -10.76 43.56 17.32
C LEU E 27 -9.87 43.89 16.11
N GLY E 28 -10.36 44.76 15.22
CA GLY E 28 -9.59 45.22 14.06
C GLY E 28 -9.69 44.31 12.88
N VAL E 29 -10.61 43.35 12.91
CA VAL E 29 -10.80 42.44 11.79
C VAL E 29 -11.58 43.19 10.71
N PRO E 30 -11.05 43.30 9.48
CA PRO E 30 -11.77 44.06 8.44
C PRO E 30 -13.06 43.34 8.02
N LYS E 31 -14.07 44.13 7.66
CA LYS E 31 -15.39 43.63 7.23
C LYS E 31 -15.82 44.43 6.00
N ASN E 32 -16.52 43.80 5.07
CA ASN E 32 -16.99 44.51 3.90
C ASN E 32 -18.18 43.87 3.25
N VAL E 33 -18.94 44.67 2.51
CA VAL E 33 -20.03 44.19 1.65
C VAL E 33 -19.70 44.71 0.26
N ALA E 34 -19.97 43.91 -0.82
CA ALA E 34 -19.64 44.36 -2.18
C ALA E 34 -20.87 44.92 -2.91
N PHE E 35 -20.74 46.12 -3.48
CA PHE E 35 -21.81 46.76 -4.22
C PHE E 35 -21.48 46.63 -5.72
N PRO E 36 -22.35 45.97 -6.53
CA PRO E 36 -22.04 45.87 -7.97
C PRO E 36 -22.47 47.14 -8.69
N ILE E 37 -21.56 47.74 -9.44
CA ILE E 37 -21.81 48.96 -10.20
C ILE E 37 -22.44 48.60 -11.56
N LYS E 38 -23.65 49.13 -11.85
CA LYS E 38 -24.31 48.85 -13.13
C LYS E 38 -23.78 49.77 -14.25
N ALA E 39 -24.01 49.38 -15.50
CA ALA E 39 -23.56 50.13 -16.67
C ALA E 39 -24.35 51.41 -16.85
N GLY E 40 -23.75 52.39 -17.51
CA GLY E 40 -24.42 53.64 -17.89
C GLY E 40 -24.61 54.66 -16.80
N GLU E 41 -25.40 55.72 -17.14
CA GLU E 41 -25.74 56.81 -16.24
C GLU E 41 -26.50 56.26 -15.06
N LYS E 42 -27.41 55.31 -15.30
CA LYS E 42 -28.24 54.73 -14.25
C LYS E 42 -27.36 54.12 -13.17
N GLY E 43 -26.34 53.39 -13.58
CA GLY E 43 -25.39 52.78 -12.66
C GLY E 43 -24.58 53.79 -11.89
N ILE E 44 -24.15 54.88 -12.52
CA ILE E 44 -23.38 55.93 -11.86
C ILE E 44 -24.24 56.71 -10.88
N GLU E 45 -25.51 56.93 -11.21
CA GLU E 45 -26.39 57.64 -10.30
C GLU E 45 -26.67 56.75 -9.08
N GLU E 46 -26.85 55.44 -9.29
CA GLU E 46 -27.07 54.52 -8.17
C GLU E 46 -25.82 54.48 -7.26
N LEU E 47 -24.62 54.45 -7.86
CA LEU E 47 -23.37 54.48 -7.10
C LEU E 47 -23.23 55.81 -6.36
N ARG E 48 -23.53 56.94 -7.00
CA ARG E 48 -23.46 58.25 -6.34
C ARG E 48 -24.32 58.28 -5.07
N ASP E 49 -25.54 57.73 -5.15
CA ASP E 49 -26.46 57.67 -4.00
C ASP E 49 -25.88 56.87 -2.84
N VAL E 50 -25.30 55.70 -3.14
CA VAL E 50 -24.71 54.82 -2.08
C VAL E 50 -23.45 55.46 -1.52
N LEU E 51 -22.62 56.08 -2.38
CA LEU E 51 -21.41 56.72 -1.91
C LEU E 51 -21.70 57.91 -1.00
N GLU E 52 -22.78 58.67 -1.27
CA GLU E 52 -23.14 59.84 -0.46
C GLU E 52 -23.94 59.44 0.79
N ASN E 53 -24.97 58.62 0.61
CA ASN E 53 -25.88 58.26 1.69
C ASN E 53 -25.52 57.00 2.47
N GLY E 54 -24.60 56.19 1.95
CA GLY E 54 -24.17 54.98 2.63
C GLY E 54 -25.14 53.83 2.48
N LEU E 55 -24.93 52.78 3.26
CA LEU E 55 -25.83 51.62 3.23
C LEU E 55 -26.00 50.99 4.60
N TYR E 56 -27.03 50.16 4.74
CA TYR E 56 -27.34 49.54 6.02
C TYR E 56 -26.71 48.19 6.17
N PHE E 57 -26.53 47.77 7.42
CA PHE E 57 -26.05 46.42 7.71
C PHE E 57 -26.53 46.01 9.10
N ASP E 58 -26.35 44.75 9.46
CA ASP E 58 -26.74 44.24 10.74
C ASP E 58 -25.56 44.39 11.75
N GLY E 59 -25.63 45.41 12.62
CA GLY E 59 -24.62 45.64 13.63
C GLY E 59 -24.54 44.53 14.68
N SER E 60 -25.58 43.70 14.86
CA SER E 60 -25.51 42.61 15.82
C SER E 60 -24.70 41.43 15.32
N SER E 61 -24.30 41.40 14.04
CA SER E 61 -23.44 40.34 13.49
C SER E 61 -21.97 40.78 13.44
N ILE E 62 -21.65 41.94 14.02
CA ILE E 62 -20.28 42.45 14.06
C ILE E 62 -19.84 42.50 15.52
N GLU E 63 -18.67 41.94 15.81
CA GLU E 63 -18.15 41.89 17.17
C GLU E 63 -17.88 43.27 17.75
N GLY E 64 -18.38 43.50 18.98
CA GLY E 64 -18.22 44.74 19.72
C GLY E 64 -19.16 45.83 19.31
N PHE E 65 -20.14 45.55 18.42
CA PHE E 65 -21.08 46.58 17.98
C PHE E 65 -22.37 46.60 18.82
N VAL E 66 -23.53 46.22 18.28
CA VAL E 66 -24.79 46.37 18.99
C VAL E 66 -25.52 45.05 19.19
N GLY E 67 -26.58 45.08 20.00
CA GLY E 67 -27.41 43.91 20.28
C GLY E 67 -28.45 43.70 19.21
N ILE E 68 -29.06 42.52 19.22
CA ILE E 68 -30.02 42.10 18.20
C ILE E 68 -31.26 43.00 18.08
N ASN E 69 -31.73 43.57 19.21
CA ASN E 69 -32.95 44.39 19.24
C ASN E 69 -32.78 45.87 18.80
N GLU E 70 -31.55 46.27 18.48
CA GLU E 70 -31.22 47.64 18.04
C GLU E 70 -30.14 47.49 16.98
N SER E 71 -30.32 46.50 16.07
CA SER E 71 -29.26 46.05 15.19
C SER E 71 -29.04 46.81 13.88
N ASP E 72 -30.03 47.57 13.36
CA ASP E 72 -29.82 48.29 12.08
C ASP E 72 -28.74 49.36 12.25
N MET E 73 -27.73 49.33 11.38
CA MET E 73 -26.65 50.32 11.40
C MET E 73 -26.31 50.80 10.01
N MET E 74 -25.49 51.84 9.88
CA MET E 74 -25.11 52.37 8.56
C MET E 74 -23.61 52.52 8.38
N LEU E 75 -23.19 52.49 7.11
CA LEU E 75 -21.80 52.73 6.74
C LEU E 75 -21.74 54.02 5.92
N LYS E 76 -20.94 54.98 6.37
CA LYS E 76 -20.77 56.21 5.60
C LYS E 76 -19.40 56.17 4.95
N PRO E 77 -19.30 56.09 3.62
CA PRO E 77 -17.97 56.02 3.00
C PRO E 77 -17.13 57.27 3.25
N ASP E 78 -15.82 57.08 3.49
CA ASP E 78 -14.85 58.19 3.59
C ASP E 78 -14.20 58.14 2.19
N LEU E 79 -14.46 59.14 1.33
CA LEU E 79 -14.05 59.05 -0.08
C LEU E 79 -12.53 59.22 -0.35
N SER E 80 -11.79 59.74 0.62
CA SER E 80 -10.36 59.90 0.48
C SER E 80 -9.66 58.52 0.59
N THR E 81 -10.38 57.46 1.04
CA THR E 81 -9.82 56.13 1.19
C THR E 81 -9.94 55.26 -0.06
N PHE E 82 -10.52 55.80 -1.15
CA PHE E 82 -10.77 55.04 -2.39
C PHE E 82 -9.48 54.41 -2.93
N SER E 83 -9.53 53.10 -3.22
CA SER E 83 -8.42 52.36 -3.85
C SER E 83 -8.98 51.22 -4.65
N VAL E 84 -8.19 50.68 -5.59
CA VAL E 84 -8.49 49.54 -6.43
C VAL E 84 -7.71 48.34 -5.86
N LEU E 85 -8.38 47.20 -5.68
CA LEU E 85 -7.73 45.99 -5.13
C LEU E 85 -6.83 45.35 -6.20
N PRO E 86 -5.50 45.32 -6.01
CA PRO E 86 -4.57 44.74 -6.97
C PRO E 86 -4.73 43.23 -7.18
N TRP E 87 -5.04 42.48 -6.12
CA TRP E 87 -5.23 41.00 -6.20
C TRP E 87 -6.46 40.65 -7.06
N ARG E 88 -7.50 41.48 -7.04
CA ARG E 88 -8.75 41.24 -7.82
C ARG E 88 -8.50 41.52 -9.32
N PRO E 89 -9.33 40.99 -10.24
CA PRO E 89 -9.16 41.19 -11.69
C PRO E 89 -9.04 42.65 -12.16
N SER E 90 -8.30 42.85 -13.26
CA SER E 90 -8.06 44.18 -13.84
C SER E 90 -9.22 44.61 -14.68
N GLU E 91 -9.80 43.69 -15.45
CA GLU E 91 -10.95 43.98 -16.29
C GLU E 91 -12.19 43.81 -15.38
N LYS E 92 -13.04 44.85 -15.28
CA LYS E 92 -14.20 44.79 -14.36
C LYS E 92 -13.65 44.70 -12.94
N SER E 93 -12.80 45.68 -12.62
CA SER E 93 -12.03 45.67 -11.41
C SER E 93 -12.87 45.98 -10.16
N VAL E 94 -12.21 45.80 -9.00
CA VAL E 94 -12.83 45.91 -7.71
C VAL E 94 -12.12 47.03 -6.98
N ALA E 95 -12.89 48.01 -6.51
CA ALA E 95 -12.39 49.12 -5.75
C ALA E 95 -12.94 48.98 -4.36
N ARG E 96 -12.48 49.81 -3.44
CA ARG E 96 -12.97 49.77 -2.08
C ARG E 96 -13.10 51.17 -1.59
N VAL E 97 -13.85 51.33 -0.52
CA VAL E 97 -13.94 52.60 0.16
C VAL E 97 -14.07 52.24 1.65
N ILE E 98 -13.28 52.91 2.53
CA ILE E 98 -13.36 52.61 3.95
C ILE E 98 -14.47 53.51 4.51
N CYS E 99 -15.25 52.96 5.47
CA CYS E 99 -16.43 53.64 5.99
C CYS E 99 -16.35 53.90 7.47
N ASP E 100 -17.12 54.90 7.91
CA ASP E 100 -17.33 55.22 9.32
C ASP E 100 -18.67 54.66 9.67
N VAL E 101 -18.78 54.04 10.84
CA VAL E 101 -20.03 53.39 11.25
C VAL E 101 -20.93 54.44 11.90
N TYR E 102 -22.17 54.51 11.43
CA TYR E 102 -23.17 55.45 11.92
C TYR E 102 -24.38 54.73 12.44
N THR E 103 -25.18 55.41 13.25
CA THR E 103 -26.43 54.88 13.73
C THR E 103 -27.47 55.22 12.67
N THR E 104 -28.68 54.67 12.82
CA THR E 104 -29.80 54.94 11.89
C THR E 104 -30.17 56.43 11.98
N LYS E 105 -29.91 57.06 13.13
CA LYS E 105 -30.23 58.47 13.33
C LYS E 105 -29.20 59.42 12.68
N GLY E 106 -28.23 58.89 11.95
CA GLY E 106 -27.23 59.70 11.26
C GLY E 106 -26.13 60.22 12.17
N LYS E 107 -25.86 59.52 13.27
CA LYS E 107 -24.83 59.94 14.22
C LYS E 107 -23.66 58.96 14.26
N PRO E 108 -22.40 59.42 14.39
CA PRO E 108 -21.29 58.45 14.45
C PRO E 108 -21.48 57.45 15.58
N PHE E 109 -21.27 56.17 15.31
CA PHE E 109 -21.43 55.12 16.32
C PHE E 109 -20.32 55.19 17.41
N GLU E 110 -20.74 55.25 18.69
CA GLU E 110 -19.82 55.31 19.82
C GLU E 110 -18.86 54.09 19.89
N GLY E 111 -19.27 52.95 19.34
CA GLY E 111 -18.47 51.74 19.35
C GLY E 111 -17.59 51.53 18.13
N ASP E 112 -17.52 52.53 17.23
CA ASP E 112 -16.72 52.46 16.02
C ASP E 112 -15.24 52.73 16.34
N PRO E 113 -14.32 51.75 16.15
CA PRO E 113 -12.89 52.03 16.41
C PRO E 113 -12.34 53.17 15.56
N ARG E 114 -12.78 53.27 14.27
CA ARG E 114 -12.26 54.32 13.39
C ARG E 114 -12.68 55.70 13.88
N GLY E 115 -13.97 55.87 14.20
CA GLY E 115 -14.51 57.11 14.74
C GLY E 115 -13.88 57.47 16.08
N CYS E 116 -13.52 56.47 16.86
CA CYS E 116 -12.81 56.67 18.11
C CYS E 116 -11.47 57.36 17.85
N LEU E 117 -10.68 56.92 16.85
CA LEU E 117 -9.41 57.56 16.51
C LEU E 117 -9.63 58.93 15.86
N LYS E 118 -10.64 59.07 14.98
CA LYS E 118 -10.95 60.37 14.39
C LYS E 118 -11.20 61.42 15.48
N ARG E 119 -12.00 61.06 16.48
CA ARG E 119 -12.41 61.97 17.54
C ARG E 119 -11.22 62.46 18.40
N VAL E 120 -10.29 61.57 18.78
CA VAL E 120 -9.14 62.01 19.57
C VAL E 120 -8.24 62.87 18.72
N MET E 121 -8.13 62.59 17.42
CA MET E 121 -7.32 63.40 16.52
C MET E 121 -7.96 64.77 16.32
N GLU E 122 -9.29 64.83 16.20
CA GLU E 122 -10.00 66.09 16.04
C GLU E 122 -9.81 66.95 17.31
N GLU E 123 -9.89 66.32 18.48
CA GLU E 123 -9.69 67.04 19.74
C GLU E 123 -8.24 67.54 19.86
N PHE E 124 -7.26 66.72 19.43
CA PHE E 124 -5.86 67.13 19.47
C PHE E 124 -5.64 68.34 18.54
N LYS E 125 -6.23 68.33 17.35
CA LYS E 125 -6.09 69.46 16.43
C LYS E 125 -6.77 70.70 16.98
N LYS E 126 -7.93 70.59 17.63
CA LYS E 126 -8.61 71.79 18.14
C LYS E 126 -7.92 72.37 19.36
N GLU E 127 -7.34 71.52 20.21
CA GLU E 127 -6.71 72.01 21.44
C GLU E 127 -5.26 72.47 21.27
N PHE E 128 -4.47 71.83 20.41
CA PHE E 128 -3.06 72.18 20.24
C PHE E 128 -2.68 72.55 18.82
N ASN E 129 -3.60 72.45 17.86
CA ASN E 129 -3.27 72.57 16.44
C ASN E 129 -2.19 71.53 16.09
N GLY E 130 -2.32 70.34 16.66
CA GLY E 130 -1.35 69.27 16.49
C GLY E 130 -1.80 68.18 15.56
N GLU E 131 -0.82 67.47 14.97
CA GLU E 131 -1.02 66.35 14.08
C GLU E 131 -0.25 65.18 14.67
N TYR E 132 -0.83 63.98 14.60
CA TYR E 132 -0.22 62.78 15.17
C TYR E 132 0.23 61.85 14.03
N PHE E 133 1.54 61.64 13.90
CA PHE E 133 2.12 60.86 12.81
C PHE E 133 2.62 59.52 13.34
N VAL E 134 2.33 58.44 12.61
CA VAL E 134 2.70 57.09 12.99
C VAL E 134 3.34 56.36 11.83
N GLY E 135 4.41 55.62 12.12
CA GLY E 135 5.05 54.71 11.18
C GLY E 135 5.16 53.34 11.81
N PRO E 136 4.21 52.41 11.51
CA PRO E 136 4.24 51.10 12.15
C PRO E 136 4.94 50.07 11.26
N GLU E 137 5.49 49.02 11.88
CA GLU E 137 6.26 48.02 11.13
C GLU E 137 5.70 46.64 11.42
N PRO E 138 4.54 46.29 10.83
CA PRO E 138 3.92 44.99 11.13
C PRO E 138 4.64 43.79 10.49
N GLU E 139 5.46 43.08 11.27
CA GLU E 139 6.19 41.90 10.80
C GLU E 139 5.22 40.72 10.65
N PHE E 140 5.58 39.76 9.82
CA PHE E 140 4.74 38.59 9.58
C PHE E 140 5.61 37.40 9.23
N PHE E 141 5.03 36.21 9.34
CA PHE E 141 5.65 34.96 8.92
C PHE E 141 4.94 34.47 7.68
N LEU E 142 5.70 33.84 6.80
CA LEU E 142 5.18 33.12 5.65
C LEU E 142 5.28 31.67 6.06
N LEU E 143 4.23 30.92 5.84
CA LEU E 143 4.17 29.52 6.29
C LEU E 143 3.90 28.58 5.18
N LYS E 144 4.32 27.34 5.36
CA LYS E 144 4.00 26.26 4.44
C LYS E 144 3.67 25.03 5.27
N LYS E 145 3.04 24.02 4.68
CA LYS E 145 2.65 22.83 5.42
C LYS E 145 3.85 22.00 5.77
N ASP E 146 3.81 21.39 6.95
CA ASP E 146 4.88 20.50 7.40
C ASP E 146 4.83 19.27 6.50
N PRO E 147 5.91 18.94 5.76
CA PRO E 147 5.83 17.75 4.89
C PRO E 147 5.55 16.46 5.67
N HIS E 148 5.91 16.42 6.97
CA HIS E 148 5.68 15.27 7.85
C HIS E 148 4.24 15.24 8.39
N ASN E 149 3.61 16.42 8.61
CA ASN E 149 2.20 16.44 9.01
C ASN E 149 1.48 17.57 8.27
N PRO E 150 0.60 17.24 7.31
CA PRO E 150 -0.07 18.30 6.56
C PRO E 150 -1.05 19.14 7.38
N HIS E 151 -1.35 18.73 8.61
CA HIS E 151 -2.24 19.48 9.49
C HIS E 151 -1.50 20.63 10.21
N LYS E 152 -0.15 20.64 10.17
CA LYS E 152 0.67 21.66 10.82
C LYS E 152 1.38 22.58 9.82
N TYR E 153 1.66 23.81 10.25
CA TYR E 153 2.36 24.81 9.47
C TYR E 153 3.75 25.09 10.04
N ILE E 154 4.74 25.28 9.15
CA ILE E 154 6.11 25.57 9.56
C ILE E 154 6.57 26.83 8.84
N PRO E 155 7.67 27.47 9.28
CA PRO E 155 8.18 28.64 8.53
C PRO E 155 8.50 28.29 7.07
N ALA E 156 8.22 29.21 6.15
CA ALA E 156 8.38 28.98 4.72
C ALA E 156 9.82 28.81 4.25
N ASP E 157 10.82 29.29 5.04
CA ASP E 157 12.23 29.08 4.70
C ASP E 157 13.06 29.04 5.99
N ASP E 158 14.38 28.85 5.86
CA ASP E 158 15.28 28.82 7.01
C ASP E 158 16.15 30.05 7.12
N GLY E 159 15.78 31.12 6.44
CA GLY E 159 16.61 32.32 6.43
C GLY E 159 16.48 33.17 7.65
N GLY E 160 17.37 34.15 7.72
CA GLY E 160 17.46 35.09 8.82
C GLY E 160 17.49 36.52 8.33
N TYR E 161 17.82 37.42 9.23
CA TYR E 161 17.82 38.86 8.99
C TYR E 161 18.62 39.27 7.78
N PHE E 162 17.98 39.99 6.85
CA PHE E 162 18.63 40.53 5.65
C PHE E 162 19.31 39.44 4.79
N ASP E 163 18.88 38.19 4.89
CA ASP E 163 19.52 37.15 4.08
C ASP E 163 19.19 37.30 2.59
N LEU E 164 20.09 36.81 1.75
CA LEU E 164 19.90 36.77 0.31
C LEU E 164 19.39 35.39 -0.08
N GLU E 165 18.86 35.33 -1.29
CA GLU E 165 18.44 34.08 -1.92
C GLU E 165 19.70 33.25 -2.19
N PRO E 166 19.61 31.89 -2.22
CA PRO E 166 18.42 31.06 -2.05
C PRO E 166 17.99 30.82 -0.62
N MET E 167 18.77 31.23 0.38
CA MET E 167 18.44 31.05 1.80
C MET E 167 17.13 31.80 2.12
N ASP E 168 17.03 33.04 1.64
CA ASP E 168 15.81 33.83 1.69
C ASP E 168 15.01 33.39 0.44
N GLU E 169 13.89 32.72 0.65
CA GLU E 169 13.09 32.21 -0.46
C GLU E 169 11.92 33.12 -0.85
N ALA E 170 11.82 34.32 -0.29
CA ALA E 170 10.66 35.17 -0.53
C ALA E 170 10.86 36.39 -1.42
N PRO E 171 11.97 36.63 -2.19
CA PRO E 171 12.00 37.82 -3.06
C PRO E 171 10.80 37.97 -3.98
N ASP E 172 10.30 36.86 -4.58
CA ASP E 172 9.14 36.93 -5.46
C ASP E 172 7.89 37.33 -4.69
N ILE E 173 7.70 36.83 -3.45
CA ILE E 173 6.52 37.18 -2.67
C ILE E 173 6.65 38.64 -2.22
N ARG E 174 7.81 39.02 -1.65
CA ARG E 174 7.98 40.39 -1.18
C ARG E 174 7.82 41.38 -2.36
N ARG E 175 8.33 41.02 -3.53
CA ARG E 175 8.17 41.79 -4.78
C ARG E 175 6.69 42.07 -5.10
N ASP E 176 5.85 41.03 -5.15
CA ASP E 176 4.43 41.17 -5.43
C ASP E 176 3.72 41.94 -4.36
N ILE E 177 4.12 41.78 -3.09
CA ILE E 177 3.55 42.55 -2.00
C ILE E 177 3.84 44.06 -2.24
N VAL E 178 5.10 44.41 -2.51
CA VAL E 178 5.46 45.80 -2.76
C VAL E 178 4.65 46.38 -3.93
N PHE E 179 4.54 45.64 -5.05
CA PHE E 179 3.76 46.11 -6.20
C PHE E 179 2.30 46.33 -5.81
N ALA E 180 1.73 45.44 -5.00
CA ALA E 180 0.33 45.55 -4.59
C ALA E 180 0.14 46.78 -3.71
N LEU E 181 1.04 46.99 -2.73
CA LEU E 181 0.97 48.13 -1.84
C LEU E 181 1.15 49.43 -2.63
N GLU E 182 2.02 49.46 -3.66
CA GLU E 182 2.15 50.67 -4.48
C GLU E 182 0.86 50.95 -5.23
N ASN E 183 0.23 49.90 -5.80
CA ASN E 183 -1.05 50.06 -6.51
C ASN E 183 -2.15 50.50 -5.55
N LEU E 184 -2.05 50.15 -4.26
CA LEU E 184 -3.03 50.62 -3.31
C LEU E 184 -2.71 52.04 -2.77
N GLY E 185 -1.65 52.68 -3.25
CA GLY E 185 -1.29 54.03 -2.83
C GLY E 185 -0.28 54.14 -1.70
N PHE E 186 0.32 53.03 -1.28
CA PHE E 186 1.35 53.09 -0.23
C PHE E 186 2.63 53.66 -0.79
N HIS E 187 3.44 54.31 0.06
CA HIS E 187 4.79 54.69 -0.28
C HIS E 187 5.68 53.69 0.44
N VAL E 188 6.06 52.61 -0.26
CA VAL E 188 6.88 51.57 0.34
C VAL E 188 8.31 52.04 0.52
N GLU E 189 8.92 51.70 1.65
CA GLU E 189 10.26 52.17 1.95
C GLU E 189 11.33 51.13 1.77
N ALA E 190 11.05 49.88 2.16
CA ALA E 190 12.05 48.81 2.15
C ALA E 190 11.38 47.45 2.43
N SER E 191 12.06 46.36 2.01
CA SER E 191 11.58 45.04 2.32
C SER E 191 12.75 44.11 2.49
N HIS E 192 12.61 43.16 3.42
CA HIS E 192 13.74 42.25 3.70
C HIS E 192 13.28 41.09 4.55
N HIS E 193 14.10 40.04 4.57
CA HIS E 193 13.85 38.90 5.43
C HIS E 193 14.15 39.39 6.87
N GLU E 194 13.33 38.97 7.84
CA GLU E 194 13.52 39.34 9.23
C GLU E 194 14.29 38.25 9.98
N VAL E 195 14.48 38.41 11.30
CA VAL E 195 15.33 37.54 12.10
C VAL E 195 14.97 36.07 12.06
N ALA E 196 13.69 35.71 12.19
CA ALA E 196 13.31 34.29 12.30
C ALA E 196 13.15 33.61 10.95
N PRO E 197 13.24 32.27 10.91
CA PRO E 197 12.90 31.56 9.66
C PRO E 197 11.53 31.93 9.13
N GLY E 198 11.41 32.19 7.84
CA GLY E 198 10.11 32.54 7.24
C GLY E 198 9.52 33.88 7.63
N GLN E 199 10.23 34.70 8.42
CA GLN E 199 9.71 36.00 8.85
C GLN E 199 10.18 37.13 7.93
N HIS E 200 9.32 38.15 7.72
CA HIS E 200 9.61 39.23 6.76
C HIS E 200 9.12 40.58 7.21
N GLU E 201 9.59 41.63 6.53
CA GLU E 201 9.19 42.99 6.85
C GLU E 201 9.09 43.79 5.58
N VAL E 202 8.00 44.54 5.42
CA VAL E 202 7.81 45.45 4.29
C VAL E 202 7.38 46.76 4.90
N ASP E 203 8.29 47.75 4.91
CA ASP E 203 8.06 49.05 5.55
C ASP E 203 7.42 50.03 4.60
N PHE E 204 6.55 50.88 5.12
CA PHE E 204 5.88 51.90 4.34
C PHE E 204 6.00 53.23 5.10
N LYS E 205 5.90 54.34 4.38
CA LYS E 205 6.11 55.65 4.96
C LYS E 205 5.03 55.97 6.00
N PHE E 206 5.42 56.68 7.06
CA PHE E 206 4.50 57.13 8.08
C PHE E 206 3.50 58.14 7.50
N ASP E 207 2.40 58.35 8.20
CA ASP E 207 1.42 59.35 7.81
C ASP E 207 0.61 59.70 9.04
N ASP E 208 -0.48 60.52 8.91
CA ASP E 208 -1.30 60.81 10.09
C ASP E 208 -1.90 59.52 10.63
N ALA E 209 -2.17 59.44 11.94
CA ALA E 209 -2.65 58.21 12.55
C ALA E 209 -3.84 57.57 11.84
N LEU E 210 -4.79 58.36 11.29
CA LEU E 210 -5.97 57.78 10.65
C LEU E 210 -5.65 57.07 9.33
N LYS E 211 -4.88 57.73 8.45
CA LYS E 211 -4.42 57.13 7.20
C LYS E 211 -3.56 55.92 7.49
N THR E 212 -2.70 56.01 8.52
CA THR E 212 -1.80 54.92 8.88
C THR E 212 -2.59 53.73 9.38
N ALA E 213 -3.65 53.96 10.19
CA ALA E 213 -4.49 52.89 10.68
C ALA E 213 -5.21 52.22 9.52
N ASP E 214 -5.71 53.01 8.56
CA ASP E 214 -6.36 52.48 7.36
C ASP E 214 -5.38 51.62 6.57
N SER E 215 -4.13 52.07 6.46
CA SER E 215 -3.09 51.29 5.76
C SER E 215 -2.69 50.00 6.49
N VAL E 216 -2.60 50.01 7.82
CA VAL E 216 -2.29 48.79 8.56
C VAL E 216 -3.34 47.71 8.28
N ILE E 217 -4.63 48.08 8.21
CA ILE E 217 -5.68 47.11 7.93
C ILE E 217 -5.49 46.58 6.49
N THR E 218 -5.31 47.50 5.54
CA THR E 218 -5.16 47.15 4.14
C THR E 218 -3.90 46.30 3.91
N PHE E 219 -2.82 46.66 4.61
CA PHE E 219 -1.52 45.99 4.54
C PHE E 219 -1.64 44.52 4.90
N LYS E 220 -2.30 44.22 6.04
CA LYS E 220 -2.45 42.84 6.47
C LYS E 220 -3.26 42.01 5.48
N THR E 221 -4.33 42.58 4.88
CA THR E 221 -5.13 41.85 3.88
C THR E 221 -4.30 41.54 2.66
N THR E 222 -3.48 42.50 2.25
CA THR E 222 -2.62 42.36 1.07
C THR E 222 -1.59 41.25 1.24
N ILE E 223 -0.85 41.24 2.34
CA ILE E 223 0.18 40.25 2.55
C ILE E 223 -0.45 38.85 2.57
N LYS E 224 -1.62 38.74 3.21
CA LYS E 224 -2.32 37.47 3.33
C LYS E 224 -2.85 36.97 1.99
N THR E 225 -3.45 37.85 1.18
CA THR E 225 -3.97 37.42 -0.11
C THR E 225 -2.82 37.17 -1.08
N ILE E 226 -1.75 37.99 -1.06
CA ILE E 226 -0.60 37.72 -1.97
C ILE E 226 0.12 36.43 -1.58
N ALA E 227 0.29 36.17 -0.26
CA ALA E 227 0.95 34.91 0.14
C ALA E 227 0.12 33.70 -0.38
N GLU E 228 -1.21 33.79 -0.27
CA GLU E 228 -2.08 32.70 -0.77
C GLU E 228 -1.81 32.48 -2.26
N GLN E 229 -1.72 33.56 -3.04
CA GLN E 229 -1.46 33.41 -4.47
C GLN E 229 -0.16 32.65 -4.74
N HIS E 230 0.82 32.74 -3.81
CA HIS E 230 2.06 31.99 -3.95
C HIS E 230 2.00 30.62 -3.27
N GLY E 231 0.80 30.14 -2.91
CA GLY E 231 0.65 28.83 -2.30
C GLY E 231 1.16 28.78 -0.87
N LEU E 232 1.33 29.93 -0.23
CA LEU E 232 1.81 30.02 1.16
C LEU E 232 0.71 30.63 2.03
N LYS E 233 0.92 30.67 3.32
CA LYS E 233 -0.02 31.28 4.24
C LYS E 233 0.75 32.33 5.04
N ALA E 234 0.23 33.57 5.17
CA ALA E 234 0.91 34.56 5.99
C ALA E 234 0.20 34.66 7.33
N THR E 235 0.96 34.87 8.42
CA THR E 235 0.34 35.07 9.72
C THR E 235 0.92 36.27 10.42
N PHE E 236 0.04 37.05 11.07
CA PHE E 236 0.44 38.18 11.90
C PHE E 236 0.31 37.80 13.40
N MET E 237 0.25 36.50 13.71
CA MET E 237 0.27 35.95 15.08
C MET E 237 1.55 36.44 15.77
N PRO E 238 1.48 37.05 16.96
CA PRO E 238 2.70 37.60 17.60
C PRO E 238 3.84 36.61 17.81
N LYS E 239 3.54 35.38 18.22
CA LYS E 239 4.56 34.39 18.51
C LYS E 239 4.08 33.04 18.03
N PRO E 240 4.19 32.75 16.72
CA PRO E 240 3.70 31.44 16.22
C PRO E 240 4.58 30.26 16.64
N PHE E 241 5.88 30.47 16.83
CA PHE E 241 6.81 29.41 17.12
C PHE E 241 7.68 29.70 18.34
N PHE E 242 7.79 28.70 19.25
CA PHE E 242 8.64 28.83 20.41
C PHE E 242 10.09 28.72 19.91
N GLY E 243 11.04 29.43 20.53
CA GLY E 243 12.45 29.29 20.15
C GLY E 243 12.93 30.19 19.04
N MET E 244 12.06 31.04 18.50
CA MET E 244 12.48 32.01 17.47
C MET E 244 11.73 33.28 17.69
N ASN E 245 12.19 34.39 17.09
CA ASN E 245 11.56 35.69 17.25
C ASN E 245 10.04 35.69 17.00
N GLY E 246 9.37 36.54 17.75
CA GLY E 246 7.99 36.84 17.51
C GLY E 246 7.92 38.00 16.52
N SER E 247 6.71 38.31 16.08
CA SER E 247 6.46 39.40 15.17
C SER E 247 5.96 40.60 16.00
N GLY E 248 6.63 41.74 15.90
CA GLY E 248 6.18 42.96 16.53
C GLY E 248 5.58 43.92 15.52
N MET E 249 5.01 45.01 16.00
CA MET E 249 4.56 46.10 15.18
C MET E 249 5.00 47.36 15.92
N HIS E 250 6.30 47.65 15.87
CA HIS E 250 6.88 48.84 16.52
C HIS E 250 6.22 50.05 15.91
N CYS E 251 5.86 51.02 16.73
CA CYS E 251 5.17 52.20 16.26
C CYS E 251 6.03 53.41 16.45
N HIS E 252 6.61 53.90 15.36
CA HIS E 252 7.38 55.13 15.38
C HIS E 252 6.33 56.22 15.37
N GLN E 253 6.49 57.22 16.24
CA GLN E 253 5.48 58.24 16.31
C GLN E 253 6.04 59.59 16.72
N SER E 254 5.34 60.64 16.28
CA SER E 254 5.74 62.02 16.60
C SER E 254 4.54 62.93 16.51
N ILE E 255 4.57 64.03 17.25
CA ILE E 255 3.50 65.02 17.15
C ILE E 255 4.10 66.28 16.56
N TRP E 256 3.36 66.90 15.64
CA TRP E 256 3.79 68.12 14.98
C TRP E 256 2.82 69.23 15.34
N LEU E 257 3.29 70.26 16.04
CA LEU E 257 2.44 71.39 16.40
C LEU E 257 2.70 72.51 15.41
N ASN E 258 1.61 73.11 14.88
CA ASN E 258 1.68 74.21 13.93
C ASN E 258 2.60 73.90 12.74
N GLY E 259 2.53 72.67 12.25
CA GLY E 259 3.29 72.24 11.09
C GLY E 259 4.77 71.98 11.30
N GLU E 260 5.24 72.03 12.56
CA GLU E 260 6.66 71.82 12.85
C GLU E 260 6.93 70.53 13.60
N PRO E 261 8.12 69.91 13.39
CA PRO E 261 8.44 68.68 14.15
C PRO E 261 8.83 69.00 15.59
N SER E 262 7.82 69.20 16.43
CA SER E 262 7.94 69.57 17.84
C SER E 262 8.81 68.64 18.69
N PHE E 263 9.08 67.42 18.24
CA PHE E 263 9.94 66.51 19.00
C PHE E 263 11.44 66.85 18.87
N TYR E 264 11.80 67.63 17.81
CA TYR E 264 13.17 68.02 17.53
C TYR E 264 13.49 69.38 18.17
N ASP E 265 14.64 69.45 18.83
CA ASP E 265 15.13 70.68 19.45
C ASP E 265 16.65 70.67 19.35
N GLU E 266 17.13 71.40 18.34
CA GLU E 266 18.55 71.53 18.03
C GLU E 266 19.43 71.80 19.26
N ASN E 267 18.97 72.65 20.19
CA ASN E 267 19.78 73.04 21.35
C ASN E 267 19.45 72.31 22.68
N ALA E 268 18.80 71.16 22.62
CA ALA E 268 18.43 70.44 23.82
C ALA E 268 19.29 69.19 23.98
N PRO E 269 19.37 68.59 25.17
CA PRO E 269 20.11 67.30 25.30
C PRO E 269 19.50 66.23 24.38
N TYR E 270 20.37 65.48 23.66
CA TYR E 270 19.97 64.45 22.70
C TYR E 270 19.22 65.05 21.51
N GLN E 271 19.15 66.40 21.43
CA GLN E 271 18.39 67.12 20.41
C GLN E 271 16.92 66.72 20.44
N LEU E 272 16.40 66.41 21.66
CA LEU E 272 15.00 66.05 21.87
C LEU E 272 14.36 67.16 22.66
N SER E 273 13.20 67.64 22.21
CA SER E 273 12.49 68.73 22.83
C SER E 273 11.86 68.38 24.18
N GLU E 274 11.36 69.40 24.89
CA GLU E 274 10.67 69.18 26.15
C GLU E 274 9.37 68.43 25.85
N THR E 275 8.68 68.79 24.75
CA THR E 275 7.44 68.13 24.35
C THR E 275 7.69 66.64 24.14
N CYS E 276 8.81 66.29 23.50
CA CYS E 276 9.19 64.90 23.27
C CYS E 276 9.34 64.16 24.58
N MET E 277 9.99 64.79 25.57
CA MET E 277 10.21 64.20 26.89
C MET E 277 8.89 64.09 27.66
N ASN E 278 8.01 65.08 27.53
CA ASN E 278 6.71 65.03 28.19
C ASN E 278 5.89 63.87 27.59
N TYR E 279 5.91 63.73 26.26
CA TYR E 279 5.20 62.67 25.57
C TYR E 279 5.74 61.29 26.00
N VAL E 280 7.07 61.11 25.98
CA VAL E 280 7.72 59.87 26.40
C VAL E 280 7.30 59.53 27.85
N ALA E 281 7.26 60.55 28.71
CA ALA E 281 6.84 60.38 30.09
C ALA E 281 5.39 59.88 30.20
N GLY E 282 4.50 60.35 29.33
CA GLY E 282 3.11 59.92 29.29
C GLY E 282 2.98 58.45 28.88
N ILE E 283 3.69 58.06 27.81
CA ILE E 283 3.67 56.68 27.33
C ILE E 283 4.21 55.73 28.44
N LEU E 284 5.35 56.11 29.10
CA LEU E 284 5.93 55.27 30.16
C LEU E 284 4.97 55.21 31.36
N LYS E 285 4.32 56.31 31.70
CA LYS E 285 3.35 56.29 32.80
C LYS E 285 2.20 55.28 32.55
N HIS E 286 1.66 55.23 31.33
CA HIS E 286 0.51 54.37 31.03
C HIS E 286 0.87 53.05 30.32
N ALA E 287 2.17 52.74 30.13
CA ALA E 287 2.60 51.55 29.42
C ALA E 287 1.94 50.26 29.88
N LYS E 288 1.81 50.05 31.20
CA LYS E 288 1.16 48.83 31.73
C LYS E 288 -0.31 48.63 31.24
N ALA E 289 -1.06 49.71 31.04
CA ALA E 289 -2.43 49.64 30.54
C ALA E 289 -2.45 49.70 29.01
N ILE E 290 -1.51 50.43 28.40
CA ILE E 290 -1.50 50.53 26.91
C ILE E 290 -1.41 49.15 26.29
N VAL E 291 -0.60 48.25 26.87
CA VAL E 291 -0.41 46.91 26.30
C VAL E 291 -1.67 46.06 26.29
N ALA E 292 -2.72 46.36 27.09
CA ALA E 292 -3.96 45.60 26.97
C ALA E 292 -4.54 45.76 25.54
N ILE E 293 -4.36 46.94 24.94
CA ILE E 293 -4.85 47.27 23.62
C ILE E 293 -3.80 46.98 22.53
N THR E 294 -2.52 47.34 22.75
CA THR E 294 -1.48 47.12 21.73
C THR E 294 -1.00 45.66 21.65
N ASN E 295 -1.31 44.85 22.70
CA ASN E 295 -0.93 43.45 22.78
C ASN E 295 -2.16 42.74 23.31
N PRO E 296 -3.23 42.59 22.48
CA PRO E 296 -4.52 42.14 23.03
C PRO E 296 -4.84 40.66 22.98
N THR E 297 -3.85 39.79 22.73
CA THR E 297 -4.14 38.35 22.66
C THR E 297 -3.38 37.62 23.76
N VAL E 298 -3.73 36.37 24.03
CA VAL E 298 -2.98 35.55 24.97
C VAL E 298 -1.53 35.38 24.43
N ASN E 299 -1.43 35.07 23.15
CA ASN E 299 -0.14 34.81 22.48
C ASN E 299 0.79 36.03 22.47
N SER E 300 0.22 37.25 22.54
CA SER E 300 1.01 38.47 22.60
C SER E 300 2.02 38.42 23.72
N TYR E 301 1.70 37.75 24.86
CA TYR E 301 2.59 37.68 26.05
C TYR E 301 3.54 36.49 26.02
N LYS E 302 3.68 35.81 24.86
CA LYS E 302 4.70 34.81 24.62
C LYS E 302 5.87 35.51 23.84
N ARG E 303 5.62 36.71 23.27
CA ARG E 303 6.66 37.56 22.70
C ARG E 303 6.97 38.65 23.75
N LEU E 304 5.91 39.30 24.28
CA LEU E 304 6.03 40.35 25.30
C LEU E 304 6.06 39.64 26.62
N VAL E 305 7.18 38.97 26.93
CA VAL E 305 7.25 38.12 28.10
C VAL E 305 8.25 38.64 29.15
N PRO E 306 7.75 39.22 30.27
CA PRO E 306 8.65 39.70 31.32
C PRO E 306 9.62 38.63 31.80
N GLY E 307 10.84 39.07 32.09
CA GLY E 307 11.90 38.20 32.56
C GLY E 307 12.80 37.74 31.45
N TYR E 308 12.47 38.09 30.19
CA TYR E 308 13.25 37.64 29.04
C TYR E 308 13.62 38.82 28.15
N GLU E 309 14.31 38.55 27.04
CA GLU E 309 14.69 39.57 26.07
C GLU E 309 13.47 39.95 25.25
N ALA E 310 12.76 40.99 25.66
CA ALA E 310 11.53 41.44 25.01
C ALA E 310 11.32 42.94 25.29
N PRO E 311 10.43 43.63 24.54
CA PRO E 311 10.23 45.08 24.82
C PRO E 311 9.26 45.27 25.99
N VAL E 312 9.69 44.78 27.17
CA VAL E 312 8.90 44.73 28.40
C VAL E 312 9.34 45.72 29.47
N ASN E 313 10.59 46.18 29.42
CA ASN E 313 11.17 47.07 30.41
C ASN E 313 10.70 48.48 30.16
N ILE E 314 10.00 49.05 31.14
CA ILE E 314 9.44 50.39 31.05
C ILE E 314 10.53 51.46 31.32
N ALA E 315 11.28 51.75 30.25
CA ALA E 315 12.34 52.76 30.21
C ALA E 315 12.47 53.21 28.75
N TRP E 316 13.14 54.35 28.48
CA TRP E 316 13.44 54.81 27.12
C TRP E 316 14.96 54.89 26.95
N ALA E 317 15.42 54.81 25.72
CA ALA E 317 16.84 54.86 25.45
C ALA E 317 17.07 55.31 24.00
N ASN E 318 18.29 55.78 23.70
CA ASN E 318 18.68 56.23 22.37
C ASN E 318 19.38 55.08 21.61
N SER E 319 18.92 54.76 20.37
CA SER E 319 19.57 53.72 19.52
C SER E 319 19.84 52.40 20.28
N ASN E 320 18.94 52.05 21.19
CA ASN E 320 19.09 50.91 22.08
C ASN E 320 17.81 50.11 22.00
N ARG E 321 17.92 48.86 21.51
CA ARG E 321 16.74 48.04 21.32
C ARG E 321 16.38 47.16 22.53
N SER E 322 16.83 47.53 23.75
CA SER E 322 16.52 46.73 24.93
C SER E 322 15.46 47.37 25.84
N ALA E 323 14.93 48.57 25.50
CA ALA E 323 13.90 49.24 26.29
C ALA E 323 12.55 49.23 25.54
N ILE E 324 11.46 49.63 26.22
CA ILE E 324 10.14 49.66 25.57
C ILE E 324 10.02 50.82 24.54
N ILE E 325 10.80 51.90 24.72
CA ILE E 325 10.90 53.02 23.79
C ILE E 325 12.35 53.17 23.33
N ARG E 326 12.60 53.15 22.00
CA ARG E 326 13.90 53.47 21.41
C ARG E 326 13.71 54.80 20.68
N VAL E 327 14.70 55.68 20.77
CA VAL E 327 14.66 56.94 20.03
C VAL E 327 15.66 56.79 18.91
N PRO E 328 15.23 56.60 17.64
CA PRO E 328 16.21 56.38 16.56
C PRO E 328 17.22 57.54 16.45
N ALA E 329 18.39 57.26 15.85
CA ALA E 329 19.42 58.29 15.71
C ALA E 329 18.98 59.46 14.81
N ALA E 330 18.10 59.22 13.83
CA ALA E 330 17.66 60.28 12.92
C ALA E 330 17.11 61.52 13.65
N ARG E 331 17.39 62.73 13.14
CA ARG E 331 16.92 63.98 13.74
C ARG E 331 16.24 64.88 12.68
N GLY E 332 15.88 66.08 13.08
CA GLY E 332 15.15 66.99 12.20
C GLY E 332 13.71 66.54 12.07
N LYS E 333 13.19 66.48 10.84
CA LYS E 333 11.85 65.98 10.62
C LYS E 333 11.74 64.46 10.94
N GLY E 334 12.88 63.80 11.01
CA GLY E 334 12.93 62.36 11.29
C GLY E 334 13.04 62.06 12.77
N THR E 335 12.90 63.07 13.62
CA THR E 335 12.99 62.90 15.09
C THR E 335 11.71 62.25 15.61
N ARG E 336 11.79 61.06 16.18
CA ARG E 336 10.56 60.41 16.66
C ARG E 336 10.86 59.36 17.72
N ILE E 337 9.82 58.87 18.39
CA ILE E 337 10.01 57.81 19.40
C ILE E 337 9.44 56.49 18.87
N GLU E 338 10.11 55.39 19.13
CA GLU E 338 9.67 54.07 18.71
C GLU E 338 9.12 53.34 19.92
N PHE E 339 7.79 53.10 19.96
CA PHE E 339 7.16 52.30 21.02
C PHE E 339 7.22 50.84 20.50
N ARG E 340 8.08 50.02 21.14
CA ARG E 340 8.41 48.69 20.66
C ARG E 340 7.48 47.59 21.12
N ALA E 341 6.68 47.82 22.15
CA ALA E 341 5.80 46.76 22.66
C ALA E 341 4.74 46.24 21.67
N PRO E 342 4.06 47.07 20.85
CA PRO E 342 2.90 46.53 20.06
C PRO E 342 3.25 45.37 19.14
N ASP E 343 2.24 44.56 18.83
CA ASP E 343 2.36 43.47 17.88
C ASP E 343 1.22 43.58 16.85
N PRO E 344 1.32 42.91 15.67
CA PRO E 344 0.29 43.12 14.64
C PRO E 344 -1.09 42.51 14.92
N SER E 345 -1.32 41.91 16.11
CA SER E 345 -2.67 41.44 16.46
C SER E 345 -3.58 42.59 17.02
N CYS E 346 -3.03 43.80 17.23
CA CYS E 346 -3.81 44.93 17.76
C CYS E 346 -4.72 45.59 16.72
N ASN E 347 -5.74 46.30 17.17
CA ASN E 347 -6.63 47.07 16.32
C ASN E 347 -5.89 48.40 16.20
N PRO E 348 -5.31 48.75 15.02
CA PRO E 348 -4.51 49.98 14.95
C PRO E 348 -5.26 51.23 15.34
N TYR E 349 -6.57 51.30 15.07
CA TYR E 349 -7.35 52.48 15.43
C TYR E 349 -7.33 52.67 16.94
N LEU E 350 -7.43 51.56 17.71
CA LEU E 350 -7.48 51.62 19.15
C LEU E 350 -6.07 51.80 19.70
N ALA E 351 -5.08 51.10 19.10
CA ALA E 351 -3.67 51.22 19.50
C ALA E 351 -3.19 52.68 19.39
N PHE E 352 -3.51 53.35 18.26
CA PHE E 352 -3.08 54.73 18.05
C PHE E 352 -3.82 55.71 18.97
N THR E 353 -5.09 55.42 19.29
CA THR E 353 -5.88 56.22 20.21
C THR E 353 -5.23 56.24 21.60
N VAL E 354 -4.91 55.06 22.16
CA VAL E 354 -4.37 54.97 23.52
C VAL E 354 -2.95 55.51 23.64
N MET E 355 -2.12 55.32 22.61
CA MET E 355 -0.78 55.88 22.62
C MET E 355 -0.86 57.39 22.56
N LEU E 356 -1.74 57.97 21.71
CA LEU E 356 -1.85 59.43 21.68
C LEU E 356 -2.40 59.97 22.99
N ALA E 357 -3.45 59.33 23.53
CA ALA E 357 -4.08 59.79 24.78
C ALA E 357 -3.09 59.79 25.92
N ALA E 358 -2.23 58.76 25.97
CA ALA E 358 -1.25 58.60 27.03
C ALA E 358 -0.10 59.61 26.86
N GLY E 359 0.36 59.81 25.63
CA GLY E 359 1.40 60.79 25.36
C GLY E 359 0.92 62.19 25.62
N LEU E 360 -0.33 62.51 25.25
CA LEU E 360 -0.87 63.84 25.53
C LEU E 360 -1.15 64.04 27.02
N ASP E 361 -1.36 62.97 27.80
CA ASP E 361 -1.47 63.12 29.25
C ASP E 361 -0.10 63.67 29.78
N GLY E 362 1.01 63.22 29.18
CA GLY E 362 2.34 63.68 29.53
C GLY E 362 2.57 65.11 29.08
N VAL E 363 2.10 65.46 27.87
CA VAL E 363 2.26 66.83 27.36
C VAL E 363 1.42 67.82 28.16
N LYS E 364 0.12 67.53 28.35
CA LYS E 364 -0.80 68.39 29.08
C LYS E 364 -0.32 68.67 30.52
N ASN E 365 0.23 67.66 31.20
CA ASN E 365 0.67 67.84 32.58
C ASN E 365 2.18 68.08 32.68
N LYS E 366 2.88 68.23 31.53
CA LYS E 366 4.32 68.48 31.51
C LYS E 366 5.09 67.51 32.41
N LEU E 367 4.85 66.20 32.24
CA LEU E 367 5.47 65.18 33.07
C LEU E 367 6.94 65.06 32.79
N ASP E 368 7.71 64.72 33.81
CA ASP E 368 9.15 64.60 33.68
C ASP E 368 9.51 63.21 33.26
N ALA E 369 10.25 63.08 32.18
CA ALA E 369 10.69 61.78 31.71
C ALA E 369 11.88 61.33 32.58
N PRO E 370 12.00 60.03 32.86
CA PRO E 370 13.19 59.55 33.59
C PRO E 370 14.42 59.68 32.72
N GLU E 371 15.60 59.38 33.26
CA GLU E 371 16.83 59.45 32.45
C GLU E 371 16.78 58.32 31.44
N PRO E 372 17.39 58.50 30.26
CA PRO E 372 17.48 57.36 29.33
C PRO E 372 18.36 56.27 29.93
N VAL E 373 18.17 55.01 29.50
CA VAL E 373 19.01 53.91 29.96
C VAL E 373 19.94 53.52 28.82
N GLU E 374 21.19 53.93 28.86
CA GLU E 374 22.12 53.66 27.78
C GLU E 374 22.77 52.25 27.84
N ARG E 375 22.51 51.50 28.92
CA ARG E 375 22.99 50.12 29.06
C ARG E 375 22.06 49.11 28.35
N ASN E 376 22.52 47.86 28.19
CA ASN E 376 21.69 46.79 27.65
C ASN E 376 20.86 46.32 28.84
N ILE E 377 19.54 46.60 28.85
CA ILE E 377 18.68 46.26 29.99
C ILE E 377 18.58 44.74 30.19
N PHE E 378 18.79 43.97 29.12
CA PHE E 378 18.74 42.51 29.24
C PHE E 378 19.97 41.96 29.99
N ALA E 379 21.02 42.77 30.14
CA ALA E 379 22.23 42.36 30.87
C ALA E 379 22.15 42.74 32.38
N MET E 380 21.10 43.44 32.81
CA MET E 380 20.94 43.84 34.20
C MET E 380 20.24 42.77 34.99
N SER E 381 20.55 42.70 36.29
CA SER E 381 19.87 41.78 37.20
C SER E 381 18.53 42.39 37.62
N GLU E 382 17.60 41.57 38.13
CA GLU E 382 16.29 42.06 38.60
C GLU E 382 16.45 43.11 39.70
N ALA E 383 17.36 42.88 40.66
CA ALA E 383 17.57 43.85 41.75
C ALA E 383 18.16 45.15 41.22
N GLU E 384 19.00 45.07 40.19
CA GLU E 384 19.62 46.24 39.58
C GLU E 384 18.56 47.10 38.84
N LYS E 385 17.56 46.43 38.24
CA LYS E 385 16.45 47.11 37.57
C LYS E 385 15.48 47.68 38.62
N LYS E 386 15.28 46.96 39.73
CA LYS E 386 14.43 47.40 40.84
C LYS E 386 14.99 48.70 41.41
N GLU E 387 16.32 48.74 41.62
CA GLU E 387 16.96 49.94 42.15
C GLU E 387 16.84 51.10 41.18
N LEU E 388 17.03 50.85 39.90
CA LEU E 388 16.91 51.90 38.88
C LEU E 388 15.45 52.33 38.63
N GLY E 389 14.47 51.59 39.17
CA GLY E 389 13.06 51.89 38.98
C GLY E 389 12.53 51.43 37.63
N ILE E 390 13.20 50.45 36.99
CA ILE E 390 12.76 49.93 35.69
C ILE E 390 11.74 48.83 35.92
N GLU E 391 10.46 49.14 35.73
CA GLU E 391 9.40 48.16 35.91
C GLU E 391 9.12 47.43 34.60
N SER E 392 8.34 46.34 34.68
CA SER E 392 7.94 45.59 33.51
C SER E 392 6.43 45.76 33.24
N VAL E 393 6.06 45.57 31.99
CA VAL E 393 4.67 45.56 31.59
C VAL E 393 4.01 44.31 32.18
N PRO E 394 2.66 44.23 32.23
CA PRO E 394 2.01 43.00 32.76
C PRO E 394 2.48 41.74 32.01
N ALA E 395 2.47 40.59 32.70
CA ALA E 395 3.01 39.34 32.17
C ALA E 395 2.03 38.50 31.36
N ASN E 396 0.72 38.86 31.35
CA ASN E 396 -0.26 38.11 30.59
C ASN E 396 -1.46 38.96 30.25
N LEU E 397 -2.34 38.47 29.36
CA LEU E 397 -3.49 39.26 28.91
C LEU E 397 -4.37 39.75 30.08
N LYS E 398 -4.69 38.85 31.01
CA LYS E 398 -5.55 39.20 32.12
C LYS E 398 -4.92 40.28 33.00
N ALA E 399 -3.62 40.19 33.29
CA ALA E 399 -2.93 41.20 34.11
C ALA E 399 -2.97 42.55 33.36
N ALA E 400 -2.90 42.55 32.02
CA ALA E 400 -3.00 43.77 31.23
C ALA E 400 -4.42 44.34 31.26
N LEU E 401 -5.45 43.48 31.16
CA LEU E 401 -6.86 43.93 31.23
C LEU E 401 -7.13 44.59 32.56
N ASP E 402 -6.56 44.06 33.65
CA ASP E 402 -6.74 44.63 34.99
C ASP E 402 -6.07 45.99 35.11
N GLU E 403 -4.95 46.19 34.42
CA GLU E 403 -4.31 47.51 34.38
C GLU E 403 -5.20 48.48 33.62
N LEU E 404 -5.72 48.05 32.45
CA LEU E 404 -6.59 48.90 31.61
C LEU E 404 -7.87 49.32 32.37
N GLU E 405 -8.44 48.38 33.11
CA GLU E 405 -9.66 48.61 33.87
C GLU E 405 -9.46 49.71 34.90
N ASN E 406 -8.21 49.90 35.41
CA ASN E 406 -7.89 50.95 36.37
C ASN E 406 -7.20 52.19 35.77
N ASN E 407 -7.36 52.43 34.45
CA ASN E 407 -6.73 53.59 33.83
C ASN E 407 -7.80 54.50 33.27
N ASP E 408 -8.01 55.63 33.93
CA ASP E 408 -9.04 56.60 33.53
C ASP E 408 -8.73 57.31 32.22
N VAL E 409 -7.44 57.54 31.92
CA VAL E 409 -7.05 58.21 30.70
C VAL E 409 -7.41 57.35 29.49
N LEU E 410 -7.13 56.03 29.54
CA LEU E 410 -7.44 55.17 28.40
C LEU E 410 -8.91 54.87 28.32
N LYS E 411 -9.60 54.72 29.46
CA LYS E 411 -11.05 54.51 29.45
C LYS E 411 -11.76 55.71 28.78
N ASN E 412 -11.30 56.93 29.06
CA ASN E 412 -11.90 58.12 28.47
C ASN E 412 -11.59 58.23 27.00
N ALA E 413 -10.39 57.84 26.58
CA ALA E 413 -10.02 57.93 25.17
C ALA E 413 -10.83 56.95 24.34
N LEU E 414 -11.01 55.71 24.83
CA LEU E 414 -11.75 54.68 24.11
C LEU E 414 -13.25 54.90 24.19
N GLY E 415 -13.72 55.44 25.32
CA GLY E 415 -15.16 55.64 25.56
C GLY E 415 -15.76 54.39 26.14
N LYS E 416 -16.89 54.55 26.84
CA LYS E 416 -17.55 53.47 27.57
C LYS E 416 -17.80 52.24 26.72
N HIS E 417 -18.44 52.41 25.56
CA HIS E 417 -18.83 51.27 24.73
C HIS E 417 -17.65 50.38 24.32
N ILE E 418 -16.62 50.97 23.67
CA ILE E 418 -15.44 50.20 23.24
C ILE E 418 -14.74 49.60 24.46
N PHE E 419 -14.51 50.41 25.49
CA PHE E 419 -13.81 49.96 26.68
C PHE E 419 -14.46 48.75 27.34
N GLU E 420 -15.77 48.83 27.64
CA GLU E 420 -16.48 47.73 28.26
C GLU E 420 -16.65 46.51 27.34
N SER E 421 -16.84 46.69 26.04
CA SER E 421 -16.98 45.56 25.12
C SER E 421 -15.66 44.83 25.00
N PHE E 422 -14.55 45.58 24.88
CA PHE E 422 -13.22 45.01 24.77
C PHE E 422 -12.91 44.18 26.02
N LEU E 423 -13.13 44.74 27.21
CA LEU E 423 -12.87 44.01 28.44
C LEU E 423 -13.72 42.75 28.54
N GLU E 424 -14.98 42.81 28.14
CA GLU E 424 -15.86 41.65 28.17
C GLU E 424 -15.38 40.58 27.20
N ILE E 425 -15.09 40.96 25.96
CA ILE E 425 -14.64 40.01 24.94
C ILE E 425 -13.32 39.37 25.37
N LYS E 426 -12.39 40.18 25.84
CA LYS E 426 -11.06 39.66 26.19
C LYS E 426 -11.09 38.87 27.47
N ASN E 427 -12.05 39.14 28.39
CA ASN E 427 -12.15 38.32 29.59
C ASN E 427 -12.68 36.95 29.22
N ALA E 428 -13.60 36.85 28.26
CA ALA E 428 -14.11 35.54 27.79
C ALA E 428 -13.01 34.77 27.02
N GLU E 429 -12.18 35.48 26.28
CA GLU E 429 -11.06 34.90 25.56
C GLU E 429 -10.04 34.34 26.56
N TRP E 430 -9.75 35.10 27.62
CA TRP E 430 -8.86 34.65 28.69
C TRP E 430 -9.44 33.41 29.38
N ASP E 431 -10.74 33.42 29.69
CA ASP E 431 -11.42 32.29 30.34
C ASP E 431 -11.32 31.02 29.50
N SER E 432 -11.45 31.18 28.21
CA SER E 432 -11.35 30.05 27.29
C SER E 432 -9.92 29.46 27.34
N PHE E 433 -8.91 30.30 27.29
CA PHE E 433 -7.52 29.84 27.37
C PHE E 433 -7.23 29.19 28.73
N ARG E 434 -7.62 29.84 29.85
CA ARG E 434 -7.25 29.35 31.17
C ARG E 434 -7.98 28.06 31.61
N THR E 435 -9.10 27.72 30.95
CA THR E 435 -9.83 26.48 31.24
C THR E 435 -9.45 25.34 30.28
N SER E 436 -8.69 25.64 29.20
CA SER E 436 -8.29 24.61 28.28
C SER E 436 -7.18 23.77 28.85
N VAL E 437 -7.04 22.53 28.36
CA VAL E 437 -5.92 21.68 28.72
C VAL E 437 -4.91 21.74 27.55
N THR E 438 -3.78 22.40 27.75
CA THR E 438 -2.80 22.57 26.68
C THR E 438 -1.89 21.36 26.45
N ASP E 439 -1.23 21.34 25.29
CA ASP E 439 -0.29 20.27 24.97
C ASP E 439 0.92 20.31 25.92
N TRP E 440 1.33 21.50 26.39
CA TRP E 440 2.46 21.63 27.34
C TRP E 440 2.16 20.83 28.59
N GLU E 441 0.90 20.94 29.09
CA GLU E 441 0.43 20.26 30.29
C GLU E 441 0.39 18.75 30.09
N THR E 442 -0.08 18.27 28.93
CA THR E 442 -0.14 16.83 28.66
C THR E 442 1.30 16.28 28.64
N THR E 443 2.22 16.99 28.02
CA THR E 443 3.61 16.54 27.95
C THR E 443 4.21 16.54 29.36
N ALA E 444 3.94 17.60 30.14
CA ALA E 444 4.53 17.73 31.45
C ALA E 444 3.97 16.78 32.48
N TYR E 445 2.63 16.53 32.44
CA TYR E 445 1.94 15.86 33.54
C TYR E 445 1.25 14.54 33.27
N LEU E 446 1.16 14.05 32.01
CA LEU E 446 0.47 12.79 31.82
C LEU E 446 1.12 11.64 32.58
N LYS E 447 2.46 11.71 32.72
CA LYS E 447 3.22 10.68 33.42
C LYS E 447 2.99 10.61 34.93
N ILE E 448 2.36 11.61 35.55
CA ILE E 448 2.25 11.57 37.01
C ILE E 448 1.15 10.60 37.51
N SER F 2 40.62 25.53 -41.54
CA SER F 2 42.02 25.15 -41.27
C SER F 2 42.86 26.34 -40.75
N THR F 3 42.48 27.59 -41.08
CA THR F 3 43.22 28.74 -40.59
C THR F 3 42.44 29.38 -39.45
N VAL F 4 43.14 30.14 -38.63
CA VAL F 4 42.52 30.84 -37.52
C VAL F 4 41.45 31.80 -38.05
N GLU F 5 41.71 32.47 -39.17
CA GLU F 5 40.79 33.43 -39.74
C GLU F 5 39.48 32.80 -40.14
N GLN F 6 39.54 31.59 -40.71
CA GLN F 6 38.33 30.88 -41.12
C GLN F 6 37.45 30.61 -39.88
N VAL F 7 38.09 30.13 -38.79
CA VAL F 7 37.41 29.82 -37.53
C VAL F 7 36.82 31.10 -36.94
N LEU F 8 37.59 32.20 -36.92
CA LEU F 8 37.12 33.43 -36.31
C LEU F 8 35.98 34.04 -37.13
N GLU F 9 36.05 33.95 -38.45
CA GLU F 9 34.97 34.47 -39.30
C GLU F 9 33.70 33.63 -39.03
N TYR F 10 33.82 32.29 -38.93
CA TYR F 10 32.70 31.44 -38.63
C TYR F 10 32.09 31.80 -37.25
N VAL F 11 32.93 31.93 -36.21
CA VAL F 11 32.47 32.28 -34.88
C VAL F 11 31.73 33.64 -34.90
N LYS F 12 32.26 34.60 -35.63
CA LYS F 12 31.68 35.95 -35.74
C LYS F 12 30.31 35.97 -36.40
N SER F 13 30.09 35.10 -37.42
CA SER F 13 28.88 35.11 -38.22
C SER F 13 27.82 34.16 -37.72
N ASN F 14 28.20 33.16 -36.92
CA ASN F 14 27.25 32.16 -36.43
C ASN F 14 27.00 32.27 -34.93
N ASN F 15 27.37 33.39 -34.32
CA ASN F 15 27.14 33.62 -32.89
C ASN F 15 27.56 32.41 -32.01
N VAL F 16 28.79 31.88 -32.22
CA VAL F 16 29.33 30.78 -31.42
C VAL F 16 29.75 31.42 -30.10
N LYS F 17 29.36 30.84 -28.96
CA LYS F 17 29.62 31.46 -27.66
C LYS F 17 30.65 30.70 -26.80
N PHE F 18 30.80 29.38 -27.03
CA PHE F 18 31.72 28.56 -26.24
C PHE F 18 32.60 27.74 -27.16
N MET F 19 33.83 27.53 -26.73
CA MET F 19 34.80 26.75 -27.46
C MET F 19 35.29 25.67 -26.53
N ARG F 20 34.97 24.40 -26.82
CA ARG F 20 35.51 23.30 -26.04
C ARG F 20 36.91 23.02 -26.56
N PHE F 21 37.91 22.91 -25.68
CA PHE F 21 39.27 22.58 -26.06
C PHE F 21 39.35 21.15 -25.66
N GLN F 22 39.40 20.22 -26.62
CA GLN F 22 39.26 18.80 -26.34
C GLN F 22 40.50 17.99 -26.61
N PHE F 23 40.65 16.91 -25.81
CA PHE F 23 41.71 15.94 -25.97
C PHE F 23 41.26 14.60 -25.39
N VAL F 24 42.14 13.61 -25.27
CA VAL F 24 41.77 12.31 -24.71
C VAL F 24 42.84 11.91 -23.70
N ASP F 25 42.48 11.12 -22.69
CA ASP F 25 43.44 10.58 -21.75
C ASP F 25 44.02 9.29 -22.38
N ILE F 26 44.90 8.56 -21.65
CA ILE F 26 45.53 7.36 -22.23
C ILE F 26 44.52 6.30 -22.65
N LEU F 27 43.38 6.22 -21.97
CA LEU F 27 42.36 5.20 -22.29
C LEU F 27 41.38 5.61 -23.37
N GLY F 28 41.55 6.81 -23.94
CA GLY F 28 40.71 7.28 -25.04
C GLY F 28 39.48 7.99 -24.55
N VAL F 29 39.40 8.32 -23.25
CA VAL F 29 38.24 9.02 -22.71
C VAL F 29 38.40 10.50 -23.08
N PRO F 30 37.42 11.09 -23.78
CA PRO F 30 37.55 12.52 -24.13
C PRO F 30 37.49 13.43 -22.89
N LYS F 31 38.24 14.54 -22.94
CA LYS F 31 38.34 15.52 -21.88
C LYS F 31 38.26 16.90 -22.51
N ASN F 32 37.71 17.86 -21.78
CA ASN F 32 37.67 19.22 -22.30
C ASN F 32 37.39 20.23 -21.21
N VAL F 33 37.78 21.48 -21.51
CA VAL F 33 37.49 22.66 -20.72
C VAL F 33 36.78 23.62 -21.73
N ALA F 34 35.79 24.40 -21.25
CA ALA F 34 35.05 25.30 -22.11
C ALA F 34 35.52 26.74 -21.93
N PHE F 35 35.85 27.40 -23.06
CA PHE F 35 36.29 28.79 -23.04
C PHE F 35 35.11 29.67 -23.52
N PRO F 36 34.66 30.66 -22.71
CA PRO F 36 33.53 31.50 -23.17
C PRO F 36 34.02 32.64 -24.03
N ILE F 37 33.44 32.79 -25.22
CA ILE F 37 33.86 33.84 -26.15
C ILE F 37 33.15 35.16 -25.79
N LYS F 38 33.90 36.26 -25.61
CA LYS F 38 33.29 37.56 -25.28
C LYS F 38 32.86 38.31 -26.56
N ALA F 39 32.01 39.30 -26.39
CA ALA F 39 31.49 40.11 -27.49
C ALA F 39 32.58 41.02 -28.05
N GLY F 40 32.40 41.40 -29.31
CA GLY F 40 33.24 42.39 -29.95
C GLY F 40 34.60 41.93 -30.41
N GLU F 41 35.38 42.91 -30.90
CA GLU F 41 36.74 42.69 -31.41
C GLU F 41 37.64 42.20 -30.27
N LYS F 42 37.43 42.73 -29.07
CA LYS F 42 38.19 42.33 -27.89
C LYS F 42 38.02 40.80 -27.67
N GLY F 43 36.79 40.32 -27.72
CA GLY F 43 36.49 38.91 -27.55
C GLY F 43 37.11 38.05 -28.62
N ILE F 44 37.09 38.50 -29.88
CA ILE F 44 37.65 37.75 -31.02
C ILE F 44 39.17 37.64 -30.91
N GLU F 45 39.84 38.71 -30.44
CA GLU F 45 41.28 38.68 -30.30
C GLU F 45 41.65 37.84 -29.07
N GLU F 46 40.83 37.82 -28.02
CA GLU F 46 41.10 36.94 -26.88
C GLU F 46 40.98 35.47 -27.35
N LEU F 47 39.98 35.17 -28.20
CA LEU F 47 39.81 33.80 -28.71
C LEU F 47 40.98 33.46 -29.66
N ARG F 48 41.44 34.42 -30.46
CA ARG F 48 42.57 34.18 -31.36
C ARG F 48 43.81 33.80 -30.53
N ASP F 49 44.05 34.52 -29.44
CA ASP F 49 45.19 34.26 -28.59
C ASP F 49 45.16 32.83 -28.02
N VAL F 50 44.00 32.40 -27.53
CA VAL F 50 43.85 31.06 -26.97
C VAL F 50 43.90 29.95 -28.08
N LEU F 51 43.33 30.21 -29.26
CA LEU F 51 43.37 29.24 -30.36
C LEU F 51 44.80 29.05 -30.92
N GLU F 52 45.66 30.05 -30.79
CA GLU F 52 47.02 29.99 -31.32
C GLU F 52 48.00 29.53 -30.25
N ASN F 53 47.87 30.12 -29.07
CA ASN F 53 48.80 29.87 -27.96
C ASN F 53 48.38 28.76 -27.01
N GLY F 54 47.13 28.36 -27.05
CA GLY F 54 46.63 27.28 -26.21
C GLY F 54 46.33 27.70 -24.80
N LEU F 55 46.04 26.73 -23.93
CA LEU F 55 45.76 27.00 -22.53
C LEU F 55 46.28 25.91 -21.60
N TYR F 56 46.41 26.23 -20.32
CA TYR F 56 47.01 25.32 -19.36
C TYR F 56 46.01 24.48 -18.65
N PHE F 57 46.46 23.34 -18.13
CA PHE F 57 45.60 22.48 -17.33
C PHE F 57 46.49 21.63 -16.43
N ASP F 58 45.89 20.91 -15.49
CA ASP F 58 46.61 20.03 -14.58
C ASP F 58 46.72 18.61 -15.19
N GLY F 59 47.91 18.27 -15.70
CA GLY F 59 48.17 16.95 -16.25
C GLY F 59 48.16 15.83 -15.22
N SER F 60 48.25 16.15 -13.91
CA SER F 60 48.21 15.12 -12.88
C SER F 60 46.78 14.67 -12.55
N SER F 61 45.76 15.36 -13.08
CA SER F 61 44.37 14.95 -12.92
C SER F 61 43.86 14.19 -14.16
N ILE F 62 44.75 13.87 -15.14
CA ILE F 62 44.40 13.15 -16.35
C ILE F 62 45.13 11.82 -16.33
N GLU F 63 44.40 10.73 -16.55
CA GLU F 63 44.97 9.39 -16.52
C GLU F 63 46.03 9.16 -17.61
N GLY F 64 47.17 8.63 -17.19
CA GLY F 64 48.30 8.31 -18.05
C GLY F 64 49.18 9.50 -18.42
N PHE F 65 48.93 10.68 -17.81
CA PHE F 65 49.72 11.85 -18.13
C PHE F 65 50.91 12.03 -17.16
N VAL F 66 50.91 13.05 -16.27
CA VAL F 66 52.08 13.33 -15.45
C VAL F 66 51.77 13.27 -13.93
N GLY F 67 52.82 13.34 -13.13
CA GLY F 67 52.72 13.32 -11.69
C GLY F 67 52.45 14.71 -11.15
N ILE F 68 52.06 14.79 -9.87
CA ILE F 68 51.69 16.03 -9.22
C ILE F 68 52.79 17.12 -9.19
N ASN F 69 54.08 16.73 -9.08
CA ASN F 69 55.18 17.68 -8.98
C ASN F 69 55.66 18.26 -10.33
N GLU F 70 55.07 17.84 -11.43
CA GLU F 70 55.45 18.32 -12.77
C GLU F 70 54.13 18.41 -13.55
N SER F 71 53.13 19.05 -12.92
CA SER F 71 51.73 19.03 -13.30
C SER F 71 51.32 19.90 -14.45
N ASP F 72 51.85 21.12 -14.51
CA ASP F 72 51.37 22.09 -15.48
C ASP F 72 51.57 21.58 -16.91
N MET F 73 50.48 21.55 -17.72
CA MET F 73 50.55 21.13 -19.11
C MET F 73 49.76 22.09 -20.00
N MET F 74 49.88 21.95 -21.32
CA MET F 74 49.20 22.84 -22.26
C MET F 74 48.43 22.09 -23.33
N LEU F 75 47.41 22.73 -23.88
CA LEU F 75 46.64 22.23 -25.00
C LEU F 75 46.86 23.13 -26.19
N LYS F 76 47.25 22.56 -27.33
CA LYS F 76 47.48 23.33 -28.54
C LYS F 76 46.45 22.94 -29.55
N PRO F 77 45.45 23.80 -29.80
CA PRO F 77 44.40 23.42 -30.80
C PRO F 77 44.93 23.07 -32.18
N ASP F 78 44.30 22.09 -32.81
CA ASP F 78 44.53 21.71 -34.20
C ASP F 78 43.32 22.31 -34.87
N LEU F 79 43.48 23.43 -35.59
CA LEU F 79 42.34 24.17 -36.11
C LEU F 79 41.56 23.49 -37.20
N SER F 80 42.14 22.45 -37.83
CA SER F 80 41.40 21.69 -38.84
C SER F 80 40.24 20.85 -38.19
N THR F 81 40.23 20.68 -36.86
CA THR F 81 39.20 19.90 -36.16
C THR F 81 37.98 20.74 -35.72
N PHE F 82 37.96 22.04 -36.03
CA PHE F 82 36.87 22.92 -35.63
C PHE F 82 35.51 22.32 -36.08
N SER F 83 34.56 22.23 -35.13
CA SER F 83 33.19 21.74 -35.36
C SER F 83 32.28 22.38 -34.31
N VAL F 84 30.99 22.57 -34.67
CA VAL F 84 29.91 23.02 -33.82
C VAL F 84 29.18 21.76 -33.31
N LEU F 85 28.94 21.70 -32.00
CA LEU F 85 28.24 20.54 -31.36
C LEU F 85 26.73 20.66 -31.62
N PRO F 86 26.12 19.71 -32.38
CA PRO F 86 24.68 19.73 -32.67
C PRO F 86 23.76 19.57 -31.45
N TRP F 87 24.17 18.73 -30.49
CA TRP F 87 23.35 18.48 -29.27
C TRP F 87 23.21 19.75 -28.42
N ARG F 88 24.23 20.60 -28.41
CA ARG F 88 24.19 21.87 -27.64
C ARG F 88 23.30 22.91 -28.34
N PRO F 89 22.83 23.97 -27.63
CA PRO F 89 21.97 25.01 -28.22
C PRO F 89 22.45 25.68 -29.52
N SER F 90 21.50 26.12 -30.35
CA SER F 90 21.78 26.74 -31.66
C SER F 90 22.10 28.19 -31.49
N GLU F 91 21.39 28.90 -30.60
CA GLU F 91 21.68 30.31 -30.36
C GLU F 91 22.73 30.37 -29.26
N LYS F 92 23.81 31.16 -29.47
CA LYS F 92 24.95 31.18 -28.57
C LYS F 92 25.53 29.73 -28.53
N SER F 93 25.84 29.21 -29.73
CA SER F 93 26.24 27.84 -29.94
C SER F 93 27.63 27.46 -29.37
N VAL F 94 27.92 26.15 -29.40
CA VAL F 94 29.08 25.57 -28.78
C VAL F 94 29.87 24.89 -29.86
N ALA F 95 31.14 25.24 -29.96
CA ALA F 95 32.06 24.66 -30.93
C ALA F 95 33.15 23.97 -30.14
N ARG F 96 33.91 23.12 -30.79
CA ARG F 96 35.01 22.42 -30.16
C ARG F 96 36.22 22.53 -31.07
N VAL F 97 37.38 22.25 -30.50
CA VAL F 97 38.59 22.15 -31.29
C VAL F 97 39.42 21.03 -30.59
N ILE F 98 39.83 19.98 -31.32
CA ILE F 98 40.64 18.92 -30.73
C ILE F 98 42.09 19.47 -30.62
N CYS F 99 42.75 19.20 -29.48
CA CYS F 99 44.06 19.71 -29.15
C CYS F 99 45.09 18.65 -29.06
N ASP F 100 46.33 19.05 -29.26
CA ASP F 100 47.51 18.24 -29.03
C ASP F 100 48.04 18.65 -27.65
N VAL F 101 48.54 17.68 -26.87
CA VAL F 101 49.03 17.99 -25.51
C VAL F 101 50.51 18.35 -25.58
N TYR F 102 50.87 19.47 -24.94
CA TYR F 102 52.22 19.97 -24.95
C TYR F 102 52.73 20.19 -23.53
N THR F 103 54.04 20.22 -23.38
CA THR F 103 54.65 20.51 -22.11
C THR F 103 54.69 22.04 -21.98
N THR F 104 54.98 22.54 -20.79
CA THR F 104 55.14 23.96 -20.56
C THR F 104 56.28 24.53 -21.43
N LYS F 105 57.29 23.68 -21.76
CA LYS F 105 58.42 24.09 -22.61
C LYS F 105 58.06 24.19 -24.11
N GLY F 106 56.80 23.99 -24.47
CA GLY F 106 56.34 24.10 -25.85
C GLY F 106 56.72 22.90 -26.69
N LYS F 107 56.88 21.72 -26.05
CA LYS F 107 57.23 20.51 -26.77
C LYS F 107 56.07 19.50 -26.74
N PRO F 108 55.79 18.79 -27.85
CA PRO F 108 54.69 17.78 -27.80
C PRO F 108 54.90 16.78 -26.68
N PHE F 109 53.85 16.50 -25.90
CA PHE F 109 53.96 15.58 -24.77
C PHE F 109 54.14 14.13 -25.27
N GLU F 110 55.19 13.44 -24.76
CA GLU F 110 55.49 12.05 -25.11
C GLU F 110 54.34 11.08 -24.74
N GLY F 111 53.53 11.43 -23.74
CA GLY F 111 52.42 10.58 -23.31
C GLY F 111 51.09 10.90 -23.99
N ASP F 112 51.08 11.78 -25.01
CA ASP F 112 49.85 12.15 -25.72
C ASP F 112 49.48 11.07 -26.75
N PRO F 113 48.32 10.41 -26.60
CA PRO F 113 47.93 9.41 -27.63
C PRO F 113 47.78 10.02 -29.02
N ARG F 114 47.24 11.25 -29.15
CA ARG F 114 47.05 11.87 -30.46
C ARG F 114 48.40 12.13 -31.14
N GLY F 115 49.34 12.73 -30.40
CA GLY F 115 50.69 12.99 -30.91
C GLY F 115 51.40 11.70 -31.27
N CYS F 116 51.12 10.63 -30.53
CA CYS F 116 51.68 9.32 -30.83
C CYS F 116 51.26 8.87 -32.24
N LEU F 117 49.98 9.03 -32.60
CA LEU F 117 49.50 8.64 -33.94
C LEU F 117 50.01 9.65 -35.01
N LYS F 118 50.04 10.96 -34.69
CA LYS F 118 50.58 11.93 -35.63
C LYS F 118 52.03 11.56 -36.03
N ARG F 119 52.84 11.20 -35.05
CA ARG F 119 54.25 10.91 -35.26
C ARG F 119 54.49 9.67 -36.14
N VAL F 120 53.74 8.58 -35.93
CA VAL F 120 53.93 7.40 -36.79
C VAL F 120 53.42 7.71 -38.21
N MET F 121 52.38 8.52 -38.33
CA MET F 121 51.87 8.92 -39.65
C MET F 121 52.87 9.84 -40.36
N GLU F 122 53.51 10.75 -39.63
CA GLU F 122 54.50 11.65 -40.21
C GLU F 122 55.69 10.83 -40.69
N GLU F 123 56.12 9.83 -39.90
CA GLU F 123 57.24 8.97 -40.29
C GLU F 123 56.87 8.14 -41.51
N PHE F 124 55.64 7.64 -41.59
CA PHE F 124 55.20 6.86 -42.75
C PHE F 124 55.21 7.73 -44.02
N LYS F 125 54.75 8.99 -43.93
CA LYS F 125 54.76 9.87 -45.09
C LYS F 125 56.17 10.22 -45.50
N LYS F 126 57.06 10.44 -44.53
CA LYS F 126 58.43 10.79 -44.85
C LYS F 126 59.20 9.62 -45.51
N GLU F 127 58.99 8.40 -45.02
CA GLU F 127 59.72 7.22 -45.50
C GLU F 127 59.15 6.60 -46.78
N PHE F 128 57.84 6.57 -46.97
CA PHE F 128 57.24 5.93 -48.15
C PHE F 128 56.37 6.86 -48.98
N ASN F 129 56.14 8.09 -48.53
CA ASN F 129 55.17 8.98 -49.16
C ASN F 129 53.78 8.32 -49.11
N GLY F 130 53.52 7.65 -47.99
CA GLY F 130 52.30 6.89 -47.81
C GLY F 130 51.28 7.59 -46.93
N GLU F 131 50.02 7.23 -47.14
CA GLU F 131 48.90 7.69 -46.34
C GLU F 131 48.22 6.45 -45.75
N TYR F 132 47.75 6.54 -44.49
CA TYR F 132 47.10 5.43 -43.83
C TYR F 132 45.62 5.74 -43.67
N PHE F 133 44.76 4.97 -44.35
CA PHE F 133 43.31 5.18 -44.35
C PHE F 133 42.62 4.12 -43.52
N VAL F 134 41.73 4.56 -42.60
CA VAL F 134 40.97 3.66 -41.74
C VAL F 134 39.48 3.97 -41.79
N GLY F 135 38.67 2.92 -41.87
CA GLY F 135 37.21 2.98 -41.79
C GLY F 135 36.71 2.07 -40.67
N PRO F 136 36.47 2.63 -39.46
CA PRO F 136 36.06 1.81 -38.32
C PRO F 136 34.54 1.75 -38.17
N GLU F 137 34.04 0.69 -37.56
CA GLU F 137 32.59 0.46 -37.45
C GLU F 137 32.23 0.23 -36.00
N PRO F 138 32.22 1.30 -35.18
CA PRO F 138 31.94 1.11 -33.74
C PRO F 138 30.47 0.84 -33.40
N GLU F 139 30.12 -0.44 -33.17
CA GLU F 139 28.76 -0.84 -32.86
C GLU F 139 28.45 -0.45 -31.43
N PHE F 140 27.16 -0.31 -31.10
CA PHE F 140 26.73 0.08 -29.77
C PHE F 140 25.34 -0.49 -29.48
N PHE F 141 24.99 -0.54 -28.20
CA PHE F 141 23.68 -0.94 -27.72
C PHE F 141 22.96 0.28 -27.24
N LEU F 142 21.65 0.28 -27.41
CA LEU F 142 20.77 1.26 -26.84
C LEU F 142 20.10 0.51 -25.70
N LEU F 143 20.03 1.13 -24.53
CA LEU F 143 19.53 0.47 -23.33
C LEU F 143 18.41 1.21 -22.73
N LYS F 144 17.55 0.48 -22.02
CA LYS F 144 16.50 1.09 -21.20
C LYS F 144 16.50 0.37 -19.86
N LYS F 145 15.84 0.93 -18.84
CA LYS F 145 15.81 0.28 -17.52
C LYS F 145 14.92 -0.93 -17.56
N ASP F 146 15.32 -1.96 -16.81
CA ASP F 146 14.52 -3.17 -16.67
C ASP F 146 13.23 -2.77 -15.91
N PRO F 147 12.03 -2.96 -16.45
CA PRO F 147 10.82 -2.58 -15.70
C PRO F 147 10.67 -3.36 -14.38
N HIS F 148 11.28 -4.56 -14.29
CA HIS F 148 11.26 -5.38 -13.09
C HIS F 148 12.32 -4.92 -12.08
N ASN F 149 13.47 -4.39 -12.53
CA ASN F 149 14.45 -3.83 -11.59
C ASN F 149 15.03 -2.54 -12.17
N PRO F 150 14.68 -1.37 -11.60
CA PRO F 150 15.20 -0.10 -12.17
C PRO F 150 16.70 0.10 -12.01
N HIS F 151 17.37 -0.75 -11.24
CA HIS F 151 18.81 -0.68 -11.07
C HIS F 151 19.58 -1.37 -12.24
N LYS F 152 18.88 -2.16 -13.07
CA LYS F 152 19.47 -2.86 -14.19
C LYS F 152 19.05 -2.29 -15.54
N TYR F 153 19.91 -2.46 -16.55
CA TYR F 153 19.64 -2.04 -17.92
C TYR F 153 19.46 -3.26 -18.82
N ILE F 154 18.53 -3.14 -19.78
CA ILE F 154 18.26 -4.20 -20.75
C ILE F 154 18.34 -3.62 -22.17
N PRO F 155 18.44 -4.45 -23.22
CA PRO F 155 18.41 -3.88 -24.59
C PRO F 155 17.11 -3.10 -24.86
N ALA F 156 17.21 -2.01 -25.61
CA ALA F 156 16.08 -1.11 -25.87
C ALA F 156 14.96 -1.72 -26.75
N ASP F 157 15.26 -2.77 -27.51
CA ASP F 157 14.23 -3.46 -28.30
C ASP F 157 14.59 -4.92 -28.47
N ASP F 158 13.76 -5.69 -29.18
CA ASP F 158 14.04 -7.11 -29.44
C ASP F 158 14.38 -7.39 -30.89
N GLY F 159 14.77 -6.37 -31.64
CA GLY F 159 15.06 -6.54 -33.06
C GLY F 159 16.40 -7.18 -33.34
N GLY F 160 16.59 -7.51 -34.61
CA GLY F 160 17.79 -8.15 -35.10
C GLY F 160 18.34 -7.44 -36.32
N TYR F 161 19.28 -8.08 -36.97
CA TYR F 161 20.01 -7.50 -38.10
C TYR F 161 19.11 -6.97 -39.20
N PHE F 162 19.26 -5.68 -39.56
CA PHE F 162 18.52 -5.04 -40.66
C PHE F 162 16.99 -5.06 -40.45
N ASP F 163 16.51 -5.27 -39.24
CA ASP F 163 15.05 -5.31 -39.05
C ASP F 163 14.40 -3.97 -39.32
N LEU F 164 13.12 -4.00 -39.70
CA LEU F 164 12.29 -2.81 -39.87
C LEU F 164 11.47 -2.58 -38.62
N GLU F 165 10.96 -1.34 -38.49
CA GLU F 165 10.00 -0.95 -37.45
C GLU F 165 8.74 -1.75 -37.69
N PRO F 166 7.93 -2.02 -36.65
CA PRO F 166 8.11 -1.64 -35.24
C PRO F 166 9.04 -2.52 -34.43
N MET F 167 9.52 -3.64 -34.99
CA MET F 167 10.45 -4.53 -34.29
C MET F 167 11.78 -3.76 -33.98
N ASP F 168 12.29 -3.04 -34.98
CA ASP F 168 13.40 -2.10 -34.82
C ASP F 168 12.78 -0.82 -34.27
N GLU F 169 13.10 -0.45 -33.02
CA GLU F 169 12.49 0.70 -32.39
C GLU F 169 13.37 1.93 -32.42
N ALA F 170 14.46 1.93 -33.21
CA ALA F 170 15.40 3.03 -33.21
C ALA F 170 15.46 3.88 -34.48
N PRO F 171 14.54 3.81 -35.47
CA PRO F 171 14.68 4.70 -36.63
C PRO F 171 14.84 6.17 -36.26
N ASP F 172 14.04 6.67 -35.28
CA ASP F 172 14.12 8.06 -34.79
C ASP F 172 15.47 8.39 -34.14
N ILE F 173 16.04 7.45 -33.35
CA ILE F 173 17.32 7.68 -32.71
C ILE F 173 18.41 7.65 -33.79
N ARG F 174 18.44 6.60 -34.63
CA ARG F 174 19.48 6.52 -35.68
C ARG F 174 19.42 7.73 -36.62
N ARG F 175 18.20 8.20 -36.93
CA ARG F 175 17.97 9.44 -37.69
C ARG F 175 18.68 10.66 -37.06
N ASP F 176 18.43 10.93 -35.79
CA ASP F 176 19.03 12.06 -35.09
C ASP F 176 20.56 11.89 -34.96
N ILE F 177 21.06 10.67 -34.75
CA ILE F 177 22.49 10.45 -34.72
C ILE F 177 23.10 10.85 -36.10
N VAL F 178 22.51 10.37 -37.22
CA VAL F 178 23.01 10.68 -38.57
C VAL F 178 23.01 12.22 -38.79
N PHE F 179 21.94 12.90 -38.40
CA PHE F 179 21.88 14.36 -38.57
C PHE F 179 22.98 15.08 -37.76
N ALA F 180 23.27 14.62 -36.56
CA ALA F 180 24.29 15.21 -35.71
C ALA F 180 25.66 14.95 -36.32
N LEU F 181 25.93 13.73 -36.81
CA LEU F 181 27.20 13.40 -37.43
C LEU F 181 27.39 14.22 -38.70
N GLU F 182 26.34 14.45 -39.48
CA GLU F 182 26.49 15.28 -40.68
C GLU F 182 26.81 16.70 -40.30
N ASN F 183 26.15 17.24 -39.26
CA ASN F 183 26.45 18.59 -38.77
C ASN F 183 27.87 18.68 -38.21
N LEU F 184 28.42 17.55 -37.78
CA LEU F 184 29.77 17.47 -37.26
C LEU F 184 30.80 17.31 -38.40
N GLY F 185 30.35 17.22 -39.64
CA GLY F 185 31.23 17.09 -40.79
C GLY F 185 31.52 15.67 -41.22
N PHE F 186 30.84 14.68 -40.63
CA PHE F 186 31.02 13.27 -41.03
C PHE F 186 30.36 13.04 -42.37
N HIS F 187 30.89 12.07 -43.14
CA HIS F 187 30.23 11.61 -44.34
C HIS F 187 29.62 10.26 -43.95
N VAL F 188 28.34 10.25 -43.56
CA VAL F 188 27.69 9.02 -43.12
C VAL F 188 27.39 8.11 -44.30
N GLU F 189 27.59 6.81 -44.14
CA GLU F 189 27.39 5.87 -45.24
C GLU F 189 26.12 5.04 -45.12
N ALA F 190 25.78 4.60 -43.91
CA ALA F 190 24.64 3.71 -43.71
C ALA F 190 24.32 3.54 -42.22
N SER F 191 23.08 3.17 -41.91
CA SER F 191 22.69 2.90 -40.54
C SER F 191 21.65 1.81 -40.52
N HIS F 192 21.70 0.97 -39.48
CA HIS F 192 20.77 -0.14 -39.42
C HIS F 192 20.82 -0.79 -38.08
N HIS F 193 19.79 -1.60 -37.77
CA HIS F 193 19.76 -2.40 -36.56
C HIS F 193 20.82 -3.51 -36.76
N GLU F 194 21.55 -3.87 -35.71
CA GLU F 194 22.56 -4.92 -35.77
C GLU F 194 22.02 -6.23 -35.24
N VAL F 195 22.86 -7.27 -35.16
CA VAL F 195 22.41 -8.63 -34.85
C VAL F 195 21.67 -8.76 -33.52
N ALA F 196 22.19 -8.17 -32.44
CA ALA F 196 21.60 -8.38 -31.12
C ALA F 196 20.42 -7.43 -30.82
N PRO F 197 19.54 -7.82 -29.88
CA PRO F 197 18.49 -6.88 -29.45
C PRO F 197 19.08 -5.53 -29.02
N GLY F 198 18.48 -4.42 -29.43
CA GLY F 198 18.95 -3.10 -29.04
C GLY F 198 20.29 -2.68 -29.60
N GLN F 199 20.91 -3.49 -30.47
CA GLN F 199 22.22 -3.15 -31.03
C GLN F 199 22.10 -2.45 -32.37
N HIS F 200 23.00 -1.50 -32.67
CA HIS F 200 22.90 -0.70 -33.90
C HIS F 200 24.25 -0.38 -34.50
N GLU F 201 24.24 0.13 -35.73
CA GLU F 201 25.45 0.49 -36.43
C GLU F 201 25.17 1.71 -37.30
N VAL F 202 26.09 2.69 -37.26
CA VAL F 202 26.04 3.88 -38.10
C VAL F 202 27.44 4.02 -38.67
N ASP F 203 27.60 3.73 -39.97
CA ASP F 203 28.88 3.75 -40.65
C ASP F 203 29.17 5.11 -41.24
N PHE F 204 30.46 5.51 -41.24
CA PHE F 204 30.89 6.77 -41.79
C PHE F 204 32.10 6.49 -42.68
N LYS F 205 32.36 7.40 -43.63
CA LYS F 205 33.39 7.17 -44.62
C LYS F 205 34.76 7.15 -44.00
N PHE F 206 35.61 6.27 -44.51
CA PHE F 206 36.98 6.20 -44.06
C PHE F 206 37.73 7.50 -44.40
N ASP F 207 38.83 7.74 -43.69
CA ASP F 207 39.66 8.91 -43.95
C ASP F 207 41.05 8.60 -43.45
N ASP F 208 41.98 9.58 -43.44
CA ASP F 208 43.31 9.30 -42.88
C ASP F 208 43.16 8.94 -41.40
N ALA F 209 44.05 8.11 -40.86
CA ALA F 209 43.97 7.61 -39.50
C ALA F 209 43.74 8.67 -38.44
N LEU F 210 44.35 9.88 -38.59
CA LEU F 210 44.20 10.92 -37.57
C LEU F 210 42.79 11.48 -37.54
N LYS F 211 42.25 11.86 -38.71
CA LYS F 211 40.90 12.35 -38.83
C LYS F 211 39.90 11.31 -38.36
N THR F 212 40.15 10.03 -38.70
CA THR F 212 39.27 8.93 -38.30
C THR F 212 39.30 8.71 -36.80
N ALA F 213 40.49 8.83 -36.17
CA ALA F 213 40.60 8.69 -34.72
C ALA F 213 39.83 9.82 -34.04
N ASP F 214 39.99 11.07 -34.54
CA ASP F 214 39.23 12.22 -34.02
C ASP F 214 37.73 11.96 -34.15
N SER F 215 37.29 11.38 -35.32
CA SER F 215 35.88 11.06 -35.58
C SER F 215 35.36 9.95 -34.67
N VAL F 216 36.15 8.91 -34.39
CA VAL F 216 35.71 7.85 -33.46
C VAL F 216 35.39 8.44 -32.06
N ILE F 217 36.24 9.35 -31.57
CA ILE F 217 36.01 9.97 -30.26
C ILE F 217 34.73 10.77 -30.30
N THR F 218 34.57 11.60 -31.34
CA THR F 218 33.40 12.46 -31.51
C THR F 218 32.11 11.64 -31.70
N PHE F 219 32.22 10.55 -32.46
CA PHE F 219 31.14 9.64 -32.74
C PHE F 219 30.56 9.06 -31.45
N LYS F 220 31.42 8.55 -30.57
CA LYS F 220 30.96 7.94 -29.31
C LYS F 220 30.28 8.95 -28.37
N THR F 221 30.73 10.20 -28.36
CA THR F 221 30.07 11.23 -27.56
C THR F 221 28.72 11.53 -28.14
N THR F 222 28.64 11.66 -29.49
CA THR F 222 27.38 11.95 -30.18
C THR F 222 26.37 10.87 -29.91
N ILE F 223 26.73 9.57 -30.12
CA ILE F 223 25.74 8.49 -29.94
C ILE F 223 25.19 8.55 -28.52
N LYS F 224 26.06 8.74 -27.53
CA LYS F 224 25.70 8.75 -26.11
C LYS F 224 24.82 9.96 -25.71
N THR F 225 25.10 11.14 -26.26
CA THR F 225 24.29 12.31 -25.92
C THR F 225 22.95 12.25 -26.65
N ILE F 226 22.89 11.83 -27.95
CA ILE F 226 21.61 11.72 -28.67
C ILE F 226 20.72 10.67 -27.97
N ALA F 227 21.27 9.52 -27.58
CA ALA F 227 20.48 8.49 -26.91
C ALA F 227 19.85 9.03 -25.62
N GLU F 228 20.65 9.80 -24.87
CA GLU F 228 20.13 10.42 -23.62
C GLU F 228 18.95 11.34 -23.95
N GLN F 229 19.03 12.10 -25.04
CA GLN F 229 17.92 12.96 -25.44
C GLN F 229 16.65 12.15 -25.72
N HIS F 230 16.78 10.87 -26.14
CA HIS F 230 15.60 10.03 -26.39
C HIS F 230 15.20 9.21 -25.15
N GLY F 231 15.75 9.53 -23.98
CA GLY F 231 15.45 8.81 -22.77
C GLY F 231 16.05 7.42 -22.71
N LEU F 232 17.05 7.15 -23.53
CA LEU F 232 17.74 5.86 -23.54
C LEU F 232 19.20 6.08 -23.11
N LYS F 233 19.95 4.99 -22.96
CA LYS F 233 21.37 5.05 -22.64
C LYS F 233 22.12 4.25 -23.70
N ALA F 234 23.18 4.80 -24.30
CA ALA F 234 23.97 4.03 -25.27
C ALA F 234 25.22 3.49 -24.57
N THR F 235 25.67 2.28 -24.95
CA THR F 235 26.91 1.75 -24.41
C THR F 235 27.80 1.20 -25.52
N PHE F 236 29.10 1.48 -25.40
CA PHE F 236 30.09 0.91 -26.30
C PHE F 236 30.86 -0.24 -25.59
N MET F 237 30.30 -0.79 -24.49
CA MET F 237 30.84 -1.95 -23.77
C MET F 237 30.94 -3.11 -24.78
N PRO F 238 32.10 -3.77 -24.90
CA PRO F 238 32.24 -4.86 -25.90
C PRO F 238 31.22 -6.00 -25.80
N LYS F 239 30.90 -6.43 -24.59
CA LYS F 239 29.96 -7.53 -24.38
C LYS F 239 29.07 -7.23 -23.16
N PRO F 240 28.02 -6.40 -23.33
CA PRO F 240 27.17 -6.09 -22.18
C PRO F 240 26.28 -7.25 -21.72
N PHE F 241 25.89 -8.13 -22.64
CA PHE F 241 24.95 -9.20 -22.36
C PHE F 241 25.45 -10.55 -22.81
N PHE F 242 25.38 -11.55 -21.91
CA PHE F 242 25.77 -12.89 -22.25
C PHE F 242 24.64 -13.46 -23.17
N GLY F 243 25.00 -14.31 -24.15
CA GLY F 243 23.99 -14.95 -24.98
C GLY F 243 23.59 -14.18 -26.22
N MET F 244 24.21 -13.05 -26.48
CA MET F 244 23.93 -12.29 -27.68
C MET F 244 25.21 -11.63 -28.12
N ASN F 245 25.26 -11.18 -29.37
CA ASN F 245 26.44 -10.56 -29.94
C ASN F 245 27.03 -9.43 -29.10
N GLY F 246 28.34 -9.34 -29.13
CA GLY F 246 29.06 -8.24 -28.56
C GLY F 246 29.15 -7.15 -29.61
N SER F 247 29.70 -5.97 -29.23
CA SER F 247 29.93 -4.87 -30.15
C SER F 247 31.38 -4.84 -30.54
N GLY F 248 31.65 -4.93 -31.84
CA GLY F 248 32.99 -4.80 -32.34
C GLY F 248 33.23 -3.43 -32.93
N MET F 249 34.45 -3.16 -33.29
CA MET F 249 34.83 -1.97 -34.05
C MET F 249 35.81 -2.45 -35.09
N HIS F 250 35.30 -3.16 -36.11
CA HIS F 250 36.11 -3.66 -37.22
C HIS F 250 36.79 -2.50 -37.89
N CYS F 251 38.08 -2.62 -38.19
CA CYS F 251 38.83 -1.53 -38.76
C CYS F 251 39.25 -1.87 -40.18
N HIS F 252 38.56 -1.29 -41.17
CA HIS F 252 38.90 -1.44 -42.56
C HIS F 252 40.09 -0.50 -42.75
N GLN F 253 41.13 -0.96 -43.40
CA GLN F 253 42.30 -0.13 -43.56
C GLN F 253 43.06 -0.43 -44.83
N SER F 254 43.70 0.57 -45.36
CA SER F 254 44.52 0.43 -46.57
C SER F 254 45.57 1.50 -46.55
N ILE F 255 46.72 1.23 -47.17
CA ILE F 255 47.75 2.26 -47.30
C ILE F 255 47.84 2.67 -48.78
N TRP F 256 48.00 3.97 -49.03
CA TRP F 256 48.08 4.50 -50.39
C TRP F 256 49.44 5.13 -50.56
N LEU F 257 50.26 4.60 -51.48
CA LEU F 257 51.59 5.17 -51.75
C LEU F 257 51.51 6.05 -52.97
N ASN F 258 52.07 7.26 -52.89
CA ASN F 258 52.09 8.22 -53.99
C ASN F 258 50.69 8.46 -54.59
N GLY F 259 49.69 8.55 -53.71
CA GLY F 259 48.31 8.81 -54.12
C GLY F 259 47.55 7.68 -54.77
N GLU F 260 48.13 6.47 -54.81
CA GLU F 260 47.47 5.33 -55.45
C GLU F 260 47.03 4.27 -54.46
N PRO F 261 45.96 3.50 -54.76
CA PRO F 261 45.54 2.43 -53.84
C PRO F 261 46.47 1.22 -53.98
N SER F 262 47.66 1.28 -53.37
CA SER F 262 48.72 0.27 -53.37
C SER F 262 48.26 -1.17 -53.07
N PHE F 263 47.16 -1.34 -52.29
CA PHE F 263 46.65 -2.69 -51.98
C PHE F 263 45.99 -3.37 -53.22
N TYR F 264 45.58 -2.59 -54.23
CA TYR F 264 44.94 -3.14 -55.43
C TYR F 264 45.98 -3.45 -56.53
N ASP F 265 45.86 -4.64 -57.12
CA ASP F 265 46.74 -5.08 -58.20
C ASP F 265 45.92 -5.94 -59.15
N GLU F 266 45.47 -5.30 -60.23
CA GLU F 266 44.62 -5.91 -61.26
C GLU F 266 45.11 -7.29 -61.72
N ASN F 267 46.44 -7.47 -61.86
CA ASN F 267 47.01 -8.72 -62.37
C ASN F 267 47.60 -9.66 -61.33
N ALA F 268 47.19 -9.55 -60.07
CA ALA F 268 47.71 -10.42 -59.02
C ALA F 268 46.65 -11.39 -58.54
N PRO F 269 47.03 -12.49 -57.85
CA PRO F 269 45.98 -13.37 -57.28
C PRO F 269 45.06 -12.61 -56.32
N TYR F 270 43.73 -12.83 -56.46
CA TYR F 270 42.69 -12.14 -55.66
C TYR F 270 42.64 -10.64 -55.96
N GLN F 271 43.43 -10.17 -56.93
CA GLN F 271 43.60 -8.75 -57.26
C GLN F 271 44.13 -7.96 -56.04
N LEU F 272 44.95 -8.62 -55.21
CA LEU F 272 45.57 -8.02 -54.04
C LEU F 272 47.07 -7.94 -54.32
N SER F 273 47.64 -6.75 -54.10
CA SER F 273 49.04 -6.49 -54.37
C SER F 273 49.95 -7.21 -53.36
N GLU F 274 51.26 -7.14 -53.64
CA GLU F 274 52.26 -7.68 -52.74
C GLU F 274 52.29 -6.84 -51.46
N THR F 275 52.18 -5.50 -51.58
CA THR F 275 52.14 -4.60 -50.42
C THR F 275 50.97 -4.99 -49.48
N CYS F 276 49.79 -5.35 -50.05
CA CYS F 276 48.64 -5.81 -49.28
C CYS F 276 49.02 -7.05 -48.47
N MET F 277 49.65 -8.02 -49.13
CA MET F 277 50.05 -9.26 -48.49
C MET F 277 51.13 -9.09 -47.45
N ASN F 278 52.10 -8.20 -47.68
CA ASN F 278 53.14 -7.92 -46.71
C ASN F 278 52.50 -7.27 -45.45
N TYR F 279 51.54 -6.35 -45.67
CA TYR F 279 50.83 -5.67 -44.58
C TYR F 279 49.99 -6.67 -43.75
N VAL F 280 49.24 -7.54 -44.45
CA VAL F 280 48.43 -8.59 -43.79
C VAL F 280 49.36 -9.50 -42.97
N ALA F 281 50.50 -9.83 -43.51
CA ALA F 281 51.50 -10.63 -42.82
C ALA F 281 52.01 -9.95 -41.52
N GLY F 282 52.18 -8.63 -41.55
CA GLY F 282 52.61 -7.87 -40.38
C GLY F 282 51.56 -7.86 -39.27
N ILE F 283 50.29 -7.62 -39.64
CA ILE F 283 49.17 -7.62 -38.70
C ILE F 283 49.06 -9.01 -38.06
N LEU F 284 49.13 -10.08 -38.88
CA LEU F 284 49.00 -11.45 -38.36
C LEU F 284 50.16 -11.79 -37.45
N LYS F 285 51.36 -11.35 -37.79
CA LYS F 285 52.52 -11.61 -36.95
C LYS F 285 52.36 -11.00 -35.54
N HIS F 286 51.83 -9.78 -35.44
CA HIS F 286 51.70 -9.09 -34.16
C HIS F 286 50.31 -9.12 -33.54
N ALA F 287 49.36 -9.88 -34.14
CA ALA F 287 47.98 -9.90 -33.67
C ALA F 287 47.84 -10.17 -32.16
N LYS F 288 48.60 -11.12 -31.60
CA LYS F 288 48.55 -11.44 -30.16
C LYS F 288 48.85 -10.23 -29.24
N ALA F 289 49.72 -9.33 -29.67
CA ALA F 289 50.06 -8.13 -28.88
C ALA F 289 49.14 -6.98 -29.26
N ILE F 290 48.74 -6.89 -30.55
CA ILE F 290 47.86 -5.78 -30.98
C ILE F 290 46.60 -5.73 -30.15
N VAL F 291 46.02 -6.89 -29.82
CA VAL F 291 44.76 -6.93 -29.06
C VAL F 291 44.88 -6.37 -27.63
N ALA F 292 46.11 -6.24 -27.06
CA ALA F 292 46.22 -5.60 -25.73
C ALA F 292 45.71 -4.16 -25.83
N ILE F 293 45.95 -3.52 -27.00
CA ILE F 293 45.58 -2.14 -27.26
C ILE F 293 44.19 -2.03 -27.90
N THR F 294 43.88 -2.90 -28.89
CA THR F 294 42.60 -2.81 -29.61
C THR F 294 41.43 -3.43 -28.79
N ASN F 295 41.74 -4.21 -27.77
CA ASN F 295 40.76 -4.89 -26.92
C ASN F 295 41.29 -4.72 -25.51
N PRO F 296 41.26 -3.51 -24.95
CA PRO F 296 41.98 -3.25 -23.69
C PRO F 296 41.23 -3.42 -22.38
N THR F 297 40.05 -4.03 -22.37
CA THR F 297 39.29 -4.20 -21.13
C THR F 297 39.16 -5.68 -20.79
N VAL F 298 38.73 -5.99 -19.57
CA VAL F 298 38.48 -7.38 -19.19
C VAL F 298 37.31 -7.92 -20.04
N ASN F 299 36.27 -7.09 -20.18
CA ASN F 299 35.05 -7.47 -20.89
C ASN F 299 35.29 -7.70 -22.40
N SER F 300 36.36 -7.13 -22.97
CA SER F 300 36.71 -7.38 -24.37
C SER F 300 36.86 -8.83 -24.67
N TYR F 301 37.35 -9.61 -23.71
CA TYR F 301 37.61 -11.03 -23.91
C TYR F 301 36.43 -11.90 -23.57
N LYS F 302 35.24 -11.29 -23.46
CA LYS F 302 33.98 -12.02 -23.35
C LYS F 302 33.30 -11.98 -24.76
N ARG F 303 33.78 -11.10 -25.67
CA ARG F 303 33.41 -11.08 -27.08
C ARG F 303 34.57 -11.77 -27.83
N LEU F 304 35.81 -11.32 -27.58
CA LEU F 304 37.01 -11.87 -28.21
C LEU F 304 37.42 -13.08 -27.38
N VAL F 305 36.64 -14.16 -27.46
CA VAL F 305 36.85 -15.30 -26.58
C VAL F 305 37.31 -16.56 -27.33
N PRO F 306 38.61 -16.93 -27.21
CA PRO F 306 39.09 -18.15 -27.88
C PRO F 306 38.27 -19.38 -27.54
N GLY F 307 38.09 -20.24 -28.54
CA GLY F 307 37.32 -21.46 -28.41
C GLY F 307 35.90 -21.30 -28.85
N TYR F 308 35.49 -20.06 -29.22
CA TYR F 308 34.11 -19.79 -29.63
C TYR F 308 34.06 -19.04 -30.97
N GLU F 309 32.86 -18.75 -31.47
CA GLU F 309 32.67 -18.00 -32.70
C GLU F 309 32.99 -16.53 -32.44
N ALA F 310 34.23 -16.13 -32.68
CA ALA F 310 34.70 -14.78 -32.43
C ALA F 310 35.87 -14.47 -33.38
N PRO F 311 36.26 -13.18 -33.54
CA PRO F 311 37.40 -12.88 -34.44
C PRO F 311 38.74 -13.11 -33.73
N VAL F 312 38.98 -14.37 -33.35
CA VAL F 312 40.13 -14.81 -32.53
C VAL F 312 41.17 -15.61 -33.31
N ASN F 313 40.78 -16.19 -34.45
CA ASN F 313 41.64 -17.05 -35.24
C ASN F 313 42.57 -16.23 -36.11
N ILE F 314 43.88 -16.37 -35.87
CA ILE F 314 44.88 -15.61 -36.56
C ILE F 314 45.14 -16.17 -37.97
N ALA F 315 44.33 -15.69 -38.92
CA ALA F 315 44.35 -16.05 -40.33
C ALA F 315 43.63 -14.95 -41.13
N TRP F 316 43.79 -14.92 -42.47
CA TRP F 316 43.03 -13.98 -43.31
C TRP F 316 42.20 -14.77 -44.34
N ALA F 317 41.13 -14.15 -44.85
CA ALA F 317 40.27 -14.80 -45.81
C ALA F 317 39.51 -13.78 -46.63
N ASN F 318 39.00 -14.18 -47.81
CA ASN F 318 38.24 -13.31 -48.70
C ASN F 318 36.74 -13.47 -48.42
N SER F 319 36.00 -12.37 -48.17
CA SER F 319 34.54 -12.42 -47.96
C SER F 319 34.09 -13.49 -46.96
N ASN F 320 34.90 -13.72 -45.92
CA ASN F 320 34.70 -14.78 -44.92
C ASN F 320 34.83 -14.11 -43.57
N ARG F 321 33.76 -14.16 -42.77
CA ARG F 321 33.74 -13.47 -41.48
C ARG F 321 34.13 -14.40 -40.32
N SER F 322 34.86 -15.49 -40.58
CA SER F 322 35.30 -16.39 -39.51
C SER F 322 36.79 -16.23 -39.16
N ALA F 323 37.52 -15.33 -39.86
CA ALA F 323 38.96 -15.09 -39.61
C ALA F 323 39.16 -13.71 -38.90
N ILE F 324 40.37 -13.45 -38.35
CA ILE F 324 40.65 -12.17 -37.69
C ILE F 324 40.76 -11.04 -38.75
N ILE F 325 41.11 -11.39 -40.02
CA ILE F 325 41.14 -10.45 -41.14
C ILE F 325 40.20 -10.97 -42.24
N ARG F 326 39.23 -10.13 -42.69
CA ARG F 326 38.40 -10.43 -43.87
C ARG F 326 38.77 -9.39 -44.92
N VAL F 327 38.90 -9.81 -46.18
CA VAL F 327 39.21 -8.89 -47.30
C VAL F 327 37.89 -8.71 -48.07
N PRO F 328 37.21 -7.56 -47.95
CA PRO F 328 35.91 -7.42 -48.63
C PRO F 328 36.00 -7.62 -50.13
N ALA F 329 34.88 -8.01 -50.78
CA ALA F 329 34.89 -8.28 -52.23
C ALA F 329 35.21 -7.05 -53.07
N ALA F 330 34.89 -5.84 -52.58
CA ALA F 330 35.18 -4.62 -53.33
C ALA F 330 36.66 -4.50 -53.76
N ARG F 331 36.90 -3.98 -54.98
CA ARG F 331 38.26 -3.79 -55.50
C ARG F 331 38.46 -2.35 -56.03
N GLY F 332 39.61 -2.08 -56.65
CA GLY F 332 39.95 -0.74 -57.09
C GLY F 332 40.31 0.12 -55.90
N LYS F 333 39.71 1.31 -55.84
CA LYS F 333 39.95 2.23 -54.70
C LYS F 333 39.30 1.65 -53.43
N GLY F 334 38.46 0.62 -53.61
CA GLY F 334 37.80 -0.02 -52.46
C GLY F 334 38.56 -1.22 -51.93
N THR F 335 39.76 -1.45 -52.44
CA THR F 335 40.58 -2.60 -51.98
C THR F 335 41.13 -2.28 -50.59
N ARG F 336 40.74 -3.05 -49.57
CA ARG F 336 41.21 -2.84 -48.18
C ARG F 336 41.10 -4.13 -47.38
N ILE F 337 41.67 -4.14 -46.18
CA ILE F 337 41.61 -5.32 -45.29
C ILE F 337 40.82 -4.93 -44.03
N GLU F 338 39.91 -5.76 -43.58
CA GLU F 338 39.13 -5.50 -42.38
C GLU F 338 39.70 -6.34 -41.23
N PHE F 339 40.34 -5.67 -40.22
CA PHE F 339 40.86 -6.28 -38.98
C PHE F 339 39.64 -6.33 -38.04
N ARG F 340 39.14 -7.54 -37.77
CA ARG F 340 37.87 -7.72 -37.07
C ARG F 340 37.96 -7.80 -35.54
N ALA F 341 39.15 -8.01 -35.00
CA ALA F 341 39.29 -8.10 -33.54
C ALA F 341 38.89 -6.85 -32.73
N PRO F 342 39.21 -5.60 -33.14
CA PRO F 342 38.98 -4.46 -32.23
C PRO F 342 37.55 -4.29 -31.76
N ASP F 343 37.39 -3.63 -30.63
CA ASP F 343 36.07 -3.29 -30.09
C ASP F 343 36.05 -1.80 -29.73
N PRO F 344 34.86 -1.19 -29.54
CA PRO F 344 34.86 0.26 -29.32
C PRO F 344 35.37 0.73 -27.93
N SER F 345 35.97 -0.17 -27.10
CA SER F 345 36.58 0.26 -25.83
C SER F 345 38.05 0.68 -26.02
N CYS F 346 38.60 0.53 -27.24
CA CYS F 346 39.98 0.93 -27.48
C CYS F 346 40.17 2.45 -27.66
N ASN F 347 41.40 2.92 -27.46
CA ASN F 347 41.77 4.30 -27.72
C ASN F 347 42.12 4.30 -29.21
N PRO F 348 41.27 4.87 -30.09
CA PRO F 348 41.55 4.78 -31.53
C PRO F 348 42.93 5.31 -31.92
N TYR F 349 43.45 6.32 -31.23
CA TYR F 349 44.79 6.85 -31.58
C TYR F 349 45.84 5.78 -31.36
N LEU F 350 45.72 5.00 -30.27
CA LEU F 350 46.68 3.94 -29.97
C LEU F 350 46.42 2.73 -30.84
N ALA F 351 45.13 2.38 -31.06
CA ALA F 351 44.75 1.25 -31.91
C ALA F 351 45.32 1.44 -33.33
N PHE F 352 45.14 2.64 -33.93
CA PHE F 352 45.60 2.88 -35.28
C PHE F 352 47.13 2.89 -35.34
N THR F 353 47.79 3.36 -34.27
CA THR F 353 49.26 3.38 -34.20
C THR F 353 49.81 1.96 -34.28
N VAL F 354 49.30 1.03 -33.47
CA VAL F 354 49.84 -0.34 -33.42
C VAL F 354 49.51 -1.14 -34.68
N MET F 355 48.32 -0.93 -35.27
CA MET F 355 47.98 -1.61 -36.49
C MET F 355 48.86 -1.12 -37.62
N LEU F 356 49.11 0.20 -37.72
CA LEU F 356 50.03 0.70 -38.77
C LEU F 356 51.46 0.23 -38.53
N ALA F 357 51.95 0.31 -37.29
CA ALA F 357 53.30 -0.14 -36.95
C ALA F 357 53.51 -1.63 -37.30
N ALA F 358 52.52 -2.47 -37.00
CA ALA F 358 52.58 -3.91 -37.28
C ALA F 358 52.52 -4.18 -38.79
N GLY F 359 51.61 -3.50 -39.50
CA GLY F 359 51.47 -3.67 -40.93
C GLY F 359 52.71 -3.20 -41.66
N LEU F 360 53.31 -2.06 -41.23
CA LEU F 360 54.54 -1.59 -41.84
C LEU F 360 55.73 -2.48 -41.48
N ASP F 361 55.70 -3.21 -40.35
CA ASP F 361 56.76 -4.18 -40.06
C ASP F 361 56.74 -5.27 -41.16
N GLY F 362 55.55 -5.63 -41.62
CA GLY F 362 55.37 -6.57 -42.73
C GLY F 362 55.82 -6.00 -44.07
N VAL F 363 55.48 -4.74 -44.36
CA VAL F 363 55.92 -4.13 -45.62
C VAL F 363 57.45 -3.97 -45.63
N LYS F 364 58.00 -3.33 -44.60
CA LYS F 364 59.44 -3.08 -44.52
C LYS F 364 60.27 -4.36 -44.67
N ASN F 365 59.82 -5.47 -44.08
CA ASN F 365 60.57 -6.72 -44.16
C ASN F 365 60.02 -7.66 -45.24
N LYS F 366 59.07 -7.20 -46.06
CA LYS F 366 58.46 -8.02 -47.11
C LYS F 366 58.07 -9.42 -46.60
N LEU F 367 57.31 -9.47 -45.49
CA LEU F 367 56.89 -10.74 -44.92
C LEU F 367 55.88 -11.45 -45.81
N ASP F 368 55.93 -12.76 -45.81
CA ASP F 368 55.06 -13.57 -46.62
C ASP F 368 53.79 -13.86 -45.85
N ALA F 369 52.67 -13.55 -46.47
CA ALA F 369 51.38 -13.83 -45.87
C ALA F 369 51.07 -15.31 -46.08
N PRO F 370 50.42 -15.97 -45.10
CA PRO F 370 50.00 -17.36 -45.31
C PRO F 370 48.90 -17.42 -46.36
N GLU F 371 48.49 -18.64 -46.75
CA GLU F 371 47.40 -18.77 -47.72
C GLU F 371 46.11 -18.31 -47.06
N PRO F 372 45.17 -17.75 -47.83
CA PRO F 372 43.87 -17.41 -47.22
C PRO F 372 43.16 -18.69 -46.77
N VAL F 373 42.25 -18.60 -45.78
CA VAL F 373 41.50 -19.76 -45.35
C VAL F 373 40.09 -19.59 -45.88
N GLU F 374 39.72 -20.31 -46.93
CA GLU F 374 38.40 -20.14 -47.52
C GLU F 374 37.27 -20.97 -46.81
N ARG F 375 37.64 -21.80 -45.83
CA ARG F 375 36.69 -22.56 -45.03
C ARG F 375 36.11 -21.73 -43.88
N ASN F 376 35.00 -22.23 -43.26
CA ASN F 376 34.45 -21.61 -42.06
C ASN F 376 35.36 -22.10 -40.91
N ILE F 377 36.21 -21.21 -40.37
CA ILE F 377 37.14 -21.61 -39.32
C ILE F 377 36.41 -22.10 -38.07
N PHE F 378 35.19 -21.61 -37.82
CA PHE F 378 34.41 -22.05 -36.66
C PHE F 378 33.93 -23.52 -36.78
N ALA F 379 34.01 -24.09 -38.01
CA ALA F 379 33.62 -25.48 -38.24
C ALA F 379 34.81 -26.42 -38.12
N MET F 380 36.02 -25.92 -37.90
CA MET F 380 37.21 -26.74 -37.79
C MET F 380 37.42 -27.18 -36.36
N SER F 381 38.05 -28.34 -36.18
CA SER F 381 38.43 -28.86 -34.85
C SER F 381 39.71 -28.17 -34.42
N GLU F 382 40.02 -28.19 -33.10
CA GLU F 382 41.25 -27.59 -32.58
C GLU F 382 42.51 -28.23 -33.21
N ALA F 383 42.52 -29.56 -33.36
CA ALA F 383 43.68 -30.22 -33.96
C ALA F 383 43.81 -29.86 -35.43
N GLU F 384 42.68 -29.67 -36.12
CA GLU F 384 42.69 -29.31 -37.55
C GLU F 384 43.26 -27.89 -37.74
N LYS F 385 42.99 -26.99 -36.78
CA LYS F 385 43.52 -25.64 -36.80
C LYS F 385 45.00 -25.67 -36.42
N LYS F 386 45.38 -26.54 -35.47
CA LYS F 386 46.78 -26.70 -35.02
C LYS F 386 47.63 -27.17 -36.20
N GLU F 387 47.12 -28.12 -36.97
CA GLU F 387 47.83 -28.61 -38.15
C GLU F 387 47.96 -27.52 -39.20
N LEU F 388 46.90 -26.75 -39.44
CA LEU F 388 46.95 -25.66 -40.41
C LEU F 388 47.76 -24.43 -39.92
N GLY F 389 48.18 -24.42 -38.65
CA GLY F 389 48.92 -23.31 -38.07
C GLY F 389 48.06 -22.11 -37.71
N ILE F 390 46.75 -22.30 -37.52
CA ILE F 390 45.85 -21.22 -37.17
C ILE F 390 45.84 -21.04 -35.64
N GLU F 391 46.53 -20.01 -35.15
CA GLU F 391 46.62 -19.77 -33.72
C GLU F 391 45.51 -18.82 -33.26
N SER F 392 45.32 -18.70 -31.95
CA SER F 392 44.33 -17.79 -31.41
C SER F 392 45.01 -16.65 -30.66
N VAL F 393 44.33 -15.51 -30.60
CA VAL F 393 44.77 -14.36 -29.85
C VAL F 393 44.73 -14.73 -28.35
N PRO F 394 45.41 -13.97 -27.46
CA PRO F 394 45.32 -14.26 -26.01
C PRO F 394 43.87 -14.33 -25.52
N ALA F 395 43.61 -15.13 -24.48
CA ALA F 395 42.27 -15.40 -24.00
C ALA F 395 41.74 -14.38 -22.99
N ASN F 396 42.58 -13.47 -22.46
CA ASN F 396 42.15 -12.51 -21.44
C ASN F 396 43.06 -11.31 -21.43
N LEU F 397 42.66 -10.23 -20.74
CA LEU F 397 43.40 -9.00 -20.75
C LEU F 397 44.87 -9.19 -20.30
N LYS F 398 45.09 -9.90 -19.18
CA LYS F 398 46.42 -10.10 -18.66
C LYS F 398 47.31 -10.86 -19.65
N ALA F 399 46.77 -11.92 -20.30
CA ALA F 399 47.54 -12.66 -21.30
C ALA F 399 47.91 -11.73 -22.48
N ALA F 400 47.02 -10.79 -22.85
CA ALA F 400 47.29 -9.82 -23.92
C ALA F 400 48.37 -8.81 -23.48
N LEU F 401 48.29 -8.32 -22.21
CA LEU F 401 49.32 -7.40 -21.68
C LEU F 401 50.69 -8.05 -21.71
N ASP F 402 50.77 -9.35 -21.37
CA ASP F 402 52.04 -10.09 -21.37
C ASP F 402 52.59 -10.24 -22.80
N GLU F 403 51.70 -10.35 -23.80
CA GLU F 403 52.15 -10.39 -25.19
C GLU F 403 52.70 -9.02 -25.57
N LEU F 404 52.00 -7.94 -25.22
CA LEU F 404 52.41 -6.57 -25.54
C LEU F 404 53.77 -6.23 -24.90
N GLU F 405 53.95 -6.68 -23.66
CA GLU F 405 55.18 -6.44 -22.92
C GLU F 405 56.40 -7.03 -23.66
N ASN F 406 56.20 -8.12 -24.42
CA ASN F 406 57.25 -8.77 -25.19
C ASN F 406 57.26 -8.44 -26.69
N ASN F 407 56.63 -7.31 -27.10
CA ASN F 407 56.61 -6.92 -28.51
C ASN F 407 57.36 -5.60 -28.69
N ASP F 408 58.56 -5.66 -29.26
CA ASP F 408 59.42 -4.49 -29.47
C ASP F 408 58.88 -3.54 -30.52
N VAL F 409 58.18 -4.07 -31.53
CA VAL F 409 57.60 -3.21 -32.58
C VAL F 409 56.51 -2.30 -31.99
N LEU F 410 55.63 -2.85 -31.14
CA LEU F 410 54.56 -2.03 -30.56
C LEU F 410 55.07 -1.14 -29.44
N LYS F 411 56.02 -1.62 -28.63
CA LYS F 411 56.62 -0.78 -27.59
C LYS F 411 57.25 0.47 -28.23
N ASN F 412 57.94 0.29 -29.37
CA ASN F 412 58.58 1.42 -30.03
C ASN F 412 57.58 2.36 -30.68
N ALA F 413 56.48 1.84 -31.21
CA ALA F 413 55.46 2.67 -31.83
C ALA F 413 54.76 3.54 -30.78
N LEU F 414 54.42 2.96 -29.62
CA LEU F 414 53.73 3.68 -28.55
C LEU F 414 54.68 4.60 -27.79
N GLY F 415 55.92 4.19 -27.62
CA GLY F 415 56.89 4.96 -26.85
C GLY F 415 56.83 4.56 -25.38
N LYS F 416 57.94 4.79 -24.66
CA LYS F 416 58.09 4.39 -23.27
C LYS F 416 56.96 4.84 -22.35
N HIS F 417 56.65 6.14 -22.36
CA HIS F 417 55.63 6.70 -21.48
C HIS F 417 54.25 6.03 -21.65
N ILE F 418 53.67 6.04 -22.85
CA ILE F 418 52.37 5.42 -23.09
C ILE F 418 52.41 3.91 -22.81
N PHE F 419 53.42 3.22 -23.31
CA PHE F 419 53.56 1.80 -23.11
C PHE F 419 53.59 1.40 -21.60
N GLU F 420 54.46 2.03 -20.82
CA GLU F 420 54.57 1.72 -19.40
C GLU F 420 53.36 2.18 -18.59
N SER F 421 52.73 3.29 -18.94
CA SER F 421 51.54 3.77 -18.21
C SER F 421 50.36 2.85 -18.50
N PHE F 422 50.21 2.46 -19.77
CA PHE F 422 49.14 1.57 -20.16
C PHE F 422 49.27 0.24 -19.43
N LEU F 423 50.47 -0.36 -19.40
CA LEU F 423 50.68 -1.65 -18.71
C LEU F 423 50.42 -1.53 -17.22
N GLU F 424 50.81 -0.43 -16.61
CA GLU F 424 50.59 -0.20 -15.19
C GLU F 424 49.10 -0.04 -14.88
N ILE F 425 48.40 0.80 -15.65
CA ILE F 425 46.98 1.00 -15.45
C ILE F 425 46.21 -0.30 -15.65
N LYS F 426 46.53 -1.02 -16.74
CA LYS F 426 45.77 -2.22 -17.05
C LYS F 426 46.11 -3.37 -16.14
N ASN F 427 47.31 -3.40 -15.55
CA ASN F 427 47.62 -4.44 -14.58
C ASN F 427 46.83 -4.19 -13.30
N ALA F 428 46.63 -2.92 -12.90
CA ALA F 428 45.82 -2.60 -11.74
C ALA F 428 44.32 -2.91 -12.00
N GLU F 429 43.88 -2.70 -13.23
CA GLU F 429 42.50 -2.99 -13.63
C GLU F 429 42.28 -4.50 -13.59
N TRP F 430 43.26 -5.29 -14.07
CA TRP F 430 43.20 -6.75 -14.02
C TRP F 430 43.17 -7.22 -12.56
N ASP F 431 44.04 -6.64 -11.70
CA ASP F 431 44.11 -7.00 -10.28
C ASP F 431 42.77 -6.77 -9.59
N SER F 432 42.09 -5.69 -9.97
CA SER F 432 40.80 -5.34 -9.38
C SER F 432 39.78 -6.41 -9.75
N PHE F 433 39.75 -6.80 -11.02
CA PHE F 433 38.84 -7.82 -11.50
C PHE F 433 39.14 -9.16 -10.86
N ARG F 434 40.40 -9.59 -10.85
CA ARG F 434 40.75 -10.92 -10.38
C ARG F 434 40.62 -11.11 -8.86
N THR F 435 40.54 -10.02 -8.10
CA THR F 435 40.40 -10.12 -6.63
C THR F 435 38.92 -10.01 -6.23
N SER F 436 38.09 -9.50 -7.13
CA SER F 436 36.63 -9.32 -6.86
C SER F 436 35.90 -10.67 -6.82
N VAL F 437 34.82 -10.73 -6.04
CA VAL F 437 33.97 -11.95 -5.97
C VAL F 437 32.79 -11.70 -6.91
N THR F 438 32.74 -12.39 -8.04
CA THR F 438 31.67 -12.15 -9.01
C THR F 438 30.35 -12.83 -8.68
N ASP F 439 29.28 -12.39 -9.36
CA ASP F 439 27.97 -13.01 -9.22
C ASP F 439 27.99 -14.43 -9.75
N TRP F 440 28.78 -14.71 -10.82
CA TRP F 440 28.87 -16.05 -11.38
C TRP F 440 29.33 -17.04 -10.28
N GLU F 441 30.35 -16.63 -9.50
CA GLU F 441 30.91 -17.44 -8.42
C GLU F 441 29.93 -17.66 -7.28
N THR F 442 29.17 -16.62 -6.89
CA THR F 442 28.16 -16.76 -5.84
C THR F 442 27.10 -17.76 -6.30
N THR F 443 26.64 -17.65 -7.55
CA THR F 443 25.64 -18.58 -8.09
C THR F 443 26.20 -20.00 -8.14
N ALA F 444 27.44 -20.14 -8.62
CA ALA F 444 28.06 -21.45 -8.77
C ALA F 444 28.42 -22.12 -7.45
N TYR F 445 28.95 -21.36 -6.47
CA TYR F 445 29.58 -21.95 -5.29
C TYR F 445 28.99 -21.67 -3.91
N LEU F 446 27.97 -20.80 -3.77
CA LEU F 446 27.44 -20.57 -2.42
C LEU F 446 26.90 -21.85 -1.78
N LYS F 447 26.37 -22.76 -2.61
CA LYS F 447 25.79 -24.01 -2.14
C LYS F 447 26.79 -25.03 -1.63
N ILE F 448 28.11 -24.84 -1.85
CA ILE F 448 29.06 -25.86 -1.40
C ILE F 448 29.33 -25.80 0.14
N SER G 2 -44.88 44.62 -30.17
CA SER G 2 -45.20 43.19 -30.00
C SER G 2 -44.07 42.49 -29.23
N THR G 3 -44.39 41.89 -28.08
CA THR G 3 -43.37 41.18 -27.26
C THR G 3 -42.87 39.95 -28.03
N VAL G 4 -43.76 39.23 -28.72
CA VAL G 4 -43.34 38.03 -29.52
C VAL G 4 -42.43 38.48 -30.65
N GLU G 5 -42.77 39.58 -31.33
CA GLU G 5 -41.96 40.13 -32.44
C GLU G 5 -40.56 40.47 -31.91
N GLN G 6 -40.49 41.01 -30.69
CA GLN G 6 -39.19 41.39 -30.05
C GLN G 6 -38.40 40.10 -29.75
N VAL G 7 -39.09 39.05 -29.28
CA VAL G 7 -38.40 37.79 -28.97
C VAL G 7 -37.84 37.19 -30.26
N LEU G 8 -38.67 37.11 -31.32
CA LEU G 8 -38.27 36.52 -32.59
C LEU G 8 -37.12 37.29 -33.22
N GLU G 9 -37.20 38.62 -33.17
CA GLU G 9 -36.11 39.44 -33.66
C GLU G 9 -34.83 39.22 -32.85
N TYR G 10 -34.94 39.05 -31.51
CA TYR G 10 -33.74 38.81 -30.71
C TYR G 10 -33.10 37.48 -31.12
N VAL G 11 -33.94 36.45 -31.24
CA VAL G 11 -33.50 35.14 -31.66
C VAL G 11 -32.80 35.16 -33.04
N LYS G 12 -33.45 35.81 -34.05
CA LYS G 12 -32.92 35.98 -35.42
C LYS G 12 -31.51 36.61 -35.37
N SER G 13 -31.35 37.71 -34.62
CA SER G 13 -30.10 38.46 -34.65
C SER G 13 -29.01 38.03 -33.68
N ASN G 14 -29.33 37.24 -32.63
CA ASN G 14 -28.31 36.83 -31.66
C ASN G 14 -27.97 35.36 -31.74
N ASN G 15 -28.36 34.69 -32.83
CA ASN G 15 -28.05 33.27 -33.04
C ASN G 15 -28.51 32.38 -31.87
N VAL G 16 -29.75 32.58 -31.38
CA VAL G 16 -30.27 31.74 -30.31
C VAL G 16 -30.64 30.38 -30.96
N LYS G 17 -30.20 29.27 -30.36
CA LYS G 17 -30.46 27.95 -30.93
C LYS G 17 -31.48 27.13 -30.16
N PHE G 18 -31.58 27.29 -28.83
CA PHE G 18 -32.50 26.49 -28.02
C PHE G 18 -33.37 27.41 -27.19
N MET G 19 -34.61 26.97 -26.93
CA MET G 19 -35.55 27.74 -26.13
C MET G 19 -36.03 26.78 -25.07
N ARG G 20 -35.68 27.02 -23.79
CA ARG G 20 -36.17 26.20 -22.68
C ARG G 20 -37.58 26.71 -22.36
N PHE G 21 -38.55 25.80 -22.30
CA PHE G 21 -39.87 26.11 -21.83
C PHE G 21 -39.87 25.65 -20.40
N GLN G 22 -39.90 26.58 -19.45
CA GLN G 22 -39.79 26.28 -18.03
C GLN G 22 -41.03 26.54 -17.20
N PHE G 23 -41.16 25.80 -16.10
CA PHE G 23 -42.23 25.94 -15.13
C PHE G 23 -41.74 25.31 -13.79
N VAL G 24 -42.63 25.20 -12.77
CA VAL G 24 -42.24 24.60 -11.49
C VAL G 24 -43.27 23.57 -11.10
N ASP G 25 -42.86 22.57 -10.31
CA ASP G 25 -43.80 21.63 -9.77
C ASP G 25 -44.39 22.22 -8.46
N ILE G 26 -45.23 21.48 -7.74
CA ILE G 26 -45.86 22.01 -6.51
C ILE G 26 -44.82 22.41 -5.44
N LEU G 27 -43.66 21.75 -5.41
CA LEU G 27 -42.64 22.05 -4.41
C LEU G 27 -41.66 23.17 -4.83
N GLY G 28 -41.87 23.76 -6.00
CA GLY G 28 -41.05 24.85 -6.48
C GLY G 28 -39.81 24.38 -7.22
N VAL G 29 -39.73 23.08 -7.55
CA VAL G 29 -38.58 22.57 -8.29
C VAL G 29 -38.79 22.97 -9.76
N PRO G 30 -37.83 23.68 -10.37
CA PRO G 30 -38.01 24.07 -11.79
C PRO G 30 -37.97 22.85 -12.71
N LYS G 31 -38.72 22.93 -13.81
CA LYS G 31 -38.82 21.88 -14.83
C LYS G 31 -38.78 22.54 -16.18
N ASN G 32 -38.20 21.87 -17.17
CA ASN G 32 -38.14 22.43 -18.51
C ASN G 32 -37.93 21.38 -19.59
N VAL G 33 -38.37 21.73 -20.81
CA VAL G 33 -38.14 20.93 -22.00
C VAL G 33 -37.44 21.92 -22.99
N ALA G 34 -36.47 21.43 -23.77
CA ALA G 34 -35.75 22.30 -24.70
C ALA G 34 -36.29 22.14 -26.13
N PHE G 35 -36.59 23.27 -26.79
CA PHE G 35 -37.06 23.27 -28.17
C PHE G 35 -35.91 23.76 -29.04
N PRO G 36 -35.44 22.99 -30.06
CA PRO G 36 -34.36 23.48 -30.91
C PRO G 36 -34.89 24.38 -32.02
N ILE G 37 -34.29 25.55 -32.20
CA ILE G 37 -34.75 26.53 -33.20
C ILE G 37 -34.11 26.25 -34.56
N LYS G 38 -34.89 26.05 -35.62
CA LYS G 38 -34.29 25.79 -36.92
C LYS G 38 -33.89 27.11 -37.62
N ALA G 39 -33.01 27.01 -38.60
CA ALA G 39 -32.55 28.17 -39.34
C ALA G 39 -33.62 28.71 -40.26
N GLY G 40 -33.51 30.00 -40.59
CA GLY G 40 -34.35 30.66 -41.57
C GLY G 40 -35.72 31.03 -41.10
N GLU G 41 -36.52 31.53 -42.05
CA GLU G 41 -37.88 31.98 -41.77
C GLU G 41 -38.75 30.81 -41.37
N LYS G 42 -38.51 29.63 -41.96
CA LYS G 42 -39.24 28.43 -41.60
C LYS G 42 -39.05 28.12 -40.09
N GLY G 43 -37.81 28.18 -39.61
CA GLY G 43 -37.53 27.95 -38.21
C GLY G 43 -38.16 29.00 -37.32
N ILE G 44 -38.17 30.26 -37.78
CA ILE G 44 -38.71 31.40 -37.00
C ILE G 44 -40.22 31.30 -36.90
N GLU G 45 -40.89 30.83 -37.94
CA GLU G 45 -42.33 30.63 -37.88
C GLU G 45 -42.67 29.39 -37.02
N GLU G 46 -41.87 28.31 -37.07
CA GLU G 46 -42.09 27.14 -36.21
C GLU G 46 -41.95 27.59 -34.74
N LEU G 47 -40.95 28.43 -34.44
CA LEU G 47 -40.78 28.98 -33.11
C LEU G 47 -41.95 29.91 -32.71
N ARG G 48 -42.50 30.67 -33.67
CA ARG G 48 -43.63 31.55 -33.41
C ARG G 48 -44.84 30.76 -33.01
N ASP G 49 -45.06 29.66 -33.70
CA ASP G 49 -46.20 28.79 -33.43
C ASP G 49 -46.11 28.23 -32.02
N VAL G 50 -44.94 27.72 -31.62
CA VAL G 50 -44.74 27.17 -30.30
C VAL G 50 -44.79 28.28 -29.19
N LEU G 51 -44.26 29.47 -29.45
CA LEU G 51 -44.31 30.53 -28.46
C LEU G 51 -45.76 30.97 -28.21
N GLU G 52 -46.56 31.01 -29.28
CA GLU G 52 -47.94 31.46 -29.18
C GLU G 52 -48.88 30.36 -28.69
N ASN G 53 -48.77 29.17 -29.28
CA ASN G 53 -49.67 28.06 -28.97
C ASN G 53 -49.20 27.13 -27.87
N GLY G 54 -47.93 27.19 -27.49
CA GLY G 54 -47.38 26.38 -26.41
C GLY G 54 -47.05 24.99 -26.84
N LEU G 55 -46.76 24.11 -25.89
CA LEU G 55 -46.45 22.72 -26.21
C LEU G 55 -46.95 21.77 -25.13
N TYR G 56 -47.05 20.48 -25.46
CA TYR G 56 -47.62 19.49 -24.56
C TYR G 56 -46.59 18.80 -23.72
N PHE G 57 -47.02 18.22 -22.60
CA PHE G 57 -46.13 17.44 -21.76
C PHE G 57 -46.96 16.49 -20.91
N ASP G 58 -46.31 15.55 -20.21
CA ASP G 58 -46.98 14.60 -19.36
C ASP G 58 -47.07 15.16 -17.92
N GLY G 59 -48.25 15.61 -17.53
CA GLY G 59 -48.46 16.17 -16.20
C GLY G 59 -48.45 15.14 -15.10
N SER G 60 -48.58 13.84 -15.44
CA SER G 60 -48.51 12.81 -14.40
C SER G 60 -47.09 12.54 -13.95
N SER G 61 -46.06 13.07 -14.66
CA SER G 61 -44.66 12.90 -14.29
C SER G 61 -44.15 14.14 -13.52
N ILE G 62 -45.05 15.09 -13.18
CA ILE G 62 -44.71 16.29 -12.44
C ILE G 62 -45.43 16.22 -11.08
N GLU G 63 -44.68 16.44 -10.02
CA GLU G 63 -45.23 16.37 -8.66
C GLU G 63 -46.31 17.43 -8.39
N GLY G 64 -47.44 16.98 -7.87
CA GLY G 64 -48.57 17.82 -7.53
C GLY G 64 -49.45 18.21 -8.70
N PHE G 65 -49.22 17.61 -9.89
CA PHE G 65 -50.04 17.94 -11.06
C PHE G 65 -51.24 16.97 -11.24
N VAL G 66 -51.25 16.11 -12.26
CA VAL G 66 -52.41 15.27 -12.56
C VAL G 66 -52.08 13.76 -12.55
N GLY G 67 -53.12 12.93 -12.62
CA GLY G 67 -52.99 11.49 -12.61
C GLY G 67 -52.71 10.96 -13.99
N ILE G 68 -52.33 9.69 -14.08
CA ILE G 68 -51.92 9.06 -15.33
C ILE G 68 -53.03 9.01 -16.40
N ASN G 69 -54.30 8.86 -15.99
CA ASN G 69 -55.44 8.75 -16.92
C ASN G 69 -55.98 10.09 -17.48
N GLU G 70 -55.41 11.20 -17.06
CA GLU G 70 -55.80 12.54 -17.52
C GLU G 70 -54.51 13.37 -17.61
N SER G 71 -53.44 12.77 -18.17
CA SER G 71 -52.09 13.30 -18.06
C SER G 71 -51.62 14.34 -19.11
N ASP G 72 -52.24 14.44 -20.31
CA ASP G 72 -51.80 15.43 -21.30
C ASP G 72 -52.03 16.87 -20.78
N MET G 73 -50.99 17.70 -20.79
CA MET G 73 -51.08 19.08 -20.33
C MET G 73 -50.32 20.01 -21.27
N MET G 74 -50.46 21.33 -21.10
CA MET G 74 -49.80 22.31 -21.96
C MET G 74 -49.03 23.39 -21.22
N LEU G 75 -48.01 23.95 -21.89
CA LEU G 75 -47.24 25.06 -21.33
C LEU G 75 -47.43 26.25 -22.21
N LYS G 76 -47.92 27.38 -21.64
CA LYS G 76 -48.18 28.61 -22.38
C LYS G 76 -47.15 29.64 -21.99
N PRO G 77 -46.15 29.86 -22.85
CA PRO G 77 -45.10 30.84 -22.53
C PRO G 77 -45.52 32.26 -22.17
N ASP G 78 -44.91 32.86 -21.13
CA ASP G 78 -45.08 34.25 -20.76
C ASP G 78 -43.83 34.93 -21.34
N LEU G 79 -44.02 35.66 -22.44
CA LEU G 79 -42.91 36.20 -23.21
C LEU G 79 -42.18 37.36 -22.55
N SER G 80 -42.75 37.96 -21.51
CA SER G 80 -42.03 38.99 -20.76
C SER G 80 -40.90 38.33 -19.90
N THR G 81 -40.90 36.97 -19.76
CA THR G 81 -39.87 36.25 -18.98
C THR G 81 -38.65 35.87 -19.83
N PHE G 82 -38.67 36.20 -21.11
CA PHE G 82 -37.57 35.84 -22.02
C PHE G 82 -36.17 36.25 -21.48
N SER G 83 -35.20 35.30 -21.51
CA SER G 83 -33.82 35.57 -21.07
C SER G 83 -32.86 34.56 -21.68
N VAL G 84 -31.59 34.91 -21.77
CA VAL G 84 -30.54 34.03 -22.29
C VAL G 84 -29.77 33.45 -21.10
N LEU G 85 -29.59 32.13 -21.09
CA LEU G 85 -28.88 31.45 -19.98
C LEU G 85 -27.39 31.76 -20.06
N PRO G 86 -26.81 32.46 -19.06
CA PRO G 86 -25.38 32.81 -19.06
C PRO G 86 -24.42 31.62 -18.97
N TRP G 87 -24.78 30.60 -18.18
CA TRP G 87 -23.95 29.38 -18.02
C TRP G 87 -23.84 28.59 -19.33
N ARG G 88 -24.87 28.63 -20.18
CA ARG G 88 -24.89 27.92 -21.48
C ARG G 88 -23.99 28.64 -22.51
N PRO G 89 -23.55 27.97 -23.59
CA PRO G 89 -22.70 28.58 -24.62
C PRO G 89 -23.22 29.89 -25.25
N SER G 90 -22.30 30.75 -25.69
CA SER G 90 -22.60 32.05 -26.29
C SER G 90 -22.94 31.93 -27.77
N GLU G 91 -22.22 31.05 -28.49
CA GLU G 91 -22.47 30.79 -29.88
C GLU G 91 -23.56 29.72 -29.93
N LYS G 92 -24.69 29.99 -30.61
CA LYS G 92 -25.81 29.05 -30.62
C LYS G 92 -26.34 28.99 -29.18
N SER G 93 -26.65 30.17 -28.66
CA SER G 93 -27.04 30.32 -27.27
C SER G 93 -28.39 29.66 -26.93
N VAL G 94 -28.67 29.61 -25.61
CA VAL G 94 -29.84 28.99 -25.04
C VAL G 94 -30.65 30.06 -24.34
N ALA G 95 -31.90 30.20 -24.72
CA ALA G 95 -32.78 31.15 -24.09
C ALA G 95 -33.88 30.40 -23.30
N ARG G 96 -34.60 31.11 -22.43
CA ARG G 96 -35.65 30.47 -21.69
C ARG G 96 -36.85 31.34 -21.73
N VAL G 97 -37.99 30.70 -21.52
CA VAL G 97 -39.24 31.38 -21.32
C VAL G 97 -39.97 30.63 -20.21
N ILE G 98 -40.43 31.35 -19.16
CA ILE G 98 -41.21 30.74 -18.08
C ILE G 98 -42.70 30.63 -18.52
N CYS G 99 -43.30 29.47 -18.31
CA CYS G 99 -44.63 29.16 -18.81
C CYS G 99 -45.68 29.01 -17.71
N ASP G 100 -46.94 29.24 -18.11
CA ASP G 100 -48.10 28.98 -17.27
C ASP G 100 -48.64 27.62 -17.70
N VAL G 101 -49.08 26.79 -16.74
CA VAL G 101 -49.57 25.44 -17.06
C VAL G 101 -51.05 25.51 -17.40
N TYR G 102 -51.42 24.88 -18.52
CA TYR G 102 -52.80 24.88 -19.00
C TYR G 102 -53.28 23.46 -19.22
N THR G 103 -54.59 23.28 -19.25
CA THR G 103 -55.18 21.99 -19.55
C THR G 103 -55.27 21.92 -21.08
N THR G 104 -55.53 20.73 -21.61
CA THR G 104 -55.72 20.54 -23.04
C THR G 104 -56.90 21.39 -23.55
N LYS G 105 -57.90 21.67 -22.68
CA LYS G 105 -59.06 22.51 -23.03
C LYS G 105 -58.73 24.02 -23.08
N GLY G 106 -57.47 24.40 -22.92
CA GLY G 106 -57.05 25.79 -23.00
C GLY G 106 -57.37 26.60 -21.77
N LYS G 107 -57.50 25.93 -20.60
CA LYS G 107 -57.82 26.62 -19.36
C LYS G 107 -56.65 26.59 -18.38
N PRO G 108 -56.35 27.70 -17.66
CA PRO G 108 -55.25 27.65 -16.70
C PRO G 108 -55.41 26.49 -15.71
N PHE G 109 -54.36 25.72 -15.48
CA PHE G 109 -54.44 24.57 -14.58
C PHE G 109 -54.59 25.03 -13.11
N GLU G 110 -55.61 24.50 -12.42
CA GLU G 110 -55.88 24.82 -11.02
C GLU G 110 -54.71 24.44 -10.08
N GLY G 111 -53.89 23.47 -10.47
CA GLY G 111 -52.76 23.04 -9.68
C GLY G 111 -51.45 23.76 -9.98
N ASP G 112 -51.49 24.78 -10.86
CA ASP G 112 -50.26 25.52 -11.24
C ASP G 112 -49.85 26.53 -10.16
N PRO G 113 -48.70 26.38 -9.50
CA PRO G 113 -48.33 27.39 -8.48
C PRO G 113 -48.22 28.82 -9.04
N ARG G 114 -47.69 28.96 -10.28
CA ARG G 114 -47.53 30.30 -10.86
C ARG G 114 -48.89 30.95 -11.10
N GLY G 115 -49.83 30.21 -11.70
CA GLY G 115 -51.18 30.70 -11.94
C GLY G 115 -51.88 31.03 -10.63
N CYS G 116 -51.57 30.26 -9.58
CA CYS G 116 -52.13 30.51 -8.26
C CYS G 116 -51.72 31.92 -7.78
N LEU G 117 -50.46 32.32 -7.93
CA LEU G 117 -50.01 33.66 -7.52
C LEU G 117 -50.57 34.73 -8.48
N LYS G 118 -50.59 34.46 -9.80
CA LYS G 118 -51.16 35.42 -10.76
C LYS G 118 -52.60 35.77 -10.36
N ARG G 119 -53.39 34.75 -10.02
CA ARG G 119 -54.81 34.91 -9.72
C ARG G 119 -55.04 35.77 -8.46
N VAL G 120 -54.28 35.56 -7.38
CA VAL G 120 -54.46 36.39 -6.19
C VAL G 120 -54.00 37.82 -6.45
N MET G 121 -52.97 37.99 -7.27
CA MET G 121 -52.50 39.33 -7.63
C MET G 121 -53.52 40.04 -8.52
N GLU G 122 -54.14 39.31 -9.46
CA GLU G 122 -55.15 39.90 -10.33
C GLU G 122 -56.34 40.33 -9.49
N GLU G 123 -56.74 39.51 -8.51
CA GLU G 123 -57.87 39.86 -7.65
C GLU G 123 -57.52 41.08 -6.79
N PHE G 124 -56.26 41.17 -6.29
CA PHE G 124 -55.82 42.32 -5.49
C PHE G 124 -55.86 43.60 -6.33
N LYS G 125 -55.42 43.55 -7.58
CA LYS G 125 -55.46 44.72 -8.45
C LYS G 125 -56.90 45.10 -8.79
N LYS G 126 -57.76 44.13 -9.01
CA LYS G 126 -59.15 44.43 -9.35
C LYS G 126 -59.92 45.05 -8.15
N GLU G 127 -59.67 44.53 -6.93
CA GLU G 127 -60.39 44.97 -5.74
C GLU G 127 -59.86 46.24 -5.08
N PHE G 128 -58.54 46.47 -5.08
CA PHE G 128 -57.95 47.63 -4.41
C PHE G 128 -57.12 48.53 -5.34
N ASN G 129 -56.90 48.11 -6.59
CA ASN G 129 -55.95 48.77 -7.47
C ASN G 129 -54.55 48.72 -6.81
N GLY G 130 -54.25 47.59 -6.16
CA GLY G 130 -53.00 47.40 -5.43
C GLY G 130 -51.98 46.55 -6.15
N GLU G 131 -50.71 46.76 -5.80
CA GLU G 131 -49.57 46.00 -6.30
C GLU G 131 -48.86 45.41 -5.10
N TYR G 132 -48.39 44.18 -5.22
CA TYR G 132 -47.71 43.49 -4.14
C TYR G 132 -46.22 43.35 -4.48
N PHE G 133 -45.35 44.02 -3.70
CA PHE G 133 -43.91 44.04 -3.95
C PHE G 133 -43.18 43.21 -2.91
N VAL G 134 -42.28 42.32 -3.37
CA VAL G 134 -41.52 41.45 -2.50
C VAL G 134 -40.02 41.51 -2.85
N GLY G 135 -39.19 41.57 -1.80
CA GLY G 135 -37.74 41.53 -1.86
C GLY G 135 -37.21 40.40 -1.00
N PRO G 136 -36.97 39.20 -1.57
CA PRO G 136 -36.54 38.05 -0.77
C PRO G 136 -35.01 37.92 -0.74
N GLU G 137 -34.47 37.32 0.31
CA GLU G 137 -33.01 37.21 0.49
C GLU G 137 -32.65 35.75 0.69
N PRO G 138 -32.67 34.94 -0.38
CA PRO G 138 -32.37 33.51 -0.22
C PRO G 138 -30.89 33.20 0.02
N GLU G 139 -30.53 32.93 1.29
CA GLU G 139 -29.14 32.60 1.68
C GLU G 139 -28.84 31.19 1.25
N PHE G 140 -27.55 30.87 1.10
CA PHE G 140 -27.11 29.56 0.67
C PHE G 140 -25.72 29.26 1.23
N PHE G 141 -25.36 27.98 1.24
CA PHE G 141 -24.04 27.52 1.62
C PHE G 141 -23.33 27.06 0.37
N LEU G 142 -22.02 27.25 0.35
CA LEU G 142 -21.14 26.69 -0.67
C LEU G 142 -20.44 25.55 0.04
N LEU G 143 -20.42 24.40 -0.60
CA LEU G 143 -19.88 23.18 0.04
C LEU G 143 -18.76 22.59 -0.74
N LYS G 144 -17.92 21.85 -0.06
CA LYS G 144 -16.87 21.07 -0.68
C LYS G 144 -16.85 19.72 0.03
N LYS G 145 -16.20 18.71 -0.57
CA LYS G 145 -16.14 17.38 0.06
C LYS G 145 -15.23 17.42 1.26
N ASP G 146 -15.58 16.65 2.29
CA ASP G 146 -14.78 16.50 3.49
C ASP G 146 -13.50 15.76 3.05
N PRO G 147 -12.28 16.34 3.25
CA PRO G 147 -11.08 15.63 2.83
C PRO G 147 -10.90 14.29 3.57
N HIS G 148 -11.48 14.16 4.78
CA HIS G 148 -11.41 12.94 5.57
C HIS G 148 -12.43 11.91 5.10
N ASN G 149 -13.60 12.34 4.61
CA ASN G 149 -14.57 11.40 4.07
C ASN G 149 -15.17 11.96 2.79
N PRO G 150 -14.77 11.44 1.62
CA PRO G 150 -15.29 12.02 0.37
C PRO G 150 -16.77 11.79 0.10
N HIS G 151 -17.47 11.10 1.02
CA HIS G 151 -18.91 10.87 0.91
C HIS G 151 -19.72 12.06 1.54
N LYS G 152 -19.09 12.86 2.43
CA LYS G 152 -19.71 13.96 3.17
C LYS G 152 -19.31 15.35 2.64
N TYR G 153 -20.18 16.33 2.86
CA TYR G 153 -19.94 17.72 2.44
C TYR G 153 -19.75 18.61 3.66
N ILE G 154 -18.81 19.58 3.55
CA ILE G 154 -18.53 20.54 4.63
C ILE G 154 -18.61 21.95 4.07
N PRO G 155 -18.73 23.00 4.93
CA PRO G 155 -18.69 24.38 4.41
C PRO G 155 -17.40 24.66 3.63
N ALA G 156 -17.51 25.43 2.54
CA ALA G 156 -16.41 25.70 1.63
C ALA G 156 -15.28 26.57 2.26
N ASP G 157 -15.56 27.33 3.32
CA ASP G 157 -14.53 28.12 3.99
C ASP G 157 -14.88 28.27 5.46
N ASP G 158 -14.02 28.95 6.24
CA ASP G 158 -14.26 29.16 7.67
C ASP G 158 -14.63 30.61 7.98
N GLY G 159 -15.06 31.37 6.97
CA GLY G 159 -15.37 32.77 7.18
C GLY G 159 -16.70 33.01 7.87
N GLY G 160 -16.90 34.26 8.22
CA GLY G 160 -18.10 34.75 8.88
C GLY G 160 -18.64 35.99 8.21
N TYR G 161 -19.58 36.64 8.87
CA TYR G 161 -20.32 37.78 8.35
C TYR G 161 -19.42 38.89 7.85
N PHE G 162 -19.62 39.28 6.56
CA PHE G 162 -18.90 40.39 5.93
C PHE G 162 -17.37 40.19 5.92
N ASP G 163 -16.87 38.97 6.06
CA ASP G 163 -15.42 38.77 6.09
C ASP G 163 -14.77 39.06 4.75
N LEU G 164 -13.50 39.47 4.80
CA LEU G 164 -12.70 39.69 3.60
C LEU G 164 -11.87 38.43 3.32
N GLU G 165 -11.35 38.36 2.08
CA GLU G 165 -10.40 37.34 1.67
C GLU G 165 -9.11 37.56 2.46
N PRO G 166 -8.29 36.52 2.69
CA PRO G 166 -8.47 35.11 2.28
C PRO G 166 -9.41 34.28 3.15
N MET G 167 -9.88 34.81 4.29
CA MET G 167 -10.82 34.09 5.16
C MET G 167 -12.13 33.78 4.39
N ASP G 168 -12.66 34.79 3.70
CA ASP G 168 -13.78 34.65 2.79
C ASP G 168 -13.15 34.14 1.49
N GLU G 169 -13.45 32.90 1.08
CA GLU G 169 -12.85 32.33 -0.11
C GLU G 169 -13.74 32.42 -1.35
N ALA G 170 -14.88 33.13 -1.27
CA ALA G 170 -15.84 33.14 -2.36
C ALA G 170 -15.93 34.42 -3.21
N PRO G 171 -15.06 35.46 -3.14
CA PRO G 171 -15.24 36.61 -4.05
C PRO G 171 -15.35 36.23 -5.54
N ASP G 172 -14.56 35.27 -6.01
CA ASP G 172 -14.65 34.80 -7.39
C ASP G 172 -16.01 34.16 -7.69
N ILE G 173 -16.56 33.34 -6.79
CA ILE G 173 -17.83 32.68 -7.02
C ILE G 173 -18.92 33.74 -6.95
N ARG G 174 -18.93 34.58 -5.91
CA ARG G 174 -19.96 35.61 -5.77
C ARG G 174 -19.92 36.59 -6.97
N ARG G 175 -18.73 36.91 -7.46
CA ARG G 175 -18.52 37.71 -8.69
C ARG G 175 -19.24 37.09 -9.92
N ASP G 176 -18.98 35.81 -10.20
CA ASP G 176 -19.62 35.14 -11.33
C ASP G 176 -21.10 35.02 -11.16
N ILE G 177 -21.57 34.82 -9.91
CA ILE G 177 -23.00 34.80 -9.65
C ILE G 177 -23.62 36.18 -10.02
N VAL G 178 -23.04 37.25 -9.55
CA VAL G 178 -23.54 38.60 -9.85
C VAL G 178 -23.57 38.84 -11.36
N PHE G 179 -22.51 38.48 -12.09
CA PHE G 179 -22.47 38.65 -13.54
C PHE G 179 -23.59 37.85 -14.21
N ALA G 180 -23.79 36.60 -13.81
CA ALA G 180 -24.83 35.73 -14.35
C ALA G 180 -26.23 36.30 -14.07
N LEU G 181 -26.48 36.80 -12.86
CA LEU G 181 -27.75 37.43 -12.51
C LEU G 181 -27.98 38.72 -13.29
N GLU G 182 -26.94 39.51 -13.53
CA GLU G 182 -27.10 40.73 -14.34
C GLU G 182 -27.46 40.35 -15.77
N ASN G 183 -26.77 39.34 -16.33
CA ASN G 183 -27.09 38.88 -17.70
C ASN G 183 -28.51 38.34 -17.80
N LEU G 184 -29.04 37.81 -16.69
CA LEU G 184 -30.40 37.30 -16.61
C LEU G 184 -31.43 38.42 -16.33
N GLY G 185 -30.98 39.69 -16.26
CA GLY G 185 -31.88 40.81 -16.08
C GLY G 185 -32.13 41.22 -14.64
N PHE G 186 -31.44 40.60 -13.67
CA PHE G 186 -31.59 41.00 -12.26
C PHE G 186 -30.96 42.34 -11.99
N HIS G 187 -31.50 43.10 -11.01
CA HIS G 187 -30.86 44.29 -10.53
C HIS G 187 -30.21 43.87 -9.19
N VAL G 188 -28.92 43.50 -9.23
CA VAL G 188 -28.24 43.04 -8.04
C VAL G 188 -27.92 44.22 -7.13
N GLU G 189 -28.10 44.04 -5.82
CA GLU G 189 -27.89 45.12 -4.86
C GLU G 189 -26.59 44.98 -4.08
N ALA G 190 -26.26 43.77 -3.64
CA ALA G 190 -25.10 43.57 -2.76
C ALA G 190 -24.77 42.07 -2.60
N SER G 191 -23.52 41.76 -2.23
CA SER G 191 -23.13 40.38 -2.00
C SER G 191 -22.10 40.35 -0.93
N HIS G 192 -22.14 39.30 -0.12
CA HIS G 192 -21.20 39.22 1.01
C HIS G 192 -21.25 37.86 1.65
N HIS G 193 -20.18 37.55 2.41
CA HIS G 193 -20.15 36.33 3.20
C HIS G 193 -21.18 36.50 4.35
N GLU G 194 -21.91 35.44 4.65
CA GLU G 194 -22.91 35.45 5.71
C GLU G 194 -22.32 34.89 7.01
N VAL G 195 -23.15 34.80 8.06
CA VAL G 195 -22.71 34.47 9.41
C VAL G 195 -21.98 33.14 9.52
N ALA G 196 -22.49 32.08 8.93
CA ALA G 196 -21.87 30.76 9.09
C ALA G 196 -20.71 30.50 8.13
N PRO G 197 -19.80 29.55 8.48
CA PRO G 197 -18.76 29.15 7.51
C PRO G 197 -19.37 28.75 6.16
N GLY G 198 -18.77 29.17 5.05
CA GLY G 198 -19.26 28.82 3.72
C GLY G 198 -20.62 29.37 3.31
N GLN G 199 -21.25 30.22 4.17
CA GLN G 199 -22.57 30.76 3.85
C GLN G 199 -22.45 32.11 3.17
N HIS G 200 -23.37 32.44 2.23
CA HIS G 200 -23.29 33.68 1.45
C HIS G 200 -24.65 34.27 1.14
N GLU G 201 -24.64 35.52 0.69
CA GLU G 201 -25.87 36.24 0.35
C GLU G 201 -25.62 37.13 -0.84
N VAL G 202 -26.53 37.11 -1.81
CA VAL G 202 -26.49 37.97 -3.01
C VAL G 202 -27.87 38.53 -3.14
N ASP G 203 -28.04 39.81 -2.81
CA ASP G 203 -29.33 40.50 -2.80
C ASP G 203 -29.67 41.11 -4.15
N PHE G 204 -30.95 41.08 -4.49
CA PHE G 204 -31.44 41.65 -5.74
C PHE G 204 -32.64 42.51 -5.44
N LYS G 205 -32.91 43.49 -6.29
CA LYS G 205 -33.95 44.44 -6.03
C LYS G 205 -35.34 43.81 -6.01
N PHE G 206 -36.20 44.32 -5.13
CA PHE G 206 -37.57 43.85 -5.03
C PHE G 206 -38.34 44.20 -6.33
N ASP G 207 -39.42 43.50 -6.57
CA ASP G 207 -40.27 43.77 -7.73
C ASP G 207 -41.65 43.22 -7.41
N ASP G 208 -42.60 43.23 -8.37
CA ASP G 208 -43.92 42.67 -8.07
C ASP G 208 -43.74 41.17 -7.75
N ALA G 209 -44.62 40.62 -6.92
CA ALA G 209 -44.51 39.24 -6.47
C ALA G 209 -44.30 38.22 -7.56
N LEU G 210 -44.91 38.40 -8.75
CA LEU G 210 -44.79 37.40 -9.81
C LEU G 210 -43.36 37.41 -10.42
N LYS G 211 -42.84 38.59 -10.75
CA LYS G 211 -41.48 38.72 -11.26
C LYS G 211 -40.47 38.25 -10.23
N THR G 212 -40.70 38.56 -8.96
CA THR G 212 -39.82 38.15 -7.88
C THR G 212 -39.83 36.64 -7.70
N ALA G 213 -41.02 36.01 -7.80
CA ALA G 213 -41.11 34.56 -7.69
C ALA G 213 -40.34 33.91 -8.86
N ASP G 214 -40.45 34.45 -10.06
CA ASP G 214 -39.71 33.96 -11.22
C ASP G 214 -38.20 34.08 -10.96
N SER G 215 -37.80 35.23 -10.42
CA SER G 215 -36.41 35.51 -10.10
C SER G 215 -35.85 34.58 -9.02
N VAL G 216 -36.64 34.26 -7.99
CA VAL G 216 -36.18 33.31 -6.96
C VAL G 216 -35.88 31.95 -7.58
N ILE G 217 -36.71 31.47 -8.51
CA ILE G 217 -36.47 30.17 -9.15
C ILE G 217 -35.20 30.24 -9.96
N THR G 218 -35.07 31.29 -10.77
CA THR G 218 -33.93 31.48 -11.66
C THR G 218 -32.63 31.66 -10.89
N PHE G 219 -32.71 32.38 -9.74
CA PHE G 219 -31.62 32.68 -8.80
C PHE G 219 -31.04 31.39 -8.24
N LYS G 220 -31.90 30.49 -7.73
CA LYS G 220 -31.42 29.24 -7.17
C LYS G 220 -30.72 28.35 -8.23
N THR G 221 -31.19 28.36 -9.48
CA THR G 221 -30.54 27.57 -10.54
C THR G 221 -29.21 28.19 -10.86
N THR G 222 -29.19 29.53 -10.95
CA THR G 222 -27.96 30.25 -11.23
C THR G 222 -26.92 29.96 -10.15
N ILE G 223 -27.31 30.02 -8.87
CA ILE G 223 -26.30 29.83 -7.82
C ILE G 223 -25.69 28.45 -7.90
N LYS G 224 -26.54 27.46 -8.11
CA LYS G 224 -26.17 26.06 -8.15
C LYS G 224 -25.30 25.72 -9.34
N THR G 225 -25.61 26.25 -10.54
CA THR G 225 -24.81 25.96 -11.72
C THR G 225 -23.48 26.67 -11.65
N ILE G 226 -23.44 27.96 -11.27
CA ILE G 226 -22.17 28.68 -11.16
C ILE G 226 -21.26 28.03 -10.10
N ALA G 227 -21.79 27.61 -8.94
CA ALA G 227 -20.97 26.93 -7.91
C ALA G 227 -20.35 25.64 -8.51
N GLU G 228 -21.15 24.89 -9.27
CA GLU G 228 -20.63 23.66 -9.91
C GLU G 228 -19.46 24.02 -10.83
N GLN G 229 -19.56 25.12 -11.58
CA GLN G 229 -18.45 25.55 -12.45
C GLN G 229 -17.17 25.81 -11.63
N HIS G 230 -17.29 26.21 -10.36
CA HIS G 230 -16.10 26.45 -9.52
C HIS G 230 -15.71 25.20 -8.71
N GLY G 231 -16.26 24.04 -9.04
CA GLY G 231 -15.92 22.80 -8.36
C GLY G 231 -16.53 22.70 -6.96
N LEU G 232 -17.54 23.52 -6.67
CA LEU G 232 -18.21 23.50 -5.38
C LEU G 232 -19.68 23.11 -5.58
N LYS G 233 -20.40 22.90 -4.49
CA LYS G 233 -21.79 22.57 -4.53
C LYS G 233 -22.54 23.62 -3.70
N ALA G 234 -23.62 24.20 -4.23
CA ALA G 234 -24.39 25.16 -3.43
C ALA G 234 -25.63 24.45 -2.89
N THR G 235 -26.04 24.78 -1.65
CA THR G 235 -27.27 24.22 -1.12
C THR G 235 -28.14 25.34 -0.53
N PHE G 236 -29.44 25.24 -0.79
CA PHE G 236 -30.44 26.11 -0.18
C PHE G 236 -31.19 25.35 0.95
N MET G 237 -30.64 24.21 1.44
CA MET G 237 -31.13 23.49 2.60
C MET G 237 -31.22 24.45 3.80
N PRO G 238 -32.37 24.57 4.48
CA PRO G 238 -32.49 25.55 5.60
C PRO G 238 -31.45 25.42 6.71
N LYS G 239 -31.11 24.20 7.10
CA LYS G 239 -30.16 23.98 8.20
C LYS G 239 -29.28 22.78 7.86
N PRO G 240 -28.25 22.97 7.03
CA PRO G 240 -27.39 21.82 6.66
C PRO G 240 -26.49 21.34 7.79
N PHE G 241 -26.10 22.25 8.72
CA PHE G 241 -25.15 21.92 9.77
C PHE G 241 -25.63 22.34 11.14
N PHE G 242 -25.54 21.43 12.10
CA PHE G 242 -25.88 21.76 13.48
C PHE G 242 -24.76 22.64 14.04
N GLY G 243 -25.11 23.59 14.90
CA GLY G 243 -24.10 24.44 15.55
C GLY G 243 -23.71 25.69 14.82
N MET G 244 -24.36 25.98 13.70
CA MET G 244 -24.11 27.23 12.96
C MET G 244 -25.39 27.66 12.31
N ASN G 245 -25.45 28.93 11.89
CA ASN G 245 -26.65 29.49 11.29
C ASN G 245 -27.26 28.66 10.16
N GLY G 246 -28.58 28.69 10.11
CA GLY G 246 -29.30 28.15 9.00
C GLY G 246 -29.42 29.23 7.95
N SER G 247 -30.04 28.89 6.85
CA SER G 247 -30.24 29.80 5.74
C SER G 247 -31.71 30.18 5.73
N GLY G 248 -31.96 31.47 5.77
CA GLY G 248 -33.32 31.96 5.67
C GLY G 248 -33.58 32.57 4.31
N MET G 249 -34.81 32.93 4.06
CA MET G 249 -35.19 33.71 2.90
C MET G 249 -36.18 34.73 3.40
N HIS G 250 -35.68 35.74 4.13
CA HIS G 250 -36.51 36.82 4.67
C HIS G 250 -37.21 37.51 3.51
N CYS G 251 -38.50 37.80 3.67
CA CYS G 251 -39.27 38.41 2.60
C CYS G 251 -39.71 39.79 2.96
N HIS G 252 -39.05 40.78 2.37
CA HIS G 252 -39.40 42.18 2.58
C HIS G 252 -40.56 42.39 1.66
N GLN G 253 -41.63 43.00 2.16
CA GLN G 253 -42.80 43.14 1.34
C GLN G 253 -43.57 44.41 1.67
N SER G 254 -44.29 44.91 0.67
CA SER G 254 -45.11 46.11 0.84
C SER G 254 -46.21 46.12 -0.20
N ILE G 255 -47.33 46.79 0.09
CA ILE G 255 -48.40 46.91 -0.88
C ILE G 255 -48.51 48.38 -1.26
N TRP G 256 -48.67 48.64 -2.56
CA TRP G 256 -48.77 49.99 -3.06
C TRP G 256 -50.16 50.16 -3.66
N LEU G 257 -50.97 51.04 -3.10
CA LEU G 257 -52.31 51.28 -3.63
C LEU G 257 -52.25 52.53 -4.49
N ASN G 258 -52.83 52.47 -5.71
CA ASN G 258 -52.85 53.60 -6.65
C ASN G 258 -51.45 54.21 -6.88
N GLY G 259 -50.45 53.36 -6.97
CA GLY G 259 -49.08 53.79 -7.26
C GLY G 259 -48.31 54.43 -6.12
N GLU G 260 -48.88 54.43 -4.91
CA GLU G 260 -48.22 55.04 -3.76
C GLU G 260 -47.76 54.03 -2.71
N PRO G 261 -46.68 54.32 -1.95
CA PRO G 261 -46.25 53.39 -0.90
C PRO G 261 -47.14 53.50 0.33
N SER G 262 -48.30 52.83 0.27
CA SER G 262 -49.34 52.84 1.31
C SER G 262 -48.85 52.43 2.71
N PHE G 263 -47.70 51.79 2.84
CA PHE G 263 -47.19 51.42 4.16
C PHE G 263 -46.57 52.61 4.91
N TYR G 264 -46.20 53.69 4.17
CA TYR G 264 -45.59 54.89 4.73
C TYR G 264 -46.63 55.94 5.09
N ASP G 265 -46.53 56.47 6.32
CA ASP G 265 -47.41 57.51 6.83
C ASP G 265 -46.60 58.48 7.69
N GLU G 266 -46.14 59.55 7.06
CA GLU G 266 -45.33 60.60 7.67
C GLU G 266 -45.82 61.02 9.07
N ASN G 267 -47.15 61.13 9.28
CA ASN G 267 -47.71 61.62 10.54
C ASN G 267 -48.25 60.54 11.48
N ALA G 268 -47.82 59.30 11.34
CA ALA G 268 -48.31 58.22 12.17
C ALA G 268 -47.21 57.73 13.11
N PRO G 269 -47.54 57.00 14.20
CA PRO G 269 -46.48 56.45 15.06
C PRO G 269 -45.55 55.53 14.25
N TYR G 270 -44.23 55.68 14.46
CA TYR G 270 -43.20 54.92 13.71
C TYR G 270 -43.20 55.25 12.22
N GLN G 271 -44.02 56.24 11.79
CA GLN G 271 -44.18 56.59 10.38
C GLN G 271 -44.72 55.41 9.56
N LEU G 272 -45.52 54.55 10.22
CA LEU G 272 -46.14 53.38 9.58
C LEU G 272 -47.63 53.65 9.51
N SER G 273 -48.21 53.41 8.34
CA SER G 273 -49.61 53.65 8.06
C SER G 273 -50.54 52.68 8.76
N GLU G 274 -51.86 52.96 8.73
CA GLU G 274 -52.85 52.07 9.28
C GLU G 274 -52.86 50.80 8.43
N THR G 275 -52.76 50.94 7.08
CA THR G 275 -52.74 49.80 6.18
C THR G 275 -51.57 48.86 6.53
N CYS G 276 -50.40 49.43 6.85
CA CYS G 276 -49.23 48.66 7.25
C CYS G 276 -49.53 47.85 8.50
N MET G 277 -50.18 48.48 9.48
CA MET G 277 -50.54 47.82 10.73
C MET G 277 -51.62 46.77 10.55
N ASN G 278 -52.56 47.01 9.64
CA ASN G 278 -53.60 46.02 9.34
C ASN G 278 -52.94 44.80 8.67
N TYR G 279 -52.01 45.04 7.73
CA TYR G 279 -51.30 43.98 7.03
C TYR G 279 -50.45 43.14 8.00
N VAL G 280 -49.67 43.81 8.86
CA VAL G 280 -48.86 43.14 9.89
C VAL G 280 -49.78 42.27 10.77
N ALA G 281 -50.95 42.78 11.13
CA ALA G 281 -51.91 42.04 11.96
C ALA G 281 -52.42 40.78 11.23
N GLY G 282 -52.59 40.84 9.91
CA GLY G 282 -52.98 39.68 9.14
C GLY G 282 -51.90 38.60 9.09
N ILE G 283 -50.65 39.00 8.88
CA ILE G 283 -49.53 38.06 8.84
C ILE G 283 -49.40 37.40 10.23
N LEU G 284 -49.48 38.20 11.33
CA LEU G 284 -49.33 37.65 12.68
C LEU G 284 -50.50 36.72 13.03
N LYS G 285 -51.69 37.04 12.58
CA LYS G 285 -52.84 36.18 12.81
C LYS G 285 -52.67 34.80 12.16
N HIS G 286 -52.14 34.75 10.93
CA HIS G 286 -52.01 33.48 10.20
C HIS G 286 -50.60 32.89 10.21
N ALA G 287 -49.67 33.47 10.98
CA ALA G 287 -48.27 33.02 10.99
C ALA G 287 -48.10 31.51 11.22
N LYS G 288 -48.86 30.91 12.15
CA LYS G 288 -48.76 29.48 12.46
C LYS G 288 -49.05 28.57 11.23
N ALA G 289 -49.97 29.00 10.34
CA ALA G 289 -50.31 28.27 9.13
C ALA G 289 -49.41 28.68 7.97
N ILE G 290 -49.01 29.97 7.90
CA ILE G 290 -48.15 30.44 6.81
C ILE G 290 -46.89 29.61 6.72
N VAL G 291 -46.29 29.26 7.87
CA VAL G 291 -45.03 28.52 7.89
C VAL G 291 -45.13 27.11 7.32
N ALA G 292 -46.33 26.52 7.19
CA ALA G 292 -46.43 25.21 6.53
C ALA G 292 -45.94 25.34 5.08
N ILE G 293 -46.21 26.50 4.46
CA ILE G 293 -45.85 26.81 3.08
C ILE G 293 -44.48 27.46 2.98
N THR G 294 -44.18 28.46 3.85
CA THR G 294 -42.90 29.18 3.75
C THR G 294 -41.72 28.36 4.34
N ASN G 295 -42.02 27.34 5.15
CA ASN G 295 -41.00 26.48 5.79
C ASN G 295 -41.54 25.06 5.59
N PRO G 296 -41.49 24.52 4.35
CA PRO G 296 -42.19 23.26 4.07
C PRO G 296 -41.43 21.96 4.20
N THR G 297 -40.27 21.95 4.82
CA THR G 297 -39.50 20.72 4.95
C THR G 297 -39.34 20.34 6.43
N VAL G 298 -38.92 19.11 6.69
CA VAL G 298 -38.62 18.71 8.08
C VAL G 298 -37.48 19.58 8.61
N ASN G 299 -36.45 19.75 7.79
CA ASN G 299 -35.25 20.47 8.16
C ASN G 299 -35.50 21.95 8.44
N SER G 300 -36.58 22.52 7.89
CA SER G 300 -36.90 23.91 8.13
C SER G 300 -37.05 24.21 9.61
N TYR G 301 -37.52 23.22 10.40
CA TYR G 301 -37.77 23.39 11.83
C TYR G 301 -36.54 23.06 12.67
N LYS G 302 -35.37 22.94 12.04
CA LYS G 302 -34.09 22.85 12.75
C LYS G 302 -33.45 24.27 12.75
N ARG G 303 -33.96 25.17 11.88
CA ARG G 303 -33.59 26.59 11.89
C ARG G 303 -34.77 27.34 12.59
N LEU G 304 -36.01 27.08 12.16
CA LEU G 304 -37.20 27.67 12.74
C LEU G 304 -37.57 26.82 13.93
N VAL G 305 -36.79 26.90 15.00
CA VAL G 305 -36.97 26.00 16.13
C VAL G 305 -37.42 26.74 17.40
N PRO G 306 -38.72 26.58 17.79
CA PRO G 306 -39.20 27.20 19.02
C PRO G 306 -38.37 26.85 20.25
N GLY G 307 -38.17 27.83 21.12
CA GLY G 307 -37.38 27.68 22.33
C GLY G 307 -35.95 28.12 22.17
N TYR G 308 -35.57 28.52 20.94
CA TYR G 308 -34.20 28.96 20.67
C TYR G 308 -34.19 30.30 19.95
N GLU G 309 -32.99 30.80 19.62
CA GLU G 309 -32.84 32.07 18.90
C GLU G 309 -33.19 31.83 17.42
N ALA G 310 -34.44 32.09 17.05
CA ALA G 310 -34.93 31.86 15.68
C ALA G 310 -36.11 32.78 15.38
N PRO G 311 -36.52 32.98 14.11
CA PRO G 311 -37.66 33.88 13.84
C PRO G 311 -38.99 33.15 14.08
N VAL G 312 -39.21 32.74 15.34
CA VAL G 312 -40.35 31.89 15.78
C VAL G 312 -41.39 32.64 16.62
N ASN G 313 -41.00 33.76 17.23
CA ASN G 313 -41.86 34.51 18.12
C ASN G 313 -42.80 35.37 17.32
N ILE G 314 -44.10 35.12 17.47
CA ILE G 314 -45.14 35.82 16.73
C ILE G 314 -45.40 37.20 17.34
N ALA G 315 -44.59 38.17 16.87
CA ALA G 315 -44.63 39.57 17.27
C ALA G 315 -43.92 40.39 16.18
N TRP G 316 -44.08 41.72 16.20
CA TRP G 316 -43.36 42.59 15.25
C TRP G 316 -42.56 43.62 16.05
N ALA G 317 -41.50 44.15 15.43
CA ALA G 317 -40.64 45.10 16.09
C ALA G 317 -39.88 45.94 15.07
N ASN G 318 -39.38 47.11 15.49
CA ASN G 318 -38.62 48.04 14.63
C ASN G 318 -37.12 47.80 14.77
N SER G 319 -36.40 47.55 13.65
CA SER G 319 -34.93 47.36 13.67
C SER G 319 -34.47 46.35 14.73
N ASN G 320 -35.27 45.30 14.92
CA ASN G 320 -35.04 44.29 15.95
C ASN G 320 -35.15 42.95 15.25
N ARG G 321 -34.07 42.17 15.27
CA ARG G 321 -34.05 40.91 14.57
C ARG G 321 -34.43 39.72 15.46
N SER G 322 -35.13 39.96 16.59
CA SER G 322 -35.56 38.85 17.45
C SER G 322 -37.05 38.48 17.29
N ALA G 323 -37.80 39.18 16.42
CA ALA G 323 -39.23 38.94 16.19
C ALA G 323 -39.46 38.26 14.80
N ILE G 324 -40.68 37.70 14.57
CA ILE G 324 -40.97 37.08 13.26
C ILE G 324 -41.10 38.14 12.17
N ILE G 325 -41.46 39.39 12.54
CA ILE G 325 -41.52 40.54 11.64
C ILE G 325 -40.59 41.64 12.18
N ARG G 326 -39.67 42.14 11.32
CA ARG G 326 -38.84 43.30 11.59
C ARG G 326 -39.27 44.40 10.62
N VAL G 327 -39.35 45.61 11.08
CA VAL G 327 -39.67 46.73 10.21
C VAL G 327 -38.36 47.51 10.03
N PRO G 328 -37.68 47.42 8.85
CA PRO G 328 -36.39 48.13 8.70
C PRO G 328 -36.50 49.64 8.93
N ALA G 329 -35.38 50.28 9.33
CA ALA G 329 -35.40 51.71 9.63
C ALA G 329 -35.76 52.59 8.42
N ALA G 330 -35.47 52.12 7.19
CA ALA G 330 -35.79 52.88 5.98
C ALA G 330 -37.27 53.29 5.90
N ARG G 331 -37.54 54.52 5.40
CA ARG G 331 -38.91 55.02 5.25
C ARG G 331 -39.15 55.54 3.85
N GLY G 332 -40.31 56.15 3.61
CA GLY G 332 -40.67 56.62 2.29
C GLY G 332 -41.01 55.43 1.41
N LYS G 333 -40.46 55.41 0.19
CA LYS G 333 -40.71 54.28 -0.71
C LYS G 333 -40.02 53.00 -0.18
N GLY G 334 -39.06 53.18 0.72
CA GLY G 334 -38.33 52.07 1.35
C GLY G 334 -39.07 51.51 2.56
N THR G 335 -40.29 51.98 2.82
CA THR G 335 -41.08 51.51 3.99
C THR G 335 -41.62 50.13 3.67
N ARG G 336 -41.24 49.12 4.45
CA ARG G 336 -41.68 47.73 4.21
C ARG G 336 -41.58 46.92 5.50
N ILE G 337 -42.17 45.73 5.49
CA ILE G 337 -42.08 44.79 6.63
C ILE G 337 -41.26 43.58 6.18
N GLU G 338 -40.40 43.04 7.05
CA GLU G 338 -39.60 41.87 6.75
C GLU G 338 -40.14 40.68 7.53
N PHE G 339 -40.74 39.71 6.81
CA PHE G 339 -41.24 38.47 7.40
C PHE G 339 -40.01 37.55 7.40
N ARG G 340 -39.49 37.27 8.59
CA ARG G 340 -38.21 36.58 8.76
C ARG G 340 -38.28 35.06 8.79
N ALA G 341 -39.47 34.49 8.98
CA ALA G 341 -39.60 33.04 9.07
C ALA G 341 -39.20 32.26 7.81
N PRO G 342 -39.53 32.70 6.57
CA PRO G 342 -39.29 31.82 5.40
C PRO G 342 -37.87 31.36 5.20
N ASP G 343 -37.70 30.22 4.54
CA ASP G 343 -36.40 29.70 4.17
C ASP G 343 -36.40 29.38 2.65
N PRO G 344 -35.22 29.23 2.01
CA PRO G 344 -35.23 29.04 0.56
C PRO G 344 -35.73 27.66 0.06
N SER G 345 -36.24 26.78 0.95
CA SER G 345 -36.82 25.52 0.50
C SER G 345 -38.29 25.72 0.07
N CYS G 346 -38.91 26.90 0.28
CA CYS G 346 -40.30 27.16 -0.10
C CYS G 346 -40.51 27.37 -1.58
N ASN G 347 -41.75 27.15 -2.04
CA ASN G 347 -42.13 27.44 -3.41
C ASN G 347 -42.51 28.93 -3.39
N PRO G 348 -41.66 29.83 -3.97
CA PRO G 348 -41.96 31.27 -3.84
C PRO G 348 -43.34 31.66 -4.33
N TYR G 349 -43.87 30.98 -5.36
CA TYR G 349 -45.22 31.31 -5.85
C TYR G 349 -46.25 31.06 -4.76
N LEU G 350 -46.11 29.97 -4.02
CA LEU G 350 -47.06 29.61 -2.97
C LEU G 350 -46.79 30.46 -1.72
N ALA G 351 -45.51 30.70 -1.37
CA ALA G 351 -45.13 31.53 -0.22
C ALA G 351 -45.69 32.94 -0.37
N PHE G 352 -45.54 33.56 -1.57
CA PHE G 352 -46.03 34.92 -1.79
C PHE G 352 -47.56 34.96 -1.78
N THR G 353 -48.22 33.90 -2.27
CA THR G 353 -49.68 33.80 -2.27
C THR G 353 -50.21 33.86 -0.83
N VAL G 354 -49.68 33.03 0.07
CA VAL G 354 -50.21 32.94 1.43
C VAL G 354 -49.89 34.18 2.25
N MET G 355 -48.73 34.79 2.04
CA MET G 355 -48.39 36.02 2.75
C MET G 355 -49.32 37.14 2.29
N LEU G 356 -49.59 37.26 0.97
CA LEU G 356 -50.51 38.30 0.51
C LEU G 356 -51.93 38.04 1.01
N ALA G 357 -52.40 36.78 0.91
CA ALA G 357 -53.73 36.43 1.37
C ALA G 357 -53.93 36.74 2.86
N ALA G 358 -52.92 36.45 3.68
CA ALA G 358 -52.98 36.69 5.12
C ALA G 358 -52.93 38.19 5.42
N GLY G 359 -52.06 38.93 4.74
CA GLY G 359 -51.95 40.37 4.94
C GLY G 359 -53.22 41.07 4.52
N LEU G 360 -53.81 40.64 3.38
CA LEU G 360 -55.06 41.26 2.94
C LEU G 360 -56.22 40.87 3.82
N ASP G 361 -56.16 39.72 4.54
CA ASP G 361 -57.21 39.41 5.52
C ASP G 361 -57.19 40.50 6.63
N GLY G 362 -56.00 40.98 6.98
CA GLY G 362 -55.82 42.05 7.95
C GLY G 362 -56.29 43.38 7.41
N VAL G 363 -55.99 43.67 6.14
CA VAL G 363 -56.41 44.94 5.53
C VAL G 363 -57.95 44.98 5.37
N LYS G 364 -58.53 43.95 4.76
CA LYS G 364 -59.96 43.86 4.54
C LYS G 364 -60.76 43.97 5.82
N ASN G 365 -60.29 43.36 6.91
CA ASN G 365 -61.01 43.40 8.18
C ASN G 365 -60.49 44.47 9.15
N LYS G 366 -59.53 45.30 8.71
CA LYS G 366 -58.93 46.36 9.54
C LYS G 366 -58.51 45.84 10.91
N LEU G 367 -57.76 44.74 10.94
CA LEU G 367 -57.33 44.15 12.19
C LEU G 367 -56.35 45.04 12.91
N ASP G 368 -56.37 44.97 14.23
CA ASP G 368 -55.48 45.76 15.05
C ASP G 368 -54.21 44.99 15.27
N ALA G 369 -53.07 45.63 14.98
CA ALA G 369 -51.79 45.04 15.23
C ALA G 369 -51.47 45.22 16.73
N PRO G 370 -50.77 44.25 17.35
CA PRO G 370 -50.36 44.44 18.75
C PRO G 370 -49.28 45.52 18.84
N GLU G 371 -48.84 45.85 20.06
CA GLU G 371 -47.78 46.84 20.20
C GLU G 371 -46.48 46.20 19.71
N PRO G 372 -45.55 46.99 19.16
CA PRO G 372 -44.25 46.40 18.78
C PRO G 372 -43.51 45.94 20.03
N VAL G 373 -42.58 44.99 19.88
CA VAL G 373 -41.78 44.54 21.04
C VAL G 373 -40.38 45.07 20.87
N GLU G 374 -40.03 46.12 21.60
CA GLU G 374 -38.72 46.74 21.42
C GLU G 374 -37.58 46.05 22.21
N ARG G 375 -37.91 45.04 23.02
CA ARG G 375 -36.92 44.25 23.75
C ARG G 375 -36.35 43.10 22.90
N ASN G 376 -35.24 42.50 23.37
CA ASN G 376 -34.68 41.32 22.73
C ASN G 376 -35.56 40.17 23.20
N ILE G 377 -36.41 39.62 22.31
CA ILE G 377 -37.34 38.55 22.71
C ILE G 377 -36.58 37.30 23.18
N PHE G 378 -35.36 37.07 22.68
CA PHE G 378 -34.58 35.90 23.08
C PHE G 378 -34.09 35.99 24.52
N ALA G 379 -34.13 37.20 25.11
CA ALA G 379 -33.73 37.43 26.51
C ALA G 379 -34.93 37.27 27.48
N MET G 380 -36.16 37.09 26.97
CA MET G 380 -37.33 36.96 27.80
C MET G 380 -37.54 35.52 28.22
N SER G 381 -38.13 35.31 29.40
CA SER G 381 -38.48 33.98 29.88
C SER G 381 -39.77 33.54 29.21
N GLU G 382 -40.06 32.23 29.21
CA GLU G 382 -41.31 31.70 28.64
C GLU G 382 -42.54 32.32 29.32
N ALA G 383 -42.54 32.43 30.64
CA ALA G 383 -43.68 33.03 31.36
C ALA G 383 -43.84 34.51 31.02
N GLU G 384 -42.72 35.21 30.80
CA GLU G 384 -42.75 36.64 30.44
C GLU G 384 -43.36 36.83 29.04
N LYS G 385 -43.08 35.89 28.12
CA LYS G 385 -43.65 35.91 26.77
C LYS G 385 -45.12 35.52 26.83
N LYS G 386 -45.46 34.56 27.71
CA LYS G 386 -46.85 34.09 27.89
C LYS G 386 -47.70 35.26 28.37
N GLU G 387 -47.19 36.04 29.32
CA GLU G 387 -47.90 37.19 29.85
C GLU G 387 -48.08 38.25 28.78
N LEU G 388 -47.04 38.50 27.97
CA LEU G 388 -47.13 39.47 26.89
C LEU G 388 -47.93 38.98 25.68
N GLY G 389 -48.34 37.71 25.66
CA GLY G 389 -49.10 37.14 24.55
C GLY G 389 -48.26 36.80 23.34
N ILE G 390 -46.93 36.64 23.50
CA ILE G 390 -46.05 36.31 22.39
C ILE G 390 -46.04 34.80 22.19
N GLU G 391 -46.74 34.31 21.17
CA GLU G 391 -46.79 32.88 20.88
C GLU G 391 -45.68 32.48 19.90
N SER G 392 -45.47 31.18 19.73
CA SER G 392 -44.49 30.67 18.79
C SER G 392 -45.16 29.92 17.64
N VAL G 393 -44.48 29.89 16.51
CA VAL G 393 -44.93 29.14 15.34
C VAL G 393 -44.85 27.65 15.68
N PRO G 394 -45.53 26.77 14.91
CA PRO G 394 -45.42 25.32 15.20
C PRO G 394 -43.97 24.85 15.25
N ALA G 395 -43.71 23.78 16.02
CA ALA G 395 -42.35 23.29 16.25
C ALA G 395 -41.83 22.31 15.23
N ASN G 396 -42.68 21.79 14.33
CA ASN G 396 -42.25 20.81 13.32
C ASN G 396 -43.15 20.83 12.12
N LEU G 397 -42.77 20.16 11.03
CA LEU G 397 -43.55 20.17 9.79
C LEU G 397 -44.99 19.71 10.00
N LYS G 398 -45.18 18.58 10.71
CA LYS G 398 -46.50 18.06 10.91
C LYS G 398 -47.38 19.03 11.69
N ALA G 399 -46.85 19.66 12.75
CA ALA G 399 -47.61 20.64 13.52
C ALA G 399 -48.01 21.83 12.62
N ALA G 400 -47.14 22.24 11.68
CA ALA G 400 -47.44 23.31 10.73
C ALA G 400 -48.52 22.87 9.71
N LEU G 401 -48.45 21.63 9.19
CA LEU G 401 -49.47 21.11 8.26
C LEU G 401 -50.84 21.10 8.93
N ASP G 402 -50.91 20.74 10.22
CA ASP G 402 -52.17 20.72 10.96
C ASP G 402 -52.73 22.14 11.15
N GLU G 403 -51.86 23.14 11.27
CA GLU G 403 -52.31 24.53 11.34
C GLU G 403 -52.88 24.92 9.99
N LEU G 404 -52.16 24.60 8.89
CA LEU G 404 -52.60 24.94 7.53
C LEU G 404 -53.94 24.29 7.19
N GLU G 405 -54.11 23.04 7.60
CA GLU G 405 -55.34 22.28 7.35
C GLU G 405 -56.55 22.99 7.96
N ASN G 406 -56.37 23.74 9.07
CA ASN G 406 -57.44 24.46 9.74
C ASN G 406 -57.48 25.97 9.44
N ASN G 407 -56.87 26.40 8.33
CA ASN G 407 -56.88 27.82 7.98
C ASN G 407 -57.63 28.02 6.66
N ASP G 408 -58.85 28.57 6.76
CA ASP G 408 -59.72 28.77 5.58
C ASP G 408 -59.20 29.86 4.65
N VAL G 409 -58.49 30.88 5.19
CA VAL G 409 -57.95 31.93 4.36
C VAL G 409 -56.87 31.35 3.43
N LEU G 410 -55.96 30.53 3.95
CA LEU G 410 -54.89 29.99 3.11
C LEU G 410 -55.39 28.87 2.19
N LYS G 411 -56.35 28.06 2.66
CA LYS G 411 -56.93 27.03 1.81
C LYS G 411 -57.62 27.68 0.57
N ASN G 412 -58.30 28.81 0.79
CA ASN G 412 -58.95 29.49 -0.31
C ASN G 412 -57.97 30.16 -1.26
N ALA G 413 -56.88 30.69 -0.73
CA ALA G 413 -55.86 31.33 -1.56
C ALA G 413 -55.15 30.31 -2.45
N LEU G 414 -54.79 29.15 -1.91
CA LEU G 414 -54.10 28.10 -2.66
C LEU G 414 -55.04 27.34 -3.58
N GLY G 415 -56.31 27.17 -3.16
CA GLY G 415 -57.29 26.40 -3.91
C GLY G 415 -57.21 24.94 -3.53
N LYS G 416 -58.30 24.19 -3.78
CA LYS G 416 -58.40 22.78 -3.39
C LYS G 416 -57.24 21.91 -3.90
N HIS G 417 -56.96 21.95 -5.20
CA HIS G 417 -55.94 21.09 -5.78
C HIS G 417 -54.56 21.25 -5.12
N ILE G 418 -53.99 22.46 -5.11
CA ILE G 418 -52.67 22.71 -4.50
C ILE G 418 -52.70 22.38 -3.02
N PHE G 419 -53.71 22.88 -2.32
CA PHE G 419 -53.83 22.66 -0.88
C PHE G 419 -53.82 21.17 -0.50
N GLU G 420 -54.69 20.36 -1.12
CA GLU G 420 -54.77 18.95 -0.82
C GLU G 420 -53.56 18.17 -1.29
N SER G 421 -52.97 18.52 -2.45
CA SER G 421 -51.77 17.82 -2.94
C SER G 421 -50.60 18.10 -2.01
N PHE G 422 -50.44 19.37 -1.59
CA PHE G 422 -49.35 19.75 -0.72
C PHE G 422 -49.46 19.00 0.60
N LEU G 423 -50.65 18.96 1.21
CA LEU G 423 -50.84 18.26 2.49
C LEU G 423 -50.56 16.77 2.36
N GLU G 424 -50.97 16.17 1.23
CA GLU G 424 -50.76 14.75 0.99
C GLU G 424 -49.28 14.46 0.82
N ILE G 425 -48.60 15.25 -0.03
CA ILE G 425 -47.17 15.05 -0.28
C ILE G 425 -46.38 15.22 1.02
N LYS G 426 -46.68 16.31 1.76
CA LYS G 426 -45.94 16.62 2.96
C LYS G 426 -46.24 15.67 4.12
N ASN G 427 -47.44 15.06 4.14
CA ASN G 427 -47.73 14.08 5.16
C ASN G 427 -46.93 12.81 4.86
N ALA G 428 -46.73 12.44 3.58
CA ALA G 428 -45.91 11.27 3.24
C ALA G 428 -44.42 11.55 3.56
N GLU G 429 -43.99 12.80 3.35
CA GLU G 429 -42.63 13.21 3.66
C GLU G 429 -42.39 13.14 5.17
N TRP G 430 -43.35 13.61 5.96
CA TRP G 430 -43.29 13.53 7.43
C TRP G 430 -43.24 12.06 7.87
N ASP G 431 -44.11 11.20 7.28
CA ASP G 431 -44.14 9.77 7.62
C ASP G 431 -42.81 9.10 7.35
N SER G 432 -42.16 9.50 6.29
CA SER G 432 -40.87 8.93 5.93
C SER G 432 -39.83 9.29 7.00
N PHE G 433 -39.81 10.56 7.41
CA PHE G 433 -38.90 11.03 8.43
C PHE G 433 -39.19 10.36 9.78
N ARG G 434 -40.47 10.34 10.21
CA ARG G 434 -40.80 9.84 11.53
C ARG G 434 -40.65 8.34 11.69
N THR G 435 -40.58 7.57 10.60
CA THR G 435 -40.35 6.12 10.69
C THR G 435 -38.89 5.74 10.52
N SER G 436 -38.03 6.67 10.10
CA SER G 436 -36.61 6.38 9.91
C SER G 436 -35.90 6.28 11.24
N VAL G 437 -34.78 5.56 11.26
CA VAL G 437 -33.92 5.50 12.45
C VAL G 437 -32.73 6.45 12.16
N THR G 438 -32.69 7.58 12.87
CA THR G 438 -31.66 8.58 12.63
C THR G 438 -30.32 8.28 13.32
N ASP G 439 -29.27 8.96 12.86
CA ASP G 439 -27.94 8.83 13.46
C ASP G 439 -27.95 9.34 14.90
N TRP G 440 -28.77 10.37 15.22
CA TRP G 440 -28.85 10.90 16.59
C TRP G 440 -29.26 9.79 17.56
N GLU G 441 -30.27 9.00 17.14
CA GLU G 441 -30.80 7.88 17.91
C GLU G 441 -29.79 6.77 18.09
N THR G 442 -29.03 6.42 17.04
CA THR G 442 -28.00 5.37 17.14
C THR G 442 -26.94 5.81 18.15
N THR G 443 -26.53 7.08 18.08
CA THR G 443 -25.53 7.60 19.02
C THR G 443 -26.09 7.59 20.45
N ALA G 444 -27.34 8.01 20.60
CA ALA G 444 -27.95 8.12 21.93
C ALA G 444 -28.28 6.79 22.56
N TYR G 445 -28.79 5.82 21.77
CA TYR G 445 -29.39 4.61 22.32
C TYR G 445 -28.76 3.26 22.01
N LEU G 446 -27.75 3.17 21.11
CA LEU G 446 -27.21 1.85 20.83
C LEU G 446 -26.63 1.20 22.07
N LYS G 447 -26.10 2.00 23.00
CA LYS G 447 -25.49 1.50 24.23
C LYS G 447 -26.46 0.92 25.25
N ILE G 448 -27.77 1.13 25.09
CA ILE G 448 -28.70 0.64 26.13
C ILE G 448 -28.95 -0.89 26.02
N SER H 2 -30.54 12.39 -54.02
CA SER H 2 -31.54 11.45 -54.52
C SER H 2 -31.09 10.77 -55.83
N THR H 3 -30.35 11.48 -56.68
CA THR H 3 -29.83 10.88 -57.92
C THR H 3 -28.31 10.72 -57.79
N VAL H 4 -27.75 9.74 -58.50
CA VAL H 4 -26.31 9.46 -58.49
C VAL H 4 -25.50 10.76 -58.73
N GLU H 5 -25.91 11.58 -59.70
CA GLU H 5 -25.24 12.84 -60.02
C GLU H 5 -25.27 13.83 -58.87
N GLN H 6 -26.38 13.90 -58.12
CA GLN H 6 -26.46 14.79 -56.97
C GLN H 6 -25.50 14.32 -55.88
N VAL H 7 -25.40 13.00 -55.67
CA VAL H 7 -24.51 12.42 -54.66
C VAL H 7 -23.05 12.68 -55.07
N LEU H 8 -22.69 12.40 -56.34
CA LEU H 8 -21.34 12.66 -56.85
C LEU H 8 -21.01 14.15 -56.81
N GLU H 9 -21.98 15.01 -57.11
CA GLU H 9 -21.73 16.45 -57.06
C GLU H 9 -21.39 16.89 -55.64
N TYR H 10 -22.15 16.41 -54.63
CA TYR H 10 -21.87 16.74 -53.24
C TYR H 10 -20.47 16.21 -52.84
N VAL H 11 -20.19 14.92 -53.11
CA VAL H 11 -18.89 14.29 -52.84
C VAL H 11 -17.76 15.10 -53.50
N LYS H 12 -17.98 15.54 -54.73
CA LYS H 12 -16.98 16.29 -55.51
C LYS H 12 -16.62 17.64 -54.86
N SER H 13 -17.63 18.40 -54.43
CA SER H 13 -17.39 19.73 -53.90
C SER H 13 -17.16 19.77 -52.38
N ASN H 14 -17.48 18.70 -51.64
CA ASN H 14 -17.30 18.72 -50.17
C ASN H 14 -16.25 17.76 -49.59
N ASN H 15 -15.29 17.30 -50.40
CA ASN H 15 -14.20 16.45 -49.91
C ASN H 15 -14.65 15.21 -49.12
N VAL H 16 -15.71 14.50 -49.55
CA VAL H 16 -16.05 13.26 -48.88
C VAL H 16 -14.97 12.24 -49.27
N LYS H 17 -14.34 11.58 -48.28
CA LYS H 17 -13.24 10.65 -48.56
C LYS H 17 -13.62 9.19 -48.43
N PHE H 18 -14.65 8.88 -47.63
CA PHE H 18 -15.15 7.52 -47.45
C PHE H 18 -16.64 7.54 -47.57
N MET H 19 -17.20 6.44 -48.12
CA MET H 19 -18.63 6.23 -48.21
C MET H 19 -18.95 4.92 -47.46
N ARG H 20 -19.74 4.97 -46.40
CA ARG H 20 -20.15 3.75 -45.69
C ARG H 20 -21.34 3.14 -46.44
N PHE H 21 -21.30 1.84 -46.72
CA PHE H 21 -22.42 1.16 -47.36
C PHE H 21 -23.06 0.41 -46.20
N GLN H 22 -24.18 0.91 -45.74
CA GLN H 22 -24.84 0.43 -44.53
C GLN H 22 -26.14 -0.34 -44.75
N PHE H 23 -26.40 -1.29 -43.84
CA PHE H 23 -27.62 -2.07 -43.80
C PHE H 23 -27.86 -2.56 -42.37
N VAL H 24 -28.88 -3.43 -42.13
CA VAL H 24 -29.11 -4.02 -40.79
C VAL H 24 -29.21 -5.54 -40.90
N ASP H 25 -28.85 -6.26 -39.84
CA ASP H 25 -29.03 -7.71 -39.76
C ASP H 25 -30.48 -7.93 -39.30
N ILE H 26 -30.92 -9.18 -39.10
CA ILE H 26 -32.29 -9.47 -38.69
C ILE H 26 -32.67 -8.80 -37.37
N LEU H 27 -31.71 -8.63 -36.45
CA LEU H 27 -32.00 -8.02 -35.14
C LEU H 27 -31.95 -6.49 -35.12
N GLY H 28 -31.73 -5.87 -36.29
CA GLY H 28 -31.72 -4.43 -36.40
C GLY H 28 -30.38 -3.83 -36.02
N VAL H 29 -29.31 -4.67 -35.91
CA VAL H 29 -27.97 -4.18 -35.64
C VAL H 29 -27.42 -3.62 -36.96
N PRO H 30 -26.99 -2.34 -36.99
CA PRO H 30 -26.46 -1.78 -38.24
C PRO H 30 -25.11 -2.39 -38.58
N LYS H 31 -24.86 -2.52 -39.89
CA LYS H 31 -23.65 -3.12 -40.44
C LYS H 31 -23.18 -2.25 -41.58
N ASN H 32 -21.88 -2.16 -41.80
CA ASN H 32 -21.36 -1.38 -42.89
C ASN H 32 -19.95 -1.78 -43.27
N VAL H 33 -19.59 -1.44 -44.51
CA VAL H 33 -18.24 -1.57 -45.06
C VAL H 33 -17.91 -0.16 -45.60
N ALA H 34 -16.68 0.28 -45.48
CA ALA H 34 -16.29 1.61 -45.92
C ALA H 34 -15.58 1.54 -47.25
N PHE H 35 -16.07 2.30 -48.25
CA PHE H 35 -15.47 2.47 -49.58
C PHE H 35 -14.66 3.78 -49.59
N PRO H 36 -13.33 3.75 -49.85
CA PRO H 36 -12.56 5.02 -49.89
C PRO H 36 -12.69 5.65 -51.27
N ILE H 37 -13.06 6.92 -51.32
CA ILE H 37 -13.26 7.63 -52.58
C ILE H 37 -11.92 8.21 -53.04
N LYS H 38 -11.45 7.85 -54.26
CA LYS H 38 -10.17 8.35 -54.76
C LYS H 38 -10.32 9.75 -55.35
N ALA H 39 -9.17 10.43 -55.51
CA ALA H 39 -9.16 11.77 -56.06
C ALA H 39 -9.42 11.77 -57.57
N GLY H 40 -9.95 12.88 -58.05
CA GLY H 40 -10.15 13.10 -59.48
C GLY H 40 -11.36 12.45 -60.10
N GLU H 41 -11.47 12.57 -61.43
CA GLU H 41 -12.57 12.01 -62.21
C GLU H 41 -12.56 10.50 -62.09
N LYS H 42 -11.37 9.90 -62.08
CA LYS H 42 -11.24 8.46 -61.96
C LYS H 42 -11.91 7.96 -60.67
N GLY H 43 -11.67 8.65 -59.57
CA GLY H 43 -12.31 8.33 -58.30
C GLY H 43 -13.82 8.48 -58.30
N ILE H 44 -14.31 9.52 -58.98
CA ILE H 44 -15.76 9.79 -59.08
C ILE H 44 -16.45 8.73 -59.94
N GLU H 45 -15.77 8.26 -61.00
CA GLU H 45 -16.33 7.24 -61.86
C GLU H 45 -16.33 5.89 -61.17
N GLU H 46 -15.29 5.60 -60.35
CA GLU H 46 -15.25 4.36 -59.58
C GLU H 46 -16.38 4.39 -58.55
N LEU H 47 -16.63 5.55 -57.93
CA LEU H 47 -17.71 5.70 -56.97
C LEU H 47 -19.07 5.59 -57.65
N ARG H 48 -19.20 6.08 -58.89
CA ARG H 48 -20.48 5.97 -59.64
C ARG H 48 -20.78 4.51 -59.88
N ASP H 49 -19.78 3.73 -60.26
CA ASP H 49 -19.96 2.31 -60.53
C ASP H 49 -20.47 1.58 -59.28
N VAL H 50 -19.87 1.85 -58.12
CA VAL H 50 -20.28 1.23 -56.88
C VAL H 50 -21.66 1.72 -56.41
N LEU H 51 -21.97 3.00 -56.57
CA LEU H 51 -23.29 3.49 -56.18
C LEU H 51 -24.39 2.90 -57.07
N GLU H 52 -24.09 2.69 -58.37
CA GLU H 52 -25.10 2.16 -59.30
C GLU H 52 -25.22 0.64 -59.18
N ASN H 53 -24.08 -0.06 -59.23
CA ASN H 53 -24.03 -1.51 -59.26
C ASN H 53 -23.91 -2.20 -57.92
N GLY H 54 -23.58 -1.47 -56.86
CA GLY H 54 -23.48 -2.00 -55.51
C GLY H 54 -22.19 -2.72 -55.26
N LEU H 55 -22.10 -3.44 -54.12
CA LEU H 55 -20.91 -4.22 -53.82
C LEU H 55 -21.24 -5.53 -53.12
N TYR H 56 -20.30 -6.46 -53.11
CA TYR H 56 -20.52 -7.79 -52.57
C TYR H 56 -20.09 -7.92 -51.14
N PHE H 57 -20.66 -8.87 -50.43
CA PHE H 57 -20.26 -9.16 -49.06
C PHE H 57 -20.62 -10.59 -48.73
N ASP H 58 -20.16 -11.08 -47.58
CA ASP H 58 -20.45 -12.44 -47.13
C ASP H 58 -21.73 -12.44 -46.29
N GLY H 59 -22.82 -12.91 -46.87
CA GLY H 59 -24.09 -12.97 -46.13
C GLY H 59 -24.12 -14.02 -45.04
N SER H 60 -23.16 -14.98 -45.03
CA SER H 60 -23.12 -15.98 -43.96
C SER H 60 -22.50 -15.44 -42.71
N SER H 61 -21.90 -14.24 -42.72
CA SER H 61 -21.34 -13.60 -41.51
C SER H 61 -22.32 -12.58 -40.93
N ILE H 62 -23.55 -12.50 -41.47
CA ILE H 62 -24.58 -11.56 -40.99
C ILE H 62 -25.72 -12.39 -40.41
N GLU H 63 -26.14 -12.06 -39.19
CA GLU H 63 -27.19 -12.80 -38.51
C GLU H 63 -28.56 -12.71 -39.24
N GLY H 64 -29.17 -13.87 -39.45
CA GLY H 64 -30.45 -14.02 -40.11
C GLY H 64 -30.41 -13.98 -41.61
N PHE H 65 -29.19 -13.96 -42.20
CA PHE H 65 -29.09 -13.93 -43.67
C PHE H 65 -28.97 -15.33 -44.30
N VAL H 66 -27.82 -15.71 -44.86
CA VAL H 66 -27.72 -16.99 -45.58
C VAL H 66 -26.67 -17.92 -44.98
N GLY H 67 -26.63 -19.14 -45.49
CA GLY H 67 -25.68 -20.15 -45.08
C GLY H 67 -24.37 -20.02 -45.84
N ILE H 68 -23.34 -20.69 -45.33
CA ILE H 68 -21.99 -20.62 -45.88
C ILE H 68 -21.88 -21.05 -47.36
N ASN H 69 -22.68 -22.04 -47.81
CA ASN H 69 -22.61 -22.57 -49.17
C ASN H 69 -23.36 -21.73 -50.25
N GLU H 70 -23.98 -20.64 -49.86
CA GLU H 70 -24.71 -19.76 -50.77
C GLU H 70 -24.50 -18.35 -50.22
N SER H 71 -23.26 -18.01 -49.82
CA SER H 71 -22.96 -16.84 -49.02
C SER H 71 -22.72 -15.50 -49.77
N ASP H 72 -22.35 -15.50 -51.07
CA ASP H 72 -22.15 -14.23 -51.79
C ASP H 72 -23.45 -13.44 -51.88
N MET H 73 -23.43 -12.17 -51.41
CA MET H 73 -24.60 -11.29 -51.46
C MET H 73 -24.20 -9.88 -51.92
N MET H 74 -25.20 -9.02 -52.22
CA MET H 74 -24.93 -7.68 -52.70
C MET H 74 -25.68 -6.60 -51.93
N LEU H 75 -25.13 -5.39 -51.95
CA LEU H 75 -25.76 -4.21 -51.36
C LEU H 75 -26.08 -3.25 -52.48
N LYS H 76 -27.35 -2.82 -52.57
CA LYS H 76 -27.75 -1.86 -53.56
C LYS H 76 -28.08 -0.59 -52.83
N PRO H 77 -27.26 0.46 -52.97
CA PRO H 77 -27.55 1.72 -52.25
C PRO H 77 -28.85 2.42 -52.64
N ASP H 78 -29.60 2.90 -51.61
CA ASP H 78 -30.78 3.75 -51.78
C ASP H 78 -30.16 5.13 -51.68
N LEU H 79 -30.17 5.90 -52.77
CA LEU H 79 -29.48 7.20 -52.79
C LEU H 79 -30.21 8.31 -52.12
N SER H 80 -31.48 8.13 -51.75
CA SER H 80 -32.21 9.16 -51.01
C SER H 80 -31.78 9.18 -49.53
N THR H 81 -31.00 8.16 -49.07
CA THR H 81 -30.54 8.03 -47.68
C THR H 81 -29.14 8.64 -47.42
N PHE H 82 -28.52 9.24 -48.44
CA PHE H 82 -27.18 9.79 -48.35
C PHE H 82 -27.07 10.86 -47.23
N SER H 83 -26.06 10.74 -46.33
CA SER H 83 -25.80 11.71 -45.25
C SER H 83 -24.30 11.73 -44.95
N VAL H 84 -23.82 12.82 -44.35
CA VAL H 84 -22.45 12.94 -43.88
C VAL H 84 -22.46 12.66 -42.37
N LEU H 85 -21.55 11.81 -41.91
CA LEU H 85 -21.47 11.43 -40.46
C LEU H 85 -20.88 12.58 -39.65
N PRO H 86 -21.66 13.22 -38.75
CA PRO H 86 -21.20 14.35 -37.95
C PRO H 86 -20.04 14.01 -36.97
N TRP H 87 -20.09 12.83 -36.34
CA TRP H 87 -19.06 12.39 -35.37
C TRP H 87 -17.69 12.20 -36.05
N ARG H 88 -17.68 11.80 -37.32
CA ARG H 88 -16.44 11.60 -38.10
C ARG H 88 -15.81 12.94 -38.49
N PRO H 89 -14.50 13.00 -38.84
CA PRO H 89 -13.83 14.25 -39.22
C PRO H 89 -14.49 15.06 -40.35
N SER H 90 -14.31 16.38 -40.32
CA SER H 90 -14.91 17.29 -41.31
C SER H 90 -14.08 17.38 -42.56
N GLU H 91 -12.76 17.36 -42.41
CA GLU H 91 -11.85 17.39 -43.54
C GLU H 91 -11.69 15.92 -43.99
N LYS H 92 -12.00 15.62 -45.25
CA LYS H 92 -11.97 14.24 -45.73
C LYS H 92 -13.07 13.49 -45.00
N SER H 93 -14.28 13.99 -45.19
CA SER H 93 -15.46 13.54 -44.46
C SER H 93 -15.90 12.15 -44.84
N VAL H 94 -16.75 11.61 -43.99
CA VAL H 94 -17.29 10.29 -44.15
C VAL H 94 -18.77 10.45 -44.39
N ALA H 95 -19.26 9.88 -45.48
CA ALA H 95 -20.68 9.88 -45.80
C ALA H 95 -21.18 8.44 -45.68
N ARG H 96 -22.48 8.27 -45.67
CA ARG H 96 -23.04 6.93 -45.67
C ARG H 96 -24.13 6.87 -46.71
N VAL H 97 -24.48 5.66 -47.08
CA VAL H 97 -25.65 5.39 -47.92
C VAL H 97 -26.27 4.09 -47.36
N ILE H 98 -27.57 4.10 -46.99
CA ILE H 98 -28.24 2.87 -46.54
C ILE H 98 -28.65 2.04 -47.79
N CYS H 99 -28.33 0.74 -47.77
CA CYS H 99 -28.52 -0.19 -48.88
C CYS H 99 -29.63 -1.21 -48.66
N ASP H 100 -30.13 -1.73 -49.77
CA ASP H 100 -31.06 -2.83 -49.79
C ASP H 100 -30.23 -4.07 -50.09
N VAL H 101 -30.54 -5.21 -49.47
CA VAL H 101 -29.78 -6.45 -49.69
C VAL H 101 -30.35 -7.21 -50.88
N TYR H 102 -29.47 -7.63 -51.79
CA TYR H 102 -29.83 -8.33 -53.00
C TYR H 102 -29.05 -9.64 -53.13
N THR H 103 -29.58 -10.55 -53.90
CA THR H 103 -28.88 -11.80 -54.19
C THR H 103 -27.91 -11.50 -55.36
N THR H 104 -26.99 -12.43 -55.62
CA THR H 104 -26.07 -12.30 -56.75
C THR H 104 -26.86 -12.24 -58.08
N LYS H 105 -28.07 -12.87 -58.13
CA LYS H 105 -28.94 -12.86 -59.32
C LYS H 105 -29.66 -11.50 -59.53
N GLY H 106 -29.36 -10.49 -58.72
CA GLY H 106 -29.96 -9.17 -58.86
C GLY H 106 -31.37 -9.09 -58.35
N LYS H 107 -31.76 -9.97 -57.41
CA LYS H 107 -33.11 -9.97 -56.86
C LYS H 107 -33.13 -9.52 -55.39
N PRO H 108 -34.12 -8.74 -54.94
CA PRO H 108 -34.14 -8.35 -53.51
C PRO H 108 -34.13 -9.57 -52.61
N PHE H 109 -33.30 -9.56 -51.57
CA PHE H 109 -33.19 -10.69 -50.66
C PHE H 109 -34.45 -10.82 -49.78
N GLU H 110 -35.04 -12.03 -49.77
CA GLU H 110 -36.23 -12.34 -48.97
C GLU H 110 -36.01 -12.16 -47.45
N GLY H 111 -34.77 -12.27 -46.99
CA GLY H 111 -34.42 -12.11 -45.59
C GLY H 111 -34.01 -10.71 -45.19
N ASP H 112 -34.12 -9.72 -46.10
CA ASP H 112 -33.73 -8.33 -45.80
C ASP H 112 -34.83 -7.62 -45.00
N PRO H 113 -34.57 -7.17 -43.76
CA PRO H 113 -35.62 -6.45 -43.02
C PRO H 113 -36.08 -5.17 -43.72
N ARG H 114 -35.15 -4.42 -44.35
CA ARG H 114 -35.52 -3.16 -45.00
C ARG H 114 -36.45 -3.42 -46.17
N GLY H 115 -36.10 -4.40 -47.02
CA GLY H 115 -36.93 -4.80 -48.16
C GLY H 115 -38.27 -5.34 -47.71
N CYS H 116 -38.30 -5.99 -46.55
CA CYS H 116 -39.52 -6.48 -45.96
C CYS H 116 -40.50 -5.30 -45.69
N LEU H 117 -40.00 -4.18 -45.11
CA LEU H 117 -40.86 -3.01 -44.87
C LEU H 117 -41.20 -2.30 -46.21
N LYS H 118 -40.25 -2.18 -47.14
CA LYS H 118 -40.53 -1.57 -48.44
C LYS H 118 -41.70 -2.27 -49.13
N ARG H 119 -41.67 -3.61 -49.10
CA ARG H 119 -42.65 -4.44 -49.80
C ARG H 119 -44.06 -4.28 -49.22
N VAL H 120 -44.22 -4.25 -47.89
CA VAL H 120 -45.56 -4.06 -47.32
C VAL H 120 -46.07 -2.64 -47.59
N MET H 121 -45.16 -1.65 -47.62
CA MET H 121 -45.53 -0.29 -47.93
C MET H 121 -45.93 -0.18 -49.39
N GLU H 122 -45.22 -0.85 -50.30
CA GLU H 122 -45.54 -0.82 -51.73
C GLU H 122 -46.89 -1.46 -51.93
N GLU H 123 -47.18 -2.57 -51.23
CA GLU H 123 -48.48 -3.24 -51.37
C GLU H 123 -49.59 -2.37 -50.80
N PHE H 124 -49.34 -1.65 -49.71
CA PHE H 124 -50.33 -0.76 -49.13
C PHE H 124 -50.65 0.38 -50.12
N LYS H 125 -49.61 0.95 -50.78
CA LYS H 125 -49.86 2.01 -51.73
C LYS H 125 -50.60 1.47 -52.93
N LYS H 126 -50.26 0.28 -53.41
CA LYS H 126 -50.92 -0.27 -54.59
C LYS H 126 -52.40 -0.61 -54.32
N GLU H 127 -52.71 -1.17 -53.13
CA GLU H 127 -54.07 -1.59 -52.80
C GLU H 127 -55.00 -0.48 -52.32
N PHE H 128 -54.50 0.48 -51.52
CA PHE H 128 -55.35 1.54 -50.96
C PHE H 128 -54.92 2.94 -51.34
N ASN H 129 -53.81 3.09 -52.05
CA ASN H 129 -53.22 4.40 -52.28
C ASN H 129 -52.92 5.07 -50.93
N GLY H 130 -52.42 4.28 -49.99
CA GLY H 130 -52.15 4.71 -48.64
C GLY H 130 -50.69 4.91 -48.32
N GLU H 131 -50.42 5.78 -47.33
CA GLU H 131 -49.08 6.04 -46.82
C GLU H 131 -49.07 5.74 -45.32
N TYR H 132 -48.01 5.17 -44.82
CA TYR H 132 -47.91 4.80 -43.41
C TYR H 132 -46.87 5.69 -42.70
N PHE H 133 -47.34 6.54 -41.76
CA PHE H 133 -46.51 7.50 -41.06
C PHE H 133 -46.25 7.07 -39.62
N VAL H 134 -44.99 7.11 -39.19
CA VAL H 134 -44.60 6.70 -37.83
C VAL H 134 -43.72 7.76 -37.19
N GLY H 135 -43.96 8.03 -35.91
CA GLY H 135 -43.18 8.93 -35.06
C GLY H 135 -42.76 8.18 -33.80
N PRO H 136 -41.55 7.59 -33.78
CA PRO H 136 -41.13 6.79 -32.61
C PRO H 136 -40.35 7.64 -31.61
N GLU H 137 -40.33 7.21 -30.33
CA GLU H 137 -39.64 7.98 -29.27
C GLU H 137 -38.68 7.08 -28.53
N PRO H 138 -37.52 6.77 -29.13
CA PRO H 138 -36.58 5.84 -28.48
C PRO H 138 -35.80 6.44 -27.30
N GLU H 139 -36.25 6.13 -26.05
CA GLU H 139 -35.60 6.64 -24.85
C GLU H 139 -34.29 5.91 -24.62
N PHE H 140 -33.38 6.48 -23.86
CA PHE H 140 -32.08 5.87 -23.57
C PHE H 140 -31.56 6.35 -22.23
N PHE H 141 -30.60 5.60 -21.68
CA PHE H 141 -29.88 5.94 -20.48
C PHE H 141 -28.49 6.34 -20.86
N LEU H 142 -27.93 7.28 -20.12
CA LEU H 142 -26.51 7.66 -20.19
C LEU H 142 -25.91 7.04 -18.95
N LEU H 143 -24.80 6.35 -19.12
CA LEU H 143 -24.18 5.61 -18.02
C LEU H 143 -22.77 6.06 -17.76
N LYS H 144 -22.33 5.84 -16.53
CA LYS H 144 -20.94 6.07 -16.16
C LYS H 144 -20.52 4.88 -15.28
N LYS H 145 -19.20 4.71 -15.09
CA LYS H 145 -18.74 3.60 -14.27
C LYS H 145 -19.03 3.84 -12.82
N ASP H 146 -19.37 2.77 -12.11
CA ASP H 146 -19.60 2.83 -10.69
C ASP H 146 -18.24 3.17 -10.02
N PRO H 147 -18.12 4.28 -9.29
CA PRO H 147 -16.81 4.59 -8.67
C PRO H 147 -16.36 3.51 -7.68
N HIS H 148 -17.31 2.73 -7.12
CA HIS H 148 -17.00 1.64 -6.20
C HIS H 148 -16.60 0.35 -6.95
N ASN H 149 -17.14 0.11 -8.17
CA ASN H 149 -16.71 -1.03 -8.98
C ASN H 149 -16.60 -0.60 -10.44
N PRO H 150 -15.38 -0.50 -10.99
CA PRO H 150 -15.25 -0.05 -12.39
C PRO H 150 -15.78 -1.05 -13.41
N HIS H 151 -16.11 -2.28 -12.99
CA HIS H 151 -16.69 -3.27 -13.89
C HIS H 151 -18.21 -3.06 -14.09
N LYS H 152 -18.86 -2.23 -13.25
CA LYS H 152 -20.29 -1.98 -13.33
C LYS H 152 -20.63 -0.57 -13.81
N TYR H 153 -21.80 -0.41 -14.43
CA TYR H 153 -22.29 0.88 -14.92
C TYR H 153 -23.52 1.35 -14.10
N ILE H 154 -23.57 2.66 -13.82
CA ILE H 154 -24.68 3.27 -13.09
C ILE H 154 -25.27 4.41 -13.92
N PRO H 155 -26.48 4.91 -13.61
CA PRO H 155 -26.99 6.10 -14.31
C PRO H 155 -26.05 7.30 -14.19
N ALA H 156 -25.93 8.09 -15.28
CA ALA H 156 -24.97 9.20 -15.34
C ALA H 156 -25.30 10.38 -14.38
N ASP H 157 -26.57 10.49 -13.92
CA ASP H 157 -26.93 11.54 -12.97
C ASP H 157 -28.09 11.05 -12.11
N ASP H 158 -28.56 11.89 -11.17
CA ASP H 158 -29.69 11.55 -10.31
C ASP H 158 -30.93 12.34 -10.67
N GLY H 159 -30.99 12.91 -11.87
CA GLY H 159 -32.14 13.72 -12.26
C GLY H 159 -33.38 12.92 -12.64
N GLY H 160 -34.47 13.65 -12.80
CA GLY H 160 -35.77 13.12 -13.14
C GLY H 160 -36.38 13.90 -14.28
N TYR H 161 -37.67 13.64 -14.51
CA TYR H 161 -38.42 14.18 -15.64
C TYR H 161 -38.33 15.69 -15.77
N PHE H 162 -37.88 16.19 -16.92
CA PHE H 162 -37.81 17.62 -17.21
C PHE H 162 -36.91 18.42 -16.23
N ASP H 163 -36.02 17.76 -15.50
CA ASP H 163 -35.18 18.48 -14.56
C ASP H 163 -34.22 19.44 -15.25
N LEU H 164 -33.85 20.51 -14.52
CA LEU H 164 -32.84 21.47 -14.95
C LEU H 164 -31.48 21.08 -14.36
N GLU H 165 -30.42 21.63 -14.95
CA GLU H 165 -29.06 21.55 -14.43
C GLU H 165 -29.04 22.30 -13.09
N PRO H 166 -28.13 21.94 -12.14
CA PRO H 166 -27.13 20.90 -12.22
C PRO H 166 -27.62 19.48 -11.93
N MET H 167 -28.87 19.30 -11.53
CA MET H 167 -29.45 17.98 -11.27
C MET H 167 -29.44 17.14 -12.57
N ASP H 168 -29.88 17.77 -13.67
CA ASP H 168 -29.82 17.21 -15.01
C ASP H 168 -28.40 17.53 -15.47
N GLU H 169 -27.56 16.53 -15.65
CA GLU H 169 -26.17 16.76 -16.04
C GLU H 169 -25.92 16.60 -17.54
N ALA H 170 -26.99 16.43 -18.35
CA ALA H 170 -26.80 16.15 -19.77
C ALA H 170 -27.12 17.27 -20.77
N PRO H 171 -27.36 18.56 -20.43
CA PRO H 171 -27.59 19.53 -21.51
C PRO H 171 -26.49 19.54 -22.59
N ASP H 172 -25.21 19.41 -22.22
CA ASP H 172 -24.14 19.40 -23.21
C ASP H 172 -24.23 18.19 -24.12
N ILE H 173 -24.56 17.00 -23.58
CA ILE H 173 -24.66 15.81 -24.38
C ILE H 173 -25.90 15.91 -25.28
N ARG H 174 -27.06 16.27 -24.70
CA ARG H 174 -28.29 16.40 -25.49
C ARG H 174 -28.13 17.47 -26.57
N ARG H 175 -27.42 18.56 -26.26
CA ARG H 175 -27.07 19.62 -27.23
C ARG H 175 -26.32 19.06 -28.45
N ASP H 176 -25.24 18.32 -28.22
CA ASP H 176 -24.44 17.72 -29.29
C ASP H 176 -25.22 16.66 -30.01
N ILE H 177 -26.12 15.96 -29.31
CA ILE H 177 -26.95 14.97 -29.98
C ILE H 177 -27.85 15.68 -31.01
N VAL H 178 -28.53 16.74 -30.58
CA VAL H 178 -29.42 17.52 -31.44
C VAL H 178 -28.65 18.06 -32.65
N PHE H 179 -27.45 18.64 -32.45
CA PHE H 179 -26.67 19.18 -33.55
C PHE H 179 -26.29 18.08 -34.56
N ALA H 180 -25.91 16.90 -34.07
CA ALA H 180 -25.57 15.77 -34.93
C ALA H 180 -26.77 15.30 -35.74
N LEU H 181 -27.95 15.17 -35.08
CA LEU H 181 -29.17 14.75 -35.74
C LEU H 181 -29.57 15.78 -36.79
N GLU H 182 -29.40 17.07 -36.50
CA GLU H 182 -29.75 18.08 -37.49
C GLU H 182 -28.83 17.96 -38.71
N ASN H 183 -27.54 17.74 -38.49
CA ASN H 183 -26.57 17.55 -39.58
C ASN H 183 -26.88 16.31 -40.39
N LEU H 184 -27.54 15.31 -39.76
CA LEU H 184 -27.96 14.07 -40.42
C LEU H 184 -29.32 14.22 -41.11
N GLY H 185 -29.88 15.44 -41.12
CA GLY H 185 -31.14 15.72 -41.80
C GLY H 185 -32.39 15.48 -40.99
N PHE H 186 -32.25 15.19 -39.67
CA PHE H 186 -33.41 15.04 -38.81
C PHE H 186 -34.06 16.37 -38.53
N HIS H 187 -35.40 16.37 -38.32
CA HIS H 187 -36.11 17.55 -37.85
C HIS H 187 -36.37 17.29 -36.38
N VAL H 188 -35.49 17.77 -35.50
CA VAL H 188 -35.60 17.50 -34.07
C VAL H 188 -36.72 18.34 -33.47
N GLU H 189 -37.52 17.75 -32.59
CA GLU H 189 -38.67 18.45 -32.01
C GLU H 189 -38.44 18.94 -30.57
N ALA H 190 -37.77 18.13 -29.75
CA ALA H 190 -37.59 18.47 -28.33
C ALA H 190 -36.59 17.54 -27.66
N SER H 191 -35.98 17.99 -26.55
CA SER H 191 -35.09 17.12 -25.79
C SER H 191 -35.22 17.45 -24.34
N HIS H 192 -35.11 16.44 -23.47
CA HIS H 192 -35.27 16.66 -22.04
C HIS H 192 -34.85 15.43 -21.27
N HIS H 193 -34.61 15.63 -19.97
CA HIS H 193 -34.30 14.53 -19.07
C HIS H 193 -35.63 13.73 -18.89
N GLU H 194 -35.54 12.40 -18.85
CA GLU H 194 -36.70 11.55 -18.68
C GLU H 194 -36.86 11.15 -17.20
N VAL H 195 -37.87 10.30 -16.89
CA VAL H 195 -38.24 9.98 -15.52
C VAL H 195 -37.11 9.41 -14.65
N ALA H 196 -36.35 8.44 -15.15
CA ALA H 196 -35.33 7.77 -14.35
C ALA H 196 -33.99 8.52 -14.27
N PRO H 197 -33.17 8.28 -13.24
CA PRO H 197 -31.81 8.86 -13.22
C PRO H 197 -31.05 8.52 -14.50
N GLY H 198 -30.35 9.49 -15.09
CA GLY H 198 -29.58 9.27 -16.29
C GLY H 198 -30.36 8.98 -17.56
N GLN H 199 -31.71 9.04 -17.53
CA GLN H 199 -32.51 8.72 -18.71
C GLN H 199 -32.84 9.99 -19.47
N HIS H 200 -32.93 9.91 -20.83
CA HIS H 200 -33.19 11.09 -21.66
C HIS H 200 -34.08 10.79 -22.86
N GLU H 201 -34.54 11.85 -23.51
CA GLU H 201 -35.38 11.73 -24.70
C GLU H 201 -35.07 12.86 -25.65
N VAL H 202 -34.91 12.54 -26.93
CA VAL H 202 -34.68 13.52 -28.00
C VAL H 202 -35.64 13.11 -29.11
N ASP H 203 -36.71 13.88 -29.28
CA ASP H 203 -37.78 13.59 -30.22
C ASP H 203 -37.48 14.19 -31.58
N PHE H 204 -37.89 13.49 -32.64
CA PHE H 204 -37.71 13.94 -34.02
C PHE H 204 -39.03 13.76 -34.76
N LYS H 205 -39.23 14.54 -35.82
CA LYS H 205 -40.50 14.53 -36.53
C LYS H 205 -40.80 13.19 -37.22
N PHE H 206 -42.06 12.80 -37.24
CA PHE H 206 -42.50 11.60 -37.91
C PHE H 206 -42.30 11.71 -39.41
N ASP H 207 -42.31 10.57 -40.08
CA ASP H 207 -42.21 10.53 -41.54
C ASP H 207 -42.77 9.20 -42.04
N ASP H 208 -42.64 8.87 -43.34
CA ASP H 208 -43.11 7.56 -43.78
C ASP H 208 -42.30 6.47 -43.05
N ALA H 209 -42.91 5.30 -42.87
CA ALA H 209 -42.30 4.23 -42.08
C ALA H 209 -40.86 3.89 -42.50
N LEU H 210 -40.54 3.95 -43.79
CA LEU H 210 -39.21 3.56 -44.25
C LEU H 210 -38.14 4.59 -43.82
N LYS H 211 -38.39 5.88 -44.05
CA LYS H 211 -37.49 6.95 -43.64
C LYS H 211 -37.32 6.94 -42.14
N THR H 212 -38.43 6.72 -41.40
CA THR H 212 -38.40 6.68 -39.95
C THR H 212 -37.61 5.49 -39.45
N ALA H 213 -37.74 4.31 -40.09
CA ALA H 213 -36.96 3.14 -39.69
C ALA H 213 -35.46 3.43 -39.93
N ASP H 214 -35.12 4.10 -41.07
CA ASP H 214 -33.75 4.46 -41.37
C ASP H 214 -33.23 5.43 -40.28
N SER H 215 -34.08 6.38 -39.85
CA SER H 215 -33.74 7.38 -38.82
C SER H 215 -33.58 6.75 -37.45
N VAL H 216 -34.41 5.75 -37.08
CA VAL H 216 -34.23 5.07 -35.80
C VAL H 216 -32.85 4.39 -35.73
N ILE H 217 -32.39 3.76 -36.82
CA ILE H 217 -31.10 3.07 -36.82
C ILE H 217 -30.01 4.11 -36.65
N THR H 218 -30.10 5.21 -37.41
CA THR H 218 -29.10 6.29 -37.41
C THR H 218 -29.08 7.00 -36.05
N PHE H 219 -30.26 7.20 -35.47
CA PHE H 219 -30.46 7.84 -34.17
C PHE H 219 -29.71 7.10 -33.08
N LYS H 220 -29.87 5.77 -33.02
CA LYS H 220 -29.22 4.99 -31.99
C LYS H 220 -27.69 5.01 -32.13
N THR H 221 -27.16 4.99 -33.36
CA THR H 221 -25.70 5.07 -33.55
C THR H 221 -25.21 6.43 -33.11
N THR H 222 -25.97 7.50 -33.39
CA THR H 222 -25.60 8.85 -33.04
C THR H 222 -25.51 9.01 -31.55
N ILE H 223 -26.57 8.63 -30.81
CA ILE H 223 -26.59 8.81 -29.38
C ILE H 223 -25.41 8.07 -28.75
N LYS H 224 -25.17 6.86 -29.20
CA LYS H 224 -24.08 6.04 -28.67
C LYS H 224 -22.69 6.62 -28.94
N THR H 225 -22.45 7.14 -30.16
CA THR H 225 -21.13 7.69 -30.48
C THR H 225 -20.95 9.03 -29.81
N ILE H 226 -22.00 9.86 -29.74
CA ILE H 226 -21.88 11.19 -29.07
C ILE H 226 -21.60 10.98 -27.57
N ALA H 227 -22.32 10.05 -26.92
CA ALA H 227 -22.12 9.80 -25.52
C ALA H 227 -20.67 9.37 -25.26
N GLU H 228 -20.12 8.51 -26.12
CA GLU H 228 -18.71 8.06 -25.96
C GLU H 228 -17.80 9.29 -26.00
N GLN H 229 -18.04 10.22 -26.93
CA GLN H 229 -17.23 11.44 -26.98
C GLN H 229 -17.25 12.22 -25.68
N HIS H 230 -18.36 12.13 -24.89
CA HIS H 230 -18.42 12.83 -23.60
C HIS H 230 -17.97 11.94 -22.44
N GLY H 231 -17.30 10.82 -22.75
CA GLY H 231 -16.80 9.92 -21.72
C GLY H 231 -17.88 9.12 -21.02
N LEU H 232 -19.08 9.03 -21.62
CA LEU H 232 -20.18 8.28 -21.07
C LEU H 232 -20.55 7.14 -22.02
N LYS H 233 -21.46 6.28 -21.61
CA LYS H 233 -21.92 5.18 -22.43
C LYS H 233 -23.44 5.30 -22.53
N ALA H 234 -24.03 5.18 -23.72
CA ALA H 234 -25.49 5.24 -23.84
C ALA H 234 -26.02 3.84 -24.05
N THR H 235 -27.19 3.52 -23.46
CA THR H 235 -27.79 2.22 -23.71
C THR H 235 -29.26 2.37 -24.09
N PHE H 236 -29.69 1.56 -25.05
CA PHE H 236 -31.10 1.44 -25.43
C PHE H 236 -31.71 0.14 -24.84
N MET H 237 -31.03 -0.48 -23.84
CA MET H 237 -31.55 -1.65 -23.10
C MET H 237 -32.93 -1.29 -22.51
N PRO H 238 -33.97 -2.11 -22.76
CA PRO H 238 -35.31 -1.74 -22.25
C PRO H 238 -35.40 -1.47 -20.73
N LYS H 239 -34.71 -2.26 -19.92
CA LYS H 239 -34.78 -2.13 -18.47
C LYS H 239 -33.42 -2.43 -17.87
N PRO H 240 -32.48 -1.43 -17.92
CA PRO H 240 -31.15 -1.67 -17.37
C PRO H 240 -31.08 -1.77 -15.83
N PHE H 241 -32.00 -1.09 -15.14
CA PHE H 241 -32.00 -1.03 -13.69
C PHE H 241 -33.35 -1.37 -13.09
N PHE H 242 -33.35 -2.23 -12.09
CA PHE H 242 -34.56 -2.56 -11.35
C PHE H 242 -34.88 -1.35 -10.47
N GLY H 243 -36.17 -1.08 -10.24
CA GLY H 243 -36.58 -0.01 -9.34
C GLY H 243 -36.70 1.37 -9.97
N MET H 244 -36.47 1.49 -11.28
CA MET H 244 -36.65 2.76 -11.96
C MET H 244 -37.19 2.46 -13.35
N ASN H 245 -37.74 3.48 -14.01
CA ASN H 245 -38.32 3.33 -15.32
C ASN H 245 -37.43 2.62 -16.33
N GLY H 246 -38.07 1.87 -17.22
CA GLY H 246 -37.41 1.31 -18.36
C GLY H 246 -37.47 2.31 -19.49
N SER H 247 -36.78 2.00 -20.60
CA SER H 247 -36.85 2.82 -21.80
C SER H 247 -37.83 2.19 -22.83
N GLY H 248 -38.79 2.98 -23.27
CA GLY H 248 -39.72 2.55 -24.30
C GLY H 248 -39.41 3.22 -25.62
N MET H 249 -40.08 2.77 -26.67
CA MET H 249 -40.03 3.43 -27.96
C MET H 249 -41.46 3.43 -28.45
N HIS H 250 -42.30 4.32 -27.86
CA HIS H 250 -43.71 4.47 -28.26
C HIS H 250 -43.77 4.85 -29.73
N CYS H 251 -44.68 4.24 -30.47
CA CYS H 251 -44.77 4.49 -31.90
C CYS H 251 -46.06 5.18 -32.23
N HIS H 252 -45.98 6.48 -32.49
CA HIS H 252 -47.15 7.23 -32.93
C HIS H 252 -47.29 6.89 -34.39
N GLN H 253 -48.50 6.55 -34.84
CA GLN H 253 -48.66 6.16 -36.23
C GLN H 253 -50.03 6.50 -36.79
N SER H 254 -50.08 6.69 -38.10
CA SER H 254 -51.33 7.02 -38.78
C SER H 254 -51.22 6.61 -40.23
N ILE H 255 -52.37 6.34 -40.87
CA ILE H 255 -52.39 6.02 -42.30
C ILE H 255 -53.14 7.13 -43.01
N TRP H 256 -52.64 7.48 -44.21
CA TRP H 256 -53.26 8.50 -45.03
C TRP H 256 -53.71 7.87 -46.35
N LEU H 257 -55.01 7.88 -46.65
CA LEU H 257 -55.50 7.34 -47.91
C LEU H 257 -55.81 8.50 -48.85
N ASN H 258 -55.19 8.51 -50.05
CA ASN H 258 -55.36 9.57 -51.05
C ASN H 258 -54.95 10.93 -50.53
N GLY H 259 -53.83 11.00 -49.84
CA GLY H 259 -53.30 12.25 -49.31
C GLY H 259 -54.02 12.84 -48.12
N GLU H 260 -54.99 12.09 -47.55
CA GLU H 260 -55.77 12.60 -46.42
C GLU H 260 -55.43 11.94 -45.08
N PRO H 261 -55.62 12.65 -43.94
CA PRO H 261 -55.47 11.97 -42.65
C PRO H 261 -56.75 11.17 -42.36
N SER H 262 -56.84 9.96 -42.92
CA SER H 262 -57.99 9.08 -42.74
C SER H 262 -58.31 8.78 -41.28
N PHE H 263 -57.40 9.08 -40.34
CA PHE H 263 -57.70 8.82 -38.93
C PHE H 263 -58.59 9.92 -38.31
N TYR H 264 -58.63 11.12 -38.94
CA TYR H 264 -59.39 12.27 -38.46
C TYR H 264 -60.80 12.32 -39.09
N ASP H 265 -61.82 12.52 -38.26
CA ASP H 265 -63.20 12.65 -38.70
C ASP H 265 -63.89 13.64 -37.77
N GLU H 266 -63.98 14.89 -38.24
CA GLU H 266 -64.58 16.02 -37.51
C GLU H 266 -65.92 15.67 -36.83
N ASN H 267 -66.79 14.89 -37.52
CA ASN H 267 -68.13 14.58 -37.01
C ASN H 267 -68.31 13.18 -36.43
N ALA H 268 -67.24 12.57 -35.96
CA ALA H 268 -67.31 11.23 -35.35
C ALA H 268 -67.03 11.33 -33.85
N PRO H 269 -67.44 10.32 -33.05
CA PRO H 269 -67.08 10.37 -31.61
C PRO H 269 -65.56 10.42 -31.42
N TYR H 270 -65.10 11.29 -30.50
CA TYR H 270 -63.67 11.53 -30.24
C TYR H 270 -62.95 12.14 -31.46
N GLN H 271 -63.70 12.50 -32.52
CA GLN H 271 -63.17 12.99 -33.78
C GLN H 271 -62.20 11.98 -34.41
N LEU H 272 -62.48 10.67 -34.19
CA LEU H 272 -61.69 9.57 -34.73
C LEU H 272 -62.55 8.85 -35.75
N SER H 273 -61.99 8.66 -36.96
CA SER H 273 -62.72 8.04 -38.09
C SER H 273 -62.86 6.52 -37.91
N GLU H 274 -63.76 5.91 -38.72
CA GLU H 274 -64.02 4.47 -38.68
C GLU H 274 -62.72 3.73 -39.03
N THR H 275 -61.94 4.27 -39.99
CA THR H 275 -60.68 3.67 -40.41
C THR H 275 -59.74 3.62 -39.20
N CYS H 276 -59.71 4.68 -38.37
CA CYS H 276 -58.90 4.73 -37.16
C CYS H 276 -59.30 3.62 -36.21
N MET H 277 -60.61 3.41 -36.02
CA MET H 277 -61.16 2.39 -35.14
C MET H 277 -60.92 0.99 -35.67
N ASN H 278 -60.98 0.81 -36.99
CA ASN H 278 -60.69 -0.49 -37.60
C ASN H 278 -59.19 -0.81 -37.37
N TYR H 279 -58.32 0.19 -37.59
CA TYR H 279 -56.88 0.04 -37.43
C TYR H 279 -56.53 -0.33 -35.97
N VAL H 280 -57.07 0.45 -35.00
CA VAL H 280 -56.88 0.20 -33.57
C VAL H 280 -57.33 -1.25 -33.24
N ALA H 281 -58.48 -1.67 -33.80
CA ALA H 281 -59.00 -3.02 -33.58
C ALA H 281 -58.01 -4.10 -34.11
N GLY H 282 -57.34 -3.83 -35.22
CA GLY H 282 -56.35 -4.75 -35.79
C GLY H 282 -55.13 -4.88 -34.89
N ILE H 283 -54.60 -3.74 -34.40
CA ILE H 283 -53.44 -3.73 -33.50
C ILE H 283 -53.80 -4.50 -32.20
N LEU H 284 -55.00 -4.23 -31.64
CA LEU H 284 -55.41 -4.89 -30.40
C LEU H 284 -55.60 -6.40 -30.62
N LYS H 285 -56.15 -6.78 -31.76
CA LYS H 285 -56.32 -8.21 -32.07
C LYS H 285 -54.95 -8.95 -32.11
N HIS H 286 -53.92 -8.34 -32.71
CA HIS H 286 -52.63 -9.00 -32.87
C HIS H 286 -51.58 -8.57 -31.85
N ALA H 287 -51.95 -7.76 -30.83
CA ALA H 287 -51.00 -7.26 -29.85
C ALA H 287 -50.12 -8.35 -29.21
N LYS H 288 -50.70 -9.48 -28.81
CA LYS H 288 -49.96 -10.57 -28.17
C LYS H 288 -48.80 -11.12 -29.07
N ALA H 289 -48.97 -11.11 -30.39
CA ALA H 289 -47.94 -11.56 -31.32
C ALA H 289 -47.04 -10.40 -31.74
N ILE H 290 -47.60 -9.17 -31.84
CA ILE H 290 -46.80 -8.02 -32.25
C ILE H 290 -45.60 -7.83 -31.32
N VAL H 291 -45.81 -8.00 -30.00
CA VAL H 291 -44.74 -7.79 -29.03
C VAL H 291 -43.56 -8.75 -29.20
N ALA H 292 -43.72 -9.90 -29.90
CA ALA H 292 -42.55 -10.77 -30.14
C ALA H 292 -41.49 -10.00 -30.93
N ILE H 293 -41.96 -9.15 -31.86
CA ILE H 293 -41.13 -8.34 -32.74
C ILE H 293 -40.80 -6.96 -32.12
N THR H 294 -41.81 -6.26 -31.52
CA THR H 294 -41.59 -4.92 -30.97
C THR H 294 -40.88 -4.94 -29.60
N ASN H 295 -40.85 -6.10 -28.93
CA ASN H 295 -40.21 -6.31 -27.63
C ASN H 295 -39.47 -7.62 -27.75
N PRO H 296 -38.34 -7.68 -28.52
CA PRO H 296 -37.75 -8.99 -28.86
C PRO H 296 -36.66 -9.52 -27.97
N THR H 297 -36.46 -8.98 -26.78
CA THR H 297 -35.39 -9.47 -25.92
C THR H 297 -35.98 -10.02 -24.62
N VAL H 298 -35.18 -10.75 -23.84
CA VAL H 298 -35.63 -11.24 -22.53
C VAL H 298 -35.90 -10.01 -21.63
N ASN H 299 -35.00 -9.05 -21.65
CA ASN H 299 -35.07 -7.87 -20.82
C ASN H 299 -36.28 -6.99 -21.12
N SER H 300 -36.84 -7.06 -22.36
CA SER H 300 -38.02 -6.25 -22.69
C SER H 300 -39.17 -6.55 -21.76
N TYR H 301 -39.25 -7.79 -21.22
CA TYR H 301 -40.36 -8.17 -20.35
C TYR H 301 -40.07 -7.88 -18.87
N LYS H 302 -39.03 -7.11 -18.59
CA LYS H 302 -38.79 -6.58 -17.26
C LYS H 302 -39.33 -5.13 -17.21
N ARG H 303 -39.62 -4.52 -18.39
CA ARG H 303 -40.34 -3.24 -18.52
C ARG H 303 -41.81 -3.59 -18.90
N LEU H 304 -41.99 -4.45 -19.91
CA LEU H 304 -43.30 -4.87 -20.37
C LEU H 304 -43.68 -6.03 -19.51
N VAL H 305 -44.01 -5.76 -18.24
CA VAL H 305 -44.24 -6.83 -17.28
C VAL H 305 -45.71 -6.89 -16.79
N PRO H 306 -46.48 -7.90 -17.28
CA PRO H 306 -47.87 -8.05 -16.80
C PRO H 306 -47.99 -8.09 -15.28
N GLY H 307 -49.04 -7.48 -14.76
CA GLY H 307 -49.30 -7.42 -13.34
C GLY H 307 -48.78 -6.16 -12.71
N TYR H 308 -48.08 -5.31 -13.48
CA TYR H 308 -47.51 -4.09 -12.93
C TYR H 308 -47.87 -2.88 -13.80
N GLU H 309 -47.40 -1.69 -13.43
CA GLU H 309 -47.66 -0.47 -14.19
C GLU H 309 -46.78 -0.47 -15.43
N ALA H 310 -47.33 -0.96 -16.57
CA ALA H 310 -46.62 -1.08 -17.81
C ALA H 310 -47.60 -1.03 -18.99
N PRO H 311 -47.14 -0.81 -20.25
CA PRO H 311 -48.08 -0.81 -21.39
C PRO H 311 -48.43 -2.23 -21.84
N VAL H 312 -49.05 -3.01 -20.94
CA VAL H 312 -49.36 -4.43 -21.09
C VAL H 312 -50.84 -4.74 -21.29
N ASN H 313 -51.70 -3.83 -20.89
CA ASN H 313 -53.14 -4.03 -20.95
C ASN H 313 -53.64 -3.76 -22.34
N ILE H 314 -54.23 -4.78 -22.96
CA ILE H 314 -54.72 -4.72 -24.33
C ILE H 314 -56.07 -4.00 -24.39
N ALA H 315 -55.97 -2.68 -24.54
CA ALA H 315 -57.07 -1.74 -24.60
C ALA H 315 -56.58 -0.39 -25.18
N TRP H 316 -57.50 0.49 -25.60
CA TRP H 316 -57.11 1.81 -26.07
C TRP H 316 -57.82 2.89 -25.24
N ALA H 317 -57.26 4.10 -25.19
CA ALA H 317 -57.81 5.17 -24.39
C ALA H 317 -57.32 6.51 -24.90
N ASN H 318 -58.04 7.60 -24.57
CA ASN H 318 -57.70 8.95 -25.00
C ASN H 318 -56.89 9.67 -23.90
N SER H 319 -55.70 10.24 -24.25
CA SER H 319 -54.85 11.00 -23.30
C SER H 319 -54.62 10.27 -21.95
N ASN H 320 -54.56 8.94 -21.99
CA ASN H 320 -54.47 8.08 -20.82
C ASN H 320 -53.27 7.18 -21.03
N ARG H 321 -52.28 7.25 -20.14
CA ARG H 321 -51.06 6.49 -20.33
C ARG H 321 -51.07 5.13 -19.61
N SER H 322 -52.26 4.56 -19.32
CA SER H 322 -52.32 3.26 -18.66
C SER H 322 -52.75 2.09 -19.59
N ALA H 323 -53.01 2.36 -20.90
CA ALA H 323 -53.38 1.33 -21.90
C ALA H 323 -52.25 1.09 -22.95
N ILE H 324 -52.34 -0.02 -23.69
CA ILE H 324 -51.31 -0.33 -24.69
C ILE H 324 -51.35 0.67 -25.88
N ILE H 325 -52.52 1.29 -26.12
CA ILE H 325 -52.71 2.34 -27.12
C ILE H 325 -53.25 3.58 -26.42
N ARG H 326 -52.57 4.72 -26.58
CA ARG H 326 -53.05 6.03 -26.16
C ARG H 326 -53.33 6.85 -27.44
N VAL H 327 -54.43 7.61 -27.47
CA VAL H 327 -54.74 8.46 -28.62
C VAL H 327 -54.45 9.90 -28.17
N PRO H 328 -53.36 10.55 -28.62
CA PRO H 328 -53.08 11.91 -28.12
C PRO H 328 -54.20 12.89 -28.39
N ALA H 329 -54.27 13.97 -27.60
CA ALA H 329 -55.33 14.97 -27.75
C ALA H 329 -55.33 15.68 -29.12
N ALA H 330 -54.16 15.81 -29.75
CA ALA H 330 -54.06 16.49 -31.05
C ALA H 330 -55.00 15.90 -32.12
N ARG H 331 -55.56 16.77 -32.98
CA ARG H 331 -56.45 16.33 -34.05
C ARG H 331 -56.03 16.96 -35.41
N GLY H 332 -56.82 16.71 -36.44
CA GLY H 332 -56.51 17.18 -37.79
C GLY H 332 -55.45 16.32 -38.43
N LYS H 333 -54.37 16.94 -38.92
CA LYS H 333 -53.24 16.18 -39.46
C LYS H 333 -52.47 15.45 -38.34
N GLY H 334 -52.62 15.93 -37.10
CA GLY H 334 -51.92 15.33 -35.96
C GLY H 334 -52.73 14.20 -35.35
N THR H 335 -53.75 13.75 -36.06
CA THR H 335 -54.59 12.65 -35.53
C THR H 335 -53.81 11.36 -35.66
N ARG H 336 -53.60 10.66 -34.56
CA ARG H 336 -52.80 9.41 -34.59
C ARG H 336 -52.99 8.59 -33.32
N ILE H 337 -52.56 7.34 -33.38
CA ILE H 337 -52.59 6.40 -32.23
C ILE H 337 -51.15 6.15 -31.79
N GLU H 338 -50.93 6.06 -30.48
CA GLU H 338 -49.63 5.79 -29.90
C GLU H 338 -49.64 4.36 -29.39
N PHE H 339 -48.89 3.45 -30.06
CA PHE H 339 -48.71 2.07 -29.59
C PHE H 339 -47.54 2.15 -28.59
N ARG H 340 -47.85 1.95 -27.29
CA ARG H 340 -46.91 2.18 -26.21
C ARG H 340 -46.02 1.00 -25.84
N ALA H 341 -46.38 -0.20 -26.29
CA ALA H 341 -45.58 -1.38 -25.93
C ALA H 341 -44.12 -1.39 -26.42
N PRO H 342 -43.79 -0.94 -27.67
CA PRO H 342 -42.41 -1.15 -28.17
C PRO H 342 -41.31 -0.57 -27.34
N ASP H 343 -40.12 -1.13 -27.45
CA ASP H 343 -38.94 -0.63 -26.77
C ASP H 343 -37.81 -0.49 -27.81
N PRO H 344 -36.73 0.29 -27.52
CA PRO H 344 -35.74 0.53 -28.57
C PRO H 344 -34.84 -0.68 -28.91
N SER H 345 -35.08 -1.88 -28.34
CA SER H 345 -34.32 -3.07 -28.75
C SER H 345 -34.92 -3.74 -30.04
N CYS H 346 -36.07 -3.27 -30.55
CA CYS H 346 -36.68 -3.84 -31.73
C CYS H 346 -35.99 -3.43 -33.03
N ASN H 347 -36.18 -4.23 -34.09
CA ASN H 347 -35.68 -3.90 -35.41
C ASN H 347 -36.80 -3.03 -35.98
N PRO H 348 -36.60 -1.69 -36.12
CA PRO H 348 -37.72 -0.83 -36.57
C PRO H 348 -38.33 -1.26 -37.89
N TYR H 349 -37.55 -1.83 -38.81
CA TYR H 349 -38.10 -2.27 -40.08
C TYR H 349 -39.12 -3.36 -39.86
N LEU H 350 -38.85 -4.29 -38.93
CA LEU H 350 -39.76 -5.42 -38.65
C LEU H 350 -40.92 -4.95 -37.77
N ALA H 351 -40.65 -4.07 -36.79
CA ALA H 351 -41.67 -3.52 -35.91
C ALA H 351 -42.75 -2.78 -36.75
N PHE H 352 -42.32 -1.92 -37.68
CA PHE H 352 -43.24 -1.14 -38.48
C PHE H 352 -44.04 -2.04 -39.43
N THR H 353 -43.41 -3.12 -39.94
CA THR H 353 -44.07 -4.07 -40.83
C THR H 353 -45.25 -4.74 -40.12
N VAL H 354 -45.03 -5.27 -38.90
CA VAL H 354 -46.06 -6.03 -38.18
C VAL H 354 -47.18 -5.12 -37.68
N MET H 355 -46.87 -3.90 -37.28
CA MET H 355 -47.88 -2.96 -36.83
C MET H 355 -48.76 -2.57 -38.02
N LEU H 356 -48.16 -2.31 -39.20
CA LEU H 356 -48.97 -1.98 -40.37
C LEU H 356 -49.80 -3.17 -40.83
N ALA H 357 -49.20 -4.38 -40.87
CA ALA H 357 -49.91 -5.59 -41.28
C ALA H 357 -51.11 -5.86 -40.35
N ALA H 358 -50.95 -5.67 -39.04
CA ALA H 358 -52.00 -5.90 -38.07
C ALA H 358 -53.10 -4.83 -38.18
N GLY H 359 -52.70 -3.57 -38.32
CA GLY H 359 -53.67 -2.49 -38.46
C GLY H 359 -54.47 -2.65 -39.74
N LEU H 360 -53.80 -3.02 -40.85
CA LEU H 360 -54.52 -3.23 -42.10
C LEU H 360 -55.37 -4.49 -42.07
N ASP H 361 -55.08 -5.48 -41.20
CA ASP H 361 -55.99 -6.62 -41.03
C ASP H 361 -57.33 -6.10 -40.46
N GLY H 362 -57.26 -5.10 -39.57
CA GLY H 362 -58.43 -4.45 -39.00
C GLY H 362 -59.16 -3.61 -40.02
N VAL H 363 -58.43 -2.88 -40.87
CA VAL H 363 -59.04 -2.06 -41.92
C VAL H 363 -59.72 -2.97 -42.97
N LYS H 364 -58.98 -3.93 -43.52
CA LYS H 364 -59.50 -4.83 -44.56
C LYS H 364 -60.75 -5.57 -44.12
N ASN H 365 -60.81 -6.01 -42.86
CA ASN H 365 -61.97 -6.76 -42.35
C ASN H 365 -62.97 -5.88 -41.58
N LYS H 366 -62.74 -4.56 -41.53
CA LYS H 366 -63.60 -3.62 -40.82
C LYS H 366 -63.92 -4.10 -39.41
N LEU H 367 -62.88 -4.43 -38.63
CA LEU H 367 -63.07 -4.94 -37.28
C LEU H 367 -63.58 -3.86 -36.35
N ASP H 368 -64.35 -4.26 -35.37
CA ASP H 368 -64.93 -3.35 -34.41
C ASP H 368 -63.97 -3.14 -33.26
N ALA H 369 -63.64 -1.89 -32.97
CA ALA H 369 -62.78 -1.57 -31.83
C ALA H 369 -63.65 -1.61 -30.58
N PRO H 370 -63.09 -2.07 -29.44
CA PRO H 370 -63.85 -2.01 -28.19
C PRO H 370 -64.02 -0.56 -27.74
N GLU H 371 -64.76 -0.33 -26.66
CA GLU H 371 -64.91 1.02 -26.13
C GLU H 371 -63.57 1.47 -25.57
N PRO H 372 -63.25 2.77 -25.60
CA PRO H 372 -62.03 3.22 -24.93
C PRO H 372 -62.15 3.02 -23.42
N VAL H 373 -61.02 2.91 -22.70
CA VAL H 373 -61.05 2.77 -21.25
C VAL H 373 -60.57 4.08 -20.66
N GLU H 374 -61.49 4.91 -20.15
CA GLU H 374 -61.11 6.22 -19.64
C GLU H 374 -60.59 6.19 -18.17
N ARG H 375 -60.66 5.03 -17.51
CA ARG H 375 -60.15 4.84 -16.15
C ARG H 375 -58.64 4.55 -16.15
N ASN H 376 -58.01 4.66 -14.96
CA ASN H 376 -56.61 4.29 -14.80
C ASN H 376 -56.63 2.76 -14.70
N ILE H 377 -56.17 2.05 -15.74
CA ILE H 377 -56.23 0.59 -15.75
C ILE H 377 -55.37 0.00 -14.63
N PHE H 378 -54.31 0.70 -14.19
CA PHE H 378 -53.46 0.20 -13.11
C PHE H 378 -54.19 0.21 -11.76
N ALA H 379 -55.32 0.94 -11.66
CA ALA H 379 -56.11 0.99 -10.42
C ALA H 379 -57.21 -0.10 -10.38
N MET H 380 -57.37 -0.87 -11.47
CA MET H 380 -58.39 -1.92 -11.53
C MET H 380 -57.86 -3.23 -10.97
N SER H 381 -58.76 -4.05 -10.42
CA SER H 381 -58.41 -5.38 -9.93
C SER H 381 -58.37 -6.33 -11.13
N GLU H 382 -57.72 -7.50 -10.97
CA GLU H 382 -57.65 -8.49 -12.03
C GLU H 382 -59.06 -8.97 -12.45
N ALA H 383 -59.95 -9.21 -11.50
CA ALA H 383 -61.32 -9.65 -11.83
C ALA H 383 -62.09 -8.55 -12.57
N GLU H 384 -61.83 -7.29 -12.21
CA GLU H 384 -62.49 -6.14 -12.84
C GLU H 384 -62.03 -6.00 -14.31
N LYS H 385 -60.76 -6.32 -14.59
CA LYS H 385 -60.20 -6.31 -15.93
C LYS H 385 -60.71 -7.53 -16.72
N LYS H 386 -60.84 -8.68 -16.04
CA LYS H 386 -61.35 -9.92 -16.64
C LYS H 386 -62.80 -9.68 -17.11
N GLU H 387 -63.61 -9.02 -16.27
CA GLU H 387 -64.99 -8.74 -16.64
C GLU H 387 -65.04 -7.78 -17.81
N LEU H 388 -64.19 -6.75 -17.82
CA LEU H 388 -64.17 -5.78 -18.92
C LEU H 388 -63.51 -6.33 -20.21
N GLY H 389 -62.93 -7.53 -20.15
CA GLY H 389 -62.26 -8.14 -21.29
C GLY H 389 -60.89 -7.57 -21.59
N ILE H 390 -60.24 -6.94 -20.59
CA ILE H 390 -58.92 -6.36 -20.77
C ILE H 390 -57.87 -7.45 -20.55
N GLU H 391 -57.27 -7.96 -21.61
CA GLU H 391 -56.25 -8.99 -21.51
C GLU H 391 -54.86 -8.37 -21.46
N SER H 392 -53.86 -9.17 -21.12
CA SER H 392 -52.48 -8.70 -21.08
C SER H 392 -51.67 -9.35 -22.18
N VAL H 393 -50.61 -8.66 -22.61
CA VAL H 393 -49.65 -9.19 -23.58
C VAL H 393 -48.90 -10.36 -22.91
N PRO H 394 -48.23 -11.23 -23.69
CA PRO H 394 -47.44 -12.30 -23.04
C PRO H 394 -46.45 -11.76 -21.99
N ALA H 395 -46.15 -12.58 -20.98
CA ALA H 395 -45.31 -12.16 -19.85
C ALA H 395 -43.81 -12.33 -20.05
N ASN H 396 -43.37 -13.00 -21.13
CA ASN H 396 -41.94 -13.20 -21.36
C ASN H 396 -41.67 -13.44 -22.85
N LEU H 397 -40.39 -13.45 -23.25
CA LEU H 397 -40.03 -13.59 -24.66
C LEU H 397 -40.59 -14.87 -25.27
N LYS H 398 -40.43 -16.01 -24.58
CA LYS H 398 -40.87 -17.28 -25.13
C LYS H 398 -42.39 -17.29 -25.32
N ALA H 399 -43.16 -16.74 -24.36
CA ALA H 399 -44.62 -16.70 -24.49
C ALA H 399 -45.00 -15.85 -25.71
N ALA H 400 -44.24 -14.76 -25.97
CA ALA H 400 -44.47 -13.90 -27.13
C ALA H 400 -44.12 -14.65 -28.45
N LEU H 401 -42.98 -15.39 -28.49
CA LEU H 401 -42.60 -16.16 -29.66
C LEU H 401 -43.67 -17.19 -30.01
N ASP H 402 -44.27 -17.83 -28.99
CA ASP H 402 -45.33 -18.81 -29.23
C ASP H 402 -46.57 -18.16 -29.82
N GLU H 403 -46.88 -16.92 -29.42
CA GLU H 403 -47.99 -16.18 -30.00
C GLU H 403 -47.66 -15.86 -31.45
N LEU H 404 -46.43 -15.38 -31.73
CA LEU H 404 -46.02 -15.05 -33.11
C LEU H 404 -46.07 -16.27 -34.05
N GLU H 405 -45.64 -17.43 -33.52
CA GLU H 405 -45.64 -18.67 -34.28
C GLU H 405 -47.05 -19.04 -34.74
N ASN H 406 -48.09 -18.65 -33.98
CA ASN H 406 -49.48 -18.94 -34.33
C ASN H 406 -50.23 -17.73 -34.94
N ASN H 407 -49.52 -16.77 -35.53
CA ASN H 407 -50.17 -15.63 -36.14
C ASN H 407 -49.89 -15.60 -37.64
N ASP H 408 -50.88 -15.95 -38.44
CA ASP H 408 -50.73 -16.03 -39.91
C ASP H 408 -50.55 -14.65 -40.57
N VAL H 409 -51.15 -13.60 -40.00
CA VAL H 409 -51.04 -12.27 -40.54
C VAL H 409 -49.59 -11.78 -40.40
N LEU H 410 -48.95 -11.99 -39.24
CA LEU H 410 -47.57 -11.53 -39.07
C LEU H 410 -46.58 -12.42 -39.80
N LYS H 411 -46.83 -13.74 -39.84
CA LYS H 411 -45.96 -14.64 -40.59
C LYS H 411 -45.93 -14.24 -42.08
N ASN H 412 -47.09 -13.85 -42.63
CA ASN H 412 -47.19 -13.45 -44.03
C ASN H 412 -46.55 -12.13 -44.29
N ALA H 413 -46.64 -11.19 -43.35
CA ALA H 413 -46.03 -9.88 -43.51
C ALA H 413 -44.49 -9.98 -43.48
N LEU H 414 -43.94 -10.77 -42.55
CA LEU H 414 -42.49 -10.95 -42.41
C LEU H 414 -41.94 -11.85 -43.50
N GLY H 415 -42.70 -12.86 -43.93
CA GLY H 415 -42.24 -13.83 -44.90
C GLY H 415 -41.53 -14.98 -44.21
N LYS H 416 -41.50 -16.16 -44.86
CA LYS H 416 -40.90 -17.38 -44.33
C LYS H 416 -39.48 -17.21 -43.78
N HIS H 417 -38.57 -16.65 -44.58
CA HIS H 417 -37.18 -16.52 -44.16
C HIS H 417 -37.00 -15.71 -42.87
N ILE H 418 -37.49 -14.46 -42.81
CA ILE H 418 -37.35 -13.63 -41.60
C ILE H 418 -38.08 -14.28 -40.41
N PHE H 419 -39.30 -14.73 -40.64
CA PHE H 419 -40.10 -15.35 -39.59
C PHE H 419 -39.39 -16.57 -38.96
N GLU H 420 -38.96 -17.53 -39.77
CA GLU H 420 -38.31 -18.73 -39.24
C GLU H 420 -36.94 -18.43 -38.64
N SER H 421 -36.16 -17.49 -39.22
CA SER H 421 -34.84 -17.15 -38.68
C SER H 421 -35.00 -16.46 -37.34
N PHE H 422 -35.94 -15.53 -37.24
CA PHE H 422 -36.19 -14.82 -36.01
C PHE H 422 -36.57 -15.81 -34.90
N LEU H 423 -37.52 -16.71 -35.18
CA LEU H 423 -37.95 -17.68 -34.17
C LEU H 423 -36.79 -18.57 -33.72
N GLU H 424 -35.96 -19.01 -34.66
CA GLU H 424 -34.83 -19.85 -34.36
C GLU H 424 -33.82 -19.09 -33.50
N ILE H 425 -33.46 -17.86 -33.91
CA ILE H 425 -32.50 -17.06 -33.16
C ILE H 425 -33.02 -16.78 -31.75
N LYS H 426 -34.29 -16.37 -31.65
CA LYS H 426 -34.85 -15.98 -30.35
C LYS H 426 -35.11 -17.16 -29.44
N ASN H 427 -35.36 -18.37 -30.01
CA ASN H 427 -35.50 -19.54 -29.18
C ASN H 427 -34.14 -19.93 -28.60
N ALA H 428 -33.04 -19.75 -29.35
CA ALA H 428 -31.71 -20.05 -28.81
C ALA H 428 -31.32 -19.01 -27.74
N GLU H 429 -31.72 -17.77 -27.94
CA GLU H 429 -31.49 -16.71 -26.98
C GLU H 429 -32.25 -17.01 -25.67
N TRP H 430 -33.52 -17.45 -25.80
CA TRP H 430 -34.33 -17.84 -24.64
C TRP H 430 -33.69 -19.02 -23.92
N ASP H 431 -33.24 -20.04 -24.67
CA ASP H 431 -32.58 -21.22 -24.08
C ASP H 431 -31.33 -20.84 -23.29
N SER H 432 -30.61 -19.84 -23.79
CA SER H 432 -29.41 -19.40 -23.11
C SER H 432 -29.78 -18.77 -21.76
N PHE H 433 -30.79 -17.92 -21.77
CA PHE H 433 -31.26 -17.28 -20.55
C PHE H 433 -31.80 -18.30 -19.56
N ARG H 434 -32.68 -19.21 -20.01
CA ARG H 434 -33.35 -20.13 -19.10
C ARG H 434 -32.44 -21.22 -18.52
N THR H 435 -31.27 -21.47 -19.12
CA THR H 435 -30.33 -22.44 -18.58
C THR H 435 -29.29 -21.78 -17.70
N SER H 436 -29.17 -20.46 -17.71
CA SER H 436 -28.16 -19.77 -16.90
C SER H 436 -28.56 -19.73 -15.44
N VAL H 437 -27.58 -19.61 -14.56
CA VAL H 437 -27.85 -19.46 -13.14
C VAL H 437 -27.66 -17.95 -12.85
N THR H 438 -28.76 -17.25 -12.60
CA THR H 438 -28.70 -15.82 -12.37
C THR H 438 -28.25 -15.43 -10.97
N ASP H 439 -27.86 -14.15 -10.80
CA ASP H 439 -27.50 -13.61 -9.50
C ASP H 439 -28.72 -13.61 -8.56
N TRP H 440 -29.94 -13.42 -9.09
CA TRP H 440 -31.15 -13.40 -8.25
C TRP H 440 -31.29 -14.74 -7.55
N GLU H 441 -31.04 -15.84 -8.29
CA GLU H 441 -31.11 -17.20 -7.78
C GLU H 441 -30.03 -17.49 -6.74
N THR H 442 -28.80 -17.03 -6.96
CA THR H 442 -27.72 -17.22 -5.98
C THR H 442 -28.09 -16.51 -4.66
N THR H 443 -28.61 -15.28 -4.77
CA THR H 443 -29.00 -14.52 -3.59
C THR H 443 -30.15 -15.21 -2.87
N ALA H 444 -31.13 -15.69 -3.64
CA ALA H 444 -32.32 -16.30 -3.07
C ALA H 444 -32.08 -17.67 -2.48
N TYR H 445 -31.25 -18.50 -3.13
CA TYR H 445 -31.19 -19.94 -2.79
C TYR H 445 -29.86 -20.48 -2.27
N LEU H 446 -28.76 -19.74 -2.30
CA LEU H 446 -27.50 -20.35 -1.83
C LEU H 446 -27.60 -20.83 -0.37
N LYS H 447 -28.40 -20.13 0.44
CA LYS H 447 -28.56 -20.45 1.85
C LYS H 447 -29.34 -21.73 2.12
N ILE H 448 -30.04 -22.32 1.14
CA ILE H 448 -30.85 -23.49 1.44
C ILE H 448 -30.02 -24.81 1.58
N SER I 2 -7.51 -62.42 3.32
CA SER I 2 -7.69 -63.26 2.13
C SER I 2 -9.09 -63.94 2.09
N THR I 3 -9.64 -64.33 3.26
CA THR I 3 -10.97 -64.91 3.34
C THR I 3 -11.87 -63.88 4.06
N VAL I 4 -13.19 -63.95 3.86
CA VAL I 4 -14.12 -62.99 4.47
C VAL I 4 -13.96 -62.92 5.98
N GLU I 5 -13.78 -64.08 6.62
CA GLU I 5 -13.64 -64.15 8.08
C GLU I 5 -12.40 -63.47 8.59
N GLN I 6 -11.29 -63.54 7.83
CA GLN I 6 -10.08 -62.84 8.23
C GLN I 6 -10.32 -61.33 8.19
N VAL I 7 -11.03 -60.86 7.15
CA VAL I 7 -11.29 -59.43 7.01
C VAL I 7 -12.17 -58.94 8.17
N LEU I 8 -13.29 -59.66 8.44
CA LEU I 8 -14.21 -59.33 9.53
C LEU I 8 -13.51 -59.41 10.88
N GLU I 9 -12.57 -60.37 11.05
CA GLU I 9 -11.85 -60.50 12.31
C GLU I 9 -10.93 -59.31 12.51
N TYR I 10 -10.17 -58.91 11.47
CA TYR I 10 -9.29 -57.75 11.59
C TYR I 10 -10.12 -56.50 11.91
N VAL I 11 -11.20 -56.29 11.12
CA VAL I 11 -12.13 -55.18 11.31
C VAL I 11 -12.70 -55.14 12.74
N LYS I 12 -13.04 -56.30 13.28
CA LYS I 12 -13.60 -56.44 14.62
C LYS I 12 -12.61 -56.03 15.71
N SER I 13 -11.35 -56.50 15.62
CA SER I 13 -10.37 -56.24 16.69
C SER I 13 -9.56 -54.95 16.53
N ASN I 14 -9.55 -54.35 15.33
CA ASN I 14 -8.78 -53.12 15.10
C ASN I 14 -9.65 -51.89 14.88
N ASN I 15 -10.94 -51.97 15.25
CA ASN I 15 -11.85 -50.84 15.21
C ASN I 15 -11.90 -50.15 13.83
N VAL I 16 -12.05 -50.93 12.72
CA VAL I 16 -12.16 -50.36 11.40
C VAL I 16 -13.56 -49.83 11.24
N LYS I 17 -13.71 -48.58 10.79
CA LYS I 17 -15.08 -47.97 10.73
C LYS I 17 -15.54 -47.79 9.27
N PHE I 18 -14.62 -47.57 8.33
CA PHE I 18 -15.01 -47.34 6.95
C PHE I 18 -14.32 -48.30 6.02
N MET I 19 -15.07 -48.85 5.04
CA MET I 19 -14.44 -49.73 4.04
C MET I 19 -14.56 -49.04 2.67
N ARG I 20 -13.42 -48.68 2.06
CA ARG I 20 -13.44 -48.10 0.71
C ARG I 20 -13.55 -49.23 -0.30
N PHE I 21 -14.51 -49.14 -1.23
CA PHE I 21 -14.65 -50.14 -2.29
C PHE I 21 -14.01 -49.42 -3.47
N GLN I 22 -12.85 -49.90 -3.92
CA GLN I 22 -12.07 -49.18 -4.91
C GLN I 22 -11.93 -49.92 -6.24
N PHE I 23 -11.73 -49.13 -7.29
CA PHE I 23 -11.49 -49.65 -8.64
C PHE I 23 -10.81 -48.53 -9.45
N VAL I 24 -10.63 -48.71 -10.77
CA VAL I 24 -10.03 -47.67 -11.62
C VAL I 24 -10.89 -47.51 -12.83
N ASP I 25 -10.86 -46.31 -13.43
CA ASP I 25 -11.55 -46.08 -14.70
C ASP I 25 -10.59 -46.50 -15.83
N ILE I 26 -10.99 -46.33 -17.10
CA ILE I 26 -10.14 -46.76 -18.22
C ILE I 26 -8.74 -46.09 -18.20
N LEU I 27 -8.64 -44.85 -17.71
CA LEU I 27 -7.37 -44.13 -17.71
C LEU I 27 -6.50 -44.39 -16.47
N GLY I 28 -6.96 -45.29 -15.58
CA GLY I 28 -6.20 -45.69 -14.41
C GLY I 28 -6.42 -44.77 -13.22
N VAL I 29 -7.42 -43.88 -13.31
CA VAL I 29 -7.72 -42.99 -12.20
C VAL I 29 -8.50 -43.80 -11.16
N PRO I 30 -8.00 -43.88 -9.91
CA PRO I 30 -8.72 -44.66 -8.89
C PRO I 30 -10.05 -44.01 -8.53
N LYS I 31 -11.03 -44.87 -8.21
CA LYS I 31 -12.38 -44.47 -7.84
C LYS I 31 -12.80 -45.29 -6.63
N ASN I 32 -13.62 -44.72 -5.74
CA ASN I 32 -14.10 -45.46 -4.60
C ASN I 32 -15.38 -44.88 -4.00
N VAL I 33 -16.08 -45.70 -3.24
CA VAL I 33 -17.23 -45.33 -2.44
C VAL I 33 -16.91 -45.86 -1.03
N ALA I 34 -17.26 -45.09 0.01
CA ALA I 34 -16.98 -45.53 1.38
C ALA I 34 -18.23 -46.12 2.04
N PHE I 35 -18.08 -47.30 2.62
CA PHE I 35 -19.18 -47.99 3.34
C PHE I 35 -18.91 -47.87 4.85
N PRO I 36 -19.81 -47.25 5.63
CA PRO I 36 -19.57 -47.15 7.08
C PRO I 36 -19.95 -48.45 7.79
N ILE I 37 -19.06 -49.02 8.60
CA ILE I 37 -19.29 -50.29 9.32
C ILE I 37 -19.94 -50.00 10.65
N LYS I 38 -21.11 -50.57 10.90
CA LYS I 38 -21.82 -50.32 12.16
C LYS I 38 -21.25 -51.17 13.32
N ALA I 39 -21.60 -50.79 14.54
CA ALA I 39 -21.16 -51.51 15.73
C ALA I 39 -21.87 -52.84 15.89
N GLY I 40 -21.21 -53.77 16.58
CA GLY I 40 -21.79 -55.06 16.96
C GLY I 40 -21.87 -56.12 15.89
N GLU I 41 -22.55 -57.23 16.22
CA GLU I 41 -22.75 -58.35 15.31
C GLU I 41 -23.54 -57.90 14.11
N LYS I 42 -24.54 -57.03 14.31
CA LYS I 42 -25.37 -56.55 13.22
C LYS I 42 -24.50 -55.85 12.16
N GLY I 43 -23.58 -55.01 12.61
CA GLY I 43 -22.66 -54.32 11.71
C GLY I 43 -21.72 -55.25 10.97
N ILE I 44 -21.24 -56.30 11.66
CA ILE I 44 -20.33 -57.30 11.06
C ILE I 44 -21.07 -58.14 10.02
N GLU I 45 -22.33 -58.49 10.28
CA GLU I 45 -23.12 -59.26 9.31
C GLU I 45 -23.47 -58.41 8.08
N GLU I 46 -23.71 -57.11 8.27
CA GLU I 46 -23.98 -56.21 7.15
C GLU I 46 -22.71 -56.08 6.29
N LEU I 47 -21.54 -55.98 6.95
CA LEU I 47 -20.28 -55.90 6.23
C LEU I 47 -20.02 -57.24 5.47
N ARG I 48 -20.43 -58.36 6.06
CA ARG I 48 -20.26 -59.68 5.41
C ARG I 48 -21.05 -59.71 4.09
N ASP I 49 -22.30 -59.23 4.11
CA ASP I 49 -23.16 -59.20 2.95
C ASP I 49 -22.54 -58.36 1.82
N VAL I 50 -22.03 -57.18 2.14
CA VAL I 50 -21.43 -56.30 1.15
C VAL I 50 -20.07 -56.85 0.65
N LEU I 51 -19.24 -57.42 1.51
CA LEU I 51 -17.95 -57.98 1.08
C LEU I 51 -18.18 -59.18 0.10
N GLU I 52 -19.19 -60.00 0.39
CA GLU I 52 -19.52 -61.15 -0.43
C GLU I 52 -20.23 -60.70 -1.74
N ASN I 53 -21.36 -60.03 -1.59
CA ASN I 53 -22.24 -59.71 -2.71
C ASN I 53 -21.90 -58.45 -3.47
N GLY I 54 -21.07 -57.59 -2.92
CA GLY I 54 -20.66 -56.37 -3.60
C GLY I 54 -21.68 -55.27 -3.48
N LEU I 55 -21.50 -54.19 -4.24
CA LEU I 55 -22.43 -53.09 -4.24
C LEU I 55 -22.57 -52.43 -5.62
N TYR I 56 -23.64 -51.65 -5.81
CA TYR I 56 -23.95 -51.08 -7.10
C TYR I 56 -23.42 -49.68 -7.26
N PHE I 57 -23.23 -49.25 -8.49
CA PHE I 57 -22.81 -47.89 -8.75
C PHE I 57 -23.24 -47.53 -10.16
N ASP I 58 -23.13 -46.24 -10.52
CA ASP I 58 -23.50 -45.76 -11.83
C ASP I 58 -22.29 -45.84 -12.77
N GLY I 59 -22.27 -46.82 -13.66
CA GLY I 59 -21.18 -47.00 -14.60
C GLY I 59 -21.12 -45.93 -15.68
N SER I 60 -22.19 -45.14 -15.88
CA SER I 60 -22.17 -44.06 -16.87
C SER I 60 -21.48 -42.79 -16.31
N SER I 61 -21.15 -42.76 -15.02
CA SER I 61 -20.38 -41.64 -14.44
C SER I 61 -18.89 -41.99 -14.34
N ILE I 62 -18.45 -43.15 -14.88
CA ILE I 62 -17.06 -43.59 -14.87
C ILE I 62 -16.56 -43.64 -16.31
N GLU I 63 -15.41 -43.01 -16.57
CA GLU I 63 -14.84 -42.93 -17.90
C GLU I 63 -14.45 -44.30 -18.48
N GLY I 64 -14.91 -44.57 -19.70
CA GLY I 64 -14.64 -45.78 -20.43
C GLY I 64 -15.53 -46.95 -20.07
N PHE I 65 -16.55 -46.71 -19.23
CA PHE I 65 -17.45 -47.80 -18.81
C PHE I 65 -18.69 -47.89 -19.70
N VAL I 66 -19.89 -47.56 -19.21
CA VAL I 66 -21.10 -47.79 -20.00
C VAL I 66 -21.90 -46.51 -20.25
N GLY I 67 -22.93 -46.63 -21.08
CA GLY I 67 -23.81 -45.52 -21.41
C GLY I 67 -24.92 -45.38 -20.39
N ILE I 68 -25.59 -44.23 -20.42
CA ILE I 68 -26.62 -43.88 -19.43
C ILE I 68 -27.81 -44.85 -19.38
N ASN I 69 -28.19 -45.45 -20.52
CA ASN I 69 -29.33 -46.36 -20.61
C ASN I 69 -29.07 -47.81 -20.18
N GLU I 70 -27.87 -48.14 -19.79
CA GLU I 70 -27.48 -49.47 -19.31
C GLU I 70 -26.46 -49.25 -18.18
N SER I 71 -26.75 -48.29 -17.28
CA SER I 71 -25.74 -47.74 -16.36
C SER I 71 -25.53 -48.46 -15.02
N ASP I 72 -26.49 -49.24 -14.52
CA ASP I 72 -26.31 -49.97 -13.25
C ASP I 72 -25.17 -50.97 -13.37
N MET I 73 -24.18 -50.90 -12.47
CA MET I 73 -23.05 -51.83 -12.46
C MET I 73 -22.73 -52.28 -11.04
N MET I 74 -21.86 -53.30 -10.89
CA MET I 74 -21.50 -53.80 -9.56
C MET I 74 -20.01 -53.85 -9.33
N LEU I 75 -19.63 -53.85 -8.04
CA LEU I 75 -18.24 -54.00 -7.61
C LEU I 75 -18.14 -55.26 -6.78
N LYS I 76 -17.22 -56.15 -7.15
CA LYS I 76 -17.02 -57.39 -6.42
C LYS I 76 -15.68 -57.33 -5.73
N PRO I 77 -15.69 -57.14 -4.39
CA PRO I 77 -14.40 -57.04 -3.67
C PRO I 77 -13.46 -58.22 -3.86
N ASP I 78 -12.17 -57.94 -3.96
CA ASP I 78 -11.10 -58.93 -4.08
C ASP I 78 -10.42 -58.84 -2.73
N LEU I 79 -10.80 -59.73 -1.81
CA LEU I 79 -10.42 -59.64 -0.41
C LEU I 79 -8.95 -59.78 -0.13
N SER I 80 -8.17 -60.39 -1.07
CA SER I 80 -6.71 -60.44 -0.85
C SER I 80 -6.10 -59.03 -0.88
N THR I 81 -6.84 -58.03 -1.39
CA THR I 81 -6.35 -56.65 -1.50
C THR I 81 -6.61 -55.76 -0.28
N PHE I 82 -7.16 -56.31 0.82
CA PHE I 82 -7.51 -55.56 2.02
C PHE I 82 -6.28 -54.83 2.65
N SER I 83 -6.43 -53.54 2.89
CA SER I 83 -5.33 -52.79 3.55
C SER I 83 -5.95 -51.66 4.38
N VAL I 84 -5.25 -51.17 5.40
CA VAL I 84 -5.70 -50.04 6.20
C VAL I 84 -4.99 -48.79 5.65
N LEU I 85 -5.74 -47.72 5.41
CA LEU I 85 -5.13 -46.46 4.87
C LEU I 85 -4.32 -45.75 5.96
N PRO I 86 -2.99 -45.63 5.81
CA PRO I 86 -2.14 -44.96 6.81
C PRO I 86 -2.42 -43.46 6.99
N TRP I 87 -2.70 -42.74 5.91
CA TRP I 87 -3.00 -41.28 5.96
C TRP I 87 -4.27 -41.00 6.76
N ARG I 88 -5.26 -41.90 6.70
CA ARG I 88 -6.54 -41.74 7.45
C ARG I 88 -6.33 -42.01 8.94
N PRO I 89 -7.24 -41.51 9.83
CA PRO I 89 -7.12 -41.70 11.29
C PRO I 89 -6.91 -43.14 11.76
N SER I 90 -6.23 -43.30 12.89
CA SER I 90 -5.92 -44.60 13.49
C SER I 90 -7.09 -45.11 14.28
N GLU I 91 -7.74 -44.24 15.03
CA GLU I 91 -8.91 -44.63 15.82
C GLU I 91 -10.11 -44.56 14.88
N LYS I 92 -10.88 -45.65 14.73
CA LYS I 92 -12.01 -45.67 13.78
C LYS I 92 -11.41 -45.57 12.41
N SER I 93 -10.50 -46.52 12.12
CA SER I 93 -9.71 -46.51 10.93
C SER I 93 -10.51 -46.78 9.65
N VAL I 94 -9.81 -46.57 8.53
CA VAL I 94 -10.35 -46.69 7.21
C VAL I 94 -9.59 -47.78 6.49
N ALA I 95 -10.29 -48.85 6.10
CA ALA I 95 -9.70 -49.92 5.32
C ALA I 95 -10.18 -49.77 3.87
N ARG I 96 -9.52 -50.45 2.93
CA ARG I 96 -9.94 -50.46 1.56
C ARG I 96 -9.96 -51.89 1.07
N VAL I 97 -10.69 -52.12 0.00
CA VAL I 97 -10.67 -53.37 -0.73
C VAL I 97 -10.80 -53.00 -2.25
N ILE I 98 -9.86 -53.52 -3.09
CA ILE I 98 -9.92 -53.29 -4.54
C ILE I 98 -10.94 -54.27 -5.10
N CYS I 99 -11.76 -53.79 -6.06
CA CYS I 99 -12.87 -54.54 -6.62
C CYS I 99 -12.71 -54.78 -8.09
N ASP I 100 -13.38 -55.84 -8.54
CA ASP I 100 -13.52 -56.18 -9.94
C ASP I 100 -14.90 -55.66 -10.36
N VAL I 101 -15.00 -55.08 -11.59
CA VAL I 101 -16.27 -54.52 -12.05
C VAL I 101 -17.08 -55.60 -12.74
N TYR I 102 -18.37 -55.70 -12.36
CA TYR I 102 -19.27 -56.72 -12.87
C TYR I 102 -20.53 -56.09 -13.41
N THR I 103 -21.21 -56.81 -14.28
CA THR I 103 -22.49 -56.36 -14.80
C THR I 103 -23.56 -56.76 -13.77
N THR I 104 -24.77 -56.23 -13.91
CA THR I 104 -25.88 -56.61 -13.03
C THR I 104 -26.18 -58.12 -13.15
N LYS I 105 -25.87 -58.74 -14.32
CA LYS I 105 -26.06 -60.18 -14.53
C LYS I 105 -24.99 -61.06 -13.85
N GLY I 106 -24.08 -60.47 -13.07
CA GLY I 106 -23.06 -61.22 -12.36
C GLY I 106 -21.92 -61.67 -13.23
N LYS I 107 -21.66 -60.95 -14.34
CA LYS I 107 -20.57 -61.30 -15.23
C LYS I 107 -19.43 -60.25 -15.21
N PRO I 108 -18.15 -60.65 -15.25
CA PRO I 108 -17.08 -59.64 -15.27
C PRO I 108 -17.29 -58.65 -16.42
N PHE I 109 -17.14 -57.35 -16.14
CA PHE I 109 -17.33 -56.34 -17.16
C PHE I 109 -16.17 -56.35 -18.20
N GLU I 110 -16.52 -56.44 -19.50
CA GLU I 110 -15.55 -56.44 -20.60
C GLU I 110 -14.69 -55.16 -20.64
N GLY I 111 -15.19 -54.05 -20.12
CA GLY I 111 -14.47 -52.78 -20.09
C GLY I 111 -13.66 -52.54 -18.82
N ASP I 112 -13.56 -53.56 -17.92
CA ASP I 112 -12.80 -53.41 -16.67
C ASP I 112 -11.30 -53.58 -16.91
N PRO I 113 -10.46 -52.54 -16.69
CA PRO I 113 -9.00 -52.73 -16.88
C PRO I 113 -8.40 -53.84 -15.99
N ARG I 114 -8.88 -53.94 -14.73
CA ARG I 114 -8.34 -54.95 -13.82
C ARG I 114 -8.64 -56.36 -14.32
N GLY I 115 -9.90 -56.62 -14.69
CA GLY I 115 -10.33 -57.91 -15.23
C GLY I 115 -9.61 -58.23 -16.53
N CYS I 116 -9.30 -57.20 -17.30
CA CYS I 116 -8.54 -57.37 -18.53
C CYS I 116 -7.16 -57.98 -18.22
N LEU I 117 -6.44 -57.47 -17.20
CA LEU I 117 -5.13 -58.02 -16.84
C LEU I 117 -5.28 -59.41 -16.18
N LYS I 118 -6.31 -59.61 -15.33
CA LYS I 118 -6.56 -60.92 -14.74
C LYS I 118 -6.68 -61.99 -15.81
N ARG I 119 -7.46 -61.70 -16.85
CA ARG I 119 -7.76 -62.65 -17.92
C ARG I 119 -6.50 -63.04 -18.72
N VAL I 120 -5.63 -62.09 -19.09
CA VAL I 120 -4.41 -62.46 -19.84
C VAL I 120 -3.46 -63.26 -18.93
N MET I 121 -3.44 -62.95 -17.63
CA MET I 121 -2.61 -63.69 -16.70
C MET I 121 -3.16 -65.08 -16.50
N GLU I 122 -4.50 -65.23 -16.43
CA GLU I 122 -5.10 -66.56 -16.27
C GLU I 122 -4.78 -67.39 -17.48
N GLU I 123 -4.85 -66.79 -18.68
CA GLU I 123 -4.56 -67.52 -19.92
C GLU I 123 -3.09 -67.91 -20.00
N PHE I 124 -2.19 -67.03 -19.55
CA PHE I 124 -0.76 -67.34 -19.53
C PHE I 124 -0.49 -68.51 -18.58
N LYS I 125 -1.16 -68.51 -17.42
CA LYS I 125 -0.97 -69.55 -16.44
C LYS I 125 -1.49 -70.88 -16.98
N LYS I 126 -2.63 -70.84 -17.66
CA LYS I 126 -3.23 -72.07 -18.19
C LYS I 126 -2.42 -72.66 -19.36
N GLU I 127 -1.89 -71.81 -20.25
CA GLU I 127 -1.16 -72.26 -21.43
C GLU I 127 0.31 -72.64 -21.19
N PHE I 128 1.02 -71.93 -20.32
CA PHE I 128 2.44 -72.19 -20.08
C PHE I 128 2.77 -72.52 -18.64
N ASN I 129 1.81 -72.46 -17.72
CA ASN I 129 2.08 -72.56 -16.28
C ASN I 129 3.07 -71.45 -15.90
N GLY I 130 2.88 -70.26 -16.50
CA GLY I 130 3.75 -69.13 -16.32
C GLY I 130 3.19 -68.08 -15.40
N GLU I 131 4.09 -67.32 -14.77
CA GLU I 131 3.76 -66.20 -13.91
C GLU I 131 4.46 -64.98 -14.50
N TYR I 132 3.80 -63.83 -14.46
CA TYR I 132 4.35 -62.60 -15.02
C TYR I 132 4.68 -61.66 -13.86
N PHE I 133 5.97 -61.36 -13.69
CA PHE I 133 6.45 -60.53 -12.59
C PHE I 133 6.89 -59.17 -13.11
N VAL I 134 6.42 -58.11 -12.46
CA VAL I 134 6.74 -56.73 -12.85
C VAL I 134 7.22 -55.93 -11.65
N GLY I 135 8.29 -55.14 -11.86
CA GLY I 135 8.85 -54.22 -10.88
C GLY I 135 8.90 -52.82 -11.48
N PRO I 136 7.86 -51.99 -11.26
CA PRO I 136 7.82 -50.66 -11.89
C PRO I 136 8.43 -49.61 -10.97
N GLU I 137 8.93 -48.51 -11.54
CA GLU I 137 9.63 -47.47 -10.78
C GLU I 137 9.00 -46.13 -11.11
N PRO I 138 7.79 -45.86 -10.57
CA PRO I 138 7.10 -44.60 -10.90
C PRO I 138 7.70 -43.35 -10.22
N GLU I 139 8.50 -42.58 -10.98
CA GLU I 139 9.15 -41.39 -10.45
C GLU I 139 8.12 -40.29 -10.34
N PHE I 140 8.38 -39.29 -9.49
CA PHE I 140 7.47 -38.19 -9.26
C PHE I 140 8.24 -36.95 -8.85
N PHE I 141 7.59 -35.80 -9.01
CA PHE I 141 8.12 -34.51 -8.58
C PHE I 141 7.34 -34.08 -7.36
N LEU I 142 8.03 -33.41 -6.45
CA LEU I 142 7.42 -32.72 -5.33
C LEU I 142 7.46 -31.26 -5.72
N LEU I 143 6.32 -30.57 -5.57
CA LEU I 143 6.20 -29.18 -6.03
C LEU I 143 5.83 -28.27 -4.91
N LYS I 144 6.19 -27.01 -5.07
CA LYS I 144 5.74 -25.94 -4.17
C LYS I 144 5.35 -24.76 -5.03
N LYS I 145 4.65 -23.79 -4.47
CA LYS I 145 4.21 -22.63 -5.24
C LYS I 145 5.39 -21.72 -5.52
N ASP I 146 5.38 -21.12 -6.72
CA ASP I 146 6.41 -20.17 -7.11
C ASP I 146 6.23 -18.95 -6.20
N PRO I 147 7.25 -18.56 -5.40
CA PRO I 147 7.04 -17.38 -4.53
C PRO I 147 6.75 -16.11 -5.32
N HIS I 148 7.18 -16.04 -6.60
CA HIS I 148 6.94 -14.90 -7.48
C HIS I 148 5.52 -14.95 -8.09
N ASN I 149 4.96 -16.15 -8.33
CA ASN I 149 3.58 -16.27 -8.81
C ASN I 149 2.88 -17.43 -8.11
N PRO I 150 1.94 -17.15 -7.20
CA PRO I 150 1.28 -18.27 -6.49
C PRO I 150 0.39 -19.15 -7.37
N HIS I 151 0.14 -18.74 -8.61
CA HIS I 151 -0.66 -19.55 -9.53
C HIS I 151 0.16 -20.65 -10.22
N LYS I 152 1.52 -20.58 -10.12
CA LYS I 152 2.42 -21.55 -10.73
C LYS I 152 3.14 -22.44 -9.70
N TYR I 153 3.52 -23.65 -10.14
CA TYR I 153 4.26 -24.61 -9.31
C TYR I 153 5.69 -24.79 -9.82
N ILE I 154 6.63 -24.93 -8.89
CA ILE I 154 8.04 -25.14 -9.21
C ILE I 154 8.55 -26.37 -8.46
N PRO I 155 9.71 -26.94 -8.85
CA PRO I 155 10.25 -28.06 -8.07
C PRO I 155 10.48 -27.69 -6.60
N ALA I 156 10.22 -28.63 -5.68
CA ALA I 156 10.31 -28.39 -4.24
C ALA I 156 11.73 -28.14 -3.71
N ASP I 157 12.78 -28.53 -4.47
CA ASP I 157 14.17 -28.26 -4.09
C ASP I 157 15.04 -28.16 -5.33
N ASP I 158 16.35 -27.89 -5.16
CA ASP I 158 17.29 -27.80 -6.29
C ASP I 158 18.24 -28.98 -6.35
N GLY I 159 17.93 -30.07 -5.67
CA GLY I 159 18.81 -31.21 -5.62
C GLY I 159 18.81 -32.06 -6.88
N GLY I 160 19.72 -33.00 -6.89
CA GLY I 160 19.93 -33.92 -7.99
C GLY I 160 20.03 -35.35 -7.52
N TYR I 161 20.49 -36.22 -8.41
CA TYR I 161 20.53 -37.65 -8.18
C TYR I 161 21.30 -38.02 -6.94
N PHE I 162 20.65 -38.77 -6.02
CA PHE I 162 21.28 -39.29 -4.80
C PHE I 162 21.83 -38.17 -3.88
N ASP I 163 21.37 -36.94 -4.03
CA ASP I 163 21.90 -35.87 -3.18
C ASP I 163 21.51 -36.06 -1.72
N LEU I 164 22.35 -35.53 -0.82
CA LEU I 164 22.08 -35.52 0.60
C LEU I 164 21.46 -34.18 0.97
N GLU I 165 20.85 -34.16 2.16
CA GLU I 165 20.36 -32.94 2.79
C GLU I 165 21.58 -32.06 3.09
N PRO I 166 21.41 -30.72 3.18
CA PRO I 166 20.18 -29.96 2.98
C PRO I 166 19.79 -29.69 1.53
N MET I 167 20.65 -30.04 0.53
CA MET I 167 20.36 -29.84 -0.88
C MET I 167 19.10 -30.66 -1.27
N ASP I 168 19.07 -31.94 -0.81
CA ASP I 168 17.92 -32.80 -0.94
C ASP I 168 17.03 -32.39 0.27
N GLU I 169 15.87 -31.81 0.01
CA GLU I 169 14.99 -31.37 1.09
C GLU I 169 13.89 -32.35 1.43
N ALA I 170 13.90 -33.57 0.88
CA ALA I 170 12.79 -34.49 1.06
C ALA I 170 13.01 -35.70 1.96
N PRO I 171 14.09 -35.86 2.74
CA PRO I 171 14.16 -37.07 3.60
C PRO I 171 12.91 -37.27 4.46
N ASP I 172 12.37 -36.20 5.08
CA ASP I 172 11.16 -36.34 5.91
C ASP I 172 9.95 -36.82 5.11
N ILE I 173 9.77 -36.31 3.88
CA ILE I 173 8.64 -36.73 3.04
C ILE I 173 8.88 -38.17 2.57
N ARG I 174 10.09 -38.48 2.04
CA ARG I 174 10.37 -39.83 1.57
C ARG I 174 10.25 -40.84 2.73
N ARG I 175 10.67 -40.44 3.94
CA ARG I 175 10.50 -41.25 5.17
C ARG I 175 9.03 -41.61 5.42
N ASP I 176 8.15 -40.61 5.46
CA ASP I 176 6.73 -40.84 5.70
C ASP I 176 6.10 -41.63 4.58
N ILE I 177 6.55 -41.45 3.34
CA ILE I 177 6.06 -42.24 2.22
C ILE I 177 6.41 -43.73 2.49
N VAL I 178 7.66 -44.01 2.80
CA VAL I 178 8.12 -45.39 3.06
C VAL I 178 7.29 -46.03 4.17
N PHE I 179 7.07 -45.30 5.28
CA PHE I 179 6.29 -45.83 6.39
C PHE I 179 4.86 -46.14 5.97
N ALA I 180 4.25 -45.27 5.15
CA ALA I 180 2.89 -45.47 4.67
C ALA I 180 2.80 -46.68 3.75
N LEU I 181 3.75 -46.83 2.82
CA LEU I 181 3.79 -47.97 1.92
C LEU I 181 4.00 -49.26 2.74
N GLU I 182 4.85 -49.26 3.78
CA GLU I 182 5.04 -50.46 4.59
C GLU I 182 3.75 -50.83 5.28
N ASN I 183 3.01 -49.84 5.82
CA ASN I 183 1.74 -50.09 6.48
C ASN I 183 0.70 -50.65 5.49
N LEU I 184 0.82 -50.31 4.22
CA LEU I 184 -0.05 -50.80 3.18
C LEU I 184 0.42 -52.18 2.67
N GLY I 185 1.49 -52.74 3.20
CA GLY I 185 1.95 -54.06 2.80
C GLY I 185 3.00 -54.09 1.71
N PHE I 186 3.54 -52.92 1.32
CA PHE I 186 4.60 -52.90 0.32
C PHE I 186 5.90 -53.38 0.93
N HIS I 187 6.76 -53.99 0.10
CA HIS I 187 8.12 -54.32 0.52
C HIS I 187 9.00 -53.26 -0.14
N VAL I 188 9.28 -52.16 0.57
CA VAL I 188 10.04 -51.06 0.00
C VAL I 188 11.50 -51.45 -0.11
N GLU I 189 12.14 -51.08 -1.22
CA GLU I 189 13.53 -51.46 -1.46
C GLU I 189 14.52 -50.32 -1.26
N ALA I 190 14.17 -49.09 -1.70
CA ALA I 190 15.10 -47.97 -1.64
C ALA I 190 14.39 -46.65 -1.92
N SER I 191 14.98 -45.54 -1.47
CA SER I 191 14.42 -44.23 -1.79
C SER I 191 15.54 -43.23 -1.91
N HIS I 192 15.38 -42.29 -2.83
CA HIS I 192 16.43 -41.30 -3.06
C HIS I 192 15.93 -40.18 -3.92
N HIS I 193 16.69 -39.06 -3.91
CA HIS I 193 16.43 -37.95 -4.78
C HIS I 193 16.81 -38.41 -6.22
N GLU I 194 16.00 -38.02 -7.21
CA GLU I 194 16.27 -38.38 -8.61
C GLU I 194 17.00 -37.23 -9.33
N VAL I 195 17.23 -37.37 -10.63
CA VAL I 195 18.07 -36.46 -11.38
C VAL I 195 17.63 -35.01 -11.34
N ALA I 196 16.33 -34.73 -11.57
CA ALA I 196 15.87 -33.36 -11.66
C ALA I 196 15.61 -32.70 -10.31
N PRO I 197 15.63 -31.35 -10.26
CA PRO I 197 15.20 -30.68 -9.01
C PRO I 197 13.82 -31.15 -8.54
N GLY I 198 13.66 -31.40 -7.25
CA GLY I 198 12.37 -31.83 -6.70
C GLY I 198 11.89 -33.20 -7.11
N GLN I 199 12.68 -33.97 -7.89
CA GLN I 199 12.25 -35.28 -8.36
C GLN I 199 12.73 -36.38 -7.41
N HIS I 200 11.93 -37.45 -7.23
CA HIS I 200 12.27 -38.52 -6.28
C HIS I 200 11.88 -39.90 -6.76
N GLU I 201 12.38 -40.92 -6.07
CA GLU I 201 12.08 -42.29 -6.40
C GLU I 201 11.99 -43.13 -5.13
N VAL I 202 10.96 -43.97 -5.03
CA VAL I 202 10.77 -44.88 -3.90
C VAL I 202 10.45 -46.21 -4.55
N ASP I 203 11.39 -47.15 -4.50
CA ASP I 203 11.27 -48.45 -5.16
C ASP I 203 10.66 -49.48 -4.24
N PHE I 204 9.85 -50.38 -4.80
CA PHE I 204 9.22 -51.44 -4.04
C PHE I 204 9.44 -52.75 -4.80
N LYS I 205 9.39 -53.87 -4.07
CA LYS I 205 9.71 -55.14 -4.64
C LYS I 205 8.73 -55.55 -5.73
N PHE I 206 9.25 -56.18 -6.77
CA PHE I 206 8.40 -56.68 -7.85
C PHE I 206 7.46 -57.77 -7.32
N ASP I 207 6.38 -58.02 -8.03
CA ASP I 207 5.44 -59.07 -7.66
C ASP I 207 4.72 -59.51 -8.91
N ASP I 208 3.68 -60.39 -8.83
CA ASP I 208 2.93 -60.74 -10.02
C ASP I 208 2.26 -59.50 -10.56
N ALA I 209 1.99 -59.47 -11.86
CA ALA I 209 1.48 -58.25 -12.48
C ALA I 209 0.26 -57.67 -11.80
N LEU I 210 -0.68 -58.51 -11.38
CA LEU I 210 -1.93 -58.01 -10.82
C LEU I 210 -1.70 -57.26 -9.49
N LYS I 211 -0.93 -57.88 -8.57
CA LYS I 211 -0.58 -57.25 -7.31
C LYS I 211 0.20 -55.98 -7.56
N THR I 212 1.12 -55.99 -8.53
CA THR I 212 1.93 -54.84 -8.86
C THR I 212 1.07 -53.72 -9.44
N ALA I 213 0.08 -54.04 -10.28
CA ALA I 213 -0.82 -53.02 -10.83
C ALA I 213 -1.62 -52.39 -9.70
N ASP I 214 -2.10 -53.24 -8.75
CA ASP I 214 -2.84 -52.75 -7.57
C ASP I 214 -1.95 -51.82 -6.75
N SER I 215 -0.68 -52.20 -6.58
CA SER I 215 0.32 -51.40 -5.83
C SER I 215 0.65 -50.09 -6.54
N VAL I 216 0.77 -50.06 -7.87
CA VAL I 216 1.04 -48.81 -8.59
C VAL I 216 -0.09 -47.79 -8.34
N ILE I 217 -1.36 -48.23 -8.34
CA ILE I 217 -2.48 -47.33 -8.10
C ILE I 217 -2.40 -46.80 -6.68
N THR I 218 -2.21 -47.70 -5.72
CA THR I 218 -2.13 -47.35 -4.30
C THR I 218 -0.93 -46.43 -4.03
N PHE I 219 0.19 -46.71 -4.68
CA PHE I 219 1.45 -45.97 -4.53
C PHE I 219 1.22 -44.51 -4.89
N LYS I 220 0.59 -44.25 -6.04
CA LYS I 220 0.38 -42.89 -6.50
C LYS I 220 -0.54 -42.09 -5.57
N THR I 221 -1.58 -42.73 -5.00
CA THR I 221 -2.46 -42.02 -4.05
C THR I 221 -1.68 -41.72 -2.79
N THR I 222 -0.82 -42.68 -2.35
CA THR I 222 -0.01 -42.56 -1.15
C THR I 222 0.92 -41.38 -1.29
N ILE I 223 1.77 -41.34 -2.34
CA ILE I 223 2.71 -40.23 -2.58
C ILE I 223 1.98 -38.89 -2.55
N LYS I 224 0.83 -38.80 -3.23
CA LYS I 224 0.06 -37.56 -3.36
C LYS I 224 -0.54 -37.09 -2.04
N THR I 225 -1.10 -38.01 -1.24
CA THR I 225 -1.68 -37.62 0.04
C THR I 225 -0.57 -37.29 1.04
N ILE I 226 0.56 -38.09 1.10
CA ILE I 226 1.67 -37.78 2.03
C ILE I 226 2.33 -36.42 1.69
N ALA I 227 2.49 -36.10 0.41
CA ALA I 227 3.06 -34.79 0.04
C ALA I 227 2.14 -33.63 0.50
N GLU I 228 0.82 -33.82 0.33
CA GLU I 228 -0.16 -32.79 0.76
C GLU I 228 -0.02 -32.56 2.27
N GLN I 229 0.19 -33.63 3.04
CA GLN I 229 0.38 -33.47 4.49
C GLN I 229 1.63 -32.61 4.81
N HIS I 230 2.66 -32.63 3.93
CA HIS I 230 3.85 -31.82 4.15
C HIS I 230 3.76 -30.44 3.48
N GLY I 231 2.57 -30.03 3.06
CA GLY I 231 2.37 -28.74 2.41
C GLY I 231 2.93 -28.65 1.01
N LEU I 232 3.20 -29.80 0.40
CA LEU I 232 3.71 -29.85 -0.97
C LEU I 232 2.68 -30.54 -1.87
N LYS I 233 2.94 -30.57 -3.16
CA LYS I 233 2.07 -31.23 -4.13
C LYS I 233 2.92 -32.22 -4.91
N ALA I 234 2.49 -33.47 -5.06
CA ALA I 234 3.26 -34.44 -5.85
C ALA I 234 2.62 -34.60 -7.22
N THR I 235 3.43 -34.74 -8.28
CA THR I 235 2.88 -34.96 -9.61
C THR I 235 3.57 -36.14 -10.28
N PHE I 236 2.77 -36.96 -10.96
CA PHE I 236 3.26 -38.05 -11.78
C PHE I 236 3.21 -37.67 -13.27
N MET I 237 3.03 -36.36 -13.59
CA MET I 237 3.07 -35.81 -14.95
C MET I 237 4.38 -36.22 -15.60
N PRO I 238 4.38 -36.84 -16.80
CA PRO I 238 5.66 -37.31 -17.40
C PRO I 238 6.75 -36.24 -17.55
N LYS I 239 6.37 -35.04 -17.97
CA LYS I 239 7.34 -33.99 -18.23
C LYS I 239 6.75 -32.67 -17.76
N PRO I 240 6.80 -32.38 -16.45
CA PRO I 240 6.24 -31.11 -15.97
C PRO I 240 7.06 -29.88 -16.37
N PHE I 241 8.38 -30.03 -16.55
CA PHE I 241 9.27 -28.89 -16.78
C PHE I 241 10.19 -29.10 -17.95
N PHE I 242 10.27 -28.13 -18.85
CA PHE I 242 11.21 -28.20 -19.96
C PHE I 242 12.63 -28.02 -19.40
N GLY I 243 13.64 -28.67 -19.99
CA GLY I 243 15.02 -28.43 -19.58
C GLY I 243 15.52 -29.28 -18.43
N MET I 244 14.67 -30.19 -17.92
CA MET I 244 15.11 -31.12 -16.87
C MET I 244 14.41 -32.43 -17.13
N ASN I 245 14.92 -33.51 -16.49
CA ASN I 245 14.38 -34.84 -16.68
C ASN I 245 12.88 -34.93 -16.51
N GLY I 246 12.28 -35.81 -17.29
CA GLY I 246 10.91 -36.20 -17.11
C GLY I 246 10.86 -37.34 -16.11
N SER I 247 9.64 -37.71 -15.73
CA SER I 247 9.41 -38.83 -14.85
C SER I 247 9.00 -40.08 -15.65
N GLY I 248 9.77 -41.16 -15.54
CA GLY I 248 9.43 -42.41 -16.20
C GLY I 248 8.86 -43.42 -15.20
N MET I 249 8.38 -44.53 -15.71
CA MET I 249 7.98 -45.66 -14.89
C MET I 249 8.53 -46.89 -15.60
N HIS I 250 9.85 -47.09 -15.51
CA HIS I 250 10.51 -48.24 -16.12
C HIS I 250 9.91 -49.49 -15.54
N CYS I 251 9.65 -50.48 -16.39
CA CYS I 251 9.01 -51.70 -15.93
C CYS I 251 9.97 -52.84 -16.07
N HIS I 252 10.54 -53.27 -14.94
CA HIS I 252 11.39 -54.43 -14.91
C HIS I 252 10.43 -55.61 -14.96
N GLN I 253 10.68 -56.60 -15.82
CA GLN I 253 9.74 -57.70 -15.93
C GLN I 253 10.41 -58.99 -16.32
N SER I 254 9.79 -60.08 -15.92
CA SER I 254 10.30 -61.41 -16.23
C SER I 254 9.16 -62.41 -16.16
N ILE I 255 9.29 -63.52 -16.89
CA ILE I 255 8.29 -64.57 -16.83
C ILE I 255 8.95 -65.78 -16.19
N TRP I 256 8.22 -66.43 -15.29
CA TRP I 256 8.73 -67.60 -14.61
C TRP I 256 7.87 -68.77 -15.00
N LEU I 257 8.45 -69.77 -15.66
CA LEU I 257 7.69 -70.96 -16.04
C LEU I 257 7.96 -72.05 -15.03
N ASN I 258 6.91 -72.72 -14.54
CA ASN I 258 7.03 -73.82 -13.57
C ASN I 258 7.89 -73.44 -12.35
N GLY I 259 7.73 -72.22 -11.88
CA GLY I 259 8.42 -71.72 -10.71
C GLY I 259 9.87 -71.34 -10.88
N GLU I 260 10.39 -71.37 -12.10
CA GLU I 260 11.80 -71.07 -12.35
C GLU I 260 12.00 -69.74 -13.08
N PRO I 261 13.14 -69.05 -12.87
CA PRO I 261 13.38 -67.81 -13.61
C PRO I 261 13.84 -68.12 -15.04
N SER I 262 12.87 -68.38 -15.92
CA SER I 262 13.06 -68.76 -17.32
C SER I 262 13.89 -67.82 -18.16
N PHE I 263 14.09 -66.58 -17.71
CA PHE I 263 14.90 -65.63 -18.46
C PHE I 263 16.41 -65.90 -18.27
N TYR I 264 16.81 -66.57 -17.14
CA TYR I 264 18.19 -66.91 -16.80
C TYR I 264 18.61 -68.22 -17.45
N ASP I 265 19.83 -68.25 -17.99
CA ASP I 265 20.42 -69.42 -18.61
C ASP I 265 21.93 -69.34 -18.43
N GLU I 266 22.48 -70.15 -17.52
CA GLU I 266 23.89 -70.12 -17.19
C GLU I 266 24.78 -70.20 -18.41
N ASN I 267 24.47 -71.11 -19.32
CA ASN I 267 25.35 -71.43 -20.44
C ASN I 267 24.98 -70.76 -21.76
N ALA I 268 24.25 -69.66 -21.72
CA ALA I 268 23.86 -68.97 -22.94
C ALA I 268 24.62 -67.65 -23.05
N PRO I 269 24.72 -67.05 -24.25
CA PRO I 269 25.37 -65.73 -24.34
C PRO I 269 24.66 -64.69 -23.45
N TYR I 270 25.45 -63.90 -22.71
CA TYR I 270 24.93 -62.91 -21.75
C TYR I 270 24.18 -63.56 -20.59
N GLN I 271 24.17 -64.90 -20.50
CA GLN I 271 23.44 -65.67 -19.50
C GLN I 271 21.94 -65.40 -19.60
N LEU I 272 21.45 -65.12 -20.83
CA LEU I 272 20.04 -64.86 -21.11
C LEU I 272 19.51 -66.01 -21.94
N SER I 273 18.38 -66.55 -21.53
CA SER I 273 17.79 -67.72 -22.17
C SER I 273 17.18 -67.39 -23.53
N GLU I 274 16.76 -68.41 -24.26
CA GLU I 274 16.09 -68.26 -25.53
C GLU I 274 14.72 -67.61 -25.29
N THR I 275 14.03 -68.01 -24.21
CA THR I 275 12.71 -67.43 -23.87
C THR I 275 12.86 -65.94 -23.65
N CYS I 276 13.94 -65.52 -22.97
CA CYS I 276 14.20 -64.09 -22.74
C CYS I 276 14.34 -63.36 -24.07
N MET I 277 15.09 -63.94 -25.01
CA MET I 277 15.32 -63.35 -26.32
C MET I 277 14.05 -63.33 -27.16
N ASN I 278 13.22 -64.36 -27.05
CA ASN I 278 11.95 -64.39 -27.77
C ASN I 278 11.04 -63.29 -27.20
N TYR I 279 10.99 -63.14 -25.88
CA TYR I 279 10.17 -62.12 -25.21
C TYR I 279 10.61 -60.70 -25.61
N VAL I 280 11.94 -60.43 -25.53
CA VAL I 280 12.51 -59.15 -25.93
C VAL I 280 12.12 -58.86 -27.41
N ALA I 281 12.20 -59.89 -28.27
CA ALA I 281 11.85 -59.73 -29.68
C ALA I 281 10.37 -59.34 -29.86
N GLY I 282 9.48 -59.87 -29.01
CA GLY I 282 8.06 -59.52 -29.04
C GLY I 282 7.80 -58.08 -28.64
N ILE I 283 8.45 -57.62 -27.55
CA ILE I 283 8.31 -56.25 -27.05
C ILE I 283 8.83 -55.30 -28.14
N LEU I 284 9.99 -55.62 -28.76
CA LEU I 284 10.57 -54.73 -29.78
C LEU I 284 9.69 -54.68 -31.01
N LYS I 285 9.09 -55.80 -31.38
CA LYS I 285 8.20 -55.84 -32.54
C LYS I 285 6.99 -54.92 -32.33
N HIS I 286 6.39 -54.93 -31.14
CA HIS I 286 5.18 -54.14 -30.89
C HIS I 286 5.41 -52.80 -30.16
N ALA I 287 6.68 -52.40 -29.96
CA ALA I 287 7.00 -51.20 -29.20
C ALA I 287 6.24 -49.94 -29.70
N LYS I 288 6.14 -49.73 -31.02
CA LYS I 288 5.44 -48.57 -31.58
C LYS I 288 3.96 -48.47 -31.15
N ALA I 289 3.29 -49.62 -30.97
CA ALA I 289 1.89 -49.64 -30.55
C ALA I 289 1.80 -49.70 -29.02
N ILE I 290 2.77 -50.36 -28.34
CA ILE I 290 2.74 -50.45 -26.88
C ILE I 290 2.69 -49.07 -26.24
N VAL I 291 3.46 -48.11 -26.80
CA VAL I 291 3.54 -46.77 -26.22
C VAL I 291 2.22 -46.01 -26.26
N ALA I 292 1.25 -46.41 -27.12
CA ALA I 292 -0.06 -45.73 -27.07
C ALA I 292 -0.68 -45.92 -25.69
N ILE I 293 -0.45 -47.09 -25.08
CA ILE I 293 -0.98 -47.46 -23.77
C ILE I 293 -0.01 -47.07 -22.62
N THR I 294 1.30 -47.34 -22.78
CA THR I 294 2.26 -47.07 -21.71
C THR I 294 2.64 -45.56 -21.61
N ASN I 295 2.35 -44.79 -22.65
CA ASN I 295 2.64 -43.36 -22.72
C ASN I 295 1.40 -42.72 -23.31
N PRO I 296 0.29 -42.65 -22.54
CA PRO I 296 -1.01 -42.29 -23.15
C PRO I 296 -1.43 -40.83 -23.10
N THR I 297 -0.53 -39.91 -22.80
CA THR I 297 -0.90 -38.50 -22.75
C THR I 297 -0.13 -37.72 -23.81
N VAL I 298 -0.57 -36.50 -24.09
CA VAL I 298 0.17 -35.63 -25.00
C VAL I 298 1.57 -35.35 -24.41
N ASN I 299 1.59 -35.04 -23.10
CA ASN I 299 2.82 -34.71 -22.39
C ASN I 299 3.83 -35.87 -22.34
N SER I 300 3.36 -37.12 -22.50
CA SER I 300 4.30 -38.26 -22.53
C SER I 300 5.34 -38.12 -23.60
N TYR I 301 4.99 -37.49 -24.72
CA TYR I 301 5.89 -37.37 -25.86
C TYR I 301 6.76 -36.11 -25.77
N LYS I 302 6.79 -35.46 -24.58
CA LYS I 302 7.74 -34.39 -24.32
C LYS I 302 8.91 -35.01 -23.49
N ARG I 303 8.73 -36.22 -22.92
CA ARG I 303 9.81 -37.01 -22.31
C ARG I 303 10.22 -38.09 -23.36
N LEU I 304 9.24 -38.80 -23.92
CA LEU I 304 9.48 -39.83 -24.94
C LEU I 304 9.52 -39.11 -26.27
N VAL I 305 10.59 -38.38 -26.53
CA VAL I 305 10.65 -37.52 -27.70
C VAL I 305 11.73 -37.96 -28.69
N PRO I 306 11.32 -38.58 -29.84
CA PRO I 306 12.31 -39.00 -30.84
C PRO I 306 13.22 -37.86 -31.28
N GLY I 307 14.48 -38.21 -31.54
CA GLY I 307 15.50 -37.25 -31.96
C GLY I 307 16.31 -36.73 -30.79
N TYR I 308 15.94 -37.10 -29.55
CA TYR I 308 16.63 -36.59 -28.36
C TYR I 308 17.05 -37.74 -27.44
N GLU I 309 17.68 -37.43 -26.31
CA GLU I 309 18.09 -38.43 -25.33
C GLU I 309 16.86 -38.88 -24.56
N ALA I 310 16.25 -40.00 -25.01
CA ALA I 310 15.03 -40.52 -24.41
C ALA I 310 14.94 -42.03 -24.69
N PRO I 311 14.09 -42.80 -23.98
CA PRO I 311 13.98 -44.24 -24.27
C PRO I 311 13.09 -44.49 -25.51
N VAL I 312 13.52 -43.98 -26.66
CA VAL I 312 12.76 -43.99 -27.92
C VAL I 312 13.34 -44.94 -28.97
N ASN I 313 14.60 -45.32 -28.84
CA ASN I 313 15.28 -46.17 -29.82
C ASN I 313 14.92 -47.62 -29.60
N ILE I 314 14.26 -48.21 -30.60
CA ILE I 314 13.80 -49.58 -30.53
C ILE I 314 14.95 -50.55 -30.73
N ALA I 315 15.59 -50.90 -29.62
CA ALA I 315 16.72 -51.81 -29.53
C ALA I 315 16.87 -52.27 -28.08
N TRP I 316 17.66 -53.32 -27.81
CA TRP I 316 17.93 -53.74 -26.44
C TRP I 316 19.45 -53.73 -26.21
N ALA I 317 19.87 -53.62 -24.94
CA ALA I 317 21.27 -53.58 -24.60
C ALA I 317 21.48 -54.00 -23.14
N ASN I 318 22.71 -54.39 -22.81
CA ASN I 318 23.07 -54.82 -21.45
C ASN I 318 23.67 -53.64 -20.66
N SER I 319 23.14 -53.34 -19.46
CA SER I 319 23.67 -52.26 -18.60
C SER I 319 23.87 -50.91 -19.36
N ASN I 320 23.00 -50.62 -20.30
CA ASN I 320 23.09 -49.47 -21.18
C ASN I 320 21.75 -48.76 -21.14
N ARG I 321 21.74 -47.53 -20.67
CA ARG I 321 20.48 -46.80 -20.51
C ARG I 321 20.12 -45.94 -21.73
N SER I 322 20.64 -46.25 -22.92
CA SER I 322 20.32 -45.47 -24.12
C SER I 322 19.35 -46.19 -25.07
N ALA I 323 18.90 -47.42 -24.72
CA ALA I 323 17.98 -48.23 -25.52
C ALA I 323 16.59 -48.29 -24.86
N ILE I 324 15.56 -48.71 -25.60
CA ILE I 324 14.20 -48.82 -25.04
C ILE I 324 14.12 -49.98 -24.04
N ILE I 325 15.01 -50.99 -24.17
CA ILE I 325 15.13 -52.11 -23.23
C ILE I 325 16.57 -52.16 -22.72
N ARG I 326 16.75 -52.17 -21.38
CA ARG I 326 18.03 -52.39 -20.71
C ARG I 326 17.94 -53.70 -19.98
N VAL I 327 18.98 -54.51 -20.03
CA VAL I 327 18.99 -55.77 -19.29
C VAL I 327 19.92 -55.52 -18.12
N PRO I 328 19.44 -55.29 -16.89
CA PRO I 328 20.37 -55.03 -15.78
C PRO I 328 21.40 -56.13 -15.64
N ALA I 329 22.56 -55.82 -15.02
CA ALA I 329 23.65 -56.79 -14.84
C ALA I 329 23.24 -57.96 -13.96
N ALA I 330 22.33 -57.79 -13.02
CA ALA I 330 21.93 -58.88 -12.12
C ALA I 330 21.49 -60.14 -12.87
N ARG I 331 21.84 -61.32 -12.33
CA ARG I 331 21.48 -62.61 -12.94
C ARG I 331 20.82 -63.54 -11.92
N GLY I 332 20.56 -64.78 -12.32
CA GLY I 332 19.86 -65.77 -11.48
C GLY I 332 18.40 -65.39 -11.36
N LYS I 333 17.90 -65.23 -10.13
CA LYS I 333 16.48 -64.85 -9.90
C LYS I 333 16.28 -63.39 -10.35
N GLY I 334 17.34 -62.58 -10.32
CA GLY I 334 17.23 -61.17 -10.70
C GLY I 334 17.36 -60.93 -12.19
N THR I 335 17.41 -61.99 -12.99
CA THR I 335 17.54 -61.87 -14.47
C THR I 335 16.27 -61.26 -15.04
N ARG I 336 16.33 -60.09 -15.64
CA ARG I 336 15.08 -59.47 -16.13
C ARG I 336 15.36 -58.46 -17.23
N ILE I 337 14.29 -57.97 -17.84
CA ILE I 337 14.42 -56.93 -18.89
C ILE I 337 13.75 -55.66 -18.37
N GLU I 338 14.34 -54.51 -18.65
CA GLU I 338 13.75 -53.22 -18.20
C GLU I 338 13.20 -52.44 -19.39
N PHE I 339 11.87 -52.40 -19.53
CA PHE I 339 11.23 -51.64 -20.60
C PHE I 339 11.19 -50.21 -20.10
N ARG I 340 12.01 -49.34 -20.71
CA ARG I 340 12.21 -47.99 -20.21
C ARG I 340 11.24 -46.93 -20.71
N ALA I 341 10.50 -47.22 -21.77
CA ALA I 341 9.56 -46.23 -22.32
C ALA I 341 8.43 -45.78 -21.37
N PRO I 342 7.76 -46.66 -20.57
CA PRO I 342 6.56 -46.20 -19.83
C PRO I 342 6.77 -45.04 -18.90
N ASP I 343 5.70 -44.30 -18.63
CA ASP I 343 5.72 -43.20 -17.70
C ASP I 343 4.56 -43.40 -16.71
N PRO I 344 4.55 -42.71 -15.54
CA PRO I 344 3.51 -43.00 -14.55
C PRO I 344 2.11 -42.48 -14.90
N SER I 345 1.88 -41.93 -16.10
CA SER I 345 0.52 -41.53 -16.51
C SER I 345 -0.29 -42.73 -17.09
N CYS I 346 0.35 -43.90 -17.31
CA CYS I 346 -0.33 -45.06 -17.86
C CYS I 346 -1.24 -45.77 -16.86
N ASN I 347 -2.21 -46.54 -17.38
CA ASN I 347 -3.06 -47.36 -16.55
C ASN I 347 -2.26 -48.65 -16.39
N PRO I 348 -1.69 -48.92 -15.19
CA PRO I 348 -0.83 -50.12 -15.06
C PRO I 348 -1.48 -51.42 -15.48
N TYR I 349 -2.79 -51.57 -15.28
CA TYR I 349 -3.49 -52.81 -15.69
C TYR I 349 -3.42 -52.99 -17.18
N LEU I 350 -3.55 -51.89 -17.95
CA LEU I 350 -3.52 -51.95 -19.41
C LEU I 350 -2.07 -52.04 -19.89
N ALA I 351 -1.14 -51.29 -19.24
CA ALA I 351 0.27 -51.31 -19.59
C ALA I 351 0.84 -52.73 -19.44
N PHE I 352 0.53 -53.42 -18.32
CA PHE I 352 1.05 -54.77 -18.08
C PHE I 352 0.43 -55.78 -19.05
N THR I 353 -0.84 -55.58 -19.43
CA THR I 353 -1.53 -56.44 -20.37
C THR I 353 -0.83 -56.42 -21.73
N VAL I 354 -0.56 -55.22 -22.28
CA VAL I 354 0.04 -55.10 -23.62
C VAL I 354 1.49 -55.54 -23.66
N MET I 355 2.26 -55.30 -22.60
CA MET I 355 3.63 -55.75 -22.54
C MET I 355 3.66 -57.25 -22.48
N LEU I 356 2.78 -57.90 -21.67
CA LEU I 356 2.77 -59.38 -21.63
C LEU I 356 2.31 -59.95 -22.96
N ALA I 357 1.23 -59.40 -23.54
CA ALA I 357 0.69 -59.87 -24.82
C ALA I 357 1.77 -59.79 -25.94
N ALA I 358 2.54 -58.70 -25.97
CA ALA I 358 3.59 -58.51 -26.96
C ALA I 358 4.77 -59.46 -26.72
N GLY I 359 5.19 -59.61 -25.46
CA GLY I 359 6.28 -60.50 -25.13
C GLY I 359 5.91 -61.94 -25.43
N LEU I 360 4.67 -62.35 -25.12
CA LEU I 360 4.24 -63.71 -25.41
C LEU I 360 4.05 -63.92 -26.90
N ASP I 361 3.80 -62.86 -27.69
CA ASP I 361 3.74 -63.03 -29.15
C ASP I 361 5.14 -63.47 -29.64
N GLY I 362 6.20 -62.96 -29.01
CA GLY I 362 7.56 -63.34 -29.29
C GLY I 362 7.87 -64.74 -28.82
N VAL I 363 7.37 -65.12 -27.63
CA VAL I 363 7.60 -66.47 -27.11
C VAL I 363 6.87 -67.51 -27.95
N LYS I 364 5.56 -67.30 -28.17
CA LYS I 364 4.73 -68.23 -28.93
C LYS I 364 5.28 -68.49 -30.33
N ASN I 365 5.78 -67.46 -31.01
CA ASN I 365 6.29 -67.61 -32.37
C ASN I 365 7.82 -67.75 -32.43
N LYS I 366 8.49 -67.85 -31.27
CA LYS I 366 9.95 -67.99 -31.20
C LYS I 366 10.69 -66.96 -32.07
N LEU I 367 10.33 -65.69 -31.93
CA LEU I 367 10.93 -64.60 -32.70
C LEU I 367 12.39 -64.41 -32.35
N ASP I 368 13.21 -64.04 -33.35
CA ASP I 368 14.62 -63.80 -33.16
C ASP I 368 14.84 -62.38 -32.71
N ALA I 369 15.54 -62.21 -31.60
CA ALA I 369 15.87 -60.89 -31.11
C ALA I 369 17.06 -60.37 -31.92
N PRO I 370 17.11 -59.05 -32.20
CA PRO I 370 18.30 -58.52 -32.88
C PRO I 370 19.50 -58.57 -31.96
N GLU I 371 20.67 -58.18 -32.45
CA GLU I 371 21.86 -58.17 -31.60
C GLU I 371 21.70 -57.04 -30.60
N PRO I 372 22.27 -57.18 -29.39
CA PRO I 372 22.22 -56.04 -28.46
C PRO I 372 23.06 -54.88 -29.02
N VAL I 373 22.77 -53.65 -28.62
CA VAL I 373 23.55 -52.50 -29.05
C VAL I 373 24.39 -52.04 -27.88
N GLU I 374 25.69 -52.35 -27.88
CA GLU I 374 26.54 -52.03 -26.74
C GLU I 374 27.10 -50.58 -26.77
N ARG I 375 26.83 -49.83 -27.84
CA ARG I 375 27.19 -48.43 -27.96
C ARG I 375 26.16 -47.48 -27.31
N ASN I 376 26.54 -46.21 -27.10
CA ASN I 376 25.62 -45.19 -26.61
C ASN I 376 24.81 -44.79 -27.84
N ILE I 377 23.52 -45.18 -27.90
CA ILE I 377 22.71 -44.88 -29.08
C ILE I 377 22.53 -43.37 -29.28
N PHE I 378 22.59 -42.58 -28.20
CA PHE I 378 22.46 -41.12 -28.32
C PHE I 378 23.66 -40.50 -29.01
N ALA I 379 24.79 -41.23 -29.13
CA ALA I 379 25.98 -40.74 -29.80
C ALA I 379 26.00 -41.11 -31.28
N MET I 380 25.02 -41.89 -31.77
CA MET I 380 24.96 -42.30 -33.17
C MET I 380 24.21 -41.28 -34.01
N SER I 381 24.58 -41.17 -35.29
CA SER I 381 23.90 -40.31 -36.25
C SER I 381 22.65 -41.01 -36.73
N GLU I 382 21.69 -40.25 -37.30
CA GLU I 382 20.45 -40.83 -37.83
C GLU I 382 20.73 -41.86 -38.92
N ALA I 383 21.67 -41.58 -39.84
CA ALA I 383 22.01 -42.54 -40.90
C ALA I 383 22.67 -43.79 -40.33
N GLU I 384 23.46 -43.65 -39.27
CA GLU I 384 24.12 -44.78 -38.61
C GLU I 384 23.08 -45.70 -37.93
N LYS I 385 22.00 -45.11 -37.39
CA LYS I 385 20.91 -45.86 -36.77
C LYS I 385 20.05 -46.49 -37.86
N LYS I 386 19.86 -45.79 -38.99
CA LYS I 386 19.09 -46.31 -40.13
C LYS I 386 19.78 -47.56 -40.67
N GLU I 387 21.12 -47.52 -40.79
CA GLU I 387 21.89 -48.66 -41.28
C GLU I 387 21.77 -49.82 -40.31
N LEU I 388 21.85 -49.55 -39.01
CA LEU I 388 21.74 -50.61 -38.02
C LEU I 388 20.29 -51.12 -37.81
N GLY I 389 19.30 -50.47 -38.41
CA GLY I 389 17.90 -50.85 -38.29
C GLY I 389 17.26 -50.41 -36.98
N ILE I 390 17.83 -49.40 -36.31
CA ILE I 390 17.30 -48.92 -35.04
C ILE I 390 16.21 -47.88 -35.33
N GLU I 391 14.95 -48.27 -35.16
CA GLU I 391 13.83 -47.38 -35.39
C GLU I 391 13.44 -46.66 -34.10
N SER I 392 12.59 -45.63 -34.22
CA SER I 392 12.10 -44.91 -33.07
C SER I 392 10.60 -45.16 -32.89
N VAL I 393 10.15 -45.01 -31.66
CA VAL I 393 8.74 -45.09 -31.31
C VAL I 393 8.03 -43.88 -31.95
N PRO I 394 6.68 -43.90 -32.09
CA PRO I 394 5.98 -42.71 -32.61
C PRO I 394 6.33 -41.43 -31.85
N ALA I 395 6.26 -40.28 -32.54
CA ALA I 395 6.70 -39.00 -31.97
C ALA I 395 5.64 -38.24 -31.20
N ASN I 396 4.36 -38.68 -31.23
CA ASN I 396 3.29 -37.98 -30.51
C ASN I 396 2.12 -38.91 -30.21
N LEU I 397 1.17 -38.49 -29.37
CA LEU I 397 0.07 -39.34 -28.97
C LEU I 397 -0.72 -39.87 -30.17
N LYS I 398 -1.07 -39.00 -31.11
CA LYS I 398 -1.86 -39.40 -32.24
C LYS I 398 -1.12 -40.43 -33.10
N ALA I 399 0.19 -40.25 -33.34
CA ALA I 399 0.97 -41.21 -34.12
C ALA I 399 0.98 -42.57 -33.40
N ALA I 400 1.01 -42.57 -32.06
CA ALA I 400 0.98 -43.82 -31.27
C ALA I 400 -0.41 -44.49 -31.36
N LEU I 401 -1.51 -43.69 -31.28
CA LEU I 401 -2.88 -44.22 -31.41
C LEU I 401 -3.05 -44.91 -32.76
N ASP I 402 -2.47 -44.31 -33.82
CA ASP I 402 -2.59 -44.88 -35.17
C ASP I 402 -1.82 -46.21 -35.27
N GLU I 403 -0.70 -46.34 -34.52
CA GLU I 403 0.03 -47.61 -34.47
C GLU I 403 -0.83 -48.65 -33.73
N LEU I 404 -1.41 -48.28 -32.58
CA LEU I 404 -2.25 -49.18 -31.80
C LEU I 404 -3.47 -49.68 -32.60
N GLU I 405 -4.08 -48.77 -33.37
CA GLU I 405 -5.25 -49.07 -34.18
C GLU I 405 -4.94 -50.19 -35.18
N ASN I 406 -3.67 -50.28 -35.64
CA ASN I 406 -3.26 -51.29 -36.60
C ASN I 406 -2.49 -52.46 -35.96
N ASN I 407 -2.64 -52.72 -34.65
CA ASN I 407 -1.96 -53.83 -34.00
C ASN I 407 -2.99 -54.83 -33.49
N ASP I 408 -3.10 -55.99 -34.16
CA ASP I 408 -4.08 -57.03 -33.83
C ASP I 408 -3.78 -57.74 -32.52
N VAL I 409 -2.48 -57.87 -32.16
CA VAL I 409 -2.10 -58.52 -30.91
C VAL I 409 -2.59 -57.68 -29.73
N LEU I 410 -2.38 -56.35 -29.76
CA LEU I 410 -2.81 -55.51 -28.63
C LEU I 410 -4.31 -55.30 -28.60
N LYS I 411 -4.94 -55.17 -29.78
CA LYS I 411 -6.40 -55.05 -29.83
C LYS I 411 -7.06 -56.30 -29.19
N ASN I 412 -6.50 -57.48 -29.45
CA ASN I 412 -7.05 -58.71 -28.88
C ASN I 412 -6.80 -58.83 -27.39
N ALA I 413 -5.65 -58.39 -26.94
CA ALA I 413 -5.33 -58.44 -25.51
C ALA I 413 -6.25 -57.51 -24.71
N LEU I 414 -6.48 -56.27 -25.20
CA LEU I 414 -7.33 -55.28 -24.53
C LEU I 414 -8.82 -55.59 -24.68
N GLY I 415 -9.20 -56.15 -25.83
CA GLY I 415 -10.60 -56.43 -26.14
C GLY I 415 -11.25 -55.22 -26.77
N LYS I 416 -12.35 -55.45 -27.51
CA LYS I 416 -13.07 -54.42 -28.25
C LYS I 416 -13.45 -53.19 -27.42
N HIS I 417 -14.13 -53.40 -26.28
CA HIS I 417 -14.61 -52.29 -25.45
C HIS I 417 -13.50 -51.34 -24.99
N ILE I 418 -12.45 -51.87 -24.29
CA ILE I 418 -11.34 -51.04 -23.82
C ILE I 418 -10.62 -50.39 -25.01
N PHE I 419 -10.30 -51.18 -26.02
CA PHE I 419 -9.59 -50.70 -27.20
C PHE I 419 -10.30 -49.53 -27.88
N GLU I 420 -11.60 -49.68 -28.21
CA GLU I 420 -12.35 -48.63 -28.88
C GLU I 420 -12.60 -47.44 -28.00
N SER I 421 -12.83 -47.64 -26.69
CA SER I 421 -13.09 -46.51 -25.77
C SER I 421 -11.83 -45.71 -25.61
N PHE I 422 -10.71 -46.39 -25.42
CA PHE I 422 -9.42 -45.73 -25.26
C PHE I 422 -9.13 -44.86 -26.50
N LEU I 423 -9.26 -45.43 -27.71
CA LEU I 423 -9.00 -44.67 -28.95
C LEU I 423 -9.92 -43.47 -29.08
N GLU I 424 -11.19 -43.63 -28.71
CA GLU I 424 -12.16 -42.53 -28.78
C GLU I 424 -11.81 -41.44 -27.77
N ILE I 425 -11.54 -41.81 -26.51
CA ILE I 425 -11.19 -40.83 -25.48
C ILE I 425 -9.89 -40.10 -25.86
N LYS I 426 -8.88 -40.84 -26.30
CA LYS I 426 -7.59 -40.24 -26.60
C LYS I 426 -7.62 -39.44 -27.88
N ASN I 427 -8.52 -39.76 -28.83
CA ASN I 427 -8.61 -38.94 -30.04
C ASN I 427 -9.26 -37.60 -29.67
N ALA I 428 -10.20 -37.59 -28.73
CA ALA I 428 -10.81 -36.33 -28.27
C ALA I 428 -9.81 -35.49 -27.48
N GLU I 429 -8.96 -36.15 -26.69
CA GLU I 429 -7.92 -35.50 -25.91
C GLU I 429 -6.90 -34.88 -26.87
N TRP I 430 -6.51 -35.60 -27.93
CA TRP I 430 -5.60 -35.09 -28.95
C TRP I 430 -6.24 -33.88 -29.66
N ASP I 431 -7.52 -33.97 -30.02
CA ASP I 431 -8.22 -32.89 -30.70
C ASP I 431 -8.26 -31.62 -29.85
N SER I 432 -8.40 -31.81 -28.55
CA SER I 432 -8.43 -30.68 -27.62
C SER I 432 -7.07 -30.00 -27.60
N PHE I 433 -6.00 -30.77 -27.54
CA PHE I 433 -4.65 -30.22 -27.56
C PHE I 433 -4.33 -29.54 -28.91
N ARG I 434 -4.62 -30.21 -30.03
CA ARG I 434 -4.24 -29.68 -31.33
C ARG I 434 -5.05 -28.47 -31.78
N THR I 435 -6.21 -28.19 -31.16
CA THR I 435 -7.00 -27.00 -31.53
C THR I 435 -6.70 -25.83 -30.59
N SER I 436 -6.02 -26.06 -29.47
CA SER I 436 -5.71 -25.01 -28.53
C SER I 436 -4.58 -24.10 -29.05
N VAL I 437 -4.52 -22.86 -28.58
CA VAL I 437 -3.45 -21.94 -28.91
C VAL I 437 -2.51 -21.94 -27.68
N THR I 438 -1.33 -22.52 -27.84
CA THR I 438 -0.40 -22.65 -26.73
C THR I 438 0.41 -21.38 -26.46
N ASP I 439 1.01 -21.31 -25.27
CA ASP I 439 1.87 -20.18 -24.89
C ASP I 439 3.11 -20.16 -25.81
N TRP I 440 3.62 -21.33 -26.25
CA TRP I 440 4.81 -21.39 -27.12
C TRP I 440 4.52 -20.60 -28.40
N GLU I 441 3.30 -20.78 -28.96
CA GLU I 441 2.86 -20.11 -30.17
C GLU I 441 2.70 -18.61 -29.97
N THR I 442 2.15 -18.17 -28.83
CA THR I 442 2.01 -16.75 -28.54
C THR I 442 3.41 -16.11 -28.49
N THR I 443 4.35 -16.75 -27.81
CA THR I 443 5.70 -16.23 -27.68
C THR I 443 6.35 -16.17 -29.05
N ALA I 444 6.18 -17.25 -29.86
CA ALA I 444 6.82 -17.34 -31.15
C ALA I 444 6.23 -16.42 -32.21
N TYR I 445 4.90 -16.29 -32.24
CA TYR I 445 4.22 -15.66 -33.38
C TYR I 445 3.44 -14.39 -33.15
N LEU I 446 3.24 -13.92 -31.89
CA LEU I 446 2.45 -12.70 -31.73
C LEU I 446 3.09 -11.49 -32.44
N LYS I 447 4.42 -11.49 -32.55
CA LYS I 447 5.15 -10.41 -33.22
C LYS I 447 5.00 -10.35 -34.73
N ILE I 448 4.44 -11.38 -35.38
CA ILE I 448 4.39 -11.35 -36.84
C ILE I 448 3.25 -10.44 -37.40
N SER J 2 40.97 -23.04 42.67
CA SER J 2 42.35 -22.52 42.77
C SER J 2 43.40 -23.57 42.35
N THR J 3 43.09 -24.87 42.54
CA THR J 3 43.94 -25.97 42.08
C THR J 3 43.24 -26.68 40.92
N VAL J 4 44.00 -27.44 40.13
CA VAL J 4 43.45 -28.21 39.01
C VAL J 4 42.33 -29.11 39.52
N GLU J 5 42.56 -29.81 40.63
CA GLU J 5 41.62 -30.77 41.21
C GLU J 5 40.31 -30.14 41.61
N GLN J 6 40.34 -28.93 42.14
CA GLN J 6 39.11 -28.23 42.52
C GLN J 6 38.30 -27.92 41.26
N VAL J 7 38.96 -27.34 40.21
CA VAL J 7 38.31 -27.02 38.93
C VAL J 7 37.71 -28.29 38.33
N LEU J 8 38.46 -29.41 38.33
CA LEU J 8 37.92 -30.68 37.82
C LEU J 8 36.73 -31.17 38.63
N GLU J 9 36.73 -30.88 39.93
CA GLU J 9 35.59 -31.26 40.80
C GLU J 9 34.40 -30.36 40.46
N TYR J 10 34.65 -29.06 40.29
CA TYR J 10 33.60 -28.09 39.92
C TYR J 10 33.02 -28.49 38.55
N VAL J 11 33.85 -29.01 37.65
CA VAL J 11 33.41 -29.45 36.34
C VAL J 11 32.46 -30.64 36.49
N LYS J 12 32.82 -31.66 37.29
CA LYS J 12 31.94 -32.81 37.50
C LYS J 12 30.69 -32.40 38.32
N SER J 13 30.83 -31.43 39.23
CA SER J 13 29.76 -30.92 40.11
C SER J 13 28.70 -30.01 39.40
N ASN J 14 29.07 -29.34 38.31
CA ASN J 14 28.14 -28.50 37.60
C ASN J 14 27.67 -29.13 36.23
N ASN J 15 27.98 -30.45 35.96
CA ASN J 15 27.82 -31.15 34.65
C ASN J 15 28.33 -30.25 33.52
N VAL J 16 29.56 -29.71 33.67
CA VAL J 16 30.15 -28.82 32.68
C VAL J 16 30.54 -29.61 31.44
N LYS J 17 30.09 -29.13 30.26
CA LYS J 17 30.38 -29.71 28.96
C LYS J 17 31.39 -28.88 28.17
N PHE J 18 31.41 -27.56 28.33
CA PHE J 18 32.34 -26.69 27.58
C PHE J 18 33.14 -25.83 28.52
N MET J 19 34.38 -25.57 28.18
CA MET J 19 35.24 -24.71 28.99
C MET J 19 35.75 -23.66 28.07
N ARG J 20 35.38 -22.40 28.35
CA ARG J 20 35.88 -21.27 27.59
C ARG J 20 37.26 -20.91 28.15
N PHE J 21 38.24 -20.76 27.27
CA PHE J 21 39.54 -20.28 27.68
C PHE J 21 39.51 -18.82 27.26
N GLN J 22 39.46 -17.91 28.22
CA GLN J 22 39.27 -16.49 27.92
C GLN J 22 40.47 -15.59 28.26
N PHE J 23 40.57 -14.50 27.51
CA PHE J 23 41.61 -13.49 27.71
C PHE J 23 41.08 -12.17 27.11
N VAL J 24 41.90 -11.11 27.03
CA VAL J 24 41.47 -9.84 26.45
C VAL J 24 42.55 -9.38 25.48
N ASP J 25 42.16 -8.59 24.48
CA ASP J 25 43.14 -7.99 23.58
C ASP J 25 43.62 -6.66 24.23
N ILE J 26 44.48 -5.89 23.54
CA ILE J 26 45.01 -4.66 24.12
C ILE J 26 43.90 -3.65 24.52
N LEU J 27 42.77 -3.64 23.81
CA LEU J 27 41.69 -2.71 24.08
C LEU J 27 40.68 -3.17 25.12
N GLY J 28 40.90 -4.35 25.70
CA GLY J 28 40.05 -4.89 26.75
C GLY J 28 38.89 -5.67 26.23
N VAL J 29 38.88 -5.99 24.92
CA VAL J 29 37.80 -6.76 24.34
C VAL J 29 38.05 -8.22 24.69
N PRO J 30 37.09 -8.90 25.36
CA PRO J 30 37.32 -10.31 25.71
C PRO J 30 37.37 -11.21 24.46
N LYS J 31 38.18 -12.25 24.54
CA LYS J 31 38.36 -13.25 23.48
C LYS J 31 38.34 -14.62 24.15
N ASN J 32 37.85 -15.65 23.44
CA ASN J 32 37.82 -16.99 23.98
C ASN J 32 37.68 -18.06 22.92
N VAL J 33 38.17 -19.25 23.25
CA VAL J 33 38.03 -20.45 22.43
C VAL J 33 37.34 -21.48 23.35
N ALA J 34 36.40 -22.27 22.80
CA ALA J 34 35.66 -23.23 23.61
C ALA J 34 36.24 -24.63 23.46
N PHE J 35 36.55 -25.29 24.60
CA PHE J 35 37.08 -26.64 24.62
C PHE J 35 35.93 -27.58 25.04
N PRO J 36 35.54 -28.57 24.21
CA PRO J 36 34.46 -29.49 24.64
C PRO J 36 34.99 -30.60 25.54
N ILE J 37 34.35 -30.78 26.70
CA ILE J 37 34.77 -31.80 27.65
C ILE J 37 34.11 -33.15 27.32
N LYS J 38 34.94 -34.17 27.09
CA LYS J 38 34.39 -35.49 26.76
C LYS J 38 33.90 -36.22 28.02
N ALA J 39 33.06 -37.23 27.84
CA ALA J 39 32.52 -38.02 28.93
C ALA J 39 33.60 -38.87 29.60
N GLY J 40 33.35 -39.21 30.86
CA GLY J 40 34.20 -40.15 31.58
C GLY J 40 35.52 -39.60 32.08
N GLU J 41 36.32 -40.50 32.63
CA GLU J 41 37.64 -40.15 33.17
C GLU J 41 38.57 -39.72 32.08
N LYS J 42 38.44 -40.33 30.89
CA LYS J 42 39.27 -39.94 29.75
C LYS J 42 39.05 -38.43 29.42
N GLY J 43 37.80 -37.99 29.43
CA GLY J 43 37.49 -36.59 29.20
C GLY J 43 38.07 -35.67 30.26
N ILE J 44 38.06 -36.09 31.52
CA ILE J 44 38.57 -35.31 32.66
C ILE J 44 40.09 -35.23 32.62
N GLU J 45 40.75 -36.29 32.17
CA GLU J 45 42.19 -36.27 32.06
C GLU J 45 42.62 -35.41 30.89
N GLU J 46 41.87 -35.41 29.78
CA GLU J 46 42.17 -34.55 28.64
C GLU J 46 42.02 -33.08 29.08
N LEU J 47 40.98 -32.81 29.89
CA LEU J 47 40.72 -31.49 30.43
C LEU J 47 41.83 -31.06 31.38
N ARG J 48 42.34 -31.97 32.21
CA ARG J 48 43.46 -31.71 33.12
C ARG J 48 44.70 -31.28 32.35
N ASP J 49 45.00 -31.97 31.24
CA ASP J 49 46.16 -31.66 30.40
C ASP J 49 46.05 -30.24 29.83
N VAL J 50 44.88 -29.85 29.34
CA VAL J 50 44.69 -28.52 28.79
C VAL J 50 44.66 -27.45 29.91
N LEU J 51 44.14 -27.78 31.10
CA LEU J 51 44.11 -26.82 32.21
C LEU J 51 45.54 -26.58 32.76
N GLU J 52 46.37 -27.62 32.78
CA GLU J 52 47.73 -27.50 33.27
C GLU J 52 48.65 -26.87 32.21
N ASN J 53 48.64 -27.44 31.00
CA ASN J 53 49.53 -27.04 29.92
C ASN J 53 49.05 -25.94 29.00
N GLY J 54 47.77 -25.61 29.02
CA GLY J 54 47.24 -24.55 28.17
C GLY J 54 47.00 -24.97 26.74
N LEU J 55 46.71 -24.00 25.88
CA LEU J 55 46.49 -24.28 24.47
C LEU J 55 47.01 -23.15 23.58
N TYR J 56 47.19 -23.45 22.31
CA TYR J 56 47.78 -22.51 21.37
C TYR J 56 46.73 -21.70 20.64
N PHE J 57 47.12 -20.53 20.15
CA PHE J 57 46.25 -19.72 19.32
C PHE J 57 47.10 -18.82 18.42
N ASP J 58 46.46 -18.17 17.44
CA ASP J 58 47.15 -17.26 16.54
C ASP J 58 47.19 -15.84 17.14
N GLY J 59 48.34 -15.47 17.71
CA GLY J 59 48.53 -14.15 18.29
C GLY J 59 48.48 -13.02 17.29
N SER J 60 48.62 -13.30 15.95
CA SER J 60 48.52 -12.24 14.93
C SER J 60 47.09 -11.89 14.58
N SER J 61 46.10 -12.64 15.07
CA SER J 61 44.67 -12.35 14.84
C SER J 61 44.06 -11.62 16.05
N ILE J 62 44.88 -11.22 17.04
CA ILE J 62 44.43 -10.50 18.22
C ILE J 62 45.08 -9.11 18.21
N GLU J 63 44.26 -8.06 18.42
CA GLU J 63 44.74 -6.70 18.41
C GLU J 63 45.76 -6.38 19.55
N GLY J 64 46.89 -5.80 19.17
CA GLY J 64 47.96 -5.43 20.07
C GLY J 64 48.90 -6.56 20.45
N PHE J 65 48.75 -7.75 19.83
CA PHE J 65 49.62 -8.87 20.18
C PHE J 65 50.84 -8.98 19.24
N VAL J 66 50.96 -10.01 18.39
CA VAL J 66 52.17 -10.22 17.61
C VAL J 66 51.94 -10.20 16.09
N GLY J 67 53.02 -10.17 15.33
CA GLY J 67 53.00 -10.17 13.88
C GLY J 67 52.84 -11.57 13.34
N ILE J 68 52.50 -11.65 12.06
CA ILE J 68 52.19 -12.91 11.39
C ILE J 68 53.34 -13.93 11.40
N ASN J 69 54.60 -13.46 11.32
CA ASN J 69 55.78 -14.34 11.24
C ASN J 69 56.29 -14.89 12.60
N GLU J 70 55.65 -14.54 13.69
CA GLU J 70 56.00 -14.98 15.03
C GLU J 70 54.67 -15.17 15.79
N SER J 71 53.66 -15.76 15.13
CA SER J 71 52.27 -15.72 15.57
C SER J 71 51.79 -16.81 16.53
N ASP J 72 52.47 -17.97 16.65
CA ASP J 72 52.03 -19.00 17.60
C ASP J 72 52.15 -18.48 19.05
N MET J 73 51.03 -18.52 19.80
CA MET J 73 51.03 -18.11 21.21
C MET J 73 50.28 -19.13 22.08
N MET J 74 50.37 -18.98 23.41
CA MET J 74 49.70 -19.90 24.33
C MET J 74 48.84 -19.21 25.38
N LEU J 75 47.87 -19.93 25.90
CA LEU J 75 47.01 -19.47 26.97
C LEU J 75 47.26 -20.37 28.17
N LYS J 76 47.58 -19.77 29.31
CA LYS J 76 47.82 -20.51 30.52
C LYS J 76 46.71 -20.19 31.48
N PRO J 77 45.80 -21.13 31.70
CA PRO J 77 44.67 -20.84 32.59
C PRO J 77 45.04 -20.49 34.02
N ASP J 78 44.43 -19.43 34.55
CA ASP J 78 44.56 -19.04 35.95
C ASP J 78 43.37 -19.72 36.62
N LEU J 79 43.64 -20.82 37.33
CA LEU J 79 42.58 -21.69 37.86
C LEU J 79 41.72 -21.10 38.95
N SER J 80 42.09 -19.94 39.49
CA SER J 80 41.30 -19.25 40.51
C SER J 80 40.12 -18.53 39.92
N THR J 81 40.07 -18.41 38.56
CA THR J 81 39.07 -17.64 37.85
C THR J 81 37.90 -18.51 37.36
N PHE J 82 37.83 -19.79 37.75
CA PHE J 82 36.77 -20.67 37.26
C PHE J 82 35.38 -20.13 37.61
N SER J 83 34.49 -20.07 36.58
CA SER J 83 33.11 -19.64 36.72
C SER J 83 32.22 -20.32 35.68
N VAL J 84 30.97 -20.61 36.08
CA VAL J 84 29.94 -21.17 35.21
C VAL J 84 29.18 -19.98 34.58
N LEU J 85 28.95 -20.02 33.27
CA LEU J 85 28.23 -18.92 32.58
C LEU J 85 26.71 -19.07 32.79
N PRO J 86 26.06 -18.13 33.52
CA PRO J 86 24.62 -18.19 33.79
C PRO J 86 23.71 -18.08 32.56
N TRP J 87 24.10 -17.26 31.58
CA TRP J 87 23.32 -17.07 30.32
C TRP J 87 23.26 -18.36 29.50
N ARG J 88 24.31 -19.19 29.57
CA ARG J 88 24.38 -20.47 28.82
C ARG J 88 23.51 -21.54 29.50
N PRO J 89 23.14 -22.64 28.81
CA PRO J 89 22.33 -23.72 29.39
C PRO J 89 22.84 -24.33 30.71
N SER J 90 21.91 -24.84 31.53
CA SER J 90 22.21 -25.42 32.83
C SER J 90 22.62 -26.86 32.71
N GLU J 91 21.96 -27.60 31.81
CA GLU J 91 22.31 -28.99 31.59
C GLU J 91 23.41 -29.00 30.54
N LYS J 92 24.56 -29.62 30.83
CA LYS J 92 25.72 -29.59 29.92
C LYS J 92 26.16 -28.14 29.84
N SER J 93 26.44 -27.61 31.02
CA SER J 93 26.73 -26.22 31.22
C SER J 93 28.08 -25.78 30.61
N VAL J 94 28.28 -24.49 30.60
CA VAL J 94 29.46 -23.87 30.03
C VAL J 94 30.17 -23.14 31.17
N ALA J 95 31.45 -23.36 31.29
CA ALA J 95 32.25 -22.70 32.31
C ALA J 95 33.38 -21.96 31.62
N ARG J 96 34.06 -21.08 32.34
CA ARG J 96 35.18 -20.35 31.80
C ARG J 96 36.30 -20.40 32.76
N VAL J 97 37.47 -20.15 32.21
CA VAL J 97 38.68 -19.92 32.98
C VAL J 97 39.40 -18.78 32.24
N ILE J 98 39.78 -17.74 32.99
CA ILE J 98 40.54 -16.63 32.42
C ILE J 98 42.00 -17.09 32.35
N CYS J 99 42.67 -16.74 31.25
CA CYS J 99 44.04 -17.17 31.00
C CYS J 99 45.04 -16.00 30.89
N ASP J 100 46.30 -16.31 31.17
CA ASP J 100 47.43 -15.42 30.96
C ASP J 100 48.05 -15.80 29.63
N VAL J 101 48.49 -14.81 28.84
CA VAL J 101 49.06 -15.07 27.52
C VAL J 101 50.57 -15.33 27.65
N TYR J 102 51.04 -16.42 27.03
CA TYR J 102 52.43 -16.83 27.08
C TYR J 102 52.99 -17.01 25.70
N THR J 103 54.30 -16.96 25.58
CA THR J 103 54.97 -17.23 24.32
C THR J 103 55.14 -18.75 24.22
N THR J 104 55.49 -19.25 23.04
CA THR J 104 55.75 -20.67 22.84
C THR J 104 56.92 -21.13 23.74
N LYS J 105 57.85 -20.20 24.09
CA LYS J 105 58.99 -20.51 24.98
C LYS J 105 58.59 -20.62 26.48
N GLY J 106 57.28 -20.54 26.78
CA GLY J 106 56.79 -20.67 28.14
C GLY J 106 57.03 -19.44 29.00
N LYS J 107 57.14 -18.26 28.37
CA LYS J 107 57.36 -17.01 29.10
C LYS J 107 56.16 -16.07 29.03
N PRO J 108 55.76 -15.40 30.12
CA PRO J 108 54.61 -14.46 30.02
C PRO J 108 54.81 -13.45 28.88
N PHE J 109 53.79 -13.26 28.05
CA PHE J 109 53.86 -12.33 26.94
C PHE J 109 53.93 -10.85 27.43
N GLU J 110 54.95 -10.11 26.97
CA GLU J 110 55.12 -8.70 27.32
C GLU J 110 53.92 -7.82 26.92
N GLY J 111 53.17 -8.23 25.90
CA GLY J 111 52.01 -7.48 25.43
C GLY J 111 50.69 -7.88 26.05
N ASP J 112 50.72 -8.77 27.08
CA ASP J 112 49.49 -9.23 27.74
C ASP J 112 48.98 -8.19 28.76
N PRO J 113 47.79 -7.58 28.58
CA PRO J 113 47.31 -6.60 29.58
C PRO J 113 47.17 -7.21 30.98
N ARG J 114 46.68 -8.48 31.06
CA ARG J 114 46.49 -9.10 32.37
C ARG J 114 47.81 -9.29 33.11
N GLY J 115 48.83 -9.81 32.40
CA GLY J 115 50.16 -10.00 32.94
C GLY J 115 50.79 -8.68 33.33
N CYS J 116 50.47 -7.63 32.58
CA CYS J 116 50.94 -6.30 32.89
C CYS J 116 50.46 -5.86 34.29
N LEU J 117 49.18 -6.08 34.61
CA LEU J 117 48.65 -5.74 35.95
C LEU J 117 49.20 -6.72 37.01
N LYS J 118 49.30 -8.02 36.71
CA LYS J 118 49.86 -8.98 37.66
C LYS J 118 51.27 -8.54 38.10
N ARG J 119 52.10 -8.13 37.15
CA ARG J 119 53.49 -7.77 37.38
C ARG J 119 53.63 -6.51 38.28
N VAL J 120 52.82 -5.46 38.05
CA VAL J 120 52.92 -4.29 38.94
C VAL J 120 52.41 -4.66 40.34
N MET J 121 51.40 -5.53 40.44
CA MET J 121 50.89 -5.95 41.74
C MET J 121 51.92 -6.81 42.47
N GLU J 122 52.63 -7.68 41.73
CA GLU J 122 53.67 -8.52 42.35
C GLU J 122 54.80 -7.66 42.85
N GLU J 123 55.18 -6.63 42.06
CA GLU J 123 56.24 -5.71 42.49
C GLU J 123 55.80 -4.90 43.69
N PHE J 124 54.53 -4.47 43.75
CA PHE J 124 54.04 -3.71 44.88
C PHE J 124 54.06 -4.58 46.15
N LYS J 125 53.67 -5.86 46.04
CA LYS J 125 53.72 -6.75 47.20
C LYS J 125 55.14 -7.02 47.64
N LYS J 126 56.05 -7.20 46.69
CA LYS J 126 57.44 -7.47 47.04
C LYS J 126 58.11 -6.25 47.71
N GLU J 127 57.86 -5.04 47.22
CA GLU J 127 58.52 -3.82 47.71
C GLU J 127 57.92 -3.24 48.99
N PHE J 128 56.59 -3.26 49.14
CA PHE J 128 55.92 -2.66 50.30
C PHE J 128 55.10 -3.62 51.11
N ASN J 129 54.95 -4.88 50.68
CA ASN J 129 53.99 -5.81 51.27
C ASN J 129 52.59 -5.21 51.18
N GLY J 130 52.30 -4.56 50.05
CA GLY J 130 51.04 -3.88 49.83
C GLY J 130 50.08 -4.61 48.91
N GLU J 131 48.79 -4.33 49.08
CA GLU J 131 47.70 -4.86 48.27
C GLU J 131 46.95 -3.68 47.67
N TYR J 132 46.51 -3.79 46.42
CA TYR J 132 45.81 -2.71 45.72
C TYR J 132 44.33 -3.11 45.50
N PHE J 133 43.42 -2.40 46.17
CA PHE J 133 41.99 -2.72 46.14
C PHE J 133 41.24 -1.70 45.29
N VAL J 134 40.41 -2.18 44.35
CA VAL J 134 39.63 -1.33 43.47
C VAL J 134 38.17 -1.72 43.48
N GLY J 135 37.29 -0.72 43.51
CA GLY J 135 35.84 -0.85 43.40
C GLY J 135 35.32 0.03 42.27
N PRO J 136 35.15 -0.53 41.06
CA PRO J 136 34.69 0.27 39.91
C PRO J 136 33.18 0.25 39.74
N GLU J 137 32.62 1.29 39.13
CA GLU J 137 31.17 1.41 38.95
C GLU J 137 30.86 1.65 37.48
N PRO J 138 30.90 0.58 36.66
CA PRO J 138 30.67 0.77 35.21
C PRO J 138 29.20 0.96 34.81
N GLU J 139 28.80 2.22 34.57
CA GLU J 139 27.42 2.51 34.19
C GLU J 139 27.18 2.07 32.74
N PHE J 140 25.92 1.89 32.36
CA PHE J 140 25.56 1.47 31.02
C PHE J 140 24.19 2.00 30.66
N PHE J 141 23.88 2.02 29.37
CA PHE J 141 22.57 2.34 28.85
C PHE J 141 21.93 1.06 28.33
N LEU J 142 20.63 0.98 28.44
CA LEU J 142 19.83 -0.06 27.81
C LEU J 142 19.16 0.64 26.65
N LEU J 143 19.21 0.03 25.46
CA LEU J 143 18.70 0.66 24.25
C LEU J 143 17.63 -0.17 23.59
N LYS J 144 16.79 0.52 22.83
CA LYS J 144 15.82 -0.14 21.98
C LYS J 144 15.82 0.60 20.64
N LYS J 145 15.23 -0.01 19.62
CA LYS J 145 15.19 0.60 18.31
C LYS J 145 14.22 1.76 18.30
N ASP J 146 14.58 2.79 17.54
CA ASP J 146 13.73 3.96 17.36
C ASP J 146 12.50 3.49 16.57
N PRO J 147 11.27 3.61 17.08
CA PRO J 147 10.11 3.17 16.30
C PRO J 147 9.95 3.94 14.97
N HIS J 148 10.51 5.17 14.89
CA HIS J 148 10.50 6.00 13.69
C HIS J 148 11.61 5.61 12.70
N ASN J 149 12.75 5.10 13.18
CA ASN J 149 13.80 4.59 12.31
C ASN J 149 14.43 3.33 12.90
N PRO J 150 14.17 2.14 12.34
CA PRO J 150 14.74 0.92 12.93
C PRO J 150 16.26 0.82 12.82
N HIS J 151 16.89 1.71 12.05
CA HIS J 151 18.35 1.70 11.92
C HIS J 151 19.04 2.43 13.09
N LYS J 152 18.27 3.20 13.92
CA LYS J 152 18.78 3.94 15.05
C LYS J 152 18.33 3.37 16.42
N TYR J 153 19.16 3.60 17.45
CA TYR J 153 18.87 3.17 18.83
C TYR J 153 18.57 4.37 19.73
N ILE J 154 17.61 4.20 20.64
CA ILE J 154 17.24 5.23 21.61
C ILE J 154 17.31 4.65 23.03
N PRO J 155 17.31 5.49 24.09
CA PRO J 155 17.25 4.94 25.46
C PRO J 155 16.00 4.08 25.67
N ALA J 156 16.14 2.97 26.44
CA ALA J 156 15.06 2.01 26.63
C ALA J 156 13.88 2.56 27.45
N ASP J 157 14.09 3.64 28.24
CA ASP J 157 12.97 4.23 28.99
C ASP J 157 13.24 5.71 29.19
N ASP J 158 12.31 6.44 29.84
CA ASP J 158 12.49 7.88 30.09
C ASP J 158 12.76 8.18 31.56
N GLY J 159 13.18 7.18 32.33
CA GLY J 159 13.39 7.37 33.76
C GLY J 159 14.66 8.11 34.09
N GLY J 160 14.79 8.41 35.37
CA GLY J 160 15.94 9.11 35.92
C GLY J 160 16.47 8.43 37.16
N TYR J 161 17.34 9.14 37.89
CA TYR J 161 18.05 8.62 39.04
C TYR J 161 17.14 8.03 40.10
N PHE J 162 17.37 6.75 40.46
CA PHE J 162 16.62 6.08 41.52
C PHE J 162 15.10 6.00 41.24
N ASP J 163 14.65 6.15 40.01
CA ASP J 163 13.22 6.11 39.74
C ASP J 163 12.61 4.72 39.97
N LEU J 164 11.32 4.70 40.30
CA LEU J 164 10.57 3.47 40.45
C LEU J 164 9.80 3.19 39.14
N GLU J 165 9.36 1.95 39.02
CA GLU J 165 8.51 1.51 37.94
C GLU J 165 7.18 2.23 38.12
N PRO J 166 6.41 2.47 37.04
CA PRO J 166 6.67 2.10 35.64
C PRO J 166 7.60 3.04 34.89
N MET J 167 8.00 4.18 35.47
CA MET J 167 8.90 5.12 34.81
C MET J 167 10.26 4.43 34.54
N ASP J 168 10.77 3.72 35.55
CA ASP J 168 11.94 2.86 35.45
C ASP J 168 11.40 1.55 34.88
N GLU J 169 11.79 1.20 33.66
CA GLU J 169 11.27 -0.03 33.03
C GLU J 169 12.22 -1.21 33.13
N ALA J 170 13.30 -1.10 33.90
CA ALA J 170 14.30 -2.15 33.95
C ALA J 170 14.38 -3.01 35.21
N PRO J 171 13.49 -2.98 36.21
CA PRO J 171 13.66 -3.92 37.35
C PRO J 171 13.84 -5.39 36.93
N ASP J 172 13.12 -5.88 35.93
CA ASP J 172 13.27 -7.26 35.48
C ASP J 172 14.67 -7.50 34.86
N ILE J 173 15.19 -6.53 34.09
CA ILE J 173 16.51 -6.68 33.50
C ILE J 173 17.56 -6.59 34.62
N ARG J 174 17.49 -5.56 35.48
CA ARG J 174 18.48 -5.41 36.54
C ARG J 174 18.46 -6.63 37.48
N ARG J 175 17.26 -7.15 37.78
CA ARG J 175 17.08 -8.40 38.55
C ARG J 175 17.86 -9.57 37.97
N ASP J 176 17.68 -9.86 36.67
CA ASP J 176 18.39 -10.94 36.00
C ASP J 176 19.88 -10.68 35.95
N ILE J 177 20.29 -9.39 35.79
CA ILE J 177 21.69 -9.04 35.82
C ILE J 177 22.29 -9.42 37.19
N VAL J 178 21.64 -9.02 38.28
CA VAL J 178 22.11 -9.34 39.63
C VAL J 178 22.22 -10.85 39.84
N PHE J 179 21.21 -11.62 39.42
CA PHE J 179 21.23 -13.08 39.59
C PHE J 179 22.41 -13.67 38.82
N ALA J 180 22.68 -13.18 37.61
CA ALA J 180 23.77 -13.69 36.79
C ALA J 180 25.12 -13.41 37.44
N LEU J 181 25.30 -12.17 37.94
CA LEU J 181 26.50 -11.77 38.61
C LEU J 181 26.71 -12.57 39.88
N GLU J 182 25.64 -12.90 40.62
CA GLU J 182 25.78 -13.73 41.82
C GLU J 182 26.20 -15.15 41.43
N ASN J 183 25.59 -15.73 40.43
CA ASN J 183 25.97 -17.06 39.94
C ASN J 183 27.41 -17.06 39.44
N LEU J 184 27.96 -15.89 39.01
CA LEU J 184 29.36 -15.79 38.58
C LEU J 184 30.30 -15.49 39.75
N GLY J 185 29.78 -15.46 40.96
CA GLY J 185 30.59 -15.24 42.15
C GLY J 185 30.74 -13.80 42.57
N PHE J 186 30.05 -12.86 41.94
CA PHE J 186 30.12 -11.46 42.37
C PHE J 186 29.39 -11.26 43.71
N HIS J 187 29.85 -10.29 44.50
CA HIS J 187 29.13 -9.86 45.66
C HIS J 187 28.46 -8.55 45.26
N VAL J 188 27.20 -8.62 44.82
CA VAL J 188 26.48 -7.43 44.35
C VAL J 188 26.07 -6.56 45.53
N GLU J 189 26.20 -5.24 45.38
CA GLU J 189 25.90 -4.34 46.47
C GLU J 189 24.57 -3.61 46.28
N ALA J 190 24.27 -3.17 45.04
CA ALA J 190 23.11 -2.34 44.79
C ALA J 190 22.84 -2.18 43.31
N SER J 191 21.58 -1.89 42.95
CA SER J 191 21.25 -1.64 41.56
C SER J 191 20.16 -0.61 41.50
N HIS J 192 20.21 0.24 40.48
CA HIS J 192 19.23 1.31 40.36
C HIS J 192 19.30 1.96 39.01
N HIS J 193 18.22 2.70 38.67
CA HIS J 193 18.20 3.51 37.48
C HIS J 193 19.15 4.68 37.73
N GLU J 194 19.92 5.08 36.70
CA GLU J 194 20.87 6.18 36.81
C GLU J 194 20.26 7.47 36.26
N VAL J 195 21.04 8.55 36.25
CA VAL J 195 20.51 9.87 35.90
C VAL J 195 19.82 9.95 34.52
N ALA J 196 20.42 9.40 33.46
CA ALA J 196 19.87 9.57 32.11
C ALA J 196 18.78 8.58 31.77
N PRO J 197 17.92 8.90 30.77
CA PRO J 197 16.95 7.90 30.30
C PRO J 197 17.64 6.61 29.90
N GLY J 198 17.10 5.46 30.28
CA GLY J 198 17.66 4.17 29.91
C GLY J 198 19.01 3.84 30.54
N GLN J 199 19.53 4.67 31.44
CA GLN J 199 20.84 4.41 32.06
C GLN J 199 20.68 3.69 33.40
N HIS J 200 21.62 2.80 33.74
CA HIS J 200 21.53 1.98 34.95
C HIS J 200 22.87 1.76 35.61
N GLU J 201 22.84 1.25 36.84
CA GLU J 201 24.03 0.95 37.58
C GLU J 201 23.82 -0.27 38.44
N VAL J 202 24.79 -1.20 38.43
CA VAL J 202 24.77 -2.41 39.28
C VAL J 202 26.13 -2.48 39.90
N ASP J 203 26.22 -2.17 41.21
CA ASP J 203 27.48 -2.11 41.95
C ASP J 203 27.82 -3.46 42.55
N PHE J 204 29.11 -3.76 42.59
CA PHE J 204 29.63 -5.00 43.16
C PHE J 204 30.78 -4.65 44.10
N LYS J 205 31.04 -5.53 45.07
CA LYS J 205 32.05 -5.27 46.06
C LYS J 205 33.48 -5.17 45.47
N PHE J 206 34.30 -4.27 46.04
CA PHE J 206 35.68 -4.11 45.63
C PHE J 206 36.46 -5.38 45.96
N ASP J 207 37.63 -5.53 45.31
CA ASP J 207 38.51 -6.65 45.57
C ASP J 207 39.89 -6.26 45.12
N ASP J 208 40.89 -7.19 45.15
CA ASP J 208 42.22 -6.83 44.65
C ASP J 208 42.11 -6.47 43.17
N ALA J 209 42.98 -5.60 42.68
CA ALA J 209 42.90 -5.09 41.30
C ALA J 209 42.76 -6.17 40.24
N LEU J 210 43.40 -7.34 40.43
CA LEU J 210 43.36 -8.37 39.40
C LEU J 210 41.97 -9.02 39.32
N LYS J 211 41.41 -9.40 40.46
CA LYS J 211 40.07 -9.99 40.53
C LYS J 211 39.04 -8.99 40.03
N THR J 212 39.22 -7.72 40.37
CA THR J 212 38.30 -6.67 39.94
C THR J 212 38.37 -6.45 38.45
N ALA J 213 39.60 -6.49 37.86
CA ALA J 213 39.74 -6.33 36.42
C ALA J 213 39.06 -7.51 35.71
N ASP J 214 39.23 -8.74 36.24
CA ASP J 214 38.57 -9.92 35.70
C ASP J 214 37.04 -9.74 35.77
N SER J 215 36.52 -9.21 36.89
CA SER J 215 35.10 -8.95 37.12
C SER J 215 34.55 -7.87 36.18
N VAL J 216 35.30 -6.80 35.93
CA VAL J 216 34.84 -5.76 34.99
C VAL J 216 34.63 -6.35 33.59
N ILE J 217 35.52 -7.23 33.12
CA ILE J 217 35.39 -7.84 31.81
C ILE J 217 34.14 -8.71 31.81
N THR J 218 34.00 -9.56 32.83
CA THR J 218 32.88 -10.49 32.95
C THR J 218 31.55 -9.76 33.08
N PHE J 219 31.56 -8.65 33.83
CA PHE J 219 30.40 -7.80 34.11
C PHE J 219 29.84 -7.23 32.80
N LYS J 220 30.70 -6.69 31.94
CA LYS J 220 30.26 -6.10 30.68
C LYS J 220 29.70 -7.19 29.74
N THR J 221 30.28 -8.39 29.77
CA THR J 221 29.71 -9.47 28.97
C THR J 221 28.36 -9.84 29.52
N THR J 222 28.24 -9.95 30.84
CA THR J 222 26.97 -10.30 31.48
C THR J 222 25.88 -9.30 31.13
N ILE J 223 26.15 -8.00 31.30
CA ILE J 223 25.11 -6.97 31.03
C ILE J 223 24.61 -7.05 29.58
N LYS J 224 25.54 -7.23 28.64
CA LYS J 224 25.25 -7.26 27.22
C LYS J 224 24.47 -8.51 26.80
N THR J 225 24.83 -9.68 27.32
CA THR J 225 24.09 -10.87 26.94
C THR J 225 22.72 -10.88 27.58
N ILE J 226 22.61 -10.47 28.84
CA ILE J 226 21.30 -10.48 29.58
C ILE J 226 20.32 -9.50 28.91
N ALA J 227 20.80 -8.30 28.54
CA ALA J 227 19.97 -7.30 27.87
C ALA J 227 19.44 -7.90 26.56
N GLU J 228 20.30 -8.61 25.82
CA GLU J 228 19.87 -9.24 24.54
C GLU J 228 18.71 -10.20 24.82
N GLN J 229 18.78 -10.97 25.91
CA GLN J 229 17.70 -11.91 26.24
C GLN J 229 16.39 -11.17 26.49
N HIS J 230 16.43 -9.91 26.94
CA HIS J 230 15.20 -9.13 27.13
C HIS J 230 14.86 -8.30 25.88
N GLY J 231 15.49 -8.59 24.74
CA GLY J 231 15.17 -7.91 23.51
C GLY J 231 15.71 -6.50 23.43
N LEU J 232 16.65 -6.16 24.31
CA LEU J 232 17.26 -4.82 24.36
C LEU J 232 18.76 -4.95 24.03
N LYS J 233 19.43 -3.83 23.88
CA LYS J 233 20.85 -3.81 23.62
C LYS J 233 21.51 -2.96 24.73
N ALA J 234 22.57 -3.45 25.36
CA ALA J 234 23.27 -2.64 26.37
C ALA J 234 24.51 -2.03 25.74
N THR J 235 24.84 -0.77 26.13
CA THR J 235 26.06 -0.17 25.65
C THR J 235 26.86 0.42 26.81
N PHE J 236 28.19 0.23 26.74
CA PHE J 236 29.12 0.86 27.68
C PHE J 236 29.85 2.06 26.98
N MET J 237 29.31 2.56 25.83
CA MET J 237 29.79 3.74 25.13
C MET J 237 29.77 4.93 26.14
N PRO J 238 30.88 5.68 26.33
CA PRO J 238 30.89 6.76 27.34
C PRO J 238 29.79 7.82 27.19
N LYS J 239 29.48 8.22 25.96
CA LYS J 239 28.51 9.26 25.73
C LYS J 239 27.70 8.93 24.49
N PRO J 240 26.70 8.03 24.59
CA PRO J 240 25.92 7.67 23.39
C PRO J 240 24.98 8.77 22.90
N PHE J 241 24.50 9.62 23.81
CA PHE J 241 23.52 10.64 23.47
C PHE J 241 23.93 12.01 23.96
N PHE J 242 23.87 12.99 23.06
CA PHE J 242 24.13 14.37 23.42
C PHE J 242 22.92 14.86 24.25
N GLY J 243 23.15 15.72 25.23
CA GLY J 243 22.05 16.28 26.01
C GLY J 243 21.66 15.52 27.25
N MET J 244 22.33 14.39 27.53
CA MET J 244 22.07 13.64 28.76
C MET J 244 23.36 13.06 29.25
N ASN J 245 23.39 12.61 30.51
CA ASN J 245 24.61 12.08 31.12
C ASN J 245 25.30 11.00 30.30
N GLY J 246 26.62 11.00 30.41
CA GLY J 246 27.42 9.94 29.88
C GLY J 246 27.54 8.87 30.94
N SER J 247 28.14 7.74 30.59
CA SER J 247 28.39 6.66 31.54
C SER J 247 29.85 6.70 31.98
N GLY J 248 30.08 6.79 33.27
CA GLY J 248 31.43 6.73 33.83
C GLY J 248 31.73 5.38 34.45
N MET J 249 32.97 5.18 34.85
CA MET J 249 33.37 4.00 35.61
C MET J 249 34.31 4.52 36.69
N HIS J 250 33.74 5.20 37.69
CA HIS J 250 34.49 5.74 38.82
C HIS J 250 35.22 4.60 39.51
N CYS J 251 36.48 4.81 39.84
CA CYS J 251 37.28 3.76 40.45
C CYS J 251 37.64 4.10 41.85
N HIS J 252 36.97 3.48 42.81
CA HIS J 252 37.28 3.65 44.22
C HIS J 252 38.47 2.78 44.46
N GLN J 253 39.48 3.30 45.13
CA GLN J 253 40.69 2.52 45.33
C GLN J 253 41.39 2.86 46.62
N SER J 254 42.16 1.89 47.14
CA SER J 254 42.92 2.04 48.37
C SER J 254 44.06 1.05 48.40
N ILE J 255 45.13 1.38 49.10
CA ILE J 255 46.25 0.45 49.26
C ILE J 255 46.33 0.05 50.73
N TRP J 256 46.55 -1.24 50.97
CA TRP J 256 46.64 -1.77 52.30
C TRP J 256 48.04 -2.31 52.50
N LEU J 257 48.81 -1.73 53.44
CA LEU J 257 50.15 -2.21 53.73
C LEU J 257 50.09 -3.09 54.97
N ASN J 258 50.73 -4.27 54.90
CA ASN J 258 50.79 -5.23 56.00
C ASN J 258 49.41 -5.56 56.58
N GLY J 259 48.42 -5.69 55.71
CA GLY J 259 47.06 -6.05 56.08
C GLY J 259 46.23 -4.94 56.72
N GLU J 260 46.73 -3.71 56.74
CA GLU J 260 45.99 -2.60 57.33
C GLU J 260 45.50 -1.56 56.32
N PRO J 261 44.37 -0.88 56.59
CA PRO J 261 43.91 0.16 55.65
C PRO J 261 44.73 1.44 55.83
N SER J 262 45.91 1.46 55.20
CA SER J 262 46.89 2.55 55.26
C SER J 262 46.36 3.93 54.89
N PHE J 263 45.22 4.02 54.19
CA PHE J 263 44.65 5.33 53.83
C PHE J 263 43.96 6.01 55.03
N TYR J 264 43.60 5.23 56.07
CA TYR J 264 42.91 5.72 57.26
C TYR J 264 43.91 6.10 58.37
N ASP J 265 43.73 7.28 58.95
CA ASP J 265 44.52 7.77 60.08
C ASP J 265 43.60 8.58 61.00
N GLU J 266 43.12 7.91 62.06
CA GLU J 266 42.19 8.46 63.06
C GLU J 266 42.52 9.88 63.53
N ASN J 267 43.80 10.20 63.73
CA ASN J 267 44.19 11.50 64.29
C ASN J 267 44.70 12.55 63.31
N ALA J 268 44.54 12.31 62.02
CA ALA J 268 45.01 13.23 60.99
C ALA J 268 43.87 14.13 60.48
N PRO J 269 44.18 15.23 59.74
CA PRO J 269 43.10 16.02 59.16
C PRO J 269 42.27 15.20 58.16
N TYR J 270 40.93 15.31 58.22
CA TYR J 270 39.99 14.55 57.39
C TYR J 270 40.06 13.04 57.69
N GLN J 271 40.86 12.64 58.70
CA GLN J 271 41.10 11.23 59.03
C GLN J 271 41.72 10.47 57.84
N LEU J 272 42.50 11.21 57.01
CA LEU J 272 43.22 10.65 55.88
C LEU J 272 44.69 10.65 56.22
N SER J 273 45.34 9.57 55.87
CA SER J 273 46.73 9.28 56.16
C SER J 273 47.70 10.09 55.29
N GLU J 274 48.99 10.09 55.64
CA GLU J 274 50.00 10.71 54.80
C GLU J 274 50.12 9.90 53.52
N THR J 275 50.06 8.55 53.61
CA THR J 275 50.15 7.67 52.45
C THR J 275 48.99 7.99 51.50
N CYS J 276 47.78 8.22 52.03
CA CYS J 276 46.63 8.57 51.22
C CYS J 276 46.90 9.86 50.46
N MET J 277 47.50 10.84 51.13
CA MET J 277 47.79 12.15 50.53
C MET J 277 48.90 12.02 49.49
N ASN J 278 49.91 11.18 49.77
CA ASN J 278 50.98 10.95 48.80
C ASN J 278 50.39 10.26 47.56
N TYR J 279 49.51 9.28 47.75
CA TYR J 279 48.87 8.57 46.64
C TYR J 279 48.01 9.51 45.79
N VAL J 280 47.15 10.32 46.44
CA VAL J 280 46.31 11.32 45.77
C VAL J 280 47.21 12.28 44.96
N ALA J 281 48.32 12.71 45.56
CA ALA J 281 49.28 13.58 44.89
C ALA J 281 49.85 12.94 43.61
N GLY J 282 50.12 11.63 43.64
CA GLY J 282 50.62 10.91 42.48
C GLY J 282 49.61 10.84 41.36
N ILE J 283 48.34 10.51 41.70
CA ILE J 283 47.26 10.46 40.71
C ILE J 283 47.07 11.84 40.07
N LEU J 284 47.04 12.91 40.88
CA LEU J 284 46.85 14.27 40.36
C LEU J 284 48.02 14.71 39.51
N LYS J 285 49.23 14.34 39.88
CA LYS J 285 50.41 14.67 39.07
C LYS J 285 50.32 14.02 37.65
N HIS J 286 49.86 12.76 37.56
CA HIS J 286 49.82 12.07 36.26
C HIS J 286 48.45 12.02 35.61
N ALA J 287 47.44 12.72 36.18
CA ALA J 287 46.08 12.68 35.65
C ALA J 287 45.96 12.93 34.12
N LYS J 288 46.69 13.94 33.60
CA LYS J 288 46.65 14.26 32.16
C LYS J 288 47.05 13.08 31.25
N ALA J 289 47.98 12.24 31.70
CA ALA J 289 48.41 11.06 30.94
C ALA J 289 47.54 9.85 31.29
N ILE J 290 47.09 9.73 32.56
CA ILE J 290 46.29 8.58 32.97
C ILE J 290 45.05 8.45 32.07
N VAL J 291 44.39 9.58 31.73
CA VAL J 291 43.18 9.55 30.93
C VAL J 291 43.38 9.00 29.52
N ALA J 292 44.63 8.95 28.97
CA ALA J 292 44.80 8.32 27.65
C ALA J 292 44.38 6.84 27.74
N ILE J 293 44.62 6.21 28.90
CA ILE J 293 44.32 4.81 29.15
C ILE J 293 42.92 4.64 29.75
N THR J 294 42.54 5.47 30.75
CA THR J 294 41.24 5.31 31.42
C THR J 294 40.07 5.86 30.59
N ASN J 295 40.37 6.69 29.58
CA ASN J 295 39.37 7.31 28.69
C ASN J 295 39.93 7.18 27.29
N PRO J 296 39.98 5.95 26.72
CA PRO J 296 40.75 5.73 25.49
C PRO J 296 40.04 5.83 24.16
N THR J 297 38.85 6.42 24.10
CA THR J 297 38.14 6.52 22.81
C THR J 297 37.93 8.00 22.48
N VAL J 298 37.55 8.29 21.24
CA VAL J 298 37.21 9.66 20.86
C VAL J 298 35.99 10.12 21.69
N ASN J 299 35.00 9.24 21.77
CA ASN J 299 33.73 9.54 22.44
C ASN J 299 33.92 9.80 23.94
N SER J 300 35.00 9.28 24.55
CA SER J 300 35.29 9.52 25.96
C SER J 300 35.33 11.01 26.29
N TYR J 301 35.81 11.81 25.34
CA TYR J 301 35.97 13.24 25.55
C TYR J 301 34.72 14.04 25.20
N LYS J 302 33.58 13.36 25.01
CA LYS J 302 32.27 14.01 24.88
C LYS J 302 31.57 13.92 26.26
N ARG J 303 32.07 13.08 27.17
CA ARG J 303 31.67 13.04 28.56
C ARG J 303 32.77 13.81 29.37
N LEU J 304 34.05 13.44 29.14
CA LEU J 304 35.18 14.05 29.82
C LEU J 304 35.53 15.26 28.99
N VAL J 305 34.69 16.29 29.06
CA VAL J 305 34.85 17.46 28.20
C VAL J 305 35.21 18.74 29.00
N PRO J 306 36.48 19.18 28.90
CA PRO J 306 36.88 20.43 29.58
C PRO J 306 35.99 21.62 29.21
N GLY J 307 35.72 22.46 30.21
CA GLY J 307 34.87 23.62 30.05
C GLY J 307 33.43 23.37 30.45
N TYR J 308 33.09 22.12 30.79
CA TYR J 308 31.73 21.76 31.14
C TYR J 308 31.70 20.99 32.48
N GLU J 309 30.50 20.60 32.92
CA GLU J 309 30.34 19.85 34.16
C GLU J 309 30.77 18.41 33.93
N ALA J 310 32.03 18.11 34.22
CA ALA J 310 32.59 16.78 33.98
C ALA J 310 33.76 16.53 34.97
N PRO J 311 34.21 15.27 35.15
CA PRO J 311 35.33 15.02 36.09
C PRO J 311 36.68 15.34 35.43
N VAL J 312 36.85 16.61 35.05
CA VAL J 312 37.98 17.11 34.27
C VAL J 312 38.95 17.97 35.07
N ASN J 313 38.50 18.55 36.18
CA ASN J 313 39.29 19.47 37.00
C ASN J 313 40.22 18.69 37.90
N ILE J 314 41.52 18.90 37.70
CA ILE J 314 42.56 18.19 38.43
C ILE J 314 42.74 18.76 39.84
N ALA J 315 41.92 18.23 40.75
CA ALA J 315 41.88 18.59 42.15
C ALA J 315 41.22 17.45 42.94
N TRP J 316 41.33 17.43 44.27
CA TRP J 316 40.58 16.44 45.07
C TRP J 316 39.69 17.19 46.07
N ALA J 317 38.64 16.53 46.55
CA ALA J 317 37.71 17.12 47.48
C ALA J 317 36.97 16.02 48.28
N ASN J 318 36.40 16.38 49.42
CA ASN J 318 35.66 15.47 50.29
C ASN J 318 34.15 15.54 50.00
N SER J 319 33.50 14.37 49.71
CA SER J 319 32.04 14.31 49.45
C SER J 319 31.54 15.40 48.44
N ASN J 320 32.38 15.70 47.46
CA ASN J 320 32.14 16.74 46.48
C ASN J 320 32.32 16.11 45.11
N ARG J 321 31.27 16.11 44.29
CA ARG J 321 31.36 15.43 42.99
C ARG J 321 31.77 16.36 41.83
N SER J 322 32.44 17.48 42.11
CA SER J 322 32.85 18.38 41.04
C SER J 322 34.37 18.31 40.72
N ALA J 323 35.14 17.44 41.44
CA ALA J 323 36.58 17.27 41.21
C ALA J 323 36.93 15.88 40.58
N ILE J 324 38.14 15.76 40.05
CA ILE J 324 38.53 14.49 39.42
C ILE J 324 38.67 13.36 40.48
N ILE J 325 38.94 13.74 41.76
CA ILE J 325 38.99 12.80 42.88
C ILE J 325 38.01 13.25 43.95
N ARG J 326 37.07 12.35 44.32
CA ARG J 326 36.20 12.57 45.48
C ARG J 326 36.66 11.57 46.54
N VAL J 327 36.70 11.99 47.81
CA VAL J 327 37.02 11.08 48.93
C VAL J 327 35.70 10.83 49.64
N PRO J 328 35.10 9.63 49.55
CA PRO J 328 33.78 9.42 50.20
C PRO J 328 33.83 9.64 51.71
N ALA J 329 32.68 9.94 52.33
CA ALA J 329 32.63 10.18 53.77
C ALA J 329 33.02 8.97 54.61
N ALA J 330 32.80 7.75 54.11
CA ALA J 330 33.14 6.53 54.86
C ALA J 330 34.60 6.51 55.34
N ARG J 331 34.85 5.99 56.56
CA ARG J 331 36.20 5.89 57.11
C ARG J 331 36.48 4.46 57.65
N GLY J 332 37.63 4.28 58.27
CA GLY J 332 38.05 2.96 58.75
C GLY J 332 38.49 2.14 57.56
N LYS J 333 38.00 0.91 57.46
CA LYS J 333 38.35 0.04 56.34
C LYS J 333 37.70 0.56 55.04
N GLY J 334 36.67 1.38 55.16
CA GLY J 334 36.01 1.92 53.96
C GLY J 334 36.68 3.19 53.48
N THR J 335 37.84 3.52 54.05
CA THR J 335 38.58 4.77 53.68
C THR J 335 39.22 4.59 52.31
N ARG J 336 38.81 5.39 51.34
CA ARG J 336 39.37 5.26 49.97
C ARG J 336 39.17 6.53 49.16
N ILE J 337 39.77 6.58 47.97
CA ILE J 337 39.64 7.73 47.04
C ILE J 337 38.88 7.25 45.79
N GLU J 338 38.03 8.12 45.24
CA GLU J 338 37.27 7.82 44.04
C GLU J 338 37.86 8.63 42.90
N PHE J 339 38.53 7.97 41.92
CA PHE J 339 39.03 8.62 40.71
C PHE J 339 37.83 8.59 39.76
N ARG J 340 37.26 9.79 39.47
CA ARG J 340 36.00 9.91 38.73
C ARG J 340 36.14 9.98 37.20
N ALA J 341 37.34 10.26 36.69
CA ALA J 341 37.50 10.36 35.25
C ALA J 341 37.20 9.11 34.44
N PRO J 342 37.58 7.87 34.86
CA PRO J 342 37.44 6.72 33.93
C PRO J 342 36.04 6.49 33.41
N ASP J 343 35.95 5.80 32.28
CA ASP J 343 34.67 5.43 31.70
C ASP J 343 34.76 3.94 31.32
N PRO J 344 33.61 3.25 31.10
CA PRO J 344 33.70 1.80 30.88
C PRO J 344 34.27 1.36 29.53
N SER J 345 34.78 2.29 28.68
CA SER J 345 35.45 1.88 27.45
C SER J 345 36.96 1.51 27.70
N CYS J 346 37.49 1.72 28.91
CA CYS J 346 38.90 1.40 29.19
C CYS J 346 39.18 -0.09 29.38
N ASN J 347 40.44 -0.48 29.21
CA ASN J 347 40.87 -1.85 29.47
C ASN J 347 41.17 -1.85 30.97
N PRO J 348 40.32 -2.47 31.82
CA PRO J 348 40.55 -2.37 33.28
C PRO J 348 41.93 -2.80 33.72
N TYR J 349 42.55 -3.80 33.05
CA TYR J 349 43.91 -4.23 33.41
C TYR J 349 44.91 -3.12 33.24
N LEU J 350 44.78 -2.33 32.15
CA LEU J 350 45.69 -1.23 31.88
C LEU J 350 45.33 -0.02 32.75
N ALA J 351 44.01 0.25 32.94
CA ALA J 351 43.55 1.36 33.78
C ALA J 351 44.07 1.20 35.22
N PHE J 352 43.95 -0.02 35.78
CA PHE J 352 44.38 -0.25 37.16
C PHE J 352 45.91 -0.16 37.28
N THR J 353 46.64 -0.59 36.24
CA THR J 353 48.10 -0.52 36.21
C THR J 353 48.57 0.93 36.31
N VAL J 354 48.01 1.84 35.48
CA VAL J 354 48.49 3.23 35.44
C VAL J 354 48.08 4.02 36.68
N MET J 355 46.91 3.72 37.25
CA MET J 355 46.49 4.39 38.46
C MET J 355 47.39 3.94 39.61
N LEU J 356 47.74 2.64 39.69
CA LEU J 356 48.62 2.19 40.77
C LEU J 356 50.03 2.74 40.60
N ALA J 357 50.54 2.72 39.35
CA ALA J 357 51.88 3.24 39.07
C ALA J 357 51.97 4.74 39.41
N ALA J 358 50.91 5.50 39.08
CA ALA J 358 50.88 6.94 39.35
C ALA J 358 50.78 7.21 40.84
N GLY J 359 49.93 6.47 41.56
CA GLY J 359 49.76 6.62 43.00
C GLY J 359 51.01 6.23 43.75
N LEU J 360 51.67 5.14 43.33
CA LEU J 360 52.90 4.74 43.98
C LEU J 360 54.04 5.70 43.64
N ASP J 361 53.99 6.43 42.52
CA ASP J 361 55.01 7.47 42.26
C ASP J 361 54.90 8.55 43.37
N GLY J 362 53.66 8.84 43.82
CA GLY J 362 53.40 9.77 44.90
C GLY J 362 53.85 9.21 46.23
N VAL J 363 53.62 7.91 46.48
CA VAL J 363 54.02 7.29 47.75
C VAL J 363 55.56 7.22 47.84
N LYS J 364 56.21 6.65 46.79
CA LYS J 364 57.64 6.49 46.76
C LYS J 364 58.39 7.80 46.95
N ASN J 365 57.89 8.90 46.34
CA ASN J 365 58.54 10.20 46.44
C ASN J 365 57.93 11.11 47.51
N LYS J 366 56.96 10.59 48.29
CA LYS J 366 56.30 11.37 49.35
C LYS J 366 55.84 12.75 48.85
N LEU J 367 55.08 12.76 47.74
CA LEU J 367 54.60 14.01 47.16
C LEU J 367 53.54 14.65 48.02
N ASP J 368 53.51 15.97 48.01
CA ASP J 368 52.55 16.73 48.79
C ASP J 368 51.30 16.91 47.99
N ALA J 369 50.18 16.54 48.56
CA ALA J 369 48.89 16.75 47.91
C ALA J 369 48.52 18.23 48.09
N PRO J 370 47.84 18.83 47.10
CA PRO J 370 47.33 20.20 47.29
C PRO J 370 46.20 20.21 48.32
N GLU J 371 45.71 21.39 48.68
CA GLU J 371 44.58 21.46 49.60
C GLU J 371 43.34 20.94 48.90
N PRO J 372 42.39 20.34 49.65
CA PRO J 372 41.13 19.94 48.99
C PRO J 372 40.36 21.18 48.53
N VAL J 373 39.48 21.03 47.54
CA VAL J 373 38.65 22.13 47.07
C VAL J 373 37.22 21.87 47.53
N GLU J 374 36.77 22.55 48.60
CA GLU J 374 35.45 22.29 49.14
C GLU J 374 34.30 23.04 48.41
N ARG J 375 34.64 23.89 47.44
CA ARG J 375 33.66 24.60 46.62
C ARG J 375 33.17 23.74 45.45
N ASN J 376 32.06 24.16 44.80
CA ASN J 376 31.59 23.52 43.58
C ASN J 376 32.51 24.08 42.47
N ILE J 377 33.42 23.26 41.95
CA ILE J 377 34.37 23.74 40.93
C ILE J 377 33.63 24.20 39.66
N PHE J 378 32.46 23.63 39.37
CA PHE J 378 31.70 24.03 38.18
C PHE J 378 31.14 25.46 38.30
N ALA J 379 31.09 26.01 39.53
CA ALA J 379 30.61 27.38 39.77
C ALA J 379 31.75 28.41 39.71
N MET J 380 33.01 27.96 39.54
CA MET J 380 34.15 28.87 39.47
C MET J 380 34.38 29.35 38.06
N SER J 381 34.92 30.55 37.91
CA SER J 381 35.29 31.08 36.61
C SER J 381 36.63 30.49 36.19
N GLU J 382 36.97 30.54 34.89
CA GLU J 382 38.24 30.03 34.39
C GLU J 382 39.43 30.75 35.04
N ALA J 383 39.37 32.08 35.21
CA ALA J 383 40.46 32.81 35.84
C ALA J 383 40.58 32.45 37.32
N GLU J 384 39.46 32.17 37.98
CA GLU J 384 39.44 31.78 39.41
C GLU J 384 40.10 30.40 39.59
N LYS J 385 39.91 29.49 38.62
CA LYS J 385 40.55 28.17 38.62
C LYS J 385 42.04 28.30 38.29
N LYS J 386 42.37 29.21 37.35
CA LYS J 386 43.76 29.47 36.95
C LYS J 386 44.55 29.97 38.16
N GLU J 387 43.96 30.89 38.94
CA GLU J 387 44.60 31.41 40.13
C GLU J 387 44.79 30.31 41.17
N LEU J 388 43.78 29.48 41.37
CA LEU J 388 43.87 28.38 42.33
C LEU J 388 44.77 27.22 41.85
N GLY J 389 45.22 27.25 40.60
CA GLY J 389 46.05 26.18 40.04
C GLY J 389 45.29 24.91 39.68
N ILE J 390 43.97 25.03 39.45
CA ILE J 390 43.17 23.88 39.08
C ILE J 390 43.23 23.73 37.56
N GLU J 391 44.00 22.73 37.08
CA GLU J 391 44.13 22.47 35.64
C GLU J 391 43.10 21.46 35.19
N SER J 392 42.94 21.31 33.87
CA SER J 392 42.03 20.35 33.30
C SER J 392 42.80 19.25 32.58
N VAL J 393 42.18 18.09 32.48
CA VAL J 393 42.72 16.96 31.72
C VAL J 393 42.68 17.33 30.23
N PRO J 394 43.43 16.62 29.36
CA PRO J 394 43.38 16.93 27.92
C PRO J 394 41.93 16.91 27.38
N ALA J 395 41.68 17.70 26.32
CA ALA J 395 40.31 17.88 25.77
C ALA J 395 39.89 16.85 24.74
N ASN J 396 40.83 16.00 24.25
CA ASN J 396 40.48 15.01 23.24
C ASN J 396 41.45 13.85 23.27
N LEU J 397 41.16 12.77 22.53
CA LEU J 397 41.98 11.56 22.58
C LEU J 397 43.43 11.83 22.18
N LYS J 398 43.64 12.58 21.08
CA LYS J 398 44.99 12.85 20.63
C LYS J 398 45.78 13.65 21.67
N ALA J 399 45.15 14.68 22.30
CA ALA J 399 45.85 15.48 23.30
C ALA J 399 46.24 14.59 24.48
N ALA J 400 45.40 13.57 24.83
CA ALA J 400 45.70 12.62 25.89
C ALA J 400 46.85 11.69 25.49
N LEU J 401 46.85 11.19 24.24
CA LEU J 401 47.94 10.32 23.74
C LEU J 401 49.26 11.07 23.81
N ASP J 402 49.28 12.37 23.49
CA ASP J 402 50.50 13.16 23.55
C ASP J 402 51.00 13.34 24.99
N GLU J 403 50.09 13.41 25.96
CA GLU J 403 50.48 13.45 27.35
C GLU J 403 51.09 12.10 27.75
N LEU J 404 50.44 10.99 27.37
CA LEU J 404 50.91 9.65 27.69
C LEU J 404 52.31 9.38 27.09
N GLU J 405 52.52 9.84 25.85
CA GLU J 405 53.78 9.65 25.14
C GLU J 405 54.93 10.31 25.91
N ASN J 406 54.66 11.39 26.68
CA ASN J 406 55.68 12.08 27.47
C ASN J 406 55.66 11.74 28.97
N ASN J 407 55.10 10.58 29.35
CA ASN J 407 55.04 10.20 30.76
C ASN J 407 55.86 8.92 30.96
N ASP J 408 57.03 9.06 31.58
CA ASP J 408 57.94 7.93 31.80
C ASP J 408 57.42 6.94 32.82
N VAL J 409 56.65 7.41 33.82
CA VAL J 409 56.10 6.52 34.84
C VAL J 409 55.10 5.57 34.21
N LEU J 410 54.19 6.08 33.36
CA LEU J 410 53.19 5.20 32.75
C LEU J 410 53.79 4.34 31.64
N LYS J 411 54.74 4.87 30.89
CA LYS J 411 55.42 4.06 29.86
C LYS J 411 56.12 2.85 30.52
N ASN J 412 56.76 3.07 31.67
CA ASN J 412 57.45 1.98 32.36
C ASN J 412 56.47 0.98 32.97
N ALA J 413 55.33 1.44 33.48
CA ALA J 413 54.34 0.54 34.06
C ALA J 413 53.70 -0.37 32.98
N LEU J 414 53.34 0.21 31.80
CA LEU J 414 52.74 -0.54 30.70
C LEU J 414 53.77 -1.41 29.99
N GLY J 415 55.02 -0.93 29.87
CA GLY J 415 56.06 -1.61 29.13
C GLY J 415 56.02 -1.21 27.66
N LYS J 416 57.16 -1.36 26.98
CA LYS J 416 57.32 -0.93 25.59
C LYS J 416 56.24 -1.46 24.65
N HIS J 417 56.00 -2.77 24.65
CA HIS J 417 55.06 -3.37 23.71
C HIS J 417 53.66 -2.79 23.83
N ILE J 418 53.04 -2.85 25.03
CA ILE J 418 51.67 -2.32 25.22
C ILE J 418 51.66 -0.81 24.93
N PHE J 419 52.61 -0.08 25.48
CA PHE J 419 52.66 1.38 25.30
C PHE J 419 52.72 1.79 23.79
N GLU J 420 53.65 1.22 23.03
CA GLU J 420 53.79 1.55 21.62
C GLU J 420 52.62 1.05 20.78
N SER J 421 52.07 -0.14 21.08
CA SER J 421 50.94 -0.68 20.33
C SER J 421 49.70 0.15 20.57
N PHE J 422 49.47 0.52 21.81
CA PHE J 422 48.32 1.35 22.18
C PHE J 422 48.41 2.71 21.43
N LEU J 423 49.55 3.37 21.48
CA LEU J 423 49.71 4.66 20.81
C LEU J 423 49.51 4.53 19.31
N GLU J 424 50.01 3.45 18.71
CA GLU J 424 49.85 3.22 17.27
C GLU J 424 48.38 2.99 16.92
N ILE J 425 47.71 2.10 17.65
CA ILE J 425 46.30 1.81 17.41
C ILE J 425 45.44 3.08 17.60
N LYS J 426 45.67 3.80 18.69
CA LYS J 426 44.84 4.96 18.99
C LYS J 426 45.14 6.13 18.10
N ASN J 427 46.37 6.23 17.55
CA ASN J 427 46.66 7.29 16.59
C ASN J 427 45.92 7.00 15.29
N ALA J 428 45.83 5.74 14.88
CA ALA J 428 45.09 5.39 13.66
C ALA J 428 43.55 5.61 13.88
N GLU J 429 43.07 5.35 15.09
CA GLU J 429 41.69 5.56 15.45
C GLU J 429 41.38 7.07 15.39
N TRP J 430 42.28 7.90 15.91
CA TRP J 430 42.15 9.35 15.86
C TRP J 430 42.16 9.84 14.42
N ASP J 431 43.08 9.30 13.58
CA ASP J 431 43.17 9.67 12.16
C ASP J 431 41.89 9.36 11.41
N SER J 432 41.28 8.23 11.77
CA SER J 432 40.01 7.83 11.15
C SER J 432 38.92 8.86 11.50
N PHE J 433 38.83 9.24 12.77
CA PHE J 433 37.83 10.21 13.21
C PHE J 433 38.08 11.58 12.58
N ARG J 434 39.33 12.07 12.60
CA ARG J 434 39.61 13.41 12.14
C ARG J 434 39.52 13.59 10.61
N THR J 435 39.55 12.50 9.83
CA THR J 435 39.39 12.59 8.36
C THR J 435 37.96 12.35 7.93
N SER J 436 37.08 11.87 8.81
CA SER J 436 35.70 11.60 8.45
C SER J 436 34.91 12.91 8.35
N VAL J 437 33.83 12.90 7.56
CA VAL J 437 32.93 14.03 7.47
C VAL J 437 31.71 13.66 8.34
N THR J 438 31.57 14.33 9.47
CA THR J 438 30.48 14.01 10.40
C THR J 438 29.15 14.64 10.05
N ASP J 439 28.07 14.12 10.68
CA ASP J 439 26.74 14.68 10.50
C ASP J 439 26.67 16.12 11.05
N TRP J 440 27.43 16.44 12.13
CA TRP J 440 27.42 17.80 12.70
C TRP J 440 27.85 18.80 11.61
N GLU J 441 28.90 18.42 10.86
CA GLU J 441 29.45 19.26 9.79
C GLU J 441 28.50 19.42 8.63
N THR J 442 27.83 18.34 8.20
CA THR J 442 26.84 18.42 7.13
C THR J 442 25.71 19.38 7.56
N THR J 443 25.23 19.26 8.80
CA THR J 443 24.14 20.11 9.29
C THR J 443 24.62 21.55 9.33
N ALA J 444 25.86 21.77 9.80
CA ALA J 444 26.37 23.12 9.97
C ALA J 444 26.73 23.80 8.69
N TYR J 445 27.31 23.07 7.72
CA TYR J 445 27.95 23.69 6.56
C TYR J 445 27.40 23.37 5.18
N LEU J 446 26.45 22.43 5.01
CA LEU J 446 26.00 22.17 3.65
C LEU J 446 25.38 23.39 2.99
N LYS J 447 24.77 24.27 3.78
CA LYS J 447 24.13 25.47 3.27
C LYS J 447 25.10 26.53 2.75
N ILE J 448 26.40 26.44 3.05
CA ILE J 448 27.30 27.52 2.64
C ILE J 448 27.63 27.51 1.12
N SER K 2 -39.98 -43.18 22.45
CA SER K 2 -41.30 -43.32 21.85
C SER K 2 -42.43 -42.99 22.87
N THR K 3 -42.14 -43.11 24.18
CA THR K 3 -43.06 -42.70 25.25
C THR K 3 -42.39 -41.54 26.03
N VAL K 4 -43.16 -40.74 26.76
CA VAL K 4 -42.65 -39.64 27.59
C VAL K 4 -41.63 -40.20 28.58
N GLU K 5 -41.95 -41.32 29.25
CA GLU K 5 -41.06 -41.90 30.24
C GLU K 5 -39.73 -42.29 29.66
N GLN K 6 -39.71 -42.89 28.45
CA GLN K 6 -38.46 -43.27 27.82
C GLN K 6 -37.63 -42.01 27.55
N VAL K 7 -38.28 -40.94 27.05
CA VAL K 7 -37.60 -39.66 26.82
C VAL K 7 -37.10 -39.05 28.16
N LEU K 8 -37.91 -39.07 29.23
CA LEU K 8 -37.49 -38.56 30.54
C LEU K 8 -36.32 -39.40 31.07
N GLU K 9 -36.35 -40.71 30.84
CA GLU K 9 -35.24 -41.56 31.23
C GLU K 9 -33.99 -41.17 30.42
N TYR K 10 -34.10 -40.96 29.12
CA TYR K 10 -32.91 -40.58 28.34
C TYR K 10 -32.35 -39.24 28.81
N VAL K 11 -33.19 -38.21 28.97
CA VAL K 11 -32.74 -36.93 29.52
C VAL K 11 -31.99 -37.15 30.84
N LYS K 12 -32.61 -37.93 31.76
CA LYS K 12 -32.06 -38.23 33.09
C LYS K 12 -30.71 -38.91 32.96
N SER K 13 -30.59 -39.83 32.00
CA SER K 13 -29.40 -40.64 31.93
C SER K 13 -28.28 -40.04 31.13
N ASN K 14 -28.48 -38.87 30.49
CA ASN K 14 -27.45 -38.27 29.63
C ASN K 14 -27.23 -36.79 29.82
N ASN K 15 -27.50 -36.26 31.00
CA ASN K 15 -27.29 -34.84 31.29
C ASN K 15 -27.75 -33.92 30.12
N VAL K 16 -28.96 -34.20 29.59
CA VAL K 16 -29.50 -33.37 28.54
C VAL K 16 -29.99 -32.08 29.24
N LYS K 17 -29.51 -30.93 28.78
CA LYS K 17 -29.87 -29.64 29.44
C LYS K 17 -30.86 -28.84 28.59
N PHE K 18 -30.89 -29.08 27.27
CA PHE K 18 -31.79 -28.33 26.42
C PHE K 18 -32.60 -29.28 25.54
N MET K 19 -33.89 -28.96 25.37
CA MET K 19 -34.77 -29.70 24.49
C MET K 19 -35.25 -28.74 23.40
N ARG K 20 -34.95 -29.02 22.13
CA ARG K 20 -35.44 -28.22 21.01
C ARG K 20 -36.83 -28.79 20.60
N PHE K 21 -37.83 -27.92 20.52
CA PHE K 21 -39.16 -28.30 20.01
C PHE K 21 -39.14 -27.91 18.53
N GLN K 22 -39.03 -28.89 17.65
CA GLN K 22 -38.82 -28.59 16.24
C GLN K 22 -40.04 -28.84 15.36
N PHE K 23 -40.17 -28.06 14.28
CA PHE K 23 -41.19 -28.25 13.27
C PHE K 23 -40.70 -27.61 11.96
N VAL K 24 -41.54 -27.54 10.91
CA VAL K 24 -41.13 -26.94 9.64
C VAL K 24 -42.22 -25.97 9.21
N ASP K 25 -41.83 -24.92 8.46
CA ASP K 25 -42.81 -24.05 7.86
C ASP K 25 -43.30 -24.70 6.54
N ILE K 26 -44.19 -24.02 5.79
CA ILE K 26 -44.74 -24.59 4.55
C ILE K 26 -43.62 -24.95 3.54
N LEU K 27 -42.51 -24.20 3.53
CA LEU K 27 -41.43 -24.46 2.58
C LEU K 27 -40.40 -25.49 3.03
N GLY K 28 -40.61 -26.09 4.20
CA GLY K 28 -39.75 -27.16 4.71
C GLY K 28 -38.57 -26.63 5.50
N VAL K 29 -38.59 -25.32 5.83
CA VAL K 29 -37.49 -24.72 6.59
C VAL K 29 -37.72 -25.09 8.04
N PRO K 30 -36.74 -25.76 8.69
CA PRO K 30 -36.95 -26.16 10.09
C PRO K 30 -36.99 -24.95 11.01
N LYS K 31 -37.81 -25.04 12.06
CA LYS K 31 -38.00 -24.00 13.06
C LYS K 31 -37.94 -24.66 14.43
N ASN K 32 -37.48 -23.92 15.44
CA ASN K 32 -37.46 -24.47 16.80
C ASN K 32 -37.33 -23.43 17.89
N VAL K 33 -37.74 -23.83 19.11
CA VAL K 33 -37.57 -23.07 20.34
C VAL K 33 -36.85 -24.04 21.31
N ALA K 34 -35.92 -23.56 22.13
CA ALA K 34 -35.20 -24.41 23.09
C ALA K 34 -35.79 -24.29 24.51
N PHE K 35 -36.07 -25.44 25.17
CA PHE K 35 -36.57 -25.48 26.54
C PHE K 35 -35.39 -25.91 27.45
N PRO K 36 -34.98 -25.07 28.44
CA PRO K 36 -33.88 -25.50 29.33
C PRO K 36 -34.40 -26.42 30.41
N ILE K 37 -33.84 -27.60 30.54
CA ILE K 37 -34.28 -28.58 31.53
C ILE K 37 -33.63 -28.29 32.89
N LYS K 38 -34.41 -28.14 33.95
CA LYS K 38 -33.85 -27.85 35.28
C LYS K 38 -33.41 -29.15 35.99
N ALA K 39 -32.59 -28.99 37.02
CA ALA K 39 -32.09 -30.11 37.82
C ALA K 39 -33.17 -30.73 38.69
N GLY K 40 -32.95 -31.99 39.09
CA GLY K 40 -33.81 -32.69 40.03
C GLY K 40 -35.12 -33.20 39.51
N GLU K 41 -35.95 -33.69 40.43
CA GLU K 41 -37.28 -34.21 40.14
C GLU K 41 -38.17 -33.09 39.65
N LYS K 42 -38.00 -31.88 40.20
CA LYS K 42 -38.78 -30.73 39.80
C LYS K 42 -38.55 -30.44 38.29
N GLY K 43 -37.31 -30.55 37.86
CA GLY K 43 -36.98 -30.35 36.46
C GLY K 43 -37.63 -31.39 35.57
N ILE K 44 -37.53 -32.68 35.94
CA ILE K 44 -38.11 -33.76 35.15
C ILE K 44 -39.63 -33.68 35.09
N GLU K 45 -40.27 -33.19 36.15
CA GLU K 45 -41.73 -33.04 36.12
C GLU K 45 -42.13 -31.86 35.26
N GLU K 46 -41.35 -30.79 35.24
CA GLU K 46 -41.63 -29.64 34.37
C GLU K 46 -41.45 -30.08 32.92
N LEU K 47 -40.40 -30.89 32.65
CA LEU K 47 -40.16 -31.37 31.29
C LEU K 47 -41.25 -32.37 30.85
N ARG K 48 -41.85 -33.09 31.81
CA ARG K 48 -42.93 -34.04 31.50
C ARG K 48 -44.14 -33.25 31.07
N ASP K 49 -44.44 -32.17 31.76
CA ASP K 49 -45.59 -31.36 31.44
C ASP K 49 -45.45 -30.75 30.06
N VAL K 50 -44.25 -30.27 29.73
CA VAL K 50 -44.03 -29.65 28.38
C VAL K 50 -44.10 -30.74 27.32
N LEU K 51 -43.57 -31.94 27.61
CA LEU K 51 -43.62 -33.03 26.62
C LEU K 51 -45.04 -33.58 26.46
N GLU K 52 -45.86 -33.58 27.52
CA GLU K 52 -47.20 -34.10 27.44
C GLU K 52 -48.16 -33.09 26.83
N ASN K 53 -48.04 -31.81 27.24
CA ASN K 53 -48.95 -30.75 26.83
C ASN K 53 -48.51 -29.81 25.72
N GLY K 54 -47.26 -29.84 25.33
CA GLY K 54 -46.77 -28.97 24.27
C GLY K 54 -46.54 -27.55 24.73
N LEU K 55 -46.23 -26.67 23.79
CA LEU K 55 -46.03 -25.25 24.12
C LEU K 55 -46.56 -24.34 23.01
N TYR K 56 -46.76 -23.07 23.34
CA TYR K 56 -47.35 -22.12 22.42
C TYR K 56 -46.34 -21.34 21.65
N PHE K 57 -46.72 -20.85 20.49
CA PHE K 57 -45.83 -20.01 19.69
C PHE K 57 -46.69 -19.13 18.78
N ASP K 58 -46.08 -18.16 18.12
CA ASP K 58 -46.78 -17.24 17.24
C ASP K 58 -46.81 -17.79 15.83
N GLY K 59 -47.96 -18.32 15.42
CA GLY K 59 -48.10 -18.89 14.09
C GLY K 59 -48.12 -17.86 12.99
N SER K 60 -48.29 -16.57 13.31
CA SER K 60 -48.23 -15.52 12.29
C SER K 60 -46.79 -15.13 11.93
N SER K 61 -45.79 -15.62 12.67
CA SER K 61 -44.38 -15.38 12.35
C SER K 61 -43.77 -16.58 11.59
N ILE K 62 -44.60 -17.58 11.19
CA ILE K 62 -44.16 -18.76 10.46
C ILE K 62 -44.81 -18.74 9.09
N GLU K 63 -44.02 -18.93 8.05
CA GLU K 63 -44.53 -18.90 6.69
C GLU K 63 -45.53 -20.05 6.37
N GLY K 64 -46.67 -19.67 5.78
CA GLY K 64 -47.74 -20.58 5.40
C GLY K 64 -48.64 -20.98 6.55
N PHE K 65 -48.49 -20.37 7.74
CA PHE K 65 -49.34 -20.74 8.88
C PHE K 65 -50.57 -19.84 9.01
N VAL K 66 -50.68 -18.99 10.05
CA VAL K 66 -51.91 -18.23 10.28
C VAL K 66 -51.70 -16.71 10.28
N GLY K 67 -52.80 -15.97 10.30
CA GLY K 67 -52.77 -14.51 10.33
C GLY K 67 -52.58 -13.98 11.73
N ILE K 68 -52.26 -12.70 11.83
CA ILE K 68 -51.95 -12.05 13.10
C ILE K 68 -53.09 -12.11 14.13
N ASN K 69 -54.36 -12.03 13.68
CA ASN K 69 -55.52 -11.99 14.59
C ASN K 69 -55.97 -13.36 15.16
N GLU K 70 -55.34 -14.44 14.73
CA GLU K 70 -55.65 -15.81 15.18
C GLU K 70 -54.28 -16.52 15.30
N SER K 71 -53.28 -15.84 15.89
CA SER K 71 -51.90 -16.27 15.83
C SER K 71 -51.41 -17.26 16.88
N ASP K 72 -52.08 -17.41 18.04
CA ASP K 72 -51.63 -18.38 19.06
C ASP K 72 -51.74 -19.81 18.51
N MET K 73 -50.63 -20.56 18.52
CA MET K 73 -50.63 -21.95 18.06
C MET K 73 -49.87 -22.83 19.03
N MET K 74 -49.95 -24.16 18.87
CA MET K 74 -49.26 -25.08 19.76
C MET K 74 -48.40 -26.10 19.04
N LEU K 75 -47.40 -26.63 19.75
CA LEU K 75 -46.55 -27.68 19.24
C LEU K 75 -46.79 -28.89 20.10
N LYS K 76 -47.08 -30.03 19.49
CA LYS K 76 -47.29 -31.26 20.21
C LYS K 76 -46.16 -32.19 19.87
N PRO K 77 -45.27 -32.47 20.83
CA PRO K 77 -44.14 -33.37 20.52
C PRO K 77 -44.56 -34.72 19.94
N ASP K 78 -43.80 -35.24 18.99
CA ASP K 78 -44.00 -36.62 18.53
C ASP K 78 -42.80 -37.29 19.20
N LEU K 79 -43.01 -38.16 20.18
CA LEU K 79 -41.90 -38.68 21.00
C LEU K 79 -41.06 -39.73 20.35
N SER K 80 -41.49 -40.24 19.19
CA SER K 80 -40.69 -41.22 18.49
C SER K 80 -39.55 -40.55 17.71
N THR K 81 -39.42 -39.17 17.78
CA THR K 81 -38.43 -38.40 17.04
C THR K 81 -37.26 -37.90 17.90
N PHE K 82 -37.19 -38.32 19.18
CA PHE K 82 -36.16 -37.87 20.10
C PHE K 82 -34.75 -38.13 19.57
N SER K 83 -33.89 -37.10 19.51
CA SER K 83 -32.49 -37.26 19.09
C SER K 83 -31.65 -36.28 19.86
N VAL K 84 -30.36 -36.64 20.04
CA VAL K 84 -29.37 -35.76 20.60
C VAL K 84 -28.63 -35.11 19.41
N LEU K 85 -28.40 -33.80 19.49
CA LEU K 85 -27.70 -33.05 18.42
C LEU K 85 -26.18 -33.24 18.57
N PRO K 86 -25.52 -33.94 17.62
CA PRO K 86 -24.08 -34.19 17.70
C PRO K 86 -23.20 -32.91 17.63
N TRP K 87 -23.60 -31.93 16.82
CA TRP K 87 -22.83 -30.66 16.68
C TRP K 87 -22.78 -29.88 18.00
N ARG K 88 -23.85 -29.93 18.80
CA ARG K 88 -23.91 -29.22 20.10
C ARG K 88 -23.06 -29.93 21.17
N PRO K 89 -22.69 -29.26 22.29
CA PRO K 89 -21.87 -29.85 23.35
C PRO K 89 -22.36 -31.19 23.94
N SER K 90 -21.42 -32.02 24.40
CA SER K 90 -21.65 -33.35 24.97
C SER K 90 -22.05 -33.24 26.41
N GLU K 91 -21.39 -32.35 27.17
CA GLU K 91 -21.70 -32.15 28.57
C GLU K 91 -22.85 -31.14 28.61
N LYS K 92 -23.97 -31.46 29.28
CA LYS K 92 -25.14 -30.57 29.28
C LYS K 92 -25.62 -30.49 27.82
N SER K 93 -25.91 -31.65 27.28
CA SER K 93 -26.21 -31.81 25.87
C SER K 93 -27.58 -31.26 25.44
N VAL K 94 -27.74 -31.19 24.12
CA VAL K 94 -28.90 -30.63 23.46
C VAL K 94 -29.63 -31.74 22.73
N ALA K 95 -30.91 -31.91 23.04
CA ALA K 95 -31.71 -32.89 22.38
C ALA K 95 -32.82 -32.20 21.60
N ARG K 96 -33.60 -32.97 20.84
CA ARG K 96 -34.70 -32.39 20.12
C ARG K 96 -35.88 -33.33 20.10
N VAL K 97 -37.05 -32.77 19.84
CA VAL K 97 -38.25 -33.56 19.64
C VAL K 97 -39.03 -32.84 18.52
N ILE K 98 -39.25 -33.51 17.38
CA ILE K 98 -40.04 -32.93 16.31
C ILE K 98 -41.53 -32.92 16.74
N CYS K 99 -42.22 -31.85 16.41
CA CYS K 99 -43.58 -31.61 16.85
C CYS K 99 -44.55 -31.51 15.70
N ASP K 100 -45.82 -31.79 16.01
CA ASP K 100 -46.95 -31.63 15.14
C ASP K 100 -47.57 -30.31 15.55
N VAL K 101 -48.03 -29.49 14.58
CA VAL K 101 -48.61 -28.19 14.88
C VAL K 101 -50.12 -28.34 15.16
N TYR K 102 -50.58 -27.75 16.25
CA TYR K 102 -51.96 -27.84 16.69
C TYR K 102 -52.55 -26.45 16.89
N THR K 103 -53.88 -26.36 16.86
CA THR K 103 -54.54 -25.12 17.15
C THR K 103 -54.67 -25.05 18.68
N THR K 104 -55.04 -23.88 19.19
CA THR K 104 -55.29 -23.69 20.62
C THR K 104 -56.42 -24.63 21.09
N LYS K 105 -57.37 -24.98 20.19
CA LYS K 105 -58.46 -25.88 20.54
C LYS K 105 -58.05 -27.37 20.61
N GLY K 106 -56.75 -27.66 20.48
CA GLY K 106 -56.26 -29.03 20.57
C GLY K 106 -56.51 -29.85 19.32
N LYS K 107 -56.65 -29.20 18.16
CA LYS K 107 -56.90 -29.89 16.90
C LYS K 107 -55.69 -29.79 15.94
N PRO K 108 -55.31 -30.87 15.22
CA PRO K 108 -54.17 -30.75 14.30
C PRO K 108 -54.38 -29.61 13.32
N PHE K 109 -53.35 -28.78 13.11
CA PHE K 109 -53.45 -27.65 12.21
C PHE K 109 -53.53 -28.12 10.74
N GLU K 110 -54.56 -27.65 10.00
CA GLU K 110 -54.75 -27.99 8.58
C GLU K 110 -53.57 -27.55 7.69
N GLY K 111 -52.83 -26.53 8.11
CA GLY K 111 -51.68 -26.04 7.36
C GLY K 111 -50.35 -26.67 7.71
N ASP K 112 -50.35 -27.69 8.60
CA ASP K 112 -49.12 -28.36 9.03
C ASP K 112 -48.62 -29.35 7.97
N PRO K 113 -47.44 -29.13 7.34
CA PRO K 113 -46.93 -30.12 6.38
C PRO K 113 -46.74 -31.52 6.97
N ARG K 114 -46.26 -31.63 8.22
CA ARG K 114 -46.04 -32.95 8.83
C ARG K 114 -47.35 -33.71 9.01
N GLY K 115 -48.37 -33.03 9.55
CA GLY K 115 -49.70 -33.61 9.74
C GLY K 115 -50.34 -33.97 8.42
N CYS K 116 -50.03 -33.20 7.38
CA CYS K 116 -50.51 -33.50 6.04
C CYS K 116 -50.00 -34.88 5.59
N LEU K 117 -48.70 -35.19 5.80
CA LEU K 117 -48.15 -36.51 5.41
C LEU K 117 -48.67 -37.62 6.37
N LYS K 118 -48.78 -37.34 7.68
CA LYS K 118 -49.33 -38.32 8.62
C LYS K 118 -50.72 -38.78 8.16
N ARG K 119 -51.56 -37.82 7.77
CA ARG K 119 -52.95 -38.08 7.42
C ARG K 119 -53.07 -38.97 6.17
N VAL K 120 -52.27 -38.71 5.10
CA VAL K 120 -52.34 -39.56 3.91
C VAL K 120 -51.81 -40.96 4.21
N MET K 121 -50.81 -41.05 5.09
CA MET K 121 -50.27 -42.35 5.48
C MET K 121 -51.26 -43.11 6.34
N GLU K 122 -51.97 -42.43 7.24
CA GLU K 122 -53.00 -43.07 8.06
C GLU K 122 -54.11 -43.60 7.17
N GLU K 123 -54.51 -42.80 6.15
CA GLU K 123 -55.56 -43.21 5.24
C GLU K 123 -55.11 -44.41 4.42
N PHE K 124 -53.85 -44.42 3.96
CA PHE K 124 -53.30 -45.53 3.17
C PHE K 124 -53.30 -46.82 4.01
N LYS K 125 -52.91 -46.73 5.29
CA LYS K 125 -52.91 -47.91 6.15
C LYS K 125 -54.32 -48.39 6.42
N LYS K 126 -55.27 -47.48 6.61
CA LYS K 126 -56.65 -47.88 6.89
C LYS K 126 -57.32 -48.53 5.66
N GLU K 127 -57.07 -48.00 4.46
CA GLU K 127 -57.70 -48.48 3.24
C GLU K 127 -57.05 -49.73 2.60
N PHE K 128 -55.74 -49.85 2.63
CA PHE K 128 -55.04 -50.98 2.00
C PHE K 128 -54.18 -51.80 2.96
N ASN K 129 -54.06 -51.39 4.21
CA ASN K 129 -53.10 -51.98 5.13
C ASN K 129 -51.69 -51.84 4.54
N GLY K 130 -51.42 -50.69 3.93
CA GLY K 130 -50.18 -50.42 3.25
C GLY K 130 -49.24 -49.50 3.99
N GLU K 131 -47.94 -49.63 3.68
CA GLU K 131 -46.88 -48.79 4.24
C GLU K 131 -46.15 -48.16 3.07
N TYR K 132 -45.76 -46.90 3.20
CA TYR K 132 -45.08 -46.18 2.15
C TYR K 132 -43.61 -45.96 2.57
N PHE K 133 -42.67 -46.57 1.82
CA PHE K 133 -41.24 -46.51 2.12
C PHE K 133 -40.53 -45.64 1.13
N VAL K 134 -39.71 -44.70 1.62
CA VAL K 134 -38.97 -43.76 0.77
C VAL K 134 -37.50 -43.74 1.18
N GLY K 135 -36.61 -43.74 0.17
CA GLY K 135 -35.16 -43.63 0.30
C GLY K 135 -34.68 -42.47 -0.55
N PRO K 136 -34.55 -41.26 0.04
CA PRO K 136 -34.14 -40.10 -0.76
C PRO K 136 -32.63 -39.90 -0.73
N GLU K 137 -32.08 -39.24 -1.76
CA GLU K 137 -30.63 -39.05 -1.88
C GLU K 137 -30.32 -37.58 -2.07
N PRO K 138 -30.45 -36.77 -0.99
CA PRO K 138 -30.22 -35.32 -1.12
C PRO K 138 -28.74 -34.92 -1.31
N GLU K 139 -28.35 -34.64 -2.56
CA GLU K 139 -26.98 -34.25 -2.87
C GLU K 139 -26.75 -32.81 -2.41
N PHE K 140 -25.50 -32.44 -2.21
CA PHE K 140 -25.15 -31.09 -1.77
C PHE K 140 -23.78 -30.71 -2.28
N PHE K 141 -23.49 -29.41 -2.28
CA PHE K 141 -22.18 -28.88 -2.60
C PHE K 141 -21.57 -28.37 -1.34
N LEU K 142 -20.24 -28.52 -1.25
CA LEU K 142 -19.43 -27.89 -0.22
C LEU K 142 -18.76 -26.72 -0.91
N LEU K 143 -18.82 -25.55 -0.28
CA LEU K 143 -18.31 -24.31 -0.89
C LEU K 143 -17.25 -23.65 -0.07
N LYS K 144 -16.41 -22.89 -0.74
CA LYS K 144 -15.41 -22.05 -0.08
C LYS K 144 -15.42 -20.70 -0.80
N LYS K 145 -14.84 -19.66 -0.17
CA LYS K 145 -14.83 -18.34 -0.79
C LYS K 145 -13.89 -18.31 -1.96
N ASP K 146 -14.28 -17.56 -2.99
CA ASP K 146 -13.45 -17.35 -4.17
C ASP K 146 -12.23 -16.54 -3.69
N PRO K 147 -10.99 -17.03 -3.85
CA PRO K 147 -9.83 -16.23 -3.39
C PRO K 147 -9.72 -14.89 -4.15
N HIS K 148 -10.28 -14.80 -5.36
CA HIS K 148 -10.29 -13.59 -6.16
C HIS K 148 -11.42 -12.62 -5.74
N ASN K 149 -12.56 -13.14 -5.24
CA ASN K 149 -13.61 -12.27 -4.70
C ASN K 149 -14.20 -12.90 -3.45
N PRO K 150 -13.93 -12.35 -2.26
CA PRO K 150 -14.47 -12.97 -1.03
C PRO K 150 -15.99 -12.89 -0.89
N HIS K 151 -16.66 -12.12 -1.76
CA HIS K 151 -18.11 -12.02 -1.75
C HIS K 151 -18.79 -13.19 -2.49
N LYS K 152 -18.00 -13.98 -3.27
CA LYS K 152 -18.52 -15.12 -4.04
C LYS K 152 -18.05 -16.47 -3.49
N TYR K 153 -18.85 -17.52 -3.73
CA TYR K 153 -18.54 -18.89 -3.33
C TYR K 153 -18.25 -19.77 -4.55
N ILE K 154 -17.28 -20.67 -4.39
CA ILE K 154 -16.91 -21.61 -5.45
C ILE K 154 -16.95 -23.01 -4.88
N PRO K 155 -16.98 -24.08 -5.73
CA PRO K 155 -16.92 -25.45 -5.19
C PRO K 155 -15.66 -25.65 -4.35
N ALA K 156 -15.77 -26.44 -3.28
CA ALA K 156 -14.69 -26.66 -2.34
C ALA K 156 -13.50 -27.45 -2.92
N ASP K 157 -13.68 -28.19 -4.01
CA ASP K 157 -12.57 -28.92 -4.64
C ASP K 157 -12.86 -29.10 -6.12
N ASP K 158 -11.93 -29.73 -6.85
CA ASP K 158 -12.10 -29.95 -8.29
C ASP K 158 -12.34 -31.43 -8.59
N GLY K 159 -12.76 -32.22 -7.61
CA GLY K 159 -12.97 -33.63 -7.82
C GLY K 159 -14.26 -33.94 -8.55
N GLY K 160 -14.39 -35.21 -8.89
CA GLY K 160 -15.53 -35.76 -9.61
C GLY K 160 -16.03 -37.02 -8.95
N TYR K 161 -16.91 -37.71 -9.66
CA TYR K 161 -17.61 -38.89 -9.14
C TYR K 161 -16.69 -39.96 -8.59
N PHE K 162 -16.91 -40.36 -7.33
CA PHE K 162 -16.15 -41.42 -6.67
C PHE K 162 -14.63 -41.14 -6.57
N ASP K 163 -14.20 -39.88 -6.74
CA ASP K 163 -12.77 -39.62 -6.70
C ASP K 163 -12.16 -39.87 -5.33
N LEU K 164 -10.87 -40.18 -5.30
CA LEU K 164 -10.10 -40.35 -4.07
C LEU K 164 -9.39 -39.04 -3.75
N GLU K 165 -8.91 -38.95 -2.52
CA GLU K 165 -8.03 -37.88 -2.07
C GLU K 165 -6.70 -38.02 -2.83
N PRO K 166 -5.92 -36.94 -3.03
CA PRO K 166 -6.19 -35.57 -2.63
C PRO K 166 -7.12 -34.80 -3.55
N MET K 167 -7.51 -35.34 -4.70
CA MET K 167 -8.45 -34.68 -5.62
C MET K 167 -9.81 -34.45 -4.91
N ASP K 168 -10.31 -35.48 -4.24
CA ASP K 168 -11.48 -35.39 -3.37
C ASP K 168 -10.94 -34.85 -2.03
N GLU K 169 -11.33 -33.64 -1.67
CA GLU K 169 -10.81 -33.02 -0.44
C GLU K 169 -11.76 -33.16 0.75
N ALA K 170 -12.83 -33.96 0.63
CA ALA K 170 -13.85 -34.03 1.69
C ALA K 170 -13.90 -35.32 2.53
N PRO K 171 -12.99 -36.29 2.49
CA PRO K 171 -13.13 -37.44 3.40
C PRO K 171 -13.34 -37.04 4.87
N ASP K 172 -12.61 -36.03 5.38
CA ASP K 172 -12.78 -35.61 6.78
C ASP K 172 -14.16 -35.05 7.05
N ILE K 173 -14.71 -34.27 6.09
CA ILE K 173 -16.05 -33.70 6.27
C ILE K 173 -17.08 -34.82 6.15
N ARG K 174 -17.02 -35.65 5.10
CA ARG K 174 -17.97 -36.74 4.93
C ARG K 174 -17.90 -37.71 6.13
N ARG K 175 -16.71 -37.96 6.66
CA ARG K 175 -16.49 -38.75 7.88
C ARG K 175 -17.29 -38.19 9.09
N ASP K 176 -17.14 -36.90 9.39
CA ASP K 176 -17.85 -36.27 10.49
C ASP K 176 -19.33 -36.21 10.25
N ILE K 177 -19.76 -36.04 8.99
CA ILE K 177 -21.20 -36.07 8.66
C ILE K 177 -21.77 -37.48 9.01
N VAL K 178 -21.09 -38.54 8.55
CA VAL K 178 -21.52 -39.91 8.84
C VAL K 178 -21.62 -40.15 10.33
N PHE K 179 -20.59 -39.75 11.10
CA PHE K 179 -20.60 -39.95 12.56
C PHE K 179 -21.78 -39.21 13.18
N ALA K 180 -22.08 -37.99 12.72
CA ALA K 180 -23.18 -37.19 13.25
C ALA K 180 -24.50 -37.83 12.93
N LEU K 181 -24.66 -38.36 11.72
CA LEU K 181 -25.91 -39.04 11.33
C LEU K 181 -26.11 -40.33 12.09
N GLU K 182 -25.03 -41.05 12.39
CA GLU K 182 -25.14 -42.25 13.19
C GLU K 182 -25.56 -41.89 14.62
N ASN K 183 -24.98 -40.83 15.17
CA ASN K 183 -25.36 -40.36 16.51
C ASN K 183 -26.81 -39.90 16.53
N LEU K 184 -27.33 -39.47 15.38
CA LEU K 184 -28.72 -39.06 15.27
C LEU K 184 -29.67 -40.24 15.04
N GLY K 185 -29.14 -41.46 14.94
CA GLY K 185 -29.94 -42.66 14.73
C GLY K 185 -30.15 -43.04 13.27
N PHE K 186 -29.44 -42.39 12.35
CA PHE K 186 -29.53 -42.77 10.94
C PHE K 186 -28.79 -44.09 10.73
N HIS K 187 -29.23 -44.86 9.73
CA HIS K 187 -28.50 -46.02 9.29
C HIS K 187 -27.84 -45.57 7.98
N VAL K 188 -26.59 -45.09 8.05
CA VAL K 188 -25.89 -44.59 6.86
C VAL K 188 -25.46 -45.77 5.98
N GLU K 189 -25.59 -45.61 4.65
CA GLU K 189 -25.28 -46.68 3.72
C GLU K 189 -23.97 -46.50 2.96
N ALA K 190 -23.66 -45.26 2.56
CA ALA K 190 -22.47 -44.98 1.74
C ALA K 190 -22.23 -43.49 1.61
N SER K 191 -20.98 -43.10 1.32
CA SER K 191 -20.68 -41.69 1.08
C SER K 191 -19.59 -41.60 0.05
N HIS K 192 -19.67 -40.57 -0.80
CA HIS K 192 -18.70 -40.43 -1.87
C HIS K 192 -18.82 -39.08 -2.50
N HIS K 193 -17.75 -38.69 -3.24
CA HIS K 193 -17.74 -37.46 -4.02
C HIS K 193 -18.72 -37.71 -5.20
N GLU K 194 -19.51 -36.69 -5.54
CA GLU K 194 -20.45 -36.76 -6.65
C GLU K 194 -19.84 -36.17 -7.92
N VAL K 195 -20.63 -36.11 -9.00
CA VAL K 195 -20.13 -35.73 -10.33
C VAL K 195 -19.45 -34.34 -10.40
N ALA K 196 -20.07 -33.32 -9.83
CA ALA K 196 -19.52 -31.98 -9.97
C ALA K 196 -18.42 -31.67 -8.98
N PRO K 197 -17.55 -30.67 -9.29
CA PRO K 197 -16.58 -30.20 -8.28
C PRO K 197 -17.28 -29.84 -6.94
N GLY K 198 -16.70 -30.24 -5.82
CA GLY K 198 -17.26 -29.91 -4.51
C GLY K 198 -18.59 -30.57 -4.16
N GLN K 199 -19.12 -31.44 -5.02
CA GLN K 199 -20.44 -32.05 -4.77
C GLN K 199 -20.27 -33.40 -4.09
N HIS K 200 -21.21 -33.77 -3.19
CA HIS K 200 -21.09 -35.01 -2.42
C HIS K 200 -22.43 -35.70 -2.20
N GLU K 201 -22.37 -36.95 -1.73
CA GLU K 201 -23.55 -37.71 -1.43
C GLU K 201 -23.30 -38.58 -0.22
N VAL K 202 -24.27 -38.61 0.72
CA VAL K 202 -24.22 -39.46 1.91
C VAL K 202 -25.60 -40.11 1.96
N ASP K 203 -25.65 -41.41 1.65
CA ASP K 203 -26.89 -42.15 1.58
C ASP K 203 -27.25 -42.78 2.91
N PHE K 204 -28.52 -42.81 3.21
CA PHE K 204 -29.03 -43.41 4.45
C PHE K 204 -30.17 -44.36 4.08
N LYS K 205 -30.42 -45.33 4.94
CA LYS K 205 -31.39 -46.36 4.65
C LYS K 205 -32.81 -45.78 4.55
N PHE K 206 -33.60 -46.34 3.64
CA PHE K 206 -34.99 -45.93 3.49
C PHE K 206 -35.78 -46.31 4.75
N ASP K 207 -36.93 -45.68 4.94
CA ASP K 207 -37.81 -45.99 6.05
C ASP K 207 -39.21 -45.55 5.69
N ASP K 208 -40.21 -45.61 6.62
CA ASP K 208 -41.54 -45.12 6.26
C ASP K 208 -41.45 -43.63 5.93
N ALA K 209 -42.34 -43.13 5.06
CA ALA K 209 -42.30 -41.76 4.58
C ALA K 209 -42.18 -40.71 5.68
N LEU K 210 -42.83 -40.91 6.85
CA LEU K 210 -42.81 -39.90 7.91
C LEU K 210 -41.44 -39.82 8.56
N LYS K 211 -40.84 -40.96 8.93
CA LYS K 211 -39.51 -41.01 9.51
C LYS K 211 -38.51 -40.47 8.51
N THR K 212 -38.67 -40.80 7.23
CA THR K 212 -37.74 -40.34 6.19
C THR K 212 -37.85 -38.84 6.00
N ALA K 213 -39.07 -38.28 6.07
CA ALA K 213 -39.23 -36.83 5.94
C ALA K 213 -38.56 -36.14 7.12
N ASP K 214 -38.71 -36.70 8.34
CA ASP K 214 -38.05 -36.19 9.54
C ASP K 214 -36.53 -36.23 9.37
N SER K 215 -36.02 -37.33 8.81
CA SER K 215 -34.59 -37.53 8.55
C SER K 215 -34.05 -36.58 7.49
N VAL K 216 -34.81 -36.29 6.42
CA VAL K 216 -34.37 -35.33 5.41
C VAL K 216 -34.14 -33.94 6.02
N ILE K 217 -35.05 -33.50 6.91
CA ILE K 217 -34.94 -32.19 7.54
C ILE K 217 -33.71 -32.17 8.43
N THR K 218 -33.54 -33.21 9.25
CA THR K 218 -32.40 -33.35 10.17
C THR K 218 -31.08 -33.43 9.41
N PHE K 219 -31.07 -34.20 8.31
CA PHE K 219 -29.92 -34.42 7.44
C PHE K 219 -29.39 -33.10 6.91
N LYS K 220 -30.28 -32.24 6.39
CA LYS K 220 -29.85 -30.95 5.83
C LYS K 220 -29.29 -29.99 6.90
N THR K 221 -29.80 -30.04 8.11
CA THR K 221 -29.26 -29.23 9.19
C THR K 221 -27.89 -29.78 9.57
N THR K 222 -27.73 -31.12 9.55
CA THR K 222 -26.47 -31.75 9.89
C THR K 222 -25.36 -31.38 8.91
N ILE K 223 -25.61 -31.52 7.62
CA ILE K 223 -24.54 -31.25 6.60
C ILE K 223 -24.05 -29.79 6.70
N LYS K 224 -24.98 -28.87 6.93
CA LYS K 224 -24.73 -27.46 7.00
C LYS K 224 -23.91 -27.05 8.21
N THR K 225 -24.24 -27.57 9.40
CA THR K 225 -23.50 -27.23 10.63
C THR K 225 -22.09 -27.86 10.61
N ILE K 226 -22.03 -29.13 10.21
CA ILE K 226 -20.74 -29.90 10.14
C ILE K 226 -19.81 -29.22 9.13
N ALA K 227 -20.35 -28.77 7.99
CA ALA K 227 -19.52 -28.14 6.98
C ALA K 227 -18.98 -26.83 7.55
N GLU K 228 -19.80 -26.09 8.29
CA GLU K 228 -19.38 -24.83 8.95
C GLU K 228 -18.24 -25.14 9.93
N GLN K 229 -18.35 -26.21 10.72
CA GLN K 229 -17.27 -26.56 11.65
C GLN K 229 -15.95 -26.77 10.92
N HIS K 230 -15.97 -27.18 9.62
CA HIS K 230 -14.74 -27.36 8.84
C HIS K 230 -14.38 -26.09 8.05
N GLY K 231 -15.01 -24.96 8.36
CA GLY K 231 -14.72 -23.71 7.67
C GLY K 231 -15.28 -23.63 6.25
N LEU K 232 -16.23 -24.50 5.92
CA LEU K 232 -16.84 -24.53 4.59
C LEU K 232 -18.31 -24.19 4.73
N LYS K 233 -19.01 -24.06 3.61
CA LYS K 233 -20.41 -23.78 3.60
C LYS K 233 -21.08 -24.87 2.73
N ALA K 234 -22.13 -25.54 3.22
CA ALA K 234 -22.86 -26.51 2.40
C ALA K 234 -24.08 -25.83 1.82
N THR K 235 -24.46 -26.25 0.61
CA THR K 235 -25.70 -25.75 0.01
C THR K 235 -26.48 -26.91 -0.66
N PHE K 236 -27.81 -26.88 -0.45
CA PHE K 236 -28.73 -27.80 -1.09
C PHE K 236 -29.47 -27.11 -2.25
N MET K 237 -28.95 -25.95 -2.72
CA MET K 237 -29.45 -25.23 -3.89
C MET K 237 -29.45 -26.20 -5.08
N PRO K 238 -30.57 -26.37 -5.81
CA PRO K 238 -30.58 -27.34 -6.94
C PRO K 238 -29.50 -27.16 -8.01
N LYS K 239 -29.20 -25.94 -8.38
CA LYS K 239 -28.24 -25.68 -9.45
C LYS K 239 -27.41 -24.46 -9.11
N PRO K 240 -26.42 -24.58 -8.20
CA PRO K 240 -25.65 -23.39 -7.81
C PRO K 240 -24.71 -22.87 -8.91
N PHE K 241 -24.25 -23.75 -9.81
CA PHE K 241 -23.28 -23.37 -10.82
C PHE K 241 -23.68 -23.82 -12.23
N PHE K 242 -23.60 -22.90 -13.20
CA PHE K 242 -23.87 -23.25 -14.59
C PHE K 242 -22.67 -24.10 -15.10
N GLY K 243 -22.92 -25.06 -15.98
CA GLY K 243 -21.84 -25.82 -16.59
C GLY K 243 -21.41 -27.05 -15.82
N MET K 244 -22.09 -27.36 -14.71
CA MET K 244 -21.81 -28.58 -13.95
C MET K 244 -23.09 -29.09 -13.38
N ASN K 245 -23.10 -30.36 -12.96
CA ASN K 245 -24.30 -31.00 -12.41
C ASN K 245 -24.98 -30.20 -11.30
N GLY K 246 -26.28 -30.30 -11.28
CA GLY K 246 -27.09 -29.79 -10.20
C GLY K 246 -27.20 -30.89 -9.17
N SER K 247 -27.81 -30.57 -8.02
CA SER K 247 -28.00 -31.52 -6.94
C SER K 247 -29.47 -31.97 -6.96
N GLY K 248 -29.69 -33.25 -7.09
CA GLY K 248 -31.02 -33.83 -7.07
C GLY K 248 -31.29 -34.48 -5.73
N MET K 249 -32.52 -34.91 -5.54
CA MET K 249 -32.93 -35.70 -4.39
C MET K 249 -33.83 -36.78 -4.93
N HIS K 250 -33.23 -37.76 -5.62
CA HIS K 250 -33.96 -38.91 -6.19
C HIS K 250 -34.67 -39.64 -5.07
N CYS K 251 -35.94 -40.01 -5.28
CA CYS K 251 -36.72 -40.63 -4.24
C CYS K 251 -37.01 -42.03 -4.64
N HIS K 252 -36.30 -42.98 -4.03
CA HIS K 252 -36.58 -44.40 -4.23
C HIS K 252 -37.76 -44.66 -3.34
N GLN K 253 -38.77 -45.34 -3.88
CA GLN K 253 -39.97 -45.56 -3.10
C GLN K 253 -40.66 -46.86 -3.46
N SER K 254 -41.37 -47.42 -2.50
CA SER K 254 -42.12 -48.66 -2.69
C SER K 254 -43.27 -48.73 -1.70
N ILE K 255 -44.32 -49.45 -2.04
CA ILE K 255 -45.42 -49.65 -1.10
C ILE K 255 -45.45 -51.13 -0.73
N TRP K 256 -45.65 -51.40 0.55
CA TRP K 256 -45.69 -52.76 1.05
C TRP K 256 -47.09 -53.01 1.60
N LEU K 257 -47.83 -53.94 1.02
CA LEU K 257 -49.17 -54.27 1.50
C LEU K 257 -49.07 -55.52 2.37
N ASN K 258 -49.69 -55.49 3.55
CA ASN K 258 -49.70 -56.62 4.48
C ASN K 258 -48.30 -57.14 4.80
N GLY K 259 -47.35 -56.22 4.96
CA GLY K 259 -45.99 -56.56 5.33
C GLY K 259 -45.12 -57.14 4.22
N GLU K 260 -45.63 -57.21 2.98
CA GLU K 260 -44.87 -57.78 1.87
C GLU K 260 -44.44 -56.76 0.83
N PRO K 261 -43.32 -56.99 0.12
CA PRO K 261 -42.90 -56.03 -0.93
C PRO K 261 -43.73 -56.21 -2.20
N SER K 262 -44.94 -55.62 -2.20
CA SER K 262 -45.92 -55.66 -3.29
C SER K 262 -45.45 -55.18 -4.66
N PHE K 263 -44.25 -54.55 -4.76
CA PHE K 263 -43.75 -54.11 -6.06
C PHE K 263 -43.03 -55.27 -6.76
N TYR K 264 -42.64 -56.32 -6.00
CA TYR K 264 -41.93 -57.48 -6.51
C TYR K 264 -42.88 -58.59 -6.90
N ASP K 265 -42.68 -59.15 -8.09
CA ASP K 265 -43.48 -60.26 -8.61
C ASP K 265 -42.56 -61.15 -9.43
N GLU K 266 -42.10 -62.21 -8.77
CA GLU K 266 -41.18 -63.20 -9.35
C GLU K 266 -41.58 -63.66 -10.77
N ASN K 267 -42.88 -63.85 -11.02
CA ASN K 267 -43.35 -64.37 -12.31
C ASN K 267 -43.90 -63.33 -13.30
N ALA K 268 -43.58 -62.05 -13.11
CA ALA K 268 -44.08 -61.00 -13.99
C ALA K 268 -42.99 -60.47 -14.89
N PRO K 269 -43.31 -59.78 -16.01
CA PRO K 269 -42.23 -59.17 -16.82
C PRO K 269 -41.40 -58.16 -16.00
N TYR K 270 -40.06 -58.22 -16.13
CA TYR K 270 -39.13 -57.40 -15.36
C TYR K 270 -39.19 -57.72 -13.85
N GLN K 271 -39.96 -58.74 -13.46
CA GLN K 271 -40.18 -59.11 -12.06
C GLN K 271 -40.80 -57.94 -11.30
N LEU K 272 -41.63 -57.12 -11.99
CA LEU K 272 -42.34 -55.98 -11.40
C LEU K 272 -43.83 -56.31 -11.41
N SER K 273 -44.46 -56.14 -10.25
CA SER K 273 -45.90 -56.47 -10.02
C SER K 273 -46.82 -55.45 -10.69
N GLU K 274 -48.09 -55.85 -10.85
CA GLU K 274 -49.12 -55.03 -11.45
C GLU K 274 -49.29 -53.77 -10.60
N THR K 275 -49.27 -53.93 -9.25
CA THR K 275 -49.35 -52.80 -8.30
C THR K 275 -48.24 -51.80 -8.60
N CYS K 276 -47.04 -52.30 -8.94
CA CYS K 276 -45.90 -51.46 -9.23
C CYS K 276 -46.16 -50.63 -10.47
N MET K 277 -46.69 -51.30 -11.51
CA MET K 277 -47.00 -50.67 -12.79
C MET K 277 -48.14 -49.69 -12.62
N ASN K 278 -49.12 -50.00 -11.78
CA ASN K 278 -50.23 -49.06 -11.54
C ASN K 278 -49.71 -47.82 -10.85
N TYR K 279 -48.80 -47.99 -9.86
CA TYR K 279 -48.19 -46.90 -9.13
C TYR K 279 -47.33 -46.00 -10.07
N VAL K 280 -46.46 -46.63 -10.90
CA VAL K 280 -45.65 -45.92 -11.90
C VAL K 280 -46.57 -45.12 -12.82
N ALA K 281 -47.70 -45.72 -13.24
CA ALA K 281 -48.66 -45.06 -14.10
C ALA K 281 -49.26 -43.81 -13.42
N GLY K 282 -49.50 -43.87 -12.11
CA GLY K 282 -50.02 -42.73 -11.36
C GLY K 282 -49.02 -41.58 -11.26
N ILE K 283 -47.75 -41.90 -10.97
CA ILE K 283 -46.69 -40.89 -10.90
C ILE K 283 -46.53 -40.24 -12.28
N LEU K 284 -46.50 -41.04 -13.37
CA LEU K 284 -46.32 -40.50 -14.71
C LEU K 284 -47.51 -39.63 -15.11
N LYS K 285 -48.71 -40.03 -14.73
CA LYS K 285 -49.90 -39.23 -15.04
C LYS K 285 -49.82 -37.82 -14.38
N HIS K 286 -49.36 -37.73 -13.14
CA HIS K 286 -49.37 -36.47 -12.42
C HIS K 286 -48.02 -35.79 -12.38
N ALA K 287 -47.00 -36.32 -13.09
CA ALA K 287 -45.64 -35.79 -13.04
C ALA K 287 -45.54 -34.27 -13.26
N LYS K 288 -46.29 -33.72 -14.23
CA LYS K 288 -46.27 -32.28 -14.53
C LYS K 288 -46.68 -31.40 -13.33
N ALA K 289 -47.61 -31.87 -12.49
CA ALA K 289 -48.05 -31.15 -11.30
C ALA K 289 -47.19 -31.51 -10.10
N ILE K 290 -46.71 -32.77 -10.01
CA ILE K 290 -45.88 -33.18 -8.87
C ILE K 290 -44.67 -32.28 -8.70
N VAL K 291 -44.02 -31.90 -9.83
CA VAL K 291 -42.82 -31.07 -9.78
C VAL K 291 -43.05 -29.68 -9.20
N ALA K 292 -44.30 -29.17 -9.14
CA ALA K 292 -44.50 -27.86 -8.49
C ALA K 292 -44.04 -27.95 -7.02
N ILE K 293 -44.27 -29.14 -6.40
CA ILE K 293 -43.95 -29.40 -5.02
C ILE K 293 -42.55 -29.97 -4.86
N THR K 294 -42.15 -30.94 -5.71
CA THR K 294 -40.85 -31.59 -5.56
C THR K 294 -39.68 -30.71 -6.07
N ASN K 295 -39.98 -29.68 -6.86
CA ASN K 295 -38.99 -28.82 -7.49
C ASN K 295 -39.54 -27.39 -7.35
N PRO K 296 -39.65 -26.87 -6.09
CA PRO K 296 -40.46 -25.65 -5.84
C PRO K 296 -39.78 -24.32 -5.93
N THR K 297 -38.59 -24.24 -6.52
CA THR K 297 -37.89 -22.97 -6.62
C THR K 297 -37.72 -22.59 -8.08
N VAL K 298 -37.35 -21.35 -8.33
CA VAL K 298 -37.02 -20.93 -9.69
C VAL K 298 -35.78 -21.73 -10.18
N ASN K 299 -34.78 -21.84 -9.31
CA ASN K 299 -33.51 -22.49 -9.61
C ASN K 299 -33.65 -23.98 -9.89
N SER K 300 -34.74 -24.60 -9.38
CA SER K 300 -35.06 -26.01 -9.65
C SER K 300 -35.10 -26.32 -11.13
N TYR K 301 -35.55 -25.36 -11.94
CA TYR K 301 -35.71 -25.54 -13.38
C TYR K 301 -34.47 -25.13 -14.18
N LYS K 302 -33.34 -24.95 -13.50
CA LYS K 302 -32.04 -24.77 -14.16
C LYS K 302 -31.31 -26.16 -14.12
N ARG K 303 -31.80 -27.10 -13.29
CA ARG K 303 -31.35 -28.49 -13.26
C ARG K 303 -32.46 -29.31 -14.01
N LEU K 304 -33.71 -29.11 -13.64
CA LEU K 304 -34.85 -29.78 -14.28
C LEU K 304 -35.22 -28.94 -15.48
N VAL K 305 -34.39 -28.98 -16.52
CA VAL K 305 -34.56 -28.08 -17.66
C VAL K 305 -34.91 -28.85 -18.97
N PRO K 306 -36.19 -28.77 -19.40
CA PRO K 306 -36.57 -29.44 -20.64
C PRO K 306 -35.69 -29.04 -21.83
N GLY K 307 -35.42 -30.02 -22.69
CA GLY K 307 -34.60 -29.83 -23.87
C GLY K 307 -33.17 -30.23 -23.64
N TYR K 308 -32.81 -30.59 -22.39
CA TYR K 308 -31.42 -30.93 -22.06
C TYR K 308 -31.35 -32.27 -21.33
N GLU K 309 -30.14 -32.68 -20.94
CA GLU K 309 -29.96 -33.94 -20.20
C GLU K 309 -30.38 -33.72 -18.75
N ALA K 310 -31.64 -34.05 -18.44
CA ALA K 310 -32.20 -33.84 -17.12
C ALA K 310 -33.34 -34.84 -16.88
N PRO K 311 -33.78 -35.06 -15.61
CA PRO K 311 -34.88 -36.02 -15.39
C PRO K 311 -36.23 -35.36 -15.68
N VAL K 312 -36.43 -34.96 -16.95
CA VAL K 312 -37.58 -34.19 -17.44
C VAL K 312 -38.54 -35.00 -18.32
N ASN K 313 -38.07 -36.09 -18.92
CA ASN K 313 -38.85 -36.89 -19.85
C ASN K 313 -39.77 -37.82 -19.09
N ILE K 314 -41.06 -37.64 -19.28
CA ILE K 314 -42.09 -38.41 -18.61
C ILE K 314 -42.23 -39.82 -19.21
N ALA K 315 -41.41 -40.73 -18.69
CA ALA K 315 -41.36 -42.13 -19.08
C ALA K 315 -40.64 -42.92 -17.95
N TRP K 316 -40.72 -44.26 -17.97
CA TRP K 316 -39.97 -45.06 -17.00
C TRP K 316 -39.06 -46.02 -17.78
N ALA K 317 -38.02 -46.50 -17.11
CA ALA K 317 -37.08 -47.42 -17.75
C ALA K 317 -36.32 -48.21 -16.68
N ASN K 318 -35.72 -49.35 -17.07
CA ASN K 318 -34.95 -50.22 -16.18
C ASN K 318 -33.45 -49.90 -16.26
N SER K 319 -32.80 -49.62 -15.08
CA SER K 319 -31.35 -49.34 -15.04
C SER K 319 -30.93 -48.28 -16.08
N ASN K 320 -31.78 -47.30 -16.34
CA ASN K 320 -31.58 -46.28 -17.37
C ASN K 320 -31.80 -44.94 -16.71
N ARG K 321 -30.75 -44.11 -16.66
CA ARG K 321 -30.85 -42.84 -15.95
C ARG K 321 -31.25 -41.68 -16.87
N SER K 322 -31.90 -41.95 -18.01
CA SER K 322 -32.34 -40.87 -18.90
C SER K 322 -33.87 -40.59 -18.82
N ALA K 323 -34.61 -41.34 -17.97
CA ALA K 323 -36.06 -41.16 -17.79
C ALA K 323 -36.38 -40.50 -16.42
N ILE K 324 -37.64 -40.01 -16.23
CA ILE K 324 -38.02 -39.41 -14.94
C ILE K 324 -38.13 -40.48 -13.84
N ILE K 325 -38.40 -41.75 -14.22
CA ILE K 325 -38.43 -42.89 -13.30
C ILE K 325 -37.41 -43.94 -13.79
N ARG K 326 -36.43 -44.31 -12.92
CA ARG K 326 -35.54 -45.45 -13.20
C ARG K 326 -35.98 -46.56 -12.24
N VAL K 327 -35.92 -47.82 -12.67
CA VAL K 327 -36.24 -48.96 -11.80
C VAL K 327 -34.92 -49.67 -11.56
N PRO K 328 -34.32 -49.56 -10.35
CA PRO K 328 -32.99 -50.18 -10.15
C PRO K 328 -33.01 -51.68 -10.39
N ALA K 329 -31.85 -52.28 -10.72
CA ALA K 329 -31.76 -53.72 -11.00
C ALA K 329 -32.13 -54.58 -9.79
N ALA K 330 -31.91 -54.11 -8.57
CA ALA K 330 -32.23 -54.89 -7.37
C ALA K 330 -33.70 -55.38 -7.34
N ARG K 331 -33.91 -56.61 -6.84
CA ARG K 331 -35.24 -57.20 -6.74
C ARG K 331 -35.51 -57.76 -5.33
N GLY K 332 -36.63 -58.43 -5.15
CA GLY K 332 -37.01 -58.93 -3.84
C GLY K 332 -37.48 -57.79 -2.98
N LYS K 333 -37.00 -57.75 -1.73
CA LYS K 333 -37.38 -56.68 -0.75
C LYS K 333 -36.82 -55.34 -1.21
N GLY K 334 -35.93 -55.34 -2.21
CA GLY K 334 -35.34 -54.09 -2.71
C GLY K 334 -35.93 -53.64 -4.02
N THR K 335 -37.10 -54.16 -4.39
CA THR K 335 -37.76 -53.76 -5.65
C THR K 335 -38.39 -52.39 -5.43
N ARG K 336 -37.98 -51.40 -6.19
CA ARG K 336 -38.56 -50.05 -6.00
C ARG K 336 -38.46 -49.22 -7.28
N ILE K 337 -39.04 -48.03 -7.24
CA ILE K 337 -39.03 -47.07 -8.37
C ILE K 337 -38.30 -45.82 -7.92
N GLU K 338 -37.42 -45.29 -8.76
CA GLU K 338 -36.67 -44.08 -8.44
C GLU K 338 -37.27 -42.89 -9.18
N PHE K 339 -37.96 -42.00 -8.47
CA PHE K 339 -38.49 -40.80 -9.09
C PHE K 339 -37.31 -39.83 -9.05
N ARG K 340 -36.73 -39.53 -10.22
CA ARG K 340 -35.50 -38.76 -10.33
C ARG K 340 -35.64 -37.24 -10.38
N ALA K 341 -36.84 -36.70 -10.65
CA ALA K 341 -37.03 -35.25 -10.72
C ALA K 341 -36.79 -34.45 -9.43
N PRO K 342 -37.13 -34.93 -8.19
CA PRO K 342 -37.02 -34.04 -7.01
C PRO K 342 -35.63 -33.50 -6.75
N ASP K 343 -35.57 -32.38 -6.02
CA ASP K 343 -34.31 -31.71 -5.67
C ASP K 343 -34.38 -31.40 -4.18
N PRO K 344 -33.22 -31.21 -3.50
CA PRO K 344 -33.30 -31.04 -2.05
C PRO K 344 -33.89 -29.70 -1.57
N SER K 345 -34.44 -28.85 -2.49
CA SER K 345 -35.12 -27.63 -2.07
C SER K 345 -36.62 -27.90 -1.70
N CYS K 346 -37.14 -29.12 -1.92
CA CYS K 346 -38.53 -29.45 -1.61
C CYS K 346 -38.80 -29.66 -0.13
N ASN K 347 -40.08 -29.50 0.28
CA ASN K 347 -40.51 -29.82 1.64
C ASN K 347 -40.79 -31.32 1.60
N PRO K 348 -39.93 -32.17 2.20
CA PRO K 348 -40.12 -33.63 2.07
C PRO K 348 -41.51 -34.10 2.49
N TYR K 349 -42.13 -33.46 3.50
CA TYR K 349 -43.47 -33.87 3.93
C TYR K 349 -44.48 -33.68 2.81
N LEU K 350 -44.36 -32.57 2.05
CA LEU K 350 -45.28 -32.30 0.95
C LEU K 350 -44.91 -33.13 -0.25
N ALA K 351 -43.60 -33.27 -0.54
CA ALA K 351 -43.11 -34.09 -1.67
C ALA K 351 -43.62 -35.54 -1.53
N PHE K 352 -43.48 -36.15 -0.34
CA PHE K 352 -43.88 -37.53 -0.15
C PHE K 352 -45.40 -37.69 -0.22
N THR K 353 -46.15 -36.67 0.23
CA THR K 353 -47.61 -36.65 0.18
C THR K 353 -48.07 -36.72 -1.27
N VAL K 354 -47.55 -35.85 -2.16
CA VAL K 354 -48.02 -35.81 -3.55
C VAL K 354 -47.59 -37.03 -4.36
N MET K 355 -46.40 -37.59 -4.08
CA MET K 355 -45.95 -38.77 -4.78
C MET K 355 -46.80 -39.95 -4.35
N LEU K 356 -47.14 -40.08 -3.06
CA LEU K 356 -48.00 -41.18 -2.64
C LEU K 356 -49.42 -41.01 -3.20
N ALA K 357 -49.97 -39.79 -3.13
CA ALA K 357 -51.30 -39.50 -3.63
C ALA K 357 -51.41 -39.82 -5.14
N ALA K 358 -50.38 -39.48 -5.91
CA ALA K 358 -50.36 -39.74 -7.34
C ALA K 358 -50.21 -41.22 -7.62
N GLY K 359 -49.31 -41.90 -6.91
CA GLY K 359 -49.12 -43.33 -7.10
C GLY K 359 -50.37 -44.12 -6.71
N LEU K 360 -51.03 -43.74 -5.61
CA LEU K 360 -52.26 -44.41 -5.21
C LEU K 360 -53.42 -44.08 -6.14
N ASP K 361 -53.39 -42.95 -6.87
CA ASP K 361 -54.40 -42.70 -7.90
C ASP K 361 -54.27 -43.79 -9.01
N GLY K 362 -53.04 -44.19 -9.30
CA GLY K 362 -52.75 -45.24 -10.27
C GLY K 362 -53.16 -46.60 -9.75
N VAL K 363 -52.91 -46.87 -8.46
CA VAL K 363 -53.28 -48.15 -7.85
C VAL K 363 -54.80 -48.28 -7.77
N LYS K 364 -55.48 -47.27 -7.20
CA LYS K 364 -56.93 -47.28 -7.03
C LYS K 364 -57.68 -47.44 -8.36
N ASN K 365 -57.21 -46.81 -9.43
CA ASN K 365 -57.86 -46.91 -10.74
C ASN K 365 -57.21 -47.94 -11.68
N LYS K 366 -56.23 -48.70 -11.18
CA LYS K 366 -55.53 -49.73 -11.95
C LYS K 366 -55.08 -49.19 -13.32
N LEU K 367 -54.39 -48.05 -13.33
CA LEU K 367 -53.96 -47.44 -14.57
C LEU K 367 -52.87 -48.27 -15.24
N ASP K 368 -52.85 -48.22 -16.55
CA ASP K 368 -51.88 -48.97 -17.32
C ASP K 368 -50.64 -48.12 -17.52
N ALA K 369 -49.50 -48.69 -17.16
CA ALA K 369 -48.23 -48.02 -17.35
C ALA K 369 -47.84 -48.18 -18.83
N PRO K 370 -47.21 -47.16 -19.42
CA PRO K 370 -46.69 -47.32 -20.79
C PRO K 370 -45.55 -48.33 -20.81
N GLU K 371 -45.03 -48.67 -21.99
CA GLU K 371 -43.90 -49.58 -22.08
C GLU K 371 -42.67 -48.86 -21.55
N PRO K 372 -41.71 -49.59 -20.98
CA PRO K 372 -40.47 -48.92 -20.55
C PRO K 372 -39.71 -48.44 -21.80
N VAL K 373 -38.86 -47.41 -21.64
CA VAL K 373 -38.06 -46.93 -22.76
C VAL K 373 -36.64 -47.39 -22.52
N GLU K 374 -36.19 -48.43 -23.22
CA GLU K 374 -34.86 -48.97 -22.98
C GLU K 374 -33.72 -48.21 -23.71
N ARG K 375 -34.08 -47.22 -24.55
CA ARG K 375 -33.12 -46.36 -25.24
C ARG K 375 -32.66 -45.18 -24.37
N ASN K 376 -31.58 -44.50 -24.78
CA ASN K 376 -31.11 -43.29 -24.13
C ASN K 376 -32.03 -42.19 -24.63
N ILE K 377 -32.95 -41.67 -23.79
CA ILE K 377 -33.91 -40.66 -24.23
C ILE K 377 -33.22 -39.38 -24.66
N PHE K 378 -32.05 -39.07 -24.10
CA PHE K 378 -31.31 -37.86 -24.47
C PHE K 378 -30.75 -37.93 -25.90
N ALA K 379 -30.70 -39.15 -26.50
CA ALA K 379 -30.24 -39.35 -27.86
C ALA K 379 -31.39 -39.30 -28.88
N MET K 380 -32.64 -39.16 -28.43
CA MET K 380 -33.79 -39.09 -29.33
C MET K 380 -34.06 -37.67 -29.77
N SER K 381 -34.59 -37.50 -30.97
CA SER K 381 -34.99 -36.20 -31.48
C SER K 381 -36.33 -35.84 -30.88
N GLU K 382 -36.70 -34.54 -30.91
CA GLU K 382 -37.99 -34.09 -30.39
C GLU K 382 -39.17 -34.77 -31.10
N ALA K 383 -39.09 -34.91 -32.44
CA ALA K 383 -40.18 -35.58 -33.18
C ALA K 383 -40.27 -37.05 -32.83
N GLU K 384 -39.13 -37.69 -32.57
CA GLU K 384 -39.07 -39.11 -32.20
C GLU K 384 -39.73 -39.33 -30.82
N LYS K 385 -39.57 -38.37 -29.91
CA LYS K 385 -40.19 -38.41 -28.57
C LYS K 385 -41.69 -38.09 -28.69
N LYS K 386 -42.04 -37.15 -29.58
CA LYS K 386 -43.44 -36.78 -29.83
C LYS K 386 -44.21 -38.00 -30.35
N GLU K 387 -43.60 -38.76 -31.29
CA GLU K 387 -44.22 -39.95 -31.83
C GLU K 387 -44.38 -41.00 -30.75
N LEU K 388 -43.36 -41.19 -29.91
CA LEU K 388 -43.43 -42.17 -28.83
C LEU K 388 -44.32 -41.74 -27.66
N GLY K 389 -44.80 -40.49 -27.66
CA GLY K 389 -45.64 -39.97 -26.58
C GLY K 389 -44.88 -39.61 -25.30
N ILE K 390 -43.57 -39.33 -25.43
CA ILE K 390 -42.74 -38.96 -24.27
C ILE K 390 -42.83 -37.46 -24.08
N GLU K 391 -43.59 -37.01 -23.09
CA GLU K 391 -43.75 -35.59 -22.80
C GLU K 391 -42.71 -35.11 -21.79
N SER K 392 -42.58 -33.79 -21.62
CA SER K 392 -41.66 -33.21 -20.64
C SER K 392 -42.43 -32.54 -19.51
N VAL K 393 -41.79 -32.45 -18.35
CA VAL K 393 -42.34 -31.72 -17.22
C VAL K 393 -42.34 -30.22 -17.56
N PRO K 394 -43.15 -29.37 -16.85
CA PRO K 394 -43.10 -27.92 -17.12
C PRO K 394 -41.66 -27.36 -17.08
N ALA K 395 -41.43 -26.30 -17.85
CA ALA K 395 -40.08 -25.75 -18.02
C ALA K 395 -39.67 -24.73 -16.96
N ASN K 396 -40.59 -24.28 -16.09
CA ASN K 396 -40.26 -23.26 -15.08
C ASN K 396 -41.23 -23.31 -13.93
N LEU K 397 -40.94 -22.61 -12.83
CA LEU K 397 -41.76 -22.68 -11.64
C LEU K 397 -43.22 -22.29 -11.92
N LYS K 398 -43.44 -21.18 -12.63
CA LYS K 398 -44.78 -20.72 -12.90
C LYS K 398 -45.57 -21.76 -13.72
N ALA K 399 -44.94 -22.38 -14.73
CA ALA K 399 -45.62 -23.39 -15.53
C ALA K 399 -46.01 -24.58 -14.67
N ALA K 400 -45.16 -24.93 -13.66
CA ALA K 400 -45.44 -26.03 -12.73
C ALA K 400 -46.57 -25.66 -11.78
N LEU K 401 -46.62 -24.40 -11.28
CA LEU K 401 -47.71 -23.93 -10.40
C LEU K 401 -49.04 -24.01 -11.14
N ASP K 402 -49.05 -23.68 -12.44
CA ASP K 402 -50.29 -23.74 -13.24
C ASP K 402 -50.77 -25.18 -13.44
N GLU K 403 -49.83 -26.14 -13.54
CA GLU K 403 -50.19 -27.54 -13.62
C GLU K 403 -50.79 -27.98 -12.27
N LEU K 404 -50.16 -27.59 -11.14
CA LEU K 404 -50.63 -27.95 -9.82
C LEU K 404 -52.05 -27.39 -9.54
N GLU K 405 -52.26 -26.15 -9.96
CA GLU K 405 -53.54 -25.47 -9.76
C GLU K 405 -54.68 -26.24 -10.44
N ASN K 406 -54.39 -27.00 -11.52
CA ASN K 406 -55.39 -27.78 -12.23
C ASN K 406 -55.32 -29.30 -11.92
N ASN K 407 -54.75 -29.70 -10.77
CA ASN K 407 -54.68 -31.11 -10.41
C ASN K 407 -55.50 -31.35 -9.14
N ASP K 408 -56.65 -32.01 -9.29
CA ASP K 408 -57.56 -32.28 -8.17
C ASP K 408 -57.01 -33.30 -7.20
N VAL K 409 -56.24 -34.27 -7.68
CA VAL K 409 -55.66 -35.30 -6.80
C VAL K 409 -54.65 -34.67 -5.83
N LEU K 410 -53.79 -33.77 -6.33
CA LEU K 410 -52.79 -33.16 -5.45
C LEU K 410 -53.41 -32.09 -4.56
N LYS K 411 -54.39 -31.37 -5.10
CA LYS K 411 -55.11 -30.33 -4.33
C LYS K 411 -55.80 -30.98 -3.12
N ASN K 412 -56.36 -32.18 -3.30
CA ASN K 412 -57.03 -32.90 -2.22
C ASN K 412 -56.06 -33.51 -1.22
N ALA K 413 -54.89 -33.98 -1.68
CA ALA K 413 -53.89 -34.58 -0.81
C ALA K 413 -53.30 -33.50 0.10
N LEU K 414 -52.97 -32.31 -0.45
CA LEU K 414 -52.38 -31.23 0.31
C LEU K 414 -53.42 -30.53 1.20
N GLY K 415 -54.65 -30.42 0.71
CA GLY K 415 -55.71 -29.72 1.42
C GLY K 415 -55.71 -28.25 1.04
N LYS K 416 -56.85 -27.59 1.24
CA LYS K 416 -57.05 -26.20 0.85
C LYS K 416 -55.97 -25.23 1.37
N HIS K 417 -55.73 -25.24 2.69
CA HIS K 417 -54.79 -24.31 3.31
C HIS K 417 -53.37 -24.39 2.73
N ILE K 418 -52.74 -25.58 2.75
CA ILE K 418 -51.40 -25.75 2.20
C ILE K 418 -51.36 -25.42 0.72
N PHE K 419 -52.31 -25.95 -0.04
CA PHE K 419 -52.38 -25.74 -1.48
C PHE K 419 -52.46 -24.23 -1.86
N GLU K 420 -53.40 -23.51 -1.28
CA GLU K 420 -53.56 -22.09 -1.57
C GLU K 420 -52.43 -21.23 -1.04
N SER K 421 -51.84 -21.57 0.13
CA SER K 421 -50.72 -20.79 0.68
C SER K 421 -49.50 -20.99 -0.16
N PHE K 422 -49.24 -22.23 -0.56
CA PHE K 422 -48.09 -22.55 -1.39
C PHE K 422 -48.20 -21.80 -2.72
N LEU K 423 -49.38 -21.83 -3.38
CA LEU K 423 -49.53 -21.13 -4.67
C LEU K 423 -49.33 -19.65 -4.53
N GLU K 424 -49.85 -19.06 -3.44
CA GLU K 424 -49.70 -17.64 -3.19
C GLU K 424 -48.25 -17.26 -2.93
N ILE K 425 -47.56 -18.02 -2.06
CA ILE K 425 -46.14 -17.76 -1.76
C ILE K 425 -45.28 -17.92 -3.02
N LYS K 426 -45.52 -18.98 -3.78
CA LYS K 426 -44.69 -19.26 -4.94
C LYS K 426 -45.01 -18.33 -6.09
N ASN K 427 -46.23 -17.79 -6.18
CA ASN K 427 -46.52 -16.81 -7.21
C ASN K 427 -45.81 -15.50 -6.88
N ALA K 428 -45.69 -15.14 -5.60
CA ALA K 428 -44.95 -13.92 -5.22
C ALA K 428 -43.43 -14.13 -5.43
N GLU K 429 -42.94 -15.34 -5.21
CA GLU K 429 -41.55 -15.68 -5.44
C GLU K 429 -41.23 -15.56 -6.92
N TRP K 430 -42.13 -16.09 -7.78
CA TRP K 430 -42.01 -16.00 -9.25
C TRP K 430 -42.03 -14.54 -9.67
N ASP K 431 -42.95 -13.73 -9.13
CA ASP K 431 -43.05 -12.31 -9.47
C ASP K 431 -41.77 -11.56 -9.11
N SER K 432 -41.15 -11.93 -8.01
CA SER K 432 -39.91 -11.30 -7.58
C SER K 432 -38.80 -11.61 -8.60
N PHE K 433 -38.71 -12.87 -9.01
CA PHE K 433 -37.70 -13.27 -9.99
C PHE K 433 -37.97 -12.61 -11.34
N ARG K 434 -39.21 -12.66 -11.84
CA ARG K 434 -39.52 -12.17 -13.19
C ARG K 434 -39.46 -10.65 -13.32
N THR K 435 -39.48 -9.89 -12.22
CA THR K 435 -39.37 -8.42 -12.29
C THR K 435 -37.93 -7.96 -12.05
N SER K 436 -37.04 -8.83 -11.56
CA SER K 436 -35.66 -8.44 -11.33
C SER K 436 -34.90 -8.32 -12.63
N VAL K 437 -33.83 -7.52 -12.65
CA VAL K 437 -32.95 -7.40 -13.81
C VAL K 437 -31.73 -8.27 -13.49
N THR K 438 -31.58 -9.38 -14.20
CA THR K 438 -30.49 -10.31 -13.94
C THR K 438 -29.17 -9.90 -14.57
N ASP K 439 -28.09 -10.51 -14.08
CA ASP K 439 -26.76 -10.30 -14.63
C ASP K 439 -26.68 -10.82 -16.07
N TRP K 440 -27.41 -11.90 -16.40
CA TRP K 440 -27.39 -12.45 -17.77
C TRP K 440 -27.85 -11.35 -18.74
N GLU K 441 -28.93 -10.63 -18.35
CA GLU K 441 -29.52 -9.56 -19.15
C GLU K 441 -28.57 -8.36 -19.29
N THR K 442 -27.87 -7.97 -18.21
CA THR K 442 -26.91 -6.87 -18.27
C THR K 442 -25.80 -7.22 -19.26
N THR K 443 -25.29 -8.46 -19.16
CA THR K 443 -24.21 -8.89 -20.05
C THR K 443 -24.72 -8.93 -21.50
N ALA K 444 -25.94 -9.45 -21.70
CA ALA K 444 -26.48 -9.61 -23.04
C ALA K 444 -26.88 -8.33 -23.70
N TYR K 445 -27.47 -7.38 -22.95
CA TYR K 445 -28.14 -6.22 -23.52
C TYR K 445 -27.62 -4.82 -23.20
N LEU K 446 -26.67 -4.65 -22.27
CA LEU K 446 -26.24 -3.28 -21.98
C LEU K 446 -25.66 -2.60 -23.24
N LYS K 447 -25.05 -3.38 -24.14
CA LYS K 447 -24.44 -2.84 -25.36
C LYS K 447 -25.42 -2.35 -26.41
N ILE K 448 -26.72 -2.64 -26.29
CA ILE K 448 -27.64 -2.25 -27.35
C ILE K 448 -28.01 -0.74 -27.31
N SER L 2 -31.81 -14.36 52.76
CA SER L 2 -32.90 -13.50 53.23
C SER L 2 -32.54 -12.81 54.58
N THR L 3 -31.77 -13.47 55.46
CA THR L 3 -31.29 -12.85 56.70
C THR L 3 -29.81 -12.52 56.56
N VAL L 4 -29.29 -11.61 57.39
CA VAL L 4 -27.87 -11.27 57.36
C VAL L 4 -27.03 -12.54 57.51
N GLU L 5 -27.34 -13.39 58.51
CA GLU L 5 -26.58 -14.62 58.80
C GLU L 5 -26.52 -15.57 57.62
N GLN L 6 -27.62 -15.73 56.86
CA GLN L 6 -27.62 -16.62 55.70
C GLN L 6 -26.64 -16.12 54.65
N VAL L 7 -26.64 -14.80 54.43
CA VAL L 7 -25.76 -14.14 53.48
C VAL L 7 -24.31 -14.36 53.91
N LEU L 8 -24.05 -14.14 55.20
CA LEU L 8 -22.73 -14.27 55.76
C LEU L 8 -22.23 -15.70 55.70
N GLU L 9 -23.13 -16.68 55.85
CA GLU L 9 -22.73 -18.08 55.81
C GLU L 9 -22.29 -18.45 54.40
N TYR L 10 -23.03 -17.98 53.39
CA TYR L 10 -22.66 -18.19 51.99
C TYR L 10 -21.27 -17.61 51.70
N VAL L 11 -21.12 -16.30 51.94
CA VAL L 11 -19.86 -15.57 51.76
C VAL L 11 -18.69 -16.32 52.41
N LYS L 12 -18.92 -16.80 53.66
CA LYS L 12 -17.94 -17.49 54.46
C LYS L 12 -17.45 -18.78 53.81
N SER L 13 -18.37 -19.62 53.32
CA SER L 13 -17.97 -20.93 52.81
C SER L 13 -17.67 -20.94 51.31
N ASN L 14 -18.21 -19.97 50.56
CA ASN L 14 -18.02 -19.95 49.11
C ASN L 14 -17.07 -18.88 48.63
N ASN L 15 -16.08 -18.55 49.49
CA ASN L 15 -15.03 -17.60 49.19
C ASN L 15 -15.50 -16.35 48.42
N VAL L 16 -16.58 -15.69 48.86
CA VAL L 16 -17.01 -14.46 48.19
C VAL L 16 -16.03 -13.37 48.61
N LYS L 17 -15.42 -12.69 47.63
CA LYS L 17 -14.44 -11.65 47.93
C LYS L 17 -15.00 -10.22 47.81
N PHE L 18 -15.97 -9.97 46.88
CA PHE L 18 -16.51 -8.63 46.64
C PHE L 18 -18.02 -8.63 46.75
N MET L 19 -18.58 -7.56 47.27
CA MET L 19 -20.02 -7.39 47.33
C MET L 19 -20.36 -6.14 46.58
N ARG L 20 -21.13 -6.25 45.48
CA ARG L 20 -21.61 -5.07 44.76
C ARG L 20 -22.85 -4.57 45.47
N PHE L 21 -22.93 -3.27 45.80
CA PHE L 21 -24.13 -2.65 46.38
C PHE L 21 -24.81 -1.93 45.19
N GLN L 22 -25.83 -2.53 44.62
CA GLN L 22 -26.44 -2.05 43.39
C GLN L 22 -27.78 -1.35 43.59
N PHE L 23 -28.09 -0.42 42.68
CA PHE L 23 -29.36 0.30 42.62
C PHE L 23 -29.53 0.81 41.15
N VAL L 24 -30.54 1.64 40.88
CA VAL L 24 -30.76 2.17 39.54
C VAL L 24 -31.00 3.66 39.65
N ASP L 25 -30.65 4.40 38.59
CA ASP L 25 -30.98 5.81 38.53
C ASP L 25 -32.44 5.97 38.01
N ILE L 26 -32.93 7.21 37.81
CA ILE L 26 -34.32 7.43 37.35
C ILE L 26 -34.61 6.75 36.00
N LEU L 27 -33.61 6.62 35.13
CA LEU L 27 -33.81 6.01 33.81
C LEU L 27 -33.65 4.47 33.78
N GLY L 28 -33.38 3.88 34.96
CA GLY L 28 -33.26 2.44 35.07
C GLY L 28 -31.86 1.93 34.80
N VAL L 29 -30.88 2.84 34.71
CA VAL L 29 -29.50 2.44 34.47
C VAL L 29 -28.94 1.90 35.79
N PRO L 30 -28.44 0.65 35.83
CA PRO L 30 -27.92 0.13 37.08
C PRO L 30 -26.65 0.88 37.49
N LYS L 31 -26.46 1.00 38.83
CA LYS L 31 -25.30 1.64 39.43
C LYS L 31 -24.84 0.77 40.60
N ASN L 32 -23.55 0.75 40.85
CA ASN L 32 -23.03 -0.02 41.98
C ASN L 32 -21.67 0.45 42.42
N VAL L 33 -21.36 0.13 43.68
CA VAL L 33 -20.05 0.35 44.28
C VAL L 33 -19.64 -1.05 44.79
N ALA L 34 -18.35 -1.39 44.70
CA ALA L 34 -17.88 -2.71 45.15
C ALA L 34 -17.22 -2.61 46.54
N PHE L 35 -17.67 -3.45 47.47
CA PHE L 35 -17.08 -3.51 48.81
C PHE L 35 -16.18 -4.77 48.87
N PRO L 36 -14.88 -4.64 49.19
CA PRO L 36 -14.05 -5.85 49.30
C PRO L 36 -14.19 -6.49 50.68
N ILE L 37 -14.48 -7.78 50.75
CA ILE L 37 -14.63 -8.49 52.01
C ILE L 37 -13.28 -8.96 52.49
N LYS L 38 -12.91 -8.64 53.73
CA LYS L 38 -11.64 -9.07 54.27
C LYS L 38 -11.70 -10.52 54.80
N ALA L 39 -10.54 -11.12 55.01
CA ALA L 39 -10.45 -12.48 55.51
C ALA L 39 -10.84 -12.56 56.99
N GLY L 40 -11.32 -13.73 57.40
CA GLY L 40 -11.57 -14.00 58.81
C GLY L 40 -12.84 -13.43 59.41
N GLU L 41 -12.95 -13.58 60.73
CA GLU L 41 -14.10 -13.12 61.50
C GLU L 41 -14.20 -11.61 61.46
N LYS L 42 -13.05 -10.93 61.47
CA LYS L 42 -13.02 -9.49 61.39
C LYS L 42 -13.68 -9.02 60.07
N GLY L 43 -13.34 -9.67 58.96
CA GLY L 43 -13.93 -9.34 57.67
C GLY L 43 -15.41 -9.59 57.60
N ILE L 44 -15.89 -10.68 58.22
CA ILE L 44 -17.32 -11.01 58.27
C ILE L 44 -18.11 -10.03 59.15
N GLU L 45 -17.51 -9.56 60.23
CA GLU L 45 -18.17 -8.58 61.09
C GLU L 45 -18.22 -7.20 60.42
N GLU L 46 -17.18 -6.86 59.63
CA GLU L 46 -17.19 -5.62 58.86
C GLU L 46 -18.29 -5.71 57.77
N LEU L 47 -18.48 -6.89 57.16
CA LEU L 47 -19.51 -7.09 56.13
C LEU L 47 -20.92 -7.04 56.76
N ARG L 48 -21.04 -7.52 58.00
CA ARG L 48 -22.31 -7.48 58.71
C ARG L 48 -22.71 -6.01 58.95
N ASP L 49 -21.76 -5.17 59.37
CA ASP L 49 -22.04 -3.77 59.63
C ASP L 49 -22.53 -3.07 58.39
N VAL L 50 -21.86 -3.32 57.26
CA VAL L 50 -22.24 -2.68 55.97
C VAL L 50 -23.60 -3.20 55.50
N LEU L 51 -23.85 -4.51 55.63
CA LEU L 51 -25.11 -5.08 55.14
C LEU L 51 -26.30 -4.59 55.99
N GLU L 52 -26.08 -4.35 57.28
CA GLU L 52 -27.15 -3.90 58.17
C GLU L 52 -27.35 -2.38 58.05
N ASN L 53 -26.25 -1.62 58.15
CA ASN L 53 -26.28 -0.16 58.19
C ASN L 53 -26.16 0.54 56.86
N GLY L 54 -25.72 -0.15 55.83
CA GLY L 54 -25.64 0.42 54.49
C GLY L 54 -24.41 1.25 54.31
N LEU L 55 -24.33 1.97 53.20
CA LEU L 55 -23.19 2.82 52.92
C LEU L 55 -23.58 4.11 52.19
N TYR L 56 -22.71 5.10 52.21
CA TYR L 56 -23.01 6.41 51.65
C TYR L 56 -22.55 6.56 50.26
N PHE L 57 -23.18 7.47 49.52
CA PHE L 57 -22.73 7.78 48.16
C PHE L 57 -23.16 9.20 47.82
N ASP L 58 -22.68 9.72 46.70
CA ASP L 58 -23.03 11.07 46.26
C ASP L 58 -24.25 11.00 45.35
N GLY L 59 -25.40 11.41 45.87
CA GLY L 59 -26.63 11.39 45.10
C GLY L 59 -26.68 12.40 43.99
N SER L 60 -25.83 13.45 44.04
CA SER L 60 -25.81 14.45 42.96
C SER L 60 -25.07 13.96 41.73
N SER L 61 -24.39 12.79 41.79
CA SER L 61 -23.74 12.19 40.63
C SER L 61 -24.65 11.12 40.01
N ILE L 62 -25.91 10.96 40.48
CA ILE L 62 -26.87 9.98 39.95
C ILE L 62 -28.03 10.73 39.35
N GLU L 63 -28.39 10.37 38.12
CA GLU L 63 -29.47 11.04 37.40
C GLU L 63 -30.84 10.85 38.06
N GLY L 64 -31.53 11.98 38.26
CA GLY L 64 -32.85 12.04 38.86
C GLY L 64 -32.85 12.01 40.38
N PHE L 65 -31.69 12.06 41.01
CA PHE L 65 -31.64 12.01 42.47
C PHE L 65 -31.64 13.42 43.10
N VAL L 66 -30.53 13.86 43.73
CA VAL L 66 -30.54 15.13 44.43
C VAL L 66 -29.49 16.13 43.87
N GLY L 67 -29.56 17.37 44.34
CA GLY L 67 -28.66 18.42 43.95
C GLY L 67 -27.37 18.39 44.75
N ILE L 68 -26.37 19.14 44.28
CA ILE L 68 -25.04 19.15 44.88
C ILE L 68 -25.01 19.59 46.36
N ASN L 69 -25.88 20.51 46.77
CA ASN L 69 -25.89 21.05 48.15
C ASN L 69 -26.60 20.18 49.21
N GLU L 70 -27.16 19.04 48.80
CA GLU L 70 -27.87 18.12 49.69
C GLU L 70 -27.56 16.71 49.15
N SER L 71 -26.28 16.46 48.83
CA SER L 71 -25.90 15.30 48.04
C SER L 71 -25.62 14.00 48.81
N ASP L 72 -25.30 14.01 50.11
CA ASP L 72 -25.01 12.76 50.81
C ASP L 72 -26.27 11.87 50.84
N MET L 73 -26.16 10.61 50.38
CA MET L 73 -27.26 9.65 50.40
C MET L 73 -26.80 8.29 50.88
N MET L 74 -27.74 7.37 51.14
CA MET L 74 -27.39 6.02 51.61
C MET L 74 -28.03 4.90 50.82
N LEU L 75 -27.41 3.72 50.86
CA LEU L 75 -27.92 2.51 50.25
C LEU L 75 -28.23 1.52 51.33
N LYS L 76 -29.47 1.02 51.37
CA LYS L 76 -29.86 0.03 52.35
C LYS L 76 -30.06 -1.28 51.64
N PRO L 77 -29.16 -2.26 51.84
CA PRO L 77 -29.33 -3.53 51.12
C PRO L 77 -30.61 -4.33 51.42
N ASP L 78 -31.17 -4.93 50.37
CA ASP L 78 -32.30 -5.85 50.45
C ASP L 78 -31.70 -7.26 50.35
N LEU L 79 -31.57 -7.96 51.51
CA LEU L 79 -30.84 -9.22 51.58
C LEU L 79 -31.46 -10.35 50.80
N SER L 80 -32.76 -10.25 50.48
CA SER L 80 -33.42 -11.25 49.67
C SER L 80 -32.93 -11.18 48.20
N THR L 81 -32.17 -10.10 47.79
CA THR L 81 -31.67 -10.01 46.41
C THR L 81 -30.25 -10.54 46.24
N PHE L 82 -29.64 -11.12 47.28
CA PHE L 82 -28.27 -11.58 47.20
C PHE L 82 -28.09 -12.61 46.04
N SER L 83 -27.03 -12.45 45.21
CA SER L 83 -26.70 -13.40 44.13
C SER L 83 -25.19 -13.27 43.81
N VAL L 84 -24.62 -14.33 43.19
CA VAL L 84 -23.25 -14.38 42.74
C VAL L 84 -23.21 -14.07 41.25
N LEU L 85 -22.38 -13.09 40.85
CA LEU L 85 -22.26 -12.71 39.42
C LEU L 85 -21.56 -13.82 38.64
N PRO L 86 -22.24 -14.53 37.71
CA PRO L 86 -21.66 -15.65 36.95
C PRO L 86 -20.50 -15.26 36.03
N TRP L 87 -20.58 -14.09 35.39
CA TRP L 87 -19.51 -13.59 34.48
C TRP L 87 -18.20 -13.32 35.22
N ARG L 88 -18.27 -12.95 36.50
CA ARG L 88 -17.06 -12.68 37.33
C ARG L 88 -16.37 -13.98 37.73
N PRO L 89 -15.08 -13.93 38.16
CA PRO L 89 -14.32 -15.12 38.57
C PRO L 89 -14.99 -16.01 39.63
N SER L 90 -14.71 -17.33 39.57
CA SER L 90 -15.32 -18.31 40.48
C SER L 90 -14.60 -18.34 41.80
N GLU L 91 -13.27 -18.26 41.76
CA GLU L 91 -12.45 -18.26 42.95
C GLU L 91 -12.37 -16.81 43.40
N LYS L 92 -12.71 -16.49 44.67
CA LYS L 92 -12.73 -15.10 45.15
C LYS L 92 -13.82 -14.39 44.33
N SER L 93 -15.03 -14.96 44.41
CA SER L 93 -16.17 -14.56 43.60
C SER L 93 -16.75 -13.24 43.99
N VAL L 94 -17.67 -12.75 43.15
CA VAL L 94 -18.29 -11.46 43.31
C VAL L 94 -19.77 -11.69 43.49
N ALA L 95 -20.33 -11.23 44.62
CA ALA L 95 -21.73 -11.32 44.86
C ALA L 95 -22.35 -9.92 44.74
N ARG L 96 -23.68 -9.81 44.66
CA ARG L 96 -24.32 -8.51 44.61
C ARG L 96 -25.45 -8.49 45.61
N VAL L 97 -25.84 -7.30 46.00
CA VAL L 97 -27.04 -7.11 46.82
C VAL L 97 -27.69 -5.80 46.24
N ILE L 98 -28.94 -5.86 45.72
CA ILE L 98 -29.62 -4.66 45.23
C ILE L 98 -30.13 -3.87 46.46
N CYS L 99 -30.04 -2.55 46.39
CA CYS L 99 -30.33 -1.66 47.50
C CYS L 99 -31.51 -0.76 47.27
N ASP L 100 -32.05 -0.25 48.41
CA ASP L 100 -33.05 0.80 48.44
C ASP L 100 -32.30 2.10 48.79
N VAL L 101 -32.67 3.21 48.16
CA VAL L 101 -32.00 4.49 48.42
C VAL L 101 -32.67 5.20 49.59
N TYR L 102 -31.86 5.69 50.53
CA TYR L 102 -32.34 6.36 51.71
C TYR L 102 -31.66 7.70 51.87
N THR L 103 -32.28 8.58 52.64
CA THR L 103 -31.69 9.86 52.95
C THR L 103 -30.76 9.65 54.14
N THR L 104 -29.93 10.63 54.44
CA THR L 104 -29.05 10.57 55.61
C THR L 104 -29.88 10.45 56.91
N LYS L 105 -31.13 10.99 56.90
CA LYS L 105 -32.01 10.90 58.05
C LYS L 105 -32.65 9.52 58.24
N GLY L 106 -32.25 8.52 57.45
CA GLY L 106 -32.75 7.17 57.57
C GLY L 106 -34.15 6.98 57.03
N LYS L 107 -34.55 7.83 56.05
CA LYS L 107 -35.89 7.76 55.45
C LYS L 107 -35.83 7.33 53.98
N PRO L 108 -36.75 6.45 53.49
CA PRO L 108 -36.69 6.06 52.07
C PRO L 108 -36.71 7.26 51.15
N PHE L 109 -35.81 7.33 50.16
CA PHE L 109 -35.73 8.45 49.25
C PHE L 109 -36.97 8.51 48.32
N GLU L 110 -37.67 9.66 48.30
CA GLU L 110 -38.86 9.88 47.45
C GLU L 110 -38.55 9.72 45.96
N GLY L 111 -37.30 9.94 45.54
CA GLY L 111 -36.90 9.81 44.14
C GLY L 111 -36.38 8.43 43.74
N ASP L 112 -36.44 7.44 44.66
CA ASP L 112 -35.94 6.10 44.38
C ASP L 112 -36.97 5.32 43.54
N PRO L 113 -36.64 4.91 42.29
CA PRO L 113 -37.60 4.12 41.50
C PRO L 113 -38.00 2.80 42.18
N ARG L 114 -37.03 2.07 42.77
CA ARG L 114 -37.35 0.82 43.47
C ARG L 114 -38.34 1.02 44.63
N GLY L 115 -38.10 2.03 45.49
CA GLY L 115 -38.99 2.37 46.60
C GLY L 115 -40.36 2.79 46.10
N CYS L 116 -40.39 3.45 44.95
CA CYS L 116 -41.65 3.85 44.32
C CYS L 116 -42.51 2.61 44.02
N LEU L 117 -41.92 1.54 43.44
CA LEU L 117 -42.67 0.33 43.15
C LEU L 117 -43.01 -0.44 44.47
N LYS L 118 -42.08 -0.48 45.45
CA LYS L 118 -42.36 -1.13 46.74
C LYS L 118 -43.61 -0.52 47.36
N ARG L 119 -43.70 0.82 47.35
CA ARG L 119 -44.77 1.55 48.02
C ARG L 119 -46.14 1.28 47.38
N VAL L 120 -46.24 1.25 46.03
CA VAL L 120 -47.53 0.95 45.42
C VAL L 120 -47.91 -0.51 45.67
N MET L 121 -46.93 -1.41 45.71
CA MET L 121 -47.19 -2.82 46.01
C MET L 121 -47.62 -2.98 47.47
N GLU L 122 -47.02 -2.25 48.40
CA GLU L 122 -47.40 -2.32 49.82
C GLU L 122 -48.81 -1.81 49.98
N GLU L 123 -49.17 -0.72 49.26
CA GLU L 123 -50.52 -0.19 49.34
C GLU L 123 -51.53 -1.16 48.73
N PHE L 124 -51.17 -1.83 47.63
CA PHE L 124 -52.06 -2.82 47.00
C PHE L 124 -52.30 -3.99 47.96
N LYS L 125 -51.24 -4.47 48.64
CA LYS L 125 -51.43 -5.57 49.58
C LYS L 125 -52.25 -5.15 50.78
N LYS L 126 -52.05 -3.93 51.27
CA LYS L 126 -52.81 -3.47 52.42
C LYS L 126 -54.30 -3.25 52.09
N GLU L 127 -54.60 -2.71 50.90
CA GLU L 127 -55.98 -2.38 50.52
C GLU L 127 -56.80 -3.56 49.97
N PHE L 128 -56.19 -4.47 49.22
CA PHE L 128 -56.92 -5.59 48.60
C PHE L 128 -56.39 -6.96 48.98
N ASN L 129 -55.28 -7.03 49.74
CA ASN L 129 -54.59 -8.29 49.99
C ASN L 129 -54.18 -8.91 48.63
N GLY L 130 -53.75 -8.04 47.72
CA GLY L 130 -53.39 -8.43 46.38
C GLY L 130 -51.91 -8.50 46.12
N GLU L 131 -51.53 -9.33 45.14
CA GLU L 131 -50.17 -9.47 44.69
C GLU L 131 -50.16 -9.15 43.21
N TYR L 132 -49.12 -8.45 42.75
CA TYR L 132 -49.00 -8.06 41.35
C TYR L 132 -47.88 -8.88 40.70
N PHE L 133 -48.25 -9.73 39.72
CA PHE L 133 -47.32 -10.62 39.04
C PHE L 133 -47.08 -10.15 37.61
N VAL L 134 -45.80 -10.07 37.22
CA VAL L 134 -45.39 -9.62 35.89
C VAL L 134 -44.42 -10.60 35.26
N GLY L 135 -44.60 -10.86 33.98
CA GLY L 135 -43.73 -11.69 33.14
C GLY L 135 -43.30 -10.89 31.91
N PRO L 136 -42.14 -10.20 31.97
CA PRO L 136 -41.73 -9.36 30.83
C PRO L 136 -40.84 -10.13 29.86
N GLU L 137 -40.83 -9.71 28.58
CA GLU L 137 -40.06 -10.42 27.54
C GLU L 137 -39.15 -9.43 26.83
N PRO L 138 -38.04 -9.03 27.48
CA PRO L 138 -37.14 -8.02 26.87
C PRO L 138 -36.29 -8.54 25.71
N GLU L 139 -36.70 -8.27 24.47
CA GLU L 139 -35.96 -8.72 23.29
C GLU L 139 -34.71 -7.86 23.12
N PHE L 140 -33.72 -8.40 22.41
CA PHE L 140 -32.47 -7.70 22.18
C PHE L 140 -31.87 -8.12 20.82
N PHE L 141 -30.96 -7.30 20.31
CA PHE L 141 -30.18 -7.60 19.14
C PHE L 141 -28.77 -7.92 19.58
N LEU L 142 -28.15 -8.85 18.85
CA LEU L 142 -26.73 -9.13 18.96
C LEU L 142 -26.11 -8.46 17.73
N LEU L 143 -25.03 -7.73 17.93
CA LEU L 143 -24.43 -6.95 16.86
C LEU L 143 -22.99 -7.31 16.65
N LYS L 144 -22.52 -7.07 15.44
CA LYS L 144 -21.12 -7.19 15.11
C LYS L 144 -20.75 -5.99 14.24
N LYS L 145 -19.45 -5.71 14.07
CA LYS L 145 -19.03 -4.57 13.27
C LYS L 145 -19.27 -4.83 11.82
N ASP L 146 -19.64 -3.77 11.11
CA ASP L 146 -19.83 -3.86 9.65
C ASP L 146 -18.45 -4.12 9.04
N PRO L 147 -18.22 -5.22 8.31
CA PRO L 147 -16.88 -5.43 7.73
C PRO L 147 -16.48 -4.31 6.74
N HIS L 148 -17.46 -3.61 6.15
CA HIS L 148 -17.23 -2.48 5.25
C HIS L 148 -16.95 -1.18 6.01
N ASN L 149 -17.52 -0.97 7.20
CA ASN L 149 -17.19 0.19 8.03
C ASN L 149 -17.10 -0.22 9.49
N PRO L 150 -15.89 -0.24 10.07
CA PRO L 150 -15.77 -0.68 11.47
C PRO L 150 -16.39 0.27 12.49
N HIS L 151 -16.82 1.46 12.05
CA HIS L 151 -17.47 2.41 12.94
C HIS L 151 -18.98 2.12 13.12
N LYS L 152 -19.54 1.25 12.26
CA LYS L 152 -20.95 0.89 12.30
C LYS L 152 -21.19 -0.54 12.77
N TYR L 153 -22.35 -0.78 13.37
CA TYR L 153 -22.76 -2.10 13.83
C TYR L 153 -23.90 -2.64 12.98
N ILE L 154 -23.87 -3.93 12.71
CA ILE L 154 -24.93 -4.60 11.94
C ILE L 154 -25.46 -5.79 12.74
N PRO L 155 -26.63 -6.36 12.36
CA PRO L 155 -27.11 -7.56 13.07
C PRO L 155 -26.08 -8.71 12.97
N ALA L 156 -25.94 -9.51 14.03
CA ALA L 156 -24.93 -10.55 14.13
C ALA L 156 -25.18 -11.74 13.18
N ASP L 157 -26.41 -11.92 12.68
CA ASP L 157 -26.70 -12.97 11.69
C ASP L 157 -27.86 -12.54 10.80
N ASP L 158 -28.26 -13.41 9.85
CA ASP L 158 -29.37 -13.13 8.97
C ASP L 158 -30.57 -13.99 9.24
N GLY L 159 -30.64 -14.60 10.42
CA GLY L 159 -31.74 -15.47 10.76
C GLY L 159 -33.02 -14.76 11.11
N GLY L 160 -34.06 -15.54 11.27
CA GLY L 160 -35.40 -15.07 11.58
C GLY L 160 -36.00 -15.87 12.71
N TYR L 161 -37.29 -15.70 12.90
CA TYR L 161 -38.04 -16.30 13.98
C TYR L 161 -37.87 -17.80 14.07
N PHE L 162 -37.43 -18.30 15.27
CA PHE L 162 -37.30 -19.72 15.55
C PHE L 162 -36.35 -20.44 14.60
N ASP L 163 -35.46 -19.73 13.92
CA ASP L 163 -34.56 -20.40 12.97
C ASP L 163 -33.55 -21.31 13.68
N LEU L 164 -33.11 -22.36 12.97
CA LEU L 164 -32.07 -23.25 13.46
C LEU L 164 -30.72 -22.80 12.90
N GLU L 165 -29.66 -23.31 13.50
CA GLU L 165 -28.29 -23.14 13.01
C GLU L 165 -28.19 -23.89 11.68
N PRO L 166 -27.28 -23.45 10.77
CA PRO L 166 -26.31 -22.35 10.89
C PRO L 166 -26.86 -20.96 10.59
N MET L 167 -28.12 -20.86 10.14
CA MET L 167 -28.75 -19.56 9.87
C MET L 167 -28.84 -18.74 11.18
N ASP L 168 -29.30 -19.39 12.25
CA ASP L 168 -29.29 -18.82 13.58
C ASP L 168 -27.88 -19.07 14.09
N GLU L 169 -27.12 -18.01 14.32
CA GLU L 169 -25.72 -18.17 14.75
C GLU L 169 -25.52 -18.00 16.23
N ALA L 170 -26.61 -17.93 17.03
CA ALA L 170 -26.47 -17.64 18.44
C ALA L 170 -26.76 -18.78 19.42
N PRO L 171 -26.95 -20.06 19.08
CA PRO L 171 -27.15 -21.08 20.12
C PRO L 171 -26.09 -21.04 21.24
N ASP L 172 -24.80 -20.84 20.91
CA ASP L 172 -23.74 -20.76 21.94
C ASP L 172 -23.94 -19.55 22.86
N ILE L 173 -24.32 -18.40 22.31
CA ILE L 173 -24.53 -17.21 23.12
C ILE L 173 -25.78 -17.41 23.95
N ARG L 174 -26.90 -17.81 23.35
CA ARG L 174 -28.14 -18.00 24.10
C ARG L 174 -27.96 -19.07 25.20
N ARG L 175 -27.20 -20.14 24.90
CA ARG L 175 -26.81 -21.16 25.89
C ARG L 175 -26.12 -20.54 27.12
N ASP L 176 -25.06 -19.77 26.92
CA ASP L 176 -24.33 -19.15 28.03
C ASP L 176 -25.17 -18.15 28.77
N ILE L 177 -26.08 -17.43 28.07
CA ILE L 177 -26.99 -16.52 28.73
C ILE L 177 -27.91 -17.33 29.69
N VAL L 178 -28.51 -18.41 29.21
CA VAL L 178 -29.38 -19.24 30.03
C VAL L 178 -28.63 -19.76 31.27
N PHE L 179 -27.39 -20.26 31.10
CA PHE L 179 -26.60 -20.76 32.23
C PHE L 179 -26.33 -19.65 33.24
N ALA L 180 -26.07 -18.44 32.76
CA ALA L 180 -25.79 -17.31 33.65
C ALA L 180 -27.05 -16.92 34.42
N LEU L 181 -28.19 -16.84 33.74
CA LEU L 181 -29.45 -16.48 34.37
C LEU L 181 -29.82 -17.54 35.40
N GLU L 182 -29.56 -18.83 35.14
CA GLU L 182 -29.85 -19.89 36.11
C GLU L 182 -28.96 -19.72 37.34
N ASN L 183 -27.70 -19.43 37.14
CA ASN L 183 -26.78 -19.18 38.27
C ASN L 183 -27.20 -17.95 39.07
N LEU L 184 -27.92 -17.01 38.43
CA LEU L 184 -28.45 -15.81 39.10
C LEU L 184 -29.79 -16.07 39.79
N GLY L 185 -30.27 -17.29 39.74
CA GLY L 185 -31.54 -17.66 40.37
C GLY L 185 -32.76 -17.51 39.50
N PHE L 186 -32.61 -17.20 38.20
CA PHE L 186 -33.77 -17.07 37.29
C PHE L 186 -34.30 -18.44 37.00
N HIS L 187 -35.63 -18.52 36.73
CA HIS L 187 -36.24 -19.74 36.23
C HIS L 187 -36.45 -19.52 34.75
N VAL L 188 -35.50 -19.93 33.90
CA VAL L 188 -35.61 -19.69 32.47
C VAL L 188 -36.66 -20.57 31.82
N GLU L 189 -37.47 -20.03 30.90
CA GLU L 189 -38.54 -20.79 30.29
C GLU L 189 -38.24 -21.24 28.87
N ALA L 190 -37.61 -20.38 28.05
CA ALA L 190 -37.37 -20.69 26.63
C ALA L 190 -36.43 -19.67 25.99
N SER L 191 -35.77 -20.07 24.91
CA SER L 191 -34.90 -19.13 24.18
C SER L 191 -34.95 -19.45 22.71
N HIS L 192 -34.88 -18.42 21.90
CA HIS L 192 -34.98 -18.62 20.44
C HIS L 192 -34.58 -17.38 19.68
N HIS L 193 -34.31 -17.54 18.41
CA HIS L 193 -34.03 -16.44 17.52
C HIS L 193 -35.40 -15.73 17.31
N GLU L 194 -35.39 -14.40 17.28
CA GLU L 194 -36.61 -13.61 17.07
C GLU L 194 -36.74 -13.21 15.60
N VAL L 195 -37.76 -12.41 15.26
CA VAL L 195 -38.13 -12.11 13.88
C VAL L 195 -37.00 -11.46 13.06
N ALA L 196 -36.33 -10.46 13.60
CA ALA L 196 -35.32 -9.74 12.83
C ALA L 196 -33.95 -10.41 12.78
N PRO L 197 -33.13 -10.13 11.75
CA PRO L 197 -31.74 -10.60 11.79
C PRO L 197 -31.04 -10.23 13.10
N GLY L 198 -30.29 -11.16 13.70
CA GLY L 198 -29.55 -10.89 14.94
C GLY L 198 -30.39 -10.64 16.19
N GLN L 199 -31.73 -10.78 16.09
CA GLN L 199 -32.58 -10.53 17.25
C GLN L 199 -32.89 -11.83 18.00
N HIS L 200 -33.02 -11.76 19.34
CA HIS L 200 -33.20 -12.94 20.16
C HIS L 200 -34.12 -12.72 21.34
N GLU L 201 -34.57 -13.82 21.95
CA GLU L 201 -35.44 -13.76 23.11
C GLU L 201 -35.09 -14.88 24.08
N VAL L 202 -35.02 -14.55 25.38
CA VAL L 202 -34.77 -15.51 26.45
C VAL L 202 -35.79 -15.19 27.51
N ASP L 203 -36.80 -16.05 27.65
CA ASP L 203 -37.91 -15.85 28.56
C ASP L 203 -37.63 -16.46 29.92
N PHE L 204 -38.10 -15.79 30.97
CA PHE L 204 -37.93 -16.25 32.34
C PHE L 204 -39.29 -16.17 33.02
N LYS L 205 -39.48 -16.98 34.06
CA LYS L 205 -40.77 -17.09 34.70
C LYS L 205 -41.19 -15.79 35.36
N PHE L 206 -42.49 -15.50 35.32
CA PHE L 206 -43.03 -14.32 35.99
C PHE L 206 -42.86 -14.43 37.50
N ASP L 207 -42.93 -13.30 38.19
CA ASP L 207 -42.86 -13.28 39.66
C ASP L 207 -43.52 -12.00 40.14
N ASP L 208 -43.47 -11.68 41.45
CA ASP L 208 -44.05 -10.42 41.93
C ASP L 208 -43.31 -9.26 41.26
N ALA L 209 -43.99 -8.10 41.09
CA ALA L 209 -43.44 -6.97 40.33
C ALA L 209 -42.09 -6.45 40.82
N LEU L 210 -41.77 -6.59 42.09
CA LEU L 210 -40.48 -6.11 42.61
C LEU L 210 -39.35 -7.06 42.20
N LYS L 211 -39.52 -8.38 42.41
CA LYS L 211 -38.53 -9.38 42.01
C LYS L 211 -38.31 -9.34 40.52
N THR L 212 -39.40 -9.22 39.78
CA THR L 212 -39.31 -9.15 38.33
C THR L 212 -38.54 -7.91 37.88
N ALA L 213 -38.80 -6.72 38.50
CA ALA L 213 -38.11 -5.50 38.12
C ALA L 213 -36.61 -5.66 38.42
N ASP L 214 -36.27 -6.30 39.55
CA ASP L 214 -34.88 -6.60 39.90
C ASP L 214 -34.27 -7.51 38.84
N SER L 215 -35.02 -8.52 38.38
CA SER L 215 -34.60 -9.46 37.33
C SER L 215 -34.41 -8.80 35.97
N VAL L 216 -35.29 -7.88 35.57
CA VAL L 216 -35.13 -7.16 34.30
C VAL L 216 -33.81 -6.38 34.26
N ILE L 217 -33.45 -5.72 35.37
CA ILE L 217 -32.18 -4.98 35.44
C ILE L 217 -31.01 -5.96 35.32
N THR L 218 -31.05 -7.05 36.10
CA THR L 218 -29.98 -8.05 36.10
C THR L 218 -29.85 -8.73 34.73
N PHE L 219 -31.00 -9.02 34.11
CA PHE L 219 -31.10 -9.67 32.82
C PHE L 219 -30.36 -8.86 31.77
N LYS L 220 -30.65 -7.54 31.69
CA LYS L 220 -30.01 -6.70 30.69
C LYS L 220 -28.46 -6.60 30.89
N THR L 221 -27.97 -6.61 32.13
CA THR L 221 -26.51 -6.61 32.36
C THR L 221 -25.92 -7.93 31.93
N THR L 222 -26.59 -9.03 32.25
CA THR L 222 -26.11 -10.36 31.89
C THR L 222 -26.01 -10.52 30.40
N ILE L 223 -27.07 -10.18 29.66
CA ILE L 223 -27.06 -10.35 28.18
C ILE L 223 -25.90 -9.54 27.59
N LYS L 224 -25.72 -8.31 28.05
CA LYS L 224 -24.69 -7.44 27.55
C LYS L 224 -23.29 -7.96 27.86
N THR L 225 -23.06 -8.47 29.09
CA THR L 225 -21.72 -8.96 29.45
C THR L 225 -21.41 -10.28 28.73
N ILE L 226 -22.36 -11.25 28.66
CA ILE L 226 -22.15 -12.54 27.96
C ILE L 226 -21.91 -12.32 26.45
N ALA L 227 -22.63 -11.37 25.83
CA ALA L 227 -22.41 -11.08 24.41
C ALA L 227 -20.97 -10.56 24.22
N GLU L 228 -20.53 -9.67 25.11
CA GLU L 228 -19.15 -9.13 25.02
C GLU L 228 -18.13 -10.28 25.10
N GLN L 229 -18.39 -11.27 25.96
CA GLN L 229 -17.51 -12.43 26.07
C GLN L 229 -17.41 -13.19 24.75
N HIS L 230 -18.46 -13.16 23.91
CA HIS L 230 -18.45 -13.83 22.61
C HIS L 230 -18.00 -12.90 21.48
N GLY L 231 -17.40 -11.75 21.82
CA GLY L 231 -16.93 -10.82 20.81
C GLY L 231 -18.04 -10.09 20.08
N LEU L 232 -19.25 -10.07 20.65
CA LEU L 232 -20.41 -9.40 20.05
C LEU L 232 -20.87 -8.30 21.00
N LYS L 233 -21.81 -7.47 20.57
CA LYS L 233 -22.36 -6.41 21.37
C LYS L 233 -23.88 -6.62 21.42
N ALA L 234 -24.51 -6.55 22.60
CA ALA L 234 -25.97 -6.68 22.67
C ALA L 234 -26.57 -5.28 22.86
N THR L 235 -27.73 -5.04 22.27
CA THR L 235 -28.43 -3.77 22.46
C THR L 235 -29.91 -4.00 22.78
N PHE L 236 -30.42 -3.25 23.73
CA PHE L 236 -31.83 -3.23 24.07
C PHE L 236 -32.54 -1.98 23.46
N MET L 237 -31.87 -1.29 22.51
CA MET L 237 -32.43 -0.17 21.76
C MET L 237 -33.76 -0.63 21.11
N PRO L 238 -34.89 0.11 21.30
CA PRO L 238 -36.16 -0.35 20.72
C PRO L 238 -36.17 -0.59 19.22
N LYS L 239 -35.53 0.26 18.44
CA LYS L 239 -35.54 0.12 16.99
C LYS L 239 -34.16 0.50 16.44
N PRO L 240 -33.19 -0.42 16.51
CA PRO L 240 -31.85 -0.08 16.01
C PRO L 240 -31.75 0.06 14.50
N PHE L 241 -32.59 -0.67 13.75
CA PHE L 241 -32.50 -0.74 12.29
C PHE L 241 -33.85 -0.50 11.62
N PHE L 242 -33.88 0.39 10.64
CA PHE L 242 -35.11 0.64 9.88
C PHE L 242 -35.32 -0.58 8.95
N GLY L 243 -36.56 -0.96 8.71
CA GLY L 243 -36.85 -2.05 7.77
C GLY L 243 -36.90 -3.43 8.38
N MET L 244 -36.73 -3.54 9.70
CA MET L 244 -36.86 -4.81 10.39
C MET L 244 -37.48 -4.55 11.75
N ASN L 245 -37.98 -5.61 12.39
CA ASN L 245 -38.62 -5.49 13.71
C ASN L 245 -37.77 -4.76 14.74
N GLY L 246 -38.47 -4.06 15.60
CA GLY L 246 -37.89 -3.46 16.78
C GLY L 246 -37.94 -4.48 17.90
N SER L 247 -37.35 -4.13 19.08
CA SER L 247 -37.38 -4.98 20.25
C SER L 247 -38.38 -4.43 21.27
N GLY L 248 -39.33 -5.27 21.62
CA GLY L 248 -40.33 -4.92 22.60
C GLY L 248 -40.03 -5.58 23.91
N MET L 249 -40.77 -5.22 24.93
CA MET L 249 -40.73 -5.87 26.24
C MET L 249 -42.18 -5.99 26.66
N HIS L 250 -42.90 -6.94 26.05
CA HIS L 250 -44.30 -7.21 26.37
C HIS L 250 -44.38 -7.60 27.82
N CYS L 251 -45.36 -7.07 28.54
CA CYS L 251 -45.48 -7.35 29.96
C CYS L 251 -46.74 -8.12 30.21
N HIS L 252 -46.59 -9.42 30.46
CA HIS L 252 -47.72 -10.23 30.86
C HIS L 252 -47.93 -9.91 32.33
N GLN L 253 -49.17 -9.74 32.74
CA GLN L 253 -49.41 -9.38 34.12
C GLN L 253 -50.75 -9.84 34.61
N SER L 254 -50.84 -10.07 35.91
CA SER L 254 -52.06 -10.53 36.55
C SER L 254 -52.04 -10.14 38.01
N ILE L 255 -53.20 -9.97 38.60
CA ILE L 255 -53.29 -9.68 40.03
C ILE L 255 -53.95 -10.86 40.69
N TRP L 256 -53.43 -11.25 41.83
CA TRP L 256 -53.95 -12.37 42.58
C TRP L 256 -54.44 -11.84 43.91
N LEU L 257 -55.76 -11.97 44.18
CA LEU L 257 -56.31 -11.52 45.45
C LEU L 257 -56.49 -12.73 46.35
N ASN L 258 -56.04 -12.62 47.61
CA ASN L 258 -56.14 -13.69 48.61
C ASN L 258 -55.60 -15.02 48.10
N GLY L 259 -54.46 -14.96 47.39
CA GLY L 259 -53.76 -16.14 46.88
C GLY L 259 -54.39 -16.83 45.68
N GLU L 260 -55.45 -16.23 45.09
CA GLU L 260 -56.12 -16.84 43.94
C GLU L 260 -55.91 -16.07 42.64
N PRO L 261 -55.93 -16.76 41.47
CA PRO L 261 -55.79 -16.04 40.20
C PRO L 261 -57.09 -15.35 39.83
N SER L 262 -57.32 -14.17 40.41
CA SER L 262 -58.53 -13.34 40.23
C SER L 262 -58.89 -12.99 38.78
N PHE L 263 -57.95 -13.10 37.84
CA PHE L 263 -58.23 -12.82 36.44
C PHE L 263 -58.99 -13.98 35.75
N TYR L 264 -58.96 -15.19 36.36
CA TYR L 264 -59.64 -16.37 35.83
C TYR L 264 -61.05 -16.53 36.43
N ASP L 265 -62.02 -16.81 35.56
CA ASP L 265 -63.41 -17.04 35.96
C ASP L 265 -64.00 -18.09 35.00
N GLU L 266 -64.00 -19.33 35.45
CA GLU L 266 -64.46 -20.48 34.70
C GLU L 266 -65.82 -20.26 33.98
N ASN L 267 -66.75 -19.56 34.64
CA ASN L 267 -68.10 -19.36 34.10
C ASN L 267 -68.37 -18.00 33.48
N ALA L 268 -67.33 -17.26 33.10
CA ALA L 268 -67.51 -15.94 32.52
C ALA L 268 -67.20 -15.95 31.03
N PRO L 269 -67.65 -14.96 30.23
CA PRO L 269 -67.24 -14.92 28.82
C PRO L 269 -65.71 -14.87 28.67
N TYR L 270 -65.17 -15.69 27.75
CA TYR L 270 -63.72 -15.82 27.52
C TYR L 270 -62.99 -16.40 28.75
N GLN L 271 -63.74 -16.83 29.77
CA GLN L 271 -63.20 -17.31 31.05
C GLN L 271 -62.34 -16.24 31.73
N LEU L 272 -62.70 -14.95 31.51
CA LEU L 272 -62.01 -13.81 32.12
C LEU L 272 -62.96 -13.17 33.12
N SER L 273 -62.48 -12.92 34.32
CA SER L 273 -63.29 -12.37 35.40
C SER L 273 -63.60 -10.90 35.19
N GLU L 274 -64.48 -10.38 36.02
CA GLU L 274 -64.86 -8.97 36.02
C GLU L 274 -63.66 -8.15 36.43
N THR L 275 -62.87 -8.63 37.43
CA THR L 275 -61.66 -7.94 37.85
C THR L 275 -60.68 -7.78 36.67
N CYS L 276 -60.54 -8.83 35.86
CA CYS L 276 -59.67 -8.79 34.67
C CYS L 276 -60.13 -7.72 33.71
N MET L 277 -61.44 -7.62 33.49
CA MET L 277 -62.01 -6.61 32.59
C MET L 277 -61.88 -5.21 33.18
N ASN L 278 -62.03 -5.06 34.48
CA ASN L 278 -61.86 -3.76 35.11
C ASN L 278 -60.40 -3.31 34.96
N TYR L 279 -59.46 -4.22 35.17
CA TYR L 279 -58.02 -3.93 35.06
C TYR L 279 -57.65 -3.53 33.59
N VAL L 280 -58.11 -4.33 32.62
CA VAL L 280 -57.90 -4.03 31.19
C VAL L 280 -58.46 -2.65 30.86
N ALA L 281 -59.65 -2.34 31.40
CA ALA L 281 -60.27 -1.04 31.20
C ALA L 281 -59.38 0.12 31.74
N GLY L 282 -58.72 -0.09 32.88
CA GLY L 282 -57.83 0.90 33.47
C GLY L 282 -56.60 1.15 32.64
N ILE L 283 -55.96 0.07 32.15
CA ILE L 283 -54.79 0.17 31.29
C ILE L 283 -55.16 0.92 30.00
N LEU L 284 -56.31 0.56 29.37
CA LEU L 284 -56.74 1.19 28.11
C LEU L 284 -57.07 2.67 28.33
N LYS L 285 -57.69 3.00 29.45
CA LYS L 285 -57.98 4.39 29.77
C LYS L 285 -56.69 5.25 29.86
N HIS L 286 -55.63 4.72 30.49
CA HIS L 286 -54.39 5.50 30.69
C HIS L 286 -53.27 5.18 29.70
N ALA L 287 -53.54 4.33 28.68
CA ALA L 287 -52.50 3.90 27.75
C ALA L 287 -51.68 5.05 27.14
N LYS L 288 -52.32 6.16 26.74
CA LYS L 288 -51.63 7.31 26.14
C LYS L 288 -50.57 7.93 27.06
N ALA L 289 -50.78 7.92 28.38
CA ALA L 289 -49.82 8.44 29.34
C ALA L 289 -48.84 7.33 29.78
N ILE L 290 -49.32 6.07 29.90
CA ILE L 290 -48.45 4.96 30.32
C ILE L 290 -47.21 4.87 29.45
N VAL L 291 -47.37 5.05 28.13
CA VAL L 291 -46.26 4.93 27.20
C VAL L 291 -45.17 5.98 27.40
N ALA L 292 -45.42 7.11 28.10
CA ALA L 292 -44.31 8.06 28.38
C ALA L 292 -43.25 7.34 29.20
N ILE L 293 -43.68 6.44 30.11
CA ILE L 293 -42.81 5.71 31.01
C ILE L 293 -42.37 4.36 30.40
N THR L 294 -43.29 3.60 29.76
CA THR L 294 -42.96 2.29 29.23
C THR L 294 -42.19 2.37 27.89
N ASN L 295 -42.23 3.54 27.23
CA ASN L 295 -41.58 3.81 25.97
C ASN L 295 -40.93 5.18 26.10
N PRO L 296 -39.86 5.31 26.90
CA PRO L 296 -39.37 6.65 27.27
C PRO L 296 -38.28 7.27 26.44
N THR L 297 -37.99 6.74 25.25
CA THR L 297 -36.92 7.31 24.41
C THR L 297 -37.53 7.85 23.12
N VAL L 298 -36.75 8.63 22.36
CA VAL L 298 -37.17 9.10 21.05
C VAL L 298 -37.37 7.87 20.13
N ASN L 299 -36.39 6.96 20.17
CA ASN L 299 -36.33 5.79 19.32
C ASN L 299 -37.49 4.80 19.57
N SER L 300 -38.12 4.85 20.76
CA SER L 300 -39.26 3.98 21.06
C SER L 300 -40.37 4.18 20.08
N TYR L 301 -40.53 5.42 19.59
CA TYR L 301 -41.62 5.74 18.68
C TYR L 301 -41.26 5.51 17.22
N LYS L 302 -40.17 4.77 16.98
CA LYS L 302 -39.82 4.28 15.64
C LYS L 302 -40.27 2.78 15.57
N ARG L 303 -40.54 2.16 16.73
CA ARG L 303 -41.15 0.85 16.84
C ARG L 303 -42.67 1.10 17.14
N LEU L 304 -42.95 1.91 18.17
CA LEU L 304 -44.31 2.25 18.57
C LEU L 304 -44.74 3.40 17.69
N VAL L 305 -44.99 3.13 16.41
CA VAL L 305 -45.24 4.21 15.44
C VAL L 305 -46.67 4.18 14.89
N PRO L 306 -47.54 5.11 15.36
CA PRO L 306 -48.92 5.16 14.84
C PRO L 306 -49.00 5.24 13.32
N GLY L 307 -49.98 4.54 12.77
CA GLY L 307 -50.19 4.49 11.33
C GLY L 307 -49.56 3.29 10.69
N TYR L 308 -48.84 2.47 11.48
CA TYR L 308 -48.16 1.29 10.95
C TYR L 308 -48.48 0.04 11.78
N GLU L 309 -47.90 -1.11 11.40
CA GLU L 309 -48.09 -2.36 12.15
C GLU L 309 -47.26 -2.29 13.43
N ALA L 310 -47.87 -1.87 14.54
CA ALA L 310 -47.20 -1.72 15.83
C ALA L 310 -48.21 -1.84 16.96
N PRO L 311 -47.78 -2.06 18.24
CA PRO L 311 -48.77 -2.18 19.33
C PRO L 311 -49.24 -0.80 19.79
N VAL L 312 -49.88 -0.06 18.88
CA VAL L 312 -50.30 1.34 19.04
C VAL L 312 -51.81 1.53 19.21
N ASN L 313 -52.60 0.54 18.76
CA ASN L 313 -54.05 0.61 18.77
C ASN L 313 -54.59 0.29 20.14
N ILE L 314 -55.27 1.25 20.75
CA ILE L 314 -55.79 1.12 22.08
C ILE L 314 -57.08 0.29 22.09
N ALA L 315 -56.89 -1.03 22.20
CA ALA L 315 -57.95 -2.01 22.23
C ALA L 315 -57.37 -3.31 22.83
N TRP L 316 -58.23 -4.27 23.22
CA TRP L 316 -57.75 -5.58 23.68
C TRP L 316 -58.37 -6.68 22.79
N ALA L 317 -57.71 -7.83 22.75
CA ALA L 317 -58.17 -8.93 21.93
C ALA L 317 -57.61 -10.23 22.46
N ASN L 318 -58.24 -11.36 22.10
CA ASN L 318 -57.83 -12.70 22.51
C ASN L 318 -56.95 -13.33 21.43
N SER L 319 -55.72 -13.80 21.80
CA SER L 319 -54.83 -14.49 20.83
C SER L 319 -54.67 -13.71 19.50
N ASN L 320 -54.61 -12.38 19.59
CA ASN L 320 -54.53 -11.48 18.45
C ASN L 320 -53.39 -10.51 18.73
N ARG L 321 -52.36 -10.50 17.87
CA ARG L 321 -51.20 -9.66 18.11
C ARG L 321 -51.29 -8.29 17.41
N SER L 322 -52.50 -7.84 17.04
CA SER L 322 -52.62 -6.53 16.40
C SER L 322 -53.15 -5.43 17.35
N ALA L 323 -53.43 -5.75 18.62
CA ALA L 323 -53.94 -4.80 19.63
C ALA L 323 -52.85 -4.43 20.66
N ILE L 324 -53.07 -3.36 21.47
CA ILE L 324 -52.09 -2.99 22.50
C ILE L 324 -52.09 -4.02 23.67
N ILE L 325 -53.24 -4.71 23.87
CA ILE L 325 -53.37 -5.78 24.85
C ILE L 325 -53.77 -7.05 24.14
N ARG L 326 -53.00 -8.14 24.31
CA ARG L 326 -53.39 -9.48 23.85
C ARG L 326 -53.67 -10.31 25.12
N VAL L 327 -54.70 -11.17 25.08
CA VAL L 327 -54.98 -12.05 26.20
C VAL L 327 -54.57 -13.42 25.73
N PRO L 328 -53.45 -14.01 26.24
CA PRO L 328 -53.04 -15.32 25.70
C PRO L 328 -54.11 -16.38 25.93
N ALA L 329 -54.10 -17.45 25.11
CA ALA L 329 -55.09 -18.53 25.22
C ALA L 329 -55.05 -19.27 26.55
N ALA L 330 -53.88 -19.36 27.20
CA ALA L 330 -53.78 -20.06 28.48
C ALA L 330 -54.80 -19.56 29.54
N ARG L 331 -55.35 -20.49 30.35
CA ARG L 331 -56.30 -20.16 31.41
C ARG L 331 -55.87 -20.76 32.75
N GLY L 332 -56.72 -20.63 33.76
CA GLY L 332 -56.37 -21.08 35.10
C GLY L 332 -55.37 -20.15 35.72
N LYS L 333 -54.30 -20.71 36.25
CA LYS L 333 -53.24 -19.86 36.87
C LYS L 333 -52.48 -19.15 35.75
N GLY L 334 -52.68 -19.56 34.51
CA GLY L 334 -51.99 -18.92 33.37
C GLY L 334 -52.79 -17.80 32.76
N THR L 335 -53.91 -17.44 33.39
CA THR L 335 -54.78 -16.37 32.86
C THR L 335 -54.11 -15.02 33.14
N ARG L 336 -53.82 -14.26 32.08
CA ARG L 336 -53.19 -12.93 32.25
C ARG L 336 -53.39 -12.08 31.00
N ILE L 337 -53.05 -10.82 31.10
CA ILE L 337 -53.14 -9.89 29.95
C ILE L 337 -51.71 -9.48 29.55
N GLU L 338 -51.45 -9.37 28.26
CA GLU L 338 -50.17 -8.97 27.70
C GLU L 338 -50.24 -7.54 27.20
N PHE L 339 -49.58 -6.59 27.93
CA PHE L 339 -49.50 -5.22 27.49
C PHE L 339 -48.29 -5.18 26.55
N ARG L 340 -48.57 -5.00 25.24
CA ARG L 340 -47.56 -5.14 24.20
C ARG L 340 -46.76 -3.89 23.88
N ALA L 341 -47.22 -2.71 24.32
CA ALA L 341 -46.51 -1.47 24.00
C ALA L 341 -45.08 -1.35 24.58
N PRO L 342 -44.78 -1.78 25.83
CA PRO L 342 -43.43 -1.48 26.40
C PRO L 342 -42.26 -1.98 25.58
N ASP L 343 -41.11 -1.34 25.76
CA ASP L 343 -39.86 -1.75 25.12
C ASP L 343 -38.78 -1.83 26.17
N PRO L 344 -37.64 -2.50 25.94
CA PRO L 344 -36.66 -2.67 27.01
C PRO L 344 -35.85 -1.42 27.41
N SER L 345 -36.17 -0.23 26.84
CA SER L 345 -35.50 1.01 27.27
C SER L 345 -36.18 1.61 28.54
N CYS L 346 -37.32 1.05 28.99
CA CYS L 346 -38.03 1.58 30.17
C CYS L 346 -37.35 1.20 31.50
N ASN L 347 -37.65 1.97 32.55
CA ASN L 347 -37.18 1.67 33.90
C ASN L 347 -38.26 0.70 34.43
N PRO L 348 -37.98 -0.61 34.59
CA PRO L 348 -39.04 -1.55 34.97
C PRO L 348 -39.75 -1.17 36.27
N TYR L 349 -39.04 -0.57 37.22
CA TYR L 349 -39.68 -0.17 38.47
C TYR L 349 -40.76 0.85 38.24
N LEU L 350 -40.52 1.81 37.32
CA LEU L 350 -41.49 2.86 37.02
C LEU L 350 -42.58 2.30 36.09
N ALA L 351 -42.19 1.47 35.09
CA ALA L 351 -43.14 0.84 34.17
C ALA L 351 -44.18 -0.01 34.94
N PHE L 352 -43.73 -0.84 35.89
CA PHE L 352 -44.64 -1.69 36.65
C PHE L 352 -45.53 -0.85 37.58
N THR L 353 -45.00 0.27 38.11
CA THR L 353 -45.76 1.17 38.98
C THR L 353 -46.96 1.75 38.22
N VAL L 354 -46.73 2.34 37.03
CA VAL L 354 -47.79 2.99 36.27
C VAL L 354 -48.81 1.99 35.74
N MET L 355 -48.37 0.80 35.32
CA MET L 355 -49.30 -0.22 34.83
C MET L 355 -50.18 -0.68 35.96
N LEU L 356 -49.61 -0.93 37.16
CA LEU L 356 -50.45 -1.33 38.29
C LEU L 356 -51.39 -0.20 38.73
N ALA L 357 -50.89 1.05 38.82
CA ALA L 357 -51.75 2.17 39.26
C ALA L 357 -52.88 2.47 38.25
N ALA L 358 -52.63 2.23 36.93
CA ALA L 358 -53.67 2.39 35.91
C ALA L 358 -54.68 1.23 35.96
N GLY L 359 -54.20 0.00 36.11
CA GLY L 359 -55.08 -1.16 36.22
C GLY L 359 -55.94 -1.09 37.47
N LEU L 360 -55.35 -0.67 38.61
CA LEU L 360 -56.12 -0.56 39.82
C LEU L 360 -57.09 0.63 39.76
N ASP L 361 -56.85 1.64 38.92
CA ASP L 361 -57.83 2.71 38.73
C ASP L 361 -59.11 2.09 38.10
N GLY L 362 -58.92 1.12 37.22
CA GLY L 362 -60.02 0.37 36.60
C GLY L 362 -60.69 -0.57 37.58
N VAL L 363 -59.94 -1.21 38.47
CA VAL L 363 -60.52 -2.11 39.48
C VAL L 363 -61.30 -1.30 40.51
N LYS L 364 -60.68 -0.28 41.11
CA LYS L 364 -61.29 0.54 42.13
C LYS L 364 -62.59 1.19 41.65
N ASN L 365 -62.64 1.65 40.40
CA ASN L 365 -63.83 2.30 39.87
C ASN L 365 -64.73 1.35 39.04
N LYS L 366 -64.39 0.04 39.00
CA LYS L 366 -65.16 -0.95 38.25
C LYS L 366 -65.45 -0.47 36.82
N LEU L 367 -64.40 -0.03 36.10
CA LEU L 367 -64.58 0.48 34.75
C LEU L 367 -64.96 -0.62 33.78
N ASP L 368 -65.74 -0.27 32.78
CA ASP L 368 -66.21 -1.21 31.80
C ASP L 368 -65.21 -1.30 30.68
N ALA L 369 -64.75 -2.50 30.39
CA ALA L 369 -63.83 -2.72 29.30
C ALA L 369 -64.67 -2.72 27.99
N PRO L 370 -64.10 -2.20 26.88
CA PRO L 370 -64.81 -2.30 25.60
C PRO L 370 -64.85 -3.75 25.13
N GLU L 371 -65.54 -4.02 24.02
CA GLU L 371 -65.59 -5.36 23.49
C GLU L 371 -64.24 -5.71 22.94
N PRO L 372 -63.83 -6.99 22.96
CA PRO L 372 -62.54 -7.34 22.34
C PRO L 372 -62.63 -7.11 20.82
N VAL L 373 -61.49 -6.89 20.15
CA VAL L 373 -61.48 -6.73 18.71
C VAL L 373 -60.89 -7.99 18.11
N GLU L 374 -61.74 -8.87 17.55
CA GLU L 374 -61.25 -10.13 17.03
C GLU L 374 -60.69 -10.04 15.58
N ARG L 375 -60.80 -8.88 14.94
CA ARG L 375 -60.24 -8.63 13.61
C ARG L 375 -58.76 -8.24 13.67
N ASN L 376 -58.07 -8.27 12.50
CA ASN L 376 -56.70 -7.79 12.38
C ASN L 376 -56.82 -6.27 12.31
N ILE L 377 -56.46 -5.55 13.38
CA ILE L 377 -56.62 -4.10 13.39
C ILE L 377 -55.75 -3.43 12.31
N PHE L 378 -54.64 -4.05 11.92
CA PHE L 378 -53.78 -3.47 10.88
C PHE L 378 -54.44 -3.50 9.50
N ALA L 379 -55.52 -4.29 9.32
CA ALA L 379 -56.26 -4.38 8.08
C ALA L 379 -57.41 -3.38 8.02
N MET L 380 -57.69 -2.66 9.10
CA MET L 380 -58.78 -1.67 9.14
C MET L 380 -58.32 -0.34 8.62
N SER L 381 -59.24 0.42 8.04
CA SER L 381 -58.97 1.80 7.59
C SER L 381 -59.02 2.73 8.81
N GLU L 382 -58.42 3.93 8.70
CA GLU L 382 -58.44 4.91 9.78
C GLU L 382 -59.88 5.30 10.16
N ALA L 383 -60.77 5.51 9.18
CA ALA L 383 -62.15 5.87 9.48
C ALA L 383 -62.88 4.71 10.16
N GLU L 384 -62.55 3.47 9.78
CA GLU L 384 -63.18 2.28 10.37
C GLU L 384 -62.77 2.14 11.85
N LYS L 385 -61.52 2.52 12.18
CA LYS L 385 -61.04 2.51 13.55
C LYS L 385 -61.64 3.66 14.33
N LYS L 386 -61.79 4.83 13.69
CA LYS L 386 -62.41 6.00 14.29
C LYS L 386 -63.86 5.69 14.69
N GLU L 387 -64.61 5.01 13.81
CA GLU L 387 -65.97 4.61 14.09
C GLU L 387 -66.02 3.63 15.24
N LEU L 388 -65.12 2.65 15.26
CA LEU L 388 -65.07 1.66 16.34
C LEU L 388 -64.52 2.22 17.66
N GLY L 389 -64.01 3.45 17.66
CA GLY L 389 -63.43 4.06 18.85
C GLY L 389 -62.03 3.57 19.20
N ILE L 390 -61.31 3.01 18.21
CA ILE L 390 -59.96 2.51 18.44
C ILE L 390 -58.96 3.64 18.24
N GLU L 391 -58.46 4.21 19.34
CA GLU L 391 -57.51 5.32 19.26
C GLU L 391 -56.09 4.81 19.26
N SER L 392 -55.13 5.69 18.95
CA SER L 392 -53.72 5.34 18.97
C SER L 392 -53.01 6.03 20.11
N VAL L 393 -51.91 5.44 20.55
CA VAL L 393 -51.05 6.03 21.57
C VAL L 393 -50.36 7.26 20.93
N PRO L 394 -49.77 8.16 21.73
CA PRO L 394 -49.04 9.31 21.14
C PRO L 394 -47.97 8.88 20.13
N ALA L 395 -47.69 9.73 19.13
CA ALA L 395 -46.81 9.40 18.02
C ALA L 395 -45.33 9.66 18.28
N ASN L 396 -44.97 10.36 19.37
CA ASN L 396 -43.56 10.66 19.66
C ASN L 396 -43.37 10.90 21.13
N LEU L 397 -42.10 10.97 21.60
CA LEU L 397 -41.81 11.11 23.02
C LEU L 397 -42.48 12.35 23.61
N LYS L 398 -42.36 13.50 22.94
CA LYS L 398 -42.92 14.73 23.46
C LYS L 398 -44.43 14.64 23.61
N ALA L 399 -45.15 14.05 22.62
CA ALA L 399 -46.61 13.89 22.71
C ALA L 399 -46.95 13.00 23.90
N ALA L 400 -46.12 11.98 24.19
CA ALA L 400 -46.33 11.08 25.35
C ALA L 400 -46.08 11.83 26.65
N LEU L 401 -45.02 12.66 26.73
CA LEU L 401 -44.75 13.45 27.94
C LEU L 401 -45.91 14.37 28.24
N ASP L 402 -46.51 14.98 27.21
CA ASP L 402 -47.64 15.89 27.39
C ASP L 402 -48.89 15.14 27.89
N GLU L 403 -49.05 13.86 27.49
CA GLU L 403 -50.14 13.04 28.03
C GLU L 403 -49.86 12.75 29.49
N LEU L 404 -48.62 12.35 29.84
CA LEU L 404 -48.24 12.04 31.23
C LEU L 404 -48.41 13.26 32.15
N GLU L 405 -48.04 14.42 31.65
CA GLU L 405 -48.14 15.66 32.42
C GLU L 405 -49.60 15.93 32.83
N ASN L 406 -50.59 15.47 32.03
CA ASN L 406 -52.01 15.65 32.31
C ASN L 406 -52.73 14.40 32.88
N ASN L 407 -51.99 13.45 33.49
CA ASN L 407 -52.60 12.27 34.05
C ASN L 407 -52.30 12.21 35.54
N ASP L 408 -53.31 12.51 36.35
CA ASP L 408 -53.23 12.60 37.80
C ASP L 408 -52.99 11.26 38.48
N VAL L 409 -53.53 10.16 37.91
CA VAL L 409 -53.31 8.83 38.45
C VAL L 409 -51.82 8.45 38.38
N LEU L 410 -51.18 8.69 37.24
CA LEU L 410 -49.77 8.31 37.06
C LEU L 410 -48.85 9.27 37.82
N LYS L 411 -49.16 10.58 37.86
CA LYS L 411 -48.40 11.56 38.65
C LYS L 411 -48.41 11.18 40.15
N ASN L 412 -49.58 10.74 40.67
CA ASN L 412 -49.66 10.35 42.07
C ASN L 412 -48.93 9.05 42.33
N ALA L 413 -49.01 8.11 41.39
CA ALA L 413 -48.34 6.84 41.55
C ALA L 413 -46.79 7.04 41.64
N LEU L 414 -46.20 7.87 40.71
CA LEU L 414 -44.76 8.12 40.65
C LEU L 414 -44.29 9.06 41.76
N GLY L 415 -45.13 10.02 42.13
CA GLY L 415 -44.80 11.01 43.13
C GLY L 415 -44.13 12.21 42.47
N LYS L 416 -44.20 13.37 43.14
CA LYS L 416 -43.70 14.63 42.61
C LYS L 416 -42.23 14.56 42.12
N HIS L 417 -41.32 14.07 42.95
CA HIS L 417 -39.90 14.04 42.61
C HIS L 417 -39.59 13.27 41.32
N ILE L 418 -40.00 11.99 41.23
CA ILE L 418 -39.76 11.17 40.04
C ILE L 418 -40.49 11.78 38.83
N PHE L 419 -41.75 12.15 39.00
CA PHE L 419 -42.54 12.70 37.92
C PHE L 419 -41.90 13.98 37.31
N GLU L 420 -41.58 14.95 38.14
CA GLU L 420 -40.99 16.20 37.65
C GLU L 420 -39.59 16.03 37.12
N SER L 421 -38.77 15.13 37.72
CA SER L 421 -37.40 14.89 37.24
C SER L 421 -37.45 14.20 35.88
N PHE L 422 -38.32 13.22 35.74
CA PHE L 422 -38.48 12.49 34.49
C PHE L 422 -38.89 13.45 33.38
N LEU L 423 -39.89 14.29 33.62
CA LEU L 423 -40.37 15.23 32.58
C LEU L 423 -39.28 16.21 32.20
N GLU L 424 -38.50 16.69 33.19
CA GLU L 424 -37.40 17.60 32.92
C GLU L 424 -36.30 16.93 32.09
N ILE L 425 -35.86 15.74 32.50
CA ILE L 425 -34.82 15.01 31.80
C ILE L 425 -35.26 14.70 30.36
N LYS L 426 -36.50 14.21 30.21
CA LYS L 426 -36.99 13.80 28.90
C LYS L 426 -37.29 14.98 27.99
N ASN L 427 -37.64 16.15 28.56
CA ASN L 427 -37.86 17.32 27.72
C ASN L 427 -36.50 17.80 27.17
N ALA L 428 -35.43 17.69 27.95
CA ALA L 428 -34.09 18.06 27.48
C ALA L 428 -33.60 17.05 26.41
N GLU L 429 -33.95 15.79 26.59
CA GLU L 429 -33.60 14.74 25.63
C GLU L 429 -34.33 15.01 24.32
N TRP L 430 -35.62 15.38 24.39
CA TRP L 430 -36.42 15.73 23.21
C TRP L 430 -35.84 16.97 22.52
N ASP L 431 -35.47 18.00 23.29
CA ASP L 431 -34.87 19.22 22.73
C ASP L 431 -33.56 18.94 21.99
N SER L 432 -32.79 18.00 22.53
CA SER L 432 -31.53 17.62 21.91
C SER L 432 -31.81 16.98 20.56
N PHE L 433 -32.77 16.04 20.51
CA PHE L 433 -33.12 15.37 19.26
C PHE L 433 -33.70 16.36 18.25
N ARG L 434 -34.64 17.20 18.67
CA ARG L 434 -35.34 18.06 17.72
C ARG L 434 -34.51 19.21 17.16
N THR L 435 -33.37 19.54 17.79
CA THR L 435 -32.47 20.58 17.29
C THR L 435 -31.35 20.00 16.46
N SER L 436 -31.14 18.68 16.49
CA SER L 436 -30.06 18.06 15.73
C SER L 436 -30.42 18.03 14.25
N VAL L 437 -29.41 17.94 13.39
CA VAL L 437 -29.59 17.77 11.94
C VAL L 437 -29.29 16.31 11.66
N THR L 438 -30.34 15.54 11.33
CA THR L 438 -30.17 14.11 11.11
C THR L 438 -29.64 13.75 9.72
N ASP L 439 -29.15 12.51 9.57
CA ASP L 439 -28.71 11.99 8.28
C ASP L 439 -29.88 11.93 7.30
N TRP L 440 -31.11 11.64 7.78
CA TRP L 440 -32.29 11.55 6.90
C TRP L 440 -32.48 12.87 6.18
N GLU L 441 -32.33 13.98 6.94
CA GLU L 441 -32.49 15.34 6.43
C GLU L 441 -31.38 15.69 5.42
N THR L 442 -30.13 15.30 5.68
CA THR L 442 -29.04 15.58 4.76
C THR L 442 -29.30 14.87 3.44
N THR L 443 -29.73 13.60 3.51
CA THR L 443 -30.02 12.82 2.30
C THR L 443 -31.18 13.47 1.55
N ALA L 444 -32.22 13.89 2.28
CA ALA L 444 -33.43 14.42 1.66
C ALA L 444 -33.26 15.79 1.10
N TYR L 445 -32.52 16.67 1.79
CA TYR L 445 -32.53 18.10 1.48
C TYR L 445 -31.22 18.76 1.03
N LEU L 446 -30.08 18.07 1.09
CA LEU L 446 -28.86 18.76 0.65
C LEU L 446 -28.92 19.22 -0.80
N LYS L 447 -29.65 18.45 -1.64
CA LYS L 447 -29.79 18.78 -3.06
C LYS L 447 -30.64 19.99 -3.39
N ILE L 448 -31.39 20.55 -2.43
CA ILE L 448 -32.27 21.66 -2.76
C ILE L 448 -31.51 23.02 -2.91
#